data_6HE9
#
_entry.id   6HE9
#
_cell.length_a   1
_cell.length_b   1
_cell.length_c   1
_cell.angle_alpha   90
_cell.angle_beta   90
_cell.angle_gamma   90
#
_symmetry.space_group_name_H-M   'P 1'
#
loop_
_entity.id
_entity.type
_entity.pdbx_description
1 polymer 'Proteasome subunit alpha'
2 polymer 'Proteasome subunit beta'
3 polymer 'Proteasome-activating nucleotidase'
4 non-polymer "ADENOSINE-5'-TRIPHOSPHATE"
5 non-polymer 'MAGNESIUM ION'
6 non-polymer "ADENOSINE-5'-DIPHOSPHATE"
#
loop_
_entity_poly.entity_id
_entity_poly.type
_entity_poly.pdbx_seq_one_letter_code
_entity_poly.pdbx_strand_id
1 'polypeptide(L)'
;QMGYDRAITVFSPDGRLFQVEYAREAVKRGATAIGIKCKEGVILIADKRVGSKLLEADTIEKIYKIDEHICAATSGLVAD
ARVLIDRARIEAQINRLTYDEPITVKELAKKICDFKQQYTQYGGVRPFGVSLLIAGVDEVPKLYETDPSGALLEYKATAI
GMGRNAVTEFFEKEYRDDLSFDDAMVLGLVAMGLSIESELVPENIEVGYVKVDDRTFKEVSPEELKPYVERANERIRELL
KK
;
A,a,B,b,C,c,D,d,E,e,F,f,G,g
2 'polypeptide(L)'
;TTTVGLVCKDGVVMATEKRATMGNFIASKAAKKIYQIADRMAMTTAGSVGDAQFLARIIKIEANLYEIRRERKPTVRAIA
TLTSNLLNSYRYFPYLVQLLIGGIDSEGKSIYSIDPIGGAIEEKDIVATGSGSLTAYGVLEDRFTPEIGVDEAVELAVRA
IYSAMKRDSASGDGIDVVKITEDEFYQYSPEEVEQILAKFRK
;
1,h,2,i,3,j,4,k,5,l,6,m,7,n
3 'polypeptide(L)'
;LLEKLKKLEEDYYKLRELYRRLEDEKKFIESERIRYEREVRRLRSEVERLRSPPLLVGVVSDILEDGRVVVKSSTGPKFV
VNTSQYINEEELKPGARVALNQQTLAIVNVLPTSKDPMVYGFEVEEKPEVSYEDIGGLDVQIEEIREAVELPLLKPELFA
EVGIEPPKGVLLYGPPGTGKTLLAKAVANQTRATFIRVVGSEFVQKYIGEGARLVREVFQLAKEKAPSIIFIDELDAIAA
RRTNSDTSGDREVQRTMMQLLAELDGFDPRGDVKVIGATNRIDILDPAILRPGRFDRIIEVPLPTFEGRIQIFKIHTRKM
KLAEDVDFKELARITEGASGADIKAICTEAGMFAIREERAKVTMLDFTKAIEKVLKKTTPIPDLKGVMFV
;
H,I,K,L,M,J
#
loop_
_chem_comp.id
_chem_comp.type
_chem_comp.name
_chem_comp.formula
ADP non-polymer ADENOSINE-5'-DIPHOSPHATE 'C10 H15 N5 O10 P2'
ATP non-polymer ADENOSINE-5'-TRIPHOSPHATE 'C10 H16 N5 O13 P3'
MG non-polymer 'MAGNESIUM ION' 'Mg 2'
#
# COMPACT_ATOMS: atom_id res chain seq x y z
N GLN A 1 44.52 -15.72 15.84
CA GLN A 1 45.41 -15.89 14.70
C GLN A 1 45.36 -17.25 14.07
N MET A 2 45.47 -17.40 12.68
CA MET A 2 45.75 -16.35 11.68
C MET A 2 44.48 -15.62 11.27
N GLY A 3 44.54 -14.25 11.20
CA GLY A 3 43.48 -13.37 10.85
C GLY A 3 42.54 -13.34 12.12
N TYR A 4 41.41 -12.53 12.19
CA TYR A 4 40.79 -11.64 11.23
C TYR A 4 40.16 -12.41 10.14
N ASP A 5 39.33 -13.42 10.55
CA ASP A 5 39.11 -14.51 9.65
C ASP A 5 37.78 -15.15 9.79
N ARG A 6 36.96 -14.76 10.77
CA ARG A 6 35.69 -15.41 11.14
C ARG A 6 34.47 -14.56 10.68
N ALA A 7 34.68 -13.77 9.62
CA ALA A 7 33.61 -13.03 9.06
C ALA A 7 34.11 -12.92 7.65
N ILE A 8 33.19 -12.55 6.77
CA ILE A 8 33.60 -12.18 5.44
C ILE A 8 33.76 -10.65 5.34
N THR A 9 33.45 -9.96 6.51
CA THR A 9 33.24 -8.52 6.42
C THR A 9 34.42 -7.83 7.14
N VAL A 10 35.49 -8.61 7.29
CA VAL A 10 36.73 -8.27 7.90
C VAL A 10 37.78 -8.61 6.93
N PHE A 11 38.66 -7.66 6.73
CA PHE A 11 39.92 -7.76 6.02
C PHE A 11 41.03 -7.99 6.96
N SER A 12 42.19 -8.61 6.52
CA SER A 12 43.37 -8.89 7.34
C SER A 12 44.16 -7.60 7.30
N PRO A 13 45.24 -7.40 8.10
CA PRO A 13 46.07 -6.28 7.94
C PRO A 13 46.88 -6.26 6.62
N ASP A 14 46.91 -7.35 5.92
CA ASP A 14 47.32 -7.47 4.55
C ASP A 14 46.45 -6.78 3.60
N GLY A 15 45.11 -6.90 3.69
CA GLY A 15 44.24 -6.18 2.72
C GLY A 15 43.67 -7.23 1.84
N ARG A 16 43.56 -8.49 2.28
CA ARG A 16 43.05 -9.57 1.52
C ARG A 16 41.90 -10.15 2.31
N LEU A 17 40.72 -10.29 1.69
CA LEU A 17 39.63 -10.99 2.22
C LEU A 17 39.98 -12.38 2.42
N PHE A 18 40.27 -12.68 3.74
CA PHE A 18 40.68 -14.06 4.15
C PHE A 18 39.65 -15.10 3.82
N GLN A 19 38.41 -14.74 3.96
CA GLN A 19 37.38 -15.68 3.82
C GLN A 19 37.28 -16.27 2.44
N VAL A 20 37.43 -15.43 1.39
CA VAL A 20 37.23 -15.68 -0.01
C VAL A 20 38.38 -16.45 -0.37
N GLU A 21 39.58 -16.11 0.19
CA GLU A 21 40.85 -16.73 -0.17
C GLU A 21 40.85 -18.18 0.18
N TYR A 22 40.17 -18.44 1.36
CA TYR A 22 39.98 -19.75 1.95
C TYR A 22 39.07 -20.55 1.08
N ALA A 23 38.02 -19.93 0.46
CA ALA A 23 37.01 -20.66 -0.30
C ALA A 23 37.44 -21.06 -1.67
N ARG A 24 38.44 -20.40 -2.26
CA ARG A 24 39.02 -20.66 -3.55
C ARG A 24 39.88 -21.89 -3.50
N GLU A 25 40.40 -22.36 -2.28
CA GLU A 25 41.12 -23.53 -2.25
C GLU A 25 40.16 -24.68 -2.06
N ALA A 26 38.87 -24.39 -1.68
CA ALA A 26 37.82 -25.38 -1.58
C ALA A 26 37.26 -25.78 -2.98
N VAL A 27 37.55 -24.88 -3.93
CA VAL A 27 37.34 -25.25 -5.33
C VAL A 27 38.23 -26.33 -5.77
N LYS A 28 39.55 -26.21 -5.37
CA LYS A 28 40.65 -27.09 -5.75
C LYS A 28 40.52 -28.48 -5.22
N ARG A 29 39.91 -28.55 -4.00
CA ARG A 29 39.57 -29.89 -3.40
C ARG A 29 38.58 -30.65 -4.23
N GLY A 30 37.54 -30.03 -4.84
CA GLY A 30 36.60 -30.70 -5.78
C GLY A 30 37.20 -31.19 -7.04
N ALA A 31 36.24 -31.50 -7.88
CA ALA A 31 36.32 -31.95 -9.25
C ALA A 31 37.13 -31.10 -10.12
N THR A 32 37.87 -31.67 -11.18
CA THR A 32 38.69 -30.90 -12.09
C THR A 32 37.80 -30.63 -13.22
N ALA A 33 38.10 -29.63 -14.04
CA ALA A 33 37.35 -29.27 -15.23
C ALA A 33 38.31 -28.65 -16.15
N ILE A 34 38.24 -28.87 -17.51
CA ILE A 34 39.21 -28.43 -18.45
C ILE A 34 38.28 -27.73 -19.47
N GLY A 35 38.58 -26.52 -19.80
CA GLY A 35 38.00 -25.78 -20.87
C GLY A 35 39.04 -25.44 -21.93
N ILE A 36 38.65 -25.46 -23.22
CA ILE A 36 39.55 -25.06 -24.29
C ILE A 36 38.82 -24.41 -25.43
N LYS A 37 39.36 -23.32 -26.01
CA LYS A 37 38.75 -22.46 -27.05
C LYS A 37 39.57 -22.58 -28.33
N CYS A 38 38.92 -22.63 -29.45
CA CYS A 38 39.48 -22.69 -30.73
C CYS A 38 38.61 -21.68 -31.49
N LYS A 39 38.75 -21.57 -32.82
CA LYS A 39 37.97 -20.58 -33.56
C LYS A 39 36.93 -21.35 -34.38
N GLU A 40 36.78 -22.61 -34.10
CA GLU A 40 35.81 -23.53 -34.61
C GLU A 40 34.80 -23.77 -33.54
N GLY A 41 34.96 -23.21 -32.30
CA GLY A 41 33.97 -23.36 -31.27
C GLY A 41 34.73 -23.50 -29.99
N VAL A 42 34.10 -24.10 -28.94
CA VAL A 42 34.73 -24.21 -27.66
C VAL A 42 34.24 -25.49 -27.17
N ILE A 43 35.15 -26.34 -26.66
CA ILE A 43 34.89 -27.74 -26.18
C ILE A 43 35.04 -27.59 -24.67
N LEU A 44 34.15 -28.25 -23.85
CA LEU A 44 34.17 -28.20 -22.39
C LEU A 44 34.19 -29.66 -21.91
N ILE A 45 35.14 -29.97 -21.01
CA ILE A 45 35.43 -31.26 -20.48
C ILE A 45 35.22 -31.16 -18.99
N ALA A 46 34.53 -32.16 -18.41
CA ALA A 46 34.16 -32.26 -17.06
C ALA A 46 34.36 -33.66 -16.55
N ASP A 47 34.96 -33.76 -15.32
CA ASP A 47 35.29 -35.00 -14.63
C ASP A 47 34.10 -35.57 -14.12
N LYS A 48 33.80 -36.84 -14.48
CA LYS A 48 32.61 -37.58 -14.06
C LYS A 48 33.00 -38.81 -13.45
N ARG A 49 34.29 -38.95 -13.21
CA ARG A 49 34.92 -40.03 -12.52
C ARG A 49 35.17 -39.59 -11.11
N VAL A 50 34.38 -40.17 -10.18
CA VAL A 50 34.40 -39.72 -8.81
C VAL A 50 34.08 -40.94 -7.88
N GLY A 51 34.74 -40.97 -6.73
CA GLY A 51 34.39 -41.98 -5.66
C GLY A 51 34.51 -43.40 -6.07
N SER A 52 33.88 -44.28 -5.26
CA SER A 52 33.85 -45.76 -5.41
C SER A 52 33.06 -46.23 -6.58
N LYS A 53 33.19 -47.57 -6.90
CA LYS A 53 32.69 -48.34 -8.01
C LYS A 53 31.22 -48.58 -7.74
N LEU A 54 30.78 -48.40 -6.49
CA LEU A 54 29.42 -48.52 -6.14
C LEU A 54 28.57 -47.39 -6.73
N LEU A 55 29.15 -46.21 -7.00
CA LEU A 55 28.49 -45.08 -7.68
C LEU A 55 28.22 -45.59 -9.06
N GLU A 56 27.10 -45.10 -9.63
CA GLU A 56 26.78 -45.26 -11.07
C GLU A 56 27.84 -44.36 -11.76
N ALA A 57 28.20 -44.68 -13.03
CA ALA A 57 29.09 -44.04 -13.95
C ALA A 57 28.75 -42.64 -14.19
N ASP A 58 27.47 -42.31 -14.17
CA ASP A 58 27.01 -40.90 -14.27
C ASP A 58 26.98 -40.46 -12.87
N THR A 59 27.62 -39.34 -12.49
CA THR A 59 27.41 -38.77 -11.21
C THR A 59 27.14 -37.35 -11.61
N ILE A 60 25.85 -36.94 -11.38
CA ILE A 60 25.18 -35.77 -12.02
C ILE A 60 26.13 -34.53 -12.21
N GLU A 61 26.58 -34.16 -13.39
CA GLU A 61 26.47 -34.76 -14.70
C GLU A 61 27.71 -34.35 -15.51
N LYS A 62 28.81 -33.59 -15.13
CA LYS A 62 28.81 -32.31 -14.47
C LYS A 62 28.99 -31.13 -15.36
N ILE A 63 27.96 -30.74 -16.12
CA ILE A 63 28.22 -30.13 -17.39
C ILE A 63 26.87 -29.96 -17.88
N TYR A 64 26.44 -28.71 -17.42
CA TYR A 64 25.04 -28.37 -17.48
C TYR A 64 24.74 -27.50 -18.64
N LYS A 65 23.60 -27.81 -19.30
CA LYS A 65 23.04 -26.95 -20.22
C LYS A 65 22.48 -25.70 -19.46
N ILE A 66 23.06 -24.51 -19.73
CA ILE A 66 22.64 -23.29 -19.08
C ILE A 66 21.66 -22.49 -19.92
N ASP A 67 21.99 -22.41 -21.24
CA ASP A 67 21.12 -21.88 -22.21
C ASP A 67 21.11 -22.85 -23.40
N GLU A 68 20.52 -22.45 -24.59
CA GLU A 68 20.50 -23.27 -25.75
C GLU A 68 21.93 -23.45 -26.24
N HIS A 69 22.69 -22.37 -26.21
CA HIS A 69 24.08 -22.27 -26.76
C HIS A 69 25.20 -22.03 -25.81
N ILE A 70 24.92 -22.21 -24.53
CA ILE A 70 25.96 -22.01 -23.54
C ILE A 70 25.78 -23.13 -22.59
N CYS A 71 26.85 -23.69 -22.13
CA CYS A 71 26.91 -24.77 -21.21
C CYS A 71 27.99 -24.38 -20.24
N ALA A 72 28.07 -24.99 -19.01
CA ALA A 72 29.06 -24.70 -18.08
C ALA A 72 29.35 -25.91 -17.37
N ALA A 73 30.64 -25.93 -16.97
CA ALA A 73 31.26 -26.94 -16.14
C ALA A 73 31.28 -26.42 -14.78
N THR A 74 31.36 -27.35 -13.83
CA THR A 74 31.50 -26.93 -12.43
C THR A 74 32.63 -27.77 -11.77
N SER A 75 33.26 -27.18 -10.74
CA SER A 75 34.29 -27.66 -9.95
C SER A 75 34.06 -27.04 -8.64
N GLY A 76 34.50 -27.74 -7.59
CA GLY A 76 34.29 -27.24 -6.27
C GLY A 76 33.13 -28.06 -5.83
N LEU A 77 32.32 -27.57 -4.85
CA LEU A 77 31.18 -28.27 -4.31
C LEU A 77 29.95 -28.30 -5.21
N VAL A 78 29.51 -29.58 -5.50
CA VAL A 78 28.31 -29.86 -6.33
C VAL A 78 27.10 -29.23 -5.62
N ALA A 79 27.07 -29.15 -4.30
CA ALA A 79 25.93 -28.63 -3.60
C ALA A 79 25.70 -27.26 -3.96
N ASP A 80 26.79 -26.42 -3.93
CA ASP A 80 26.81 -25.01 -4.30
C ASP A 80 26.55 -24.82 -5.77
N ALA A 81 26.87 -25.83 -6.61
CA ALA A 81 26.66 -25.78 -7.97
C ALA A 81 25.16 -25.70 -8.25
N ARG A 82 24.31 -26.49 -7.62
CA ARG A 82 22.89 -26.50 -7.79
C ARG A 82 22.22 -25.15 -7.67
N VAL A 83 22.58 -24.38 -6.62
CA VAL A 83 21.86 -23.16 -6.36
C VAL A 83 22.42 -22.06 -7.25
N LEU A 84 23.76 -21.99 -7.42
CA LEU A 84 24.35 -21.05 -8.33
C LEU A 84 23.94 -21.23 -9.79
N ILE A 85 23.61 -22.48 -10.29
CA ILE A 85 23.14 -22.70 -11.62
C ILE A 85 21.68 -22.44 -11.69
N ASP A 86 20.88 -22.53 -10.59
CA ASP A 86 19.43 -22.41 -10.71
C ASP A 86 19.07 -21.02 -11.19
N ARG A 87 19.67 -19.95 -10.57
CA ARG A 87 19.50 -18.60 -10.94
C ARG A 87 20.14 -18.31 -12.31
N ALA A 88 21.32 -19.00 -12.56
CA ALA A 88 22.08 -18.74 -13.75
C ALA A 88 21.30 -19.05 -14.97
N ARG A 89 20.67 -20.20 -14.99
CA ARG A 89 19.78 -20.86 -15.99
C ARG A 89 18.51 -20.00 -16.20
N ILE A 90 17.93 -19.46 -15.09
CA ILE A 90 16.71 -18.64 -15.08
C ILE A 90 17.17 -17.32 -15.82
N GLU A 91 18.38 -16.83 -15.44
CA GLU A 91 18.88 -15.57 -15.96
C GLU A 91 19.21 -15.47 -17.42
N ALA A 92 19.65 -16.59 -17.93
CA ALA A 92 19.91 -16.70 -19.33
C ALA A 92 18.65 -16.64 -20.13
N GLN A 93 17.57 -17.22 -19.61
CA GLN A 93 16.28 -17.16 -20.25
C GLN A 93 15.55 -15.88 -20.02
N ILE A 94 15.78 -15.06 -18.95
CA ILE A 94 15.30 -13.75 -18.62
C ILE A 94 15.82 -12.77 -19.63
N ASN A 95 17.11 -12.98 -20.21
CA ASN A 95 17.65 -12.16 -21.29
C ASN A 95 16.83 -12.31 -22.55
N ARG A 96 16.43 -13.55 -22.91
CA ARG A 96 15.61 -13.96 -23.98
C ARG A 96 14.20 -13.54 -23.82
N LEU A 97 13.73 -13.34 -22.59
CA LEU A 97 12.43 -12.74 -22.34
C LEU A 97 12.32 -11.29 -22.67
N THR A 98 13.45 -10.54 -22.42
CA THR A 98 13.47 -9.09 -22.41
C THR A 98 14.16 -8.51 -23.59
N TYR A 99 14.81 -9.31 -24.46
CA TYR A 99 15.52 -8.88 -25.66
C TYR A 99 15.26 -9.80 -26.76
N ASP A 100 14.90 -11.11 -26.53
CA ASP A 100 14.52 -12.10 -27.58
C ASP A 100 15.78 -12.44 -28.35
N GLU A 101 16.98 -12.29 -27.73
CA GLU A 101 18.26 -12.25 -28.38
C GLU A 101 18.97 -13.32 -27.68
N PRO A 102 19.93 -13.99 -28.24
CA PRO A 102 21.01 -14.70 -27.59
C PRO A 102 21.66 -13.98 -26.46
N ILE A 103 21.91 -14.59 -25.25
CA ILE A 103 22.59 -13.93 -24.13
C ILE A 103 24.07 -14.12 -24.41
N THR A 104 24.84 -12.98 -24.31
CA THR A 104 26.27 -12.85 -24.48
C THR A 104 26.96 -13.79 -23.55
N VAL A 105 28.06 -14.43 -24.02
CA VAL A 105 28.99 -15.24 -23.32
C VAL A 105 29.66 -14.46 -22.21
N LYS A 106 30.10 -13.20 -22.56
CA LYS A 106 30.51 -12.23 -21.59
C LYS A 106 29.48 -11.84 -20.52
N GLU A 107 28.21 -11.57 -20.88
CA GLU A 107 27.21 -10.95 -20.03
C GLU A 107 26.71 -12.00 -19.14
N LEU A 108 26.70 -13.35 -19.48
CA LEU A 108 26.18 -14.38 -18.62
C LEU A 108 27.04 -14.60 -17.40
N ALA A 109 28.38 -14.56 -17.61
CA ALA A 109 29.40 -14.90 -16.63
C ALA A 109 29.50 -13.85 -15.57
N LYS A 110 29.30 -12.62 -16.00
CA LYS A 110 29.12 -11.49 -15.14
C LYS A 110 27.93 -11.58 -14.22
N LYS A 111 26.80 -12.07 -14.69
CA LYS A 111 25.62 -12.25 -13.85
C LYS A 111 25.68 -13.54 -12.98
N ILE A 112 26.45 -14.49 -13.37
CA ILE A 112 26.81 -15.55 -12.51
C ILE A 112 27.67 -15.01 -11.33
N CYS A 113 28.69 -14.22 -11.69
CA CYS A 113 29.63 -13.47 -10.84
C CYS A 113 28.89 -12.52 -9.92
N ASP A 114 27.76 -11.91 -10.34
CA ASP A 114 27.06 -10.99 -9.50
C ASP A 114 26.40 -11.76 -8.32
N PHE A 115 25.91 -13.07 -8.60
CA PHE A 115 25.34 -13.81 -7.53
C PHE A 115 26.28 -14.06 -6.34
N LYS A 116 27.54 -14.33 -6.68
CA LYS A 116 28.59 -14.74 -5.74
C LYS A 116 29.23 -13.53 -5.02
N GLN A 117 29.11 -12.38 -5.71
CA GLN A 117 29.50 -11.08 -5.29
C GLN A 117 28.59 -10.60 -4.17
N GLN A 118 27.22 -10.84 -4.20
CA GLN A 118 26.23 -10.66 -3.18
C GLN A 118 26.53 -11.37 -1.93
N TYR A 119 27.16 -12.53 -2.08
CA TYR A 119 27.56 -13.56 -1.11
C TYR A 119 28.96 -13.29 -0.64
N THR A 120 29.69 -12.24 -1.13
CA THR A 120 30.95 -11.80 -0.61
C THR A 120 30.68 -10.62 0.33
N GLN A 121 29.69 -9.72 -0.04
CA GLN A 121 29.43 -8.47 0.57
C GLN A 121 28.61 -8.67 1.83
N TYR A 122 27.61 -9.58 1.84
CA TYR A 122 26.72 -9.66 2.94
C TYR A 122 27.34 -10.68 3.87
N GLY A 123 27.38 -10.27 5.18
CA GLY A 123 27.88 -11.02 6.28
C GLY A 123 26.94 -12.07 6.79
N GLY A 124 25.74 -12.15 6.21
CA GLY A 124 24.74 -13.05 6.63
C GLY A 124 24.82 -14.32 5.96
N VAL A 125 25.82 -14.45 5.10
CA VAL A 125 25.78 -15.54 4.15
C VAL A 125 27.26 -15.81 3.82
N ARG A 126 27.51 -17.08 3.68
CA ARG A 126 28.81 -17.59 3.26
C ARG A 126 29.04 -17.20 1.76
N PRO A 127 30.28 -16.98 1.20
CA PRO A 127 30.53 -16.93 -0.25
C PRO A 127 30.40 -18.36 -0.73
N PHE A 128 29.75 -18.60 -1.97
CA PHE A 128 29.75 -19.94 -2.39
C PHE A 128 31.16 -20.34 -2.80
N GLY A 129 31.49 -21.63 -2.51
CA GLY A 129 32.80 -22.08 -2.82
C GLY A 129 32.81 -22.97 -4.03
N VAL A 130 32.61 -22.35 -5.24
CA VAL A 130 32.33 -23.09 -6.45
C VAL A 130 32.74 -22.23 -7.50
N SER A 131 33.17 -22.83 -8.65
CA SER A 131 33.79 -22.27 -9.83
C SER A 131 33.18 -22.88 -11.01
N LEU A 132 32.73 -22.00 -11.97
CA LEU A 132 32.10 -22.43 -13.20
C LEU A 132 33.10 -22.09 -14.30
N LEU A 133 33.21 -22.85 -15.41
CA LEU A 133 33.87 -22.49 -16.58
C LEU A 133 32.69 -22.23 -17.52
N ILE A 134 32.73 -21.12 -18.29
CA ILE A 134 31.60 -20.71 -19.04
C ILE A 134 32.05 -20.78 -20.47
N ALA A 135 31.37 -21.62 -21.25
CA ALA A 135 31.61 -21.95 -22.62
C ALA A 135 30.34 -21.73 -23.46
N GLY A 136 30.48 -20.85 -24.51
CA GLY A 136 29.40 -20.78 -25.44
C GLY A 136 29.92 -19.99 -26.57
N VAL A 137 28.95 -19.76 -27.52
CA VAL A 137 29.19 -19.05 -28.73
C VAL A 137 28.12 -18.03 -28.87
N ASP A 138 28.49 -16.75 -28.74
CA ASP A 138 27.64 -15.62 -29.12
C ASP A 138 27.66 -15.44 -30.59
N GLU A 139 28.91 -15.38 -31.16
CA GLU A 139 28.96 -15.31 -32.59
C GLU A 139 30.31 -15.85 -32.84
N VAL A 140 31.21 -15.85 -31.79
CA VAL A 140 32.58 -16.34 -31.78
C VAL A 140 32.66 -17.09 -30.52
N PRO A 141 33.55 -17.98 -30.32
CA PRO A 141 33.59 -18.75 -29.07
C PRO A 141 34.24 -17.94 -27.95
N LYS A 142 33.83 -18.20 -26.69
CA LYS A 142 34.40 -17.43 -25.58
C LYS A 142 34.35 -18.33 -24.39
N LEU A 143 35.39 -18.27 -23.61
CA LEU A 143 35.59 -19.06 -22.53
C LEU A 143 35.93 -18.10 -21.44
N TYR A 144 35.24 -18.31 -20.32
CA TYR A 144 35.49 -17.50 -19.13
C TYR A 144 35.50 -18.50 -18.03
N GLU A 145 36.12 -18.13 -16.88
CA GLU A 145 36.18 -18.85 -15.65
C GLU A 145 35.64 -17.86 -14.68
N THR A 146 34.69 -18.33 -13.83
CA THR A 146 34.06 -17.46 -12.86
C THR A 146 34.72 -17.94 -11.59
N ASP A 147 34.94 -17.03 -10.67
CA ASP A 147 35.74 -17.29 -9.46
C ASP A 147 34.82 -17.03 -8.27
N PRO A 148 35.02 -17.50 -7.06
CA PRO A 148 34.16 -17.33 -5.86
C PRO A 148 34.10 -15.97 -5.38
N SER A 149 35.15 -15.21 -5.64
CA SER A 149 35.20 -13.80 -5.28
C SER A 149 34.07 -13.08 -5.95
N GLY A 150 33.93 -13.45 -7.27
CA GLY A 150 33.01 -12.95 -8.23
C GLY A 150 33.87 -12.37 -9.30
N ALA A 151 35.11 -12.88 -9.36
CA ALA A 151 36.05 -12.46 -10.31
C ALA A 151 35.89 -13.18 -11.62
N LEU A 152 36.25 -12.41 -12.64
CA LEU A 152 35.94 -12.71 -14.01
C LEU A 152 37.23 -12.55 -14.83
N LEU A 153 37.64 -13.58 -15.53
CA LEU A 153 38.87 -13.54 -16.29
C LEU A 153 38.53 -14.24 -17.52
N GLU A 154 38.86 -13.69 -18.70
CA GLU A 154 38.68 -14.34 -19.93
C GLU A 154 39.93 -15.25 -20.02
N TYR A 155 39.58 -16.53 -20.36
CA TYR A 155 40.66 -17.50 -20.66
C TYR A 155 40.62 -17.85 -22.08
N LYS A 156 41.67 -18.58 -22.53
CA LYS A 156 41.73 -19.13 -23.87
C LYS A 156 41.97 -20.63 -23.72
N ALA A 157 42.60 -21.13 -22.66
CA ALA A 157 42.49 -22.46 -22.28
C ALA A 157 42.91 -22.53 -20.87
N THR A 158 42.29 -23.51 -20.06
CA THR A 158 42.34 -23.48 -18.64
C THR A 158 41.99 -24.75 -18.00
N ALA A 159 42.35 -24.84 -16.73
CA ALA A 159 41.77 -25.84 -15.92
C ALA A 159 41.57 -25.18 -14.60
N ILE A 160 40.78 -25.85 -13.78
CA ILE A 160 40.49 -25.44 -12.41
C ILE A 160 40.19 -26.65 -11.71
N GLY A 161 40.25 -26.63 -10.35
CA GLY A 161 39.89 -27.73 -9.49
C GLY A 161 41.19 -28.38 -9.17
N MET A 162 41.17 -29.69 -9.14
CA MET A 162 42.41 -30.46 -8.95
C MET A 162 43.38 -30.28 -10.05
N GLY A 163 42.99 -30.23 -11.38
CA GLY A 163 43.87 -30.32 -12.54
C GLY A 163 44.44 -28.99 -12.88
N ARG A 164 44.12 -27.92 -12.01
CA ARG A 164 44.59 -26.53 -12.15
C ARG A 164 46.04 -26.46 -12.31
N ASN A 165 46.91 -27.09 -11.36
CA ASN A 165 48.32 -26.96 -11.35
C ASN A 165 48.97 -27.66 -12.49
N ALA A 166 48.48 -28.90 -12.79
CA ALA A 166 49.04 -29.75 -13.83
C ALA A 166 48.91 -29.15 -15.23
N VAL A 167 47.73 -28.61 -15.44
CA VAL A 167 47.27 -28.21 -16.75
C VAL A 167 47.85 -26.84 -17.09
N THR A 168 48.28 -25.97 -16.11
CA THR A 168 48.83 -24.65 -16.44
C THR A 168 50.15 -24.88 -17.17
N GLU A 169 51.02 -25.77 -16.72
CA GLU A 169 52.23 -26.21 -17.35
C GLU A 169 52.04 -26.87 -18.71
N PHE A 170 51.05 -27.74 -18.80
CA PHE A 170 50.79 -28.42 -19.97
C PHE A 170 50.52 -27.52 -21.18
N PHE A 171 49.88 -26.37 -20.87
CA PHE A 171 49.35 -25.62 -21.90
C PHE A 171 50.31 -24.60 -22.28
N GLU A 172 51.41 -24.39 -21.51
CA GLU A 172 52.33 -23.45 -22.02
C GLU A 172 52.97 -23.86 -23.37
N LYS A 173 53.39 -25.13 -23.46
CA LYS A 173 54.09 -25.63 -24.69
C LYS A 173 52.98 -26.03 -25.72
N GLU A 174 51.97 -26.71 -25.23
CA GLU A 174 50.99 -27.33 -26.13
C GLU A 174 50.05 -26.38 -26.67
N TYR A 175 49.42 -25.45 -25.91
CA TYR A 175 48.30 -24.69 -26.42
C TYR A 175 48.78 -23.75 -27.58
N ARG A 176 47.84 -23.49 -28.49
CA ARG A 176 48.07 -22.84 -29.75
C ARG A 176 46.82 -22.12 -30.22
N ASP A 177 46.86 -21.19 -31.19
CA ASP A 177 45.66 -20.41 -31.53
C ASP A 177 45.37 -20.62 -33.01
N ASP A 178 45.74 -21.81 -33.49
CA ASP A 178 45.45 -22.15 -34.86
C ASP A 178 45.11 -23.70 -34.75
N LEU A 179 44.67 -24.16 -33.57
CA LEU A 179 44.24 -25.51 -33.38
C LEU A 179 42.94 -25.77 -34.17
N SER A 180 42.77 -27.05 -34.61
CA SER A 180 41.51 -27.50 -35.22
C SER A 180 40.62 -27.96 -34.13
N PHE A 181 39.32 -28.17 -34.45
CA PHE A 181 38.30 -28.57 -33.51
C PHE A 181 38.67 -29.88 -32.80
N ASP A 182 39.02 -30.92 -33.61
CA ASP A 182 39.36 -32.29 -33.13
C ASP A 182 40.62 -32.35 -32.29
N ASP A 183 41.71 -31.64 -32.68
CA ASP A 183 42.95 -31.45 -32.08
C ASP A 183 42.76 -30.74 -30.78
N ALA A 184 41.92 -29.70 -30.74
CA ALA A 184 41.58 -29.15 -29.48
C ALA A 184 40.80 -29.99 -28.47
N MET A 185 39.81 -30.70 -29.02
CA MET A 185 39.10 -31.70 -28.23
C MET A 185 40.11 -32.84 -27.66
N VAL A 186 41.06 -33.36 -28.44
CA VAL A 186 41.94 -34.43 -27.99
C VAL A 186 42.81 -34.01 -26.84
N LEU A 187 43.42 -32.74 -27.03
CA LEU A 187 44.28 -32.05 -26.13
C LEU A 187 43.54 -31.73 -24.88
N GLY A 188 42.19 -31.56 -24.88
CA GLY A 188 41.33 -31.30 -23.67
C GLY A 188 41.22 -32.59 -22.87
N LEU A 189 41.08 -33.79 -23.49
CA LEU A 189 41.17 -35.09 -22.82
C LEU A 189 42.54 -35.45 -22.30
N VAL A 190 43.62 -35.11 -22.96
CA VAL A 190 44.98 -35.29 -22.59
C VAL A 190 45.20 -34.57 -21.29
N ALA A 191 44.70 -33.30 -21.22
CA ALA A 191 44.72 -32.38 -20.13
C ALA A 191 43.95 -32.88 -18.92
N MET A 192 42.74 -33.47 -19.04
CA MET A 192 42.04 -34.23 -17.97
C MET A 192 42.74 -35.45 -17.52
N GLY A 193 43.39 -36.17 -18.45
CA GLY A 193 44.12 -37.41 -18.22
C GLY A 193 45.32 -37.21 -17.34
N LEU A 194 46.00 -36.08 -17.59
CA LEU A 194 47.02 -35.50 -16.82
C LEU A 194 46.57 -35.08 -15.45
N SER A 195 45.28 -34.62 -15.28
CA SER A 195 44.68 -34.11 -14.01
C SER A 195 44.62 -35.13 -12.95
N ILE A 196 44.22 -36.41 -13.35
CA ILE A 196 44.21 -37.49 -12.36
C ILE A 196 45.58 -38.22 -12.36
N GLU A 197 46.38 -37.96 -13.45
CA GLU A 197 47.65 -38.55 -13.80
C GLU A 197 47.36 -40.10 -13.90
N SER A 198 46.45 -40.44 -14.88
CA SER A 198 46.01 -41.83 -15.06
C SER A 198 45.44 -41.87 -16.50
N GLU A 199 45.24 -43.07 -17.03
CA GLU A 199 44.62 -43.36 -18.23
C GLU A 199 43.11 -43.23 -18.10
N LEU A 200 42.44 -43.05 -19.26
CA LEU A 200 40.98 -42.71 -19.26
C LEU A 200 40.24 -43.97 -19.79
N VAL A 201 38.91 -43.91 -19.53
CA VAL A 201 37.89 -44.70 -20.09
C VAL A 201 36.88 -43.58 -20.43
N PRO A 202 36.27 -43.67 -21.61
CA PRO A 202 35.48 -42.59 -22.16
C PRO A 202 34.09 -42.49 -21.53
N GLU A 203 33.80 -43.52 -20.64
CA GLU A 203 32.40 -43.75 -20.21
C GLU A 203 32.21 -43.20 -18.79
N ASN A 204 33.25 -42.41 -18.23
CA ASN A 204 33.15 -41.94 -16.94
C ASN A 204 33.81 -40.57 -17.06
N ILE A 205 33.55 -39.81 -18.12
CA ILE A 205 33.91 -38.41 -18.35
C ILE A 205 32.88 -37.94 -19.28
N GLU A 206 32.43 -36.69 -19.17
CA GLU A 206 31.39 -36.17 -20.02
C GLU A 206 31.90 -35.00 -20.71
N VAL A 207 31.73 -34.93 -22.00
CA VAL A 207 32.20 -33.81 -22.82
C VAL A 207 31.12 -33.34 -23.69
N GLY A 208 30.94 -32.01 -23.75
CA GLY A 208 29.81 -31.35 -24.46
C GLY A 208 30.47 -30.26 -25.20
N TYR A 209 29.95 -29.63 -26.24
CA TYR A 209 30.59 -28.53 -26.90
C TYR A 209 29.59 -27.62 -27.56
N VAL A 210 29.95 -26.37 -27.93
CA VAL A 210 29.15 -25.41 -28.64
C VAL A 210 30.04 -25.07 -29.85
N LYS A 211 29.65 -25.34 -31.10
CA LYS A 211 30.41 -24.82 -32.22
C LYS A 211 29.82 -23.49 -32.70
N VAL A 212 30.46 -22.81 -33.69
CA VAL A 212 30.09 -21.55 -34.33
C VAL A 212 29.12 -21.79 -35.45
N ASP A 213 29.43 -22.83 -36.17
CA ASP A 213 28.57 -23.19 -37.22
C ASP A 213 27.31 -23.82 -36.65
N ASP A 214 27.23 -24.40 -35.37
CA ASP A 214 26.04 -24.93 -34.84
C ASP A 214 25.33 -23.86 -34.12
N ARG A 215 26.02 -23.32 -33.04
CA ARG A 215 25.41 -22.44 -32.03
C ARG A 215 24.24 -23.08 -31.37
N THR A 216 24.53 -24.32 -31.03
CA THR A 216 23.56 -25.12 -30.36
C THR A 216 24.55 -25.97 -29.50
N PHE A 217 24.30 -26.11 -28.19
CA PHE A 217 24.71 -27.23 -27.36
C PHE A 217 24.53 -28.62 -27.90
N LYS A 218 25.61 -29.44 -27.78
CA LYS A 218 25.59 -30.83 -28.13
C LYS A 218 26.39 -31.51 -27.15
N GLU A 219 26.37 -32.88 -27.20
CA GLU A 219 27.01 -33.72 -26.17
C GLU A 219 27.52 -34.92 -27.00
N VAL A 220 28.69 -35.40 -26.58
CA VAL A 220 29.35 -36.47 -27.26
C VAL A 220 29.22 -37.78 -26.44
N SER A 221 28.40 -38.68 -27.06
CA SER A 221 27.98 -39.92 -26.44
C SER A 221 29.16 -40.82 -26.18
N PRO A 222 29.19 -41.77 -25.30
CA PRO A 222 30.24 -42.64 -25.06
C PRO A 222 30.56 -43.51 -26.23
N GLU A 223 29.64 -43.79 -27.15
CA GLU A 223 29.90 -44.57 -28.32
C GLU A 223 30.72 -43.82 -29.35
N GLU A 224 30.39 -42.58 -29.68
CA GLU A 224 31.17 -41.63 -30.47
C GLU A 224 32.48 -41.25 -29.91
N LEU A 225 32.58 -41.09 -28.55
CA LEU A 225 33.76 -40.54 -27.83
C LEU A 225 35.05 -41.24 -27.98
N LYS A 226 34.88 -42.59 -28.14
CA LYS A 226 35.98 -43.48 -28.14
C LYS A 226 37.19 -43.04 -28.88
N PRO A 227 37.29 -42.78 -30.18
CA PRO A 227 38.56 -42.53 -30.89
C PRO A 227 39.36 -41.35 -30.37
N TYR A 228 38.69 -40.29 -29.89
CA TYR A 228 39.36 -39.12 -29.39
C TYR A 228 40.04 -39.53 -28.11
N VAL A 229 39.38 -40.32 -27.23
CA VAL A 229 39.96 -40.80 -25.97
C VAL A 229 41.16 -41.74 -26.27
N GLU A 230 41.21 -42.49 -27.42
CA GLU A 230 42.34 -43.35 -27.78
C GLU A 230 43.65 -42.60 -28.24
N ARG A 231 43.45 -41.46 -29.00
CA ARG A 231 44.56 -40.64 -29.39
C ARG A 231 44.95 -39.89 -28.18
N ALA A 232 44.07 -39.68 -27.16
CA ALA A 232 44.47 -38.94 -25.99
C ALA A 232 45.39 -39.83 -25.22
N ASN A 233 45.08 -41.14 -25.10
CA ASN A 233 45.82 -42.02 -24.25
C ASN A 233 47.25 -42.31 -24.68
N GLU A 234 47.46 -42.24 -26.02
CA GLU A 234 48.88 -42.36 -26.55
C GLU A 234 49.64 -41.23 -25.97
N ARG A 235 49.05 -39.98 -25.92
CA ARG A 235 49.84 -38.86 -25.52
C ARG A 235 49.88 -38.83 -23.95
N ILE A 236 48.83 -39.22 -23.19
CA ILE A 236 48.85 -39.31 -21.69
C ILE A 236 49.89 -40.43 -21.28
N ARG A 237 50.02 -41.59 -22.06
CA ARG A 237 51.03 -42.58 -21.69
C ARG A 237 52.40 -41.99 -21.76
N GLU A 238 52.68 -41.16 -22.84
CA GLU A 238 53.97 -40.57 -23.05
C GLU A 238 54.39 -39.69 -21.96
N LEU A 239 53.47 -38.85 -21.56
CA LEU A 239 53.62 -37.98 -20.44
C LEU A 239 53.91 -38.78 -19.18
N LEU A 240 53.17 -39.93 -18.94
CA LEU A 240 53.40 -40.70 -17.74
C LEU A 240 54.43 -41.73 -17.96
N LYS A 241 55.30 -41.65 -18.97
CA LYS A 241 56.60 -42.40 -18.94
C LYS A 241 57.54 -41.90 -17.91
N LYS A 242 57.52 -40.54 -17.72
CA LYS A 242 58.45 -39.78 -16.87
C LYS A 242 57.91 -40.10 -15.47
N ARG B 6 -79.74 16.93 -51.32
CA ARG B 6 -80.98 17.65 -51.56
C ARG B 6 -81.81 17.49 -50.39
N ALA B 7 -82.99 16.84 -50.52
CA ALA B 7 -83.91 16.54 -49.44
C ALA B 7 -84.75 15.49 -50.04
N ILE B 8 -85.40 14.65 -49.15
CA ILE B 8 -86.12 13.45 -49.48
C ILE B 8 -87.31 13.76 -50.44
N THR B 9 -87.70 12.82 -51.32
CA THR B 9 -88.93 12.70 -52.05
C THR B 9 -90.11 12.64 -51.05
N VAL B 10 -91.22 13.38 -51.39
CA VAL B 10 -92.44 13.41 -50.68
C VAL B 10 -93.12 12.08 -50.62
N PHE B 11 -93.81 11.80 -49.49
CA PHE B 11 -94.53 10.62 -49.17
C PHE B 11 -95.73 10.44 -50.07
N SER B 12 -95.85 9.19 -50.51
CA SER B 12 -96.91 8.55 -51.23
C SER B 12 -98.00 8.10 -50.31
N PRO B 13 -99.33 8.18 -50.61
CA PRO B 13 -100.43 7.82 -49.70
C PRO B 13 -100.28 6.36 -49.36
N ASP B 14 -99.77 5.50 -50.29
CA ASP B 14 -99.77 4.10 -50.12
C ASP B 14 -98.78 3.83 -48.98
N GLY B 15 -97.58 4.50 -49.02
CA GLY B 15 -96.60 4.36 -47.99
C GLY B 15 -95.34 4.68 -48.71
N ARG B 16 -94.39 5.24 -48.00
CA ARG B 16 -92.98 5.40 -48.37
C ARG B 16 -92.90 6.53 -49.37
N LEU B 17 -91.73 6.65 -50.06
CA LEU B 17 -91.59 7.57 -51.21
C LEU B 17 -92.11 6.99 -52.47
N PHE B 18 -92.37 7.96 -53.39
CA PHE B 18 -92.62 7.86 -54.77
C PHE B 18 -91.44 7.16 -55.35
N GLN B 19 -90.20 7.43 -54.79
CA GLN B 19 -88.92 7.01 -55.37
C GLN B 19 -88.85 5.52 -55.34
N VAL B 20 -89.27 4.95 -54.23
CA VAL B 20 -89.29 3.55 -54.07
C VAL B 20 -90.10 2.70 -55.01
N GLU B 21 -91.29 3.23 -55.27
CA GLU B 21 -92.27 2.66 -56.19
C GLU B 21 -91.66 2.50 -57.56
N TYR B 22 -90.99 3.61 -57.99
CA TYR B 22 -90.22 3.84 -59.22
C TYR B 22 -89.09 2.86 -59.40
N ALA B 23 -88.47 2.61 -58.17
CA ALA B 23 -87.31 1.74 -58.20
C ALA B 23 -87.63 0.24 -58.47
N ARG B 24 -88.81 -0.16 -58.07
CA ARG B 24 -89.40 -1.50 -58.28
C ARG B 24 -89.66 -1.68 -59.76
N GLU B 25 -90.11 -0.62 -60.43
CA GLU B 25 -90.34 -0.51 -61.85
C GLU B 25 -89.05 -0.64 -62.68
N ALA B 26 -87.90 -0.08 -62.22
CA ALA B 26 -86.59 -0.16 -62.87
C ALA B 26 -86.16 -1.60 -63.14
N VAL B 27 -86.45 -2.51 -62.21
CA VAL B 27 -86.06 -3.92 -62.28
C VAL B 27 -87.09 -4.73 -63.04
N LYS B 28 -88.31 -4.20 -63.30
CA LYS B 28 -89.38 -4.90 -64.00
C LYS B 28 -89.00 -4.91 -65.48
N ARG B 29 -88.45 -3.76 -65.90
CA ARG B 29 -87.99 -3.47 -67.22
C ARG B 29 -86.76 -4.22 -67.56
N GLY B 30 -85.90 -4.42 -66.53
CA GLY B 30 -84.60 -5.14 -66.56
C GLY B 30 -84.73 -6.50 -67.16
N ALA B 31 -83.56 -7.18 -67.25
CA ALA B 31 -83.41 -8.54 -67.76
C ALA B 31 -83.95 -9.52 -66.81
N THR B 32 -84.51 -10.61 -67.48
CA THR B 32 -84.99 -11.82 -66.78
C THR B 32 -83.78 -12.50 -66.21
N ALA B 33 -83.99 -13.07 -65.05
CA ALA B 33 -83.08 -13.84 -64.29
C ALA B 33 -83.93 -14.72 -63.41
N ILE B 34 -83.61 -16.01 -63.23
CA ILE B 34 -84.53 -16.92 -62.52
C ILE B 34 -83.60 -17.48 -61.43
N GLY B 35 -84.12 -17.85 -60.26
CA GLY B 35 -83.32 -18.58 -59.33
C GLY B 35 -84.16 -19.64 -58.83
N ILE B 36 -83.67 -20.89 -58.60
CA ILE B 36 -84.56 -22.02 -58.29
C ILE B 36 -83.81 -22.70 -57.14
N LYS B 37 -84.56 -23.21 -56.17
CA LYS B 37 -83.94 -23.81 -54.99
C LYS B 37 -84.42 -25.28 -55.06
N CYS B 38 -83.53 -26.19 -54.80
CA CYS B 38 -83.90 -27.53 -54.67
C CYS B 38 -83.27 -28.06 -53.41
N LYS B 39 -83.41 -29.34 -53.10
CA LYS B 39 -82.82 -30.06 -51.98
C LYS B 39 -81.35 -30.33 -52.18
N GLU B 40 -80.78 -30.22 -53.41
CA GLU B 40 -79.49 -30.65 -53.71
C GLU B 40 -78.64 -29.52 -54.11
N GLY B 41 -79.01 -28.36 -53.68
CA GLY B 41 -78.27 -27.14 -53.94
C GLY B 41 -79.24 -26.10 -54.31
N VAL B 42 -78.77 -25.01 -55.02
CA VAL B 42 -79.54 -23.95 -55.51
C VAL B 42 -78.87 -23.53 -56.77
N ILE B 43 -79.66 -23.30 -57.84
CA ILE B 43 -79.26 -23.16 -59.14
C ILE B 43 -79.51 -21.74 -59.67
N LEU B 44 -78.58 -21.08 -60.41
CA LEU B 44 -78.79 -19.71 -60.89
C LEU B 44 -78.50 -19.55 -62.36
N ILE B 45 -79.54 -19.15 -63.12
CA ILE B 45 -79.61 -19.07 -64.59
C ILE B 45 -80.00 -17.61 -64.91
N ALA B 46 -79.26 -16.99 -65.85
CA ALA B 46 -79.45 -15.69 -66.34
C ALA B 46 -79.25 -15.78 -67.84
N ASP B 47 -80.07 -14.91 -68.63
CA ASP B 47 -80.01 -15.04 -70.07
C ASP B 47 -79.04 -14.07 -70.51
N LYS B 48 -77.89 -14.55 -71.10
CA LYS B 48 -76.78 -13.66 -71.28
C LYS B 48 -76.67 -13.15 -72.67
N ARG B 49 -77.26 -13.84 -73.66
CA ARG B 49 -77.29 -13.37 -75.00
C ARG B 49 -78.73 -13.29 -75.28
N VAL B 50 -79.21 -12.07 -75.48
CA VAL B 50 -80.61 -11.73 -75.84
C VAL B 50 -80.59 -10.46 -76.69
N GLY B 51 -79.37 -9.98 -76.99
CA GLY B 51 -79.25 -8.93 -78.06
C GLY B 51 -78.56 -9.52 -79.28
N SER B 52 -77.83 -8.56 -79.88
CA SER B 52 -77.15 -8.54 -81.08
C SER B 52 -76.02 -9.54 -81.11
N LYS B 53 -75.42 -9.77 -82.34
CA LYS B 53 -74.33 -10.68 -82.63
C LYS B 53 -73.14 -10.34 -81.77
N LEU B 54 -72.93 -8.98 -81.58
CA LEU B 54 -71.83 -8.32 -80.97
C LEU B 54 -71.78 -8.76 -79.49
N LEU B 55 -72.98 -8.76 -78.81
CA LEU B 55 -73.11 -9.41 -77.50
C LEU B 55 -73.13 -10.85 -77.62
N GLU B 56 -72.52 -11.49 -76.65
CA GLU B 56 -72.28 -12.97 -76.58
C GLU B 56 -72.54 -13.36 -75.12
N ALA B 57 -72.81 -14.58 -74.87
CA ALA B 57 -73.17 -15.00 -73.54
C ALA B 57 -71.97 -15.24 -72.66
N ASP B 58 -70.79 -15.22 -73.32
CA ASP B 58 -69.49 -15.50 -72.68
C ASP B 58 -68.70 -14.18 -72.64
N THR B 59 -69.28 -13.04 -73.12
CA THR B 59 -68.58 -11.81 -73.01
C THR B 59 -69.34 -10.91 -72.00
N ILE B 60 -70.61 -11.24 -71.55
CA ILE B 60 -71.23 -10.41 -70.64
C ILE B 60 -71.56 -11.27 -69.38
N GLU B 61 -71.47 -10.58 -68.22
CA GLU B 61 -71.48 -11.13 -66.90
C GLU B 61 -72.71 -10.57 -66.42
N LYS B 62 -73.72 -11.46 -66.17
CA LYS B 62 -74.98 -11.22 -65.49
C LYS B 62 -75.17 -12.34 -64.45
N ILE B 63 -74.07 -13.13 -64.27
CA ILE B 63 -73.94 -13.94 -63.07
C ILE B 63 -72.53 -13.66 -62.64
N TYR B 64 -72.33 -13.16 -61.37
CA TYR B 64 -71.08 -12.64 -60.83
C TYR B 64 -70.73 -13.53 -59.76
N LYS B 65 -69.43 -13.75 -59.49
CA LYS B 65 -68.92 -14.64 -58.45
C LYS B 65 -68.64 -13.74 -57.40
N ILE B 66 -69.47 -13.94 -56.28
CA ILE B 66 -69.53 -13.15 -55.04
C ILE B 66 -68.64 -13.84 -54.07
N ASP B 67 -68.59 -15.23 -54.16
CA ASP B 67 -67.99 -16.10 -53.16
C ASP B 67 -67.72 -17.35 -53.89
N GLU B 68 -67.06 -18.32 -53.21
CA GLU B 68 -66.72 -19.54 -53.84
C GLU B 68 -67.81 -20.59 -53.58
N HIS B 69 -68.94 -20.05 -53.11
CA HIS B 69 -70.08 -20.86 -52.91
C HIS B 69 -71.33 -20.02 -53.03
N ILE B 70 -71.27 -18.67 -53.33
CA ILE B 70 -72.41 -17.83 -53.46
C ILE B 70 -72.18 -17.00 -54.67
N CYS B 71 -73.22 -16.74 -55.41
CA CYS B 71 -73.23 -15.99 -56.66
C CYS B 71 -74.45 -15.18 -56.73
N ALA B 72 -74.49 -14.11 -57.63
CA ALA B 72 -75.61 -13.23 -57.68
C ALA B 72 -75.92 -12.80 -59.04
N ALA B 73 -77.22 -12.36 -59.28
CA ALA B 73 -77.81 -12.24 -60.62
C ALA B 73 -78.10 -10.75 -60.88
N THR B 74 -78.49 -10.33 -62.06
CA THR B 74 -78.77 -9.00 -62.48
C THR B 74 -80.17 -8.91 -62.96
N SER B 75 -80.76 -7.80 -62.58
CA SER B 75 -81.90 -7.24 -63.17
C SER B 75 -81.86 -5.71 -62.98
N GLY B 76 -82.04 -4.93 -64.05
CA GLY B 76 -82.06 -3.46 -64.14
C GLY B 76 -80.96 -3.16 -65.09
N LEU B 77 -80.21 -2.03 -64.92
CA LEU B 77 -79.00 -1.71 -65.63
C LEU B 77 -77.86 -2.49 -65.09
N VAL B 78 -76.83 -2.60 -65.95
CA VAL B 78 -75.57 -3.18 -65.65
C VAL B 78 -74.86 -2.35 -64.60
N ALA B 79 -75.08 -1.00 -64.78
CA ALA B 79 -74.50 0.06 -63.99
C ALA B 79 -74.75 -0.02 -62.54
N ASP B 80 -76.01 -0.19 -62.09
CA ASP B 80 -76.50 -0.15 -60.71
C ASP B 80 -75.97 -1.40 -60.03
N ALA B 81 -76.03 -2.49 -60.80
CA ALA B 81 -75.68 -3.87 -60.40
C ALA B 81 -74.25 -3.95 -60.05
N ARG B 82 -73.41 -3.23 -60.83
CA ARG B 82 -71.95 -3.20 -60.59
C ARG B 82 -71.62 -2.67 -59.18
N VAL B 83 -72.26 -1.55 -58.75
CA VAL B 83 -71.93 -1.00 -57.43
C VAL B 83 -72.38 -1.89 -56.34
N LEU B 84 -73.61 -2.46 -56.55
CA LEU B 84 -74.18 -3.34 -55.55
C LEU B 84 -73.39 -4.62 -55.29
N ILE B 85 -72.81 -5.24 -56.35
CA ILE B 85 -72.23 -6.57 -56.28
C ILE B 85 -70.81 -6.58 -55.85
N ASP B 86 -70.16 -5.34 -55.97
CA ASP B 86 -68.83 -5.01 -55.54
C ASP B 86 -68.78 -4.87 -54.00
N ARG B 87 -69.87 -4.17 -53.54
CA ARG B 87 -70.21 -4.06 -52.17
C ARG B 87 -70.47 -5.39 -51.51
N ALA B 88 -71.21 -6.27 -52.22
CA ALA B 88 -71.55 -7.64 -51.79
C ALA B 88 -70.39 -8.52 -51.69
N ARG B 89 -69.45 -8.48 -52.68
CA ARG B 89 -68.27 -9.26 -52.53
C ARG B 89 -67.41 -8.85 -51.37
N ILE B 90 -67.35 -7.52 -51.18
CA ILE B 90 -66.37 -6.95 -50.14
C ILE B 90 -66.88 -7.28 -48.79
N GLU B 91 -68.22 -7.23 -48.59
CA GLU B 91 -68.83 -7.57 -47.34
C GLU B 91 -68.66 -8.99 -46.93
N ALA B 92 -68.75 -9.88 -47.97
CA ALA B 92 -68.58 -11.33 -47.70
C ALA B 92 -67.18 -11.71 -47.13
N GLN B 93 -66.09 -11.17 -47.72
CA GLN B 93 -64.77 -11.39 -47.25
C GLN B 93 -64.51 -10.70 -45.92
N ILE B 94 -65.35 -9.74 -45.55
CA ILE B 94 -65.18 -9.15 -44.18
C ILE B 94 -65.68 -10.18 -43.14
N ASN B 95 -66.83 -10.88 -43.38
CA ASN B 95 -67.20 -11.91 -42.46
C ASN B 95 -66.34 -13.06 -42.33
N ARG B 96 -65.80 -13.54 -43.52
CA ARG B 96 -64.83 -14.65 -43.59
C ARG B 96 -63.48 -14.17 -43.02
N LEU B 97 -63.24 -12.86 -42.77
CA LEU B 97 -62.00 -12.38 -42.21
C LEU B 97 -62.05 -12.44 -40.66
N THR B 98 -63.14 -11.86 -40.14
CA THR B 98 -63.32 -11.48 -38.72
C THR B 98 -63.68 -12.72 -37.93
N TYR B 99 -64.19 -13.83 -38.58
CA TYR B 99 -64.47 -15.03 -37.82
C TYR B 99 -63.77 -16.25 -38.40
N ASP B 100 -63.47 -16.27 -39.78
CA ASP B 100 -63.10 -17.45 -40.57
C ASP B 100 -64.16 -18.49 -40.41
N GLU B 101 -65.35 -18.06 -40.79
CA GLU B 101 -66.60 -18.74 -40.77
C GLU B 101 -67.09 -18.43 -42.16
N PRO B 102 -67.41 -19.43 -43.03
CA PRO B 102 -67.96 -19.19 -44.33
C PRO B 102 -69.23 -18.31 -44.26
N ILE B 103 -69.30 -17.25 -45.13
CA ILE B 103 -70.35 -16.29 -45.08
C ILE B 103 -71.66 -16.94 -45.46
N THR B 104 -72.53 -16.95 -44.39
CA THR B 104 -73.90 -17.33 -44.61
C THR B 104 -74.60 -16.48 -45.61
N VAL B 105 -75.53 -17.09 -46.41
CA VAL B 105 -76.35 -16.55 -47.53
C VAL B 105 -77.29 -15.45 -47.07
N LYS B 106 -77.82 -15.74 -45.89
CA LYS B 106 -78.75 -14.96 -45.16
C LYS B 106 -78.23 -13.66 -44.66
N GLU B 107 -77.01 -13.63 -43.95
CA GLU B 107 -76.39 -12.43 -43.36
C GLU B 107 -75.97 -11.46 -44.49
N LEU B 108 -75.40 -12.00 -45.56
CA LEU B 108 -74.95 -11.23 -46.66
C LEU B 108 -76.05 -10.50 -47.33
N ALA B 109 -77.23 -11.11 -47.44
CA ALA B 109 -78.44 -10.50 -47.95
C ALA B 109 -78.91 -9.39 -47.06
N LYS B 110 -78.84 -9.55 -45.72
CA LYS B 110 -79.11 -8.49 -44.71
C LYS B 110 -78.12 -7.37 -44.89
N LYS B 111 -76.80 -7.66 -45.13
CA LYS B 111 -75.79 -6.65 -45.30
C LYS B 111 -76.00 -5.63 -46.49
N ILE B 112 -76.42 -6.04 -47.63
CA ILE B 112 -76.80 -5.26 -48.77
C ILE B 112 -78.00 -4.48 -48.60
N CYS B 113 -79.04 -5.08 -47.96
CA CYS B 113 -80.28 -4.43 -47.53
C CYS B 113 -80.10 -3.28 -46.55
N ASP B 114 -79.26 -3.39 -45.45
CA ASP B 114 -78.91 -2.24 -44.59
C ASP B 114 -78.24 -1.21 -45.37
N PHE B 115 -77.29 -1.52 -46.29
CA PHE B 115 -76.53 -0.56 -47.05
C PHE B 115 -77.35 0.28 -47.95
N LYS B 116 -78.43 -0.35 -48.52
CA LYS B 116 -79.33 0.31 -49.45
C LYS B 116 -80.26 1.25 -48.73
N GLN B 117 -80.75 0.75 -47.60
CA GLN B 117 -81.79 1.32 -46.80
C GLN B 117 -81.35 2.62 -46.26
N GLN B 118 -79.99 2.82 -46.08
CA GLN B 118 -79.45 4.11 -45.60
C GLN B 118 -79.80 5.15 -46.52
N TYR B 119 -79.68 4.88 -47.84
CA TYR B 119 -79.80 5.84 -48.87
C TYR B 119 -81.17 6.10 -49.27
N THR B 120 -82.10 5.19 -48.78
CA THR B 120 -83.50 5.25 -49.07
C THR B 120 -84.05 6.34 -48.17
N GLN B 121 -83.48 6.50 -46.94
CA GLN B 121 -83.90 7.48 -46.01
C GLN B 121 -83.36 8.79 -46.37
N TYR B 122 -82.00 8.84 -46.67
CA TYR B 122 -81.24 9.97 -47.07
C TYR B 122 -81.71 10.58 -48.36
N GLY B 123 -81.66 11.92 -48.39
CA GLY B 123 -82.30 12.81 -49.19
C GLY B 123 -81.34 13.32 -50.22
N GLY B 124 -79.97 13.26 -49.99
CA GLY B 124 -78.88 13.74 -50.77
C GLY B 124 -78.51 12.59 -51.63
N VAL B 125 -79.00 11.39 -51.43
CA VAL B 125 -78.47 10.11 -52.03
C VAL B 125 -79.74 9.40 -52.46
N ARG B 126 -79.57 8.51 -53.50
CA ARG B 126 -80.61 7.71 -54.16
C ARG B 126 -80.19 6.32 -53.70
N PRO B 127 -81.06 5.31 -53.45
CA PRO B 127 -80.66 3.90 -53.45
C PRO B 127 -80.64 3.40 -54.90
N PHE B 128 -79.81 2.36 -55.16
CA PHE B 128 -79.62 1.63 -56.36
C PHE B 128 -80.93 0.97 -56.78
N GLY B 129 -81.19 0.98 -58.08
CA GLY B 129 -82.36 0.50 -58.74
C GLY B 129 -81.95 -0.77 -59.50
N VAL B 130 -81.67 -1.79 -58.68
CA VAL B 130 -81.23 -3.09 -59.10
C VAL B 130 -81.74 -4.12 -58.05
N SER B 131 -82.05 -5.40 -58.53
CA SER B 131 -82.51 -6.56 -57.78
C SER B 131 -81.46 -7.60 -58.03
N LEU B 132 -80.99 -8.39 -57.06
CA LEU B 132 -80.06 -9.50 -57.26
C LEU B 132 -80.79 -10.67 -56.58
N LEU B 133 -80.33 -11.93 -56.98
CA LEU B 133 -80.78 -13.12 -56.39
C LEU B 133 -79.53 -13.67 -55.72
N ILE B 134 -79.53 -13.71 -54.38
CA ILE B 134 -78.46 -14.13 -53.54
C ILE B 134 -78.75 -15.56 -53.14
N ALA B 135 -77.86 -16.39 -53.71
CA ALA B 135 -78.13 -17.82 -53.85
C ALA B 135 -76.89 -18.54 -53.46
N GLY B 136 -76.97 -19.38 -52.43
CA GLY B 136 -75.86 -20.23 -51.97
C GLY B 136 -76.20 -21.32 -51.03
N VAL B 137 -75.24 -22.11 -50.56
CA VAL B 137 -75.47 -23.23 -49.69
C VAL B 137 -74.35 -23.05 -48.81
N ASP B 138 -74.60 -23.06 -47.48
CA ASP B 138 -73.59 -23.10 -46.49
C ASP B 138 -74.13 -24.16 -45.53
N GLU B 139 -75.43 -24.31 -45.45
CA GLU B 139 -75.97 -25.37 -44.70
C GLU B 139 -76.92 -26.03 -45.58
N VAL B 140 -78.24 -25.80 -45.26
CA VAL B 140 -79.38 -26.26 -46.01
C VAL B 140 -79.35 -25.25 -47.13
N PRO B 141 -79.74 -25.57 -48.36
CA PRO B 141 -79.70 -24.62 -49.43
C PRO B 141 -80.67 -23.49 -49.24
N LYS B 142 -80.25 -22.24 -49.57
CA LYS B 142 -80.92 -21.00 -49.26
C LYS B 142 -81.07 -20.21 -50.48
N LEU B 143 -82.25 -19.58 -50.68
CA LEU B 143 -82.47 -18.69 -51.74
C LEU B 143 -83.22 -17.47 -51.22
N TYR B 144 -82.59 -16.29 -51.43
CA TYR B 144 -83.19 -15.06 -51.10
C TYR B 144 -83.00 -14.18 -52.35
N GLU B 145 -83.79 -13.13 -52.41
CA GLU B 145 -83.85 -12.08 -53.41
C GLU B 145 -83.83 -10.86 -52.57
N THR B 146 -82.93 -9.92 -53.01
CA THR B 146 -82.75 -8.66 -52.45
C THR B 146 -83.34 -7.85 -53.52
N ASP B 147 -83.86 -6.66 -53.09
CA ASP B 147 -84.79 -5.86 -53.80
C ASP B 147 -84.23 -4.39 -53.92
N PRO B 148 -84.57 -3.60 -54.93
CA PRO B 148 -84.20 -2.20 -55.15
C PRO B 148 -84.94 -1.38 -54.06
N SER B 149 -85.79 -2.00 -53.25
CA SER B 149 -86.35 -1.30 -52.13
C SER B 149 -85.45 -1.57 -50.92
N GLY B 150 -84.58 -2.55 -50.90
CA GLY B 150 -83.72 -2.93 -49.77
C GLY B 150 -84.41 -3.97 -48.96
N ALA B 151 -85.32 -4.66 -49.68
CA ALA B 151 -86.15 -5.67 -49.10
C ALA B 151 -85.46 -7.02 -49.10
N LEU B 152 -86.01 -7.89 -48.22
CA LEU B 152 -85.53 -9.22 -48.00
C LEU B 152 -86.73 -10.09 -48.08
N LEU B 153 -86.49 -11.21 -48.91
CA LEU B 153 -87.59 -12.13 -49.19
C LEU B 153 -86.91 -13.48 -49.42
N GLU B 154 -87.42 -14.47 -48.64
CA GLU B 154 -87.02 -15.81 -48.75
C GLU B 154 -87.96 -16.51 -49.67
N TYR B 155 -87.37 -17.32 -50.59
CA TYR B 155 -87.91 -18.01 -51.72
C TYR B 155 -87.53 -19.40 -51.73
N LYS B 156 -88.19 -20.13 -52.67
CA LYS B 156 -87.89 -21.50 -53.05
C LYS B 156 -87.85 -21.75 -54.56
N ALA B 157 -88.05 -20.68 -55.36
CA ALA B 157 -88.17 -20.57 -56.76
C ALA B 157 -88.74 -19.20 -57.04
N THR B 158 -88.21 -18.44 -58.03
CA THR B 158 -88.54 -17.06 -58.18
C THR B 158 -88.14 -16.58 -59.50
N ALA B 159 -88.58 -15.34 -59.91
CA ALA B 159 -88.21 -14.77 -61.14
C ALA B 159 -88.24 -13.30 -60.96
N ILE B 160 -87.37 -12.60 -61.69
CA ILE B 160 -87.27 -11.20 -61.64
C ILE B 160 -87.11 -10.87 -63.12
N GLY B 161 -87.35 -9.56 -63.38
CA GLY B 161 -87.28 -8.89 -64.65
C GLY B 161 -88.49 -8.72 -65.44
N MET B 162 -88.41 -8.77 -66.79
CA MET B 162 -89.53 -8.60 -67.76
C MET B 162 -90.03 -10.00 -68.05
N GLY B 163 -89.28 -11.03 -67.59
CA GLY B 163 -89.62 -12.46 -67.43
C GLY B 163 -90.31 -12.77 -66.15
N ARG B 164 -90.52 -11.77 -65.24
CA ARG B 164 -91.02 -11.95 -63.95
C ARG B 164 -92.39 -12.57 -63.93
N ASN B 165 -93.44 -11.90 -64.49
CA ASN B 165 -94.82 -12.37 -64.49
C ASN B 165 -95.08 -13.81 -64.81
N ALA B 166 -94.41 -14.21 -65.93
CA ALA B 166 -94.67 -15.49 -66.59
C ALA B 166 -94.12 -16.64 -65.79
N VAL B 167 -92.87 -16.47 -65.34
CA VAL B 167 -92.14 -17.38 -64.58
C VAL B 167 -92.70 -17.56 -63.17
N THR B 168 -93.14 -16.54 -62.51
CA THR B 168 -93.76 -16.58 -61.14
C THR B 168 -95.09 -17.32 -61.08
N GLU B 169 -95.87 -17.13 -62.16
CA GLU B 169 -97.02 -17.85 -62.44
C GLU B 169 -96.79 -19.30 -62.78
N PHE B 170 -95.72 -19.61 -63.51
CA PHE B 170 -95.30 -20.96 -63.87
C PHE B 170 -94.86 -21.80 -62.77
N PHE B 171 -94.01 -21.24 -61.86
CA PHE B 171 -93.53 -22.00 -60.71
C PHE B 171 -94.58 -22.05 -59.63
N GLU B 172 -95.69 -21.29 -59.76
CA GLU B 172 -96.78 -21.41 -58.90
C GLU B 172 -97.37 -22.77 -58.87
N LYS B 173 -97.47 -23.43 -60.05
CA LYS B 173 -98.22 -24.65 -60.25
C LYS B 173 -97.27 -25.72 -60.61
N GLU B 174 -95.91 -25.35 -60.73
CA GLU B 174 -94.94 -26.34 -61.17
C GLU B 174 -93.82 -26.49 -60.19
N TYR B 175 -93.92 -25.98 -58.90
CA TYR B 175 -92.81 -26.09 -57.96
C TYR B 175 -93.22 -27.40 -57.19
N ARG B 176 -92.16 -28.16 -56.84
CA ARG B 176 -92.36 -29.46 -56.17
C ARG B 176 -91.25 -29.62 -55.19
N ASP B 177 -91.48 -30.60 -54.25
CA ASP B 177 -90.66 -30.81 -53.11
C ASP B 177 -89.86 -31.95 -53.38
N ASP B 178 -89.86 -32.46 -54.60
CA ASP B 178 -89.23 -33.66 -55.11
C ASP B 178 -88.13 -33.29 -56.01
N LEU B 179 -87.92 -31.96 -56.28
CA LEU B 179 -86.93 -31.48 -57.24
C LEU B 179 -85.53 -31.81 -56.82
N SER B 180 -84.97 -32.74 -57.65
CA SER B 180 -83.63 -33.23 -57.77
C SER B 180 -82.88 -32.17 -58.48
N PHE B 181 -81.51 -32.29 -58.51
CA PHE B 181 -80.64 -31.23 -59.00
C PHE B 181 -80.88 -30.92 -60.43
N ASP B 182 -81.09 -32.07 -61.19
CA ASP B 182 -81.37 -32.22 -62.61
C ASP B 182 -82.81 -31.78 -62.96
N ASP B 183 -83.85 -32.14 -62.16
CA ASP B 183 -85.25 -31.64 -62.38
C ASP B 183 -85.43 -30.24 -62.15
N ALA B 184 -84.73 -29.69 -61.17
CA ALA B 184 -84.64 -28.27 -60.88
C ALA B 184 -84.00 -27.42 -61.95
N MET B 185 -82.93 -28.01 -62.62
CA MET B 185 -82.10 -27.45 -63.62
C MET B 185 -82.86 -27.26 -64.90
N VAL B 186 -83.63 -28.35 -65.25
CA VAL B 186 -84.52 -28.45 -66.46
C VAL B 186 -85.76 -27.51 -66.32
N LEU B 187 -86.37 -27.40 -65.13
CA LEU B 187 -87.51 -26.62 -64.82
C LEU B 187 -87.28 -25.14 -64.98
N GLY B 188 -86.11 -24.66 -64.62
CA GLY B 188 -85.63 -23.30 -64.76
C GLY B 188 -85.33 -22.96 -66.19
N LEU B 189 -84.98 -24.00 -66.99
CA LEU B 189 -84.69 -23.87 -68.41
C LEU B 189 -85.88 -23.85 -69.25
N VAL B 190 -86.92 -24.59 -68.83
CA VAL B 190 -88.15 -24.53 -69.50
C VAL B 190 -88.82 -23.12 -69.18
N ALA B 191 -88.72 -22.59 -67.98
CA ALA B 191 -89.23 -21.27 -67.56
C ALA B 191 -88.50 -20.07 -68.17
N MET B 192 -87.14 -20.20 -68.35
CA MET B 192 -86.37 -19.19 -69.06
C MET B 192 -86.73 -19.10 -70.46
N GLY B 193 -87.03 -20.24 -71.11
CA GLY B 193 -87.50 -20.23 -72.46
C GLY B 193 -88.74 -19.49 -72.72
N LEU B 194 -89.63 -19.58 -71.65
CA LEU B 194 -90.94 -18.90 -71.79
C LEU B 194 -90.79 -17.41 -71.62
N SER B 195 -89.83 -16.92 -70.80
CA SER B 195 -89.46 -15.55 -70.46
C SER B 195 -89.21 -14.67 -71.73
N ILE B 196 -88.42 -15.29 -72.65
CA ILE B 196 -87.95 -14.70 -73.93
C ILE B 196 -88.76 -15.24 -75.04
N GLU B 197 -89.79 -16.13 -74.80
CA GLU B 197 -90.73 -16.73 -75.69
C GLU B 197 -89.87 -17.31 -76.80
N SER B 198 -88.89 -18.17 -76.57
CA SER B 198 -88.25 -18.94 -77.57
C SER B 198 -87.67 -20.16 -76.94
N GLU B 199 -87.51 -21.20 -77.83
CA GLU B 199 -86.79 -22.34 -77.42
C GLU B 199 -85.37 -21.92 -77.29
N LEU B 200 -84.67 -22.37 -76.29
CA LEU B 200 -83.29 -21.90 -75.96
C LEU B 200 -82.33 -22.66 -76.89
N VAL B 201 -81.06 -22.23 -76.73
CA VAL B 201 -79.87 -22.89 -77.33
C VAL B 201 -79.05 -23.05 -76.11
N PRO B 202 -78.05 -23.98 -76.04
CA PRO B 202 -77.20 -24.12 -74.79
C PRO B 202 -76.16 -22.99 -74.63
N GLU B 203 -76.01 -22.21 -75.65
CA GLU B 203 -74.89 -21.38 -75.81
C GLU B 203 -75.27 -19.92 -75.45
N ASN B 204 -76.59 -19.62 -75.26
CA ASN B 204 -76.99 -18.14 -75.13
C ASN B 204 -77.33 -17.89 -73.64
N ILE B 205 -77.02 -18.93 -72.79
CA ILE B 205 -77.17 -18.91 -71.40
C ILE B 205 -75.90 -19.41 -70.76
N GLU B 206 -75.72 -19.07 -69.44
CA GLU B 206 -74.69 -19.70 -68.64
C GLU B 206 -75.43 -20.02 -67.33
N VAL B 207 -75.08 -21.22 -66.80
CA VAL B 207 -75.69 -21.60 -65.54
C VAL B 207 -74.49 -21.90 -64.67
N GLY B 208 -74.57 -21.53 -63.37
CA GLY B 208 -73.66 -21.98 -62.38
C GLY B 208 -74.58 -22.42 -61.37
N TYR B 209 -74.05 -23.28 -60.44
CA TYR B 209 -74.93 -23.91 -59.47
C TYR B 209 -74.01 -24.21 -58.34
N VAL B 210 -74.66 -24.38 -57.14
CA VAL B 210 -74.07 -24.57 -55.86
C VAL B 210 -74.55 -25.84 -55.32
N LYS B 211 -73.63 -26.84 -55.20
CA LYS B 211 -73.88 -28.21 -54.68
C LYS B 211 -74.17 -28.06 -53.18
N VAL B 212 -74.80 -29.07 -52.56
CA VAL B 212 -74.83 -29.31 -51.12
C VAL B 212 -73.91 -30.50 -50.78
N ASP B 213 -73.23 -31.15 -51.78
CA ASP B 213 -72.45 -32.33 -51.45
C ASP B 213 -70.99 -31.96 -51.27
N ASP B 214 -70.68 -30.69 -51.59
CA ASP B 214 -69.37 -30.10 -51.58
C ASP B 214 -69.50 -28.65 -51.08
N ARG B 215 -70.64 -28.00 -51.36
CA ARG B 215 -70.90 -26.61 -51.09
C ARG B 215 -69.99 -25.78 -51.89
N THR B 216 -69.96 -25.96 -53.25
CA THR B 216 -69.17 -25.16 -54.14
C THR B 216 -70.10 -24.77 -55.28
N PHE B 217 -70.27 -23.45 -55.53
CA PHE B 217 -70.21 -22.83 -56.80
C PHE B 217 -69.29 -23.44 -57.88
N LYS B 218 -69.88 -23.63 -59.09
CA LYS B 218 -69.22 -23.92 -60.37
C LYS B 218 -70.06 -23.23 -61.38
N GLU B 219 -69.37 -22.77 -62.46
CA GLU B 219 -69.97 -22.20 -63.64
C GLU B 219 -69.65 -23.29 -64.64
N VAL B 220 -70.80 -23.75 -65.24
CA VAL B 220 -71.07 -24.93 -66.02
C VAL B 220 -70.88 -24.57 -67.42
N SER B 221 -70.02 -25.32 -68.17
CA SER B 221 -69.63 -25.12 -69.57
C SER B 221 -70.85 -25.25 -70.46
N PRO B 222 -70.92 -24.71 -71.64
CA PRO B 222 -72.06 -24.91 -72.52
C PRO B 222 -72.07 -26.28 -73.09
N GLU B 223 -71.03 -27.10 -72.93
CA GLU B 223 -70.77 -28.51 -73.28
C GLU B 223 -71.76 -29.37 -72.47
N GLU B 224 -71.82 -29.01 -71.11
CA GLU B 224 -72.56 -29.72 -70.11
C GLU B 224 -73.91 -29.09 -69.82
N LEU B 225 -74.21 -27.88 -70.42
CA LEU B 225 -75.54 -27.30 -70.40
C LEU B 225 -76.42 -28.11 -71.36
N LYS B 226 -75.85 -28.68 -72.47
CA LYS B 226 -76.49 -29.36 -73.53
C LYS B 226 -77.52 -30.41 -73.09
N PRO B 227 -77.32 -31.41 -72.22
CA PRO B 227 -78.29 -32.41 -72.03
C PRO B 227 -79.55 -31.93 -71.41
N TYR B 228 -79.58 -30.83 -70.55
CA TYR B 228 -80.77 -30.31 -69.81
C TYR B 228 -81.63 -29.47 -70.74
N VAL B 229 -80.97 -28.78 -71.66
CA VAL B 229 -81.53 -28.02 -72.73
C VAL B 229 -82.27 -28.84 -73.71
N GLU B 230 -81.69 -29.97 -74.04
CA GLU B 230 -82.38 -30.95 -74.86
C GLU B 230 -83.67 -31.58 -74.21
N ARG B 231 -83.64 -31.98 -72.92
CA ARG B 231 -84.82 -32.33 -72.12
C ARG B 231 -85.86 -31.20 -72.12
N ALA B 232 -85.37 -29.95 -71.95
CA ALA B 232 -86.11 -28.77 -71.92
C ALA B 232 -86.90 -28.43 -73.23
N ASN B 233 -86.31 -28.51 -74.45
CA ASN B 233 -86.76 -27.97 -75.70
C ASN B 233 -88.15 -28.49 -76.04
N GLU B 234 -88.54 -29.73 -75.64
CA GLU B 234 -89.89 -30.25 -75.97
C GLU B 234 -90.94 -29.45 -75.14
N ARG B 235 -90.67 -29.17 -73.81
CA ARG B 235 -91.69 -28.57 -72.98
C ARG B 235 -91.93 -27.11 -73.47
N ILE B 236 -90.78 -26.41 -73.78
CA ILE B 236 -90.71 -25.08 -74.23
C ILE B 236 -91.46 -25.02 -75.61
N ARG B 237 -91.31 -25.97 -76.51
CA ARG B 237 -91.97 -25.96 -77.78
C ARG B 237 -93.47 -26.01 -77.79
N GLU B 238 -94.04 -26.94 -76.94
CA GLU B 238 -95.47 -27.19 -76.74
C GLU B 238 -96.20 -26.13 -75.98
N LEU B 239 -95.52 -25.48 -74.95
CA LEU B 239 -96.00 -24.36 -74.18
C LEU B 239 -96.16 -23.19 -75.06
N LEU B 240 -95.25 -22.97 -76.07
CA LEU B 240 -95.25 -21.90 -77.07
C LEU B 240 -95.96 -22.29 -78.40
N LYS B 241 -96.87 -23.26 -78.30
CA LYS B 241 -97.84 -23.62 -79.27
C LYS B 241 -99.18 -23.10 -78.70
N LYS B 242 -99.31 -23.01 -77.39
CA LYS B 242 -100.49 -22.49 -76.68
C LYS B 242 -100.37 -20.91 -76.53
N GLN C 1 46.55 -9.27 20.66
CA GLN C 1 47.11 -7.93 20.47
C GLN C 1 46.03 -6.88 20.57
N MET C 2 45.28 -6.64 19.39
CA MET C 2 44.20 -5.67 19.32
C MET C 2 43.06 -6.24 18.57
N GLY C 3 41.86 -5.55 18.49
CA GLY C 3 40.76 -6.18 17.89
C GLY C 3 39.83 -5.20 17.26
N TYR C 4 40.31 -3.93 16.73
CA TYR C 4 39.59 -2.82 16.28
C TYR C 4 39.30 -2.93 14.83
N ASP C 5 39.82 -3.92 14.17
CA ASP C 5 39.53 -4.25 12.83
C ASP C 5 38.74 -5.52 12.60
N ARG C 6 37.97 -6.03 13.59
CA ARG C 6 37.21 -7.25 13.51
C ARG C 6 35.80 -6.97 13.08
N ALA C 7 35.47 -5.66 12.83
CA ALA C 7 34.16 -5.17 12.46
C ALA C 7 34.39 -3.76 12.05
N ILE C 8 33.60 -3.25 11.09
CA ILE C 8 33.67 -1.93 10.48
C ILE C 8 32.96 -0.94 11.31
N THR C 9 32.14 -1.37 12.33
CA THR C 9 31.47 -0.44 13.21
C THR C 9 32.28 -0.08 14.39
N VAL C 10 33.64 -0.47 14.40
CA VAL C 10 34.46 -0.24 15.54
C VAL C 10 35.50 0.76 14.99
N PHE C 11 35.42 2.01 15.51
CA PHE C 11 36.47 2.88 15.65
C PHE C 11 37.58 2.32 16.51
N SER C 12 38.88 2.60 16.12
CA SER C 12 40.03 2.47 16.95
C SER C 12 40.02 3.72 17.82
N PRO C 13 40.88 3.66 18.85
CA PRO C 13 41.08 4.75 19.81
C PRO C 13 41.86 5.79 19.09
N ASP C 14 42.50 5.44 17.92
CA ASP C 14 43.35 6.26 17.21
C ASP C 14 42.58 7.17 16.42
N GLY C 15 41.27 6.91 16.18
CA GLY C 15 40.34 7.83 15.65
C GLY C 15 40.13 7.53 14.20
N ARG C 16 40.29 6.25 13.81
CA ARG C 16 40.38 5.92 12.41
C ARG C 16 39.65 4.67 12.29
N LEU C 17 38.98 4.41 11.14
CA LEU C 17 38.41 3.12 10.88
C LEU C 17 39.60 2.31 10.36
N PHE C 18 39.97 1.19 11.08
CA PHE C 18 41.10 0.43 10.72
C PHE C 18 40.68 -0.58 9.68
N GLN C 19 39.34 -0.81 9.52
CA GLN C 19 38.85 -1.60 8.49
C GLN C 19 39.03 -1.04 7.11
N VAL C 20 38.85 0.24 6.98
CA VAL C 20 38.91 1.15 5.89
C VAL C 20 40.35 1.45 5.53
N GLU C 21 41.31 1.38 6.56
CA GLU C 21 42.72 1.62 6.30
C GLU C 21 43.31 0.31 5.78
N TYR C 22 42.60 -0.82 5.87
CA TYR C 22 43.10 -2.02 5.22
C TYR C 22 42.36 -2.28 3.95
N ALA C 23 41.23 -1.50 3.79
CA ALA C 23 40.57 -1.42 2.54
C ALA C 23 41.26 -0.50 1.67
N ARG C 24 42.11 0.39 2.23
CA ARG C 24 43.17 1.14 1.54
C ARG C 24 44.30 0.20 0.99
N GLU C 25 44.71 -0.75 1.80
CA GLU C 25 45.77 -1.70 1.53
C GLU C 25 45.17 -2.89 0.83
N ALA C 26 43.89 -2.86 0.46
CA ALA C 26 43.24 -3.75 -0.41
C ALA C 26 43.33 -3.33 -1.89
N VAL C 27 43.53 -2.01 -2.19
CA VAL C 27 43.49 -1.38 -3.54
C VAL C 27 44.76 -1.86 -4.24
N LYS C 28 45.85 -1.80 -3.39
CA LYS C 28 47.24 -1.85 -3.57
C LYS C 28 47.73 -3.24 -3.92
N ARG C 29 46.93 -4.26 -3.70
CA ARG C 29 47.23 -5.61 -4.01
C ARG C 29 47.13 -5.92 -5.49
N GLY C 30 46.16 -5.13 -6.04
CA GLY C 30 45.82 -5.13 -7.44
C GLY C 30 46.85 -4.54 -8.30
N ALA C 31 46.56 -4.49 -9.60
CA ALA C 31 47.34 -3.81 -10.56
C ALA C 31 47.08 -2.31 -10.65
N THR C 32 48.13 -1.53 -11.03
CA THR C 32 48.24 -0.15 -11.32
C THR C 32 47.26 0.28 -12.43
N ALA C 33 46.72 1.47 -12.15
CA ALA C 33 45.95 2.23 -13.07
C ALA C 33 46.19 3.64 -12.79
N ILE C 34 46.25 4.47 -13.83
CA ILE C 34 46.71 5.80 -13.84
C ILE C 34 45.68 6.53 -14.52
N GLY C 35 45.51 7.77 -14.04
CA GLY C 35 44.83 8.73 -14.77
C GLY C 35 45.71 9.96 -14.89
N ILE C 36 45.54 10.64 -16.06
CA ILE C 36 46.18 11.82 -16.42
C ILE C 36 45.14 12.78 -16.88
N LYS C 37 45.22 14.07 -16.42
CA LYS C 37 44.41 15.18 -16.88
C LYS C 37 45.22 16.12 -17.72
N CYS C 38 44.87 16.58 -18.92
CA CYS C 38 45.52 17.70 -19.54
C CYS C 38 44.43 18.62 -19.79
N LYS C 39 44.73 19.76 -20.39
CA LYS C 39 43.81 20.84 -20.75
C LYS C 39 43.13 20.64 -22.06
N GLU C 40 43.27 19.46 -22.68
CA GLU C 40 42.79 19.22 -23.99
C GLU C 40 42.03 17.94 -23.91
N GLY C 41 41.88 17.32 -22.67
CA GLY C 41 41.27 16.00 -22.52
C GLY C 41 41.68 15.32 -21.19
N VAL C 42 41.22 14.06 -21.09
CA VAL C 42 41.63 13.32 -19.89
C VAL C 42 41.75 11.84 -20.29
N ILE C 43 42.73 11.09 -19.80
CA ILE C 43 43.33 9.97 -20.39
C ILE C 43 43.46 9.04 -19.26
N LEU C 44 42.97 7.76 -19.51
CA LEU C 44 42.87 6.77 -18.42
C LEU C 44 43.64 5.59 -18.95
N ILE C 45 44.65 5.11 -18.25
CA ILE C 45 45.60 4.06 -18.61
C ILE C 45 45.51 2.99 -17.50
N ALA C 46 45.52 1.68 -17.93
CA ALA C 46 45.39 0.62 -16.95
C ALA C 46 46.17 -0.45 -17.53
N ASP C 47 46.77 -1.24 -16.60
CA ASP C 47 47.48 -2.44 -16.99
C ASP C 47 46.62 -3.55 -17.69
N LYS C 48 47.20 -4.23 -18.67
CA LYS C 48 46.60 -5.35 -19.34
C LYS C 48 47.68 -6.41 -19.57
N ARG C 49 48.75 -6.40 -18.70
CA ARG C 49 49.88 -7.30 -18.71
C ARG C 49 49.51 -8.37 -17.66
N VAL C 50 48.32 -8.24 -17.01
CA VAL C 50 47.85 -9.03 -15.96
C VAL C 50 47.21 -10.21 -16.49
N GLY C 51 47.61 -11.38 -15.95
CA GLY C 51 47.11 -12.67 -16.44
C GLY C 51 48.25 -13.41 -16.96
N SER C 52 47.91 -14.43 -17.83
CA SER C 52 48.94 -15.29 -18.37
C SER C 52 48.83 -15.27 -19.86
N LYS C 53 49.53 -16.09 -20.57
CA LYS C 53 49.35 -16.18 -22.04
C LYS C 53 48.33 -17.22 -22.45
N LEU C 54 47.77 -17.89 -21.42
CA LEU C 54 46.70 -18.86 -21.62
C LEU C 54 45.40 -18.15 -21.34
N LEU C 55 45.50 -16.79 -21.20
CA LEU C 55 44.42 -15.86 -21.02
C LEU C 55 44.50 -14.90 -22.16
N GLU C 56 43.28 -14.53 -22.69
CA GLU C 56 43.08 -13.61 -23.79
C GLU C 56 43.86 -12.30 -23.67
N ALA C 57 43.93 -11.48 -24.79
CA ALA C 57 44.46 -10.15 -24.73
C ALA C 57 43.37 -9.18 -24.42
N ASP C 58 42.11 -9.67 -24.28
CA ASP C 58 40.94 -8.87 -24.11
C ASP C 58 40.33 -9.26 -22.74
N THR C 59 41.21 -9.94 -21.88
CA THR C 59 40.91 -9.97 -20.46
C THR C 59 40.99 -8.50 -19.85
N ILE C 60 39.95 -8.10 -19.07
CA ILE C 60 39.83 -6.98 -18.11
C ILE C 60 41.06 -6.15 -18.06
N GLU C 61 41.18 -4.96 -18.81
CA GLU C 61 40.17 -4.32 -19.59
C GLU C 61 39.22 -3.46 -18.74
N LYS C 62 39.87 -2.59 -18.01
CA LYS C 62 39.46 -2.02 -16.79
C LYS C 62 38.54 -0.87 -16.97
N ILE C 63 38.61 -0.29 -18.22
CA ILE C 63 38.36 1.06 -18.39
C ILE C 63 37.02 0.99 -19.05
N TYR C 64 35.96 0.96 -18.16
CA TYR C 64 34.69 0.69 -18.52
C TYR C 64 34.00 1.93 -18.97
N LYS C 65 33.23 1.90 -20.08
CA LYS C 65 32.37 3.04 -20.47
C LYS C 65 31.27 3.21 -19.53
N ILE C 66 30.97 4.45 -18.99
CA ILE C 66 30.07 4.70 -17.89
C ILE C 66 29.04 5.60 -18.62
N ASP C 67 29.56 6.44 -19.56
CA ASP C 67 28.71 7.15 -20.43
C ASP C 67 29.50 7.39 -21.69
N GLU C 68 28.92 8.20 -22.69
CA GLU C 68 29.53 8.51 -23.95
C GLU C 68 30.43 9.69 -23.68
N HIS C 69 30.97 9.93 -22.47
CA HIS C 69 31.88 11.00 -22.32
C HIS C 69 32.50 10.82 -20.94
N ILE C 70 32.32 9.65 -20.28
CA ILE C 70 32.86 9.33 -18.98
C ILE C 70 33.40 8.02 -19.09
N CYS C 71 34.72 7.80 -18.78
CA CYS C 71 35.23 6.51 -18.49
C CYS C 71 35.80 6.41 -17.09
N ALA C 72 35.92 5.24 -16.46
CA ALA C 72 36.40 5.02 -15.18
C ALA C 72 37.14 3.72 -15.08
N ALA C 73 38.38 3.71 -14.57
CA ALA C 73 39.25 2.55 -14.38
C ALA C 73 39.16 2.07 -12.99
N THR C 74 39.72 0.93 -12.63
CA THR C 74 39.63 0.35 -11.33
C THR C 74 40.90 -0.24 -10.90
N SER C 75 41.03 -0.44 -9.59
CA SER C 75 42.07 -1.25 -8.96
C SER C 75 41.49 -1.78 -7.72
N GLY C 76 41.78 -3.08 -7.40
CA GLY C 76 41.22 -3.74 -6.22
C GLY C 76 40.58 -4.91 -6.81
N LEU C 77 39.50 -5.33 -6.17
CA LEU C 77 38.63 -6.42 -6.60
C LEU C 77 37.84 -6.07 -7.78
N VAL C 78 37.94 -6.88 -8.83
CA VAL C 78 37.26 -6.64 -10.12
C VAL C 78 35.84 -7.01 -9.87
N ALA C 79 35.55 -7.92 -8.92
CA ALA C 79 34.27 -8.28 -8.46
C ALA C 79 33.50 -7.18 -7.90
N ASP C 80 34.09 -6.45 -6.95
CA ASP C 80 33.56 -5.24 -6.33
C ASP C 80 33.52 -4.02 -7.29
N ALA C 81 34.48 -4.03 -8.31
CA ALA C 81 34.53 -3.07 -9.30
C ALA C 81 33.35 -3.03 -10.22
N ARG C 82 32.81 -4.20 -10.68
CA ARG C 82 31.75 -4.30 -11.63
C ARG C 82 30.48 -3.73 -11.08
N VAL C 83 30.15 -4.05 -9.84
CA VAL C 83 28.93 -3.59 -9.19
C VAL C 83 28.87 -2.08 -8.91
N LEU C 84 29.95 -1.41 -8.48
CA LEU C 84 30.19 0.01 -8.37
C LEU C 84 30.11 0.68 -9.79
N ILE C 85 30.68 0.07 -10.84
CA ILE C 85 30.52 0.49 -12.25
C ILE C 85 29.10 0.39 -12.71
N ASP C 86 28.33 -0.72 -12.23
CA ASP C 86 26.98 -1.01 -12.69
C ASP C 86 26.11 0.04 -12.16
N ARG C 87 26.29 0.47 -10.86
CA ARG C 87 25.67 1.58 -10.24
C ARG C 87 25.98 2.94 -10.81
N ALA C 88 27.26 3.11 -11.28
CA ALA C 88 27.77 4.28 -11.88
C ALA C 88 27.07 4.50 -13.12
N ARG C 89 26.84 3.47 -13.95
CA ARG C 89 26.12 3.60 -15.22
C ARG C 89 24.69 4.02 -14.91
N ILE C 90 24.04 3.40 -13.91
CA ILE C 90 22.60 3.71 -13.59
C ILE C 90 22.46 5.17 -13.22
N GLU C 91 23.40 5.67 -12.44
CA GLU C 91 23.41 7.07 -11.92
C GLU C 91 23.57 8.13 -12.95
N ALA C 92 24.39 7.77 -13.90
CA ALA C 92 24.68 8.51 -15.10
C ALA C 92 23.48 8.61 -16.07
N GLN C 93 22.76 7.47 -16.22
CA GLN C 93 21.66 7.31 -17.13
C GLN C 93 20.44 7.89 -16.48
N ILE C 94 20.38 8.06 -15.11
CA ILE C 94 19.30 8.69 -14.38
C ILE C 94 19.33 10.16 -14.63
N ASN C 95 20.54 10.71 -14.68
CA ASN C 95 20.72 12.07 -14.88
C ASN C 95 20.21 12.47 -16.22
N ARG C 96 20.53 11.66 -17.31
CA ARG C 96 19.85 11.93 -18.61
C ARG C 96 18.41 11.65 -18.58
N LEU C 97 17.95 10.61 -17.88
CA LEU C 97 16.53 10.22 -17.86
C LEU C 97 15.61 11.28 -17.29
N THR C 98 15.97 11.89 -16.09
CA THR C 98 15.19 12.85 -15.29
C THR C 98 15.46 14.26 -15.67
N TYR C 99 16.49 14.51 -16.58
CA TYR C 99 16.84 15.92 -16.79
C TYR C 99 17.03 16.19 -18.25
N ASP C 100 17.62 15.18 -18.95
CA ASP C 100 17.94 15.34 -20.38
C ASP C 100 19.12 16.23 -20.44
N GLU C 101 20.05 15.98 -19.48
CA GLU C 101 21.21 16.75 -19.24
C GLU C 101 22.28 15.64 -19.10
N PRO C 102 23.39 15.61 -19.82
CA PRO C 102 24.54 14.76 -19.59
C PRO C 102 25.09 14.91 -18.20
N ILE C 103 25.45 13.81 -17.58
CA ILE C 103 25.89 13.72 -16.27
C ILE C 103 27.14 14.58 -16.11
N THR C 104 27.08 15.36 -14.96
CA THR C 104 28.20 16.16 -14.52
C THR C 104 29.19 15.24 -13.80
N VAL C 105 30.51 15.41 -14.05
CA VAL C 105 31.54 14.54 -13.54
C VAL C 105 31.70 14.74 -12.03
N LYS C 106 31.60 16.00 -11.51
CA LYS C 106 31.64 16.42 -10.13
C LYS C 106 30.51 15.70 -9.36
N GLU C 107 29.30 15.67 -9.97
CA GLU C 107 28.18 15.04 -9.44
C GLU C 107 28.20 13.55 -9.56
N LEU C 108 28.89 12.92 -10.55
CA LEU C 108 28.89 11.52 -10.69
C LEU C 108 29.73 10.90 -9.61
N ALA C 109 30.90 11.50 -9.33
CA ALA C 109 31.92 11.23 -8.37
C ALA C 109 31.25 11.48 -7.00
N LYS C 110 30.35 12.51 -6.81
CA LYS C 110 29.56 12.65 -5.59
C LYS C 110 28.58 11.50 -5.26
N LYS C 111 27.79 11.07 -6.24
CA LYS C 111 26.84 10.01 -6.09
C LYS C 111 27.38 8.65 -5.85
N ILE C 112 28.60 8.43 -6.38
CA ILE C 112 29.45 7.28 -6.09
C ILE C 112 30.11 7.30 -4.76
N CYS C 113 30.54 8.47 -4.29
CA CYS C 113 31.12 8.65 -2.97
C CYS C 113 30.09 8.30 -1.90
N ASP C 114 28.81 8.67 -2.17
CA ASP C 114 27.72 8.28 -1.26
C ASP C 114 27.41 6.79 -1.30
N PHE C 115 27.55 6.17 -2.44
CA PHE C 115 27.21 4.80 -2.55
C PHE C 115 28.24 3.96 -1.86
N LYS C 116 29.57 4.21 -1.99
CA LYS C 116 30.56 3.47 -1.31
C LYS C 116 30.47 3.69 0.18
N GLN C 117 29.95 4.87 0.63
CA GLN C 117 29.67 5.18 2.02
C GLN C 117 28.46 4.48 2.52
N GLN C 118 27.47 4.02 1.62
CA GLN C 118 26.36 3.29 2.16
C GLN C 118 26.94 1.99 2.83
N TYR C 119 27.97 1.45 2.14
CA TYR C 119 28.58 0.17 2.47
C TYR C 119 29.53 0.28 3.56
N THR C 120 29.85 1.50 3.94
CA THR C 120 30.77 1.78 5.00
C THR C 120 29.90 1.92 6.25
N GLN C 121 28.78 2.71 6.18
CA GLN C 121 28.04 3.07 7.29
C GLN C 121 27.35 1.85 7.96
N TYR C 122 26.73 0.99 7.15
CA TYR C 122 26.14 -0.18 7.66
C TYR C 122 27.11 -1.25 7.96
N GLY C 123 26.76 -1.97 9.03
CA GLY C 123 27.66 -2.87 9.69
C GLY C 123 27.50 -4.36 9.45
N GLY C 124 26.39 -4.74 8.76
CA GLY C 124 26.17 -6.10 8.25
C GLY C 124 26.72 -6.29 6.85
N VAL C 125 27.40 -5.26 6.27
CA VAL C 125 27.95 -5.30 4.88
C VAL C 125 29.32 -4.66 4.99
N ARG C 126 30.27 -5.08 4.13
CA ARG C 126 31.65 -4.63 4.24
C ARG C 126 31.85 -3.42 3.32
N PRO C 127 32.96 -2.69 3.44
CA PRO C 127 33.22 -1.51 2.67
C PRO C 127 33.82 -2.11 1.45
N PHE C 128 33.63 -1.42 0.27
CA PHE C 128 34.33 -1.87 -0.89
C PHE C 128 35.80 -1.78 -0.78
N GLY C 129 36.44 -2.67 -1.49
CA GLY C 129 37.78 -2.94 -1.37
C GLY C 129 38.50 -2.15 -2.50
N VAL C 130 37.75 -1.23 -3.25
CA VAL C 130 38.08 -0.82 -4.54
C VAL C 130 38.18 0.67 -4.45
N SER C 131 39.11 1.16 -5.37
CA SER C 131 39.25 2.57 -5.62
C SER C 131 39.01 2.69 -7.06
N LEU C 132 38.26 3.75 -7.49
CA LEU C 132 37.98 4.05 -8.90
C LEU C 132 38.49 5.36 -9.29
N LEU C 133 38.86 5.63 -10.54
CA LEU C 133 39.12 6.98 -11.05
C LEU C 133 38.01 7.30 -11.88
N ILE C 134 37.14 8.32 -11.50
CA ILE C 134 36.03 8.93 -12.21
C ILE C 134 36.50 10.00 -13.02
N ALA C 135 36.28 9.94 -14.34
CA ALA C 135 37.01 10.85 -15.21
C ALA C 135 36.17 11.18 -16.39
N GLY C 136 36.14 12.48 -16.81
CA GLY C 136 35.27 12.71 -18.00
C GLY C 136 35.34 14.11 -18.29
N VAL C 137 34.64 14.49 -19.45
CA VAL C 137 34.56 15.92 -19.84
C VAL C 137 33.10 16.28 -19.93
N ASP C 138 32.63 17.10 -18.96
CA ASP C 138 31.24 17.57 -19.00
C ASP C 138 31.25 18.80 -19.93
N GLU C 139 32.29 19.57 -19.70
CA GLU C 139 32.59 20.64 -20.58
C GLU C 139 33.94 21.14 -20.17
N VAL C 140 34.49 20.63 -19.11
CA VAL C 140 35.91 20.89 -18.80
C VAL C 140 36.48 19.52 -18.32
N PRO C 141 37.69 19.08 -18.48
CA PRO C 141 38.27 17.80 -18.02
C PRO C 141 38.41 17.76 -16.54
N LYS C 142 38.16 16.56 -15.95
CA LYS C 142 38.30 16.34 -14.55
C LYS C 142 38.85 14.96 -14.43
N LEU C 143 39.60 14.70 -13.39
CA LEU C 143 40.02 13.45 -13.08
C LEU C 143 39.88 13.53 -11.63
N TYR C 144 39.16 12.57 -11.03
CA TYR C 144 38.88 12.57 -9.61
C TYR C 144 39.28 11.20 -9.16
N GLU C 145 39.32 10.98 -7.84
CA GLU C 145 39.59 9.68 -7.20
C GLU C 145 38.54 9.56 -6.22
N THR C 146 37.99 8.32 -6.16
CA THR C 146 37.01 7.88 -5.20
C THR C 146 37.68 6.85 -4.43
N ASP C 147 37.72 6.84 -3.06
CA ASP C 147 38.60 5.97 -2.32
C ASP C 147 37.68 4.84 -1.81
N PRO C 148 38.15 3.70 -1.30
CA PRO C 148 37.43 2.70 -0.57
C PRO C 148 36.53 3.09 0.47
N SER C 149 36.70 4.21 1.20
CA SER C 149 35.74 4.75 2.14
C SER C 149 34.55 5.38 1.37
N GLY C 150 34.89 6.05 0.24
CA GLY C 150 33.98 6.70 -0.57
C GLY C 150 34.18 8.13 -0.37
N ALA C 151 35.46 8.52 -0.58
CA ALA C 151 35.89 9.89 -0.40
C ALA C 151 36.32 10.54 -1.70
N LEU C 152 36.02 11.86 -1.87
CA LEU C 152 36.03 12.57 -3.09
C LEU C 152 37.34 13.39 -2.95
N LEU C 153 38.20 13.35 -3.94
CA LEU C 153 39.40 14.05 -4.09
C LEU C 153 39.50 14.32 -5.59
N GLU C 154 40.01 15.53 -6.08
CA GLU C 154 40.29 16.01 -7.41
C GLU C 154 41.82 15.95 -7.52
N TYR C 155 42.33 15.50 -8.71
CA TYR C 155 43.75 15.34 -8.89
C TYR C 155 43.96 15.97 -10.29
N LYS C 156 45.24 16.23 -10.60
CA LYS C 156 45.51 16.78 -11.92
C LYS C 156 46.32 15.74 -12.53
N ALA C 157 46.60 14.62 -11.78
CA ALA C 157 47.08 13.30 -12.23
C ALA C 157 47.29 12.45 -10.96
N THR C 158 46.99 11.12 -10.97
CA THR C 158 47.11 10.25 -9.82
C THR C 158 47.17 8.88 -10.47
N ALA C 159 47.38 7.89 -9.59
CA ALA C 159 47.39 6.53 -9.94
C ALA C 159 46.91 5.89 -8.64
N ILE C 160 46.49 4.64 -8.77
CA ILE C 160 45.78 3.85 -7.81
C ILE C 160 46.35 2.50 -8.02
N GLY C 161 46.65 1.66 -6.98
CA GLY C 161 47.27 0.36 -7.21
C GLY C 161 48.74 0.42 -6.88
N MET C 162 49.47 -0.71 -7.10
CA MET C 162 50.86 -0.94 -6.68
C MET C 162 51.87 0.01 -7.30
N GLY C 163 51.48 0.60 -8.47
CA GLY C 163 52.21 1.64 -9.19
C GLY C 163 52.08 3.05 -8.64
N ARG C 164 51.23 3.34 -7.68
CA ARG C 164 50.88 4.61 -7.27
C ARG C 164 52.00 5.54 -6.86
N ASN C 165 52.79 4.94 -5.96
CA ASN C 165 53.85 5.63 -5.28
C ASN C 165 55.01 6.09 -6.23
N ALA C 166 55.42 5.28 -7.23
CA ALA C 166 56.36 5.64 -8.27
C ALA C 166 55.88 6.80 -9.10
N VAL C 167 54.59 6.83 -9.50
CA VAL C 167 53.97 7.78 -10.42
C VAL C 167 53.70 9.06 -9.76
N THR C 168 53.50 9.12 -8.42
CA THR C 168 53.16 10.33 -7.64
C THR C 168 54.36 11.17 -7.74
N GLU C 169 55.57 10.64 -7.43
CA GLU C 169 56.88 11.27 -7.46
C GLU C 169 57.24 11.75 -8.90
N PHE C 170 56.90 10.94 -9.95
CA PHE C 170 57.20 11.27 -11.36
C PHE C 170 56.37 12.49 -11.68
N PHE C 171 55.09 12.44 -11.32
CA PHE C 171 54.17 13.45 -11.65
C PHE C 171 54.46 14.70 -10.86
N GLU C 172 54.98 14.68 -9.61
CA GLU C 172 55.49 15.84 -8.85
C GLU C 172 56.61 16.60 -9.47
N LYS C 173 57.45 15.88 -10.29
CA LYS C 173 58.53 16.51 -11.03
C LYS C 173 58.10 17.00 -12.40
N GLU C 174 57.62 16.05 -13.18
CA GLU C 174 57.51 16.09 -14.62
C GLU C 174 56.28 16.73 -15.13
N TYR C 175 55.07 16.37 -14.56
CA TYR C 175 53.70 16.75 -15.01
C TYR C 175 53.54 18.27 -14.92
N ARG C 176 52.85 18.85 -15.90
CA ARG C 176 52.75 20.27 -15.96
C ARG C 176 51.31 20.59 -16.26
N ASP C 177 51.06 21.91 -16.45
CA ASP C 177 49.76 22.53 -16.68
C ASP C 177 49.65 23.09 -18.08
N ASP C 178 50.63 22.88 -18.91
CA ASP C 178 50.81 23.44 -20.22
C ASP C 178 50.75 22.32 -21.16
N LEU C 179 50.28 21.15 -20.68
CA LEU C 179 50.29 19.76 -21.25
C LEU C 179 49.24 19.67 -22.32
N SER C 180 49.55 18.91 -23.39
CA SER C 180 48.83 18.83 -24.62
C SER C 180 48.66 17.31 -24.76
N PHE C 181 47.73 16.87 -25.63
CA PHE C 181 47.24 15.52 -25.67
C PHE C 181 48.42 14.64 -26.07
N ASP C 182 49.13 15.03 -27.15
CA ASP C 182 50.26 14.28 -27.65
C ASP C 182 51.35 13.99 -26.71
N ASP C 183 51.66 15.03 -25.84
CA ASP C 183 52.73 14.95 -24.88
C ASP C 183 52.28 14.12 -23.74
N ALA C 184 50.99 14.31 -23.38
CA ALA C 184 50.33 13.65 -22.28
C ALA C 184 50.23 12.15 -22.37
N MET C 185 49.91 11.67 -23.58
CA MET C 185 49.86 10.33 -24.01
C MET C 185 51.14 9.64 -23.92
N VAL C 186 52.19 10.35 -24.40
CA VAL C 186 53.59 9.84 -24.17
C VAL C 186 53.92 9.84 -22.69
N LEU C 187 53.61 10.89 -21.93
CA LEU C 187 53.92 11.06 -20.56
C LEU C 187 53.33 9.98 -19.60
N GLY C 188 52.14 9.56 -19.96
CA GLY C 188 51.36 8.65 -19.21
C GLY C 188 51.81 7.26 -19.40
N LEU C 189 52.41 6.99 -20.59
CA LEU C 189 53.02 5.76 -20.92
C LEU C 189 54.35 5.64 -20.21
N VAL C 190 55.14 6.77 -20.13
CA VAL C 190 56.42 6.80 -19.38
C VAL C 190 56.21 6.38 -17.94
N ALA C 191 55.13 6.94 -17.33
CA ALA C 191 54.80 6.79 -15.94
C ALA C 191 54.31 5.41 -15.67
N MET C 192 53.51 4.79 -16.57
CA MET C 192 53.07 3.40 -16.51
C MET C 192 54.28 2.50 -16.54
N GLY C 193 55.33 2.85 -17.28
CA GLY C 193 56.54 2.16 -17.36
C GLY C 193 57.32 2.10 -16.13
N LEU C 194 57.29 3.17 -15.22
CA LEU C 194 57.84 3.10 -13.93
C LEU C 194 57.10 2.08 -13.00
N SER C 195 55.78 1.94 -13.15
CA SER C 195 55.03 1.07 -12.30
C SER C 195 55.41 -0.37 -12.50
N ILE C 196 55.46 -0.84 -13.70
CA ILE C 196 55.77 -2.23 -13.93
C ILE C 196 57.29 -2.46 -14.11
N GLU C 197 58.17 -1.33 -14.08
CA GLU C 197 59.64 -1.25 -14.10
C GLU C 197 60.04 -1.83 -15.41
N SER C 198 59.32 -1.66 -16.51
CA SER C 198 59.57 -2.46 -17.72
C SER C 198 58.96 -1.71 -18.84
N GLU C 199 59.23 -2.17 -20.02
CA GLU C 199 58.82 -1.56 -21.24
C GLU C 199 57.43 -1.92 -21.59
N LEU C 200 56.85 -1.09 -22.52
CA LEU C 200 55.54 -1.24 -23.07
C LEU C 200 55.51 -1.86 -24.44
N VAL C 201 54.31 -2.41 -24.68
CA VAL C 201 53.87 -2.88 -25.94
C VAL C 201 52.37 -2.63 -26.09
N PRO C 202 51.70 -2.59 -27.26
CA PRO C 202 50.36 -2.06 -27.41
C PRO C 202 49.28 -2.84 -26.66
N GLU C 203 49.56 -4.09 -26.35
CA GLU C 203 48.66 -5.05 -25.81
C GLU C 203 48.78 -5.14 -24.35
N ASN C 204 49.89 -4.49 -23.73
CA ASN C 204 50.07 -4.70 -22.29
C ASN C 204 49.55 -3.59 -21.46
N ILE C 205 48.83 -2.63 -22.15
CA ILE C 205 48.10 -1.59 -21.54
C ILE C 205 46.81 -1.42 -22.35
N GLU C 206 45.66 -0.90 -21.78
CA GLU C 206 44.51 -0.46 -22.44
C GLU C 206 44.42 0.98 -22.04
N VAL C 207 43.94 1.86 -23.01
CA VAL C 207 43.82 3.28 -22.73
C VAL C 207 42.45 3.63 -23.27
N GLY C 208 41.61 4.37 -22.48
CA GLY C 208 40.46 5.02 -22.93
C GLY C 208 40.74 6.50 -22.74
N TYR C 209 39.93 7.36 -23.45
CA TYR C 209 40.18 8.80 -23.23
C TYR C 209 38.88 9.53 -23.62
N VAL C 210 38.66 10.76 -23.13
CA VAL C 210 37.53 11.64 -23.41
C VAL C 210 38.24 12.95 -23.77
N LYS C 211 38.06 13.43 -25.00
CA LYS C 211 38.62 14.63 -25.48
C LYS C 211 37.74 15.77 -24.97
N VAL C 212 38.37 17.01 -25.08
CA VAL C 212 37.70 18.30 -24.91
C VAL C 212 37.10 18.65 -26.28
N ASP C 213 37.91 18.58 -27.38
CA ASP C 213 37.49 18.90 -28.72
C ASP C 213 36.41 18.00 -29.25
N ASP C 214 36.45 16.66 -29.00
CA ASP C 214 35.34 15.83 -29.45
C ASP C 214 34.23 15.93 -28.37
N ARG C 215 34.55 15.59 -27.09
CA ARG C 215 33.57 15.61 -25.99
C ARG C 215 32.78 14.27 -26.02
N THR C 216 33.46 13.27 -26.69
CA THR C 216 33.02 11.91 -26.71
C THR C 216 34.27 11.15 -26.29
N PHE C 217 34.16 10.20 -25.36
CA PHE C 217 34.65 8.87 -25.34
C PHE C 217 34.93 8.35 -26.70
N LYS C 218 36.19 7.89 -26.91
CA LYS C 218 36.59 7.04 -27.93
C LYS C 218 37.64 6.22 -27.22
N GLU C 219 37.79 4.91 -27.62
CA GLU C 219 38.80 4.09 -27.04
C GLU C 219 40.05 4.01 -27.83
N VAL C 220 41.30 3.94 -27.21
CA VAL C 220 42.55 3.76 -27.92
C VAL C 220 42.61 2.36 -28.40
N SER C 221 42.95 2.19 -29.67
CA SER C 221 43.07 0.92 -30.25
C SER C 221 44.47 0.49 -30.14
N PRO C 222 44.79 -0.79 -30.29
CA PRO C 222 46.18 -1.24 -30.39
C PRO C 222 47.07 -0.61 -31.45
N GLU C 223 46.45 -0.19 -32.56
CA GLU C 223 47.14 0.48 -33.66
C GLU C 223 47.54 1.89 -33.28
N GLU C 224 46.62 2.63 -32.63
CA GLU C 224 46.84 3.94 -32.20
C GLU C 224 47.82 4.02 -31.01
N LEU C 225 47.93 2.91 -30.29
CA LEU C 225 48.89 2.91 -29.21
C LEU C 225 50.27 2.96 -29.64
N LYS C 226 50.66 2.19 -30.67
CA LYS C 226 52.00 2.03 -31.17
C LYS C 226 52.91 3.31 -31.29
N PRO C 227 52.67 4.44 -31.97
CA PRO C 227 53.56 5.57 -32.02
C PRO C 227 53.80 6.18 -30.66
N TYR C 228 52.79 6.22 -29.76
CA TYR C 228 52.90 6.72 -28.36
C TYR C 228 53.77 5.81 -27.45
N VAL C 229 53.74 4.52 -27.71
CA VAL C 229 54.53 3.55 -27.05
C VAL C 229 56.00 3.90 -27.39
N GLU C 230 56.29 4.13 -28.69
CA GLU C 230 57.66 4.22 -29.26
C GLU C 230 58.47 5.32 -28.58
N ARG C 231 57.82 6.56 -28.51
CA ARG C 231 58.39 7.77 -28.00
C ARG C 231 58.61 7.63 -26.57
N ALA C 232 57.63 7.01 -25.88
CA ALA C 232 57.62 6.90 -24.46
C ALA C 232 58.75 6.08 -23.96
N ASN C 233 59.11 4.91 -24.55
CA ASN C 233 60.14 4.00 -24.11
C ASN C 233 61.50 4.56 -24.06
N GLU C 234 61.70 5.71 -24.72
CA GLU C 234 62.95 6.49 -24.72
C GLU C 234 63.30 6.87 -23.43
N ARG C 235 62.32 7.35 -22.65
CA ARG C 235 62.51 7.89 -21.34
C ARG C 235 62.44 6.75 -20.32
N ILE C 236 61.66 5.70 -20.59
CA ILE C 236 61.53 4.50 -19.66
C ILE C 236 62.93 3.89 -19.46
N ARG C 237 63.70 3.73 -20.54
CA ARG C 237 65.05 3.05 -20.54
C ARG C 237 66.05 3.76 -19.62
N GLU C 238 66.08 5.10 -19.75
CA GLU C 238 66.86 6.08 -19.03
C GLU C 238 66.55 6.17 -17.60
N LEU C 239 65.24 6.06 -17.26
CA LEU C 239 64.75 6.21 -15.87
C LEU C 239 64.78 4.87 -15.16
N LEU C 240 65.15 3.81 -15.90
CA LEU C 240 65.33 2.51 -15.28
C LEU C 240 66.85 2.16 -15.26
N LYS C 241 67.67 3.02 -15.93
CA LYS C 241 69.06 2.98 -15.84
C LYS C 241 69.47 4.01 -14.74
N LYS C 242 70.36 3.58 -13.84
CA LYS C 242 70.95 4.38 -12.80
C LYS C 242 72.33 4.64 -13.15
N ARG D 6 -81.18 21.62 -46.05
CA ARG D 6 -82.48 21.62 -46.85
C ARG D 6 -83.35 20.55 -46.40
N ALA D 7 -84.67 20.82 -46.55
CA ALA D 7 -85.72 19.96 -46.11
C ALA D 7 -86.96 20.21 -46.94
N ILE D 8 -87.89 19.25 -47.02
CA ILE D 8 -89.15 19.39 -47.78
C ILE D 8 -90.41 19.33 -46.90
N THR D 9 -90.12 19.04 -45.58
CA THR D 9 -91.06 18.87 -44.53
C THR D 9 -91.91 20.00 -44.26
N VAL D 10 -93.22 19.83 -43.94
CA VAL D 10 -94.14 21.00 -43.62
C VAL D 10 -94.15 20.92 -42.10
N PHE D 11 -95.04 21.78 -41.46
CA PHE D 11 -95.55 21.55 -40.14
C PHE D 11 -97.08 21.53 -40.34
N SER D 12 -97.90 21.17 -39.32
CA SER D 12 -99.30 21.20 -39.46
C SER D 12 -99.66 21.83 -38.12
N PRO D 13 -100.86 22.26 -37.89
CA PRO D 13 -101.38 22.81 -36.64
C PRO D 13 -101.76 21.68 -35.79
N ASP D 14 -101.54 20.44 -36.22
CA ASP D 14 -101.81 19.32 -35.47
C ASP D 14 -100.46 18.73 -35.14
N GLY D 15 -99.43 19.01 -35.98
CA GLY D 15 -98.03 18.65 -35.72
C GLY D 15 -97.85 17.23 -36.21
N ARG D 16 -99.01 16.63 -36.82
CA ARG D 16 -99.02 15.38 -37.51
C ARG D 16 -99.07 15.70 -38.92
N LEU D 17 -97.91 15.51 -39.64
CA LEU D 17 -97.63 15.81 -41.03
C LEU D 17 -98.38 14.82 -41.96
N PHE D 18 -98.40 15.03 -43.24
CA PHE D 18 -98.77 14.06 -44.27
C PHE D 18 -97.92 12.88 -44.29
N GLN D 19 -96.60 13.10 -43.98
CA GLN D 19 -95.53 12.25 -43.93
C GLN D 19 -95.61 11.26 -42.83
N VAL D 20 -96.08 11.72 -41.66
CA VAL D 20 -96.27 10.83 -40.57
C VAL D 20 -97.48 9.91 -40.72
N GLU D 21 -98.54 10.49 -41.27
CA GLU D 21 -99.79 9.84 -41.45
C GLU D 21 -99.70 8.74 -42.58
N TYR D 22 -99.10 9.06 -43.73
CA TYR D 22 -98.83 8.20 -44.85
C TYR D 22 -97.69 7.23 -44.52
N ALA D 23 -96.74 7.60 -43.56
CA ALA D 23 -95.71 6.65 -43.04
C ALA D 23 -96.47 5.50 -42.36
N ARG D 24 -97.55 5.81 -41.60
CA ARG D 24 -98.30 4.79 -40.86
C ARG D 24 -99.10 3.88 -41.80
N GLU D 25 -99.40 4.42 -43.03
CA GLU D 25 -100.05 3.59 -44.02
C GLU D 25 -99.16 2.59 -44.69
N ALA D 26 -97.83 2.80 -44.61
CA ALA D 26 -96.89 1.77 -45.00
C ALA D 26 -96.99 0.60 -44.11
N VAL D 27 -97.18 0.68 -42.78
CA VAL D 27 -97.03 -0.38 -41.85
C VAL D 27 -98.18 -1.33 -41.97
N LYS D 28 -99.29 -0.87 -42.58
CA LYS D 28 -100.57 -1.60 -42.75
C LYS D 28 -100.43 -2.77 -43.70
N ARG D 29 -99.67 -2.61 -44.79
CA ARG D 29 -99.63 -3.46 -45.94
C ARG D 29 -98.96 -4.77 -45.59
N GLY D 30 -97.83 -4.63 -44.77
CA GLY D 30 -97.08 -5.77 -44.34
C GLY D 30 -97.85 -6.30 -43.18
N ALA D 31 -97.82 -7.63 -43.09
CA ALA D 31 -98.66 -8.37 -42.17
C ALA D 31 -98.61 -8.07 -40.73
N THR D 32 -99.79 -8.15 -40.11
CA THR D 32 -100.28 -7.78 -38.79
C THR D 32 -99.45 -8.48 -37.71
N ALA D 33 -99.25 -7.83 -36.56
CA ALA D 33 -98.67 -8.43 -35.40
C ALA D 33 -99.48 -7.95 -34.25
N ILE D 34 -99.62 -8.85 -33.24
CA ILE D 34 -100.49 -8.61 -32.06
C ILE D 34 -99.60 -8.82 -30.86
N GLY D 35 -99.74 -7.90 -29.82
CA GLY D 35 -99.02 -8.05 -28.54
C GLY D 35 -100.07 -8.10 -27.44
N ILE D 36 -99.91 -9.13 -26.49
CA ILE D 36 -100.89 -9.38 -25.47
C ILE D 36 -100.16 -9.50 -24.25
N LYS D 37 -100.62 -8.81 -23.18
CA LYS D 37 -99.85 -8.68 -21.91
C LYS D 37 -100.81 -9.36 -20.96
N CYS D 38 -100.21 -10.05 -20.00
CA CYS D 38 -100.95 -10.72 -19.01
C CYS D 38 -100.09 -10.43 -17.82
N LYS D 39 -100.48 -10.96 -16.65
CA LYS D 39 -99.76 -10.84 -15.35
C LYS D 39 -98.84 -11.90 -14.98
N GLU D 40 -98.50 -12.74 -16.02
CA GLU D 40 -97.65 -13.86 -15.90
C GLU D 40 -96.87 -13.96 -17.17
N GLY D 41 -96.89 -12.91 -17.98
CA GLY D 41 -95.94 -12.96 -19.05
C GLY D 41 -96.30 -12.00 -20.00
N VAL D 42 -95.68 -12.07 -21.26
CA VAL D 42 -96.11 -11.28 -22.33
C VAL D 42 -95.87 -12.14 -23.50
N ILE D 43 -96.87 -12.17 -24.38
CA ILE D 43 -96.97 -13.13 -25.44
C ILE D 43 -96.95 -12.35 -26.75
N LEU D 44 -96.11 -12.67 -27.78
CA LEU D 44 -95.98 -11.87 -29.01
C LEU D 44 -96.18 -12.88 -30.13
N ILE D 45 -97.26 -12.64 -30.98
CA ILE D 45 -97.59 -13.46 -32.17
C ILE D 45 -97.53 -12.56 -33.36
N ALA D 46 -96.92 -13.07 -34.49
CA ALA D 46 -96.89 -12.53 -35.79
C ALA D 46 -97.23 -13.59 -36.73
N ASP D 47 -97.55 -13.11 -37.97
CA ASP D 47 -97.99 -14.02 -38.98
C ASP D 47 -96.83 -14.45 -39.92
N LYS D 48 -96.51 -15.81 -39.88
CA LYS D 48 -95.35 -16.40 -40.49
C LYS D 48 -95.52 -16.51 -41.92
N ARG D 49 -96.73 -16.55 -42.39
CA ARG D 49 -97.03 -16.52 -43.78
C ARG D 49 -97.08 -15.10 -44.23
N VAL D 50 -96.42 -14.82 -45.40
CA VAL D 50 -96.45 -13.57 -46.10
C VAL D 50 -96.32 -14.13 -47.50
N GLY D 51 -97.11 -13.63 -48.45
CA GLY D 51 -97.38 -14.24 -49.76
C GLY D 51 -97.87 -15.63 -49.85
N SER D 52 -97.62 -16.28 -51.00
CA SER D 52 -98.15 -17.59 -51.38
C SER D 52 -97.15 -18.57 -50.82
N LYS D 53 -96.81 -19.56 -51.63
CA LYS D 53 -96.12 -20.80 -51.24
C LYS D 53 -94.86 -20.87 -52.05
N LEU D 54 -94.55 -19.78 -52.76
CA LEU D 54 -93.22 -19.67 -53.33
C LEU D 54 -92.37 -18.91 -52.35
N LEU D 55 -93.06 -18.06 -51.55
CA LEU D 55 -92.56 -17.58 -50.34
C LEU D 55 -92.67 -18.63 -49.28
N GLU D 56 -91.75 -18.59 -48.34
CA GLU D 56 -91.77 -19.46 -47.24
C GLU D 56 -92.71 -18.92 -46.32
N ALA D 57 -93.52 -19.75 -45.63
CA ALA D 57 -94.63 -19.33 -44.84
C ALA D 57 -94.31 -20.08 -43.50
N ASP D 58 -93.12 -20.67 -43.36
CA ASP D 58 -92.86 -21.65 -42.34
C ASP D 58 -91.36 -21.66 -42.00
N THR D 59 -90.60 -20.70 -42.60
CA THR D 59 -89.24 -20.61 -42.24
C THR D 59 -88.85 -19.15 -42.31
N ILE D 60 -89.64 -18.31 -42.98
CA ILE D 60 -89.32 -16.85 -43.05
C ILE D 60 -89.53 -16.21 -41.73
N GLU D 61 -88.72 -15.30 -41.32
CA GLU D 61 -88.72 -14.66 -39.93
C GLU D 61 -89.89 -13.76 -39.88
N LYS D 62 -90.37 -13.43 -38.68
CA LYS D 62 -91.45 -12.40 -38.63
C LYS D 62 -91.54 -11.95 -37.13
N ILE D 63 -90.82 -12.67 -36.23
CA ILE D 63 -90.50 -12.43 -34.93
C ILE D 63 -89.03 -12.56 -34.90
N TYR D 64 -88.39 -11.53 -34.29
CA TYR D 64 -86.95 -11.25 -34.36
C TYR D 64 -86.58 -11.26 -32.93
N LYS D 65 -85.49 -11.98 -32.64
CA LYS D 65 -84.89 -12.03 -31.29
C LYS D 65 -84.04 -10.78 -31.08
N ILE D 66 -84.13 -10.09 -29.94
CA ILE D 66 -83.49 -8.80 -29.74
C ILE D 66 -82.59 -8.91 -28.57
N ASP D 67 -82.86 -9.79 -27.60
CA ASP D 67 -82.15 -10.04 -26.38
C ASP D 67 -82.63 -11.43 -25.93
N GLU D 68 -82.01 -11.88 -24.85
CA GLU D 68 -82.26 -13.18 -24.40
C GLU D 68 -83.66 -13.17 -23.78
N HIS D 69 -84.20 -12.00 -23.31
CA HIS D 69 -85.46 -11.97 -22.55
C HIS D 69 -86.35 -10.92 -23.29
N ILE D 70 -86.01 -10.45 -24.52
CA ILE D 70 -86.75 -9.38 -25.16
C ILE D 70 -86.95 -9.81 -26.66
N CYS D 71 -88.09 -9.50 -27.27
CA CYS D 71 -88.31 -9.87 -28.66
C CYS D 71 -89.15 -8.80 -29.35
N ALA D 72 -89.21 -8.83 -30.70
CA ALA D 72 -89.98 -7.88 -31.48
C ALA D 72 -90.52 -8.46 -32.75
N ALA D 73 -91.70 -8.02 -33.10
CA ALA D 73 -92.38 -8.52 -34.28
C ALA D 73 -92.82 -7.27 -34.94
N THR D 74 -92.73 -7.31 -36.31
CA THR D 74 -92.85 -6.12 -37.16
C THR D 74 -94.12 -6.28 -37.88
N SER D 75 -94.68 -5.13 -38.31
CA SER D 75 -95.77 -5.02 -39.27
C SER D 75 -95.30 -3.92 -40.14
N GLY D 76 -95.28 -4.23 -41.44
CA GLY D 76 -94.90 -3.35 -42.43
C GLY D 76 -93.93 -4.07 -43.23
N LEU D 77 -93.02 -3.27 -43.87
CA LEU D 77 -92.22 -3.74 -44.90
C LEU D 77 -90.87 -3.99 -44.30
N VAL D 78 -90.35 -5.18 -44.63
CA VAL D 78 -89.30 -5.92 -43.98
C VAL D 78 -88.06 -5.11 -44.24
N ALA D 79 -88.06 -4.35 -45.38
CA ALA D 79 -86.80 -3.49 -45.59
C ALA D 79 -86.54 -2.45 -44.44
N ASP D 80 -87.57 -1.72 -43.91
CA ASP D 80 -87.48 -0.65 -42.93
C ASP D 80 -87.34 -1.32 -41.54
N ALA D 81 -87.89 -2.50 -41.43
CA ALA D 81 -87.79 -3.42 -40.27
C ALA D 81 -86.36 -3.72 -40.01
N ARG D 82 -85.63 -4.00 -41.11
CA ARG D 82 -84.37 -4.68 -41.12
C ARG D 82 -83.46 -3.81 -40.31
N VAL D 83 -83.50 -2.48 -40.55
CA VAL D 83 -82.59 -1.48 -39.99
C VAL D 83 -82.79 -1.42 -38.48
N LEU D 84 -84.06 -1.44 -38.08
CA LEU D 84 -84.48 -1.33 -36.70
C LEU D 84 -84.15 -2.58 -35.81
N ILE D 85 -84.22 -3.77 -36.35
CA ILE D 85 -83.84 -4.94 -35.56
C ILE D 85 -82.34 -5.05 -35.35
N ASP D 86 -81.47 -4.61 -36.31
CA ASP D 86 -80.03 -4.79 -36.17
C ASP D 86 -79.59 -3.78 -35.14
N ARG D 87 -80.20 -2.57 -35.23
CA ARG D 87 -79.91 -1.51 -34.22
C ARG D 87 -80.36 -1.82 -32.87
N ALA D 88 -81.57 -2.42 -32.76
CA ALA D 88 -82.18 -2.69 -31.48
C ALA D 88 -81.42 -3.81 -30.83
N ARG D 89 -80.78 -4.70 -31.62
CA ARG D 89 -79.99 -5.82 -31.18
C ARG D 89 -78.75 -5.37 -30.45
N ILE D 90 -77.99 -4.38 -31.01
CA ILE D 90 -76.83 -3.76 -30.44
C ILE D 90 -77.14 -2.96 -29.18
N GLU D 91 -78.31 -2.21 -29.22
CA GLU D 91 -78.75 -1.23 -28.20
C GLU D 91 -79.02 -1.99 -26.94
N ALA D 92 -79.64 -3.20 -27.03
CA ALA D 92 -79.86 -4.00 -25.85
C ALA D 92 -78.59 -4.56 -25.26
N GLN D 93 -77.61 -5.03 -26.08
CA GLN D 93 -76.39 -5.72 -25.67
C GLN D 93 -75.46 -4.74 -24.99
N ILE D 94 -75.63 -3.45 -25.41
CA ILE D 94 -74.89 -2.33 -25.02
C ILE D 94 -75.11 -2.09 -23.54
N ASN D 95 -76.37 -2.21 -23.05
CA ASN D 95 -76.81 -2.07 -21.65
C ASN D 95 -76.22 -3.19 -20.86
N ARG D 96 -76.25 -4.38 -21.50
CA ARG D 96 -75.65 -5.56 -20.96
C ARG D 96 -74.19 -5.53 -20.72
N LEU D 97 -73.47 -4.69 -21.55
CA LEU D 97 -72.03 -4.57 -21.50
C LEU D 97 -71.80 -3.57 -20.39
N THR D 98 -72.48 -2.40 -20.40
CA THR D 98 -72.02 -1.26 -19.63
C THR D 98 -72.59 -1.27 -18.22
N TYR D 99 -73.63 -2.08 -17.96
CA TYR D 99 -74.12 -2.18 -16.56
C TYR D 99 -74.06 -3.61 -16.04
N ASP D 100 -73.96 -4.62 -16.89
CA ASP D 100 -74.03 -6.04 -16.61
C ASP D 100 -75.40 -6.26 -16.00
N GLU D 101 -76.44 -5.83 -16.74
CA GLU D 101 -77.77 -5.92 -16.27
C GLU D 101 -78.55 -6.18 -17.60
N PRO D 102 -79.72 -6.78 -17.43
CA PRO D 102 -80.75 -6.86 -18.55
C PRO D 102 -81.39 -5.52 -18.70
N ILE D 103 -81.66 -5.15 -20.00
CA ILE D 103 -82.17 -3.85 -20.23
C ILE D 103 -83.66 -3.73 -20.04
N THR D 104 -84.21 -2.56 -19.60
CA THR D 104 -85.62 -2.38 -19.54
C THR D 104 -86.23 -2.45 -20.93
N VAL D 105 -87.42 -3.01 -21.00
CA VAL D 105 -88.33 -3.05 -22.12
C VAL D 105 -88.62 -1.64 -22.47
N LYS D 106 -88.90 -0.79 -21.48
CA LYS D 106 -89.09 0.66 -21.61
C LYS D 106 -87.83 1.40 -22.08
N GLU D 107 -86.63 1.04 -21.65
CA GLU D 107 -85.43 1.75 -22.03
C GLU D 107 -85.10 1.51 -23.44
N LEU D 108 -85.10 0.20 -23.86
CA LEU D 108 -84.82 -0.11 -25.18
C LEU D 108 -85.80 0.53 -26.26
N ALA D 109 -87.13 0.47 -25.98
CA ALA D 109 -88.25 0.90 -26.75
C ALA D 109 -88.18 2.37 -26.88
N LYS D 110 -87.74 3.06 -25.79
CA LYS D 110 -87.40 4.46 -25.75
C LYS D 110 -86.25 4.75 -26.66
N LYS D 111 -85.15 4.01 -26.63
CA LYS D 111 -83.95 4.27 -27.41
C LYS D 111 -84.21 4.09 -28.90
N ILE D 112 -84.90 3.04 -29.43
CA ILE D 112 -85.19 3.03 -30.87
C ILE D 112 -86.17 4.08 -31.37
N CYS D 113 -87.13 4.54 -30.59
CA CYS D 113 -88.10 5.55 -30.98
C CYS D 113 -87.47 6.82 -31.09
N ASP D 114 -86.38 7.07 -30.34
CA ASP D 114 -85.62 8.29 -30.21
C ASP D 114 -84.90 8.50 -31.55
N PHE D 115 -84.44 7.36 -32.12
CA PHE D 115 -83.71 7.32 -33.35
C PHE D 115 -84.56 7.76 -34.52
N LYS D 116 -85.80 7.23 -34.53
CA LYS D 116 -86.78 7.55 -35.50
C LYS D 116 -87.23 9.01 -35.35
N GLN D 117 -87.41 9.51 -34.12
CA GLN D 117 -87.87 10.82 -33.79
C GLN D 117 -87.04 11.91 -34.35
N GLN D 118 -85.64 11.71 -34.32
CA GLN D 118 -84.73 12.74 -34.78
C GLN D 118 -84.79 12.99 -36.22
N TYR D 119 -85.01 11.78 -36.95
CA TYR D 119 -85.09 11.73 -38.38
C TYR D 119 -86.52 11.96 -38.82
N THR D 120 -87.39 12.25 -37.84
CA THR D 120 -88.77 12.73 -38.17
C THR D 120 -88.61 14.21 -38.36
N GLN D 121 -87.86 14.87 -37.50
CA GLN D 121 -87.64 16.25 -37.48
C GLN D 121 -86.85 16.81 -38.58
N TYR D 122 -85.86 16.05 -39.08
CA TYR D 122 -85.00 16.22 -40.27
C TYR D 122 -85.80 15.87 -41.52
N GLY D 123 -85.38 16.52 -42.61
CA GLY D 123 -85.93 16.36 -43.98
C GLY D 123 -84.85 15.94 -44.86
N GLY D 124 -83.54 15.87 -44.39
CA GLY D 124 -82.40 15.31 -45.02
C GLY D 124 -82.48 13.76 -44.87
N VAL D 125 -83.27 13.23 -44.01
CA VAL D 125 -83.32 11.88 -43.66
C VAL D 125 -84.71 11.78 -43.04
N ARG D 126 -85.47 10.66 -43.16
CA ARG D 126 -86.90 10.56 -42.90
C ARG D 126 -87.02 9.50 -41.90
N PRO D 127 -88.10 9.34 -41.13
CA PRO D 127 -88.28 8.27 -40.24
C PRO D 127 -88.64 7.05 -40.96
N PHE D 128 -88.38 5.95 -40.27
CA PHE D 128 -88.73 4.58 -40.73
C PHE D 128 -90.20 4.41 -40.89
N GLY D 129 -90.60 3.75 -42.02
CA GLY D 129 -91.97 3.49 -42.27
C GLY D 129 -92.45 2.13 -41.95
N VAL D 130 -92.19 1.75 -40.68
CA VAL D 130 -92.57 0.48 -40.18
C VAL D 130 -92.90 0.69 -38.68
N SER D 131 -93.49 -0.29 -37.99
CA SER D 131 -93.89 -0.39 -36.59
C SER D 131 -93.33 -1.69 -36.09
N LEU D 132 -92.89 -1.74 -34.78
CA LEU D 132 -92.38 -2.85 -34.08
C LEU D 132 -93.20 -2.82 -32.82
N LEU D 133 -93.33 -4.06 -32.21
CA LEU D 133 -94.00 -4.22 -30.95
C LEU D 133 -92.97 -4.87 -30.07
N ILE D 134 -92.50 -4.17 -28.99
CA ILE D 134 -91.46 -4.54 -28.02
C ILE D 134 -92.21 -5.17 -26.87
N ALA D 135 -91.71 -6.39 -26.38
CA ALA D 135 -92.32 -7.14 -25.35
C ALA D 135 -91.20 -7.88 -24.58
N GLY D 136 -91.34 -7.88 -23.21
CA GLY D 136 -90.24 -8.37 -22.39
C GLY D 136 -90.75 -8.35 -21.04
N VAL D 137 -90.03 -9.10 -20.15
CA VAL D 137 -90.22 -9.05 -18.68
C VAL D 137 -88.76 -8.73 -18.41
N ASP D 138 -88.59 -7.58 -17.80
CA ASP D 138 -87.32 -7.02 -17.21
C ASP D 138 -87.38 -7.39 -15.78
N GLU D 139 -88.63 -7.37 -15.24
CA GLU D 139 -88.92 -7.96 -13.93
C GLU D 139 -90.41 -7.98 -13.66
N VAL D 140 -91.20 -7.44 -14.55
CA VAL D 140 -92.60 -7.33 -14.53
C VAL D 140 -92.99 -7.25 -16.03
N PRO D 141 -94.24 -7.62 -16.46
CA PRO D 141 -94.65 -7.61 -17.85
C PRO D 141 -94.72 -6.27 -18.35
N LYS D 142 -94.19 -6.13 -19.54
CA LYS D 142 -94.33 -4.91 -20.24
C LYS D 142 -94.49 -5.15 -21.64
N LEU D 143 -95.20 -4.23 -22.26
CA LEU D 143 -95.46 -4.10 -23.64
C LEU D 143 -95.53 -2.74 -24.08
N TYR D 144 -94.73 -2.46 -25.15
CA TYR D 144 -94.78 -1.10 -25.64
C TYR D 144 -94.83 -1.23 -27.12
N GLU D 145 -95.28 -0.10 -27.71
CA GLU D 145 -95.50 0.05 -29.18
C GLU D 145 -94.64 1.17 -29.67
N THR D 146 -93.91 0.93 -30.78
CA THR D 146 -93.09 1.93 -31.39
C THR D 146 -93.80 2.29 -32.63
N ASP D 147 -93.80 3.60 -33.07
CA ASP D 147 -94.64 4.07 -34.09
C ASP D 147 -93.71 4.68 -35.12
N PRO D 148 -94.08 4.89 -36.43
CA PRO D 148 -93.36 5.73 -37.45
C PRO D 148 -93.29 7.14 -36.93
N SER D 149 -94.21 7.59 -36.10
CA SER D 149 -94.13 8.88 -35.40
C SER D 149 -92.84 9.12 -34.64
N GLY D 150 -92.42 7.99 -34.03
CA GLY D 150 -91.29 7.93 -33.10
C GLY D 150 -91.80 8.12 -31.78
N ALA D 151 -93.11 7.76 -31.64
CA ALA D 151 -93.87 8.09 -30.41
C ALA D 151 -93.92 6.83 -29.62
N LEU D 152 -94.22 6.90 -28.28
CA LEU D 152 -94.18 5.72 -27.46
C LEU D 152 -95.34 5.72 -26.52
N LEU D 153 -95.99 4.51 -26.40
CA LEU D 153 -97.06 4.38 -25.37
C LEU D 153 -96.94 3.01 -24.82
N GLU D 154 -97.38 2.89 -23.51
CA GLU D 154 -97.51 1.58 -22.90
C GLU D 154 -98.87 1.18 -23.08
N TYR D 155 -99.11 -0.03 -23.57
CA TYR D 155 -100.34 -0.70 -23.73
C TYR D 155 -100.31 -1.99 -22.98
N LYS D 156 -101.53 -2.47 -22.67
CA LYS D 156 -101.69 -3.71 -22.03
C LYS D 156 -102.21 -4.73 -22.98
N ALA D 157 -102.46 -4.30 -24.26
CA ALA D 157 -102.91 -5.16 -25.28
C ALA D 157 -103.08 -4.35 -26.42
N THR D 158 -102.52 -4.69 -27.55
CA THR D 158 -102.50 -3.84 -28.73
C THR D 158 -102.34 -4.86 -29.81
N ALA D 159 -102.51 -4.30 -30.99
CA ALA D 159 -102.18 -4.89 -32.24
C ALA D 159 -101.79 -3.71 -33.15
N ILE D 160 -101.08 -4.01 -34.30
CA ILE D 160 -100.66 -3.00 -35.27
C ILE D 160 -100.90 -3.65 -36.65
N GLY D 161 -100.96 -2.78 -37.70
CA GLY D 161 -101.21 -3.19 -39.09
C GLY D 161 -102.58 -3.10 -39.52
N MET D 162 -102.89 -3.85 -40.63
CA MET D 162 -104.20 -3.87 -41.32
C MET D 162 -105.17 -4.40 -40.30
N GLY D 163 -104.70 -5.44 -39.50
CA GLY D 163 -105.42 -6.24 -38.60
C GLY D 163 -105.62 -5.57 -37.26
N ARG D 164 -105.08 -4.32 -37.08
CA ARG D 164 -105.04 -3.55 -35.88
C ARG D 164 -106.48 -3.17 -35.52
N ASN D 165 -107.36 -2.68 -36.44
CA ASN D 165 -108.68 -2.18 -36.09
C ASN D 165 -109.61 -3.24 -35.57
N ALA D 166 -109.59 -4.44 -36.21
CA ALA D 166 -110.52 -5.52 -35.78
C ALA D 166 -110.19 -6.00 -34.41
N VAL D 167 -108.91 -6.12 -34.10
CA VAL D 167 -108.43 -6.59 -32.91
C VAL D 167 -108.76 -5.68 -31.79
N THR D 168 -108.81 -4.33 -32.09
CA THR D 168 -109.28 -3.30 -31.17
C THR D 168 -110.73 -3.65 -30.68
N GLU D 169 -111.66 -3.93 -31.58
CA GLU D 169 -113.06 -4.12 -31.39
C GLU D 169 -113.34 -5.37 -30.59
N PHE D 170 -112.60 -6.48 -30.93
CA PHE D 170 -112.70 -7.82 -30.41
C PHE D 170 -112.28 -7.75 -29.00
N PHE D 171 -111.12 -7.05 -28.71
CA PHE D 171 -110.56 -6.91 -27.37
C PHE D 171 -111.35 -5.92 -26.64
N GLU D 172 -112.31 -5.13 -27.22
CA GLU D 172 -113.09 -4.18 -26.40
C GLU D 172 -114.12 -4.90 -25.53
N LYS D 173 -114.13 -6.26 -25.57
CA LYS D 173 -115.16 -7.00 -24.92
C LYS D 173 -114.86 -8.43 -24.56
N GLU D 174 -113.65 -8.89 -24.78
CA GLU D 174 -113.36 -10.26 -24.52
C GLU D 174 -111.85 -10.22 -24.19
N TYR D 175 -111.28 -9.05 -23.77
CA TYR D 175 -109.97 -9.07 -23.15
C TYR D 175 -110.19 -8.52 -21.88
N ARG D 176 -109.76 -9.22 -20.80
CA ARG D 176 -109.71 -8.66 -19.49
C ARG D 176 -108.23 -8.29 -19.14
N ASP D 177 -108.03 -7.44 -18.07
CA ASP D 177 -106.76 -6.86 -17.71
C ASP D 177 -106.00 -7.59 -16.77
N ASP D 178 -106.66 -8.63 -16.29
CA ASP D 178 -105.95 -9.64 -15.58
C ASP D 178 -106.63 -10.84 -15.97
N LEU D 179 -105.73 -11.72 -16.42
CA LEU D 179 -105.95 -12.98 -17.06
C LEU D 179 -104.68 -13.72 -16.80
N SER D 180 -104.79 -15.04 -16.93
CA SER D 180 -103.78 -16.05 -16.91
C SER D 180 -103.00 -16.25 -18.27
N PHE D 181 -101.89 -17.03 -18.14
CA PHE D 181 -100.96 -17.18 -19.23
C PHE D 181 -101.62 -17.98 -20.43
N ASP D 182 -102.44 -19.10 -20.16
CA ASP D 182 -103.15 -19.87 -21.18
C ASP D 182 -104.27 -19.09 -21.75
N ASP D 183 -105.05 -18.27 -20.97
CA ASP D 183 -106.26 -17.56 -21.37
C ASP D 183 -105.92 -16.54 -22.39
N ALA D 184 -104.81 -15.80 -22.14
CA ALA D 184 -104.18 -14.88 -23.06
C ALA D 184 -103.69 -15.50 -24.35
N MET D 185 -103.03 -16.64 -24.31
CA MET D 185 -102.34 -17.29 -25.38
C MET D 185 -103.38 -17.65 -26.39
N VAL D 186 -104.49 -18.20 -25.89
CA VAL D 186 -105.66 -18.57 -26.69
C VAL D 186 -106.32 -17.42 -27.30
N LEU D 187 -106.50 -16.33 -26.59
CA LEU D 187 -107.06 -15.11 -27.07
C LEU D 187 -106.21 -14.43 -28.16
N GLY D 188 -104.86 -14.65 -28.15
CA GLY D 188 -104.04 -14.15 -29.26
C GLY D 188 -104.13 -14.86 -30.54
N LEU D 189 -104.40 -16.21 -30.53
CA LEU D 189 -104.65 -17.02 -31.67
C LEU D 189 -105.95 -16.69 -32.28
N VAL D 190 -107.00 -16.47 -31.43
CA VAL D 190 -108.34 -16.18 -31.82
C VAL D 190 -108.31 -14.92 -32.56
N ALA D 191 -107.55 -13.87 -32.08
CA ALA D 191 -107.36 -12.54 -32.64
C ALA D 191 -106.67 -12.58 -34.02
N MET D 192 -105.58 -13.32 -34.19
CA MET D 192 -104.90 -13.45 -35.45
C MET D 192 -105.74 -13.95 -36.53
N GLY D 193 -106.55 -15.03 -36.29
CA GLY D 193 -107.47 -15.60 -37.27
C GLY D 193 -108.46 -14.63 -37.80
N LEU D 194 -109.10 -13.95 -36.86
CA LEU D 194 -110.02 -12.83 -37.09
C LEU D 194 -109.37 -11.66 -37.85
N SER D 195 -108.04 -11.42 -37.58
CA SER D 195 -107.22 -10.41 -38.19
C SER D 195 -107.05 -10.67 -39.68
N ILE D 196 -106.76 -11.94 -40.10
CA ILE D 196 -106.45 -12.24 -41.48
C ILE D 196 -107.75 -12.65 -42.23
N GLU D 197 -108.87 -12.84 -41.50
CA GLU D 197 -110.20 -13.11 -41.85
C GLU D 197 -110.24 -14.53 -42.48
N SER D 198 -109.56 -15.45 -41.79
CA SER D 198 -109.23 -16.74 -42.42
C SER D 198 -109.08 -17.59 -41.15
N GLU D 199 -108.99 -18.91 -41.37
CA GLU D 199 -108.83 -19.88 -40.29
C GLU D 199 -107.34 -20.06 -40.12
N LEU D 200 -106.86 -20.64 -38.96
CA LEU D 200 -105.43 -20.85 -38.64
C LEU D 200 -105.04 -22.30 -38.57
N VAL D 201 -103.81 -22.60 -39.01
CA VAL D 201 -103.16 -23.88 -38.90
C VAL D 201 -101.93 -23.48 -38.09
N PRO D 202 -101.36 -24.44 -37.32
CA PRO D 202 -100.20 -24.22 -36.44
C PRO D 202 -98.92 -23.99 -37.18
N GLU D 203 -98.77 -24.43 -38.45
CA GLU D 203 -97.57 -24.29 -39.22
C GLU D 203 -97.22 -22.95 -39.65
N ASN D 204 -98.25 -22.11 -39.86
CA ASN D 204 -98.05 -20.86 -40.60
C ASN D 204 -98.08 -19.65 -39.73
N ILE D 205 -97.78 -19.91 -38.47
CA ILE D 205 -97.83 -18.86 -37.49
C ILE D 205 -96.76 -19.12 -36.41
N GLU D 206 -96.15 -17.99 -35.94
CA GLU D 206 -95.08 -18.04 -35.04
C GLU D 206 -95.60 -17.25 -33.89
N VAL D 207 -95.24 -17.72 -32.67
CA VAL D 207 -95.47 -17.16 -31.37
C VAL D 207 -94.14 -17.45 -30.67
N GLY D 208 -93.65 -16.41 -30.02
CA GLY D 208 -92.62 -16.45 -28.90
C GLY D 208 -93.29 -15.75 -27.80
N TYR D 209 -92.55 -15.75 -26.69
CA TYR D 209 -92.99 -15.16 -25.48
C TYR D 209 -91.84 -15.00 -24.57
N VAL D 210 -92.11 -14.23 -23.50
CA VAL D 210 -91.15 -13.83 -22.53
C VAL D 210 -92.02 -14.18 -21.30
N LYS D 211 -91.77 -15.33 -20.66
CA LYS D 211 -92.40 -15.77 -19.40
C LYS D 211 -91.65 -15.12 -18.26
N VAL D 212 -92.36 -14.85 -17.12
CA VAL D 212 -91.85 -14.26 -15.89
C VAL D 212 -91.11 -15.38 -15.16
N ASP D 213 -91.42 -16.68 -15.43
CA ASP D 213 -90.91 -17.72 -14.68
C ASP D 213 -89.71 -18.49 -15.37
N ASP D 214 -89.39 -17.87 -16.51
CA ASP D 214 -88.32 -18.36 -17.34
C ASP D 214 -87.37 -17.16 -17.46
N ARG D 215 -87.85 -15.91 -17.55
CA ARG D 215 -87.03 -14.68 -17.66
C ARG D 215 -86.16 -14.83 -18.92
N THR D 216 -86.72 -15.46 -19.99
CA THR D 216 -86.12 -15.83 -21.27
C THR D 216 -87.21 -15.68 -22.26
N PHE D 217 -86.90 -15.08 -23.43
CA PHE D 217 -87.34 -15.58 -24.73
C PHE D 217 -87.31 -17.12 -24.85
N LYS D 218 -88.44 -17.69 -25.29
CA LYS D 218 -88.65 -19.08 -25.57
C LYS D 218 -89.44 -18.91 -26.87
N GLU D 219 -89.30 -19.85 -27.79
CA GLU D 219 -90.03 -19.74 -29.13
C GLU D 219 -90.89 -20.97 -29.21
N VAL D 220 -92.19 -20.96 -29.53
CA VAL D 220 -93.14 -22.07 -29.47
C VAL D 220 -93.19 -22.64 -30.87
N SER D 221 -92.75 -23.90 -31.05
CA SER D 221 -92.78 -24.63 -32.29
C SER D 221 -94.18 -25.04 -32.67
N PRO D 222 -94.53 -25.20 -33.95
CA PRO D 222 -95.83 -25.54 -34.37
C PRO D 222 -96.34 -26.86 -33.93
N GLU D 223 -95.54 -27.71 -33.16
CA GLU D 223 -95.93 -29.00 -32.68
C GLU D 223 -96.29 -28.95 -31.25
N GLU D 224 -96.15 -27.74 -30.70
CA GLU D 224 -96.57 -27.46 -29.33
C GLU D 224 -97.61 -26.41 -29.49
N LEU D 225 -97.88 -25.88 -30.74
CA LEU D 225 -98.90 -24.83 -30.80
C LEU D 225 -100.22 -25.57 -30.85
N LYS D 226 -100.26 -26.86 -31.36
CA LYS D 226 -101.46 -27.63 -31.69
C LYS D 226 -102.65 -27.48 -30.66
N PRO D 227 -102.61 -27.78 -29.31
CA PRO D 227 -103.81 -27.89 -28.54
C PRO D 227 -104.41 -26.48 -28.39
N TYR D 228 -103.54 -25.44 -28.37
CA TYR D 228 -103.90 -24.02 -28.24
C TYR D 228 -104.57 -23.42 -29.41
N VAL D 229 -104.01 -23.73 -30.60
CA VAL D 229 -104.66 -23.47 -31.92
C VAL D 229 -105.99 -24.16 -32.08
N GLU D 230 -106.10 -25.45 -31.77
CA GLU D 230 -107.28 -26.27 -31.92
C GLU D 230 -108.45 -25.83 -31.06
N ARG D 231 -108.25 -25.55 -29.77
CA ARG D 231 -109.33 -24.98 -28.99
C ARG D 231 -109.71 -23.61 -29.45
N ALA D 232 -108.78 -22.96 -30.11
CA ALA D 232 -109.04 -21.69 -30.66
C ALA D 232 -109.59 -21.65 -32.03
N ASN D 233 -109.58 -22.72 -32.80
CA ASN D 233 -110.06 -22.77 -34.21
C ASN D 233 -111.58 -22.73 -34.29
N GLU D 234 -112.28 -23.26 -33.26
CA GLU D 234 -113.70 -23.23 -33.19
C GLU D 234 -114.20 -21.82 -33.11
N ARG D 235 -113.47 -21.06 -32.26
CA ARG D 235 -113.73 -19.63 -31.99
C ARG D 235 -113.37 -18.81 -33.25
N ILE D 236 -112.30 -19.08 -34.01
CA ILE D 236 -111.93 -18.37 -35.16
C ILE D 236 -113.00 -18.40 -36.21
N ARG D 237 -113.48 -19.68 -36.40
CA ARG D 237 -114.53 -19.96 -37.38
C ARG D 237 -115.83 -19.29 -37.12
N GLU D 238 -116.14 -19.16 -35.81
CA GLU D 238 -117.43 -18.74 -35.21
C GLU D 238 -117.83 -17.34 -35.62
N LEU D 239 -116.77 -16.42 -35.53
CA LEU D 239 -116.83 -14.96 -35.67
C LEU D 239 -116.97 -14.55 -37.10
N LEU D 240 -116.40 -15.34 -38.02
CA LEU D 240 -116.29 -15.17 -39.42
C LEU D 240 -117.34 -15.99 -40.12
N LYS D 241 -118.55 -16.00 -39.50
CA LYS D 241 -119.74 -16.44 -40.23
C LYS D 241 -120.92 -15.72 -39.66
N LYS D 242 -120.59 -14.67 -38.90
CA LYS D 242 -121.43 -13.60 -38.35
C LYS D 242 -121.16 -12.32 -39.24
N GLN E 1 39.12 -0.64 30.98
CA GLN E 1 38.22 -0.27 29.92
C GLN E 1 38.94 -0.72 28.69
N MET E 2 38.43 -1.81 28.08
CA MET E 2 39.03 -2.45 26.96
C MET E 2 38.03 -3.43 26.56
N GLY E 3 37.21 -3.19 25.54
CA GLY E 3 36.19 -4.13 25.12
C GLY E 3 34.84 -3.65 25.47
N TYR E 4 34.74 -2.34 25.82
CA TYR E 4 33.48 -1.78 26.09
C TYR E 4 33.19 -0.95 24.86
N ASP E 5 34.07 -1.03 23.78
CA ASP E 5 34.30 -0.01 22.78
C ASP E 5 34.20 -0.76 21.49
N ARG E 6 33.71 -2.01 21.49
CA ARG E 6 33.58 -2.84 20.27
C ARG E 6 32.11 -2.89 19.96
N ALA E 7 31.34 -2.10 20.59
CA ALA E 7 29.94 -1.96 20.31
C ALA E 7 29.56 -0.62 20.83
N ILE E 8 28.58 0.03 20.14
CA ILE E 8 28.04 1.33 20.39
C ILE E 8 26.75 1.15 21.23
N THR E 9 26.41 -0.12 21.72
CA THR E 9 25.29 -0.40 22.56
C THR E 9 25.96 -0.52 23.95
N VAL E 10 27.22 -0.11 24.14
CA VAL E 10 27.98 -0.48 25.29
C VAL E 10 28.55 0.85 25.83
N PHE E 11 28.06 1.28 26.99
CA PHE E 11 28.70 2.33 27.83
C PHE E 11 29.66 1.67 28.73
N SER E 12 30.75 2.42 29.15
CA SER E 12 31.85 2.01 30.08
C SER E 12 31.51 2.06 31.48
N PRO E 13 32.22 1.45 32.40
CA PRO E 13 31.89 1.46 33.86
C PRO E 13 31.95 2.90 34.33
N ASP E 14 32.88 3.68 33.82
CA ASP E 14 33.01 5.14 34.16
C ASP E 14 31.74 5.91 33.84
N GLY E 15 31.09 5.53 32.77
CA GLY E 15 29.82 6.01 32.32
C GLY E 15 29.97 7.03 31.18
N ARG E 16 29.72 6.57 29.90
CA ARG E 16 30.11 7.38 28.73
C ARG E 16 30.42 6.32 27.71
N LEU E 17 29.91 6.44 26.45
CA LEU E 17 30.31 5.54 25.38
C LEU E 17 31.75 5.88 25.01
N PHE E 18 32.67 4.88 24.99
CA PHE E 18 34.06 5.11 24.64
C PHE E 18 34.21 4.83 23.18
N GLN E 19 33.19 4.25 22.64
CA GLN E 19 32.91 4.17 21.21
C GLN E 19 32.56 5.53 20.68
N VAL E 20 31.72 6.39 21.36
CA VAL E 20 31.40 7.70 20.66
C VAL E 20 32.64 8.62 20.67
N GLU E 21 33.41 8.52 21.77
CA GLU E 21 34.65 9.15 22.04
C GLU E 21 35.80 8.84 21.07
N TYR E 22 35.84 7.60 20.57
CA TYR E 22 36.71 7.19 19.57
C TYR E 22 36.23 7.71 18.21
N ALA E 23 34.90 8.08 18.07
CA ALA E 23 34.30 8.70 16.95
C ALA E 23 34.49 10.17 16.89
N ARG E 24 35.02 10.69 18.00
CA ARG E 24 35.23 12.05 18.14
C ARG E 24 36.73 12.36 17.95
N GLU E 25 37.51 11.28 18.02
CA GLU E 25 38.90 11.32 17.63
C GLU E 25 39.05 11.18 16.09
N ALA E 26 37.98 10.66 15.37
CA ALA E 26 38.00 10.66 13.99
C ALA E 26 37.70 12.03 13.39
N VAL E 27 37.00 12.96 14.16
CA VAL E 27 36.76 14.35 13.75
C VAL E 27 38.14 15.00 13.68
N LYS E 28 39.06 14.65 14.62
CA LYS E 28 40.38 15.32 14.89
C LYS E 28 41.42 14.86 13.91
N ARG E 29 41.12 13.90 12.98
CA ARG E 29 41.99 13.50 11.96
C ARG E 29 41.66 14.17 10.64
N GLY E 30 40.74 15.10 10.72
CA GLY E 30 40.55 16.13 9.75
C GLY E 30 41.51 17.33 9.80
N ALA E 31 41.22 18.33 8.92
CA ALA E 31 42.10 19.48 8.91
C ALA E 31 41.33 20.54 9.64
N THR E 32 42.00 21.63 10.08
CA THR E 32 41.47 22.74 10.71
C THR E 32 40.42 23.43 9.90
N ALA E 33 39.36 23.84 10.66
CA ALA E 33 38.22 24.63 10.18
C ALA E 33 37.82 25.43 11.32
N ILE E 34 37.68 26.76 11.11
CA ILE E 34 37.40 27.77 12.08
C ILE E 34 36.20 28.55 11.68
N GLY E 35 35.32 28.84 12.68
CA GLY E 35 34.29 29.71 12.38
C GLY E 35 34.27 30.78 13.36
N ILE E 36 33.98 32.05 12.99
CA ILE E 36 34.01 33.16 13.93
C ILE E 36 32.78 33.95 13.62
N LYS E 37 32.06 34.40 14.66
CA LYS E 37 30.84 35.07 14.62
C LYS E 37 31.13 36.40 14.94
N CYS E 38 30.54 37.30 14.10
CA CYS E 38 30.74 38.70 14.24
C CYS E 38 29.41 39.35 14.28
N LYS E 39 29.29 40.66 14.51
CA LYS E 39 28.00 41.35 14.77
C LYS E 39 27.29 41.74 13.50
N GLU E 40 27.97 41.58 12.33
CA GLU E 40 27.58 42.05 11.04
C GLU E 40 27.40 40.87 10.11
N GLY E 41 27.60 39.62 10.59
CA GLY E 41 27.45 38.43 9.88
C GLY E 41 28.25 37.26 10.55
N VAL E 42 28.70 36.26 9.74
CA VAL E 42 29.28 35.05 10.34
C VAL E 42 30.17 34.67 9.16
N ILE E 43 31.47 34.37 9.46
CA ILE E 43 32.52 34.09 8.55
C ILE E 43 32.96 32.69 8.90
N LEU E 44 33.20 31.93 7.87
CA LEU E 44 33.54 30.57 7.99
C LEU E 44 34.69 30.30 7.10
N ILE E 45 35.84 29.76 7.70
CA ILE E 45 37.04 29.43 6.94
C ILE E 45 37.34 27.98 7.22
N ALA E 46 38.10 27.29 6.31
CA ALA E 46 38.41 25.88 6.41
C ALA E 46 39.67 25.78 5.61
N ASP E 47 40.52 24.77 5.97
CA ASP E 47 41.83 24.52 5.34
C ASP E 47 41.64 23.81 4.08
N LYS E 48 41.76 24.54 2.93
CA LYS E 48 41.51 24.05 1.56
C LYS E 48 42.73 23.35 1.05
N ARG E 49 43.81 23.38 1.84
CA ARG E 49 45.11 22.82 1.49
C ARG E 49 44.94 21.33 1.66
N VAL E 50 45.53 20.51 0.75
CA VAL E 50 45.42 19.08 0.95
C VAL E 50 46.51 18.45 0.14
N GLY E 51 47.09 17.31 0.71
CA GLY E 51 48.11 16.43 0.17
C GLY E 51 49.34 17.03 -0.43
N SER E 52 49.72 16.32 -1.54
CA SER E 52 50.83 16.70 -2.41
C SER E 52 50.22 17.82 -3.29
N LYS E 53 51.02 18.48 -4.16
CA LYS E 53 50.53 19.62 -4.90
C LYS E 53 49.91 19.20 -6.20
N LEU E 54 49.72 17.89 -6.42
CA LEU E 54 49.08 17.36 -7.60
C LEU E 54 47.63 17.64 -7.59
N LEU E 55 47.07 17.46 -6.38
CA LEU E 55 45.64 17.81 -6.17
C LEU E 55 45.40 19.22 -6.42
N GLU E 56 44.21 19.55 -6.98
CA GLU E 56 43.76 20.94 -7.06
C GLU E 56 42.99 21.32 -5.78
N ALA E 57 43.51 22.37 -5.04
CA ALA E 57 42.91 22.91 -3.84
C ALA E 57 41.53 23.52 -4.06
N ASP E 58 41.33 24.13 -5.23
CA ASP E 58 40.11 24.88 -5.46
C ASP E 58 38.81 24.13 -5.61
N THR E 59 38.93 22.87 -6.13
CA THR E 59 37.80 21.96 -6.52
C THR E 59 37.42 21.14 -5.35
N ILE E 60 38.35 20.91 -4.43
CA ILE E 60 38.24 20.24 -3.19
C ILE E 60 37.65 21.28 -2.28
N GLU E 61 36.92 20.78 -1.23
CA GLU E 61 35.89 21.56 -0.65
C GLU E 61 35.58 20.95 0.69
N LYS E 62 34.92 21.65 1.57
CA LYS E 62 35.46 21.96 2.95
C LYS E 62 34.65 22.99 3.56
N ILE E 63 33.52 23.25 2.97
CA ILE E 63 32.90 24.53 2.77
C ILE E 63 31.97 24.20 1.65
N TYR E 64 30.69 24.26 2.02
CA TYR E 64 29.56 24.10 1.14
C TYR E 64 28.50 25.04 1.66
N LYS E 65 27.72 25.55 0.74
CA LYS E 65 26.39 26.05 0.92
C LYS E 65 25.53 24.89 1.23
N ILE E 66 24.37 25.16 1.94
CA ILE E 66 23.63 24.05 2.49
C ILE E 66 22.29 24.61 2.20
N ASP E 67 22.07 25.91 2.51
CA ASP E 67 20.88 26.65 2.15
C ASP E 67 21.31 27.79 1.24
N GLU E 68 20.46 28.81 1.19
CA GLU E 68 20.81 30.09 0.50
C GLU E 68 21.18 31.07 1.56
N HIS E 69 21.50 30.53 2.78
CA HIS E 69 21.92 31.38 3.90
C HIS E 69 22.64 30.64 4.98
N ILE E 70 23.04 29.36 4.63
CA ILE E 70 23.64 28.56 5.61
C ILE E 70 24.70 27.91 4.92
N CYS E 71 25.83 27.88 5.61
CA CYS E 71 27.01 27.24 5.10
C CYS E 71 27.48 26.39 6.17
N ALA E 72 28.24 25.37 5.76
CA ALA E 72 28.82 24.44 6.71
C ALA E 72 30.09 24.01 6.09
N ALA E 73 31.01 23.74 7.05
CA ALA E 73 32.37 23.39 6.84
C ALA E 73 32.42 22.06 7.58
N THR E 74 33.36 21.19 7.25
CA THR E 74 33.42 19.85 7.74
C THR E 74 34.77 19.67 8.18
N SER E 75 35.04 18.73 9.11
CA SER E 75 36.33 18.22 9.50
C SER E 75 36.12 16.83 9.93
N GLY E 76 36.97 15.94 9.46
CA GLY E 76 36.81 14.47 9.53
C GLY E 76 36.80 14.05 8.16
N LEU E 77 36.26 12.82 7.97
CA LEU E 77 36.37 12.13 6.68
C LEU E 77 35.62 12.91 5.67
N VAL E 78 36.11 13.00 4.41
CA VAL E 78 35.43 13.42 3.24
C VAL E 78 34.36 12.44 3.03
N ALA E 79 34.54 11.12 3.25
CA ALA E 79 33.54 10.15 2.96
C ALA E 79 32.17 10.42 3.66
N ASP E 80 32.22 10.49 4.98
CA ASP E 80 31.07 10.68 5.83
C ASP E 80 30.50 12.07 5.59
N ALA E 81 31.39 13.01 5.17
CA ALA E 81 30.97 14.41 5.00
C ALA E 81 29.93 14.56 3.97
N ARG E 82 30.11 13.85 2.81
CA ARG E 82 29.21 13.82 1.69
C ARG E 82 27.80 13.37 2.06
N VAL E 83 27.63 12.30 2.86
CA VAL E 83 26.34 11.75 3.34
C VAL E 83 25.65 12.73 4.17
N LEU E 84 26.50 13.40 5.00
CA LEU E 84 26.01 14.29 6.06
C LEU E 84 25.48 15.57 5.53
N ILE E 85 26.12 16.11 4.45
CA ILE E 85 25.91 17.42 3.84
C ILE E 85 24.72 17.21 2.90
N ASP E 86 24.66 15.99 2.25
CA ASP E 86 23.57 15.72 1.34
C ASP E 86 22.28 15.61 2.15
N ARG E 87 22.36 15.06 3.40
CA ARG E 87 21.23 15.01 4.33
C ARG E 87 20.72 16.36 4.74
N ALA E 88 21.76 17.21 5.15
CA ALA E 88 21.59 18.59 5.64
C ALA E 88 21.04 19.48 4.56
N ARG E 89 21.46 19.35 3.25
CA ARG E 89 21.02 20.15 2.14
C ARG E 89 19.55 19.92 1.81
N ILE E 90 19.06 18.66 1.81
CA ILE E 90 17.75 18.08 1.56
C ILE E 90 16.76 18.50 2.61
N GLU E 91 17.24 18.47 3.87
CA GLU E 91 16.51 18.86 5.09
C GLU E 91 16.20 20.32 5.12
N ALA E 92 17.22 21.07 4.71
CA ALA E 92 17.17 22.50 4.68
C ALA E 92 16.12 22.94 3.61
N GLN E 93 16.13 22.32 2.45
CA GLN E 93 15.12 22.66 1.46
C GLN E 93 13.71 22.18 1.73
N ILE E 94 13.52 20.98 2.39
CA ILE E 94 12.20 20.41 2.65
C ILE E 94 11.38 21.28 3.57
N ASN E 95 12.10 22.09 4.46
CA ASN E 95 11.46 23.03 5.41
C ASN E 95 10.88 24.10 4.60
N ARG E 96 11.58 24.53 3.53
CA ARG E 96 10.93 25.46 2.61
C ARG E 96 9.87 25.00 1.69
N LEU E 97 9.65 23.65 1.47
CA LEU E 97 8.48 23.09 0.85
C LEU E 97 7.27 23.06 1.81
N THR E 98 7.42 22.82 3.09
CA THR E 98 6.26 22.51 3.92
C THR E 98 6.07 23.60 4.96
N TYR E 99 6.73 24.78 4.91
CA TYR E 99 6.50 25.91 5.80
C TYR E 99 6.72 27.13 5.01
N ASP E 100 7.57 27.09 3.95
CA ASP E 100 7.89 28.21 3.11
C ASP E 100 8.68 29.32 3.75
N GLU E 101 9.35 29.04 4.90
CA GLU E 101 10.15 30.02 5.69
C GLU E 101 11.46 29.31 5.63
N PRO E 102 12.62 29.90 5.16
CA PRO E 102 13.92 29.39 5.40
C PRO E 102 14.19 29.00 6.78
N ILE E 103 14.77 27.80 6.94
CA ILE E 103 15.11 27.12 8.20
C ILE E 103 16.08 27.91 9.03
N THR E 104 15.89 27.89 10.33
CA THR E 104 16.60 28.55 11.31
C THR E 104 17.91 27.80 11.42
N VAL E 105 19.05 28.49 11.69
CA VAL E 105 20.34 27.87 11.82
C VAL E 105 20.33 26.80 12.91
N LYS E 106 19.68 27.14 14.07
CA LYS E 106 19.44 26.35 15.28
C LYS E 106 18.68 25.12 14.86
N GLU E 107 17.65 25.31 14.03
CA GLU E 107 16.79 24.30 13.66
C GLU E 107 17.44 23.34 12.68
N LEU E 108 18.30 23.79 11.77
CA LEU E 108 18.91 22.85 10.80
C LEU E 108 19.88 21.97 11.54
N ALA E 109 20.66 22.66 12.41
CA ALA E 109 21.63 22.07 13.36
C ALA E 109 21.07 21.11 14.32
N LYS E 110 19.91 21.40 14.94
CA LYS E 110 19.22 20.39 15.71
C LYS E 110 18.82 19.12 14.93
N LYS E 111 18.30 19.27 13.69
CA LYS E 111 17.70 18.13 12.94
C LYS E 111 18.82 17.28 12.35
N ILE E 112 20.01 17.83 11.96
CA ILE E 112 21.14 17.08 11.54
C ILE E 112 21.66 16.25 12.73
N CYS E 113 21.67 16.86 13.97
CA CYS E 113 22.07 16.18 15.14
C CYS E 113 21.14 14.99 15.53
N ASP E 114 19.90 15.19 15.19
CA ASP E 114 18.81 14.28 15.60
C ASP E 114 18.97 13.06 14.79
N PHE E 115 19.28 13.23 13.52
CA PHE E 115 19.64 12.29 12.45
C PHE E 115 20.94 11.52 12.87
N LYS E 116 22.01 12.23 13.36
CA LYS E 116 23.19 11.55 13.94
C LYS E 116 22.95 10.71 15.16
N GLN E 117 22.01 11.11 16.05
CA GLN E 117 21.67 10.44 17.28
C GLN E 117 21.12 9.09 16.99
N GLN E 118 20.24 8.97 15.99
CA GLN E 118 19.61 7.74 15.42
C GLN E 118 20.73 6.76 14.89
N TYR E 119 21.90 7.31 14.40
CA TYR E 119 23.00 6.50 13.95
C TYR E 119 23.97 6.09 14.94
N THR E 120 23.75 6.28 16.27
CA THR E 120 24.75 5.87 17.27
C THR E 120 24.03 5.05 18.29
N GLN E 121 22.76 4.69 17.93
CA GLN E 121 21.75 4.13 18.79
C GLN E 121 21.72 2.70 18.55
N TYR E 122 22.50 2.12 17.60
CA TYR E 122 22.19 0.77 17.20
C TYR E 122 23.53 0.19 16.79
N GLY E 123 23.63 -1.13 16.88
CA GLY E 123 24.79 -1.86 16.52
C GLY E 123 24.98 -2.13 15.06
N GLY E 124 23.95 -1.78 14.26
CA GLY E 124 23.89 -2.15 12.88
C GLY E 124 24.39 -0.94 12.10
N VAL E 125 24.89 0.07 12.74
CA VAL E 125 25.10 1.40 12.20
C VAL E 125 26.21 2.00 13.03
N ARG E 126 27.08 2.71 12.30
CA ARG E 126 28.18 3.36 12.81
C ARG E 126 27.95 4.82 12.91
N PRO E 127 28.50 5.54 13.96
CA PRO E 127 28.47 7.00 14.06
C PRO E 127 29.00 7.69 12.87
N PHE E 128 28.61 8.99 12.76
CA PHE E 128 29.28 9.83 11.79
C PHE E 128 30.63 10.11 12.24
N GLY E 129 31.52 10.15 11.27
CA GLY E 129 32.92 10.29 11.52
C GLY E 129 33.31 11.72 11.42
N VAL E 130 32.37 12.72 11.20
CA VAL E 130 32.66 14.14 10.98
C VAL E 130 31.89 14.85 12.04
N SER E 131 32.28 16.13 12.04
CA SER E 131 31.57 17.21 12.64
C SER E 131 31.31 18.23 11.57
N LEU E 132 30.18 19.00 11.67
CA LEU E 132 29.93 20.21 10.87
C LEU E 132 29.97 21.40 11.79
N LEU E 133 30.32 22.57 11.27
CA LEU E 133 30.05 23.87 11.77
C LEU E 133 29.03 24.42 10.91
N ILE E 134 27.90 24.80 11.46
CA ILE E 134 26.71 25.29 10.82
C ILE E 134 26.69 26.78 11.15
N ALA E 135 26.80 27.62 10.06
CA ALA E 135 26.96 29.06 10.16
C ALA E 135 25.95 29.66 9.33
N GLY E 136 24.97 30.42 9.95
CA GLY E 136 24.17 31.17 9.05
C GLY E 136 23.70 32.40 9.73
N VAL E 137 22.77 33.02 9.04
CA VAL E 137 22.03 34.11 9.63
C VAL E 137 20.56 33.81 9.39
N ASP E 138 19.77 33.66 10.47
CA ASP E 138 18.30 33.56 10.38
C ASP E 138 17.66 34.90 10.64
N GLU E 139 18.28 35.61 11.55
CA GLU E 139 17.87 36.99 11.80
C GLU E 139 19.00 37.67 12.58
N VAL E 140 19.76 36.80 13.23
CA VAL E 140 20.78 37.15 14.10
C VAL E 140 21.89 36.12 13.70
N PRO E 141 23.17 36.44 13.72
CA PRO E 141 24.21 35.55 13.21
C PRO E 141 24.42 34.47 14.21
N LYS E 142 24.65 33.22 13.79
CA LYS E 142 24.83 32.07 14.70
C LYS E 142 25.87 31.17 14.10
N LEU E 143 26.45 30.40 15.02
CA LEU E 143 27.58 29.59 14.77
C LEU E 143 27.48 28.45 15.78
N TYR E 144 27.33 27.22 15.29
CA TYR E 144 27.08 26.04 15.98
C TYR E 144 28.20 25.09 15.66
N GLU E 145 28.34 24.09 16.49
CA GLU E 145 29.20 22.95 16.33
C GLU E 145 28.31 21.77 16.57
N THR E 146 28.31 20.88 15.59
CA THR E 146 27.73 19.58 15.65
C THR E 146 28.78 18.64 16.00
N ASP E 147 28.37 17.59 16.66
CA ASP E 147 29.19 16.63 17.31
C ASP E 147 28.91 15.25 16.72
N PRO E 148 29.75 14.21 16.58
CA PRO E 148 29.35 12.91 16.04
C PRO E 148 28.53 12.19 17.12
N SER E 149 28.47 12.75 18.34
CA SER E 149 27.60 12.20 19.35
C SER E 149 26.19 12.55 18.85
N GLY E 150 25.99 13.85 18.45
CA GLY E 150 24.77 14.39 17.90
C GLY E 150 24.34 15.41 18.90
N ALA E 151 25.27 16.29 19.29
CA ALA E 151 24.97 17.39 20.19
C ALA E 151 25.08 18.61 19.40
N LEU E 152 24.38 19.75 19.85
CA LEU E 152 24.58 20.94 19.20
C LEU E 152 24.89 21.83 20.32
N LEU E 153 25.82 22.77 19.99
CA LEU E 153 26.36 23.70 21.03
C LEU E 153 26.42 25.07 20.32
N GLU E 154 25.93 26.20 20.90
CA GLU E 154 26.08 27.56 20.41
C GLU E 154 27.43 28.04 20.91
N TYR E 155 28.08 28.83 20.04
CA TYR E 155 29.44 29.32 20.04
C TYR E 155 29.38 30.68 19.41
N LYS E 156 30.52 31.41 19.48
CA LYS E 156 30.69 32.74 19.03
C LYS E 156 31.97 32.67 18.24
N ALA E 157 32.87 31.61 18.58
CA ALA E 157 34.06 31.36 17.79
C ALA E 157 34.44 30.00 18.20
N THR E 158 34.76 29.11 17.25
CA THR E 158 35.00 27.74 17.48
C THR E 158 35.76 27.11 16.39
N ALA E 159 36.25 25.81 16.70
CA ALA E 159 37.00 25.02 15.72
C ALA E 159 36.65 23.59 15.83
N ILE E 160 37.09 22.79 14.82
CA ILE E 160 36.97 21.30 14.79
C ILE E 160 38.21 20.95 14.01
N GLY E 161 38.62 19.65 14.16
CA GLY E 161 39.88 19.24 13.56
C GLY E 161 40.99 19.17 14.56
N MET E 162 42.23 19.11 13.99
CA MET E 162 43.45 19.12 14.82
C MET E 162 43.74 20.47 15.41
N GLY E 163 43.22 21.47 14.75
CA GLY E 163 43.43 22.86 15.15
C GLY E 163 42.59 23.26 16.31
N ARG E 164 41.76 22.34 16.83
CA ARG E 164 40.97 22.62 18.03
C ARG E 164 41.80 23.20 19.20
N ASN E 165 42.98 22.58 19.57
CA ASN E 165 43.76 22.96 20.70
C ASN E 165 44.33 24.40 20.57
N ALA E 166 44.92 24.81 19.39
CA ALA E 166 45.55 26.10 19.12
C ALA E 166 44.47 27.21 19.18
N VAL E 167 43.26 26.93 18.58
CA VAL E 167 42.18 27.85 18.48
C VAL E 167 41.62 28.22 19.82
N THR E 168 41.60 27.25 20.78
CA THR E 168 41.07 27.40 22.07
C THR E 168 41.92 28.36 22.87
N GLU E 169 43.27 28.21 22.81
CA GLU E 169 44.22 29.10 23.43
C GLU E 169 44.17 30.47 22.83
N PHE E 170 44.00 30.57 21.53
CA PHE E 170 44.06 31.79 20.76
C PHE E 170 42.92 32.73 21.26
N PHE E 171 41.69 32.17 21.15
CA PHE E 171 40.49 32.92 21.34
C PHE E 171 40.20 33.21 22.75
N GLU E 172 40.77 32.50 23.72
CA GLU E 172 40.70 32.76 25.16
C GLU E 172 41.25 34.09 25.47
N LYS E 173 42.18 34.52 24.65
CA LYS E 173 42.96 35.71 24.86
C LYS E 173 42.43 36.90 24.06
N GLU E 174 42.30 36.73 22.70
CA GLU E 174 42.11 37.76 21.74
C GLU E 174 40.69 37.86 21.25
N TYR E 175 39.77 36.94 21.60
CA TYR E 175 38.39 37.10 21.18
C TYR E 175 37.67 38.24 21.90
N ARG E 176 36.91 39.15 21.24
CA ARG E 176 36.21 40.24 21.76
C ARG E 176 34.77 39.97 21.31
N ASP E 177 33.75 40.30 22.16
CA ASP E 177 32.36 39.98 21.81
C ASP E 177 31.91 40.86 20.69
N ASP E 178 32.40 42.17 20.69
CA ASP E 178 31.99 43.12 19.72
C ASP E 178 33.13 43.23 18.70
N LEU E 179 32.76 43.00 17.43
CA LEU E 179 33.79 42.98 16.37
C LEU E 179 33.01 43.48 15.24
N SER E 180 33.67 44.13 14.23
CA SER E 180 33.19 44.60 12.96
C SER E 180 33.62 43.62 11.97
N PHE E 181 33.10 43.64 10.71
CA PHE E 181 33.17 42.55 9.76
C PHE E 181 34.64 42.25 9.41
N ASP E 182 35.36 43.40 9.15
CA ASP E 182 36.73 43.39 8.70
C ASP E 182 37.71 42.96 9.73
N ASP E 183 37.60 43.50 10.99
CA ASP E 183 38.44 43.12 12.07
C ASP E 183 38.24 41.64 12.37
N ALA E 184 36.96 41.22 12.30
CA ALA E 184 36.70 39.77 12.48
C ALA E 184 37.31 38.79 11.49
N MET E 185 37.24 39.17 10.20
CA MET E 185 37.86 38.35 9.14
C MET E 185 39.27 38.17 9.32
N VAL E 186 40.07 39.22 9.73
CA VAL E 186 41.48 39.00 9.91
C VAL E 186 41.70 38.02 11.02
N LEU E 187 40.99 38.20 12.19
CA LEU E 187 41.28 37.45 13.37
C LEU E 187 41.03 35.94 13.25
N GLY E 188 39.98 35.55 12.49
CA GLY E 188 39.59 34.23 12.14
C GLY E 188 40.59 33.61 11.29
N LEU E 189 41.18 34.42 10.35
CA LEU E 189 42.17 33.96 9.41
C LEU E 189 43.48 33.67 10.28
N VAL E 190 43.81 34.55 11.29
CA VAL E 190 44.97 34.49 12.17
C VAL E 190 45.00 33.24 12.91
N ALA E 191 43.84 32.81 13.50
CA ALA E 191 43.76 31.56 14.21
C ALA E 191 44.08 30.39 13.44
N MET E 192 43.61 30.26 12.16
CA MET E 192 43.86 29.12 11.29
C MET E 192 45.32 29.04 10.99
N GLY E 193 45.91 30.27 10.80
CA GLY E 193 47.33 30.43 10.51
C GLY E 193 48.22 29.84 11.56
N LEU E 194 47.86 29.92 12.85
CA LEU E 194 48.50 29.27 13.98
C LEU E 194 48.40 27.76 13.98
N SER E 195 47.24 27.19 13.57
CA SER E 195 46.86 25.77 13.54
C SER E 195 47.64 25.03 12.53
N ILE E 196 47.81 25.60 11.32
CA ILE E 196 48.62 24.97 10.36
C ILE E 196 50.05 25.31 10.54
N GLU E 197 50.28 26.40 11.37
CA GLU E 197 51.66 26.77 11.69
C GLU E 197 52.39 27.36 10.53
N SER E 198 51.70 28.13 9.70
CA SER E 198 52.17 28.42 8.38
C SER E 198 51.43 29.57 7.87
N GLU E 199 51.92 30.29 6.85
CA GLU E 199 51.38 31.47 6.30
C GLU E 199 50.28 31.15 5.36
N LEU E 200 49.19 31.95 5.23
CA LEU E 200 48.06 31.60 4.39
C LEU E 200 48.44 32.06 2.99
N VAL E 201 47.69 31.60 1.93
CA VAL E 201 47.72 32.03 0.58
C VAL E 201 46.22 32.10 0.37
N PRO E 202 45.71 32.82 -0.59
CA PRO E 202 44.22 32.80 -0.93
C PRO E 202 43.93 31.45 -1.53
N GLU E 203 45.03 30.75 -2.03
CA GLU E 203 44.92 29.70 -3.02
C GLU E 203 44.83 28.38 -2.29
N ASN E 204 44.78 28.43 -0.93
CA ASN E 204 44.81 27.28 -0.07
C ASN E 204 44.01 27.62 1.17
N ILE E 205 43.04 28.54 1.01
CA ILE E 205 42.10 28.76 2.10
C ILE E 205 40.78 28.86 1.34
N GLU E 206 39.57 28.47 1.89
CA GLU E 206 38.36 28.62 1.26
C GLU E 206 37.60 29.41 2.29
N VAL E 207 36.81 30.46 1.97
CA VAL E 207 36.10 31.34 2.85
C VAL E 207 34.82 31.51 2.24
N GLY E 208 33.80 31.37 3.09
CA GLY E 208 32.45 31.59 2.79
C GLY E 208 31.93 32.42 3.90
N TYR E 209 30.92 33.24 3.67
CA TYR E 209 30.31 33.99 4.81
C TYR E 209 28.85 34.23 4.45
N VAL E 210 27.98 34.46 5.48
CA VAL E 210 26.62 34.78 5.31
C VAL E 210 26.61 36.06 6.22
N LYS E 211 26.46 37.29 5.63
CA LYS E 211 26.42 38.56 6.32
C LYS E 211 24.95 38.73 6.77
N VAL E 212 24.64 39.38 7.92
CA VAL E 212 23.29 39.82 8.41
C VAL E 212 22.54 40.67 7.40
N ASP E 213 23.20 41.70 6.74
CA ASP E 213 22.50 42.61 5.93
C ASP E 213 21.91 42.09 4.59
N ASP E 214 22.48 40.98 4.01
CA ASP E 214 21.98 40.45 2.73
C ASP E 214 21.30 39.14 3.10
N ARG E 215 21.71 38.33 4.10
CA ARG E 215 21.25 36.95 4.42
C ARG E 215 21.44 36.03 3.24
N THR E 216 22.58 36.17 2.55
CA THR E 216 22.90 35.37 1.40
C THR E 216 24.34 35.03 1.57
N PHE E 217 24.58 33.74 1.74
CA PHE E 217 25.72 33.05 1.28
C PHE E 217 26.52 33.78 0.08
N LYS E 218 27.84 33.83 0.26
CA LYS E 218 28.80 34.36 -0.77
C LYS E 218 30.07 33.60 -0.50
N GLU E 219 30.87 33.37 -1.57
CA GLU E 219 32.11 32.64 -1.65
C GLU E 219 33.17 33.72 -2.08
N VAL E 220 34.24 33.88 -1.32
CA VAL E 220 35.19 34.96 -1.59
C VAL E 220 36.19 34.38 -2.56
N SER E 221 36.46 35.17 -3.66
CA SER E 221 37.45 34.88 -4.62
C SER E 221 38.91 35.10 -4.11
N PRO E 222 39.94 34.40 -4.59
CA PRO E 222 41.29 34.76 -4.47
C PRO E 222 41.70 36.22 -4.56
N GLU E 223 41.04 36.97 -5.47
CA GLU E 223 41.30 38.37 -5.66
C GLU E 223 40.92 39.20 -4.45
N GLU E 224 39.80 38.89 -3.72
CA GLU E 224 39.32 39.73 -2.68
C GLU E 224 39.75 39.20 -1.31
N LEU E 225 40.37 38.06 -1.25
CA LEU E 225 41.07 37.59 -0.03
C LEU E 225 42.32 38.29 0.28
N LYS E 226 43.07 38.71 -0.79
CA LYS E 226 44.40 39.27 -0.64
C LYS E 226 44.63 40.27 0.54
N PRO E 227 44.02 41.42 0.81
CA PRO E 227 44.32 42.37 1.92
C PRO E 227 44.28 41.73 3.29
N TYR E 228 43.20 40.91 3.61
CA TYR E 228 42.98 40.29 4.85
C TYR E 228 44.06 39.37 5.14
N VAL E 229 44.53 38.61 4.07
CA VAL E 229 45.56 37.64 4.14
C VAL E 229 46.89 38.27 4.47
N GLU E 230 47.04 39.56 4.01
CA GLU E 230 48.26 40.29 4.28
C GLU E 230 48.48 40.59 5.75
N ARG E 231 47.47 41.28 6.37
CA ARG E 231 47.48 41.72 7.70
C ARG E 231 47.54 40.55 8.65
N ALA E 232 46.90 39.45 8.21
CA ALA E 232 46.87 38.26 9.01
C ALA E 232 48.20 37.53 8.97
N ASN E 233 48.82 37.42 7.82
CA ASN E 233 50.12 36.71 7.70
C ASN E 233 51.24 37.37 8.49
N GLU E 234 51.24 38.73 8.49
CA GLU E 234 52.17 39.55 9.22
C GLU E 234 52.02 39.32 10.68
N ARG E 235 50.81 39.11 11.16
CA ARG E 235 50.44 38.74 12.49
C ARG E 235 50.82 37.40 12.91
N ILE E 236 50.62 36.34 12.07
CA ILE E 236 51.03 35.01 12.21
C ILE E 236 52.46 34.82 12.34
N ARG E 237 53.21 35.62 11.57
CA ARG E 237 54.65 35.63 11.62
C ARG E 237 55.13 36.17 12.94
N GLU E 238 54.48 37.23 13.43
CA GLU E 238 54.73 37.87 14.66
C GLU E 238 54.53 36.91 15.78
N LEU E 239 53.43 36.09 15.78
CA LEU E 239 53.17 35.15 16.84
C LEU E 239 54.15 34.01 16.98
N LEU E 240 54.64 33.51 15.81
CA LEU E 240 55.57 32.38 15.86
C LEU E 240 56.99 32.73 15.79
N LYS E 241 57.32 34.04 16.08
CA LYS E 241 58.73 34.44 16.28
C LYS E 241 58.70 35.83 16.88
N LYS E 242 59.05 35.85 18.19
CA LYS E 242 59.04 37.05 19.00
C LYS E 242 60.49 37.51 19.07
N ARG F 6 -83.46 26.90 -50.36
CA ARG F 6 -82.70 26.31 -49.20
C ARG F 6 -83.54 26.28 -47.92
N ALA F 7 -83.96 27.47 -47.33
CA ALA F 7 -84.69 27.55 -46.11
C ALA F 7 -86.08 27.27 -46.43
N ILE F 8 -86.84 26.75 -45.38
CA ILE F 8 -88.26 26.43 -45.54
C ILE F 8 -88.81 26.64 -44.13
N THR F 9 -87.99 27.12 -43.16
CA THR F 9 -88.33 27.43 -41.78
C THR F 9 -87.74 28.75 -41.49
N VAL F 10 -88.45 29.81 -41.96
CA VAL F 10 -87.91 31.18 -41.97
C VAL F 10 -89.07 32.08 -41.87
N PHE F 11 -88.72 33.35 -41.35
CA PHE F 11 -89.72 34.42 -41.20
C PHE F 11 -90.51 34.67 -42.43
N SER F 12 -91.77 35.18 -42.16
CA SER F 12 -92.76 35.58 -43.13
C SER F 12 -93.02 37.04 -42.94
N PRO F 13 -93.78 37.71 -43.88
CA PRO F 13 -94.24 39.12 -43.79
C PRO F 13 -94.90 39.55 -42.48
N ASP F 14 -95.42 38.57 -41.72
CA ASP F 14 -96.06 38.72 -40.42
C ASP F 14 -95.02 39.22 -39.42
N GLY F 15 -93.87 38.59 -39.49
CA GLY F 15 -92.79 38.89 -38.67
C GLY F 15 -92.53 37.60 -37.96
N ARG F 16 -93.44 36.57 -38.04
CA ARG F 16 -93.24 35.33 -37.41
C ARG F 16 -93.24 34.16 -38.37
N LEU F 17 -92.46 33.06 -38.08
CA LEU F 17 -92.26 31.91 -38.98
C LEU F 17 -93.54 31.10 -38.96
N PHE F 18 -94.08 30.75 -40.14
CA PHE F 18 -95.32 30.11 -40.39
C PHE F 18 -95.32 28.76 -39.80
N GLN F 19 -94.12 28.00 -39.83
CA GLN F 19 -93.92 26.71 -39.23
C GLN F 19 -94.07 26.72 -37.75
N VAL F 20 -93.51 27.82 -37.05
CA VAL F 20 -93.50 27.97 -35.61
C VAL F 20 -94.87 28.27 -35.11
N GLU F 21 -95.75 28.92 -35.94
CA GLU F 21 -97.12 29.28 -35.60
C GLU F 21 -98.00 27.98 -35.41
N TYR F 22 -97.71 26.96 -36.24
CA TYR F 22 -98.46 25.70 -36.23
C TYR F 22 -98.01 24.85 -35.14
N ALA F 23 -96.67 24.99 -34.74
CA ALA F 23 -96.13 24.34 -33.66
C ALA F 23 -96.65 24.76 -32.33
N ARG F 24 -96.89 26.10 -32.16
CA ARG F 24 -97.51 26.73 -31.08
C ARG F 24 -98.97 26.22 -30.96
N GLU F 25 -99.58 25.90 -32.11
CA GLU F 25 -100.92 25.27 -32.10
C GLU F 25 -100.88 23.76 -31.87
N ALA F 26 -99.65 23.15 -32.02
CA ALA F 26 -99.57 21.63 -31.99
C ALA F 26 -99.26 21.04 -30.71
N VAL F 27 -99.30 21.90 -29.64
CA VAL F 27 -99.07 21.71 -28.20
C VAL F 27 -100.29 21.10 -27.55
N LYS F 28 -101.31 20.90 -28.37
CA LYS F 28 -102.56 20.41 -27.98
C LYS F 28 -102.85 19.01 -28.43
N ARG F 29 -101.83 18.25 -28.97
CA ARG F 29 -102.10 16.87 -29.37
C ARG F 29 -102.30 16.02 -28.16
N GLY F 30 -101.55 16.40 -27.13
CA GLY F 30 -101.63 15.69 -25.87
C GLY F 30 -102.67 16.21 -24.93
N ALA F 31 -102.75 15.59 -23.75
CA ALA F 31 -103.67 16.07 -22.74
C ALA F 31 -103.01 17.21 -22.01
N THR F 32 -103.89 18.07 -21.51
CA THR F 32 -103.62 19.30 -20.75
C THR F 32 -102.95 19.04 -19.46
N ALA F 33 -102.02 19.94 -19.07
CA ALA F 33 -101.27 19.83 -17.85
C ALA F 33 -101.29 21.17 -17.23
N ILE F 34 -101.50 21.25 -15.94
CA ILE F 34 -101.64 22.43 -15.09
C ILE F 34 -100.60 22.34 -13.94
N GLY F 35 -100.01 23.45 -13.53
CA GLY F 35 -99.06 23.62 -12.43
C GLY F 35 -99.54 24.90 -11.70
N ILE F 36 -99.52 24.89 -10.31
CA ILE F 36 -99.91 25.97 -9.50
C ILE F 36 -98.69 26.19 -8.58
N LYS F 37 -98.30 27.44 -8.31
CA LYS F 37 -97.20 27.75 -7.47
C LYS F 37 -97.78 28.48 -6.25
N CYS F 38 -97.33 28.03 -5.07
CA CYS F 38 -97.91 28.51 -3.86
C CYS F 38 -96.77 28.94 -3.03
N LYS F 39 -96.98 29.47 -1.85
CA LYS F 39 -95.85 29.96 -1.08
C LYS F 39 -95.26 28.93 -0.19
N GLU F 40 -95.74 27.68 -0.32
CA GLU F 40 -95.25 26.65 0.58
C GLU F 40 -94.58 25.64 -0.31
N GLY F 41 -94.75 25.85 -1.65
CA GLY F 41 -94.20 24.90 -2.57
C GLY F 41 -94.72 25.07 -3.93
N VAL F 42 -94.80 24.05 -4.77
CA VAL F 42 -95.30 24.12 -6.13
C VAL F 42 -95.89 22.72 -6.34
N ILE F 43 -97.03 22.55 -6.98
CA ILE F 43 -97.81 21.28 -7.17
C ILE F 43 -97.99 21.18 -8.69
N LEU F 44 -97.78 19.99 -9.33
CA LEU F 44 -97.80 19.73 -10.76
C LEU F 44 -98.83 18.65 -10.87
N ILE F 45 -99.76 18.81 -11.86
CA ILE F 45 -100.81 17.88 -12.14
C ILE F 45 -100.73 17.72 -13.60
N ALA F 46 -100.87 16.52 -14.03
CA ALA F 46 -101.08 16.20 -15.42
C ALA F 46 -102.06 15.10 -15.58
N ASP F 47 -102.94 15.18 -16.64
CA ASP F 47 -103.88 14.13 -16.91
C ASP F 47 -103.15 12.98 -17.49
N LYS F 48 -103.39 11.79 -16.87
CA LYS F 48 -102.88 10.48 -17.32
C LYS F 48 -104.05 9.61 -17.84
N ARG F 49 -105.31 10.29 -17.91
CA ARG F 49 -106.58 9.61 -18.19
C ARG F 49 -106.63 9.32 -19.63
N VAL F 50 -107.16 8.13 -19.95
CA VAL F 50 -107.45 7.50 -21.23
C VAL F 50 -108.68 6.60 -21.03
N GLY F 51 -109.63 6.53 -21.96
CA GLY F 51 -110.84 5.75 -21.83
C GLY F 51 -110.64 4.39 -22.35
N SER F 52 -109.43 3.98 -22.70
CA SER F 52 -109.11 2.76 -23.37
C SER F 52 -108.49 1.89 -22.31
N LYS F 53 -108.98 0.70 -22.02
CA LYS F 53 -108.42 -0.26 -21.13
C LYS F 53 -107.36 -1.01 -21.80
N LEU F 54 -107.25 -0.73 -23.10
CA LEU F 54 -106.26 -1.29 -23.89
C LEU F 54 -104.95 -0.60 -23.62
N LEU F 55 -105.02 0.77 -23.54
CA LEU F 55 -103.94 1.57 -23.05
C LEU F 55 -103.58 1.23 -21.58
N GLU F 56 -102.34 1.59 -21.14
CA GLU F 56 -101.98 1.65 -19.75
C GLU F 56 -102.49 3.04 -19.35
N ALA F 57 -103.25 3.11 -18.24
CA ALA F 57 -103.99 4.32 -17.82
C ALA F 57 -103.50 4.87 -16.57
N ASP F 58 -102.45 4.32 -15.95
CA ASP F 58 -102.06 4.47 -14.56
C ASP F 58 -100.57 4.19 -14.23
N THR F 59 -99.75 3.91 -15.27
CA THR F 59 -98.34 3.54 -15.04
C THR F 59 -97.58 4.38 -16.03
N ILE F 60 -98.21 4.76 -17.19
CA ILE F 60 -97.68 5.60 -18.22
C ILE F 60 -97.40 6.92 -17.63
N GLU F 61 -96.42 7.60 -18.06
CA GLU F 61 -96.00 8.87 -17.41
C GLU F 61 -96.75 9.96 -18.19
N LYS F 62 -96.97 11.11 -17.50
CA LYS F 62 -97.37 12.29 -18.12
C LYS F 62 -96.82 13.39 -17.19
N ILE F 63 -96.34 12.94 -16.07
CA ILE F 63 -95.44 13.74 -15.27
C ILE F 63 -94.19 12.93 -15.24
N TYR F 64 -93.15 13.62 -15.58
CA TYR F 64 -91.86 13.01 -15.75
C TYR F 64 -90.97 13.49 -14.62
N LYS F 65 -89.98 12.60 -14.20
CA LYS F 65 -88.96 12.96 -13.29
C LYS F 65 -87.76 13.44 -14.13
N ILE F 66 -87.30 14.67 -13.59
CA ILE F 66 -86.17 15.38 -14.23
C ILE F 66 -84.95 15.34 -13.42
N ASP F 67 -85.09 15.43 -12.09
CA ASP F 67 -83.94 15.55 -11.25
C ASP F 67 -84.57 15.09 -10.01
N GLU F 68 -83.98 15.28 -8.87
CA GLU F 68 -84.60 14.71 -7.71
C GLU F 68 -85.57 15.69 -7.03
N HIS F 69 -85.72 16.86 -7.66
CA HIS F 69 -86.25 17.97 -6.99
C HIS F 69 -86.90 18.86 -8.00
N ILE F 70 -86.78 18.46 -9.30
CA ILE F 70 -87.36 19.20 -10.37
C ILE F 70 -88.18 18.19 -11.21
N CYS F 71 -89.33 18.62 -11.80
CA CYS F 71 -90.19 17.74 -12.57
C CYS F 71 -90.72 18.49 -13.78
N ALA F 72 -91.49 17.75 -14.66
CA ALA F 72 -92.11 18.52 -15.71
C ALA F 72 -93.31 17.79 -16.27
N ALA F 73 -94.32 18.48 -16.87
CA ALA F 73 -95.51 17.79 -17.49
C ALA F 73 -95.65 18.38 -18.91
N THR F 74 -96.41 17.70 -19.77
CA THR F 74 -96.25 17.95 -21.23
C THR F 74 -97.60 17.89 -21.80
N SER F 75 -97.84 18.66 -22.87
CA SER F 75 -98.97 18.55 -23.69
C SER F 75 -98.42 18.86 -25.08
N GLY F 76 -98.98 18.20 -26.12
CA GLY F 76 -98.44 18.23 -27.40
C GLY F 76 -97.91 16.90 -27.61
N LEU F 77 -97.11 16.79 -28.76
CA LEU F 77 -96.71 15.50 -29.33
C LEU F 77 -95.91 14.79 -28.28
N VAL F 78 -96.17 13.48 -28.14
CA VAL F 78 -95.54 12.70 -27.19
C VAL F 78 -94.10 12.39 -27.64
N ALA F 79 -93.94 12.33 -29.00
CA ALA F 79 -92.76 11.95 -29.68
C ALA F 79 -91.73 12.92 -29.34
N ASP F 80 -92.10 14.20 -29.53
CA ASP F 80 -91.24 15.33 -29.32
C ASP F 80 -90.84 15.52 -27.88
N ALA F 81 -91.77 15.37 -26.95
CA ALA F 81 -91.75 15.57 -25.53
C ALA F 81 -90.71 14.76 -24.85
N ARG F 82 -90.64 13.45 -25.16
CA ARG F 82 -89.69 12.53 -24.60
C ARG F 82 -88.27 12.83 -24.83
N VAL F 83 -87.92 13.18 -26.06
CA VAL F 83 -86.57 13.53 -26.52
C VAL F 83 -86.19 14.79 -25.79
N LEU F 84 -87.14 15.81 -25.65
CA LEU F 84 -86.90 17.07 -25.01
C LEU F 84 -86.51 16.90 -23.54
N ILE F 85 -87.22 15.98 -22.88
CA ILE F 85 -87.09 15.75 -21.44
C ILE F 85 -85.96 14.92 -21.15
N ASP F 86 -85.34 14.11 -22.09
CA ASP F 86 -84.14 13.42 -21.89
C ASP F 86 -83.05 14.46 -21.84
N ARG F 87 -83.22 15.51 -22.72
CA ARG F 87 -82.31 16.65 -22.75
C ARG F 87 -82.27 17.41 -21.51
N ALA F 88 -83.47 17.65 -20.82
CA ALA F 88 -83.70 18.28 -19.51
C ALA F 88 -83.02 17.40 -18.42
N ARG F 89 -83.13 16.02 -18.34
CA ARG F 89 -82.66 15.11 -17.40
C ARG F 89 -81.14 15.26 -17.37
N ILE F 90 -80.50 15.30 -18.51
CA ILE F 90 -79.07 15.42 -18.68
C ILE F 90 -78.55 16.79 -18.26
N GLU F 91 -79.36 17.83 -18.61
CA GLU F 91 -79.08 19.21 -18.30
C GLU F 91 -79.01 19.49 -16.92
N ALA F 92 -79.76 18.83 -16.10
CA ALA F 92 -79.88 18.99 -14.70
C ALA F 92 -78.60 18.55 -13.99
N GLN F 93 -78.12 17.38 -14.50
CA GLN F 93 -76.92 16.73 -14.03
C GLN F 93 -75.71 17.61 -14.35
N ILE F 94 -75.77 18.42 -15.43
CA ILE F 94 -74.65 19.22 -15.90
C ILE F 94 -74.33 20.17 -14.76
N ASN F 95 -75.33 20.76 -14.11
CA ASN F 95 -75.08 21.67 -12.98
C ASN F 95 -74.57 20.95 -11.73
N ARG F 96 -75.16 19.80 -11.40
CA ARG F 96 -74.83 18.99 -10.29
C ARG F 96 -73.33 18.47 -10.43
N LEU F 97 -72.81 18.26 -11.63
CA LEU F 97 -71.53 17.73 -11.88
C LEU F 97 -70.58 18.94 -11.79
N THR F 98 -70.90 20.12 -12.40
CA THR F 98 -69.93 21.16 -12.66
C THR F 98 -69.81 22.21 -11.53
N TYR F 99 -70.77 22.18 -10.59
CA TYR F 99 -70.82 23.11 -9.47
C TYR F 99 -71.12 22.38 -8.21
N ASP F 100 -71.61 21.08 -8.25
CA ASP F 100 -72.05 20.26 -7.10
C ASP F 100 -73.03 20.98 -6.34
N GLU F 101 -74.12 21.39 -7.01
CA GLU F 101 -75.12 22.25 -6.40
C GLU F 101 -76.32 21.82 -7.14
N PRO F 102 -77.57 21.90 -6.62
CA PRO F 102 -78.82 21.90 -7.38
C PRO F 102 -78.88 22.84 -8.57
N ILE F 103 -79.68 22.42 -9.58
CA ILE F 103 -79.85 23.24 -10.76
C ILE F 103 -81.10 24.08 -10.39
N THR F 104 -81.00 25.36 -10.79
CA THR F 104 -82.03 26.36 -10.51
C THR F 104 -83.01 26.15 -11.63
N VAL F 105 -84.32 26.24 -11.34
CA VAL F 105 -85.38 26.07 -12.32
C VAL F 105 -85.29 27.05 -13.42
N LYS F 106 -84.84 28.34 -13.10
CA LYS F 106 -84.67 29.33 -14.08
C LYS F 106 -83.66 29.01 -15.14
N GLU F 107 -82.49 28.47 -14.67
CA GLU F 107 -81.33 28.12 -15.51
C GLU F 107 -81.57 26.92 -16.37
N LEU F 108 -82.29 25.86 -15.79
CA LEU F 108 -82.65 24.63 -16.47
C LEU F 108 -83.54 25.03 -17.64
N ALA F 109 -84.64 25.88 -17.33
CA ALA F 109 -85.54 26.32 -18.34
C ALA F 109 -84.84 27.10 -19.46
N LYS F 110 -83.91 28.08 -19.11
CA LYS F 110 -83.23 28.89 -20.10
C LYS F 110 -82.40 28.02 -20.98
N LYS F 111 -81.71 27.04 -20.45
CA LYS F 111 -80.73 26.35 -21.24
C LYS F 111 -81.32 25.46 -22.28
N ILE F 112 -82.44 24.82 -22.00
CA ILE F 112 -83.09 24.03 -22.94
C ILE F 112 -83.96 24.89 -23.81
N CYS F 113 -84.31 26.11 -23.36
CA CYS F 113 -85.07 27.01 -24.25
C CYS F 113 -84.21 27.41 -25.43
N ASP F 114 -82.90 27.71 -25.21
CA ASP F 114 -81.88 28.00 -26.24
C ASP F 114 -81.79 26.82 -27.22
N PHE F 115 -81.85 25.59 -26.72
CA PHE F 115 -81.84 24.38 -27.51
C PHE F 115 -83.04 24.34 -28.43
N LYS F 116 -84.24 24.72 -27.95
CA LYS F 116 -85.40 24.66 -28.81
C LYS F 116 -85.34 25.73 -29.85
N GLN F 117 -84.78 26.84 -29.50
CA GLN F 117 -84.67 28.02 -30.42
C GLN F 117 -83.78 27.77 -31.69
N GLN F 118 -82.65 26.95 -31.55
CA GLN F 118 -81.77 26.48 -32.58
C GLN F 118 -82.45 25.81 -33.69
N TYR F 119 -83.43 24.93 -33.41
CA TYR F 119 -84.05 24.19 -34.45
C TYR F 119 -85.17 25.01 -35.09
N THR F 120 -85.46 26.24 -34.60
CA THR F 120 -86.31 27.14 -35.19
C THR F 120 -85.65 27.96 -36.28
N GLN F 121 -84.35 28.22 -36.06
CA GLN F 121 -83.49 29.14 -36.86
C GLN F 121 -82.80 28.41 -37.95
N TYR F 122 -82.44 27.09 -37.65
CA TYR F 122 -81.95 26.21 -38.64
C TYR F 122 -83.06 25.83 -39.72
N GLY F 123 -82.66 25.68 -41.01
CA GLY F 123 -83.57 25.54 -42.12
C GLY F 123 -83.62 24.12 -42.68
N GLY F 124 -82.84 23.14 -42.16
CA GLY F 124 -82.72 21.84 -42.70
C GLY F 124 -83.38 20.85 -41.74
N VAL F 125 -83.96 21.44 -40.68
CA VAL F 125 -84.72 20.71 -39.66
C VAL F 125 -85.97 21.55 -39.28
N ARG F 126 -86.99 20.90 -38.68
CA ARG F 126 -88.19 21.48 -38.09
C ARG F 126 -87.98 21.44 -36.58
N PRO F 127 -88.54 22.34 -35.73
CA PRO F 127 -88.47 22.25 -34.31
C PRO F 127 -89.55 21.40 -33.73
N PHE F 128 -89.53 21.35 -32.36
CA PHE F 128 -90.42 20.66 -31.45
C PHE F 128 -91.85 21.12 -31.68
N GLY F 129 -92.83 20.25 -31.29
CA GLY F 129 -94.26 20.60 -31.26
C GLY F 129 -94.78 20.29 -29.91
N VAL F 130 -94.22 20.92 -28.88
CA VAL F 130 -94.48 20.43 -27.53
C VAL F 130 -94.37 21.55 -26.57
N SER F 131 -95.13 21.53 -25.43
CA SER F 131 -94.93 22.56 -24.44
C SER F 131 -94.67 21.70 -23.21
N LEU F 132 -93.91 22.24 -22.23
CA LEU F 132 -93.63 21.67 -20.97
C LEU F 132 -94.03 22.65 -19.95
N LEU F 133 -94.30 22.25 -18.71
CA LEU F 133 -94.45 23.08 -17.62
C LEU F 133 -93.40 22.52 -16.67
N ILE F 134 -92.48 23.39 -16.18
CA ILE F 134 -91.38 22.99 -15.31
C ILE F 134 -91.69 23.64 -13.97
N ALA F 135 -91.54 22.78 -12.98
CA ALA F 135 -91.79 23.17 -11.63
C ALA F 135 -90.73 22.61 -10.74
N GLY F 136 -90.30 23.49 -9.80
CA GLY F 136 -89.37 23.05 -8.79
C GLY F 136 -89.34 24.07 -7.69
N VAL F 137 -88.34 23.88 -6.74
CA VAL F 137 -88.07 24.85 -5.67
C VAL F 137 -86.56 24.81 -5.58
N ASP F 138 -85.92 25.98 -5.54
CA ASP F 138 -84.51 26.08 -5.17
C ASP F 138 -84.45 27.13 -4.13
N GLU F 139 -84.52 28.45 -4.54
CA GLU F 139 -84.32 29.66 -3.67
C GLU F 139 -85.74 30.21 -3.45
N VAL F 140 -86.65 29.84 -4.36
CA VAL F 140 -88.06 30.07 -4.14
C VAL F 140 -88.67 29.07 -5.01
N PRO F 141 -89.98 28.77 -4.81
CA PRO F 141 -90.81 28.06 -5.80
C PRO F 141 -90.78 28.79 -7.22
N LYS F 142 -90.70 27.98 -8.26
CA LYS F 142 -90.66 28.48 -9.58
C LYS F 142 -91.54 27.69 -10.38
N LEU F 143 -92.33 28.39 -11.25
CA LEU F 143 -93.21 27.82 -12.24
C LEU F 143 -92.81 28.59 -13.48
N TYR F 144 -92.32 27.85 -14.50
CA TYR F 144 -92.08 28.48 -15.81
C TYR F 144 -92.89 27.55 -16.81
N GLU F 145 -93.14 28.12 -18.00
CA GLU F 145 -93.77 27.43 -19.10
C GLU F 145 -92.83 27.61 -20.21
N THR F 146 -92.51 26.51 -20.89
CA THR F 146 -91.51 26.50 -21.99
C THR F 146 -92.28 26.10 -23.20
N ASP F 147 -91.94 26.86 -24.36
CA ASP F 147 -92.79 26.81 -25.50
C ASP F 147 -92.00 26.02 -26.52
N PRO F 148 -92.56 25.55 -27.58
CA PRO F 148 -91.85 25.01 -28.71
C PRO F 148 -91.11 26.08 -29.58
N SER F 149 -91.44 27.33 -29.37
CA SER F 149 -90.71 28.44 -29.91
C SER F 149 -89.45 28.59 -29.18
N GLY F 150 -89.43 28.15 -27.87
CA GLY F 150 -88.28 28.33 -27.00
C GLY F 150 -88.42 29.50 -26.15
N ALA F 151 -89.65 30.15 -26.04
CA ALA F 151 -89.90 31.34 -25.24
C ALA F 151 -90.14 30.89 -23.86
N LEU F 152 -89.95 31.83 -22.92
CA LEU F 152 -90.05 31.49 -21.55
C LEU F 152 -90.96 32.48 -21.05
N LEU F 153 -91.88 31.93 -20.22
CA LEU F 153 -92.94 32.71 -19.64
C LEU F 153 -92.99 32.12 -18.27
N GLU F 154 -92.93 33.08 -17.27
CA GLU F 154 -93.15 32.79 -15.88
C GLU F 154 -94.61 33.00 -15.68
N TYR F 155 -95.19 32.28 -14.77
CA TYR F 155 -96.61 32.41 -14.50
C TYR F 155 -96.72 32.03 -13.08
N LYS F 156 -97.88 32.57 -12.49
CA LYS F 156 -98.34 32.37 -11.19
C LYS F 156 -98.97 30.97 -11.27
N ALA F 157 -99.85 30.86 -12.26
CA ALA F 157 -100.61 29.64 -12.49
C ALA F 157 -100.90 29.55 -13.99
N THR F 158 -100.65 28.36 -14.61
CA THR F 158 -100.93 28.39 -16.05
C THR F 158 -101.17 26.99 -16.34
N ALA F 159 -101.60 26.71 -17.60
CA ALA F 159 -101.77 25.40 -18.13
C ALA F 159 -101.51 25.46 -19.53
N ILE F 160 -101.10 24.31 -20.08
CA ILE F 160 -100.68 24.05 -21.39
C ILE F 160 -101.66 23.11 -21.88
N GLY F 161 -101.82 23.05 -23.24
CA GLY F 161 -102.73 22.08 -23.91
C GLY F 161 -103.92 23.00 -24.24
N MET F 162 -105.10 22.32 -24.37
CA MET F 162 -106.28 22.95 -24.96
C MET F 162 -107.23 23.33 -23.85
N GLY F 163 -106.87 22.84 -22.67
CA GLY F 163 -107.43 23.26 -21.38
C GLY F 163 -106.85 24.58 -20.93
N ARG F 164 -105.81 25.08 -21.66
CA ARG F 164 -105.15 26.37 -21.37
C ARG F 164 -106.08 27.46 -21.40
N ASN F 165 -106.91 27.52 -22.46
CA ASN F 165 -107.75 28.68 -22.69
C ASN F 165 -108.78 28.85 -21.67
N ALA F 166 -109.27 27.63 -21.23
CA ALA F 166 -110.29 27.50 -20.29
C ALA F 166 -109.94 28.02 -18.88
N VAL F 167 -108.72 27.69 -18.45
CA VAL F 167 -108.28 27.96 -17.12
C VAL F 167 -107.83 29.36 -17.03
N THR F 168 -107.54 29.97 -18.23
CA THR F 168 -107.00 31.29 -18.19
C THR F 168 -108.14 32.17 -17.67
N GLU F 169 -109.39 31.95 -18.04
CA GLU F 169 -110.57 32.54 -17.46
C GLU F 169 -110.79 32.18 -15.98
N PHE F 170 -110.58 30.89 -15.57
CA PHE F 170 -110.72 30.43 -14.19
C PHE F 170 -109.82 31.08 -13.22
N PHE F 171 -108.56 31.21 -13.64
CA PHE F 171 -107.57 31.70 -12.72
C PHE F 171 -107.70 33.14 -12.45
N GLU F 172 -108.51 33.84 -13.31
CA GLU F 172 -108.58 35.27 -13.28
C GLU F 172 -109.60 35.58 -12.31
N LYS F 173 -110.67 34.71 -12.20
CA LYS F 173 -111.81 34.84 -11.32
C LYS F 173 -111.47 34.17 -10.02
N GLU F 174 -110.52 33.26 -9.91
CA GLU F 174 -110.30 32.57 -8.66
C GLU F 174 -108.82 32.23 -8.74
N TYR F 175 -108.06 32.79 -7.78
CA TYR F 175 -106.68 32.59 -7.70
C TYR F 175 -106.30 33.53 -6.63
N ARG F 176 -106.07 32.93 -5.48
CA ARG F 176 -105.42 33.69 -4.39
C ARG F 176 -103.93 33.57 -4.58
N ASP F 177 -103.17 34.58 -4.01
CA ASP F 177 -101.70 34.49 -4.07
C ASP F 177 -101.35 33.70 -2.87
N ASP F 178 -102.16 33.85 -1.79
CA ASP F 178 -101.93 33.18 -0.49
C ASP F 178 -102.64 31.88 -0.63
N LEU F 179 -101.87 30.80 -0.91
CA LEU F 179 -102.31 29.48 -0.97
C LEU F 179 -101.49 28.69 -0.07
N SER F 180 -102.12 27.72 0.61
CA SER F 180 -101.39 26.74 1.34
C SER F 180 -101.08 25.66 0.36
N PHE F 181 -100.32 24.72 0.87
CA PHE F 181 -99.91 23.58 0.02
C PHE F 181 -101.13 22.73 -0.45
N ASP F 182 -102.13 22.50 0.50
CA ASP F 182 -103.43 21.71 0.37
C ASP F 182 -104.43 22.42 -0.51
N ASP F 183 -104.55 23.79 -0.46
CA ASP F 183 -105.42 24.67 -1.17
C ASP F 183 -105.02 24.71 -2.63
N ALA F 184 -103.71 24.71 -2.84
CA ALA F 184 -103.03 24.67 -4.15
C ALA F 184 -103.33 23.42 -4.94
N MET F 185 -103.32 22.38 -4.11
CA MET F 185 -103.59 21.05 -4.63
C MET F 185 -105.12 20.83 -5.13
N VAL F 186 -106.16 21.23 -4.29
CA VAL F 186 -107.52 21.07 -4.75
C VAL F 186 -107.79 22.12 -5.91
N LEU F 187 -107.10 23.28 -5.92
CA LEU F 187 -107.10 24.26 -6.93
C LEU F 187 -106.60 23.72 -8.29
N GLY F 188 -105.59 22.82 -8.29
CA GLY F 188 -105.19 22.27 -9.57
C GLY F 188 -106.09 21.15 -10.05
N LEU F 189 -106.62 20.35 -9.08
CA LEU F 189 -107.60 19.40 -9.38
C LEU F 189 -108.86 19.96 -9.97
N VAL F 190 -109.47 21.05 -9.33
CA VAL F 190 -110.66 21.58 -9.96
C VAL F 190 -110.41 22.22 -11.31
N ALA F 191 -109.29 22.98 -11.46
CA ALA F 191 -108.94 23.63 -12.71
C ALA F 191 -108.78 22.59 -13.79
N MET F 192 -108.26 21.35 -13.45
CA MET F 192 -107.94 20.26 -14.39
C MET F 192 -109.30 19.75 -14.87
N GLY F 193 -110.23 19.62 -13.90
CA GLY F 193 -111.61 19.12 -14.06
C GLY F 193 -112.32 19.77 -15.24
N LEU F 194 -112.28 21.16 -15.27
CA LEU F 194 -112.95 21.89 -16.28
C LEU F 194 -112.39 21.70 -17.64
N SER F 195 -111.08 21.56 -17.60
CA SER F 195 -110.23 21.36 -18.77
C SER F 195 -110.47 20.12 -19.52
N ILE F 196 -110.67 19.03 -18.77
CA ILE F 196 -110.88 17.73 -19.26
C ILE F 196 -112.37 17.39 -19.32
N GLU F 197 -113.25 18.28 -18.73
CA GLU F 197 -114.70 18.33 -18.92
C GLU F 197 -115.35 17.11 -18.35
N SER F 198 -115.03 16.84 -17.09
CA SER F 198 -115.46 15.64 -16.37
C SER F 198 -115.12 15.80 -14.92
N GLU F 199 -115.85 15.06 -14.10
CA GLU F 199 -115.56 14.99 -12.71
C GLU F 199 -114.50 13.91 -12.55
N LEU F 200 -113.47 14.22 -11.74
CA LEU F 200 -112.28 13.45 -11.55
C LEU F 200 -112.47 12.04 -11.08
N VAL F 201 -111.61 11.10 -11.53
CA VAL F 201 -111.46 9.83 -10.98
C VAL F 201 -110.03 10.04 -10.57
N PRO F 202 -109.67 9.74 -9.28
CA PRO F 202 -108.39 10.12 -8.80
C PRO F 202 -107.44 8.96 -9.15
N GLU F 203 -107.91 7.83 -9.69
CA GLU F 203 -107.09 6.61 -9.80
C GLU F 203 -106.46 6.57 -11.18
N ASN F 204 -106.54 7.66 -12.01
CA ASN F 204 -105.97 7.61 -13.35
C ASN F 204 -105.43 8.90 -13.74
N ILE F 205 -105.11 9.70 -12.69
CA ILE F 205 -104.55 10.99 -12.94
C ILE F 205 -103.21 11.03 -12.12
N GLU F 206 -102.20 11.80 -12.55
CA GLU F 206 -100.91 11.83 -11.92
C GLU F 206 -100.64 13.16 -11.42
N VAL F 207 -100.18 13.21 -10.14
CA VAL F 207 -99.92 14.41 -9.39
C VAL F 207 -98.72 13.97 -8.62
N GLY F 208 -97.80 14.93 -8.62
CA GLY F 208 -96.57 14.95 -7.84
C GLY F 208 -96.26 16.40 -7.41
N TYR F 209 -95.30 16.58 -6.43
CA TYR F 209 -95.02 17.86 -6.00
C TYR F 209 -93.72 17.87 -5.23
N VAL F 210 -93.28 19.19 -5.06
CA VAL F 210 -92.07 19.75 -4.57
C VAL F 210 -92.42 20.75 -3.53
N LYS F 211 -91.73 20.73 -2.37
CA LYS F 211 -92.00 21.48 -1.17
C LYS F 211 -90.93 22.44 -0.84
N VAL F 212 -91.25 23.55 -0.20
CA VAL F 212 -90.23 24.55 0.30
C VAL F 212 -89.38 23.94 1.32
N ASP F 213 -89.95 23.14 2.31
CA ASP F 213 -89.27 22.48 3.38
C ASP F 213 -88.36 21.33 2.96
N ASP F 214 -88.73 20.45 2.00
CA ASP F 214 -87.92 19.30 1.58
C ASP F 214 -87.09 19.63 0.44
N ARG F 215 -87.64 20.24 -0.58
CA ARG F 215 -87.00 20.57 -1.85
C ARG F 215 -86.68 19.23 -2.43
N THR F 216 -87.65 18.27 -2.34
CA THR F 216 -87.70 16.95 -2.92
C THR F 216 -89.05 16.64 -3.56
N PHE F 217 -89.03 16.34 -4.91
CA PHE F 217 -90.07 15.79 -5.70
C PHE F 217 -90.50 14.38 -5.27
N LYS F 218 -91.82 14.17 -5.15
CA LYS F 218 -92.34 12.82 -5.05
C LYS F 218 -93.60 12.81 -5.86
N GLU F 219 -94.02 11.62 -6.25
CA GLU F 219 -95.27 11.36 -6.87
C GLU F 219 -96.17 10.73 -5.90
N VAL F 220 -97.38 11.29 -5.73
CA VAL F 220 -98.42 11.15 -4.74
C VAL F 220 -99.23 9.88 -5.11
N SER F 221 -99.33 9.05 -4.06
CA SER F 221 -100.11 7.81 -4.12
C SER F 221 -101.56 8.04 -4.39
N PRO F 222 -102.33 7.24 -5.16
CA PRO F 222 -103.79 7.36 -5.30
C PRO F 222 -104.68 7.40 -4.13
N GLU F 223 -104.25 6.81 -2.97
CA GLU F 223 -105.05 6.82 -1.80
C GLU F 223 -105.21 8.21 -1.19
N GLU F 224 -104.08 9.01 -1.20
CA GLU F 224 -103.93 10.34 -0.74
C GLU F 224 -104.66 11.32 -1.64
N LEU F 225 -104.74 11.00 -2.92
CA LEU F 225 -105.43 11.84 -3.85
C LEU F 225 -106.91 11.90 -3.56
N LYS F 226 -107.47 10.75 -3.13
CA LYS F 226 -108.93 10.59 -2.97
C LYS F 226 -109.61 11.71 -2.13
N PRO F 227 -109.23 12.09 -0.87
CA PRO F 227 -109.81 13.19 -0.18
C PRO F 227 -109.85 14.50 -0.94
N TYR F 228 -108.81 14.87 -1.74
CA TYR F 228 -108.73 16.15 -2.32
C TYR F 228 -109.70 16.21 -3.47
N VAL F 229 -109.73 15.06 -4.19
CA VAL F 229 -110.58 14.88 -5.33
C VAL F 229 -112.03 14.90 -4.95
N GLU F 230 -112.49 14.37 -3.83
CA GLU F 230 -113.91 14.30 -3.35
C GLU F 230 -114.41 15.72 -3.11
N ARG F 231 -113.51 16.61 -2.60
CA ARG F 231 -113.70 18.04 -2.51
C ARG F 231 -113.79 18.70 -3.88
N ALA F 232 -112.94 18.31 -4.88
CA ALA F 232 -112.78 18.96 -6.13
C ALA F 232 -113.92 18.74 -6.96
N ASN F 233 -114.53 17.51 -6.86
CA ASN F 233 -115.65 17.05 -7.59
C ASN F 233 -116.88 17.79 -7.53
N GLU F 234 -117.32 18.25 -6.32
CA GLU F 234 -118.43 19.10 -6.04
C GLU F 234 -118.37 20.48 -6.77
N ARG F 235 -117.16 21.14 -6.78
CA ARG F 235 -116.95 22.38 -7.35
C ARG F 235 -116.88 22.29 -8.83
N ILE F 236 -116.29 21.20 -9.34
CA ILE F 236 -116.10 20.97 -10.77
C ILE F 236 -117.49 20.86 -11.44
N ARG F 237 -118.43 20.15 -10.76
CA ARG F 237 -119.81 19.71 -11.14
C ARG F 237 -120.70 20.93 -11.14
N GLU F 238 -120.49 21.82 -10.18
CA GLU F 238 -121.27 23.09 -10.08
C GLU F 238 -121.01 23.98 -11.28
N LEU F 239 -119.75 24.16 -11.70
CA LEU F 239 -119.32 24.92 -12.84
C LEU F 239 -119.55 24.25 -14.15
N LEU F 240 -119.68 22.95 -14.19
CA LEU F 240 -120.04 22.21 -15.40
C LEU F 240 -121.46 21.99 -15.51
N LYS F 241 -122.17 23.07 -15.21
CA LYS F 241 -123.55 23.35 -15.52
C LYS F 241 -123.67 24.79 -15.81
N LYS F 242 -122.61 25.62 -15.47
CA LYS F 242 -122.48 26.96 -15.92
C LYS F 242 -122.17 26.97 -17.40
N GLN G 1 33.51 -7.68 37.53
CA GLN G 1 32.28 -8.30 36.98
C GLN G 1 32.59 -8.99 35.67
N MET G 2 32.63 -8.24 34.58
CA MET G 2 33.08 -8.71 33.25
C MET G 2 32.16 -9.63 32.48
N GLY G 3 31.64 -9.07 31.35
CA GLY G 3 30.83 -9.69 30.31
C GLY G 3 29.40 -9.80 30.71
N TYR G 4 28.92 -9.13 31.75
CA TYR G 4 27.53 -9.13 32.19
C TYR G 4 27.09 -7.73 32.17
N ASP G 5 27.87 -6.90 31.33
CA ASP G 5 27.74 -5.47 31.37
C ASP G 5 28.22 -4.94 30.06
N ARG G 6 28.39 -5.82 29.05
CA ARG G 6 28.84 -5.42 27.72
C ARG G 6 27.67 -5.74 26.80
N ALA G 7 26.41 -5.71 27.25
CA ALA G 7 25.26 -5.79 26.38
C ALA G 7 24.02 -5.43 27.17
N ILE G 8 22.90 -5.35 26.43
CA ILE G 8 21.66 -5.02 27.06
C ILE G 8 20.77 -6.26 26.98
N THR G 9 21.36 -7.45 26.62
CA THR G 9 20.75 -8.71 26.44
C THR G 9 20.98 -9.48 27.80
N VAL G 10 21.98 -9.12 28.58
CA VAL G 10 22.37 -9.88 29.74
C VAL G 10 21.76 -9.38 30.95
N PHE G 11 21.89 -10.16 32.06
CA PHE G 11 21.57 -9.79 33.40
C PHE G 11 22.91 -10.14 34.08
N SER G 12 23.09 -9.60 35.30
CA SER G 12 24.19 -9.92 36.13
C SER G 12 23.62 -10.95 37.10
N PRO G 13 24.45 -11.72 37.87
CA PRO G 13 24.10 -12.52 39.02
C PRO G 13 23.32 -11.72 39.99
N ASP G 14 23.61 -10.35 40.15
CA ASP G 14 23.01 -9.45 41.08
C ASP G 14 21.56 -9.32 40.81
N GLY G 15 21.14 -9.01 39.54
CA GLY G 15 19.72 -8.86 39.18
C GLY G 15 19.63 -7.49 38.51
N ARG G 16 20.70 -6.75 38.44
CA ARG G 16 20.87 -5.41 37.96
C ARG G 16 21.18 -5.55 36.52
N LEU G 17 21.03 -4.46 35.76
CA LEU G 17 21.43 -4.28 34.39
C LEU G 17 22.47 -3.29 34.38
N PHE G 18 23.74 -3.72 34.23
CA PHE G 18 24.87 -2.83 34.46
C PHE G 18 25.05 -1.92 33.36
N GLN G 19 24.48 -2.33 32.19
CA GLN G 19 24.42 -1.54 31.00
C GLN G 19 23.54 -0.32 31.18
N VAL G 20 22.43 -0.52 31.81
CA VAL G 20 21.62 0.53 32.25
C VAL G 20 22.20 1.31 33.31
N GLU G 21 22.97 0.69 34.25
CA GLU G 21 23.37 1.40 35.47
C GLU G 21 24.58 2.10 35.05
N TYR G 22 25.13 1.97 33.81
CA TYR G 22 26.31 2.76 33.33
C TYR G 22 25.75 3.79 32.42
N ALA G 23 24.49 3.69 31.97
CA ALA G 23 23.78 4.68 31.27
C ALA G 23 23.25 5.72 32.23
N ARG G 24 23.21 5.27 33.49
CA ARG G 24 22.85 6.10 34.57
C ARG G 24 24.08 6.79 35.09
N GLU G 25 25.28 6.18 34.85
CA GLU G 25 26.53 6.78 35.16
C GLU G 25 26.87 7.89 34.16
N ALA G 26 26.26 7.77 32.93
CA ALA G 26 26.45 8.71 31.84
C ALA G 26 25.81 10.03 32.24
N VAL G 27 24.67 9.90 32.91
CA VAL G 27 24.06 11.03 33.60
C VAL G 27 24.99 11.61 34.70
N LYS G 28 25.64 10.80 35.53
CA LYS G 28 26.26 11.27 36.74
C LYS G 28 27.37 12.29 36.49
N ARG G 29 28.16 12.08 35.42
CA ARG G 29 29.18 12.89 34.89
C ARG G 29 28.50 14.00 34.09
N GLY G 30 28.22 15.12 34.74
CA GLY G 30 27.76 16.42 34.21
C GLY G 30 26.26 16.36 33.81
N ALA G 31 25.38 17.39 34.15
CA ALA G 31 25.66 18.56 34.93
C ALA G 31 24.27 18.76 35.53
N THR G 32 24.29 19.39 36.70
CA THR G 32 23.16 19.57 37.48
C THR G 32 21.91 20.10 36.89
N ALA G 33 20.84 19.31 37.18
CA ALA G 33 19.47 19.55 36.95
C ALA G 33 18.78 19.20 38.23
N ILE G 34 17.96 20.18 38.74
CA ILE G 34 17.37 20.14 40.00
C ILE G 34 15.84 20.33 39.88
N GLY G 35 15.02 19.65 40.69
CA GLY G 35 13.59 20.00 40.78
C GLY G 35 13.28 20.15 42.18
N ILE G 36 12.39 21.10 42.46
CA ILE G 36 11.86 21.33 43.79
C ILE G 36 10.38 21.77 43.78
N LYS G 37 9.48 21.05 44.49
CA LYS G 37 8.06 21.22 44.55
C LYS G 37 7.68 22.01 45.73
N CYS G 38 6.41 22.59 45.61
CA CYS G 38 5.79 23.38 46.66
C CYS G 38 4.24 23.23 46.41
N LYS G 39 3.47 24.03 47.15
CA LYS G 39 2.02 23.93 46.95
C LYS G 39 1.59 25.07 46.04
N GLU G 40 2.52 25.97 45.63
CA GLU G 40 2.32 27.03 44.76
C GLU G 40 2.69 26.65 43.31
N GLY G 41 3.20 25.37 43.16
CA GLY G 41 3.73 25.07 41.84
C GLY G 41 4.83 24.07 42.05
N VAL G 42 5.70 24.05 40.92
CA VAL G 42 6.94 23.31 40.84
C VAL G 42 7.87 24.13 40.03
N ILE G 43 9.15 24.11 40.48
CA ILE G 43 10.19 24.99 40.01
C ILE G 43 11.25 24.10 39.53
N LEU G 44 11.80 24.41 38.31
CA LEU G 44 12.74 23.63 37.71
C LEU G 44 13.90 24.54 37.43
N ILE G 45 15.07 24.23 37.95
CA ILE G 45 16.27 25.01 37.84
C ILE G 45 17.35 24.10 37.32
N ALA G 46 18.20 24.63 36.36
CA ALA G 46 19.31 23.89 35.80
C ALA G 46 20.38 24.90 35.42
N ASP G 47 21.65 24.47 35.57
CA ASP G 47 22.84 25.33 35.27
C ASP G 47 22.92 25.61 33.78
N LYS G 48 23.59 26.72 33.39
CA LYS G 48 23.68 27.10 31.97
C LYS G 48 25.08 27.69 32.01
N ARG G 49 26.03 27.11 32.78
CA ARG G 49 27.38 27.30 32.49
C ARG G 49 27.76 26.06 31.80
N VAL G 50 28.23 26.27 30.60
CA VAL G 50 28.74 25.22 29.77
C VAL G 50 29.92 25.84 29.18
N GLY G 51 31.03 25.11 29.34
CA GLY G 51 32.41 25.32 28.85
C GLY G 51 32.85 26.68 29.12
N SER G 52 33.79 27.18 28.26
CA SER G 52 34.31 28.54 28.54
C SER G 52 33.46 29.72 28.10
N LYS G 53 34.12 30.86 27.74
CA LYS G 53 33.37 32.05 27.31
C LYS G 53 33.25 31.95 25.80
N LEU G 54 33.76 30.85 25.17
CA LEU G 54 33.61 30.69 23.77
C LEU G 54 32.20 30.49 23.43
N LEU G 55 31.54 29.54 24.18
CA LEU G 55 30.15 29.18 24.16
C LEU G 55 29.31 30.38 24.54
N GLU G 56 28.08 30.43 24.03
CA GLU G 56 27.13 31.51 24.39
C GLU G 56 26.27 31.16 25.50
N ALA G 57 26.17 32.02 26.55
CA ALA G 57 25.58 31.51 27.78
C ALA G 57 24.22 32.13 28.06
N ASP G 58 23.43 32.29 27.01
CA ASP G 58 22.08 32.70 27.15
C ASP G 58 21.24 31.77 26.29
N THR G 59 21.92 30.75 25.74
CA THR G 59 21.32 29.66 25.02
C THR G 59 22.10 28.40 25.23
N ILE G 60 21.38 27.23 25.10
CA ILE G 60 21.81 25.89 25.30
C ILE G 60 22.18 25.81 26.81
N GLU G 61 21.15 25.79 27.78
CA GLU G 61 19.72 25.73 27.76
C GLU G 61 19.50 24.31 28.06
N LYS G 62 19.12 24.03 29.32
CA LYS G 62 18.67 22.74 29.79
C LYS G 62 17.18 22.72 29.78
N ILE G 63 16.53 23.92 29.77
CA ILE G 63 15.14 24.05 30.18
C ILE G 63 14.40 24.16 28.84
N TYR G 64 13.81 23.00 28.39
CA TYR G 64 12.98 22.79 27.27
C TYR G 64 11.53 22.94 27.62
N LYS G 65 10.77 23.58 26.78
CA LYS G 65 9.30 23.49 26.82
C LYS G 65 8.90 22.23 26.10
N ILE G 66 7.88 21.57 26.68
CA ILE G 66 7.40 20.34 26.11
C ILE G 66 5.90 20.60 25.88
N ASP G 67 5.27 21.25 26.79
CA ASP G 67 3.87 21.70 26.74
C ASP G 67 3.81 23.11 27.20
N GLU G 68 2.51 23.56 27.39
CA GLU G 68 2.29 24.88 27.68
C GLU G 68 2.30 25.02 29.18
N HIS G 69 2.45 23.81 29.89
CA HIS G 69 2.63 23.76 31.24
C HIS G 69 3.37 22.53 31.64
N ILE G 70 4.19 21.90 30.75
CA ILE G 70 5.03 20.78 31.11
C ILE G 70 6.40 21.15 30.53
N CYS G 71 7.51 20.95 31.36
CA CYS G 71 8.82 21.34 30.99
C CYS G 71 9.70 20.34 31.73
N ALA G 72 10.91 20.05 31.10
CA ALA G 72 11.85 19.11 31.71
C ALA G 72 13.25 19.62 31.52
N ALA G 73 14.12 19.29 32.55
CA ALA G 73 15.54 19.57 32.44
C ALA G 73 16.15 18.29 32.35
N THR G 74 17.39 18.37 31.80
CA THR G 74 18.18 17.27 31.42
C THR G 74 19.42 17.22 32.08
N SER G 75 19.93 16.00 32.19
CA SER G 75 21.31 15.75 32.64
C SER G 75 21.68 14.49 31.93
N GLY G 76 22.93 14.44 31.34
CA GLY G 76 23.51 13.32 30.64
C GLY G 76 23.56 13.79 29.20
N LEU G 77 23.84 12.83 28.24
CA LEU G 77 24.16 13.10 26.84
C LEU G 77 23.19 14.09 26.23
N VAL G 78 23.77 15.01 25.37
CA VAL G 78 22.96 15.95 24.69
C VAL G 78 22.31 15.32 23.53
N ALA G 79 22.98 14.30 22.91
CA ALA G 79 22.44 13.59 21.80
C ALA G 79 21.19 12.86 22.03
N ASP G 80 21.03 12.14 23.15
CA ASP G 80 19.80 11.58 23.63
C ASP G 80 18.90 12.70 24.13
N ALA G 81 19.34 13.86 24.59
CA ALA G 81 18.49 14.89 25.19
C ALA G 81 17.51 15.43 24.07
N ARG G 82 18.03 15.73 22.86
CA ARG G 82 17.35 16.29 21.66
C ARG G 82 16.27 15.41 21.10
N VAL G 83 16.57 14.17 21.02
CA VAL G 83 15.75 13.22 20.43
C VAL G 83 14.64 12.81 21.44
N LEU G 84 14.92 12.58 22.68
CA LEU G 84 13.92 12.34 23.69
C LEU G 84 13.06 13.46 23.92
N ILE G 85 13.55 14.73 23.96
CA ILE G 85 12.66 15.89 24.14
C ILE G 85 11.73 16.03 22.94
N ASP G 86 12.14 15.67 21.71
CA ASP G 86 11.33 15.71 20.48
C ASP G 86 10.18 14.76 20.64
N ARG G 87 10.48 13.53 21.14
CA ARG G 87 9.52 12.53 21.50
C ARG G 87 8.53 13.11 22.55
N ALA G 88 9.04 13.84 23.55
CA ALA G 88 8.16 14.29 24.60
C ALA G 88 7.14 15.25 24.13
N ARG G 89 7.65 16.13 23.25
CA ARG G 89 6.82 17.11 22.59
C ARG G 89 5.68 16.49 21.82
N ILE G 90 5.99 15.43 21.00
CA ILE G 90 5.11 14.75 20.11
C ILE G 90 4.03 14.03 20.93
N GLU G 91 4.42 13.34 21.99
CA GLU G 91 3.46 12.64 22.85
C GLU G 91 2.47 13.67 23.65
N ALA G 92 2.96 14.88 23.96
CA ALA G 92 2.16 15.86 24.61
C ALA G 92 1.05 16.33 23.79
N GLN G 93 1.40 16.67 22.56
CA GLN G 93 0.53 17.11 21.53
C GLN G 93 -0.27 15.99 21.00
N ILE G 94 0.14 14.73 21.17
CA ILE G 94 -0.74 13.62 20.86
C ILE G 94 -1.91 13.45 21.77
N ASN G 95 -1.73 13.70 23.07
CA ASN G 95 -2.82 13.69 24.08
C ASN G 95 -3.83 14.79 23.76
N ARG G 96 -3.38 16.01 23.28
CA ARG G 96 -4.26 16.94 22.75
C ARG G 96 -4.97 16.47 21.51
N LEU G 97 -4.30 15.70 20.65
CA LEU G 97 -4.85 15.31 19.33
C LEU G 97 -5.98 14.46 19.61
N THR G 98 -5.87 13.48 20.54
CA THR G 98 -6.85 12.40 20.56
C THR G 98 -7.88 12.45 21.75
N TYR G 99 -7.62 13.35 22.78
CA TYR G 99 -8.57 13.49 23.91
C TYR G 99 -8.93 14.93 24.09
N ASP G 100 -8.17 15.85 23.43
CA ASP G 100 -8.30 17.26 23.56
C ASP G 100 -8.11 17.68 25.03
N GLU G 101 -7.15 16.99 25.68
CA GLU G 101 -6.74 17.28 27.02
C GLU G 101 -5.31 17.65 26.91
N PRO G 102 -4.80 18.71 27.44
CA PRO G 102 -3.43 18.87 27.76
C PRO G 102 -2.92 17.73 28.60
N ILE G 103 -1.73 17.08 28.32
CA ILE G 103 -1.31 15.90 29.03
C ILE G 103 -1.15 16.20 30.50
N THR G 104 -1.63 15.28 31.32
CA THR G 104 -1.36 15.31 32.79
C THR G 104 0.00 14.82 33.10
N VAL G 105 0.66 15.32 34.16
CA VAL G 105 2.10 15.10 34.38
C VAL G 105 2.45 13.63 34.67
N LYS G 106 1.62 12.93 35.42
CA LYS G 106 1.79 11.50 35.66
C LYS G 106 1.75 10.67 34.46
N GLU G 107 0.78 10.92 33.56
CA GLU G 107 0.62 10.31 32.32
C GLU G 107 1.75 10.61 31.40
N LEU G 108 2.31 11.85 31.41
CA LEU G 108 3.43 12.17 30.50
C LEU G 108 4.66 11.37 30.87
N ALA G 109 4.90 11.29 32.22
CA ALA G 109 6.02 10.63 32.82
C ALA G 109 5.85 9.12 32.52
N LYS G 110 4.62 8.56 32.60
CA LYS G 110 4.45 7.12 32.40
C LYS G 110 4.92 6.72 30.96
N LYS G 111 4.46 7.53 29.98
CA LYS G 111 4.72 7.41 28.60
C LYS G 111 6.22 7.50 28.25
N ILE G 112 7.00 8.47 28.79
CA ILE G 112 8.33 8.70 28.41
C ILE G 112 9.19 7.69 29.08
N CYS G 113 8.72 7.09 30.26
CA CYS G 113 9.35 5.92 30.84
C CYS G 113 9.21 4.75 29.95
N ASP G 114 8.05 4.59 29.32
CA ASP G 114 7.76 3.44 28.54
C ASP G 114 8.63 3.43 27.29
N PHE G 115 8.93 4.59 26.63
CA PHE G 115 9.71 4.76 25.45
C PHE G 115 11.13 4.32 25.69
N LYS G 116 11.79 4.79 26.78
CA LYS G 116 13.10 4.31 27.28
C LYS G 116 13.15 2.83 27.62
N GLN G 117 12.09 2.26 28.28
CA GLN G 117 11.94 0.88 28.69
C GLN G 117 11.89 -0.13 27.51
N GLN G 118 11.22 0.29 26.36
CA GLN G 118 11.10 -0.50 25.15
C GLN G 118 12.55 -0.74 24.75
N TYR G 119 13.41 0.33 24.74
CA TYR G 119 14.80 0.18 24.36
C TYR G 119 15.66 -0.60 25.30
N THR G 120 15.38 -0.69 26.66
CA THR G 120 16.04 -1.54 27.62
C THR G 120 15.68 -2.99 27.29
N GLN G 121 14.39 -3.30 27.03
CA GLN G 121 13.79 -4.59 26.81
C GLN G 121 14.26 -5.26 25.49
N TYR G 122 14.42 -4.49 24.40
CA TYR G 122 14.97 -5.00 23.16
C TYR G 122 16.48 -4.99 23.17
N GLY G 123 17.15 -5.64 22.20
CA GLY G 123 18.55 -5.69 22.12
C GLY G 123 19.10 -5.16 20.84
N GLY G 124 20.39 -4.70 20.87
CA GLY G 124 21.17 -4.18 19.81
C GLY G 124 20.64 -2.76 19.62
N VAL G 125 20.41 -2.10 20.72
CA VAL G 125 19.84 -0.75 20.89
C VAL G 125 20.18 -0.40 22.34
N ARG G 126 20.87 0.73 22.55
CA ARG G 126 21.33 1.07 23.87
C ARG G 126 20.19 1.62 24.72
N PRO G 127 20.35 1.80 26.00
CA PRO G 127 19.40 2.53 26.81
C PRO G 127 19.62 3.96 26.53
N PHE G 128 18.56 4.80 26.51
CA PHE G 128 18.70 6.22 26.44
C PHE G 128 19.47 6.64 27.66
N GLY G 129 20.64 7.26 27.36
CA GLY G 129 21.68 7.69 28.30
C GLY G 129 21.54 9.08 28.85
N VAL G 130 20.30 9.51 29.09
CA VAL G 130 19.98 10.80 29.65
C VAL G 130 18.93 10.52 30.69
N SER G 131 18.72 11.42 31.62
CA SER G 131 17.64 11.33 32.55
C SER G 131 16.95 12.64 32.61
N LEU G 132 15.66 12.72 32.87
CA LEU G 132 14.91 13.92 32.79
C LEU G 132 14.25 13.98 34.13
N LEU G 133 13.87 15.26 34.45
CA LEU G 133 12.92 15.50 35.52
C LEU G 133 11.69 16.07 34.92
N ILE G 134 10.47 15.53 35.30
CA ILE G 134 9.27 16.00 34.66
C ILE G 134 8.46 16.87 35.62
N ALA G 135 8.34 18.15 35.27
CA ALA G 135 7.85 19.21 36.10
C ALA G 135 6.64 19.75 35.42
N GLY G 136 5.51 19.88 36.12
CA GLY G 136 4.30 20.43 35.49
C GLY G 136 3.35 20.64 36.64
N VAL G 137 2.26 21.47 36.37
CA VAL G 137 1.08 21.58 37.21
C VAL G 137 0.04 21.24 36.18
N ASP G 138 -0.59 20.07 36.40
CA ASP G 138 -1.66 19.54 35.60
C ASP G 138 -2.93 20.23 36.12
N GLU G 139 -3.20 20.19 37.47
CA GLU G 139 -4.24 20.86 38.25
C GLU G 139 -3.73 20.66 39.72
N VAL G 140 -2.71 19.81 39.85
CA VAL G 140 -2.14 19.44 41.11
C VAL G 140 -0.66 19.57 40.79
N PRO G 141 0.20 20.39 41.39
CA PRO G 141 1.65 20.28 41.24
C PRO G 141 2.33 18.95 41.39
N LYS G 142 3.22 18.54 40.45
CA LYS G 142 3.89 17.21 40.45
C LYS G 142 5.33 17.40 39.94
N LEU G 143 6.26 16.63 40.54
CA LEU G 143 7.63 16.67 40.10
C LEU G 143 8.00 15.20 40.14
N TYR G 144 8.58 14.72 39.02
CA TYR G 144 8.89 13.28 38.80
C TYR G 144 10.33 13.26 38.33
N GLU G 145 10.96 12.08 38.46
CA GLU G 145 12.27 11.80 37.92
C GLU G 145 12.05 10.58 37.15
N THR G 146 12.35 10.56 35.85
CA THR G 146 12.11 9.50 34.91
C THR G 146 13.54 9.05 34.63
N ASP G 147 13.71 7.70 34.57
CA ASP G 147 14.98 7.07 34.83
C ASP G 147 15.46 6.60 33.52
N PRO G 148 16.78 6.34 33.28
CA PRO G 148 17.25 5.88 32.02
C PRO G 148 16.78 4.48 31.77
N SER G 149 16.31 3.74 32.82
CA SER G 149 15.74 2.48 32.61
C SER G 149 14.42 2.72 31.97
N GLY G 150 13.67 3.59 32.58
CA GLY G 150 12.37 3.90 32.05
C GLY G 150 11.44 3.54 33.21
N ALA G 151 11.87 4.11 34.36
CA ALA G 151 11.17 3.86 35.69
C ALA G 151 10.75 5.19 36.20
N LEU G 152 9.76 5.17 37.12
CA LEU G 152 9.10 6.37 37.52
C LEU G 152 9.07 6.24 39.02
N LEU G 153 9.65 7.35 39.61
CA LEU G 153 9.73 7.66 41.00
C LEU G 153 9.32 9.12 41.04
N GLU G 154 8.30 9.38 41.99
CA GLU G 154 7.76 10.74 42.12
C GLU G 154 8.49 11.17 43.29
N TYR G 155 8.73 12.49 43.33
CA TYR G 155 9.50 13.15 44.41
C TYR G 155 8.81 14.42 44.71
N LYS G 156 9.18 15.05 45.84
CA LYS G 156 8.85 16.37 46.21
C LYS G 156 10.00 17.32 45.93
N ALA G 157 11.17 16.79 45.45
CA ALA G 157 12.36 17.53 45.12
C ALA G 157 13.46 16.47 45.05
N THR G 158 14.25 16.42 43.99
CA THR G 158 15.30 15.49 43.80
C THR G 158 16.17 16.14 42.74
N ALA G 159 17.33 15.55 42.45
CA ALA G 159 18.17 16.10 41.39
C ALA G 159 18.96 14.97 40.85
N ILE G 160 19.40 15.17 39.63
CA ILE G 160 20.15 14.23 38.86
C ILE G 160 21.39 14.97 38.40
N GLY G 161 22.50 14.22 38.13
CA GLY G 161 23.60 14.77 37.41
C GLY G 161 24.79 14.69 38.29
N MET G 162 25.64 15.71 38.16
CA MET G 162 26.79 15.89 38.97
C MET G 162 26.44 16.48 40.34
N GLY G 163 25.25 17.05 40.48
CA GLY G 163 24.84 17.54 41.70
C GLY G 163 24.14 16.54 42.57
N ARG G 164 23.97 15.24 42.06
CA ARG G 164 23.01 14.33 42.71
C ARG G 164 23.36 14.10 44.15
N ASN G 165 24.68 13.90 44.37
CA ASN G 165 25.30 13.69 45.74
C ASN G 165 25.05 14.88 46.67
N ALA G 166 25.16 16.11 46.27
CA ALA G 166 25.01 17.25 47.12
C ALA G 166 23.62 17.58 47.45
N VAL G 167 22.72 17.53 46.43
CA VAL G 167 21.39 18.16 46.41
C VAL G 167 20.53 17.15 47.15
N THR G 168 20.83 15.80 47.11
CA THR G 168 20.08 14.82 47.85
C THR G 168 20.21 15.03 49.31
N GLU G 169 21.46 15.24 49.84
CA GLU G 169 21.85 15.37 51.20
C GLU G 169 21.35 16.66 51.70
N PHE G 170 21.50 17.69 50.86
CA PHE G 170 21.00 18.98 51.18
C PHE G 170 19.47 19.00 51.45
N PHE G 171 18.60 18.43 50.58
CA PHE G 171 17.20 18.44 50.70
C PHE G 171 16.74 17.41 51.77
N GLU G 172 17.63 16.46 52.10
CA GLU G 172 17.37 15.49 53.16
C GLU G 172 17.14 16.19 54.47
N LYS G 173 17.95 17.27 54.79
CA LYS G 173 17.96 18.00 56.04
C LYS G 173 16.93 19.11 55.86
N GLU G 174 17.03 19.90 54.77
CA GLU G 174 16.42 21.17 54.67
C GLU G 174 14.93 20.95 54.33
N TYR G 175 14.53 20.06 53.35
CA TYR G 175 13.27 20.15 52.58
C TYR G 175 12.03 20.27 53.53
N ARG G 176 10.92 20.96 53.09
CA ARG G 176 9.69 20.93 53.82
C ARG G 176 8.68 21.30 52.75
N ASP G 177 7.42 21.08 53.13
CA ASP G 177 6.37 21.29 52.22
C ASP G 177 5.82 22.68 52.44
N ASP G 178 6.40 23.45 53.37
CA ASP G 178 5.87 24.71 53.85
C ASP G 178 6.60 25.84 53.21
N LEU G 179 7.43 25.54 52.22
CA LEU G 179 8.00 26.49 51.28
C LEU G 179 6.91 27.12 50.48
N SER G 180 7.11 28.33 50.05
CA SER G 180 6.29 29.01 49.18
C SER G 180 7.01 29.09 47.87
N PHE G 181 6.49 29.79 46.90
CA PHE G 181 7.00 29.89 45.54
C PHE G 181 8.31 30.52 45.34
N ASP G 182 8.50 31.68 46.06
CA ASP G 182 9.72 32.43 46.09
C ASP G 182 10.77 31.68 46.98
N ASP G 183 10.30 31.10 48.11
CA ASP G 183 11.09 30.32 49.11
C ASP G 183 11.61 29.09 48.57
N ALA G 184 10.85 28.43 47.70
CA ALA G 184 11.36 27.26 47.01
C ALA G 184 12.46 27.60 46.04
N MET G 185 12.30 28.71 45.31
CA MET G 185 13.16 29.15 44.28
C MET G 185 14.56 29.41 44.86
N VAL G 186 14.74 30.15 46.02
CA VAL G 186 15.99 30.36 46.73
C VAL G 186 16.57 29.03 47.26
N LEU G 187 15.76 28.09 47.77
CA LEU G 187 16.35 26.91 48.38
C LEU G 187 16.97 26.01 47.34
N GLY G 188 16.31 25.94 46.12
CA GLY G 188 16.81 25.27 44.92
C GLY G 188 18.04 25.99 44.28
N LEU G 189 18.21 27.32 44.41
CA LEU G 189 19.41 28.00 44.03
C LEU G 189 20.54 27.76 44.95
N VAL G 190 20.34 27.61 46.23
CA VAL G 190 21.37 27.23 47.24
C VAL G 190 21.95 25.87 46.91
N ALA G 191 21.08 24.98 46.42
CA ALA G 191 21.39 23.64 45.94
C ALA G 191 22.29 23.61 44.86
N MET G 192 22.05 24.41 43.82
CA MET G 192 22.86 24.55 42.68
C MET G 192 24.25 25.07 42.87
N GLY G 193 24.35 25.89 43.97
CA GLY G 193 25.52 26.54 44.49
C GLY G 193 26.45 25.46 44.91
N LEU G 194 26.01 24.47 45.77
CA LEU G 194 26.78 23.37 46.24
C LEU G 194 27.33 22.45 45.16
N SER G 195 26.48 22.27 44.06
CA SER G 195 26.83 21.36 42.99
C SER G 195 28.04 21.72 42.18
N ILE G 196 28.17 23.08 41.83
CA ILE G 196 29.35 23.59 41.14
C ILE G 196 30.29 24.06 42.20
N GLU G 197 29.84 24.05 43.49
CA GLU G 197 30.64 24.66 44.59
C GLU G 197 31.16 26.05 44.33
N SER G 198 30.26 26.98 43.98
CA SER G 198 30.64 28.37 43.78
C SER G 198 29.44 29.18 43.93
N GLU G 199 29.69 30.45 44.26
CA GLU G 199 28.70 31.48 44.15
C GLU G 199 28.18 31.68 42.77
N LEU G 200 26.90 32.08 42.71
CA LEU G 200 26.21 32.05 41.44
C LEU G 200 26.27 33.43 40.80
N VAL G 201 26.22 33.53 39.45
CA VAL G 201 26.27 34.70 38.65
C VAL G 201 24.92 34.55 37.98
N PRO G 202 23.98 35.53 37.96
CA PRO G 202 22.64 35.40 37.32
C PRO G 202 22.67 35.20 35.86
N GLU G 203 23.80 35.45 35.18
CA GLU G 203 23.80 35.31 33.74
C GLU G 203 24.13 33.94 33.33
N ASN G 204 24.52 32.91 34.20
CA ASN G 204 24.98 31.64 33.66
C ASN G 204 24.24 30.47 34.25
N ILE G 205 22.99 30.62 34.63
CA ILE G 205 22.15 29.65 35.28
C ILE G 205 20.78 29.88 34.60
N GLU G 206 19.92 28.86 34.70
CA GLU G 206 18.65 28.98 34.01
C GLU G 206 17.56 28.35 34.86
N VAL G 207 16.33 28.88 34.92
CA VAL G 207 15.18 28.64 35.68
C VAL G 207 14.02 28.62 34.77
N GLY G 208 13.18 27.64 34.85
CA GLY G 208 11.78 27.56 34.31
C GLY G 208 10.91 27.23 35.43
N TYR G 209 9.64 27.71 35.36
CA TYR G 209 8.65 27.39 36.39
C TYR G 209 7.27 27.37 35.84
N VAL G 210 6.39 26.53 36.59
CA VAL G 210 4.98 26.32 36.38
C VAL G 210 4.29 26.63 37.65
N LYS G 211 3.46 27.72 37.61
CA LYS G 211 2.66 28.22 38.73
C LYS G 211 1.29 27.56 38.53
N VAL G 212 0.56 27.30 39.65
CA VAL G 212 -0.84 26.94 39.68
C VAL G 212 -1.79 27.89 38.98
N ASP G 213 -1.80 29.12 39.48
CA ASP G 213 -2.76 30.19 39.19
C ASP G 213 -2.76 30.60 37.74
N ASP G 214 -1.56 30.75 37.10
CA ASP G 214 -1.31 31.15 35.73
C ASP G 214 -1.58 29.92 34.90
N ARG G 215 -0.92 28.84 35.30
CA ARG G 215 -0.85 27.57 34.67
C ARG G 215 -0.12 27.60 33.37
N THR G 216 0.93 28.39 33.31
CA THR G 216 1.72 28.55 32.14
C THR G 216 3.07 28.13 32.73
N PHE G 217 3.81 27.27 31.98
CA PHE G 217 5.23 27.40 31.66
C PHE G 217 5.55 28.87 31.31
N LYS G 218 6.55 29.36 32.06
CA LYS G 218 7.21 30.66 31.89
C LYS G 218 8.68 30.38 32.01
N GLU G 219 9.50 31.10 31.22
CA GLU G 219 10.84 30.94 31.11
C GLU G 219 11.38 32.16 31.68
N VAL G 220 12.32 32.01 32.70
CA VAL G 220 12.59 33.07 33.67
C VAL G 220 13.70 33.92 33.05
N SER G 221 13.40 35.22 32.88
CA SER G 221 14.38 36.16 32.29
C SER G 221 15.56 36.39 33.19
N PRO G 222 16.81 36.66 32.81
CA PRO G 222 17.87 36.99 33.80
C PRO G 222 17.57 38.21 34.66
N GLU G 223 16.81 39.25 34.19
CA GLU G 223 16.54 40.48 34.87
C GLU G 223 15.72 40.25 36.14
N GLU G 224 14.63 39.40 36.11
CA GLU G 224 13.81 39.03 37.29
C GLU G 224 14.52 38.09 38.14
N LEU G 225 15.55 37.34 37.57
CA LEU G 225 16.20 36.23 38.19
C LEU G 225 17.04 36.64 39.32
N LYS G 226 17.80 37.75 39.10
CA LYS G 226 18.88 38.34 39.96
C LYS G 226 18.49 38.54 41.39
N PRO G 227 17.31 39.14 41.71
CA PRO G 227 16.85 39.24 43.09
C PRO G 227 16.83 37.97 43.90
N TYR G 228 16.49 36.79 43.29
CA TYR G 228 16.48 35.51 44.04
C TYR G 228 17.90 35.06 44.34
N VAL G 229 18.82 35.32 43.39
CA VAL G 229 20.21 35.04 43.40
C VAL G 229 20.93 35.76 44.51
N GLU G 230 20.62 37.07 44.78
CA GLU G 230 21.15 37.84 45.95
C GLU G 230 20.82 37.24 47.28
N ARG G 231 19.54 36.73 47.38
CA ARG G 231 19.06 36.10 48.54
C ARG G 231 19.73 34.81 48.82
N ALA G 232 19.96 33.96 47.76
CA ALA G 232 20.60 32.70 47.87
C ALA G 232 22.05 32.86 48.21
N ASN G 233 22.71 33.83 47.69
CA ASN G 233 24.18 33.93 47.72
C ASN G 233 24.87 33.93 49.00
N GLU G 234 24.23 34.55 49.99
CA GLU G 234 24.71 34.43 51.40
C GLU G 234 24.61 33.01 52.00
N ARG G 235 23.56 32.25 51.67
CA ARG G 235 23.40 30.84 52.17
C ARG G 235 24.50 29.97 51.59
N ILE G 236 24.80 30.16 50.26
CA ILE G 236 25.68 29.35 49.52
C ILE G 236 27.05 29.43 50.09
N ARG G 237 27.54 30.66 50.37
CA ARG G 237 28.81 30.86 51.10
C ARG G 237 28.91 30.28 52.47
N GLU G 238 27.81 30.38 53.29
CA GLU G 238 27.90 29.88 54.66
C GLU G 238 28.15 28.38 54.75
N LEU G 239 27.61 27.62 53.77
CA LEU G 239 27.67 26.18 53.65
C LEU G 239 28.93 25.67 53.01
N LEU G 240 29.76 26.60 52.52
CA LEU G 240 31.09 26.41 52.05
C LEU G 240 32.09 26.90 53.10
N LYS G 241 31.66 26.98 54.35
CA LYS G 241 32.55 26.99 55.49
C LYS G 241 32.07 25.98 56.44
N LYS G 242 31.15 25.02 55.96
CA LYS G 242 30.72 23.95 56.79
C LYS G 242 31.16 22.75 55.99
N ARG H 6 -87.74 27.09 -54.48
CA ARG H 6 -86.27 27.23 -54.43
C ARG H 6 -85.75 28.08 -53.31
N ALA H 7 -84.81 29.05 -53.56
CA ALA H 7 -84.16 29.85 -52.51
C ALA H 7 -85.00 30.98 -52.10
N ILE H 8 -84.66 31.55 -50.85
CA ILE H 8 -85.44 32.45 -50.09
C ILE H 8 -84.45 33.17 -49.20
N THR H 9 -83.07 33.07 -49.55
CA THR H 9 -82.02 33.85 -48.93
C THR H 9 -81.31 34.62 -50.02
N VAL H 10 -81.81 34.53 -51.30
CA VAL H 10 -81.38 35.36 -52.42
C VAL H 10 -81.33 36.85 -52.07
N PHE H 11 -80.71 37.59 -53.01
CA PHE H 11 -80.57 39.03 -52.87
C PHE H 11 -81.85 39.67 -53.38
N SER H 12 -82.36 40.66 -52.54
CA SER H 12 -83.54 41.39 -52.84
C SER H 12 -83.26 42.40 -53.99
N PRO H 13 -84.28 42.71 -54.81
CA PRO H 13 -84.18 43.84 -55.65
C PRO H 13 -84.32 45.21 -54.87
N ASP H 14 -84.75 45.18 -53.57
CA ASP H 14 -84.97 46.37 -52.75
C ASP H 14 -83.69 47.07 -52.25
N GLY H 15 -82.68 46.33 -51.75
CA GLY H 15 -81.48 47.00 -51.27
C GLY H 15 -81.12 46.26 -50.01
N ARG H 16 -82.07 46.28 -48.99
CA ARG H 16 -82.01 45.53 -47.74
C ARG H 16 -82.96 44.35 -47.96
N LEU H 17 -82.50 43.15 -47.68
CA LEU H 17 -83.14 41.89 -47.94
C LEU H 17 -84.51 41.71 -47.26
N PHE H 18 -85.36 40.87 -47.87
CA PHE H 18 -86.70 40.65 -47.39
C PHE H 18 -86.68 39.90 -46.17
N GLN H 19 -85.62 39.04 -45.97
CA GLN H 19 -85.58 38.29 -44.75
C GLN H 19 -85.29 39.17 -43.52
N VAL H 20 -84.56 40.33 -43.73
CA VAL H 20 -84.24 41.33 -42.73
C VAL H 20 -85.53 42.08 -42.45
N GLU H 21 -86.26 42.44 -43.55
CA GLU H 21 -87.40 43.32 -43.39
C GLU H 21 -88.45 42.61 -42.61
N TYR H 22 -88.59 41.31 -42.72
CA TYR H 22 -89.45 40.44 -41.96
C TYR H 22 -89.05 40.44 -40.52
N ALA H 23 -87.76 40.30 -40.19
CA ALA H 23 -87.23 40.37 -38.80
C ALA H 23 -87.47 41.74 -38.15
N ARG H 24 -87.53 42.82 -38.95
CA ARG H 24 -87.91 44.12 -38.45
C ARG H 24 -89.37 44.19 -38.07
N GLU H 25 -90.32 43.45 -38.73
CA GLU H 25 -91.70 43.40 -38.33
C GLU H 25 -91.79 42.48 -37.10
N ALA H 26 -90.89 41.57 -36.84
CA ALA H 26 -90.90 40.69 -35.68
C ALA H 26 -90.80 41.42 -34.39
N VAL H 27 -89.97 42.46 -34.23
CA VAL H 27 -89.68 43.12 -32.96
C VAL H 27 -90.77 44.13 -32.61
N LYS H 28 -91.66 44.48 -33.52
CA LYS H 28 -92.64 45.56 -33.35
C LYS H 28 -93.82 44.99 -32.65
N ARG H 29 -93.94 43.66 -32.63
CA ARG H 29 -95.06 43.02 -32.12
C ARG H 29 -94.60 42.66 -30.69
N GLY H 30 -93.29 42.70 -30.35
CA GLY H 30 -92.84 42.53 -28.95
C GLY H 30 -93.01 43.83 -28.18
N ALA H 31 -92.50 43.74 -26.95
CA ALA H 31 -92.36 44.82 -25.94
C ALA H 31 -91.53 45.91 -26.45
N THR H 32 -91.32 46.96 -25.59
CA THR H 32 -90.59 48.14 -25.97
C THR H 32 -89.50 48.26 -24.98
N ALA H 33 -88.41 48.88 -25.47
CA ALA H 33 -87.30 49.24 -24.66
C ALA H 33 -86.80 50.57 -25.18
N ILE H 34 -86.14 51.36 -24.27
CA ILE H 34 -85.79 52.75 -24.58
C ILE H 34 -84.45 52.92 -23.98
N GLY H 35 -83.62 53.72 -24.70
CA GLY H 35 -82.32 54.14 -24.18
C GLY H 35 -82.31 55.59 -24.42
N ILE H 36 -81.76 56.30 -23.42
CA ILE H 36 -81.47 57.67 -23.44
C ILE H 36 -80.12 57.63 -22.88
N LYS H 37 -79.26 58.60 -23.43
CA LYS H 37 -77.85 58.73 -23.16
C LYS H 37 -77.54 60.14 -22.64
N CYS H 38 -76.56 60.39 -21.73
CA CYS H 38 -76.40 61.62 -21.05
C CYS H 38 -74.95 61.92 -21.24
N LYS H 39 -74.36 62.72 -20.36
CA LYS H 39 -72.94 62.98 -20.35
C LYS H 39 -72.50 62.49 -19.00
N GLU H 40 -73.45 62.03 -18.12
CA GLU H 40 -73.19 61.69 -16.70
C GLU H 40 -73.49 60.27 -16.55
N GLY H 41 -73.84 59.59 -17.63
CA GLY H 41 -74.30 58.16 -17.54
C GLY H 41 -75.00 58.00 -18.80
N VAL H 42 -75.68 56.85 -18.88
CA VAL H 42 -76.53 56.33 -19.87
C VAL H 42 -77.59 55.52 -19.06
N ILE H 43 -78.90 55.74 -19.41
CA ILE H 43 -80.04 55.06 -18.82
C ILE H 43 -80.80 54.17 -19.75
N LEU H 44 -81.15 52.93 -19.28
CA LEU H 44 -81.89 51.90 -19.96
C LEU H 44 -83.13 51.66 -19.20
N ILE H 45 -84.31 51.51 -19.92
CA ILE H 45 -85.58 51.35 -19.33
C ILE H 45 -86.26 50.35 -20.22
N ALA H 46 -87.11 49.48 -19.69
CA ALA H 46 -87.73 48.40 -20.50
C ALA H 46 -89.02 48.16 -19.86
N ASP H 47 -89.89 47.57 -20.73
CA ASP H 47 -91.27 47.35 -20.28
C ASP H 47 -91.27 45.94 -19.84
N LYS H 48 -91.32 45.76 -18.51
CA LYS H 48 -91.18 44.46 -17.85
C LYS H 48 -92.31 43.59 -18.22
N ARG H 49 -93.55 44.17 -18.22
CA ARG H 49 -94.62 43.27 -18.25
C ARG H 49 -95.72 44.12 -18.79
N VAL H 50 -96.39 43.72 -19.91
CA VAL H 50 -97.56 44.30 -20.50
C VAL H 50 -98.72 43.25 -20.51
N GLY H 51 -98.56 42.14 -19.74
CA GLY H 51 -99.41 41.00 -19.62
C GLY H 51 -100.36 41.39 -18.56
N SER H 52 -100.90 40.34 -17.93
CA SER H 52 -101.86 40.27 -16.84
C SER H 52 -101.14 39.90 -15.54
N LYS H 53 -101.86 39.65 -14.42
CA LYS H 53 -101.37 39.22 -13.11
C LYS H 53 -101.04 37.74 -13.16
N LEU H 54 -101.61 37.00 -14.16
CA LEU H 54 -101.58 35.53 -14.44
C LEU H 54 -100.11 35.33 -14.91
N LEU H 55 -99.73 36.25 -15.83
CA LEU H 55 -98.44 36.26 -16.45
C LEU H 55 -97.61 36.96 -15.51
N GLU H 56 -96.43 36.37 -15.22
CA GLU H 56 -95.46 36.94 -14.38
C GLU H 56 -94.23 37.03 -15.19
N ALA H 57 -93.51 38.16 -14.88
CA ALA H 57 -92.29 38.61 -15.49
C ALA H 57 -91.54 39.48 -14.44
N ASP H 58 -91.54 38.95 -13.23
CA ASP H 58 -91.19 39.57 -12.01
C ASP H 58 -89.90 38.96 -11.60
N THR H 59 -89.35 38.05 -12.45
CA THR H 59 -88.15 37.40 -12.08
C THR H 59 -87.40 37.27 -13.37
N ILE H 60 -88.06 37.28 -14.60
CA ILE H 60 -87.38 37.24 -15.88
C ILE H 60 -86.79 38.59 -16.27
N GLU H 61 -85.43 38.59 -16.45
CA GLU H 61 -84.64 39.72 -17.07
C GLU H 61 -85.12 40.31 -18.44
N LYS H 62 -85.53 41.61 -18.61
CA LYS H 62 -85.89 42.37 -19.72
C LYS H 62 -84.62 43.24 -19.79
N ILE H 63 -83.95 43.47 -18.63
CA ILE H 63 -82.71 44.22 -18.56
C ILE H 63 -81.76 43.10 -18.12
N TYR H 64 -80.80 42.81 -18.99
CA TYR H 64 -79.82 41.76 -18.78
C TYR H 64 -78.58 42.50 -18.44
N LYS H 65 -77.75 41.91 -17.59
CA LYS H 65 -76.34 42.39 -17.33
C LYS H 65 -75.46 41.53 -18.22
N ILE H 66 -74.86 42.23 -19.16
CA ILE H 66 -73.96 41.72 -20.17
C ILE H 66 -72.57 41.77 -19.56
N ASP H 67 -72.22 42.87 -18.98
CA ASP H 67 -70.94 43.13 -18.40
C ASP H 67 -71.30 43.87 -17.19
N GLU H 68 -70.20 44.26 -16.46
CA GLU H 68 -70.31 45.09 -15.32
C GLU H 68 -70.97 46.38 -15.58
N HIS H 69 -70.66 47.02 -16.76
CA HIS H 69 -71.05 48.33 -17.15
C HIS H 69 -71.68 48.28 -18.53
N ILE H 70 -72.30 47.14 -18.93
CA ILE H 70 -72.95 47.07 -20.16
C ILE H 70 -74.23 46.39 -19.71
N CYS H 71 -75.37 47.04 -20.03
CA CYS H 71 -76.66 46.39 -19.91
C CYS H 71 -77.20 46.47 -21.34
N ALA H 72 -78.13 45.54 -21.60
CA ALA H 72 -78.85 45.52 -22.84
C ALA H 72 -80.26 45.06 -22.63
N ALA H 73 -81.20 45.65 -23.41
CA ALA H 73 -82.62 45.39 -23.36
C ALA H 73 -83.07 45.01 -24.72
N THR H 74 -84.09 44.06 -24.86
CA THR H 74 -84.52 43.48 -26.06
C THR H 74 -86.01 43.85 -26.30
N SER H 75 -86.40 43.65 -27.54
CA SER H 75 -87.68 43.86 -28.08
C SER H 75 -87.90 42.85 -29.13
N GLY H 76 -89.08 42.19 -29.05
CA GLY H 76 -89.34 40.99 -29.82
C GLY H 76 -89.25 39.86 -28.93
N LEU H 77 -89.61 38.70 -29.58
CA LEU H 77 -89.71 37.34 -29.03
C LEU H 77 -88.55 37.01 -28.14
N VAL H 78 -88.77 36.73 -26.86
CA VAL H 78 -87.74 36.54 -25.92
C VAL H 78 -86.94 35.27 -26.10
N ALA H 79 -87.43 34.30 -26.85
CA ALA H 79 -86.78 33.04 -27.24
C ALA H 79 -85.53 33.42 -28.07
N ASP H 80 -85.70 34.30 -29.15
CA ASP H 80 -84.63 34.75 -30.02
C ASP H 80 -83.59 35.58 -29.27
N ALA H 81 -83.98 36.42 -28.27
CA ALA H 81 -83.20 37.19 -27.36
C ALA H 81 -82.19 36.41 -26.69
N ARG H 82 -82.59 35.24 -26.15
CA ARG H 82 -81.87 34.53 -25.04
C ARG H 82 -80.50 34.17 -25.45
N VAL H 83 -80.34 33.57 -26.66
CA VAL H 83 -79.05 33.21 -27.29
C VAL H 83 -78.19 34.37 -27.65
N LEU H 84 -78.87 35.46 -28.11
CA LEU H 84 -78.26 36.73 -28.51
C LEU H 84 -77.51 37.41 -27.36
N ILE H 85 -78.08 37.44 -26.10
CA ILE H 85 -77.55 37.97 -24.90
C ILE H 85 -76.57 37.14 -24.22
N ASP H 86 -76.72 35.84 -24.43
CA ASP H 86 -75.73 34.83 -24.08
C ASP H 86 -74.48 35.04 -24.83
N ARG H 87 -74.51 35.29 -26.15
CA ARG H 87 -73.40 35.53 -27.03
C ARG H 87 -72.64 36.71 -26.62
N ALA H 88 -73.38 37.80 -26.27
CA ALA H 88 -72.79 39.11 -25.88
C ALA H 88 -71.97 38.95 -24.51
N ARG H 89 -72.49 38.14 -23.62
CA ARG H 89 -71.88 37.80 -22.33
C ARG H 89 -70.66 37.01 -22.37
N ILE H 90 -70.54 35.99 -23.27
CA ILE H 90 -69.33 35.28 -23.40
C ILE H 90 -68.28 36.20 -23.99
N GLU H 91 -68.69 37.08 -24.94
CA GLU H 91 -67.82 37.95 -25.69
C GLU H 91 -67.03 38.99 -24.79
N ALA H 92 -67.82 39.59 -23.78
CA ALA H 92 -67.35 40.60 -22.91
C ALA H 92 -66.26 40.04 -21.95
N GLN H 93 -66.50 38.78 -21.58
CA GLN H 93 -65.66 38.00 -20.72
C GLN H 93 -64.42 37.40 -21.37
N ILE H 94 -64.49 37.12 -22.67
CA ILE H 94 -63.36 36.77 -23.56
C ILE H 94 -62.35 37.89 -23.56
N ASN H 95 -62.85 39.16 -23.61
CA ASN H 95 -62.07 40.37 -23.69
C ASN H 95 -61.35 40.66 -22.39
N ARG H 96 -62.10 40.42 -21.33
CA ARG H 96 -61.54 40.42 -19.98
C ARG H 96 -60.48 39.42 -19.62
N LEU H 97 -60.61 38.18 -20.17
CA LEU H 97 -59.71 37.02 -20.04
C LEU H 97 -58.40 37.34 -20.74
N THR H 98 -58.46 38.04 -21.93
CA THR H 98 -57.42 37.92 -22.84
C THR H 98 -56.78 39.31 -22.97
N TYR H 99 -57.22 40.30 -22.11
CA TYR H 99 -56.58 41.63 -22.10
C TYR H 99 -56.53 42.15 -20.66
N ASP H 100 -57.33 41.55 -19.68
CA ASP H 100 -57.47 41.86 -18.24
C ASP H 100 -58.10 43.28 -18.23
N GLU H 101 -59.12 43.50 -19.08
CA GLU H 101 -59.90 44.70 -19.00
C GLU H 101 -61.26 44.37 -19.62
N PRO H 102 -62.42 44.79 -18.98
CA PRO H 102 -63.62 44.60 -19.55
C PRO H 102 -63.79 45.33 -20.77
N ILE H 103 -64.74 44.85 -21.66
CA ILE H 103 -64.82 45.23 -23.01
C ILE H 103 -65.37 46.68 -23.21
N THR H 104 -64.87 47.34 -24.24
CA THR H 104 -65.34 48.60 -24.87
C THR H 104 -66.75 48.26 -25.40
N VAL H 105 -67.60 49.28 -25.35
CA VAL H 105 -69.00 49.28 -25.72
C VAL H 105 -69.10 49.08 -27.15
N LYS H 106 -68.22 49.83 -27.90
CA LYS H 106 -68.07 49.77 -29.32
C LYS H 106 -67.65 48.45 -29.90
N GLU H 107 -66.66 47.83 -29.15
CA GLU H 107 -66.16 46.54 -29.52
C GLU H 107 -67.18 45.44 -29.49
N LEU H 108 -68.08 45.38 -28.50
CA LEU H 108 -69.00 44.34 -28.32
C LEU H 108 -70.08 44.51 -29.33
N ALA H 109 -70.46 45.77 -29.49
CA ALA H 109 -71.53 46.12 -30.37
C ALA H 109 -71.23 45.71 -31.87
N LYS H 110 -69.93 45.93 -32.30
CA LYS H 110 -69.42 45.41 -33.51
C LYS H 110 -69.45 43.93 -33.60
N LYS H 111 -69.06 43.24 -32.53
CA LYS H 111 -68.90 41.76 -32.53
C LYS H 111 -70.28 40.96 -32.62
N ILE H 112 -71.46 41.36 -31.93
CA ILE H 112 -72.69 40.65 -31.98
C ILE H 112 -73.38 40.87 -33.23
N CYS H 113 -73.07 42.05 -33.90
CA CYS H 113 -73.60 42.50 -35.19
C CYS H 113 -73.02 41.62 -36.32
N ASP H 114 -71.73 41.27 -36.16
CA ASP H 114 -71.09 40.53 -37.23
C ASP H 114 -71.67 39.09 -37.32
N PHE H 115 -71.98 38.51 -36.12
CA PHE H 115 -72.64 37.21 -35.86
C PHE H 115 -73.94 37.15 -36.57
N LYS H 116 -74.73 38.18 -36.38
CA LYS H 116 -76.03 38.37 -37.04
C LYS H 116 -75.95 38.56 -38.48
N GLN H 117 -74.88 39.25 -38.89
CA GLN H 117 -74.67 39.57 -40.31
C GLN H 117 -74.53 38.30 -41.11
N GLN H 118 -73.76 37.30 -40.58
CA GLN H 118 -73.54 35.99 -41.19
C GLN H 118 -74.80 35.13 -41.27
N TYR H 119 -75.67 35.20 -40.25
CA TYR H 119 -76.84 34.39 -40.08
C TYR H 119 -77.92 34.82 -41.03
N THR H 120 -77.88 36.02 -41.56
CA THR H 120 -78.85 36.52 -42.59
C THR H 120 -78.22 36.35 -44.01
N GLN H 121 -76.91 36.22 -44.18
CA GLN H 121 -76.26 35.90 -45.52
C GLN H 121 -76.57 34.48 -45.81
N TYR H 122 -76.39 33.56 -44.80
CA TYR H 122 -76.59 32.11 -44.83
C TYR H 122 -78.05 31.79 -44.76
N GLY H 123 -78.50 30.65 -45.31
CA GLY H 123 -79.91 30.26 -45.39
C GLY H 123 -80.21 29.04 -44.55
N GLY H 124 -79.18 28.19 -44.26
CA GLY H 124 -79.23 27.00 -43.49
C GLY H 124 -79.18 27.41 -41.98
N VAL H 125 -79.38 28.73 -41.67
CA VAL H 125 -79.49 29.27 -40.36
C VAL H 125 -80.13 30.63 -40.78
N ARG H 126 -80.89 31.31 -39.94
CA ARG H 126 -81.60 32.55 -40.15
C ARG H 126 -81.42 33.42 -38.94
N PRO H 127 -81.34 34.73 -39.07
CA PRO H 127 -81.02 35.61 -37.95
C PRO H 127 -82.15 35.73 -36.88
N PHE H 128 -81.77 36.19 -35.63
CA PHE H 128 -82.70 36.47 -34.57
C PHE H 128 -83.67 37.50 -34.99
N GLY H 129 -84.88 37.39 -34.31
CA GLY H 129 -86.02 38.25 -34.41
C GLY H 129 -86.15 39.02 -33.21
N VAL H 130 -85.06 39.71 -32.82
CA VAL H 130 -84.94 40.58 -31.66
C VAL H 130 -83.91 41.54 -32.11
N SER H 131 -83.91 42.73 -31.55
CA SER H 131 -83.03 43.80 -31.70
C SER H 131 -82.65 44.14 -30.22
N LEU H 132 -81.53 44.81 -29.97
CA LEU H 132 -80.89 45.11 -28.79
C LEU H 132 -80.59 46.52 -28.80
N LEU H 133 -80.36 47.16 -27.62
CA LEU H 133 -79.75 48.43 -27.48
C LEU H 133 -78.47 48.14 -26.57
N ILE H 134 -77.23 48.35 -27.07
CA ILE H 134 -76.04 48.08 -26.34
C ILE H 134 -75.77 49.40 -25.67
N ALA H 135 -75.80 49.37 -24.28
CA ALA H 135 -75.74 50.65 -23.50
C ALA H 135 -74.72 50.46 -22.45
N GLY H 136 -73.76 51.33 -22.39
CA GLY H 136 -72.78 51.25 -21.39
C GLY H 136 -72.05 52.61 -21.30
N VAL H 137 -71.23 52.70 -20.25
CA VAL H 137 -70.26 53.80 -20.09
C VAL H 137 -68.90 53.13 -19.94
N ASP H 138 -67.92 53.64 -20.67
CA ASP H 138 -66.56 53.31 -20.75
C ASP H 138 -65.75 54.35 -20.00
N GLU H 139 -66.18 55.63 -20.08
CA GLU H 139 -65.54 56.82 -19.61
C GLU H 139 -66.45 57.92 -20.13
N VAL H 140 -66.74 57.90 -21.45
CA VAL H 140 -67.73 58.71 -22.10
C VAL H 140 -68.91 57.78 -22.47
N PRO H 141 -70.15 57.99 -22.01
CA PRO H 141 -71.30 57.21 -22.38
C PRO H 141 -71.49 56.96 -23.84
N LYS H 142 -71.94 55.74 -24.16
CA LYS H 142 -72.23 55.39 -25.50
C LYS H 142 -73.55 54.52 -25.51
N LEU H 143 -74.45 54.67 -26.51
CA LEU H 143 -75.70 53.97 -26.57
C LEU H 143 -75.62 53.64 -28.09
N TYR H 144 -75.89 52.35 -28.44
CA TYR H 144 -75.80 51.81 -29.78
C TYR H 144 -77.12 51.09 -29.90
N GLU H 145 -77.57 50.85 -31.13
CA GLU H 145 -78.72 50.06 -31.47
C GLU H 145 -78.06 49.09 -32.42
N THR H 146 -78.38 47.81 -32.14
CA THR H 146 -77.89 46.73 -32.93
C THR H 146 -79.10 45.98 -33.38
N ASP H 147 -78.95 45.45 -34.59
CA ASP H 147 -80.09 45.02 -35.36
C ASP H 147 -80.04 43.63 -35.85
N PRO H 148 -81.10 43.04 -36.33
CA PRO H 148 -81.10 41.65 -36.73
C PRO H 148 -80.42 41.37 -38.04
N SER H 149 -80.24 42.44 -38.86
CA SER H 149 -79.56 42.58 -40.11
C SER H 149 -78.11 42.49 -39.87
N GLY H 150 -77.68 43.16 -38.75
CA GLY H 150 -76.33 43.22 -38.31
C GLY H 150 -75.81 44.60 -38.35
N ALA H 151 -76.69 45.61 -38.30
CA ALA H 151 -76.32 47.00 -38.59
C ALA H 151 -76.11 47.78 -37.33
N LEU H 152 -74.99 48.52 -37.34
CA LEU H 152 -74.65 49.35 -36.19
C LEU H 152 -75.02 50.73 -36.44
N LEU H 153 -75.62 51.31 -35.37
CA LEU H 153 -76.11 52.64 -35.48
C LEU H 153 -75.89 53.35 -34.17
N GLU H 154 -75.53 54.60 -34.28
CA GLU H 154 -74.95 55.34 -33.19
C GLU H 154 -76.13 56.20 -32.81
N TYR H 155 -76.45 56.28 -31.53
CA TYR H 155 -77.57 57.03 -31.07
C TYR H 155 -77.20 57.65 -29.78
N LYS H 156 -78.10 58.54 -29.32
CA LYS H 156 -77.94 59.14 -28.04
C LYS H 156 -79.31 59.26 -27.40
N ALA H 157 -80.27 58.51 -28.07
CA ALA H 157 -81.62 58.28 -27.58
C ALA H 157 -82.47 57.72 -28.69
N THR H 158 -83.19 56.64 -28.50
CA THR H 158 -83.85 55.91 -29.56
C THR H 158 -84.79 55.03 -28.85
N ALA H 159 -85.58 54.18 -29.57
CA ALA H 159 -86.25 53.09 -28.94
C ALA H 159 -86.37 52.08 -30.00
N ILE H 160 -86.72 50.86 -29.58
CA ILE H 160 -86.90 49.72 -30.51
C ILE H 160 -88.12 49.06 -29.95
N GLY H 161 -88.68 48.31 -30.89
CA GLY H 161 -89.81 47.42 -30.66
C GLY H 161 -91.13 48.12 -30.96
N MET H 162 -92.21 47.87 -30.16
CA MET H 162 -93.48 48.53 -30.22
C MET H 162 -93.37 50.01 -30.18
N GLY H 163 -92.67 50.52 -29.11
CA GLY H 163 -92.52 51.92 -28.92
C GLY H 163 -91.48 52.58 -29.79
N ARG H 164 -90.95 51.84 -30.77
CA ARG H 164 -89.91 52.31 -31.70
C ARG H 164 -90.23 53.69 -32.31
N ASN H 165 -91.40 53.80 -32.95
CA ASN H 165 -91.74 55.03 -33.53
C ASN H 165 -92.12 56.09 -32.55
N ALA H 166 -92.91 55.85 -31.52
CA ALA H 166 -93.55 56.87 -30.70
C ALA H 166 -92.60 57.69 -29.92
N VAL H 167 -91.66 56.94 -29.24
CA VAL H 167 -90.57 57.48 -28.47
C VAL H 167 -89.55 58.19 -29.39
N THR H 168 -89.13 57.70 -30.60
CA THR H 168 -88.10 58.38 -31.32
C THR H 168 -88.60 59.82 -31.71
N GLU H 169 -89.92 59.95 -32.08
CA GLU H 169 -90.41 61.25 -32.38
C GLU H 169 -90.39 62.16 -31.16
N PHE H 170 -90.72 61.53 -30.02
CA PHE H 170 -90.84 62.21 -28.78
C PHE H 170 -89.49 62.87 -28.26
N PHE H 171 -88.40 62.17 -28.42
CA PHE H 171 -87.10 62.68 -28.01
C PHE H 171 -86.55 63.75 -28.87
N GLU H 172 -87.07 63.86 -30.13
CA GLU H 172 -86.55 64.72 -31.10
C GLU H 172 -86.82 66.15 -30.60
N LYS H 173 -87.96 66.24 -29.88
CA LYS H 173 -88.50 67.48 -29.39
C LYS H 173 -88.02 67.72 -28.01
N GLU H 174 -88.17 66.68 -27.13
CA GLU H 174 -88.06 66.87 -25.70
C GLU H 174 -86.75 66.30 -25.09
N TYR H 175 -85.79 65.96 -25.90
CA TYR H 175 -84.59 65.35 -25.42
C TYR H 175 -83.48 65.88 -26.19
N ARG H 176 -82.32 66.06 -25.45
CA ARG H 176 -81.09 66.76 -25.79
C ARG H 176 -79.99 66.00 -25.00
N ASP H 177 -78.63 66.03 -25.29
CA ASP H 177 -77.62 65.17 -24.64
C ASP H 177 -77.11 66.00 -23.51
N ASP H 178 -77.63 67.29 -23.34
CA ASP H 178 -77.17 68.36 -22.41
C ASP H 178 -77.96 68.31 -21.09
N LEU H 179 -78.92 67.30 -21.09
CA LEU H 179 -79.87 67.22 -20.03
C LEU H 179 -79.17 66.43 -18.94
N SER H 180 -79.76 66.48 -17.78
CA SER H 180 -79.09 65.92 -16.57
C SER H 180 -79.45 64.47 -16.50
N PHE H 181 -78.84 63.69 -15.51
CA PHE H 181 -78.95 62.29 -15.40
C PHE H 181 -80.38 61.97 -14.96
N ASP H 182 -80.83 62.80 -13.98
CA ASP H 182 -82.13 62.70 -13.34
C ASP H 182 -83.30 63.05 -14.24
N ASP H 183 -83.11 64.13 -15.03
CA ASP H 183 -84.05 64.71 -15.97
C ASP H 183 -84.24 63.88 -17.20
N ALA H 184 -83.09 63.13 -17.56
CA ALA H 184 -83.13 62.15 -18.61
C ALA H 184 -83.97 61.00 -18.15
N MET H 185 -83.85 60.67 -16.83
CA MET H 185 -84.48 59.50 -16.27
C MET H 185 -85.94 59.53 -16.41
N VAL H 186 -86.62 60.61 -16.01
CA VAL H 186 -88.09 60.72 -15.97
C VAL H 186 -88.61 60.85 -17.36
N LEU H 187 -87.85 61.50 -18.33
CA LEU H 187 -88.28 61.67 -19.72
C LEU H 187 -88.54 60.26 -20.32
N GLY H 188 -87.70 59.32 -19.92
CA GLY H 188 -87.63 57.94 -20.42
C GLY H 188 -88.84 57.25 -19.99
N LEU H 189 -89.35 57.58 -18.72
CA LEU H 189 -90.51 57.01 -18.12
C LEU H 189 -91.73 57.41 -18.84
N VAL H 190 -91.75 58.70 -19.21
CA VAL H 190 -92.86 59.31 -19.88
C VAL H 190 -93.02 58.69 -21.26
N ALA H 191 -91.90 58.43 -22.01
CA ALA H 191 -91.78 57.93 -23.29
C ALA H 191 -92.37 56.53 -23.28
N MET H 192 -92.01 55.84 -22.26
CA MET H 192 -92.54 54.48 -22.04
C MET H 192 -94.02 54.41 -21.77
N GLY H 193 -94.59 55.34 -20.95
CA GLY H 193 -96.02 55.44 -20.77
C GLY H 193 -96.79 55.85 -21.95
N LEU H 194 -96.16 56.68 -22.81
CA LEU H 194 -96.63 57.10 -24.04
C LEU H 194 -96.87 56.00 -25.09
N SER H 195 -95.81 55.18 -25.29
CA SER H 195 -95.76 54.05 -26.23
C SER H 195 -96.66 52.95 -25.88
N ILE H 196 -96.77 52.56 -24.59
CA ILE H 196 -97.61 51.41 -24.32
C ILE H 196 -99.02 51.84 -23.95
N GLU H 197 -99.28 53.21 -23.94
CA GLU H 197 -100.54 53.86 -23.82
C GLU H 197 -101.22 53.48 -22.50
N SER H 198 -100.41 53.47 -21.38
CA SER H 198 -100.95 53.12 -20.03
C SER H 198 -100.09 53.94 -19.13
N GLU H 199 -100.62 54.33 -17.93
CA GLU H 199 -99.94 54.94 -16.84
C GLU H 199 -99.11 53.96 -16.10
N LEU H 200 -97.91 54.33 -15.60
CA LEU H 200 -96.85 53.47 -15.12
C LEU H 200 -97.16 53.23 -13.68
N VAL H 201 -96.52 52.22 -13.05
CA VAL H 201 -96.57 51.75 -11.64
C VAL H 201 -95.18 51.10 -11.59
N PRO H 202 -94.66 50.69 -10.40
CA PRO H 202 -93.32 50.23 -10.38
C PRO H 202 -93.26 48.78 -10.82
N GLU H 203 -94.38 48.14 -11.12
CA GLU H 203 -94.62 46.73 -11.18
C GLU H 203 -94.96 46.41 -12.65
N ASN H 204 -94.42 47.17 -13.58
CA ASN H 204 -94.59 46.92 -15.02
C ASN H 204 -93.46 47.45 -15.78
N ILE H 205 -92.41 48.06 -15.06
CA ILE H 205 -91.19 48.56 -15.74
C ILE H 205 -90.00 48.08 -14.88
N GLU H 206 -88.86 47.92 -15.55
CA GLU H 206 -87.60 47.41 -15.03
C GLU H 206 -86.70 48.48 -15.55
N VAL H 207 -85.87 49.16 -14.72
CA VAL H 207 -85.02 50.23 -15.04
C VAL H 207 -83.67 49.86 -14.57
N GLY H 208 -82.63 50.02 -15.49
CA GLY H 208 -81.26 49.89 -15.18
C GLY H 208 -80.54 51.17 -15.47
N TYR H 209 -79.22 51.26 -15.06
CA TYR H 209 -78.36 52.31 -15.50
C TYR H 209 -76.89 51.96 -15.19
N VAL H 210 -76.03 52.70 -15.93
CA VAL H 210 -74.65 52.63 -15.80
C VAL H 210 -74.12 54.01 -15.71
N LYS H 211 -73.52 54.38 -14.61
CA LYS H 211 -73.13 55.69 -14.28
C LYS H 211 -71.73 55.91 -14.78
N VAL H 212 -71.43 57.16 -15.18
CA VAL H 212 -70.15 57.59 -15.43
C VAL H 212 -69.17 57.32 -14.30
N ASP H 213 -69.47 57.75 -13.12
CA ASP H 213 -68.60 57.74 -11.97
C ASP H 213 -68.40 56.35 -11.34
N ASP H 214 -69.56 55.58 -11.25
CA ASP H 214 -69.48 54.28 -10.68
C ASP H 214 -69.03 53.29 -11.73
N ARG H 215 -69.54 53.36 -13.02
CA ARG H 215 -69.28 52.37 -14.07
C ARG H 215 -69.73 51.01 -13.74
N THR H 216 -70.89 50.93 -13.13
CA THR H 216 -71.44 49.65 -12.78
C THR H 216 -72.87 49.99 -13.23
N PHE H 217 -73.60 49.09 -13.94
CA PHE H 217 -74.99 48.58 -13.70
C PHE H 217 -75.48 48.73 -12.31
N LYS H 218 -76.72 49.28 -12.20
CA LYS H 218 -77.43 49.45 -10.96
C LYS H 218 -78.87 49.31 -11.42
N GLU H 219 -79.76 48.79 -10.59
CA GLU H 219 -81.20 48.44 -10.85
C GLU H 219 -81.87 49.31 -9.88
N VAL H 220 -82.74 50.26 -10.35
CA VAL H 220 -83.53 51.08 -9.55
C VAL H 220 -84.71 50.25 -8.98
N SER H 221 -84.72 50.04 -7.62
CA SER H 221 -85.80 49.39 -6.87
C SER H 221 -87.17 49.97 -7.07
N PRO H 222 -88.22 49.24 -7.03
CA PRO H 222 -89.57 49.65 -7.03
C PRO H 222 -89.83 50.81 -6.13
N GLU H 223 -89.34 50.81 -4.85
CA GLU H 223 -89.41 51.80 -3.84
C GLU H 223 -88.73 53.08 -4.33
N GLU H 224 -87.63 53.01 -5.12
CA GLU H 224 -86.88 54.02 -5.70
C GLU H 224 -87.40 54.42 -7.05
N LEU H 225 -88.37 53.70 -7.64
CA LEU H 225 -89.07 54.03 -8.85
C LEU H 225 -90.16 55.05 -8.56
N LYS H 226 -90.75 54.99 -7.31
CA LYS H 226 -92.08 55.61 -7.08
C LYS H 226 -92.12 57.12 -7.31
N PRO H 227 -91.22 58.00 -6.86
CA PRO H 227 -91.39 59.40 -7.08
C PRO H 227 -91.18 59.89 -8.53
N TYR H 228 -90.35 59.28 -9.38
CA TYR H 228 -90.18 59.50 -10.80
C TYR H 228 -91.37 59.19 -11.58
N VAL H 229 -92.06 58.05 -11.22
CA VAL H 229 -93.31 57.61 -11.81
C VAL H 229 -94.47 58.61 -11.57
N GLU H 230 -94.61 59.09 -10.29
CA GLU H 230 -95.69 59.92 -9.92
C GLU H 230 -95.67 61.34 -10.60
N ARG H 231 -94.41 61.77 -10.88
CA ARG H 231 -94.03 62.92 -11.69
C ARG H 231 -94.22 62.68 -13.13
N ALA H 232 -93.95 61.42 -13.56
CA ALA H 232 -94.20 61.09 -14.94
C ALA H 232 -95.64 61.10 -15.40
N ASN H 233 -96.47 60.56 -14.53
CA ASN H 233 -97.87 60.25 -14.80
C ASN H 233 -98.63 61.48 -15.24
N GLU H 234 -98.25 62.60 -14.59
CA GLU H 234 -98.87 63.87 -14.86
C GLU H 234 -98.73 64.23 -16.30
N ARG H 235 -97.52 64.01 -16.89
CA ARG H 235 -97.22 64.23 -18.27
C ARG H 235 -97.74 63.20 -19.21
N ILE H 236 -97.73 61.93 -18.81
CA ILE H 236 -98.21 60.80 -19.65
C ILE H 236 -99.62 61.03 -19.92
N ARG H 237 -100.39 61.44 -18.87
CA ARG H 237 -101.79 61.76 -19.07
C ARG H 237 -102.06 62.94 -19.96
N GLU H 238 -101.20 64.02 -19.90
CA GLU H 238 -101.35 65.20 -20.69
C GLU H 238 -101.31 64.83 -22.18
N LEU H 239 -100.29 64.00 -22.62
CA LEU H 239 -100.06 63.50 -23.95
C LEU H 239 -101.19 62.54 -24.38
N LEU H 240 -101.69 61.69 -23.43
CA LEU H 240 -102.69 60.70 -23.60
C LEU H 240 -104.07 61.33 -23.30
N LYS H 241 -104.22 62.66 -23.58
CA LYS H 241 -105.45 63.34 -23.50
C LYS H 241 -105.43 64.57 -24.42
N LYS H 242 -104.35 64.59 -25.27
CA LYS H 242 -104.23 65.46 -26.38
C LYS H 242 -104.22 64.55 -27.59
N GLN I 1 27.34 -21.42 33.88
CA GLN I 1 28.53 -21.14 34.54
C GLN I 1 29.11 -19.91 33.79
N MET I 2 29.62 -20.18 32.61
CA MET I 2 30.05 -19.18 31.67
C MET I 2 29.67 -19.70 30.28
N GLY I 3 29.27 -18.77 29.43
CA GLY I 3 28.95 -19.03 28.05
C GLY I 3 27.60 -19.47 27.89
N TYR I 4 26.82 -19.55 28.97
CA TYR I 4 25.43 -20.00 28.99
C TYR I 4 24.53 -18.91 29.48
N ASP I 5 25.11 -17.70 29.53
CA ASP I 5 24.55 -16.60 30.28
C ASP I 5 25.06 -15.40 29.63
N ARG I 6 25.60 -15.54 28.42
CA ARG I 6 26.06 -14.43 27.63
C ARG I 6 25.04 -14.18 26.58
N ALA I 7 23.86 -14.94 26.66
CA ALA I 7 22.79 -14.80 25.69
C ALA I 7 21.64 -15.47 26.31
N ILE I 8 20.42 -15.28 25.66
CA ILE I 8 19.20 -15.89 26.08
C ILE I 8 18.86 -16.93 25.17
N THR I 9 19.72 -17.31 24.20
CA THR I 9 19.39 -18.22 23.14
C THR I 9 20.02 -19.63 23.51
N VAL I 10 20.45 -19.79 24.76
CA VAL I 10 21.33 -20.83 25.19
C VAL I 10 20.64 -21.53 26.34
N PHE I 11 21.12 -22.71 26.78
CA PHE I 11 20.70 -23.55 27.87
C PHE I 11 22.01 -23.96 28.52
N SER I 12 22.00 -24.71 29.67
CA SER I 12 23.26 -25.27 30.30
C SER I 12 23.22 -26.76 30.38
N PRO I 13 24.33 -27.46 30.77
CA PRO I 13 24.27 -28.93 30.77
C PRO I 13 23.38 -29.42 31.94
N ASP I 14 23.16 -28.60 32.96
CA ASP I 14 22.24 -28.93 34.06
C ASP I 14 20.80 -29.02 33.56
N GLY I 15 20.36 -28.04 32.69
CA GLY I 15 19.01 -28.02 32.07
C GLY I 15 18.42 -26.73 32.47
N ARG I 16 19.22 -25.91 33.24
CA ARG I 16 18.83 -24.58 33.70
C ARG I 16 19.26 -23.61 32.62
N LEU I 17 18.72 -22.36 32.64
CA LEU I 17 19.08 -21.26 31.73
C LEU I 17 19.65 -20.32 32.74
N PHE I 18 20.98 -20.07 32.72
CA PHE I 18 21.68 -19.37 33.80
C PHE I 18 21.37 -17.92 33.76
N GLN I 19 21.04 -17.46 32.52
CA GLN I 19 20.50 -16.17 32.19
C GLN I 19 19.18 -15.88 32.89
N VAL I 20 18.21 -16.82 32.90
CA VAL I 20 16.87 -16.76 33.46
C VAL I 20 16.87 -16.90 34.97
N GLU I 21 17.89 -17.69 35.54
CA GLU I 21 18.22 -17.87 36.96
C GLU I 21 18.70 -16.56 37.55
N TYR I 22 19.41 -15.75 36.67
CA TYR I 22 19.88 -14.48 37.09
C TYR I 22 18.77 -13.40 37.17
N ALA I 23 17.72 -13.73 36.42
CA ALA I 23 16.54 -12.92 36.44
C ALA I 23 15.61 -13.19 37.66
N ARG I 24 15.81 -14.30 38.41
CA ARG I 24 15.09 -14.69 39.61
C ARG I 24 15.82 -13.94 40.67
N GLU I 25 17.11 -13.74 40.48
CA GLU I 25 17.88 -12.89 41.37
C GLU I 25 17.47 -11.38 41.26
N ALA I 26 17.06 -10.91 40.07
CA ALA I 26 16.49 -9.62 39.88
C ALA I 26 15.21 -9.54 40.70
N VAL I 27 14.31 -10.57 40.74
CA VAL I 27 13.08 -10.66 41.45
C VAL I 27 13.31 -10.63 42.88
N LYS I 28 14.30 -11.31 43.47
CA LYS I 28 14.69 -11.16 44.88
C LYS I 28 15.36 -9.82 45.33
N ARG I 29 15.97 -9.06 44.38
CA ARG I 29 16.54 -7.82 44.73
C ARG I 29 15.52 -6.73 45.13
N GLY I 30 14.38 -6.79 44.39
CA GLY I 30 13.24 -5.87 44.48
C GLY I 30 12.66 -5.73 45.80
N ALA I 31 11.84 -4.65 45.94
CA ALA I 31 11.00 -4.46 47.09
C ALA I 31 9.79 -5.36 47.13
N THR I 32 9.65 -6.11 48.26
CA THR I 32 8.70 -7.08 48.65
C THR I 32 7.32 -6.72 48.23
N ALA I 33 6.50 -7.75 47.87
CA ALA I 33 5.07 -7.78 47.60
C ALA I 33 4.49 -9.09 47.95
N ILE I 34 3.39 -9.01 48.69
CA ILE I 34 2.79 -10.16 49.33
C ILE I 34 1.34 -10.37 48.92
N GLY I 35 0.75 -11.56 48.64
CA GLY I 35 -0.67 -11.68 48.39
C GLY I 35 -1.18 -12.85 49.19
N ILE I 36 -2.43 -12.78 49.71
CA ILE I 36 -2.95 -13.66 50.67
C ILE I 36 -4.35 -13.83 50.11
N LYS I 37 -4.86 -15.10 49.95
CA LYS I 37 -6.15 -15.43 49.42
C LYS I 37 -6.97 -16.12 50.53
N CYS I 38 -8.27 -15.81 50.62
CA CYS I 38 -9.20 -16.31 51.61
C CYS I 38 -10.32 -16.57 50.71
N LYS I 39 -11.44 -17.13 51.16
CA LYS I 39 -12.62 -17.46 50.41
C LYS I 39 -13.57 -16.29 50.33
N GLU I 40 -13.20 -15.24 51.10
CA GLU I 40 -13.91 -14.00 51.36
C GLU I 40 -13.34 -12.86 50.57
N GLY I 41 -12.21 -13.08 49.79
CA GLY I 41 -11.58 -12.08 48.99
C GLY I 41 -10.22 -12.55 48.72
N VAL I 42 -9.42 -11.56 48.09
CA VAL I 42 -8.06 -11.76 47.87
C VAL I 42 -7.50 -10.37 48.03
N ILE I 43 -6.49 -10.33 48.91
CA ILE I 43 -5.86 -9.05 49.40
C ILE I 43 -4.45 -9.00 48.94
N LEU I 44 -4.05 -7.83 48.39
CA LEU I 44 -2.78 -7.73 47.81
C LEU I 44 -2.09 -6.52 48.36
N ILE I 45 -0.97 -6.71 49.02
CA ILE I 45 -0.27 -5.58 49.74
C ILE I 45 1.17 -5.54 49.28
N ALA I 46 1.68 -4.30 49.05
CA ALA I 46 2.98 -4.14 48.58
C ALA I 46 3.64 -3.02 49.31
N ASP I 47 4.94 -3.21 49.66
CA ASP I 47 5.77 -2.35 50.42
C ASP I 47 5.82 -1.02 49.73
N LYS I 48 5.38 0.10 50.38
CA LYS I 48 5.38 1.45 49.87
C LYS I 48 6.53 2.24 50.45
N ARG I 49 7.41 1.56 51.20
CA ARG I 49 8.52 2.05 51.98
C ARG I 49 9.47 2.94 51.18
N VAL I 50 9.84 4.11 51.82
CA VAL I 50 10.67 5.06 51.05
C VAL I 50 12.07 5.19 51.65
N GLY I 51 13.06 5.20 50.76
CA GLY I 51 14.50 5.28 51.12
C GLY I 51 14.94 6.70 51.38
N SER I 52 14.10 7.69 51.01
CA SER I 52 14.42 9.06 51.35
C SER I 52 13.11 9.64 51.73
N LYS I 53 13.10 10.75 52.48
CA LYS I 53 11.93 11.52 52.85
C LYS I 53 11.43 12.29 51.68
N LEU I 54 12.30 12.47 50.65
CA LEU I 54 12.00 13.23 49.45
C LEU I 54 11.02 12.52 48.55
N LEU I 55 11.08 11.16 48.49
CA LEU I 55 10.15 10.40 47.76
C LEU I 55 8.75 10.71 48.32
N GLU I 56 7.84 10.75 47.32
CA GLU I 56 6.51 11.07 47.51
C GLU I 56 5.77 10.18 48.53
N ALA I 57 4.81 10.85 49.20
CA ALA I 57 4.28 10.23 50.39
C ALA I 57 3.44 9.04 50.11
N ASP I 58 3.03 8.95 48.86
CA ASP I 58 2.43 7.79 48.36
C ASP I 58 3.00 7.76 47.00
N THR I 59 4.22 7.18 46.83
CA THR I 59 4.96 7.06 45.50
C THR I 59 4.13 6.20 44.57
N ILE I 60 4.03 6.58 43.27
CA ILE I 60 3.21 5.93 42.31
C ILE I 60 4.08 4.93 41.63
N GLU I 61 3.66 3.64 41.47
CA GLU I 61 2.61 2.92 42.15
C GLU I 61 3.17 1.58 42.44
N LYS I 62 2.59 0.97 43.55
CA LYS I 62 3.07 -0.29 44.09
C LYS I 62 2.00 -1.32 43.82
N ILE I 63 0.72 -0.88 43.53
CA ILE I 63 -0.42 -1.71 43.28
C ILE I 63 -1.07 -1.01 42.09
N TYR I 64 -1.17 -1.66 40.97
CA TYR I 64 -1.64 -1.19 39.72
C TYR I 64 -2.98 -1.72 39.68
N LYS I 65 -3.84 -1.11 38.91
CA LYS I 65 -5.19 -1.58 38.61
C LYS I 65 -5.11 -2.19 37.20
N ILE I 66 -5.82 -3.33 36.94
CA ILE I 66 -5.87 -4.00 35.70
C ILE I 66 -7.30 -3.90 35.17
N ASP I 67 -8.32 -4.09 36.11
CA ASP I 67 -9.70 -3.96 35.79
C ASP I 67 -10.27 -3.50 37.05
N GLU I 68 -11.64 -3.61 37.00
CA GLU I 68 -12.57 -3.17 38.06
C GLU I 68 -12.82 -4.34 38.96
N HIS I 69 -11.91 -5.32 38.99
CA HIS I 69 -11.99 -6.50 39.80
C HIS I 69 -10.67 -7.25 39.82
N ILE I 70 -9.60 -6.69 39.19
CA ILE I 70 -8.33 -7.37 38.93
C ILE I 70 -7.29 -6.37 39.23
N CYS I 71 -6.33 -6.70 40.12
CA CYS I 71 -5.19 -5.85 40.52
C CYS I 71 -3.95 -6.69 40.51
N ALA I 72 -2.81 -6.07 40.49
CA ALA I 72 -1.56 -6.66 40.69
C ALA I 72 -0.61 -5.72 41.32
N ALA I 73 0.43 -6.28 41.92
CA ALA I 73 1.40 -5.51 42.59
C ALA I 73 2.65 -6.11 42.16
N THR I 74 3.81 -5.37 42.40
CA THR I 74 5.01 -5.69 41.59
C THR I 74 6.22 -5.88 42.56
N SER I 75 7.20 -6.73 42.14
CA SER I 75 8.44 -6.81 42.78
C SER I 75 9.48 -7.12 41.72
N GLY I 76 10.68 -6.56 41.90
CA GLY I 76 11.73 -6.73 40.95
C GLY I 76 11.89 -5.40 40.32
N LEU I 77 12.40 -5.33 39.04
CA LEU I 77 12.69 -4.04 38.37
C LEU I 77 11.39 -3.32 38.28
N VAL I 78 11.40 -1.99 38.77
CA VAL I 78 10.12 -1.26 38.72
C VAL I 78 9.86 -0.68 37.35
N ALA I 79 10.95 -0.56 36.57
CA ALA I 79 10.96 -0.19 35.16
C ALA I 79 10.17 -1.12 34.31
N ASP I 80 10.45 -2.50 34.45
CA ASP I 80 9.80 -3.52 33.72
C ASP I 80 8.28 -3.60 33.92
N ALA I 81 7.89 -3.30 35.16
CA ALA I 81 6.52 -3.23 35.57
C ALA I 81 5.66 -2.34 34.72
N ARG I 82 6.16 -1.12 34.35
CA ARG I 82 5.31 -0.24 33.55
C ARG I 82 4.88 -0.83 32.18
N VAL I 83 5.81 -1.43 31.31
CA VAL I 83 5.51 -1.96 29.97
C VAL I 83 4.66 -3.21 30.19
N LEU I 84 5.05 -4.03 31.12
CA LEU I 84 4.36 -5.31 31.42
C LEU I 84 2.96 -5.15 31.83
N ILE I 85 2.72 -4.26 32.78
CA ILE I 85 1.39 -3.99 33.29
C ILE I 85 0.51 -3.40 32.27
N ASP I 86 1.16 -2.58 31.44
CA ASP I 86 0.51 -1.88 30.31
C ASP I 86 -0.21 -2.91 29.44
N ARG I 87 0.51 -4.00 29.14
CA ARG I 87 0.07 -5.10 28.35
C ARG I 87 -1.05 -5.80 29.10
N ALA I 88 -0.95 -5.95 30.38
CA ALA I 88 -1.93 -6.57 31.14
C ALA I 88 -3.23 -5.84 31.20
N ARG I 89 -3.27 -4.46 31.24
CA ARG I 89 -4.47 -3.65 31.21
C ARG I 89 -5.15 -3.89 29.87
N ILE I 90 -4.39 -3.83 28.76
CA ILE I 90 -4.89 -4.04 27.42
C ILE I 90 -5.45 -5.41 27.15
N GLU I 91 -4.77 -6.48 27.68
CA GLU I 91 -5.32 -7.82 27.59
C GLU I 91 -6.65 -8.07 28.33
N ALA I 92 -6.87 -7.34 29.47
CA ALA I 92 -8.19 -7.53 30.17
C ALA I 92 -9.28 -6.71 29.51
N GLN I 93 -8.86 -5.53 28.94
CA GLN I 93 -9.79 -4.83 28.09
C GLN I 93 -10.21 -5.48 26.82
N ILE I 94 -9.18 -6.06 26.09
CA ILE I 94 -9.27 -6.82 24.83
C ILE I 94 -10.30 -8.04 24.96
N ASN I 95 -10.28 -8.70 26.16
CA ASN I 95 -11.22 -9.78 26.47
C ASN I 95 -12.64 -9.21 26.74
N ARG I 96 -12.84 -8.01 27.20
CA ARG I 96 -14.15 -7.31 27.28
C ARG I 96 -14.62 -6.74 25.90
N LEU I 97 -13.64 -6.48 25.02
CA LEU I 97 -13.87 -6.03 23.71
C LEU I 97 -14.55 -7.07 22.84
N THR I 98 -14.07 -8.29 22.93
CA THR I 98 -14.30 -9.33 21.93
C THR I 98 -15.13 -10.42 22.49
N TYR I 99 -15.54 -10.32 23.70
CA TYR I 99 -16.44 -11.30 24.34
C TYR I 99 -17.31 -10.65 25.29
N ASP I 100 -17.06 -9.41 25.78
CA ASP I 100 -17.88 -8.64 26.76
C ASP I 100 -18.12 -9.38 28.10
N GLU I 101 -16.99 -10.01 28.64
CA GLU I 101 -16.94 -10.78 29.83
C GLU I 101 -15.79 -10.16 30.55
N PRO I 102 -15.93 -10.27 31.89
CA PRO I 102 -14.83 -10.20 32.81
C PRO I 102 -13.86 -11.23 32.54
N ILE I 103 -12.55 -10.88 32.35
CA ILE I 103 -11.48 -11.83 32.06
C ILE I 103 -11.34 -12.63 33.29
N THR I 104 -11.14 -13.97 33.15
CA THR I 104 -10.77 -14.83 34.22
C THR I 104 -9.34 -14.66 34.50
N VAL I 105 -9.00 -14.70 35.77
CA VAL I 105 -7.66 -14.39 36.28
C VAL I 105 -6.59 -15.29 35.60
N LYS I 106 -7.00 -16.68 35.39
CA LYS I 106 -6.17 -17.68 34.77
C LYS I 106 -5.72 -17.25 33.49
N GLU I 107 -6.70 -16.72 32.70
CA GLU I 107 -6.47 -16.46 31.25
C GLU I 107 -5.73 -15.26 31.14
N LEU I 108 -5.88 -14.34 32.10
CA LEU I 108 -5.20 -13.07 32.11
C LEU I 108 -3.76 -13.23 32.45
N ALA I 109 -3.42 -14.14 33.43
CA ALA I 109 -2.06 -14.56 33.88
C ALA I 109 -1.51 -15.25 32.65
N LYS I 110 -2.30 -16.04 31.89
CA LYS I 110 -1.88 -16.79 30.80
C LYS I 110 -1.27 -15.87 29.71
N LYS I 111 -1.96 -14.78 29.35
CA LYS I 111 -1.51 -13.92 28.26
C LYS I 111 -0.23 -13.15 28.60
N ILE I 112 -0.14 -12.62 29.85
CA ILE I 112 1.02 -11.88 30.28
C ILE I 112 2.25 -12.78 30.30
N CYS I 113 2.15 -14.02 30.81
CA CYS I 113 3.29 -14.96 30.81
C CYS I 113 3.65 -15.40 29.40
N ASP I 114 2.66 -15.40 28.43
CA ASP I 114 2.98 -15.70 27.08
C ASP I 114 3.83 -14.61 26.56
N PHE I 115 3.58 -13.37 27.00
CA PHE I 115 4.31 -12.18 26.54
C PHE I 115 5.75 -12.16 27.00
N LYS I 116 5.96 -12.63 28.20
CA LYS I 116 7.24 -12.93 28.70
C LYS I 116 7.99 -14.04 27.96
N GLN I 117 7.28 -15.20 27.62
CA GLN I 117 7.91 -16.34 26.95
C GLN I 117 8.39 -15.99 25.65
N GLN I 118 7.68 -15.06 24.99
CA GLN I 118 7.91 -14.61 23.70
C GLN I 118 9.21 -13.83 23.60
N TYR I 119 9.55 -13.18 24.76
CA TYR I 119 10.68 -12.28 24.80
C TYR I 119 11.83 -13.08 25.43
N THR I 120 11.54 -14.39 25.73
CA THR I 120 12.62 -15.34 26.15
C THR I 120 13.11 -16.08 24.98
N GLN I 121 12.16 -16.42 24.10
CA GLN I 121 12.31 -17.07 22.87
C GLN I 121 13.21 -16.33 21.96
N TYR I 122 12.96 -15.02 21.79
CA TYR I 122 13.62 -14.18 20.78
C TYR I 122 14.99 -14.00 21.29
N GLY I 123 15.96 -14.16 20.39
CA GLY I 123 17.36 -14.25 20.77
C GLY I 123 18.11 -12.98 20.98
N GLY I 124 17.60 -11.88 20.32
CA GLY I 124 18.10 -10.57 20.44
C GLY I 124 17.24 -9.80 21.51
N VAL I 125 16.40 -10.47 22.31
CA VAL I 125 15.52 -9.78 23.28
C VAL I 125 15.68 -10.35 24.60
N ARG I 126 16.12 -9.49 25.58
CA ARG I 126 16.15 -9.87 26.98
C ARG I 126 14.83 -10.28 27.59
N PRO I 127 14.70 -11.22 28.46
CA PRO I 127 13.44 -11.58 29.08
C PRO I 127 13.08 -10.49 30.16
N PHE I 128 11.80 -10.58 30.59
CA PHE I 128 11.39 -9.79 31.73
C PHE I 128 12.04 -10.20 33.09
N GLY I 129 12.15 -9.17 34.00
CA GLY I 129 12.82 -9.19 35.17
C GLY I 129 11.94 -8.56 36.16
N VAL I 130 10.68 -8.99 36.15
CA VAL I 130 9.77 -8.53 37.15
C VAL I 130 8.77 -9.61 37.29
N SER I 131 8.20 -9.62 38.49
CA SER I 131 7.25 -10.61 38.95
C SER I 131 6.00 -9.95 39.40
N LEU I 132 4.76 -10.51 39.13
CA LEU I 132 3.50 -9.79 39.44
C LEU I 132 2.73 -10.75 40.22
N LEU I 133 1.84 -10.23 41.12
CA LEU I 133 0.98 -11.10 41.78
C LEU I 133 -0.34 -10.54 41.42
N ILE I 134 -1.03 -11.29 40.57
CA ILE I 134 -2.27 -10.93 40.02
C ILE I 134 -3.24 -11.61 40.94
N ALA I 135 -4.26 -10.83 41.41
CA ALA I 135 -5.25 -11.25 42.34
C ALA I 135 -6.52 -10.79 41.75
N GLY I 136 -7.51 -11.63 41.80
CA GLY I 136 -8.82 -11.25 41.44
C GLY I 136 -9.78 -12.23 41.83
N VAL I 137 -11.05 -11.85 41.59
CA VAL I 137 -12.17 -12.69 42.04
C VAL I 137 -12.92 -12.85 40.77
N ASP I 138 -13.27 -14.08 40.38
CA ASP I 138 -14.11 -14.32 39.18
C ASP I 138 -15.39 -14.87 39.76
N GLU I 139 -15.49 -16.19 40.03
CA GLU I 139 -16.65 -16.82 40.66
C GLU I 139 -16.05 -17.39 41.88
N VAL I 140 -14.66 -17.33 41.95
CA VAL I 140 -14.02 -17.60 43.21
C VAL I 140 -12.86 -16.72 43.25
N PRO I 141 -12.26 -16.37 44.48
CA PRO I 141 -10.98 -15.78 44.56
C PRO I 141 -10.00 -16.63 43.80
N LYS I 142 -8.98 -15.98 43.20
CA LYS I 142 -7.89 -16.68 42.54
C LYS I 142 -6.68 -15.78 42.77
N LEU I 143 -5.50 -16.39 42.85
CA LEU I 143 -4.30 -15.71 43.18
C LEU I 143 -3.27 -16.39 42.37
N TYR I 144 -2.41 -15.64 41.73
CA TYR I 144 -1.36 -16.10 40.84
C TYR I 144 -0.16 -15.30 41.11
N GLU I 145 1.02 -15.99 40.80
CA GLU I 145 2.38 -15.52 40.66
C GLU I 145 2.79 -15.63 39.23
N THR I 146 3.16 -14.47 38.59
CA THR I 146 3.67 -14.52 37.17
C THR I 146 5.13 -14.37 37.41
N ASP I 147 5.98 -15.26 36.79
CA ASP I 147 7.37 -15.38 37.05
C ASP I 147 8.20 -14.77 35.93
N PRO I 148 9.49 -14.47 36.00
CA PRO I 148 10.24 -13.79 34.94
C PRO I 148 10.44 -14.82 33.85
N SER I 149 10.34 -16.14 34.13
CA SER I 149 10.52 -17.24 33.30
C SER I 149 9.36 -17.17 32.26
N GLY I 150 8.15 -16.65 32.71
CA GLY I 150 6.94 -16.53 32.03
C GLY I 150 6.12 -17.73 32.28
N ALA I 151 6.11 -18.19 33.56
CA ALA I 151 5.32 -19.32 33.99
C ALA I 151 4.18 -18.76 34.85
N LEU I 152 2.96 -19.36 34.80
CA LEU I 152 1.97 -18.98 35.86
C LEU I 152 1.86 -20.20 36.71
N LEU I 153 1.54 -19.78 38.01
CA LEU I 153 1.53 -20.62 39.23
C LEU I 153 0.40 -20.06 39.99
N GLU I 154 -0.45 -20.98 40.59
CA GLU I 154 -1.55 -20.62 41.44
C GLU I 154 -0.97 -20.87 42.84
N TYR I 155 -1.37 -20.07 43.84
CA TYR I 155 -0.93 -20.09 45.24
C TYR I 155 -2.11 -19.94 46.12
N LYS I 156 -1.92 -20.50 47.39
CA LYS I 156 -2.84 -20.26 48.48
C LYS I 156 -2.56 -18.94 49.20
N ALA I 157 -1.31 -18.73 49.47
CA ALA I 157 -0.82 -17.38 49.79
C ALA I 157 0.58 -17.40 49.41
N THR I 158 1.16 -16.26 49.03
CA THR I 158 2.36 -16.15 48.27
C THR I 158 3.10 -14.89 48.68
N ALA I 159 4.30 -14.73 48.16
CA ALA I 159 5.07 -13.51 48.36
C ALA I 159 6.10 -13.51 47.23
N ILE I 160 6.71 -12.41 46.99
CA ILE I 160 7.78 -12.18 46.06
C ILE I 160 8.55 -11.05 46.53
N GLY I 161 9.72 -10.92 45.95
CA GLY I 161 10.56 -9.75 46.20
C GLY I 161 11.66 -10.12 47.15
N MET I 162 12.05 -9.11 47.96
CA MET I 162 13.08 -9.40 48.95
C MET I 162 12.57 -10.09 50.16
N GLY I 163 11.26 -9.94 50.39
CA GLY I 163 10.64 -10.62 51.52
C GLY I 163 10.16 -12.03 51.26
N ARG I 164 10.40 -12.61 50.06
CA ARG I 164 9.70 -13.81 49.61
C ARG I 164 9.84 -14.96 50.63
N ASN I 165 11.09 -15.26 51.01
CA ASN I 165 11.53 -16.37 51.79
C ASN I 165 10.99 -16.50 53.15
N ALA I 166 10.86 -15.32 53.82
CA ALA I 166 10.38 -15.04 55.11
C ALA I 166 8.93 -15.41 55.16
N VAL I 167 8.19 -15.08 54.13
CA VAL I 167 6.78 -15.27 54.17
C VAL I 167 6.42 -16.68 53.82
N THR I 168 7.31 -17.44 53.11
CA THR I 168 6.99 -18.78 52.86
C THR I 168 7.00 -19.57 54.19
N GLU I 169 8.02 -19.25 55.01
CA GLU I 169 8.20 -19.91 56.32
C GLU I 169 7.10 -19.53 57.29
N PHE I 170 6.69 -18.23 57.27
CA PHE I 170 5.69 -17.72 58.15
C PHE I 170 4.37 -18.42 57.86
N PHE I 171 3.96 -18.49 56.59
CA PHE I 171 2.64 -19.00 56.23
C PHE I 171 2.62 -20.53 56.40
N GLU I 172 3.77 -21.21 56.47
CA GLU I 172 3.72 -22.61 56.80
C GLU I 172 3.09 -22.92 58.18
N LYS I 173 3.50 -22.03 59.16
CA LYS I 173 3.05 -22.17 60.49
C LYS I 173 1.61 -21.65 60.72
N GLU I 174 1.33 -20.45 60.15
CA GLU I 174 0.24 -19.58 60.62
C GLU I 174 -0.97 -19.64 59.71
N TYR I 175 -0.74 -19.73 58.39
CA TYR I 175 -1.77 -19.61 57.39
C TYR I 175 -2.80 -20.70 57.52
N ARG I 176 -4.03 -20.42 57.14
CA ARG I 176 -5.06 -21.43 57.06
C ARG I 176 -6.08 -20.88 56.08
N ASP I 177 -7.06 -21.76 55.82
CA ASP I 177 -8.06 -21.53 54.83
C ASP I 177 -9.28 -21.17 55.50
N ASP I 178 -9.22 -20.75 56.82
CA ASP I 178 -10.37 -20.42 57.52
C ASP I 178 -10.13 -19.02 58.04
N LEU I 179 -9.57 -18.15 57.24
CA LEU I 179 -9.25 -16.71 57.45
C LEU I 179 -10.42 -15.97 56.87
N SER I 180 -10.96 -15.05 57.68
CA SER I 180 -11.87 -13.98 57.28
C SER I 180 -11.15 -13.09 56.31
N PHE I 181 -11.85 -12.03 55.89
CA PHE I 181 -11.42 -10.97 55.04
C PHE I 181 -10.42 -10.14 55.81
N ASP I 182 -10.80 -9.89 57.04
CA ASP I 182 -10.04 -8.99 57.90
C ASP I 182 -8.79 -9.72 58.44
N ASP I 183 -8.90 -11.06 58.74
CA ASP I 183 -7.86 -11.88 59.34
C ASP I 183 -6.85 -12.26 58.31
N ALA I 184 -7.30 -12.30 57.04
CA ALA I 184 -6.39 -12.52 55.86
C ALA I 184 -5.39 -11.38 55.58
N MET I 185 -5.86 -10.09 55.54
CA MET I 185 -5.17 -8.87 55.27
C MET I 185 -4.27 -8.61 56.43
N VAL I 186 -4.79 -8.91 57.68
CA VAL I 186 -4.02 -8.76 58.91
C VAL I 186 -2.85 -9.67 58.85
N LEU I 187 -3.06 -10.96 58.40
CA LEU I 187 -1.97 -11.93 58.37
C LEU I 187 -0.87 -11.55 57.44
N GLY I 188 -1.27 -10.83 56.40
CA GLY I 188 -0.45 -10.34 55.36
C GLY I 188 0.37 -9.17 55.76
N LEU I 189 -0.22 -8.35 56.73
CA LEU I 189 0.45 -7.18 57.32
C LEU I 189 1.51 -7.73 58.25
N VAL I 190 1.19 -8.78 59.00
CA VAL I 190 2.11 -9.34 59.92
C VAL I 190 3.21 -9.88 59.29
N ALA I 191 3.01 -10.51 58.09
CA ALA I 191 3.98 -11.12 57.21
C ALA I 191 4.95 -10.02 56.64
N MET I 192 4.40 -8.90 56.17
CA MET I 192 5.19 -7.73 55.72
C MET I 192 6.03 -7.06 56.78
N GLY I 193 5.54 -6.88 58.04
CA GLY I 193 6.25 -6.29 59.11
C GLY I 193 7.38 -7.24 59.52
N LEU I 194 7.21 -8.54 59.32
CA LEU I 194 8.21 -9.52 59.71
C LEU I 194 9.30 -9.41 58.62
N SER I 195 8.94 -9.16 57.30
CA SER I 195 9.87 -9.14 56.16
C SER I 195 10.91 -8.07 56.29
N ILE I 196 10.41 -6.80 56.70
CA ILE I 196 11.29 -5.61 56.83
C ILE I 196 11.90 -5.59 58.22
N GLU I 197 11.25 -6.27 59.20
CA GLU I 197 11.70 -6.35 60.54
C GLU I 197 11.68 -4.99 61.16
N SER I 198 10.63 -4.08 61.00
CA SER I 198 10.55 -2.80 61.67
C SER I 198 9.07 -2.75 61.97
N GLU I 199 8.58 -1.69 62.68
CA GLU I 199 7.19 -1.40 62.96
C GLU I 199 6.59 -0.60 61.82
N LEU I 200 5.31 -0.96 61.47
CA LEU I 200 4.54 -0.40 60.30
C LEU I 200 3.67 0.71 60.77
N VAL I 201 3.55 1.81 59.91
CA VAL I 201 2.59 2.88 59.98
C VAL I 201 1.88 2.85 58.63
N PRO I 202 0.84 3.52 58.17
CA PRO I 202 0.23 3.29 56.77
C PRO I 202 0.93 4.13 55.71
N GLU I 203 1.95 4.92 56.17
CA GLU I 203 2.66 5.90 55.33
C GLU I 203 3.83 5.15 54.70
N ASN I 204 3.75 3.79 54.58
CA ASN I 204 4.94 3.04 54.10
C ASN I 204 4.41 1.66 53.70
N ILE I 205 3.07 1.47 53.50
CA ILE I 205 2.44 0.30 52.92
C ILE I 205 1.41 0.82 52.02
N GLU I 206 1.04 0.07 50.96
CA GLU I 206 -0.14 0.33 50.15
C GLU I 206 -0.85 -1.00 50.16
N VAL I 207 -2.12 -0.90 50.51
CA VAL I 207 -3.02 -2.01 50.41
C VAL I 207 -4.09 -1.56 49.49
N GLY I 208 -4.42 -2.44 48.57
CA GLY I 208 -5.72 -2.52 48.00
C GLY I 208 -6.25 -3.94 48.34
N TYR I 209 -7.53 -4.09 48.03
CA TYR I 209 -8.14 -5.41 48.30
C TYR I 209 -9.38 -5.59 47.36
N VAL I 210 -9.85 -6.86 47.28
CA VAL I 210 -10.95 -7.37 46.45
C VAL I 210 -11.78 -8.02 47.45
N LYS I 211 -13.06 -7.60 47.47
CA LYS I 211 -14.08 -8.27 48.13
C LYS I 211 -14.92 -8.97 47.14
N VAL I 212 -15.27 -10.27 47.43
CA VAL I 212 -16.39 -11.09 46.90
C VAL I 212 -17.71 -10.35 46.91
N ASP I 213 -18.00 -9.59 47.97
CA ASP I 213 -19.34 -8.97 48.20
C ASP I 213 -19.72 -8.04 47.05
N ASP I 214 -18.71 -7.30 46.50
CA ASP I 214 -18.99 -6.47 45.40
C ASP I 214 -18.47 -7.16 44.24
N ARG I 215 -17.41 -8.00 44.37
CA ARG I 215 -16.70 -8.58 43.24
C ARG I 215 -15.92 -7.55 42.49
N THR I 216 -15.20 -6.64 43.34
CA THR I 216 -14.56 -5.42 42.82
C THR I 216 -13.67 -4.87 43.87
N PHE I 217 -12.37 -4.98 43.51
CA PHE I 217 -11.31 -4.00 43.62
C PHE I 217 -11.74 -2.63 44.15
N LYS I 218 -11.17 -2.24 45.30
CA LYS I 218 -11.09 -0.95 45.92
C LYS I 218 -9.69 -0.79 46.50
N GLU I 219 -9.30 0.52 46.66
CA GLU I 219 -7.93 0.79 46.96
C GLU I 219 -8.06 1.53 48.24
N VAL I 220 -7.36 1.02 49.32
CA VAL I 220 -7.55 1.52 50.69
C VAL I 220 -6.62 2.66 50.92
N SER I 221 -7.26 3.80 51.31
CA SER I 221 -6.54 5.05 51.68
C SER I 221 -5.73 4.92 52.96
N PRO I 222 -4.58 5.63 53.16
CA PRO I 222 -3.80 5.46 54.36
C PRO I 222 -4.58 5.71 55.72
N GLU I 223 -5.62 6.59 55.79
CA GLU I 223 -6.43 7.05 56.91
C GLU I 223 -7.22 5.87 57.50
N GLU I 224 -7.80 5.05 56.62
CA GLU I 224 -8.58 3.86 56.86
C GLU I 224 -7.73 2.66 56.70
N LEU I 225 -6.41 2.78 56.74
CA LEU I 225 -5.58 1.65 56.87
C LEU I 225 -5.13 1.53 58.30
N LYS I 226 -5.09 2.67 59.06
CA LYS I 226 -4.68 2.72 60.41
C LYS I 226 -5.26 1.67 61.39
N PRO I 227 -6.58 1.37 61.57
CA PRO I 227 -7.00 0.38 62.49
C PRO I 227 -6.35 -0.92 62.23
N TYR I 228 -6.30 -1.37 60.98
CA TYR I 228 -5.67 -2.65 60.63
C TYR I 228 -4.21 -2.64 60.88
N VAL I 229 -3.45 -1.54 60.59
CA VAL I 229 -2.01 -1.36 60.88
C VAL I 229 -1.82 -1.55 62.38
N GLU I 230 -2.64 -0.88 63.23
CA GLU I 230 -2.51 -0.99 64.69
C GLU I 230 -2.70 -2.41 65.19
N ARG I 231 -3.77 -3.13 64.72
CA ARG I 231 -4.19 -4.40 65.21
C ARG I 231 -3.08 -5.40 64.98
N ALA I 232 -2.46 -5.26 63.72
CA ALA I 232 -1.33 -6.13 63.29
C ALA I 232 -0.10 -5.95 64.14
N ASN I 233 0.12 -4.65 64.53
CA ASN I 233 1.33 -4.21 65.10
C ASN I 233 1.71 -4.93 66.35
N GLU I 234 0.72 -5.31 67.18
CA GLU I 234 0.81 -6.09 68.42
C GLU I 234 1.41 -7.42 68.09
N ARG I 235 0.92 -8.18 67.09
CA ARG I 235 1.50 -9.41 66.69
C ARG I 235 2.93 -9.18 66.13
N ILE I 236 3.19 -8.18 65.33
CA ILE I 236 4.51 -8.05 64.70
C ILE I 236 5.51 -7.85 65.69
N ARG I 237 5.22 -7.04 66.73
CA ARG I 237 6.07 -6.77 67.88
C ARG I 237 6.49 -7.98 68.62
N GLU I 238 5.51 -8.95 68.69
CA GLU I 238 5.69 -10.27 69.32
C GLU I 238 6.62 -11.14 68.58
N LEU I 239 6.59 -11.06 67.21
CA LEU I 239 7.30 -11.87 66.27
C LEU I 239 8.75 -11.53 66.24
N LEU I 240 9.09 -10.26 66.65
CA LEU I 240 10.38 -9.73 66.50
C LEU I 240 11.02 -9.70 67.94
N LYS I 241 10.44 -10.54 68.86
CA LYS I 241 10.77 -10.95 70.21
C LYS I 241 10.84 -12.46 70.33
N LYS I 242 10.17 -13.18 69.39
CA LYS I 242 10.28 -14.65 69.30
C LYS I 242 11.14 -14.85 68.05
N ARG J 6 -77.40 27.60 -53.83
CA ARG J 6 -77.85 27.11 -55.18
C ARG J 6 -77.64 28.22 -56.18
N ALA J 7 -78.69 28.84 -56.75
CA ALA J 7 -78.59 29.74 -57.79
C ALA J 7 -79.91 30.52 -57.70
N ILE J 8 -79.94 31.72 -58.21
CA ILE J 8 -81.01 32.65 -58.32
C ILE J 8 -82.01 32.03 -59.26
N THR J 9 -83.29 32.36 -59.06
CA THR J 9 -84.37 32.06 -59.96
C THR J 9 -84.39 32.93 -61.20
N VAL J 10 -84.41 32.28 -62.38
CA VAL J 10 -84.22 32.81 -63.71
C VAL J 10 -82.74 33.18 -63.81
N PHE J 11 -82.02 32.52 -64.79
CA PHE J 11 -80.57 32.61 -64.92
C PHE J 11 -80.38 33.67 -65.96
N SER J 12 -79.36 34.61 -65.83
CA SER J 12 -79.17 35.54 -66.96
C SER J 12 -78.70 34.78 -68.18
N PRO J 13 -79.04 35.05 -69.40
CA PRO J 13 -78.53 34.28 -70.53
C PRO J 13 -77.33 35.07 -71.03
N ASP J 14 -77.07 36.30 -70.54
CA ASP J 14 -75.98 37.14 -71.02
C ASP J 14 -75.51 38.03 -69.96
N GLY J 15 -74.19 38.28 -70.03
CA GLY J 15 -73.60 39.24 -69.13
C GLY J 15 -73.61 38.93 -67.67
N ARG J 16 -73.65 39.95 -66.80
CA ARG J 16 -73.69 39.73 -65.37
C ARG J 16 -74.96 39.06 -64.86
N LEU J 17 -74.82 38.28 -63.74
CA LEU J 17 -75.88 37.53 -63.12
C LEU J 17 -76.84 38.39 -62.43
N PHE J 18 -78.00 37.84 -62.07
CA PHE J 18 -79.11 38.53 -61.40
C PHE J 18 -78.63 38.88 -60.00
N GLN J 19 -77.87 38.04 -59.19
CA GLN J 19 -77.39 38.34 -57.82
C GLN J 19 -76.56 39.59 -57.83
N VAL J 20 -75.80 39.85 -58.94
CA VAL J 20 -74.95 41.03 -59.15
C VAL J 20 -75.82 42.22 -59.32
N GLU J 21 -76.98 42.19 -60.14
CA GLU J 21 -77.76 43.36 -60.42
C GLU J 21 -78.45 43.90 -59.16
N TYR J 22 -79.06 43.01 -58.33
CA TYR J 22 -79.82 43.17 -57.19
C TYR J 22 -79.04 43.70 -56.06
N ALA J 23 -77.74 43.33 -55.99
CA ALA J 23 -76.78 43.88 -55.11
C ALA J 23 -76.20 45.15 -55.49
N ARG J 24 -76.19 45.48 -56.79
CA ARG J 24 -75.77 46.75 -57.28
C ARG J 24 -76.74 47.91 -56.76
N GLU J 25 -78.05 47.51 -56.64
CA GLU J 25 -79.12 48.32 -56.14
C GLU J 25 -79.00 48.56 -54.68
N ALA J 26 -78.24 47.78 -53.94
CA ALA J 26 -78.04 47.96 -52.50
C ALA J 26 -77.13 49.12 -52.29
N VAL J 27 -76.10 49.20 -53.16
CA VAL J 27 -75.11 50.23 -53.20
C VAL J 27 -75.79 51.57 -53.52
N LYS J 28 -76.74 51.53 -54.43
CA LYS J 28 -77.35 52.68 -54.90
C LYS J 28 -78.14 53.36 -53.81
N ARG J 29 -78.83 52.49 -53.11
CA ARG J 29 -79.86 52.81 -52.12
C ARG J 29 -79.14 53.46 -50.87
N GLY J 30 -77.96 52.89 -50.47
CA GLY J 30 -77.07 53.39 -49.46
C GLY J 30 -76.26 54.52 -49.93
N ALA J 31 -76.01 55.49 -49.02
CA ALA J 31 -75.21 56.69 -49.14
C ALA J 31 -73.88 56.61 -49.84
N THR J 32 -73.56 57.51 -50.68
CA THR J 32 -72.39 57.73 -51.53
C THR J 32 -71.08 57.70 -50.86
N ALA J 33 -70.05 57.42 -51.73
CA ALA J 33 -68.69 57.62 -51.30
C ALA J 33 -68.01 58.01 -52.56
N ILE J 34 -66.91 58.85 -52.38
CA ILE J 34 -66.27 59.45 -53.46
C ILE J 34 -64.77 59.41 -53.20
N GLY J 35 -64.00 59.01 -54.21
CA GLY J 35 -62.54 58.79 -54.01
C GLY J 35 -62.05 59.68 -55.13
N ILE J 36 -61.11 60.49 -54.78
CA ILE J 36 -60.43 61.41 -55.67
C ILE J 36 -59.02 61.23 -55.42
N LYS J 37 -58.27 61.21 -56.53
CA LYS J 37 -56.88 60.83 -56.57
C LYS J 37 -56.11 61.98 -57.16
N CYS J 38 -54.91 62.28 -56.61
CA CYS J 38 -53.90 63.19 -56.97
C CYS J 38 -52.58 62.46 -56.80
N LYS J 39 -51.48 63.22 -57.11
CA LYS J 39 -50.11 62.81 -57.13
C LYS J 39 -49.52 62.88 -55.74
N GLU J 40 -50.18 63.63 -54.86
CA GLU J 40 -49.64 64.04 -53.64
C GLU J 40 -50.35 63.34 -52.51
N GLY J 41 -51.18 62.33 -52.91
CA GLY J 41 -51.92 61.52 -51.98
C GLY J 41 -53.25 61.10 -52.64
N VAL J 42 -54.11 60.47 -51.84
CA VAL J 42 -55.39 60.12 -52.19
C VAL J 42 -56.21 60.42 -51.00
N ILE J 43 -57.37 61.12 -51.28
CA ILE J 43 -58.21 61.79 -50.30
C ILE J 43 -59.46 61.05 -50.47
N LEU J 44 -60.12 60.64 -49.38
CA LEU J 44 -61.22 59.75 -49.41
C LEU J 44 -62.19 60.40 -48.53
N ILE J 45 -63.36 60.69 -49.14
CA ILE J 45 -64.38 61.45 -48.49
C ILE J 45 -65.56 60.61 -48.63
N ALA J 46 -66.41 60.58 -47.59
CA ALA J 46 -67.61 59.82 -47.54
C ALA J 46 -68.71 60.79 -46.98
N ASP J 47 -69.92 60.56 -47.52
CA ASP J 47 -71.11 61.17 -47.03
C ASP J 47 -71.67 60.32 -45.89
N LYS J 48 -72.29 60.99 -44.89
CA LYS J 48 -72.91 60.44 -43.76
C LYS J 48 -74.20 61.20 -43.55
N ARG J 49 -74.86 61.79 -44.58
CA ARG J 49 -75.94 62.72 -44.36
C ARG J 49 -77.09 62.05 -43.72
N VAL J 50 -77.75 62.76 -42.84
CA VAL J 50 -78.82 62.25 -42.09
C VAL J 50 -79.66 63.50 -41.89
N GLY J 51 -80.90 63.42 -41.37
CA GLY J 51 -81.86 64.44 -41.16
C GLY J 51 -82.51 64.28 -39.82
N SER J 52 -81.74 64.03 -38.71
CA SER J 52 -82.21 63.82 -37.31
C SER J 52 -81.03 64.11 -36.47
N LYS J 53 -81.23 64.39 -35.16
CA LYS J 53 -80.10 64.68 -34.30
C LYS J 53 -79.77 63.54 -33.38
N LEU J 54 -80.66 62.59 -33.28
CA LEU J 54 -80.59 61.43 -32.49
C LEU J 54 -79.65 60.50 -33.13
N LEU J 55 -79.66 60.35 -34.42
CA LEU J 55 -78.62 59.63 -35.12
C LEU J 55 -77.41 60.49 -35.05
N GLU J 56 -76.34 59.97 -34.56
CA GLU J 56 -75.08 60.71 -34.49
C GLU J 56 -74.29 60.25 -35.65
N ALA J 57 -73.88 61.20 -36.48
CA ALA J 57 -73.30 60.92 -37.78
C ALA J 57 -71.96 61.62 -37.96
N ASP J 58 -71.14 61.45 -36.85
CA ASP J 58 -69.91 62.23 -36.64
C ASP J 58 -69.08 61.58 -35.60
N THR J 59 -69.68 60.54 -35.00
CA THR J 59 -69.13 59.68 -34.02
C THR J 59 -69.22 58.25 -34.60
N ILE J 60 -69.69 58.01 -35.85
CA ILE J 60 -69.74 56.69 -36.42
C ILE J 60 -68.94 56.71 -37.68
N GLU J 61 -67.94 55.78 -37.86
CA GLU J 61 -67.12 55.68 -38.99
C GLU J 61 -67.72 55.03 -40.13
N LYS J 62 -67.44 55.71 -41.32
CA LYS J 62 -67.79 55.26 -42.62
C LYS J 62 -66.53 55.42 -43.46
N ILE J 63 -65.51 56.18 -42.83
CA ILE J 63 -64.18 55.94 -43.28
C ILE J 63 -63.63 55.21 -42.17
N TYR J 64 -63.24 53.99 -42.51
CA TYR J 64 -62.80 52.98 -41.61
C TYR J 64 -61.34 52.90 -41.82
N LYS J 65 -60.59 52.72 -40.69
CA LYS J 65 -59.16 52.67 -40.68
C LYS J 65 -58.83 51.17 -40.89
N ILE J 66 -58.15 50.94 -42.02
CA ILE J 66 -57.84 49.61 -42.46
C ILE J 66 -56.43 49.30 -41.96
N ASP J 67 -55.47 50.20 -42.12
CA ASP J 67 -54.08 50.08 -41.78
C ASP J 67 -53.61 51.46 -41.50
N GLU J 68 -52.37 51.73 -41.15
CA GLU J 68 -51.84 53.02 -40.80
C GLU J 68 -51.64 53.89 -42.01
N HIS J 69 -51.84 53.35 -43.23
CA HIS J 69 -51.68 54.12 -44.37
C HIS J 69 -52.66 53.58 -45.33
N ILE J 70 -53.70 52.80 -44.95
CA ILE J 70 -54.73 52.31 -45.85
C ILE J 70 -55.99 52.62 -45.09
N CYS J 71 -57.04 53.14 -45.79
CA CYS J 71 -58.37 53.39 -45.29
C CYS J 71 -59.33 52.98 -46.44
N ALA J 72 -60.60 52.86 -46.09
CA ALA J 72 -61.59 52.54 -47.03
C ALA J 72 -62.88 53.29 -46.67
N ALA J 73 -63.66 53.60 -47.68
CA ALA J 73 -64.98 54.17 -47.61
C ALA J 73 -65.89 53.09 -48.09
N THR J 74 -67.22 53.29 -47.83
CA THR J 74 -68.21 52.34 -48.12
C THR J 74 -69.42 53.05 -48.75
N SER J 75 -70.23 52.26 -49.45
CA SER J 75 -71.48 52.71 -49.92
C SER J 75 -72.24 51.38 -49.95
N GLY J 76 -73.60 51.44 -49.64
CA GLY J 76 -74.36 50.24 -49.49
C GLY J 76 -74.77 50.11 -48.03
N LEU J 77 -74.92 48.83 -47.60
CA LEU J 77 -75.30 48.42 -46.23
C LEU J 77 -74.22 48.72 -45.32
N VAL J 78 -74.53 49.22 -44.05
CA VAL J 78 -73.49 49.53 -43.02
C VAL J 78 -73.15 48.22 -42.30
N ALA J 79 -74.09 47.23 -42.48
CA ALA J 79 -73.98 45.92 -41.87
C ALA J 79 -72.97 44.95 -42.48
N ASP J 80 -73.01 44.85 -43.84
CA ASP J 80 -72.20 44.01 -44.73
C ASP J 80 -70.82 44.57 -44.73
N ALA J 81 -70.75 45.94 -44.74
CA ALA J 81 -69.56 46.73 -44.78
C ALA J 81 -68.69 46.51 -43.58
N ARG J 82 -69.37 46.37 -42.42
CA ARG J 82 -68.80 46.33 -41.09
C ARG J 82 -68.00 45.06 -41.02
N VAL J 83 -68.62 43.93 -41.50
CA VAL J 83 -68.02 42.59 -41.47
C VAL J 83 -66.84 42.58 -42.38
N LEU J 84 -66.93 43.25 -43.50
CA LEU J 84 -66.01 43.10 -44.62
C LEU J 84 -64.79 43.93 -44.42
N ILE J 85 -64.85 45.14 -43.83
CA ILE J 85 -63.68 45.95 -43.41
C ILE J 85 -63.03 45.17 -42.26
N ASP J 86 -63.79 44.52 -41.34
CA ASP J 86 -63.23 43.70 -40.27
C ASP J 86 -62.30 42.60 -40.82
N ARG J 87 -62.62 41.92 -41.96
CA ARG J 87 -61.79 40.93 -42.58
C ARG J 87 -60.53 41.60 -43.13
N ALA J 88 -60.71 42.70 -43.84
CA ALA J 88 -59.61 43.32 -44.58
C ALA J 88 -58.47 43.81 -43.64
N ARG J 89 -58.87 44.33 -42.43
CA ARG J 89 -57.93 44.75 -41.37
C ARG J 89 -57.02 43.71 -41.03
N ILE J 90 -57.51 42.49 -40.89
CA ILE J 90 -56.83 41.30 -40.50
C ILE J 90 -55.89 40.88 -41.62
N GLU J 91 -56.27 40.97 -42.95
CA GLU J 91 -55.42 40.64 -44.08
C GLU J 91 -54.15 41.44 -44.10
N ALA J 92 -54.16 42.82 -43.87
CA ALA J 92 -53.10 43.77 -43.83
C ALA J 92 -52.08 43.43 -42.92
N GLN J 93 -52.56 43.16 -41.67
CA GLN J 93 -51.90 42.73 -40.52
C GLN J 93 -51.18 41.40 -40.84
N ILE J 94 -51.72 40.43 -41.57
CA ILE J 94 -51.08 39.17 -41.92
C ILE J 94 -50.03 39.31 -42.92
N ASN J 95 -50.14 40.46 -43.73
CA ASN J 95 -49.07 40.65 -44.61
C ASN J 95 -47.78 41.14 -43.90
N ARG J 96 -47.98 41.95 -42.91
CA ARG J 96 -47.03 42.43 -41.95
C ARG J 96 -46.45 41.32 -41.09
N LEU J 97 -47.18 40.25 -40.81
CA LEU J 97 -46.68 39.23 -39.93
C LEU J 97 -45.65 38.48 -40.62
N THR J 98 -46.00 38.07 -41.92
CA THR J 98 -45.25 37.11 -42.73
C THR J 98 -44.12 37.82 -43.58
N TYR J 99 -44.10 39.19 -43.70
CA TYR J 99 -43.13 39.80 -44.52
C TYR J 99 -42.35 40.83 -43.83
N ASP J 100 -43.04 41.63 -42.97
CA ASP J 100 -42.60 42.81 -42.19
C ASP J 100 -42.84 44.00 -43.05
N GLU J 101 -43.78 43.83 -44.00
CA GLU J 101 -44.01 44.77 -45.02
C GLU J 101 -45.52 45.01 -45.10
N PRO J 102 -46.00 46.30 -44.99
CA PRO J 102 -47.42 46.54 -45.21
C PRO J 102 -47.86 46.08 -46.58
N ILE J 103 -49.09 45.59 -46.72
CA ILE J 103 -49.70 45.15 -47.93
C ILE J 103 -49.81 46.23 -48.98
N THR J 104 -49.81 45.89 -50.31
CA THR J 104 -50.18 46.84 -51.37
C THR J 104 -51.65 46.90 -51.31
N VAL J 105 -52.14 48.06 -51.77
CA VAL J 105 -53.54 48.35 -51.98
C VAL J 105 -54.07 47.35 -52.99
N LYS J 106 -53.25 46.98 -54.01
CA LYS J 106 -53.63 46.13 -55.07
C LYS J 106 -53.92 44.72 -54.55
N GLU J 107 -53.02 44.16 -53.73
CA GLU J 107 -53.09 42.79 -53.27
C GLU J 107 -54.16 42.71 -52.26
N LEU J 108 -54.39 43.68 -51.37
CA LEU J 108 -55.41 43.72 -50.37
C LEU J 108 -56.74 43.68 -51.02
N ALA J 109 -56.91 44.52 -52.11
CA ALA J 109 -58.17 44.63 -52.89
C ALA J 109 -58.56 43.36 -53.52
N LYS J 110 -57.56 42.72 -54.16
CA LYS J 110 -57.79 41.53 -54.87
C LYS J 110 -58.29 40.41 -53.92
N LYS J 111 -57.83 40.37 -52.69
CA LYS J 111 -58.04 39.33 -51.78
C LYS J 111 -59.36 39.33 -51.23
N ILE J 112 -59.93 40.46 -50.85
CA ILE J 112 -61.27 40.53 -50.36
C ILE J 112 -62.25 40.45 -51.54
N CYS J 113 -61.93 40.72 -52.79
CA CYS J 113 -62.79 40.31 -53.96
C CYS J 113 -62.91 38.79 -54.05
N ASP J 114 -61.70 38.10 -53.78
CA ASP J 114 -61.64 36.63 -53.86
C ASP J 114 -62.57 35.95 -52.88
N PHE J 115 -62.64 36.47 -51.64
CA PHE J 115 -63.48 36.04 -50.52
C PHE J 115 -64.90 36.28 -50.85
N LYS J 116 -65.21 37.40 -51.57
CA LYS J 116 -66.61 37.67 -51.95
C LYS J 116 -67.04 36.82 -53.20
N GLN J 117 -66.11 36.14 -53.91
CA GLN J 117 -66.35 35.30 -55.05
C GLN J 117 -66.80 33.94 -54.54
N GLN J 118 -66.52 33.65 -53.30
CA GLN J 118 -66.74 32.37 -52.70
C GLN J 118 -68.14 32.19 -52.40
N TYR J 119 -68.86 33.38 -52.36
CA TYR J 119 -70.24 33.50 -52.06
C TYR J 119 -71.06 33.90 -53.23
N THR J 120 -70.44 34.19 -54.37
CA THR J 120 -71.10 34.46 -55.58
C THR J 120 -71.48 33.15 -56.20
N GLN J 121 -70.96 32.01 -55.75
CA GLN J 121 -71.26 30.70 -56.31
C GLN J 121 -72.67 30.32 -56.03
N TYR J 122 -73.19 30.67 -54.81
CA TYR J 122 -74.43 30.09 -54.35
C TYR J 122 -75.39 31.22 -54.46
N GLY J 123 -76.66 30.85 -54.31
CA GLY J 123 -77.78 31.75 -54.19
C GLY J 123 -78.43 31.42 -52.78
N GLY J 124 -78.10 30.30 -52.12
CA GLY J 124 -78.62 29.87 -50.86
C GLY J 124 -77.80 30.53 -49.81
N VAL J 125 -76.60 31.07 -50.21
CA VAL J 125 -75.77 31.94 -49.30
C VAL J 125 -75.44 32.95 -50.41
N ARG J 126 -76.00 34.15 -50.20
CA ARG J 126 -75.90 35.31 -51.09
C ARG J 126 -74.50 35.89 -50.94
N PRO J 127 -74.02 36.79 -51.75
CA PRO J 127 -72.78 37.54 -51.57
C PRO J 127 -73.15 38.81 -50.80
N PHE J 128 -72.13 39.45 -50.29
CA PHE J 128 -72.20 40.79 -49.70
C PHE J 128 -72.74 41.81 -50.70
N GLY J 129 -73.54 42.74 -50.19
CA GLY J 129 -74.02 43.85 -50.96
C GLY J 129 -73.39 45.07 -50.41
N VAL J 130 -72.11 45.31 -50.85
CA VAL J 130 -71.40 46.51 -50.45
C VAL J 130 -70.36 46.73 -51.55
N SER J 131 -69.90 47.99 -51.65
CA SER J 131 -68.82 48.36 -52.53
C SER J 131 -67.99 49.19 -51.72
N LEU J 132 -66.71 49.04 -51.81
CA LEU J 132 -65.74 49.85 -51.07
C LEU J 132 -64.80 50.57 -52.03
N LEU J 133 -64.52 51.90 -51.66
CA LEU J 133 -63.51 52.64 -52.42
C LEU J 133 -62.37 52.66 -51.48
N ILE J 134 -61.29 51.98 -51.90
CA ILE J 134 -60.14 51.76 -51.12
C ILE J 134 -59.05 52.65 -51.56
N ALA J 135 -58.48 53.43 -50.64
CA ALA J 135 -57.44 54.33 -50.77
C ALA J 135 -56.22 53.86 -50.12
N GLY J 136 -55.00 54.13 -50.75
CA GLY J 136 -53.84 53.79 -50.06
C GLY J 136 -52.78 54.35 -50.86
N VAL J 137 -51.58 54.39 -50.25
CA VAL J 137 -50.42 54.67 -51.06
C VAL J 137 -49.43 53.74 -50.52
N ASP J 138 -48.85 52.88 -51.33
CA ASP J 138 -47.79 51.93 -50.88
C ASP J 138 -46.79 51.84 -51.99
N GLU J 139 -47.12 52.21 -53.25
CA GLU J 139 -46.04 52.49 -54.17
C GLU J 139 -46.28 53.94 -54.75
N VAL J 140 -47.45 54.13 -55.33
CA VAL J 140 -47.98 55.42 -55.83
C VAL J 140 -49.41 55.55 -55.24
N PRO J 141 -50.16 56.64 -55.31
CA PRO J 141 -51.56 56.68 -54.83
C PRO J 141 -52.44 55.71 -55.69
N LYS J 142 -53.36 54.90 -55.14
CA LYS J 142 -54.04 53.87 -55.88
C LYS J 142 -55.38 53.91 -55.21
N LEU J 143 -56.37 53.96 -56.12
CA LEU J 143 -57.79 54.04 -55.75
C LEU J 143 -58.41 52.92 -56.56
N TYR J 144 -59.14 52.11 -55.82
CA TYR J 144 -59.76 50.92 -56.31
C TYR J 144 -61.20 51.04 -55.93
N GLU J 145 -62.03 50.19 -56.62
CA GLU J 145 -63.41 50.05 -56.46
C GLU J 145 -63.52 48.59 -56.44
N THR J 146 -64.25 48.17 -55.37
CA THR J 146 -64.54 46.75 -55.28
C THR J 146 -66.00 46.58 -55.47
N ASP J 147 -66.49 45.46 -55.98
CA ASP J 147 -67.84 45.44 -56.41
C ASP J 147 -68.57 44.48 -55.47
N PRO J 148 -69.91 44.48 -55.33
CA PRO J 148 -70.67 43.51 -54.53
C PRO J 148 -70.61 42.20 -55.38
N SER J 149 -70.08 42.27 -56.67
CA SER J 149 -69.81 41.21 -57.58
C SER J 149 -68.66 40.35 -56.98
N GLY J 150 -67.61 40.98 -56.47
CA GLY J 150 -66.42 40.17 -56.19
C GLY J 150 -65.53 40.45 -57.34
N ALA J 151 -65.46 41.71 -57.90
CA ALA J 151 -64.72 42.01 -59.09
C ALA J 151 -63.99 43.28 -58.79
N LEU J 152 -62.83 43.49 -59.39
CA LEU J 152 -61.92 44.54 -59.11
C LEU J 152 -61.74 45.43 -60.32
N LEU J 153 -61.79 46.78 -60.13
CA LEU J 153 -61.77 47.82 -61.09
C LEU J 153 -60.88 48.90 -60.52
N GLU J 154 -59.97 49.48 -61.30
CA GLU J 154 -58.97 50.44 -60.84
C GLU J 154 -59.39 51.78 -61.42
N TYR J 155 -59.40 52.84 -60.59
CA TYR J 155 -59.92 54.18 -61.05
C TYR J 155 -58.95 55.25 -60.53
N LYS J 156 -58.93 56.39 -61.23
CA LYS J 156 -58.18 57.61 -60.88
C LYS J 156 -59.04 58.62 -60.17
N ALA J 157 -60.37 58.31 -60.04
CA ALA J 157 -61.46 59.05 -59.40
C ALA J 157 -62.78 58.39 -59.81
N THR J 158 -63.66 58.14 -58.79
CA THR J 158 -64.95 57.44 -59.04
C THR J 158 -65.81 57.69 -57.84
N ALA J 159 -67.17 57.39 -58.09
CA ALA J 159 -68.13 57.53 -57.07
C ALA J 159 -69.00 56.26 -57.23
N ILE J 160 -69.68 55.90 -56.07
CA ILE J 160 -70.58 54.76 -55.98
C ILE J 160 -71.74 55.16 -55.15
N GLY J 161 -72.90 54.56 -55.28
CA GLY J 161 -74.08 54.95 -54.59
C GLY J 161 -74.79 56.05 -55.37
N MET J 162 -75.56 56.89 -54.64
CA MET J 162 -76.31 57.94 -55.15
C MET J 162 -75.56 59.00 -55.95
N GLY J 163 -74.29 59.32 -55.61
CA GLY J 163 -73.49 60.26 -56.36
C GLY J 163 -72.81 59.74 -57.56
N ARG J 164 -72.83 58.41 -57.74
CA ARG J 164 -72.32 57.62 -58.82
C ARG J 164 -72.51 58.30 -60.15
N ASN J 165 -73.77 58.45 -60.68
CA ASN J 165 -74.05 59.18 -61.89
C ASN J 165 -73.53 60.64 -62.05
N ALA J 166 -73.85 61.41 -60.96
CA ALA J 166 -73.62 62.87 -60.96
C ALA J 166 -72.16 63.31 -61.09
N VAL J 167 -71.29 62.69 -60.29
CA VAL J 167 -69.83 62.90 -60.09
C VAL J 167 -69.00 62.24 -61.14
N THR J 168 -69.49 61.10 -61.80
CA THR J 168 -68.86 60.60 -63.04
C THR J 168 -69.01 61.59 -64.17
N GLU J 169 -70.21 62.19 -64.36
CA GLU J 169 -70.53 63.12 -65.36
C GLU J 169 -69.71 64.40 -65.04
N PHE J 170 -69.58 64.85 -63.77
CA PHE J 170 -68.83 66.01 -63.27
C PHE J 170 -67.36 65.87 -63.48
N PHE J 171 -66.71 64.69 -63.25
CA PHE J 171 -65.24 64.53 -63.32
C PHE J 171 -64.90 64.33 -64.80
N GLU J 172 -65.90 64.09 -65.72
CA GLU J 172 -65.61 63.93 -67.17
C GLU J 172 -65.25 65.32 -67.72
N LYS J 173 -65.59 66.46 -66.93
CA LYS J 173 -65.35 67.74 -67.30
C LYS J 173 -64.26 68.20 -66.40
N GLU J 174 -64.51 68.28 -65.05
CA GLU J 174 -63.59 68.81 -64.07
C GLU J 174 -62.69 67.76 -63.56
N TYR J 175 -61.41 67.66 -64.13
CA TYR J 175 -60.39 66.81 -63.49
C TYR J 175 -59.22 66.98 -64.37
N ARG J 176 -57.96 66.95 -63.77
CA ARG J 176 -56.64 67.11 -64.31
C ARG J 176 -55.91 66.01 -63.73
N ASP J 177 -54.80 65.67 -64.37
CA ASP J 177 -53.89 64.71 -63.96
C ASP J 177 -52.75 65.43 -63.28
N ASP J 178 -52.87 66.78 -63.09
CA ASP J 178 -51.95 67.71 -62.53
C ASP J 178 -52.59 68.32 -61.34
N LEU J 179 -53.32 67.48 -60.49
CA LEU J 179 -53.88 67.92 -59.23
C LEU J 179 -52.86 67.87 -58.13
N SER J 180 -52.94 68.89 -57.21
CA SER J 180 -52.26 68.96 -56.00
C SER J 180 -53.27 68.44 -55.00
N PHE J 181 -52.84 68.41 -53.69
CA PHE J 181 -53.62 67.98 -52.57
C PHE J 181 -54.84 68.78 -52.25
N ASP J 182 -54.76 70.11 -52.18
CA ASP J 182 -55.69 71.11 -51.87
C ASP J 182 -56.61 71.24 -52.99
N ASP J 183 -56.11 71.04 -54.27
CA ASP J 183 -56.95 71.06 -55.39
C ASP J 183 -57.95 69.94 -55.44
N ALA J 184 -57.47 68.70 -55.12
CA ALA J 184 -58.24 67.49 -55.07
C ALA J 184 -59.17 67.45 -53.97
N MET J 185 -58.79 68.14 -52.85
CA MET J 185 -59.60 67.99 -51.63
C MET J 185 -60.94 68.60 -51.81
N VAL J 186 -60.94 69.85 -52.30
CA VAL J 186 -62.01 70.72 -52.67
C VAL J 186 -62.74 70.14 -53.85
N LEU J 187 -62.14 69.54 -54.92
CA LEU J 187 -62.83 68.88 -55.93
C LEU J 187 -63.69 67.78 -55.34
N GLY J 188 -63.25 66.99 -54.35
CA GLY J 188 -63.95 65.93 -53.64
C GLY J 188 -65.12 66.43 -52.91
N LEU J 189 -65.05 67.65 -52.31
CA LEU J 189 -66.05 68.39 -51.56
C LEU J 189 -67.15 68.99 -52.46
N VAL J 190 -66.80 69.46 -53.68
CA VAL J 190 -67.76 70.00 -54.57
C VAL J 190 -68.63 68.91 -55.16
N ALA J 191 -68.01 67.71 -55.47
CA ALA J 191 -68.68 66.49 -55.86
C ALA J 191 -69.60 65.99 -54.85
N MET J 192 -69.28 65.99 -53.59
CA MET J 192 -70.21 65.54 -52.54
C MET J 192 -71.47 66.39 -52.49
N GLY J 193 -71.24 67.74 -52.69
CA GLY J 193 -72.30 68.77 -52.84
C GLY J 193 -73.20 68.48 -53.99
N LEU J 194 -72.73 67.81 -55.11
CA LEU J 194 -73.56 67.32 -56.22
C LEU J 194 -74.45 66.15 -55.75
N SER J 195 -74.02 65.13 -55.02
CA SER J 195 -74.76 63.96 -54.53
C SER J 195 -75.90 64.18 -53.62
N ILE J 196 -75.71 65.16 -52.71
CA ILE J 196 -76.61 65.41 -51.68
C ILE J 196 -77.52 66.48 -52.07
N GLU J 197 -77.27 67.21 -53.15
CA GLU J 197 -77.92 68.37 -53.71
C GLU J 197 -78.14 69.48 -52.71
N SER J 198 -77.11 69.78 -51.94
CA SER J 198 -77.26 70.79 -50.92
C SER J 198 -75.86 71.15 -50.49
N GLU J 199 -75.66 72.36 -49.83
CA GLU J 199 -74.40 72.77 -49.23
C GLU J 199 -73.94 71.90 -48.11
N LEU J 200 -72.62 71.61 -48.09
CA LEU J 200 -71.92 70.64 -47.19
C LEU J 200 -72.00 71.15 -45.81
N VAL J 201 -72.08 70.20 -44.88
CA VAL J 201 -72.01 70.39 -43.47
C VAL J 201 -70.81 69.60 -43.05
N PRO J 202 -69.80 70.06 -42.32
CA PRO J 202 -68.63 69.27 -41.93
C PRO J 202 -68.93 67.98 -41.10
N GLU J 203 -69.98 67.95 -40.29
CA GLU J 203 -70.20 66.99 -39.24
C GLU J 203 -70.53 65.74 -39.97
N ASN J 204 -71.37 65.80 -41.04
CA ASN J 204 -71.77 64.67 -41.74
C ASN J 204 -71.12 64.37 -43.00
N ILE J 205 -69.80 64.79 -43.05
CA ILE J 205 -68.90 64.33 -44.07
C ILE J 205 -67.65 64.03 -43.25
N GLU J 206 -66.77 63.14 -43.77
CA GLU J 206 -65.65 62.63 -43.10
C GLU J 206 -64.62 62.60 -44.15
N VAL J 207 -63.36 63.03 -43.82
CA VAL J 207 -62.26 62.96 -44.71
C VAL J 207 -61.08 62.35 -43.94
N GLY J 208 -60.46 61.22 -44.46
CA GLY J 208 -59.21 60.66 -44.04
C GLY J 208 -58.46 60.41 -45.31
N TYR J 209 -57.09 60.35 -45.15
CA TYR J 209 -56.30 60.35 -46.37
C TYR J 209 -54.96 59.71 -46.09
N VAL J 210 -54.26 59.33 -47.24
CA VAL J 210 -52.95 58.80 -47.29
C VAL J 210 -52.14 59.62 -48.25
N LYS J 211 -51.06 60.23 -47.73
CA LYS J 211 -50.01 61.01 -48.32
C LYS J 211 -49.08 60.06 -48.98
N VAL J 212 -48.38 60.53 -50.07
CA VAL J 212 -47.20 59.75 -50.54
C VAL J 212 -45.98 60.47 -49.91
N ASP J 213 -46.16 61.75 -49.57
CA ASP J 213 -45.09 62.64 -49.19
C ASP J 213 -44.91 62.71 -47.71
N ASP J 214 -45.64 61.90 -46.93
CA ASP J 214 -45.46 61.62 -45.49
C ASP J 214 -45.93 60.32 -45.15
N ARG J 215 -46.77 59.56 -45.97
CA ARG J 215 -47.31 58.31 -45.74
C ARG J 215 -48.30 58.26 -44.56
N THR J 216 -49.22 59.20 -44.37
CA THR J 216 -50.17 59.33 -43.20
C THR J 216 -51.27 58.33 -43.43
N PHE J 217 -51.91 57.82 -42.32
CA PHE J 217 -53.38 57.96 -42.26
C PHE J 217 -53.55 59.07 -41.24
N LYS J 218 -54.12 60.22 -41.71
CA LYS J 218 -54.38 61.39 -40.92
C LYS J 218 -55.76 61.78 -41.38
N GLU J 219 -56.60 62.04 -40.42
CA GLU J 219 -58.00 62.36 -40.55
C GLU J 219 -58.32 63.67 -39.77
N VAL J 220 -59.18 64.55 -40.40
CA VAL J 220 -59.40 65.83 -39.78
C VAL J 220 -60.74 65.99 -39.16
N SER J 221 -60.90 66.88 -38.21
CA SER J 221 -62.01 67.17 -37.36
C SER J 221 -62.98 68.18 -38.03
N PRO J 222 -64.16 68.36 -37.53
CA PRO J 222 -65.17 69.27 -38.20
C PRO J 222 -64.60 70.65 -38.38
N GLU J 223 -63.83 71.10 -37.41
CA GLU J 223 -63.22 72.40 -37.31
C GLU J 223 -62.29 72.82 -38.47
N GLU J 224 -61.41 71.95 -38.96
CA GLU J 224 -60.54 72.07 -40.04
C GLU J 224 -61.21 71.95 -41.36
N LEU J 225 -62.38 71.25 -41.38
CA LEU J 225 -63.08 71.03 -42.63
C LEU J 225 -63.77 72.30 -43.13
N LYS J 226 -64.18 73.15 -42.14
CA LYS J 226 -64.81 74.43 -42.32
C LYS J 226 -64.21 75.35 -43.41
N PRO J 227 -62.88 75.67 -43.58
CA PRO J 227 -62.38 76.44 -44.68
C PRO J 227 -62.44 75.74 -46.01
N TYR J 228 -62.25 74.42 -45.99
CA TYR J 228 -62.33 73.68 -47.24
C TYR J 228 -63.69 73.66 -47.93
N VAL J 229 -64.66 73.43 -47.03
CA VAL J 229 -66.10 73.32 -47.20
C VAL J 229 -66.57 74.59 -47.72
N GLU J 230 -66.13 75.72 -47.24
CA GLU J 230 -66.56 77.06 -47.64
C GLU J 230 -66.16 77.42 -49.04
N ARG J 231 -64.91 76.99 -49.43
CA ARG J 231 -64.44 77.34 -50.73
C ARG J 231 -65.04 76.40 -51.75
N ALA J 232 -65.43 75.19 -51.42
CA ALA J 232 -66.32 74.28 -52.11
C ALA J 232 -67.67 74.81 -52.23
N ASN J 233 -68.33 75.35 -51.17
CA ASN J 233 -69.70 75.88 -51.14
C ASN J 233 -69.97 76.94 -52.13
N GLU J 234 -68.88 77.71 -52.47
CA GLU J 234 -68.81 78.69 -53.52
C GLU J 234 -69.16 78.08 -54.87
N ARG J 235 -68.44 76.97 -55.17
CA ARG J 235 -68.70 76.26 -56.38
C ARG J 235 -70.03 75.50 -56.44
N ILE J 236 -70.44 74.82 -55.35
CA ILE J 236 -71.54 73.91 -55.27
C ILE J 236 -72.79 74.77 -55.59
N ARG J 237 -72.80 76.02 -55.07
CA ARG J 237 -73.90 76.95 -55.19
C ARG J 237 -74.28 77.18 -56.55
N GLU J 238 -73.25 77.45 -57.37
CA GLU J 238 -73.39 77.82 -58.76
C GLU J 238 -73.92 76.72 -59.57
N LEU J 239 -73.36 75.44 -59.44
CA LEU J 239 -73.87 74.26 -60.17
C LEU J 239 -75.36 73.90 -59.84
N LEU J 240 -75.73 74.09 -58.55
CA LEU J 240 -77.02 73.75 -58.02
C LEU J 240 -77.99 74.91 -58.05
N LYS J 241 -77.68 75.85 -58.99
CA LYS J 241 -78.64 76.93 -59.32
C LYS J 241 -78.87 76.83 -60.83
N LYS J 242 -77.86 76.29 -61.48
CA LYS J 242 -77.80 76.18 -62.90
C LYS J 242 -77.80 74.67 -63.13
N GLN K 1 31.75 -28.96 21.54
CA GLN K 1 31.85 -28.85 22.97
C GLN K 1 33.13 -28.11 23.37
N MET K 2 32.93 -27.39 24.49
CA MET K 2 33.83 -26.47 25.07
C MET K 2 33.90 -25.24 24.07
N GLY K 3 32.74 -24.83 23.49
CA GLY K 3 32.76 -23.71 22.57
C GLY K 3 31.67 -23.93 21.54
N TYR K 4 31.39 -25.20 21.14
CA TYR K 4 30.41 -25.61 20.20
C TYR K 4 29.23 -26.22 20.94
N ASP K 5 28.66 -25.44 21.86
CA ASP K 5 27.63 -25.88 22.78
C ASP K 5 26.89 -24.77 23.41
N ARG K 6 27.29 -23.58 22.91
CA ARG K 6 26.93 -22.22 23.37
C ARG K 6 26.04 -21.60 22.31
N ALA K 7 25.56 -22.45 21.38
CA ALA K 7 24.57 -21.92 20.44
C ALA K 7 23.90 -23.09 19.89
N ILE K 8 22.90 -22.92 18.96
CA ILE K 8 22.11 -23.96 18.36
C ILE K 8 22.51 -24.03 16.88
N THR K 9 23.34 -23.01 16.46
CA THR K 9 23.94 -22.81 15.14
C THR K 9 25.15 -23.68 14.93
N VAL K 10 25.65 -24.46 15.98
CA VAL K 10 26.77 -25.30 15.94
C VAL K 10 26.24 -26.65 15.66
N PHE K 11 27.15 -27.46 15.12
CA PHE K 11 27.18 -28.88 15.24
C PHE K 11 28.39 -29.06 16.07
N SER K 12 28.77 -30.31 16.21
CA SER K 12 29.98 -30.65 16.88
C SER K 12 30.67 -31.63 15.98
N PRO K 13 31.91 -31.93 16.16
CA PRO K 13 32.52 -33.12 15.65
C PRO K 13 31.80 -34.46 15.77
N ASP K 14 31.02 -34.59 16.83
CA ASP K 14 30.26 -35.78 17.08
C ASP K 14 29.14 -36.02 16.03
N GLY K 15 28.44 -34.88 15.74
CA GLY K 15 27.38 -34.95 14.75
C GLY K 15 26.05 -34.53 15.39
N ARG K 16 25.99 -34.46 16.74
CA ARG K 16 24.78 -34.05 17.41
C ARG K 16 24.66 -32.52 17.46
N LEU K 17 23.57 -32.01 18.16
CA LEU K 17 23.33 -30.59 18.41
C LEU K 17 23.32 -30.52 19.91
N PHE K 18 24.29 -29.82 20.43
CA PHE K 18 24.42 -29.81 21.91
C PHE K 18 23.41 -28.93 22.55
N GLN K 19 22.88 -27.97 21.87
CA GLN K 19 21.81 -27.12 22.47
C GLN K 19 20.52 -27.83 22.76
N VAL K 20 20.23 -28.85 21.89
CA VAL K 20 19.05 -29.65 21.92
C VAL K 20 19.20 -30.70 23.01
N GLU K 21 20.41 -31.16 23.19
CA GLU K 21 20.77 -32.16 24.20
C GLU K 21 20.72 -31.56 25.53
N TYR K 22 21.10 -30.28 25.60
CA TYR K 22 20.88 -29.51 26.81
C TYR K 22 19.44 -29.23 27.15
N ALA K 23 18.67 -28.96 26.14
CA ALA K 23 17.27 -28.67 26.16
C ALA K 23 16.42 -29.88 26.63
N ARG K 24 17.02 -31.07 26.50
CA ARG K 24 16.42 -32.33 26.80
C ARG K 24 16.68 -32.52 28.28
N GLU K 25 17.82 -31.98 28.80
CA GLU K 25 18.13 -32.00 30.17
C GLU K 25 17.19 -31.09 30.91
N ALA K 26 16.61 -30.12 30.18
CA ALA K 26 15.63 -29.18 30.77
C ALA K 26 14.41 -29.99 31.15
N VAL K 27 13.97 -30.95 30.28
CA VAL K 27 12.89 -31.91 30.37
C VAL K 27 13.28 -32.85 31.55
N LYS K 28 14.57 -33.22 31.76
CA LYS K 28 14.96 -34.20 32.82
C LYS K 28 14.85 -33.54 34.11
N ARG K 29 14.86 -32.15 34.12
CA ARG K 29 14.67 -31.37 35.29
C ARG K 29 13.29 -31.53 35.75
N GLY K 30 12.30 -31.43 34.85
CA GLY K 30 10.88 -31.43 35.28
C GLY K 30 10.48 -32.69 35.93
N ALA K 31 9.17 -32.76 36.22
CA ALA K 31 8.64 -33.90 36.98
C ALA K 31 8.24 -34.97 36.08
N THR K 32 8.01 -36.17 36.67
CA THR K 32 7.61 -37.32 35.85
C THR K 32 6.12 -37.35 35.47
N ALA K 33 5.85 -37.82 34.20
CA ALA K 33 4.58 -37.90 33.52
C ALA K 33 4.69 -39.12 32.66
N ILE K 34 3.64 -39.92 32.68
CA ILE K 34 3.69 -41.32 32.30
C ILE K 34 2.45 -41.39 31.57
N GLY K 35 2.54 -42.23 30.48
CA GLY K 35 1.39 -42.59 29.67
C GLY K 35 1.40 -44.09 29.56
N ILE K 36 0.24 -44.78 29.46
CA ILE K 36 0.24 -46.23 29.18
C ILE K 36 -0.87 -46.27 28.06
N LYS K 37 -0.67 -47.18 27.06
CA LYS K 37 -1.57 -47.51 26.03
C LYS K 37 -1.96 -48.93 26.19
N CYS K 38 -3.27 -49.24 26.08
CA CYS K 38 -3.84 -50.53 26.09
C CYS K 38 -4.82 -50.44 24.91
N LYS K 39 -5.47 -51.61 24.53
CA LYS K 39 -6.19 -51.66 23.31
C LYS K 39 -7.59 -51.04 23.53
N GLU K 40 -7.95 -50.57 24.73
CA GLU K 40 -9.30 -50.23 25.12
C GLU K 40 -9.22 -48.77 25.61
N GLY K 41 -8.02 -48.10 25.60
CA GLY K 41 -7.99 -46.67 25.75
C GLY K 41 -6.57 -46.29 25.96
N VAL K 42 -6.28 -45.01 26.21
CA VAL K 42 -4.95 -44.55 26.51
C VAL K 42 -5.10 -43.74 27.74
N ILE K 43 -4.04 -43.70 28.55
CA ILE K 43 -4.10 -43.24 29.91
C ILE K 43 -2.98 -42.27 30.08
N LEU K 44 -3.21 -41.19 30.79
CA LEU K 44 -2.27 -40.12 30.97
C LEU K 44 -2.34 -39.93 32.44
N ILE K 45 -1.18 -39.96 33.15
CA ILE K 45 -1.10 -39.72 34.59
C ILE K 45 0.01 -38.66 34.61
N ALA K 46 -0.29 -37.49 35.31
CA ALA K 46 0.61 -36.44 35.55
C ALA K 46 0.94 -36.25 37.05
N ASP K 47 2.15 -35.80 37.40
CA ASP K 47 2.37 -35.29 38.74
C ASP K 47 1.81 -33.86 38.90
N LYS K 48 1.10 -33.66 39.97
CA LYS K 48 0.47 -32.41 40.27
C LYS K 48 0.88 -32.01 41.61
N ARG K 49 2.14 -32.43 41.99
CA ARG K 49 2.63 -32.30 43.28
C ARG K 49 3.12 -30.89 43.39
N VAL K 50 2.56 -30.17 44.41
CA VAL K 50 3.01 -28.79 44.60
C VAL K 50 4.20 -28.90 45.47
N GLY K 51 5.26 -28.08 45.21
CA GLY K 51 6.50 -28.27 45.87
C GLY K 51 6.46 -27.64 47.25
N SER K 52 5.55 -26.69 47.54
CA SER K 52 5.32 -26.12 48.83
C SER K 52 3.83 -26.18 49.09
N LYS K 53 3.47 -26.05 50.37
CA LYS K 53 2.11 -26.41 50.85
C LYS K 53 1.19 -25.23 50.73
N LEU K 54 1.76 -24.09 50.31
CA LEU K 54 1.28 -22.81 50.15
C LEU K 54 0.86 -22.64 48.71
N LEU K 55 0.98 -23.68 47.86
CA LEU K 55 0.57 -23.65 46.50
C LEU K 55 -0.71 -24.37 46.44
N GLU K 56 -1.60 -23.91 45.41
CA GLU K 56 -2.90 -24.55 45.24
C GLU K 56 -2.60 -25.73 44.31
N ALA K 57 -3.10 -26.98 44.70
CA ALA K 57 -2.87 -28.23 43.98
C ALA K 57 -3.58 -28.14 42.62
N ASP K 58 -4.88 -27.65 42.58
CA ASP K 58 -5.77 -27.62 41.48
C ASP K 58 -5.09 -27.21 40.13
N THR K 59 -4.31 -26.15 40.05
CA THR K 59 -3.56 -25.69 38.97
C THR K 59 -2.06 -25.66 39.31
N ILE K 60 -1.33 -26.52 38.58
CA ILE K 60 0.09 -26.82 38.44
C ILE K 60 0.16 -28.03 37.55
N GLU K 61 -1.02 -28.40 36.96
CA GLU K 61 -1.32 -29.54 36.15
C GLU K 61 -0.44 -29.51 34.86
N LYS K 62 -0.17 -30.72 34.40
CA LYS K 62 0.53 -31.04 33.17
C LYS K 62 -0.54 -31.29 32.13
N ILE K 63 -1.68 -31.86 32.67
CA ILE K 63 -2.65 -32.47 31.78
C ILE K 63 -3.49 -31.30 31.16
N TYR K 64 -3.29 -31.18 29.89
CA TYR K 64 -3.88 -30.19 29.08
C TYR K 64 -4.62 -30.92 27.99
N LYS K 65 -5.87 -30.52 27.88
CA LYS K 65 -6.89 -30.73 26.90
C LYS K 65 -6.44 -29.99 25.67
N ILE K 66 -6.58 -30.60 24.46
CA ILE K 66 -6.04 -30.11 23.20
C ILE K 66 -7.04 -30.01 22.14
N ASP K 67 -7.93 -31.04 22.12
CA ASP K 67 -9.19 -31.13 21.38
C ASP K 67 -10.03 -31.90 22.38
N GLU K 68 -11.25 -32.32 21.88
CA GLU K 68 -12.25 -32.97 22.67
C GLU K 68 -12.00 -34.50 22.55
N HIS K 69 -10.80 -34.96 22.09
CA HIS K 69 -10.49 -36.41 22.17
C HIS K 69 -8.98 -36.66 22.23
N ILE K 70 -8.22 -35.53 22.41
CA ILE K 70 -6.75 -35.68 22.49
C ILE K 70 -6.37 -34.85 23.67
N CYS K 71 -5.60 -35.45 24.65
CA CYS K 71 -5.01 -34.68 25.70
C CYS K 71 -3.56 -34.96 25.70
N ALA K 72 -2.74 -34.25 26.53
CA ALA K 72 -1.31 -34.35 26.55
C ALA K 72 -0.78 -33.84 27.83
N ALA K 73 0.43 -34.19 28.03
CA ALA K 73 1.22 -33.92 29.17
C ALA K 73 2.51 -33.37 28.71
N THR K 74 3.27 -32.89 29.68
CA THR K 74 4.46 -32.10 29.40
C THR K 74 5.52 -32.32 30.42
N SER K 75 6.80 -32.07 30.21
CA SER K 75 7.85 -32.04 31.23
C SER K 75 8.79 -31.03 30.59
N GLY K 76 9.52 -30.25 31.36
CA GLY K 76 10.32 -29.17 30.84
C GLY K 76 9.92 -27.86 31.41
N LEU K 77 10.12 -26.78 30.65
CA LEU K 77 9.74 -25.44 31.07
C LEU K 77 8.26 -25.38 31.17
N VAL K 78 7.73 -24.77 32.21
CA VAL K 78 6.28 -24.50 32.37
C VAL K 78 5.92 -23.48 31.33
N ALA K 79 6.74 -22.45 31.11
CA ALA K 79 6.51 -21.26 30.28
C ALA K 79 6.40 -21.63 28.87
N ASP K 80 7.37 -22.42 28.29
CA ASP K 80 7.52 -22.85 26.95
C ASP K 80 6.33 -23.76 26.66
N ALA K 81 5.99 -24.60 27.62
CA ALA K 81 5.00 -25.63 27.49
C ALA K 81 3.65 -25.06 27.26
N ARG K 82 3.30 -23.97 27.92
CA ARG K 82 2.04 -23.31 27.81
C ARG K 82 1.74 -22.61 26.54
N VAL K 83 2.73 -22.10 25.89
CA VAL K 83 2.52 -21.44 24.62
C VAL K 83 2.41 -22.49 23.53
N LEU K 84 3.31 -23.54 23.68
CA LEU K 84 3.45 -24.63 22.74
C LEU K 84 2.17 -25.45 22.71
N ILE K 85 1.56 -25.70 23.93
CA ILE K 85 0.48 -26.57 24.03
C ILE K 85 -0.85 -25.90 23.59
N ASP K 86 -0.77 -24.52 23.82
CA ASP K 86 -1.84 -23.58 23.50
C ASP K 86 -1.98 -23.58 22.01
N ARG K 87 -0.80 -23.71 21.34
CA ARG K 87 -0.57 -23.82 19.94
C ARG K 87 -1.16 -25.07 19.36
N ALA K 88 -1.00 -26.25 20.09
CA ALA K 88 -1.41 -27.54 19.63
C ALA K 88 -2.91 -27.58 19.67
N ARG K 89 -3.50 -26.91 20.61
CA ARG K 89 -4.99 -26.69 20.62
C ARG K 89 -5.40 -25.98 19.32
N ILE K 90 -4.75 -24.89 18.90
CA ILE K 90 -5.06 -24.01 17.77
C ILE K 90 -4.89 -24.83 16.57
N GLU K 91 -3.85 -25.69 16.44
CA GLU K 91 -3.63 -26.67 15.35
C GLU K 91 -4.77 -27.69 15.14
N ALA K 92 -5.30 -28.23 16.27
CA ALA K 92 -6.39 -29.23 16.31
C ALA K 92 -7.67 -28.62 15.82
N GLN K 93 -7.77 -27.29 16.25
CA GLN K 93 -8.90 -26.44 15.89
C GLN K 93 -8.83 -26.12 14.41
N ILE K 94 -7.61 -25.76 13.79
CA ILE K 94 -7.47 -25.41 12.37
C ILE K 94 -7.89 -26.60 11.58
N ASN K 95 -7.50 -27.88 12.03
CA ASN K 95 -7.88 -29.06 11.27
C ASN K 95 -9.42 -29.26 11.13
N ARG K 96 -10.17 -29.00 12.24
CA ARG K 96 -11.60 -28.91 12.26
C ARG K 96 -12.20 -27.84 11.44
N LEU K 97 -11.62 -26.64 11.22
CA LEU K 97 -12.06 -25.60 10.34
C LEU K 97 -12.04 -26.02 8.90
N THR K 98 -10.90 -26.66 8.48
CA THR K 98 -10.55 -26.91 7.05
C THR K 98 -10.89 -28.32 6.58
N TYR K 99 -11.41 -29.29 7.43
CA TYR K 99 -11.68 -30.67 7.00
C TYR K 99 -12.90 -31.15 7.75
N ASP K 100 -13.41 -30.35 8.73
CA ASP K 100 -14.54 -30.68 9.58
C ASP K 100 -14.47 -32.06 10.21
N GLU K 101 -13.31 -32.27 10.91
CA GLU K 101 -12.92 -33.63 11.18
C GLU K 101 -12.02 -33.34 12.29
N PRO K 102 -12.02 -34.19 13.33
CA PRO K 102 -11.05 -34.18 14.40
C PRO K 102 -9.71 -34.69 13.85
N ILE K 103 -8.65 -33.94 14.26
CA ILE K 103 -7.31 -34.37 14.00
C ILE K 103 -6.86 -35.72 14.52
N THR K 104 -6.13 -36.52 13.62
CA THR K 104 -5.65 -37.82 13.99
C THR K 104 -4.60 -37.48 14.94
N VAL K 105 -4.31 -38.39 15.91
CA VAL K 105 -3.31 -38.24 16.95
C VAL K 105 -1.89 -38.28 16.46
N LYS K 106 -1.68 -39.06 15.44
CA LYS K 106 -0.49 -39.19 14.66
C LYS K 106 -0.33 -37.88 13.94
N GLU K 107 -1.36 -37.30 13.35
CA GLU K 107 -1.21 -36.10 12.54
C GLU K 107 -0.90 -34.90 13.47
N LEU K 108 -1.56 -34.80 14.65
CA LEU K 108 -1.41 -33.70 15.58
C LEU K 108 0.05 -33.60 16.10
N ALA K 109 0.70 -34.79 16.42
CA ALA K 109 2.08 -35.01 16.87
C ALA K 109 2.95 -34.59 15.80
N LYS K 110 2.63 -34.98 14.50
CA LYS K 110 3.42 -34.61 13.35
C LYS K 110 3.50 -33.19 13.14
N LYS K 111 2.35 -32.43 13.33
CA LYS K 111 2.21 -30.99 13.18
C LYS K 111 2.97 -30.28 14.26
N ILE K 112 2.90 -30.76 15.55
CA ILE K 112 3.45 -30.06 16.62
C ILE K 112 4.93 -30.37 16.71
N CYS K 113 5.41 -31.46 16.19
CA CYS K 113 6.79 -31.72 15.92
C CYS K 113 7.40 -30.74 14.98
N ASP K 114 6.62 -30.31 13.96
CA ASP K 114 7.12 -29.49 12.90
C ASP K 114 7.11 -28.03 13.43
N PHE K 115 6.34 -27.67 14.55
CA PHE K 115 6.33 -26.37 15.18
C PHE K 115 7.53 -26.23 15.96
N LYS K 116 8.05 -27.32 16.71
CA LYS K 116 9.28 -27.25 17.45
C LYS K 116 10.47 -27.19 16.50
N GLN K 117 10.29 -27.77 15.27
CA GLN K 117 11.45 -27.84 14.34
C GLN K 117 11.85 -26.59 13.71
N GLN K 118 10.92 -25.59 13.59
CA GLN K 118 11.25 -24.34 12.98
C GLN K 118 11.99 -23.50 13.97
N TYR K 119 11.74 -23.66 15.24
CA TYR K 119 12.43 -22.94 16.28
C TYR K 119 13.82 -23.42 16.57
N THR K 120 14.08 -24.63 16.06
CA THR K 120 15.35 -25.24 16.22
C THR K 120 16.12 -24.88 14.96
N GLN K 121 15.54 -24.89 13.75
CA GLN K 121 16.26 -24.62 12.45
C GLN K 121 16.75 -23.17 12.42
N TYR K 122 15.76 -22.24 12.63
CA TYR K 122 16.05 -20.87 12.73
C TYR K 122 16.90 -20.77 13.97
N GLY K 123 18.10 -20.23 13.80
CA GLY K 123 19.16 -20.05 14.76
C GLY K 123 18.95 -18.79 15.60
N GLY K 124 17.89 -18.01 15.20
CA GLY K 124 17.55 -16.79 15.89
C GLY K 124 16.63 -16.99 17.04
N VAL K 125 16.33 -18.24 17.30
CA VAL K 125 15.31 -18.61 18.31
C VAL K 125 15.88 -19.86 18.91
N ARG K 126 15.91 -20.00 20.29
CA ARG K 126 16.40 -21.15 20.97
C ARG K 126 15.40 -22.27 20.61
N PRO K 127 15.72 -23.59 20.68
CA PRO K 127 14.77 -24.72 20.61
C PRO K 127 14.03 -24.68 21.88
N PHE K 128 12.73 -25.10 21.89
CA PHE K 128 12.03 -25.14 23.19
C PHE K 128 12.55 -26.35 23.90
N GLY K 129 12.52 -26.18 25.25
CA GLY K 129 13.04 -27.14 26.17
C GLY K 129 11.96 -27.95 26.78
N VAL K 130 11.01 -28.42 25.96
CA VAL K 130 9.96 -29.19 26.43
C VAL K 130 9.87 -30.44 25.57
N SER K 131 9.29 -31.50 26.19
CA SER K 131 8.85 -32.72 25.52
C SER K 131 7.41 -32.84 25.94
N LEU K 132 6.65 -33.52 25.08
CA LEU K 132 5.27 -33.79 25.39
C LEU K 132 5.12 -35.30 25.47
N LEU K 133 4.01 -35.73 26.04
CA LEU K 133 3.48 -37.07 25.82
C LEU K 133 2.10 -36.78 25.34
N ILE K 134 1.70 -37.17 24.11
CA ILE K 134 0.42 -36.94 23.58
C ILE K 134 -0.35 -38.23 23.53
N ALA K 135 -1.46 -38.32 24.29
CA ALA K 135 -2.25 -39.54 24.37
C ALA K 135 -3.63 -39.09 23.86
N GLY K 136 -4.13 -39.83 22.86
CA GLY K 136 -5.44 -39.62 22.42
C GLY K 136 -5.87 -40.93 21.76
N VAL K 137 -7.03 -40.89 21.21
CA VAL K 137 -7.60 -41.94 20.45
C VAL K 137 -8.32 -41.31 19.27
N ASP K 138 -8.04 -41.78 18.02
CA ASP K 138 -8.62 -41.32 16.85
C ASP K 138 -9.68 -42.36 16.54
N GLU K 139 -9.31 -43.66 16.45
CA GLU K 139 -10.29 -44.70 16.26
C GLU K 139 -9.74 -45.83 17.10
N VAL K 140 -8.38 -45.73 17.40
CA VAL K 140 -7.59 -46.71 18.15
C VAL K 140 -6.59 -45.86 18.92
N PRO K 141 -6.10 -46.30 20.04
CA PRO K 141 -5.26 -45.54 20.86
C PRO K 141 -3.93 -45.35 20.22
N LYS K 142 -3.35 -44.18 20.42
CA LYS K 142 -2.08 -43.82 19.88
C LYS K 142 -1.39 -43.04 21.02
N LEU K 143 -0.04 -43.17 21.10
CA LEU K 143 0.76 -42.54 22.10
C LEU K 143 2.05 -42.19 21.50
N TYR K 144 2.48 -40.94 21.58
CA TYR K 144 3.65 -40.47 20.88
C TYR K 144 4.37 -39.63 21.96
N GLU K 145 5.69 -39.40 21.81
CA GLU K 145 6.47 -38.51 22.65
C GLU K 145 7.13 -37.60 21.63
N THR K 146 7.17 -36.31 21.85
CA THR K 146 7.73 -35.23 21.05
C THR K 146 9.10 -34.95 21.78
N ASP K 147 10.19 -34.76 20.99
CA ASP K 147 11.44 -34.40 21.57
C ASP K 147 11.69 -32.92 21.41
N PRO K 148 12.58 -32.16 22.08
CA PRO K 148 12.83 -30.74 21.86
C PRO K 148 13.43 -30.46 20.50
N SER K 149 13.81 -31.53 19.80
CA SER K 149 14.34 -31.54 18.45
C SER K 149 13.20 -31.42 17.48
N GLY K 150 12.16 -32.25 17.69
CA GLY K 150 11.02 -32.29 16.85
C GLY K 150 10.95 -33.80 16.60
N ALA K 151 11.83 -34.69 17.11
CA ALA K 151 11.81 -36.07 16.82
C ALA K 151 10.60 -36.79 17.38
N LEU K 152 10.07 -37.82 16.65
CA LEU K 152 8.82 -38.29 16.94
C LEU K 152 9.08 -39.75 17.08
N LEU K 153 8.63 -40.28 18.24
CA LEU K 153 8.70 -41.72 18.58
C LEU K 153 7.35 -42.06 19.08
N GLU K 154 6.83 -43.20 18.54
CA GLU K 154 5.61 -43.86 18.97
C GLU K 154 5.95 -44.84 20.11
N TYR K 155 5.06 -44.83 21.14
CA TYR K 155 5.20 -45.52 22.37
C TYR K 155 3.93 -46.21 22.59
N LYS K 156 3.90 -47.03 23.61
CA LYS K 156 2.83 -47.92 24.09
C LYS K 156 2.95 -48.10 25.60
N ALA K 157 4.08 -47.58 26.11
CA ALA K 157 4.26 -47.45 27.51
C ALA K 157 5.48 -46.55 27.57
N THR K 158 5.39 -45.49 28.39
CA THR K 158 6.42 -44.47 28.24
C THR K 158 6.40 -43.70 29.45
N ALA K 159 7.48 -42.93 29.60
CA ALA K 159 7.46 -41.81 30.53
C ALA K 159 8.41 -40.81 30.00
N ILE K 160 8.34 -39.63 30.65
CA ILE K 160 9.39 -38.60 30.55
C ILE K 160 9.56 -38.03 31.94
N GLY K 161 10.69 -37.33 32.16
CA GLY K 161 10.91 -36.57 33.30
C GLY K 161 12.07 -36.95 34.01
N MET K 162 12.09 -36.60 35.33
CA MET K 162 13.10 -37.03 36.29
C MET K 162 12.99 -38.58 36.53
N GLY K 163 11.80 -39.13 36.56
CA GLY K 163 11.48 -40.47 36.91
C GLY K 163 11.63 -41.40 35.80
N ARG K 164 12.07 -40.93 34.63
CA ARG K 164 12.11 -41.68 33.39
C ARG K 164 12.85 -43.01 33.46
N ASN K 165 14.07 -43.08 34.04
CA ASN K 165 14.85 -44.29 34.07
C ASN K 165 14.25 -45.46 34.78
N ALA K 166 13.60 -45.19 35.99
CA ALA K 166 12.97 -46.22 36.77
C ALA K 166 11.60 -46.69 36.24
N VAL K 167 10.87 -45.79 35.60
CA VAL K 167 9.61 -46.17 34.98
C VAL K 167 9.89 -46.98 33.75
N THR K 168 11.09 -46.67 33.06
CA THR K 168 11.43 -47.51 32.01
C THR K 168 11.71 -48.96 32.36
N GLU K 169 12.47 -49.15 33.48
CA GLU K 169 12.93 -50.42 34.08
C GLU K 169 11.68 -51.12 34.48
N PHE K 170 10.66 -50.36 35.03
CA PHE K 170 9.36 -50.82 35.53
C PHE K 170 8.43 -51.49 34.48
N PHE K 171 8.36 -50.82 33.26
CA PHE K 171 7.46 -51.37 32.25
C PHE K 171 8.18 -52.44 31.51
N GLU K 172 9.48 -52.58 31.59
CA GLU K 172 10.10 -53.72 31.10
C GLU K 172 9.69 -54.93 31.92
N LYS K 173 9.59 -54.90 33.24
CA LYS K 173 9.38 -56.13 33.94
C LYS K 173 7.97 -56.44 33.87
N GLU K 174 7.04 -55.49 34.24
CA GLU K 174 5.64 -55.67 34.57
C GLU K 174 4.60 -55.63 33.44
N TYR K 175 4.79 -54.64 32.48
CA TYR K 175 3.78 -54.32 31.52
C TYR K 175 3.55 -55.51 30.63
N ARG K 176 2.24 -55.70 30.28
CA ARG K 176 1.72 -56.81 29.50
C ARG K 176 0.82 -56.21 28.42
N ASP K 177 0.56 -56.92 27.34
CA ASP K 177 -0.22 -56.39 26.29
C ASP K 177 -1.68 -56.95 26.44
N ASP K 178 -1.95 -57.59 27.58
CA ASP K 178 -3.11 -58.50 27.79
C ASP K 178 -3.92 -57.87 28.87
N LEU K 179 -3.62 -56.59 29.18
CA LEU K 179 -4.11 -55.80 30.28
C LEU K 179 -5.33 -55.18 29.75
N SER K 180 -6.31 -54.96 30.66
CA SER K 180 -7.59 -54.27 30.38
C SER K 180 -7.31 -52.75 30.70
N PHE K 181 -8.35 -51.89 30.59
CA PHE K 181 -8.30 -50.53 30.96
C PHE K 181 -8.04 -50.34 32.40
N ASP K 182 -8.71 -51.22 33.19
CA ASP K 182 -8.56 -51.28 34.60
C ASP K 182 -7.15 -51.75 35.10
N ASP K 183 -6.62 -52.81 34.52
CA ASP K 183 -5.38 -53.40 34.94
C ASP K 183 -4.20 -52.48 34.76
N ALA K 184 -4.10 -51.81 33.54
CA ALA K 184 -3.17 -50.74 33.22
C ALA K 184 -3.41 -49.47 33.97
N MET K 185 -4.69 -49.28 34.41
CA MET K 185 -5.00 -48.07 35.17
C MET K 185 -4.15 -48.08 36.49
N VAL K 186 -4.13 -49.31 37.14
CA VAL K 186 -3.39 -49.57 38.39
C VAL K 186 -1.89 -49.44 38.15
N LEU K 187 -1.34 -49.99 37.05
CA LEU K 187 -0.02 -50.01 36.67
C LEU K 187 0.63 -48.61 36.36
N GLY K 188 -0.22 -47.62 35.96
CA GLY K 188 0.29 -46.26 35.85
C GLY K 188 0.40 -45.48 37.09
N LEU K 189 -0.49 -45.74 38.15
CA LEU K 189 -0.36 -45.29 39.56
C LEU K 189 0.75 -46.00 40.27
N VAL K 190 1.07 -47.28 40.03
CA VAL K 190 2.24 -47.92 40.60
C VAL K 190 3.53 -47.33 40.10
N ALA K 191 3.57 -46.98 38.85
CA ALA K 191 4.75 -46.44 38.16
C ALA K 191 5.11 -45.07 38.63
N MET K 192 4.05 -44.25 38.89
CA MET K 192 4.10 -42.97 39.56
C MET K 192 4.49 -42.99 41.04
N GLY K 193 4.07 -44.03 41.77
CA GLY K 193 4.43 -44.39 43.06
C GLY K 193 5.83 -44.86 43.22
N LEU K 194 6.39 -45.43 42.21
CA LEU K 194 7.85 -45.86 42.17
C LEU K 194 8.84 -44.62 42.12
N SER K 195 8.56 -43.70 41.25
CA SER K 195 9.42 -42.57 40.97
C SER K 195 9.43 -41.58 42.04
N ILE K 196 8.27 -41.39 42.70
CA ILE K 196 8.15 -40.38 43.72
C ILE K 196 8.50 -41.04 45.06
N GLU K 197 8.47 -42.39 45.06
CA GLU K 197 8.99 -43.13 46.13
C GLU K 197 8.22 -42.84 47.41
N SER K 198 6.91 -42.72 47.36
CA SER K 198 6.13 -42.70 48.55
C SER K 198 4.68 -43.00 48.08
N GLU K 199 3.76 -43.29 49.01
CA GLU K 199 2.37 -43.49 48.80
C GLU K 199 1.74 -42.23 48.63
N LEU K 200 0.98 -42.18 47.51
CA LEU K 200 0.35 -41.02 46.93
C LEU K 200 -1.00 -40.71 47.48
N VAL K 201 -1.42 -39.45 47.27
CA VAL K 201 -2.73 -38.90 47.63
C VAL K 201 -3.18 -38.29 46.27
N PRO K 202 -4.47 -38.18 46.07
CA PRO K 202 -5.02 -37.58 44.86
C PRO K 202 -4.69 -36.14 44.69
N GLU K 203 -4.06 -35.47 45.72
CA GLU K 203 -3.89 -34.02 45.65
C GLU K 203 -2.50 -33.63 45.07
N ASN K 204 -1.75 -34.64 44.64
CA ASN K 204 -0.44 -34.41 44.05
C ASN K 204 -0.51 -35.18 42.73
N ILE K 205 -1.70 -35.63 42.18
CA ILE K 205 -1.70 -36.28 40.91
C ILE K 205 -2.98 -35.92 40.23
N GLU K 206 -3.02 -36.05 38.87
CA GLU K 206 -4.17 -35.82 38.10
C GLU K 206 -4.22 -36.82 37.01
N VAL K 207 -5.40 -37.38 36.71
CA VAL K 207 -5.53 -38.36 35.64
C VAL K 207 -6.55 -37.89 34.69
N GLY K 208 -6.24 -37.99 33.38
CA GLY K 208 -7.14 -37.72 32.29
C GLY K 208 -7.03 -38.94 31.33
N TYR K 209 -8.01 -39.22 30.41
CA TYR K 209 -7.90 -40.44 29.65
C TYR K 209 -8.77 -40.13 28.45
N VAL K 210 -8.57 -41.07 27.50
CA VAL K 210 -9.33 -41.13 26.32
C VAL K 210 -9.64 -42.61 26.19
N LYS K 211 -10.99 -43.06 26.24
CA LYS K 211 -11.27 -44.48 25.88
C LYS K 211 -11.81 -44.46 24.52
N VAL K 212 -11.92 -45.70 24.01
CA VAL K 212 -12.25 -45.97 22.67
C VAL K 212 -13.78 -46.05 22.55
N ASP K 213 -14.48 -46.47 23.57
CA ASP K 213 -15.95 -46.55 23.65
C ASP K 213 -16.48 -45.22 24.08
N ASP K 214 -15.69 -44.07 24.09
CA ASP K 214 -16.15 -42.85 24.57
C ASP K 214 -15.75 -41.90 23.40
N ARG K 215 -14.49 -41.97 22.93
CA ARG K 215 -13.87 -41.15 21.87
C ARG K 215 -13.68 -39.72 22.29
N THR K 216 -13.61 -39.60 23.62
CA THR K 216 -13.57 -38.38 24.34
C THR K 216 -12.58 -38.62 25.45
N PHE K 217 -11.55 -37.74 25.61
CA PHE K 217 -11.14 -36.95 26.73
C PHE K 217 -12.20 -36.81 27.75
N LYS K 218 -11.87 -37.27 28.98
CA LYS K 218 -12.64 -36.99 30.21
C LYS K 218 -11.48 -36.73 31.17
N GLU K 219 -11.80 -36.18 32.43
CA GLU K 219 -10.85 -35.96 33.50
C GLU K 219 -11.39 -36.58 34.71
N VAL K 220 -10.58 -37.42 35.45
CA VAL K 220 -10.87 -38.19 36.63
C VAL K 220 -10.90 -37.21 37.82
N SER K 221 -12.15 -36.91 38.33
CA SER K 221 -12.40 -36.03 39.52
C SER K 221 -11.74 -36.56 40.78
N PRO K 222 -11.47 -35.78 41.88
CA PRO K 222 -11.01 -36.30 43.10
C PRO K 222 -11.85 -37.42 43.66
N GLU K 223 -13.13 -37.45 43.43
CA GLU K 223 -13.99 -38.54 43.88
C GLU K 223 -13.64 -39.91 43.26
N GLU K 224 -13.36 -39.79 42.00
CA GLU K 224 -13.11 -40.95 41.19
C GLU K 224 -11.68 -41.42 41.12
N LEU K 225 -10.65 -40.65 41.69
CA LEU K 225 -9.27 -40.95 41.74
C LEU K 225 -9.07 -41.97 42.77
N LYS K 226 -9.85 -41.76 43.91
CA LYS K 226 -9.54 -42.53 45.08
C LYS K 226 -9.44 -44.09 44.84
N PRO K 227 -10.36 -44.81 44.24
CA PRO K 227 -10.21 -46.26 44.07
C PRO K 227 -8.99 -46.73 43.30
N TYR K 228 -8.52 -45.93 42.28
CA TYR K 228 -7.34 -46.30 41.51
C TYR K 228 -6.10 -46.24 42.37
N VAL K 229 -5.96 -45.25 43.27
CA VAL K 229 -4.91 -45.03 44.16
C VAL K 229 -4.89 -46.04 45.24
N GLU K 230 -6.02 -46.49 45.75
CA GLU K 230 -6.32 -47.50 46.79
C GLU K 230 -5.82 -48.88 46.39
N ARG K 231 -6.11 -49.29 45.12
CA ARG K 231 -5.60 -50.50 44.51
C ARG K 231 -4.07 -50.37 44.37
N ALA K 232 -3.59 -49.18 44.00
CA ALA K 232 -2.18 -48.91 43.70
C ALA K 232 -1.26 -48.93 44.93
N ASN K 233 -1.78 -48.32 46.05
CA ASN K 233 -1.09 -48.24 47.28
C ASN K 233 -0.64 -49.60 47.75
N GLU K 234 -1.39 -50.71 47.49
CA GLU K 234 -1.04 -51.96 48.00
C GLU K 234 0.27 -52.41 47.45
N ARG K 235 0.46 -52.25 46.10
CA ARG K 235 1.60 -52.71 45.30
C ARG K 235 2.71 -51.61 45.43
N ILE K 236 2.36 -50.29 45.70
CA ILE K 236 3.39 -49.28 45.94
C ILE K 236 4.13 -49.58 47.20
N ARG K 237 3.51 -49.98 48.35
CA ARG K 237 4.26 -50.28 49.55
C ARG K 237 5.26 -51.42 49.34
N GLU K 238 4.95 -52.41 48.51
CA GLU K 238 5.72 -53.61 48.26
C GLU K 238 7.06 -53.38 47.54
N LEU K 239 7.04 -52.36 46.61
CA LEU K 239 8.25 -51.97 45.85
C LEU K 239 9.16 -51.02 46.54
N LEU K 240 8.58 -50.46 47.62
CA LEU K 240 9.48 -49.75 48.50
C LEU K 240 10.04 -50.62 49.59
N LYS K 241 9.79 -51.92 49.60
CA LYS K 241 10.38 -52.86 50.50
C LYS K 241 11.45 -53.41 49.60
N LYS K 242 12.74 -53.30 50.10
CA LYS K 242 13.94 -53.71 49.34
C LYS K 242 15.09 -53.97 50.28
N ARG L 6 -76.63 19.87 -51.96
CA ARG L 6 -77.70 20.36 -52.88
C ARG L 6 -77.27 20.45 -54.31
N ALA L 7 -78.26 20.61 -55.20
CA ALA L 7 -77.99 20.75 -56.62
C ALA L 7 -79.22 21.31 -57.28
N ILE L 8 -79.18 21.67 -58.57
CA ILE L 8 -80.34 22.32 -59.23
C ILE L 8 -80.05 22.32 -60.71
N THR L 9 -78.87 21.81 -61.12
CA THR L 9 -78.42 21.81 -62.53
C THR L 9 -78.89 20.50 -63.06
N VAL L 10 -79.64 20.55 -64.23
CA VAL L 10 -80.20 19.37 -64.87
C VAL L 10 -79.88 19.45 -66.35
N PHE L 11 -79.64 18.23 -66.98
CA PHE L 11 -79.66 18.14 -68.39
C PHE L 11 -81.02 18.45 -68.96
N SER L 12 -80.96 19.22 -70.11
CA SER L 12 -82.04 19.61 -71.02
C SER L 12 -82.30 18.37 -71.89
N PRO L 13 -83.36 18.38 -72.65
CA PRO L 13 -83.49 17.37 -73.64
C PRO L 13 -82.32 17.21 -74.62
N ASP L 14 -81.58 18.30 -74.93
CA ASP L 14 -80.35 18.28 -75.76
C ASP L 14 -79.29 17.42 -75.10
N GLY L 15 -79.29 17.40 -73.73
CA GLY L 15 -78.24 16.75 -73.00
C GLY L 15 -77.09 17.60 -72.45
N ARG L 16 -77.39 18.88 -72.20
CA ARG L 16 -76.47 19.85 -71.76
C ARG L 16 -77.17 20.79 -70.92
N LEU L 17 -76.56 21.17 -69.82
CA LEU L 17 -77.03 22.00 -68.68
C LEU L 17 -77.33 23.33 -69.18
N PHE L 18 -78.45 23.90 -68.74
CA PHE L 18 -78.98 25.19 -69.11
C PHE L 18 -77.96 26.28 -68.65
N GLN L 19 -77.45 26.16 -67.43
CA GLN L 19 -76.49 27.15 -66.88
C GLN L 19 -75.17 27.18 -67.68
N VAL L 20 -74.67 26.04 -68.09
CA VAL L 20 -73.45 25.90 -68.88
C VAL L 20 -73.62 26.65 -70.22
N GLU L 21 -74.74 26.55 -70.92
CA GLU L 21 -75.00 27.23 -72.12
C GLU L 21 -75.01 28.70 -71.88
N TYR L 22 -75.62 29.17 -70.75
CA TYR L 22 -75.69 30.54 -70.43
C TYR L 22 -74.40 31.25 -70.14
N ALA L 23 -73.50 30.48 -69.48
CA ALA L 23 -72.20 31.03 -69.11
C ALA L 23 -71.35 31.25 -70.32
N ARG L 24 -71.46 30.37 -71.37
CA ARG L 24 -70.71 30.44 -72.54
C ARG L 24 -71.01 31.72 -73.29
N GLU L 25 -72.29 32.16 -73.37
CA GLU L 25 -72.75 33.40 -73.88
C GLU L 25 -72.34 34.60 -73.10
N ALA L 26 -72.33 34.43 -71.76
CA ALA L 26 -71.82 35.48 -70.86
C ALA L 26 -70.37 35.93 -71.01
N VAL L 27 -69.45 34.98 -71.40
CA VAL L 27 -68.02 35.29 -71.58
C VAL L 27 -67.76 35.98 -72.86
N LYS L 28 -68.68 35.95 -73.85
CA LYS L 28 -68.55 36.62 -75.14
C LYS L 28 -68.87 38.04 -74.91
N ARG L 29 -69.48 38.47 -73.75
CA ARG L 29 -69.98 39.79 -73.55
C ARG L 29 -68.80 40.58 -72.99
N GLY L 30 -67.75 39.90 -72.53
CA GLY L 30 -66.63 40.57 -72.03
C GLY L 30 -65.77 40.88 -73.16
N ALA L 31 -64.64 41.55 -72.90
CA ALA L 31 -63.78 42.26 -73.80
C ALA L 31 -62.99 41.32 -74.66
N THR L 32 -62.52 41.70 -75.91
CA THR L 32 -61.82 40.87 -76.88
C THR L 32 -60.44 40.58 -76.49
N ALA L 33 -59.91 39.37 -76.83
CA ALA L 33 -58.59 38.93 -76.54
C ALA L 33 -58.27 37.99 -77.65
N ILE L 34 -57.08 38.05 -78.26
CA ILE L 34 -56.83 37.46 -79.56
C ILE L 34 -55.50 36.81 -79.39
N GLY L 35 -55.32 35.61 -79.92
CA GLY L 35 -54.15 34.87 -79.79
C GLY L 35 -53.81 34.32 -81.13
N ILE L 36 -52.53 34.46 -81.56
CA ILE L 36 -52.03 33.99 -82.84
C ILE L 36 -50.80 33.22 -82.53
N LYS L 37 -50.79 32.02 -82.89
CA LYS L 37 -49.65 31.18 -82.93
C LYS L 37 -49.01 31.34 -84.32
N CYS L 38 -47.67 31.50 -84.45
CA CYS L 38 -46.92 31.61 -85.68
C CYS L 38 -45.80 30.68 -85.32
N LYS L 39 -44.82 30.32 -86.20
CA LYS L 39 -43.72 29.40 -85.86
C LYS L 39 -42.79 30.01 -84.83
N GLU L 40 -42.56 31.28 -84.96
CA GLU L 40 -41.48 31.91 -84.29
C GLU L 40 -41.94 32.34 -82.91
N GLY L 41 -43.16 31.96 -82.44
CA GLY L 41 -43.58 32.05 -81.00
C GLY L 41 -45.04 32.35 -81.17
N VAL L 42 -45.71 32.67 -80.04
CA VAL L 42 -47.10 32.88 -80.12
C VAL L 42 -47.26 34.14 -79.37
N ILE L 43 -48.05 35.09 -79.95
CA ILE L 43 -48.28 36.47 -79.61
C ILE L 43 -49.68 36.54 -79.07
N LEU L 44 -49.83 37.29 -78.02
CA LEU L 44 -51.03 37.41 -77.20
C LEU L 44 -51.26 38.82 -76.95
N ILE L 45 -52.45 39.29 -77.35
CA ILE L 45 -52.82 40.65 -77.27
C ILE L 45 -54.16 40.59 -76.53
N ALA L 46 -54.45 41.56 -75.63
CA ALA L 46 -55.72 41.71 -74.92
C ALA L 46 -56.13 43.18 -74.95
N ASP L 47 -57.49 43.42 -75.22
CA ASP L 47 -57.90 44.77 -75.26
C ASP L 47 -58.12 45.19 -73.83
N LYS L 48 -57.55 46.31 -73.33
CA LYS L 48 -57.71 46.78 -72.02
C LYS L 48 -58.25 48.21 -72.04
N ARG L 49 -59.06 48.49 -73.12
CA ARG L 49 -59.48 49.81 -73.58
C ARG L 49 -60.43 50.43 -72.54
N VAL L 50 -60.42 51.67 -72.27
CA VAL L 50 -61.12 52.28 -71.24
C VAL L 50 -62.48 52.65 -71.79
N GLY L 51 -63.45 52.77 -70.87
CA GLY L 51 -64.81 53.21 -71.15
C GLY L 51 -64.90 54.61 -70.77
N SER L 52 -63.97 55.16 -69.89
CA SER L 52 -63.93 56.52 -69.49
C SER L 52 -62.50 56.87 -69.19
N LYS L 53 -62.09 58.21 -69.14
CA LYS L 53 -60.73 58.63 -68.80
C LYS L 53 -60.50 58.62 -67.33
N LEU L 54 -61.54 58.42 -66.53
CA LEU L 54 -61.49 58.48 -65.11
C LEU L 54 -61.20 57.01 -64.66
N LEU L 55 -61.67 56.00 -65.43
CA LEU L 55 -61.37 54.59 -65.38
C LEU L 55 -59.94 54.37 -65.77
N GLU L 56 -59.34 53.30 -65.18
CA GLU L 56 -57.94 53.09 -65.41
C GLU L 56 -57.80 51.62 -65.59
N ALA L 57 -58.08 51.15 -66.83
CA ALA L 57 -57.87 49.75 -67.30
C ALA L 57 -56.55 49.75 -68.05
N ASP L 58 -56.02 51.02 -68.09
CA ASP L 58 -54.68 51.34 -68.62
C ASP L 58 -53.60 50.76 -67.75
N THR L 59 -53.72 50.80 -66.43
CA THR L 59 -52.67 50.36 -65.47
C THR L 59 -53.14 49.07 -64.91
N ILE L 60 -54.41 48.57 -65.09
CA ILE L 60 -54.92 47.25 -64.65
C ILE L 60 -54.55 46.27 -65.71
N GLU L 61 -54.08 45.01 -65.26
CA GLU L 61 -53.73 43.87 -66.06
C GLU L 61 -54.92 43.26 -66.72
N LYS L 62 -54.64 42.55 -67.81
CA LYS L 62 -55.55 41.65 -68.47
C LYS L 62 -54.71 40.59 -69.20
N ILE L 63 -53.40 40.77 -69.13
CA ILE L 63 -52.45 39.69 -69.52
C ILE L 63 -51.64 39.52 -68.26
N TYR L 64 -51.59 38.28 -67.84
CA TYR L 64 -50.99 37.87 -66.61
C TYR L 64 -49.88 36.87 -66.98
N LYS L 65 -48.69 37.01 -66.34
CA LYS L 65 -47.62 36.12 -66.45
C LYS L 65 -48.00 34.95 -65.50
N ILE L 66 -48.12 33.73 -66.05
CA ILE L 66 -48.62 32.61 -65.29
C ILE L 66 -47.39 31.87 -64.79
N ASP L 67 -46.40 31.78 -65.74
CA ASP L 67 -45.12 31.09 -65.52
C ASP L 67 -44.16 31.86 -66.45
N GLU L 68 -42.97 31.31 -66.30
CA GLU L 68 -41.83 31.82 -67.04
C GLU L 68 -42.02 31.97 -68.56
N HIS L 69 -42.73 31.01 -69.16
CA HIS L 69 -42.81 30.86 -70.58
C HIS L 69 -44.20 30.80 -71.01
N ILE L 70 -45.10 31.21 -70.14
CA ILE L 70 -46.59 31.17 -70.34
C ILE L 70 -47.20 32.45 -69.75
N CYS L 71 -48.16 32.99 -70.62
CA CYS L 71 -48.90 34.17 -70.28
C CYS L 71 -50.24 33.73 -70.66
N ALA L 72 -51.28 34.35 -70.05
CA ALA L 72 -52.63 34.15 -70.46
C ALA L 72 -53.31 35.44 -70.44
N ALA L 73 -54.39 35.60 -71.24
CA ALA L 73 -55.25 36.76 -71.25
C ALA L 73 -56.55 36.15 -71.04
N THR L 74 -57.64 36.85 -70.74
CA THR L 74 -58.89 36.41 -70.31
C THR L 74 -60.01 37.18 -71.12
N SER L 75 -61.21 36.64 -71.10
CA SER L 75 -62.48 37.29 -71.48
C SER L 75 -63.67 36.80 -70.71
N GLY L 76 -64.57 37.78 -70.36
CA GLY L 76 -65.77 37.45 -69.57
C GLY L 76 -65.72 38.37 -68.39
N LEU L 77 -66.18 37.69 -67.27
CA LEU L 77 -66.41 38.37 -66.08
C LEU L 77 -65.11 38.62 -65.39
N VAL L 78 -65.01 39.74 -64.64
CA VAL L 78 -63.81 40.03 -63.85
C VAL L 78 -63.69 39.17 -62.65
N ALA L 79 -64.82 38.74 -62.04
CA ALA L 79 -64.82 37.99 -60.77
C ALA L 79 -64.32 36.61 -60.97
N ASP L 80 -64.80 35.89 -62.00
CA ASP L 80 -64.43 34.52 -62.25
C ASP L 80 -63.10 34.32 -62.96
N ALA L 81 -62.68 35.27 -63.81
CA ALA L 81 -61.45 35.41 -64.49
C ALA L 81 -60.32 35.47 -63.48
N ARG L 82 -60.49 36.31 -62.44
CA ARG L 82 -59.41 36.56 -61.51
C ARG L 82 -59.12 35.35 -60.65
N VAL L 83 -60.14 34.60 -60.16
CA VAL L 83 -59.93 33.41 -59.27
C VAL L 83 -59.23 32.31 -60.00
N LEU L 84 -59.58 32.15 -61.32
CA LEU L 84 -59.07 31.08 -62.14
C LEU L 84 -57.64 31.23 -62.40
N ILE L 85 -57.19 32.39 -62.81
CA ILE L 85 -55.80 32.61 -63.21
C ILE L 85 -54.93 32.62 -61.98
N ASP L 86 -55.49 32.98 -60.76
CA ASP L 86 -54.66 33.04 -59.57
C ASP L 86 -54.35 31.69 -59.16
N ARG L 87 -55.39 30.84 -59.29
CA ARG L 87 -55.24 29.43 -59.09
C ARG L 87 -54.26 28.82 -60.11
N ALA L 88 -54.34 29.28 -61.36
CA ALA L 88 -53.53 28.74 -62.44
C ALA L 88 -52.10 29.06 -62.29
N ARG L 89 -51.78 30.16 -61.57
CA ARG L 89 -50.42 30.54 -61.23
C ARG L 89 -49.68 29.68 -60.24
N ILE L 90 -50.39 29.26 -59.20
CA ILE L 90 -49.96 28.40 -58.19
C ILE L 90 -49.71 27.06 -58.81
N GLU L 91 -50.60 26.59 -59.70
CA GLU L 91 -50.49 25.27 -60.32
C GLU L 91 -49.21 25.16 -61.16
N ALA L 92 -48.84 26.27 -61.82
CA ALA L 92 -47.57 26.31 -62.53
C ALA L 92 -46.39 26.19 -61.56
N GLN L 93 -46.49 26.89 -60.39
CA GLN L 93 -45.42 26.89 -59.37
C GLN L 93 -45.33 25.59 -58.65
N ILE L 94 -46.47 24.80 -58.57
CA ILE L 94 -46.47 23.44 -57.94
C ILE L 94 -45.68 22.58 -58.87
N ASN L 95 -45.84 22.68 -60.20
CA ASN L 95 -45.09 21.81 -61.16
C ASN L 95 -43.61 22.08 -60.99
N ARG L 96 -43.23 23.37 -60.91
CA ARG L 96 -41.84 23.74 -60.73
C ARG L 96 -41.23 23.27 -59.43
N LEU L 97 -42.02 23.06 -58.34
CA LEU L 97 -41.55 22.62 -57.02
C LEU L 97 -41.34 21.15 -57.17
N THR L 98 -42.20 20.47 -57.87
CA THR L 98 -42.25 19.03 -57.63
C THR L 98 -41.62 18.35 -58.84
N TYR L 99 -41.15 19.03 -59.89
CA TYR L 99 -40.40 18.38 -60.97
C TYR L 99 -39.27 19.24 -61.31
N ASP L 100 -39.42 20.60 -61.14
CA ASP L 100 -38.51 21.63 -61.67
C ASP L 100 -38.56 21.69 -63.21
N GLU L 101 -39.71 21.38 -63.75
CA GLU L 101 -39.92 21.52 -65.21
C GLU L 101 -40.95 22.73 -65.13
N PRO L 102 -40.76 23.96 -65.78
CA PRO L 102 -41.78 24.91 -66.03
C PRO L 102 -42.84 24.23 -66.82
N ILE L 103 -44.06 24.13 -66.21
CA ILE L 103 -45.26 23.42 -66.67
C ILE L 103 -45.49 23.64 -68.15
N THR L 104 -45.87 22.56 -68.81
CA THR L 104 -46.13 22.51 -70.24
C THR L 104 -47.55 23.09 -70.50
N VAL L 105 -47.78 23.65 -71.65
CA VAL L 105 -48.96 24.47 -71.90
C VAL L 105 -50.25 23.70 -71.84
N LYS L 106 -50.17 22.46 -72.36
CA LYS L 106 -51.12 21.44 -72.48
C LYS L 106 -51.62 20.97 -71.14
N GLU L 107 -50.74 20.78 -70.08
CA GLU L 107 -51.14 20.15 -68.87
C GLU L 107 -51.61 21.27 -67.93
N LEU L 108 -51.17 22.54 -68.13
CA LEU L 108 -51.61 23.66 -67.40
C LEU L 108 -53.12 23.84 -67.66
N ALA L 109 -53.50 23.69 -68.95
CA ALA L 109 -54.82 23.91 -69.38
C ALA L 109 -55.76 22.87 -68.83
N LYS L 110 -55.33 21.53 -68.82
CA LYS L 110 -56.16 20.40 -68.49
C LYS L 110 -56.53 20.49 -67.05
N LYS L 111 -55.57 20.94 -66.21
CA LYS L 111 -55.69 21.04 -64.83
C LYS L 111 -56.58 22.17 -64.36
N ILE L 112 -56.56 23.30 -64.98
CA ILE L 112 -57.51 24.26 -64.69
C ILE L 112 -58.90 24.02 -65.17
N CYS L 113 -59.05 23.12 -66.15
CA CYS L 113 -60.38 22.60 -66.60
C CYS L 113 -60.89 21.62 -65.59
N ASP L 114 -60.09 20.94 -64.75
CA ASP L 114 -60.60 20.10 -63.66
C ASP L 114 -61.26 20.91 -62.59
N PHE L 115 -60.67 22.06 -62.30
CA PHE L 115 -61.24 23.03 -61.32
C PHE L 115 -62.58 23.54 -61.76
N LYS L 116 -62.92 23.77 -63.08
CA LYS L 116 -64.15 24.28 -63.57
C LYS L 116 -65.18 23.24 -63.34
N GLN L 117 -64.89 21.96 -63.66
CA GLN L 117 -65.66 20.75 -63.68
C GLN L 117 -66.16 20.28 -62.32
N GLN L 118 -65.34 20.59 -61.25
CA GLN L 118 -65.73 20.53 -59.84
C GLN L 118 -66.85 21.50 -59.51
N TYR L 119 -66.88 22.66 -60.18
CA TYR L 119 -67.84 23.70 -59.88
C TYR L 119 -68.96 23.53 -60.90
N THR L 120 -68.91 22.60 -61.86
CA THR L 120 -70.04 22.55 -62.77
C THR L 120 -70.83 21.31 -62.39
N GLN L 121 -70.19 20.27 -61.86
CA GLN L 121 -70.91 19.12 -61.41
C GLN L 121 -71.77 19.36 -60.23
N TYR L 122 -71.23 20.20 -59.25
CA TYR L 122 -72.07 20.62 -58.18
C TYR L 122 -72.93 21.72 -58.74
N GLY L 123 -74.21 21.72 -58.16
CA GLY L 123 -75.21 22.66 -58.59
C GLY L 123 -75.54 23.53 -57.51
N GLY L 124 -74.81 23.36 -56.36
CA GLY L 124 -74.79 24.40 -55.33
C GLY L 124 -73.80 25.53 -55.78
N VAL L 125 -72.80 25.21 -56.51
CA VAL L 125 -71.87 26.16 -57.11
C VAL L 125 -71.96 26.21 -58.57
N ARG L 126 -72.17 27.47 -59.07
CA ARG L 126 -72.36 27.72 -60.48
C ARG L 126 -71.14 27.49 -61.40
N PRO L 127 -71.37 27.24 -62.72
CA PRO L 127 -70.21 27.12 -63.66
C PRO L 127 -69.61 28.55 -63.70
N PHE L 128 -68.24 28.65 -63.79
CA PHE L 128 -67.53 29.92 -63.74
C PHE L 128 -67.18 30.20 -65.20
N GLY L 129 -67.88 31.30 -65.69
CA GLY L 129 -67.70 31.97 -66.98
C GLY L 129 -66.43 32.77 -67.05
N VAL L 130 -65.29 32.09 -67.50
CA VAL L 130 -64.03 32.65 -67.71
C VAL L 130 -63.60 31.89 -68.92
N SER L 131 -62.74 32.53 -69.79
CA SER L 131 -62.09 31.83 -70.91
C SER L 131 -60.74 32.48 -71.00
N LEU L 132 -59.70 31.61 -71.23
CA LEU L 132 -58.35 32.07 -71.33
C LEU L 132 -57.87 31.60 -72.66
N LEU L 133 -56.93 32.40 -73.25
CA LEU L 133 -56.25 32.11 -74.52
C LEU L 133 -54.86 32.02 -74.00
N ILE L 134 -54.35 30.74 -74.03
CA ILE L 134 -53.19 30.43 -73.25
C ILE L 134 -52.00 30.35 -74.23
N ALA L 135 -51.05 31.29 -74.14
CA ALA L 135 -49.98 31.36 -75.13
C ALA L 135 -48.73 31.17 -74.46
N GLY L 136 -47.92 30.16 -74.89
CA GLY L 136 -46.64 29.87 -74.38
C GLY L 136 -45.99 28.84 -75.23
N VAL L 137 -44.60 28.66 -74.98
CA VAL L 137 -43.70 27.92 -75.79
C VAL L 137 -43.05 27.14 -74.69
N ASP L 138 -43.32 25.82 -74.64
CA ASP L 138 -42.70 24.89 -73.72
C ASP L 138 -41.43 24.42 -74.39
N GLU L 139 -41.48 23.97 -75.66
CA GLU L 139 -40.30 23.66 -76.52
C GLU L 139 -40.86 23.82 -77.95
N VAL L 140 -42.21 24.19 -78.08
CA VAL L 140 -42.88 24.34 -79.32
C VAL L 140 -43.97 25.34 -79.00
N PRO L 141 -44.24 26.23 -79.90
CA PRO L 141 -45.44 27.01 -79.89
C PRO L 141 -46.77 26.31 -79.69
N LYS L 142 -47.53 26.72 -78.69
CA LYS L 142 -48.84 26.19 -78.29
C LYS L 142 -49.70 27.42 -78.03
N LEU L 143 -51.00 27.22 -78.52
CA LEU L 143 -52.14 28.01 -78.31
C LEU L 143 -53.26 27.01 -78.03
N TYR L 144 -54.12 27.44 -77.05
CA TYR L 144 -55.30 26.80 -76.55
C TYR L 144 -56.30 27.86 -76.18
N GLU L 145 -57.60 27.53 -76.20
CA GLU L 145 -58.73 28.40 -75.80
C GLU L 145 -59.48 27.45 -74.84
N THR L 146 -59.33 27.69 -73.47
CA THR L 146 -59.96 26.96 -72.40
C THR L 146 -61.37 27.58 -72.26
N ASP L 147 -62.38 26.75 -72.28
CA ASP L 147 -63.83 27.14 -72.24
C ASP L 147 -64.27 27.35 -70.85
N PRO L 148 -65.31 28.14 -70.63
CA PRO L 148 -65.97 28.13 -69.37
C PRO L 148 -66.64 26.83 -69.01
N SER L 149 -66.78 25.88 -69.97
CA SER L 149 -67.58 24.69 -69.68
C SER L 149 -66.68 23.73 -68.91
N GLY L 150 -65.39 23.94 -69.02
CA GLY L 150 -64.41 23.06 -68.45
C GLY L 150 -63.80 22.16 -69.49
N ALA L 151 -63.61 22.71 -70.75
CA ALA L 151 -63.23 21.98 -71.90
C ALA L 151 -61.90 22.52 -72.39
N LEU L 152 -61.20 21.76 -73.31
CA LEU L 152 -60.07 22.14 -74.05
C LEU L 152 -60.36 22.13 -75.49
N LEU L 153 -59.90 23.19 -76.21
CA LEU L 153 -59.94 23.24 -77.70
C LEU L 153 -58.60 23.87 -78.02
N GLU L 154 -57.85 23.31 -78.97
CA GLU L 154 -56.59 23.76 -79.44
C GLU L 154 -56.96 24.59 -80.64
N TYR L 155 -56.25 25.68 -80.88
CA TYR L 155 -56.64 26.57 -82.03
C TYR L 155 -55.30 26.95 -82.66
N LYS L 156 -55.38 27.19 -83.94
CA LYS L 156 -54.33 27.76 -84.65
C LYS L 156 -54.16 29.25 -84.45
N ALA L 157 -55.25 30.04 -84.62
CA ALA L 157 -55.40 31.41 -84.27
C ALA L 157 -56.90 31.68 -84.03
N THR L 158 -57.23 32.54 -83.11
CA THR L 158 -58.50 32.49 -82.47
C THR L 158 -58.63 33.72 -81.73
N ALA L 159 -59.85 33.92 -81.22
CA ALA L 159 -60.13 35.10 -80.44
C ALA L 159 -61.26 34.84 -79.60
N ILE L 160 -61.55 35.62 -78.51
CA ILE L 160 -62.59 35.41 -77.62
C ILE L 160 -63.17 36.81 -77.40
N GLY L 161 -64.43 36.76 -76.87
CA GLY L 161 -65.12 38.02 -76.56
C GLY L 161 -66.13 38.39 -77.57
N MET L 162 -66.31 39.74 -77.75
CA MET L 162 -67.15 40.41 -78.65
C MET L 162 -66.61 40.22 -80.02
N GLY L 163 -65.21 40.16 -80.17
CA GLY L 163 -64.45 39.89 -81.34
C GLY L 163 -64.37 38.48 -81.76
N ARG L 164 -64.94 37.54 -81.02
CA ARG L 164 -64.73 36.12 -81.33
C ARG L 164 -65.12 35.74 -82.72
N ASN L 165 -66.32 36.20 -83.13
CA ASN L 165 -66.96 35.90 -84.39
C ASN L 165 -66.19 36.51 -85.54
N ALA L 166 -66.01 37.78 -85.48
CA ALA L 166 -65.36 38.62 -86.46
C ALA L 166 -63.92 38.31 -86.71
N VAL L 167 -63.13 38.02 -85.69
CA VAL L 167 -61.69 37.76 -85.76
C VAL L 167 -61.47 36.36 -86.32
N THR L 168 -62.35 35.34 -86.04
CA THR L 168 -62.20 33.98 -86.66
C THR L 168 -62.49 34.02 -88.19
N GLU L 169 -63.62 34.65 -88.50
CA GLU L 169 -64.18 34.82 -89.87
C GLU L 169 -63.14 35.47 -90.73
N PHE L 170 -62.40 36.46 -90.10
CA PHE L 170 -61.26 37.24 -90.58
C PHE L 170 -60.12 36.34 -90.98
N PHE L 171 -59.92 35.34 -90.11
CA PHE L 171 -58.80 34.39 -90.20
C PHE L 171 -59.11 33.26 -91.12
N GLU L 172 -60.38 33.00 -91.53
CA GLU L 172 -60.62 32.08 -92.63
C GLU L 172 -60.16 32.71 -93.88
N LYS L 173 -60.51 33.98 -94.06
CA LYS L 173 -60.22 34.67 -95.36
C LYS L 173 -58.73 35.06 -95.48
N GLU L 174 -58.10 35.57 -94.34
CA GLU L 174 -56.86 36.22 -94.46
C GLU L 174 -56.17 35.72 -93.17
N TYR L 175 -55.01 35.02 -93.23
CA TYR L 175 -54.27 34.39 -92.18
C TYR L 175 -53.40 33.45 -92.98
N ARG L 176 -52.15 33.19 -92.56
CA ARG L 176 -51.23 32.22 -93.14
C ARG L 176 -50.84 31.47 -91.96
N ASP L 177 -50.41 30.24 -92.15
CA ASP L 177 -49.89 29.38 -91.23
C ASP L 177 -48.39 29.68 -91.12
N ASP L 178 -47.88 30.34 -92.14
CA ASP L 178 -46.52 30.65 -92.31
C ASP L 178 -46.13 32.08 -91.95
N LEU L 179 -46.92 32.81 -91.12
CA LEU L 179 -46.55 34.16 -90.66
C LEU L 179 -45.25 34.17 -89.89
N SER L 180 -44.65 35.40 -90.13
CA SER L 180 -43.39 35.83 -89.50
C SER L 180 -43.77 36.29 -88.13
N PHE L 181 -42.73 36.65 -87.24
CA PHE L 181 -43.07 37.27 -85.97
C PHE L 181 -43.61 38.66 -86.13
N ASP L 182 -42.89 39.49 -86.91
CA ASP L 182 -43.28 40.86 -87.20
C ASP L 182 -44.59 40.89 -87.98
N ASP L 183 -44.78 40.02 -88.96
CA ASP L 183 -46.00 40.05 -89.73
C ASP L 183 -47.13 39.62 -88.90
N ALA L 184 -46.95 38.53 -88.06
CA ALA L 184 -47.99 38.00 -87.17
C ALA L 184 -48.46 38.96 -86.14
N MET L 185 -47.50 39.71 -85.62
CA MET L 185 -47.74 40.76 -84.62
C MET L 185 -48.53 41.83 -85.09
N VAL L 186 -48.34 42.34 -86.34
CA VAL L 186 -49.07 43.43 -86.91
C VAL L 186 -50.49 42.96 -87.19
N LEU L 187 -50.68 41.65 -87.49
CA LEU L 187 -51.93 40.99 -87.76
C LEU L 187 -52.74 41.01 -86.56
N GLY L 188 -52.20 40.78 -85.34
CA GLY L 188 -53.04 40.78 -84.18
C GLY L 188 -53.47 42.13 -83.70
N LEU L 189 -52.71 43.13 -84.03
CA LEU L 189 -53.11 44.51 -83.86
C LEU L 189 -54.19 44.91 -84.88
N VAL L 190 -54.14 44.56 -86.18
CA VAL L 190 -55.20 44.83 -87.18
C VAL L 190 -56.46 44.14 -86.76
N ALA L 191 -56.44 42.87 -86.34
CA ALA L 191 -57.66 42.13 -86.00
C ALA L 191 -58.43 42.82 -84.87
N MET L 192 -57.64 43.30 -83.86
CA MET L 192 -58.24 43.89 -82.65
C MET L 192 -58.96 45.08 -82.98
N GLY L 193 -58.38 45.93 -83.76
CA GLY L 193 -58.91 47.16 -84.26
C GLY L 193 -60.21 47.01 -84.95
N LEU L 194 -60.45 45.85 -85.65
CA LEU L 194 -61.69 45.44 -86.32
C LEU L 194 -62.83 45.27 -85.43
N SER L 195 -62.52 44.63 -84.29
CA SER L 195 -63.56 44.46 -83.31
C SER L 195 -64.04 45.73 -82.68
N ILE L 196 -63.13 46.65 -82.41
CA ILE L 196 -63.47 47.80 -81.61
C ILE L 196 -63.88 49.06 -82.43
N GLU L 197 -63.69 48.87 -83.72
CA GLU L 197 -63.88 49.80 -84.79
C GLU L 197 -63.19 51.12 -84.64
N SER L 198 -62.10 51.24 -83.85
CA SER L 198 -61.40 52.46 -83.56
C SER L 198 -59.97 52.16 -83.55
N GLU L 199 -59.07 53.00 -84.09
CA GLU L 199 -57.63 52.76 -84.23
C GLU L 199 -57.01 52.68 -82.89
N LEU L 200 -56.02 51.81 -82.80
CA LEU L 200 -55.32 51.52 -81.57
C LEU L 200 -54.57 52.62 -81.01
N VAL L 201 -54.58 52.59 -79.68
CA VAL L 201 -53.92 53.57 -78.80
C VAL L 201 -53.12 52.61 -77.97
N PRO L 202 -51.81 52.56 -77.91
CA PRO L 202 -51.05 51.35 -77.41
C PRO L 202 -50.93 51.25 -75.86
N GLU L 203 -51.39 52.33 -75.18
CA GLU L 203 -51.26 52.53 -73.83
C GLU L 203 -52.56 51.99 -73.22
N ASN L 204 -53.34 51.22 -74.00
CA ASN L 204 -54.58 50.70 -73.53
C ASN L 204 -54.89 49.40 -74.22
N ILE L 205 -53.86 48.78 -74.84
CA ILE L 205 -53.78 47.37 -75.27
C ILE L 205 -52.47 46.92 -74.75
N GLU L 206 -52.30 45.64 -74.46
CA GLU L 206 -51.14 45.20 -73.73
C GLU L 206 -50.84 44.05 -74.59
N VAL L 207 -49.52 43.87 -74.92
CA VAL L 207 -49.07 42.81 -75.82
C VAL L 207 -47.96 42.20 -75.08
N GLY L 208 -47.91 40.85 -74.99
CA GLY L 208 -46.84 40.12 -74.50
C GLY L 208 -46.95 38.89 -75.42
N TYR L 209 -45.83 38.15 -75.31
CA TYR L 209 -45.69 36.99 -76.22
C TYR L 209 -44.67 36.12 -75.52
N VAL L 210 -44.42 34.94 -76.11
CA VAL L 210 -43.42 34.07 -75.67
C VAL L 210 -42.79 33.61 -77.05
N LYS L 211 -41.42 33.75 -77.10
CA LYS L 211 -40.67 33.52 -78.35
C LYS L 211 -40.18 32.11 -78.27
N VAL L 212 -39.98 31.44 -79.41
CA VAL L 212 -39.28 30.21 -79.49
C VAL L 212 -37.79 30.47 -79.12
N ASP L 213 -37.14 31.61 -79.64
CA ASP L 213 -35.73 31.80 -79.40
C ASP L 213 -35.44 32.03 -77.96
N ASP L 214 -36.31 32.77 -77.13
CA ASP L 214 -35.93 32.99 -75.72
C ASP L 214 -36.48 31.95 -74.73
N ARG L 215 -37.83 31.66 -74.89
CA ARG L 215 -38.62 30.81 -74.09
C ARG L 215 -38.71 31.51 -72.82
N THR L 216 -38.96 32.85 -72.94
CA THR L 216 -39.41 33.69 -71.84
C THR L 216 -40.51 34.47 -72.54
N PHE L 217 -41.62 34.55 -71.79
CA PHE L 217 -42.34 35.73 -71.50
C PHE L 217 -41.56 36.97 -71.40
N LYS L 218 -41.96 37.88 -72.25
CA LYS L 218 -41.44 39.15 -72.41
C LYS L 218 -42.64 40.01 -72.80
N GLU L 219 -42.52 41.29 -72.47
CA GLU L 219 -43.56 42.24 -72.44
C GLU L 219 -42.99 43.34 -73.35
N VAL L 220 -43.94 43.92 -74.10
CA VAL L 220 -43.78 44.88 -75.10
C VAL L 220 -44.42 46.17 -74.59
N SER L 221 -43.50 47.16 -74.16
CA SER L 221 -43.84 48.49 -73.61
C SER L 221 -44.72 49.29 -74.64
N PRO L 222 -45.57 50.15 -74.16
CA PRO L 222 -46.49 50.97 -74.99
C PRO L 222 -45.72 51.86 -75.99
N GLU L 223 -44.48 52.17 -75.64
CA GLU L 223 -43.66 53.11 -76.37
C GLU L 223 -43.01 52.51 -77.49
N GLU L 224 -43.01 51.17 -77.39
CA GLU L 224 -42.36 50.27 -78.37
C GLU L 224 -43.49 49.64 -79.22
N LEU L 225 -44.74 49.67 -78.76
CA LEU L 225 -45.77 49.31 -79.66
C LEU L 225 -46.12 50.28 -80.74
N LYS L 226 -45.78 51.58 -80.56
CA LYS L 226 -46.03 52.60 -81.55
C LYS L 226 -45.69 52.31 -83.05
N PRO L 227 -44.50 51.72 -83.48
CA PRO L 227 -44.26 51.36 -84.90
C PRO L 227 -45.39 50.47 -85.50
N TYR L 228 -45.73 49.34 -84.84
CA TYR L 228 -46.68 48.22 -85.19
C TYR L 228 -48.11 48.70 -85.25
N VAL L 229 -48.41 49.69 -84.38
CA VAL L 229 -49.67 50.36 -84.41
C VAL L 229 -49.83 51.15 -85.68
N GLU L 230 -48.78 51.79 -86.16
CA GLU L 230 -48.79 52.58 -87.34
C GLU L 230 -49.01 51.71 -88.51
N ARG L 231 -48.28 50.60 -88.63
CA ARG L 231 -48.29 49.57 -89.66
C ARG L 231 -49.62 49.00 -89.70
N ALA L 232 -50.29 48.75 -88.52
CA ALA L 232 -51.57 48.25 -88.26
C ALA L 232 -52.73 49.10 -88.75
N ASN L 233 -52.62 50.40 -88.49
CA ASN L 233 -53.77 51.29 -88.61
C ASN L 233 -54.21 51.40 -90.04
N GLU L 234 -53.22 51.41 -90.95
CA GLU L 234 -53.49 51.30 -92.40
C GLU L 234 -54.51 50.31 -92.79
N ARG L 235 -54.31 49.12 -92.35
CA ARG L 235 -55.15 48.04 -92.56
C ARG L 235 -56.44 48.07 -91.82
N ILE L 236 -56.44 48.63 -90.61
CA ILE L 236 -57.70 48.82 -89.81
C ILE L 236 -58.71 49.63 -90.59
N ARG L 237 -58.18 50.77 -91.14
CA ARG L 237 -59.00 51.73 -91.68
C ARG L 237 -59.66 51.28 -92.97
N GLU L 238 -58.86 50.63 -93.83
CA GLU L 238 -59.25 50.04 -95.14
C GLU L 238 -60.32 48.95 -95.04
N LEU L 239 -60.09 48.03 -94.06
CA LEU L 239 -60.99 46.93 -93.95
C LEU L 239 -62.26 47.32 -93.34
N LEU L 240 -62.33 48.51 -92.67
CA LEU L 240 -63.57 49.06 -92.16
C LEU L 240 -63.99 50.10 -93.07
N LYS L 241 -63.86 49.92 -94.42
CA LYS L 241 -64.50 50.69 -95.43
C LYS L 241 -65.45 49.76 -96.13
N LYS L 242 -65.35 48.39 -95.87
CA LYS L 242 -66.04 47.34 -96.64
C LYS L 242 -67.45 47.19 -96.16
N GLN M 1 42.07 -22.53 18.78
CA GLN M 1 40.75 -23.09 18.33
C GLN M 1 40.32 -22.49 17.03
N MET M 2 39.28 -23.11 16.36
CA MET M 2 39.32 -23.41 14.96
C MET M 2 38.50 -22.18 14.43
N GLY M 3 37.21 -22.14 14.79
CA GLY M 3 36.34 -21.00 14.52
C GLY M 3 35.76 -21.16 13.18
N TYR M 4 35.77 -22.33 12.54
CA TYR M 4 35.39 -22.57 11.13
C TYR M 4 34.21 -23.46 11.23
N ASP M 5 33.65 -23.62 12.45
CA ASP M 5 32.53 -24.46 12.77
C ASP M 5 31.81 -23.94 13.99
N ARG M 6 32.19 -22.74 14.36
CA ARG M 6 31.48 -21.91 15.30
C ARG M 6 30.21 -21.39 14.63
N ALA M 7 30.28 -21.26 13.31
CA ALA M 7 29.24 -20.92 12.40
C ALA M 7 29.50 -21.55 11.08
N ILE M 8 28.71 -21.21 10.03
CA ILE M 8 28.77 -21.96 8.74
C ILE M 8 29.15 -20.96 7.70
N THR M 9 29.52 -19.74 8.09
CA THR M 9 29.69 -18.65 7.15
C THR M 9 31.17 -18.51 6.82
N VAL M 10 31.90 -19.57 7.13
CA VAL M 10 33.33 -19.49 7.18
C VAL M 10 33.85 -20.70 6.41
N PHE M 11 35.13 -20.65 6.12
CA PHE M 11 35.88 -21.83 5.75
C PHE M 11 37.18 -21.85 6.56
N SER M 12 37.85 -23.04 6.55
CA SER M 12 39.20 -23.03 7.11
C SER M 12 40.09 -22.59 5.95
N PRO M 13 41.33 -22.35 6.20
CA PRO M 13 42.25 -21.93 5.20
C PRO M 13 42.60 -23.08 4.27
N ASP M 14 42.29 -24.35 4.58
CA ASP M 14 42.41 -25.48 3.75
C ASP M 14 41.37 -25.53 2.66
N GLY M 15 40.15 -24.90 2.84
CA GLY M 15 39.12 -24.84 1.88
C GLY M 15 38.29 -26.07 2.09
N ARG M 16 37.31 -25.94 3.09
CA ARG M 16 36.61 -27.04 3.76
C ARG M 16 35.95 -26.34 4.93
N LEU M 17 34.61 -26.11 4.75
CA LEU M 17 33.87 -25.62 5.81
C LEU M 17 33.45 -26.81 6.60
N PHE M 18 34.07 -26.85 7.81
CA PHE M 18 34.08 -28.03 8.68
C PHE M 18 32.67 -28.30 9.13
N GLN M 19 31.79 -27.30 9.23
CA GLN M 19 30.46 -27.42 9.85
C GLN M 19 29.45 -28.14 9.02
N VAL M 20 29.69 -28.32 7.71
CA VAL M 20 28.71 -28.88 6.84
C VAL M 20 29.05 -30.29 6.61
N GLU M 21 30.36 -30.66 6.97
CA GLU M 21 30.94 -32.04 7.08
C GLU M 21 30.60 -32.59 8.45
N TYR M 22 30.09 -31.66 9.32
CA TYR M 22 29.72 -32.12 10.60
C TYR M 22 28.33 -32.41 10.61
N ALA M 23 27.51 -31.77 9.74
CA ALA M 23 26.20 -32.16 9.44
C ALA M 23 26.20 -33.44 8.76
N ARG M 24 27.32 -33.78 8.03
CA ARG M 24 27.42 -35.09 7.45
C ARG M 24 27.56 -36.15 8.47
N GLU M 25 28.32 -35.83 9.59
CA GLU M 25 28.55 -36.73 10.63
C GLU M 25 27.27 -37.13 11.41
N ALA M 26 26.28 -36.20 11.34
CA ALA M 26 24.92 -36.44 11.82
C ALA M 26 24.24 -37.67 11.20
N VAL M 27 24.57 -37.83 9.95
CA VAL M 27 24.06 -38.92 9.19
C VAL M 27 24.64 -40.26 9.59
N LYS M 28 25.95 -40.31 9.85
CA LYS M 28 26.66 -41.51 10.16
C LYS M 28 26.20 -42.09 11.50
N ARG M 29 26.05 -41.17 12.47
CA ARG M 29 25.54 -41.54 13.73
C ARG M 29 24.12 -42.00 13.79
N GLY M 30 23.28 -41.56 12.89
CA GLY M 30 22.02 -42.15 12.76
C GLY M 30 21.94 -43.43 11.97
N ALA M 31 20.77 -43.91 11.70
CA ALA M 31 20.58 -45.27 11.50
C ALA M 31 20.17 -45.67 10.09
N THR M 32 20.50 -46.90 9.75
CA THR M 32 20.76 -47.38 8.39
C THR M 32 19.52 -47.24 7.57
N ALA M 33 19.77 -47.02 6.25
CA ALA M 33 18.77 -47.20 5.23
C ALA M 33 19.47 -47.52 4.00
N ILE M 34 18.97 -48.44 3.20
CA ILE M 34 19.55 -48.94 1.96
C ILE M 34 18.52 -48.80 0.85
N GLY M 35 19.03 -48.30 -0.30
CA GLY M 35 18.37 -48.35 -1.58
C GLY M 35 19.21 -49.30 -2.45
N ILE M 36 18.50 -50.21 -3.16
CA ILE M 36 19.13 -51.22 -3.98
C ILE M 36 18.42 -51.04 -5.25
N LYS M 37 19.09 -50.59 -6.31
CA LYS M 37 18.50 -50.27 -7.55
C LYS M 37 18.87 -51.33 -8.55
N CYS M 38 17.85 -51.97 -9.24
CA CYS M 38 17.98 -52.86 -10.35
C CYS M 38 17.12 -52.31 -11.42
N LYS M 39 17.02 -53.00 -12.60
CA LYS M 39 16.38 -52.58 -13.76
C LYS M 39 14.85 -52.89 -13.71
N GLU M 40 14.43 -53.55 -12.60
CA GLU M 40 12.98 -53.95 -12.45
C GLU M 40 12.38 -53.23 -11.37
N GLY M 41 13.12 -52.20 -10.90
CA GLY M 41 12.53 -51.36 -9.90
C GLY M 41 13.57 -50.93 -8.96
N VAL M 42 13.18 -50.31 -7.82
CA VAL M 42 14.16 -49.84 -6.91
C VAL M 42 13.50 -50.32 -5.68
N ILE M 43 14.27 -50.72 -4.64
CA ILE M 43 13.85 -51.29 -3.45
C ILE M 43 14.44 -50.33 -2.44
N LEU M 44 13.75 -50.15 -1.27
CA LEU M 44 14.10 -49.17 -0.25
C LEU M 44 13.77 -49.91 1.00
N ILE M 45 14.76 -49.94 1.95
CA ILE M 45 14.73 -50.81 3.13
C ILE M 45 15.27 -49.91 4.16
N ALA M 46 14.66 -49.79 5.34
CA ALA M 46 15.15 -48.93 6.40
C ALA M 46 14.74 -49.41 7.68
N ASP M 47 15.55 -49.02 8.68
CA ASP M 47 15.59 -49.49 10.07
C ASP M 47 14.17 -49.28 10.67
N LYS M 48 13.77 -50.25 11.58
CA LYS M 48 12.53 -50.20 12.28
C LYS M 48 12.77 -51.10 13.44
N ARG M 49 14.05 -51.25 13.92
CA ARG M 49 14.63 -51.99 15.05
C ARG M 49 14.81 -50.95 16.08
N VAL M 50 14.50 -49.63 15.84
CA VAL M 50 14.59 -48.47 16.70
C VAL M 50 13.87 -48.73 17.99
N GLY M 51 14.47 -48.21 19.11
CA GLY M 51 14.07 -48.36 20.46
C GLY M 51 13.95 -49.71 21.09
N SER M 52 13.35 -49.75 22.28
CA SER M 52 13.09 -50.93 23.04
C SER M 52 11.59 -51.30 22.74
N LYS M 53 11.01 -52.08 23.62
CA LYS M 53 9.70 -52.72 23.56
C LYS M 53 8.71 -51.97 24.38
N LEU M 54 9.17 -50.92 25.04
CA LEU M 54 8.33 -49.89 25.64
C LEU M 54 7.64 -49.13 24.57
N LEU M 55 8.45 -48.83 23.51
CA LEU M 55 8.11 -48.24 22.29
C LEU M 55 7.20 -49.16 21.53
N GLU M 56 6.53 -48.64 20.46
CA GLU M 56 5.92 -49.44 19.44
C GLU M 56 7.05 -49.95 18.58
N ALA M 57 7.05 -51.23 18.28
CA ALA M 57 8.08 -51.85 17.50
C ALA M 57 7.70 -52.09 16.06
N ASP M 58 6.65 -51.34 15.79
CA ASP M 58 6.09 -51.07 14.42
C ASP M 58 5.89 -49.56 14.35
N THR M 59 6.87 -48.81 14.86
CA THR M 59 7.05 -47.38 14.92
C THR M 59 7.02 -46.74 13.51
N ILE M 60 6.25 -45.68 13.41
CA ILE M 60 5.92 -44.99 12.15
C ILE M 60 6.76 -43.72 12.12
N GLU M 61 7.52 -43.49 11.04
CA GLU M 61 7.82 -44.44 9.98
C GLU M 61 9.31 -44.13 9.66
N LYS M 62 9.91 -44.87 8.70
CA LYS M 62 11.22 -44.53 8.12
C LYS M 62 11.06 -44.69 6.62
N ILE M 63 9.84 -44.97 6.09
CA ILE M 63 9.60 -45.35 4.72
C ILE M 63 8.50 -44.39 4.48
N TYR M 64 8.83 -43.23 3.85
CA TYR M 64 7.85 -42.19 3.53
C TYR M 64 7.50 -42.24 2.05
N LYS M 65 6.15 -42.19 1.73
CA LYS M 65 5.57 -41.79 0.42
C LYS M 65 5.76 -40.31 0.19
N ILE M 66 6.18 -39.83 -1.03
CA ILE M 66 6.21 -38.47 -1.39
C ILE M 66 5.08 -38.23 -2.44
N ASP M 67 4.78 -39.38 -3.12
CA ASP M 67 3.71 -39.43 -4.02
C ASP M 67 3.36 -40.88 -4.07
N GLU M 68 2.78 -41.29 -5.20
CA GLU M 68 2.46 -42.69 -5.45
C GLU M 68 3.51 -43.30 -6.30
N HIS M 69 4.62 -42.54 -6.67
CA HIS M 69 5.47 -43.09 -7.71
C HIS M 69 6.88 -42.57 -7.39
N ILE M 70 7.11 -41.92 -6.26
CA ILE M 70 8.41 -41.55 -5.79
C ILE M 70 8.28 -41.73 -4.33
N CYS M 71 9.34 -42.35 -3.80
CA CYS M 71 9.46 -42.54 -2.37
C CYS M 71 10.84 -42.09 -1.89
N ALA M 72 10.92 -41.91 -0.53
CA ALA M 72 12.12 -41.53 0.09
C ALA M 72 12.24 -42.16 1.45
N ALA M 73 13.57 -42.34 1.92
CA ALA M 73 14.03 -42.86 3.16
C ALA M 73 15.12 -42.07 3.66
N THR M 74 15.44 -42.25 5.02
CA THR M 74 16.21 -41.30 5.83
C THR M 74 17.17 -41.92 6.77
N SER M 75 18.17 -41.08 7.19
CA SER M 75 19.11 -41.33 8.33
C SER M 75 19.36 -39.90 8.70
N GLY M 76 19.73 -39.71 10.04
CA GLY M 76 20.13 -38.38 10.48
C GLY M 76 19.14 -38.08 11.58
N LEU M 77 18.89 -36.79 11.95
CA LEU M 77 17.85 -36.49 12.94
C LEU M 77 16.48 -36.68 12.26
N VAL M 78 15.43 -37.33 12.89
CA VAL M 78 14.13 -37.70 12.30
C VAL M 78 13.25 -36.62 12.84
N ALA M 79 13.73 -35.58 13.54
CA ALA M 79 13.09 -34.40 13.63
C ALA M 79 13.19 -33.68 12.24
N ASP M 80 14.43 -33.63 11.76
CA ASP M 80 14.83 -32.89 10.61
C ASP M 80 14.32 -33.79 9.40
N ALA M 81 14.21 -35.11 9.60
CA ALA M 81 13.53 -35.86 8.50
C ALA M 81 12.06 -35.46 8.27
N ARG M 82 11.33 -35.19 9.39
CA ARG M 82 9.86 -35.18 9.46
C ARG M 82 9.38 -33.99 8.69
N VAL M 83 10.11 -32.87 8.91
CA VAL M 83 9.92 -31.57 8.30
C VAL M 83 10.52 -31.53 6.82
N LEU M 84 11.61 -32.21 6.51
CA LEU M 84 12.20 -32.25 5.17
C LEU M 84 11.34 -33.12 4.25
N ILE M 85 10.72 -34.16 4.79
CA ILE M 85 9.84 -35.08 4.11
C ILE M 85 8.56 -34.35 3.81
N ASP M 86 8.22 -33.41 4.72
CA ASP M 86 7.05 -32.57 4.61
C ASP M 86 7.22 -31.63 3.38
N ARG M 87 8.46 -31.02 3.34
CA ARG M 87 8.89 -30.03 2.30
C ARG M 87 8.92 -30.70 0.91
N ALA M 88 9.46 -31.91 0.88
CA ALA M 88 9.62 -32.82 -0.22
C ALA M 88 8.17 -33.21 -0.74
N ARG M 89 7.15 -33.45 0.17
CA ARG M 89 5.82 -33.85 -0.24
C ARG M 89 5.14 -32.71 -0.90
N ILE M 90 5.29 -31.45 -0.42
CA ILE M 90 4.67 -30.22 -1.01
C ILE M 90 5.43 -30.05 -2.38
N GLU M 91 6.77 -30.21 -2.47
CA GLU M 91 7.53 -29.89 -3.61
C GLU M 91 7.10 -30.75 -4.76
N ALA M 92 6.91 -32.06 -4.59
CA ALA M 92 6.53 -33.01 -5.62
C ALA M 92 5.13 -32.72 -6.05
N GLN M 93 4.20 -32.35 -5.11
CA GLN M 93 2.86 -32.06 -5.46
C GLN M 93 2.74 -30.79 -6.25
N ILE M 94 3.60 -29.74 -6.11
CA ILE M 94 3.62 -28.42 -6.76
C ILE M 94 3.91 -28.66 -8.23
N ASN M 95 4.73 -29.67 -8.57
CA ASN M 95 4.99 -30.07 -9.92
C ASN M 95 3.77 -30.64 -10.56
N ARG M 96 3.05 -31.43 -9.88
CA ARG M 96 1.83 -32.07 -10.31
C ARG M 96 0.80 -31.06 -10.61
N LEU M 97 0.77 -29.97 -9.84
CA LEU M 97 -0.14 -28.87 -9.94
C LEU M 97 0.14 -28.06 -11.21
N THR M 98 1.39 -27.77 -11.53
CA THR M 98 1.77 -26.78 -12.54
C THR M 98 2.20 -27.35 -13.87
N TYR M 99 2.18 -28.66 -14.02
CA TYR M 99 2.66 -29.30 -15.13
C TYR M 99 1.83 -30.53 -15.37
N ASP M 100 1.39 -31.21 -14.27
CA ASP M 100 0.54 -32.40 -14.31
C ASP M 100 1.17 -33.56 -14.94
N GLU M 101 2.34 -34.02 -14.42
CA GLU M 101 3.04 -35.22 -14.87
C GLU M 101 3.45 -35.81 -13.55
N PRO M 102 3.82 -37.04 -13.48
CA PRO M 102 4.56 -37.56 -12.34
C PRO M 102 5.85 -36.76 -12.15
N ILE M 103 6.10 -36.11 -10.92
CA ILE M 103 7.39 -35.49 -10.79
C ILE M 103 8.48 -36.55 -10.88
N THR M 104 9.56 -36.18 -11.56
CA THR M 104 10.47 -37.15 -11.94
C THR M 104 11.47 -37.33 -10.83
N VAL M 105 12.17 -38.47 -10.78
CA VAL M 105 13.15 -38.78 -9.72
C VAL M 105 14.25 -37.77 -9.69
N LYS M 106 14.85 -37.36 -10.85
CA LYS M 106 15.84 -36.32 -11.08
C LYS M 106 15.40 -35.00 -10.57
N GLU M 107 14.09 -34.61 -10.81
CA GLU M 107 13.59 -33.30 -10.58
C GLU M 107 13.28 -33.11 -9.10
N LEU M 108 12.84 -34.14 -8.37
CA LEU M 108 12.56 -33.99 -7.00
C LEU M 108 13.92 -33.74 -6.27
N ALA M 109 14.97 -34.55 -6.71
CA ALA M 109 16.24 -34.54 -6.16
C ALA M 109 16.98 -33.25 -6.22
N LYS M 110 16.95 -32.51 -7.36
CA LYS M 110 17.51 -31.21 -7.67
C LYS M 110 16.76 -30.11 -6.89
N LYS M 111 15.42 -30.30 -6.63
CA LYS M 111 14.64 -29.27 -5.88
C LYS M 111 14.99 -29.29 -4.45
N ILE M 112 15.22 -30.50 -3.92
CA ILE M 112 15.61 -30.69 -2.56
C ILE M 112 17.03 -30.34 -2.35
N CYS M 113 17.96 -30.52 -3.32
CA CYS M 113 19.28 -29.89 -3.24
C CYS M 113 19.25 -28.43 -3.17
N ASP M 114 18.30 -27.79 -3.91
CA ASP M 114 18.23 -26.36 -3.83
C ASP M 114 17.81 -25.96 -2.43
N PHE M 115 16.82 -26.73 -1.89
CA PHE M 115 16.22 -26.45 -0.62
C PHE M 115 17.16 -26.53 0.62
N LYS M 116 18.04 -27.52 0.67
CA LYS M 116 19.05 -27.65 1.63
C LYS M 116 20.07 -26.52 1.53
N GLN M 117 20.42 -26.03 0.34
CA GLN M 117 21.47 -25.10 0.11
C GLN M 117 20.93 -23.82 0.55
N GLN M 118 19.61 -23.55 0.79
CA GLN M 118 19.12 -22.26 1.23
C GLN M 118 19.61 -22.12 2.71
N TYR M 119 19.55 -23.23 3.48
CA TYR M 119 19.89 -23.23 4.87
C TYR M 119 21.31 -23.28 5.10
N THR M 120 22.00 -24.00 4.26
CA THR M 120 23.41 -24.11 4.23
C THR M 120 23.99 -22.74 4.01
N GLN M 121 23.54 -21.93 2.98
CA GLN M 121 24.16 -20.64 2.64
C GLN M 121 23.88 -19.60 3.70
N TYR M 122 22.65 -19.45 4.27
CA TYR M 122 22.50 -18.44 5.32
C TYR M 122 23.03 -18.87 6.70
N GLY M 123 23.52 -17.94 7.55
CA GLY M 123 24.03 -18.26 8.84
C GLY M 123 23.07 -18.17 9.97
N GLY M 124 21.95 -17.52 9.71
CA GLY M 124 20.84 -17.35 10.59
C GLY M 124 19.91 -18.56 10.73
N VAL M 125 20.29 -19.62 10.04
CA VAL M 125 19.53 -20.87 10.01
C VAL M 125 20.65 -21.85 9.80
N ARG M 126 20.61 -23.01 10.52
CA ARG M 126 21.67 -24.04 10.48
C ARG M 126 21.35 -24.90 9.30
N PRO M 127 22.28 -25.65 8.82
CA PRO M 127 21.89 -26.71 7.88
C PRO M 127 21.04 -27.80 8.51
N PHE M 128 20.30 -28.48 7.65
CA PHE M 128 19.77 -29.77 7.93
C PHE M 128 20.85 -30.70 8.41
N GLY M 129 20.35 -31.64 9.25
CA GLY M 129 21.16 -32.65 9.83
C GLY M 129 20.42 -33.85 9.39
N VAL M 130 20.26 -34.00 8.00
CA VAL M 130 19.50 -35.16 7.59
C VAL M 130 20.07 -35.48 6.25
N SER M 131 20.08 -36.79 5.85
CA SER M 131 20.40 -37.13 4.47
C SER M 131 19.18 -37.93 4.01
N LEU M 132 18.98 -37.98 2.73
CA LEU M 132 17.76 -38.55 2.14
C LEU M 132 18.14 -39.46 0.99
N LEU M 133 17.35 -40.52 0.71
CA LEU M 133 17.41 -41.42 -0.40
C LEU M 133 16.20 -41.03 -1.07
N ILE M 134 16.29 -40.85 -2.39
CA ILE M 134 15.11 -40.64 -3.20
C ILE M 134 15.20 -41.76 -4.20
N ALA M 135 14.17 -42.64 -4.20
CA ALA M 135 14.04 -43.80 -4.98
C ALA M 135 12.85 -43.65 -5.72
N GLY M 136 12.80 -43.90 -7.01
CA GLY M 136 11.44 -43.84 -7.65
C GLY M 136 11.68 -44.54 -8.92
N VAL M 137 10.61 -44.53 -9.65
CA VAL M 137 10.61 -44.82 -11.06
C VAL M 137 9.86 -43.72 -11.64
N ASP M 138 10.55 -42.91 -12.45
CA ASP M 138 9.83 -41.94 -13.21
C ASP M 138 9.38 -42.70 -14.44
N GLU M 139 10.33 -43.50 -15.05
CA GLU M 139 10.07 -44.37 -16.08
C GLU M 139 11.39 -45.13 -16.27
N VAL M 140 12.49 -44.69 -15.62
CA VAL M 140 13.71 -45.46 -15.63
C VAL M 140 13.85 -45.55 -14.11
N PRO M 141 14.27 -46.76 -13.50
CA PRO M 141 14.51 -46.89 -12.08
C PRO M 141 15.71 -46.05 -11.79
N LYS M 142 15.72 -45.33 -10.66
CA LYS M 142 16.69 -44.35 -10.35
C LYS M 142 16.76 -44.32 -8.82
N LEU M 143 18.00 -43.94 -8.36
CA LEU M 143 18.33 -43.89 -6.95
C LEU M 143 19.31 -42.78 -6.78
N TYR M 144 19.12 -41.88 -5.78
CA TYR M 144 20.01 -40.79 -5.60
C TYR M 144 20.19 -40.75 -4.09
N GLU M 145 21.27 -40.03 -3.65
CA GLU M 145 21.53 -39.74 -2.28
C GLU M 145 21.58 -38.27 -2.35
N THR M 146 20.99 -37.60 -1.35
CA THR M 146 21.15 -36.14 -1.25
C THR M 146 21.78 -35.91 0.05
N ASP M 147 22.83 -35.00 0.04
CA ASP M 147 23.67 -34.87 1.26
C ASP M 147 23.10 -33.77 2.13
N PRO M 148 23.49 -33.65 3.39
CA PRO M 148 23.16 -32.55 4.23
C PRO M 148 23.69 -31.19 3.71
N SER M 149 24.70 -31.34 2.82
CA SER M 149 25.32 -30.26 2.09
C SER M 149 24.40 -29.69 1.01
N GLY M 150 23.61 -30.59 0.37
CA GLY M 150 22.86 -30.29 -0.83
C GLY M 150 23.35 -30.78 -2.13
N ALA M 151 24.03 -31.88 -2.12
CA ALA M 151 24.77 -32.43 -3.24
C ALA M 151 24.16 -33.72 -3.59
N LEU M 152 24.30 -34.02 -4.86
CA LEU M 152 23.52 -35.02 -5.57
C LEU M 152 24.42 -36.03 -6.20
N LEU M 153 24.11 -37.31 -5.96
CA LEU M 153 25.09 -38.39 -6.24
C LEU M 153 24.15 -39.44 -6.79
N GLU M 154 24.42 -40.02 -8.00
CA GLU M 154 23.74 -41.15 -8.51
C GLU M 154 24.55 -42.31 -8.15
N TYR M 155 23.85 -43.45 -7.78
CA TYR M 155 24.51 -44.64 -7.37
C TYR M 155 23.74 -45.79 -8.02
N LYS M 156 24.51 -46.89 -8.21
CA LYS M 156 23.97 -48.23 -8.48
C LYS M 156 23.29 -48.89 -7.33
N ALA M 157 23.85 -48.66 -6.09
CA ALA M 157 23.25 -48.90 -4.75
C ALA M 157 23.88 -47.99 -3.78
N THR M 158 23.14 -47.69 -2.70
CA THR M 158 23.66 -46.64 -1.76
C THR M 158 23.10 -46.94 -0.39
N ALA M 159 23.81 -46.56 0.67
CA ALA M 159 23.37 -46.82 2.03
C ALA M 159 23.76 -45.67 2.75
N ILE M 160 23.22 -45.46 3.96
CA ILE M 160 23.50 -44.35 4.75
C ILE M 160 23.36 -44.96 6.15
N GLY M 161 23.85 -44.22 7.17
CA GLY M 161 23.70 -44.68 8.50
C GLY M 161 25.04 -45.03 9.06
N MET M 162 24.92 -45.91 10.08
CA MET M 162 25.96 -46.48 10.88
C MET M 162 26.76 -47.53 10.20
N GLY M 163 25.98 -48.34 9.47
CA GLY M 163 26.32 -49.55 8.81
C GLY M 163 26.70 -49.30 7.38
N ARG M 164 26.72 -47.99 6.91
CA ARG M 164 27.02 -47.46 5.60
C ARG M 164 28.20 -48.16 4.99
N ASN M 165 29.26 -48.25 5.81
CA ASN M 165 30.51 -48.62 5.25
C ASN M 165 30.56 -50.11 4.89
N ALA M 166 30.07 -51.00 5.81
CA ALA M 166 30.08 -52.40 5.57
C ALA M 166 29.30 -52.81 4.41
N VAL M 167 28.08 -52.07 4.23
CA VAL M 167 27.19 -52.24 3.08
C VAL M 167 27.88 -51.86 1.77
N THR M 168 28.71 -50.80 1.73
CA THR M 168 29.38 -50.24 0.57
C THR M 168 30.27 -51.34 0.03
N GLU M 169 31.04 -51.87 0.95
CA GLU M 169 31.95 -52.99 0.76
C GLU M 169 31.26 -54.27 0.39
N PHE M 170 30.06 -54.46 0.92
CA PHE M 170 29.37 -55.69 0.70
C PHE M 170 28.99 -55.79 -0.76
N PHE M 171 28.52 -54.66 -1.32
CA PHE M 171 28.05 -54.58 -2.65
C PHE M 171 29.18 -54.44 -3.65
N GLU M 172 30.36 -54.09 -3.08
CA GLU M 172 31.59 -53.84 -3.81
C GLU M 172 31.93 -55.12 -4.46
N LYS M 173 31.57 -56.20 -3.78
CA LYS M 173 31.80 -57.55 -4.19
C LYS M 173 30.64 -58.12 -5.03
N GLU M 174 29.34 -58.17 -4.49
CA GLU M 174 28.33 -58.96 -5.17
C GLU M 174 27.51 -58.23 -6.19
N TYR M 175 27.16 -56.98 -5.97
CA TYR M 175 26.16 -56.28 -6.71
C TYR M 175 26.43 -56.05 -8.21
N ARG M 176 25.32 -56.16 -9.01
CA ARG M 176 25.45 -56.09 -10.47
C ARG M 176 24.15 -55.56 -10.88
N ASP M 177 23.98 -54.96 -12.12
CA ASP M 177 22.79 -54.24 -12.53
C ASP M 177 21.85 -55.16 -13.25
N ASP M 178 22.31 -56.40 -13.39
CA ASP M 178 21.70 -57.43 -14.20
C ASP M 178 20.92 -58.30 -13.43
N LEU M 179 21.06 -58.19 -12.07
CA LEU M 179 20.41 -58.97 -11.04
C LEU M 179 18.98 -58.69 -10.94
N SER M 180 18.22 -59.79 -10.83
CA SER M 180 16.73 -59.84 -10.63
C SER M 180 16.25 -59.02 -9.40
N PHE M 181 14.94 -58.77 -9.31
CA PHE M 181 14.20 -58.24 -8.17
C PHE M 181 14.30 -59.19 -6.96
N ASP M 182 14.27 -60.48 -7.19
CA ASP M 182 14.18 -61.40 -6.07
C ASP M 182 15.55 -61.41 -5.32
N ASP M 183 16.52 -61.55 -6.24
CA ASP M 183 17.89 -61.65 -6.00
C ASP M 183 18.38 -60.33 -5.26
N ALA M 184 17.97 -59.16 -5.79
CA ALA M 184 18.32 -57.82 -5.40
C ALA M 184 17.81 -57.44 -3.99
N MET M 185 16.57 -57.95 -3.77
CA MET M 185 15.93 -57.84 -2.45
C MET M 185 16.67 -58.65 -1.41
N VAL M 186 17.00 -59.95 -1.65
CA VAL M 186 17.64 -60.88 -0.73
C VAL M 186 19.07 -60.42 -0.43
N LEU M 187 19.76 -59.88 -1.43
CA LEU M 187 21.15 -59.34 -1.24
C LEU M 187 21.12 -58.13 -0.34
N GLY M 188 20.08 -57.22 -0.48
CA GLY M 188 20.00 -56.06 0.36
C GLY M 188 19.54 -56.39 1.73
N LEU M 189 18.95 -57.55 1.99
CA LEU M 189 18.55 -58.00 3.27
C LEU M 189 19.78 -58.55 3.94
N VAL M 190 20.64 -59.21 3.18
CA VAL M 190 21.92 -59.73 3.76
C VAL M 190 22.74 -58.58 4.33
N ALA M 191 22.86 -57.43 3.59
CA ALA M 191 23.58 -56.20 3.84
C ALA M 191 22.96 -55.44 5.00
N MET M 192 21.61 -55.37 5.15
CA MET M 192 20.80 -54.79 6.19
C MET M 192 21.08 -55.49 7.49
N GLY M 193 21.23 -56.83 7.48
CA GLY M 193 21.75 -57.71 8.52
C GLY M 193 23.04 -57.31 9.02
N LEU M 194 24.05 -57.00 8.23
CA LEU M 194 25.39 -56.56 8.65
C LEU M 194 25.38 -55.25 9.31
N SER M 195 24.51 -54.30 8.83
CA SER M 195 24.37 -53.00 9.37
C SER M 195 23.96 -53.01 10.82
N ILE M 196 23.16 -54.03 11.20
CA ILE M 196 22.69 -54.03 12.57
C ILE M 196 23.44 -55.10 13.27
N GLU M 197 24.30 -55.77 12.61
CA GLU M 197 25.19 -56.75 13.19
C GLU M 197 24.43 -57.82 13.84
N SER M 198 23.34 -58.30 13.30
CA SER M 198 22.61 -59.31 14.01
C SER M 198 21.74 -59.87 12.89
N GLU M 199 21.11 -61.08 13.08
CA GLU M 199 20.05 -61.67 12.30
C GLU M 199 18.74 -60.74 12.23
N LEU M 200 18.13 -60.72 11.06
CA LEU M 200 16.92 -60.00 10.76
C LEU M 200 15.64 -60.68 11.26
N VAL M 201 14.53 -59.93 11.47
CA VAL M 201 13.15 -60.29 11.83
C VAL M 201 12.27 -59.57 10.84
N PRO M 202 11.05 -59.93 10.51
CA PRO M 202 10.24 -59.28 9.46
C PRO M 202 9.31 -58.31 10.21
N GLU M 203 9.51 -58.16 11.48
CA GLU M 203 8.83 -57.19 12.31
C GLU M 203 9.72 -56.16 12.71
N ASN M 204 11.00 -56.24 12.27
CA ASN M 204 12.03 -55.27 12.67
C ASN M 204 12.52 -54.42 11.48
N ILE M 205 12.04 -54.55 10.23
CA ILE M 205 12.43 -53.75 9.14
C ILE M 205 11.20 -53.40 8.38
N GLU M 206 11.21 -52.16 7.82
CA GLU M 206 10.14 -51.59 7.11
C GLU M 206 10.72 -51.42 5.74
N VAL M 207 9.94 -51.84 4.75
CA VAL M 207 10.34 -52.04 3.41
C VAL M 207 9.28 -51.48 2.48
N GLY M 208 9.73 -50.68 1.51
CA GLY M 208 8.85 -50.17 0.52
C GLY M 208 9.67 -50.50 -0.77
N TYR M 209 9.02 -50.23 -1.93
CA TYR M 209 9.62 -50.26 -3.21
C TYR M 209 8.76 -49.51 -4.17
N VAL M 210 9.38 -49.05 -5.25
CA VAL M 210 8.67 -48.45 -6.38
C VAL M 210 9.01 -49.47 -7.51
N LYS M 211 8.06 -50.14 -8.13
CA LYS M 211 8.29 -51.16 -9.11
C LYS M 211 8.30 -50.51 -10.50
N VAL M 212 8.98 -51.12 -11.51
CA VAL M 212 8.93 -50.69 -12.89
C VAL M 212 7.59 -51.06 -13.50
N ASP M 213 7.00 -52.26 -13.40
CA ASP M 213 5.77 -52.56 -14.16
C ASP M 213 4.57 -52.03 -13.49
N ASP M 214 4.70 -51.62 -12.21
CA ASP M 214 3.60 -50.82 -11.65
C ASP M 214 3.76 -49.33 -11.81
N ARG M 215 4.89 -48.81 -11.39
CA ARG M 215 5.25 -47.42 -11.49
C ARG M 215 4.62 -46.75 -10.30
N THR M 216 4.52 -47.53 -9.24
CA THR M 216 3.75 -47.23 -8.01
C THR M 216 4.61 -47.82 -6.89
N PHE M 217 4.98 -46.94 -5.86
CA PHE M 217 4.80 -47.18 -4.47
C PHE M 217 3.95 -48.34 -3.95
N LYS M 218 4.55 -49.28 -3.14
CA LYS M 218 3.92 -50.34 -2.44
C LYS M 218 4.84 -50.54 -1.28
N GLU M 219 4.24 -50.93 -0.12
CA GLU M 219 4.86 -51.30 1.10
C GLU M 219 4.77 -52.81 1.35
N VAL M 220 5.88 -53.49 1.57
CA VAL M 220 5.99 -54.89 1.85
C VAL M 220 5.34 -55.16 3.19
N SER M 221 4.26 -56.07 3.26
CA SER M 221 3.47 -56.49 4.35
C SER M 221 4.33 -57.50 5.13
N PRO M 222 4.12 -57.71 6.44
CA PRO M 222 4.91 -58.52 7.31
C PRO M 222 5.13 -59.89 6.84
N GLU M 223 4.11 -60.60 6.29
CA GLU M 223 4.24 -62.07 6.06
C GLU M 223 4.68 -62.35 4.65
N GLU M 224 4.71 -61.27 3.76
CA GLU M 224 5.20 -61.33 2.41
C GLU M 224 6.72 -61.06 2.40
N LEU M 225 7.22 -60.38 3.47
CA LEU M 225 8.69 -60.09 3.68
C LEU M 225 9.37 -61.26 4.26
N LYS M 226 8.66 -62.13 4.99
CA LYS M 226 9.15 -63.29 5.74
C LYS M 226 9.91 -64.34 4.97
N PRO M 227 9.66 -64.80 3.77
CA PRO M 227 10.58 -65.75 3.10
C PRO M 227 11.88 -65.05 2.65
N TYR M 228 11.89 -63.70 2.29
CA TYR M 228 13.05 -63.02 1.72
C TYR M 228 14.09 -62.96 2.77
N VAL M 229 13.55 -62.66 4.01
CA VAL M 229 14.25 -62.56 5.26
C VAL M 229 14.73 -63.93 5.70
N GLU M 230 13.87 -64.95 5.52
CA GLU M 230 14.13 -66.27 5.97
C GLU M 230 15.34 -67.01 5.51
N ARG M 231 15.65 -66.71 4.22
CA ARG M 231 16.80 -67.31 3.51
C ARG M 231 18.08 -66.53 3.72
N ALA M 232 17.86 -65.23 4.15
CA ALA M 232 18.91 -64.35 4.37
C ALA M 232 19.66 -64.56 5.57
N ASN M 233 18.94 -64.99 6.62
CA ASN M 233 19.60 -65.35 7.87
C ASN M 233 20.67 -66.40 7.85
N GLU M 234 20.55 -67.34 6.91
CA GLU M 234 21.55 -68.41 6.68
C GLU M 234 22.91 -67.86 6.21
N ARG M 235 22.89 -66.87 5.27
CA ARG M 235 24.03 -66.25 4.68
C ARG M 235 24.62 -65.28 5.74
N ILE M 236 23.71 -64.64 6.51
CA ILE M 236 24.03 -63.65 7.53
C ILE M 236 24.85 -64.35 8.58
N ARG M 237 24.47 -65.55 9.01
CA ARG M 237 25.11 -66.36 10.01
C ARG M 237 26.53 -66.71 9.71
N GLU M 238 26.77 -67.12 8.40
CA GLU M 238 28.05 -67.49 7.87
C GLU M 238 29.01 -66.24 7.98
N LEU M 239 28.46 -65.06 7.76
CA LEU M 239 29.20 -63.79 7.64
C LEU M 239 29.51 -63.21 9.01
N LEU M 240 28.73 -63.70 9.97
CA LEU M 240 28.89 -63.33 11.38
C LEU M 240 29.78 -64.28 12.09
N LYS M 241 30.21 -65.35 11.36
CA LYS M 241 31.30 -66.20 11.86
C LYS M 241 32.57 -65.49 11.92
N LYS M 242 32.82 -64.70 10.85
CA LYS M 242 33.94 -63.80 10.73
C LYS M 242 33.76 -62.55 11.73
N ARG N 6 -84.85 12.57 -53.03
CA ARG N 6 -84.74 13.16 -54.41
C ARG N 6 -83.36 13.09 -54.87
N ALA N 7 -83.15 13.16 -56.21
CA ALA N 7 -81.85 13.16 -56.84
C ALA N 7 -82.00 14.07 -57.98
N ILE N 8 -80.86 14.51 -58.58
CA ILE N 8 -80.70 15.47 -59.64
C ILE N 8 -81.26 14.75 -60.82
N THR N 9 -81.33 13.38 -60.79
CA THR N 9 -82.05 12.70 -61.90
C THR N 9 -83.50 12.97 -61.90
N VAL N 10 -84.09 13.01 -63.10
CA VAL N 10 -85.49 13.31 -63.24
C VAL N 10 -86.19 11.96 -63.52
N PHE N 11 -87.08 11.56 -62.54
CA PHE N 11 -87.56 10.16 -62.42
C PHE N 11 -88.57 9.84 -63.53
N SER N 12 -88.98 8.58 -63.68
CA SER N 12 -90.02 8.14 -64.49
C SER N 12 -90.78 7.10 -63.73
N PRO N 13 -92.00 6.83 -64.12
CA PRO N 13 -92.76 5.69 -63.63
C PRO N 13 -92.30 4.43 -64.27
N ASP N 14 -91.34 4.50 -65.22
CA ASP N 14 -90.97 3.37 -66.08
C ASP N 14 -89.70 2.78 -65.46
N GLY N 15 -89.21 3.48 -64.38
CA GLY N 15 -88.03 3.16 -63.69
C GLY N 15 -86.79 3.50 -64.45
N ARG N 16 -86.93 4.24 -65.60
CA ARG N 16 -85.80 4.76 -66.38
C ARG N 16 -85.64 6.03 -65.71
N LEU N 17 -84.54 6.74 -66.00
CA LEU N 17 -84.42 8.10 -65.46
C LEU N 17 -84.11 8.95 -66.72
N PHE N 18 -84.83 10.06 -66.84
CA PHE N 18 -84.76 10.93 -67.98
C PHE N 18 -83.40 11.56 -68.02
N GLN N 19 -82.68 11.78 -66.85
CA GLN N 19 -81.34 12.39 -66.77
C GLN N 19 -80.33 11.63 -67.40
N VAL N 20 -80.39 10.26 -67.12
CA VAL N 20 -79.51 9.33 -67.71
C VAL N 20 -79.62 9.28 -69.22
N GLU N 21 -80.91 9.37 -69.65
CA GLU N 21 -81.30 9.29 -71.13
C GLU N 21 -80.75 10.57 -71.85
N TYR N 22 -80.77 11.68 -71.10
CA TYR N 22 -80.18 12.92 -71.60
C TYR N 22 -78.63 12.84 -71.61
N ALA N 23 -78.01 11.96 -70.74
CA ALA N 23 -76.51 11.84 -70.74
C ALA N 23 -76.00 11.01 -71.92
N ARG N 24 -76.87 10.13 -72.49
CA ARG N 24 -76.72 9.26 -73.66
C ARG N 24 -76.93 10.13 -74.88
N GLU N 25 -77.84 11.16 -74.77
CA GLU N 25 -78.02 12.19 -75.71
C GLU N 25 -76.79 13.04 -75.87
N ALA N 26 -76.04 13.24 -74.74
CA ALA N 26 -74.78 14.00 -74.74
C ALA N 26 -73.68 13.37 -75.54
N VAL N 27 -73.63 11.95 -75.57
CA VAL N 27 -72.73 11.17 -76.42
C VAL N 27 -72.93 11.27 -77.91
N LYS N 28 -74.25 11.18 -78.34
CA LYS N 28 -74.68 11.22 -79.69
C LYS N 28 -74.26 12.53 -80.32
N ARG N 29 -74.33 13.63 -79.55
CA ARG N 29 -74.11 15.04 -79.94
C ARG N 29 -72.64 15.25 -80.26
N GLY N 30 -71.71 14.47 -79.61
CA GLY N 30 -70.30 14.56 -79.89
C GLY N 30 -69.88 13.87 -81.19
N ALA N 31 -68.60 13.92 -81.59
CA ALA N 31 -68.11 13.33 -82.77
C ALA N 31 -67.83 11.85 -82.61
N THR N 32 -68.05 11.16 -83.78
CA THR N 32 -67.97 9.73 -83.84
C THR N 32 -66.54 9.16 -83.50
N ALA N 33 -66.46 8.01 -82.83
CA ALA N 33 -65.26 7.20 -82.59
C ALA N 33 -65.79 5.88 -82.60
N ILE N 34 -65.01 5.01 -83.23
CA ILE N 34 -65.36 3.65 -83.66
C ILE N 34 -64.33 2.86 -83.07
N GLY N 35 -64.65 1.59 -82.61
CA GLY N 35 -63.70 0.67 -81.91
C GLY N 35 -64.05 -0.63 -82.52
N ILE N 36 -63.08 -1.51 -82.83
CA ILE N 36 -63.37 -2.74 -83.41
C ILE N 36 -62.40 -3.63 -82.71
N LYS N 37 -62.93 -4.74 -82.19
CA LYS N 37 -62.25 -5.84 -81.62
C LYS N 37 -61.94 -6.91 -82.75
N CYS N 38 -60.78 -7.59 -82.72
CA CYS N 38 -60.29 -8.56 -83.66
C CYS N 38 -59.76 -9.62 -82.79
N LYS N 39 -59.33 -10.65 -83.51
CA LYS N 39 -58.81 -11.81 -82.89
C LYS N 39 -57.34 -11.66 -82.97
N GLU N 40 -56.82 -10.60 -83.63
CA GLU N 40 -55.42 -10.29 -83.81
C GLU N 40 -55.16 -8.99 -83.07
N GLY N 41 -56.18 -8.49 -82.25
CA GLY N 41 -55.99 -7.30 -81.50
C GLY N 41 -57.26 -6.58 -81.42
N VAL N 42 -57.14 -5.26 -81.10
CA VAL N 42 -58.21 -4.28 -81.15
C VAL N 42 -57.74 -2.97 -81.54
N ILE N 43 -58.59 -2.21 -82.27
CA ILE N 43 -58.22 -0.96 -82.88
C ILE N 43 -59.16 0.15 -82.52
N LEU N 44 -58.62 1.33 -82.55
CA LEU N 44 -59.37 2.43 -82.02
C LEU N 44 -59.09 3.59 -82.90
N ILE N 45 -60.13 4.17 -83.62
CA ILE N 45 -59.95 5.24 -84.49
C ILE N 45 -60.91 6.38 -84.03
N ALA N 46 -60.30 7.61 -84.05
CA ALA N 46 -60.92 8.85 -83.54
C ALA N 46 -60.90 9.85 -84.61
N ASP N 47 -61.99 10.65 -84.62
CA ASP N 47 -62.12 11.76 -85.53
C ASP N 47 -61.21 12.88 -85.07
N LYS N 48 -60.14 13.17 -85.77
CA LYS N 48 -59.12 14.13 -85.42
C LYS N 48 -59.60 15.52 -85.90
N ARG N 49 -60.56 15.48 -86.83
CA ARG N 49 -61.33 16.70 -87.30
C ARG N 49 -62.22 16.99 -86.10
N VAL N 50 -62.01 18.25 -85.54
CA VAL N 50 -62.87 18.92 -84.60
C VAL N 50 -63.01 20.24 -85.28
N GLY N 51 -64.24 20.75 -85.44
CA GLY N 51 -64.50 22.16 -85.78
C GLY N 51 -64.12 22.59 -87.09
N SER N 52 -63.98 23.92 -87.20
CA SER N 52 -63.48 24.62 -88.33
C SER N 52 -62.01 24.38 -88.63
N LYS N 53 -61.47 24.92 -89.77
CA LYS N 53 -60.01 24.87 -90.06
C LYS N 53 -59.08 25.51 -89.03
N LEU N 54 -59.51 26.66 -88.51
CA LEU N 54 -58.73 27.44 -87.50
C LEU N 54 -58.70 26.68 -86.24
N LEU N 55 -59.72 25.76 -86.11
CA LEU N 55 -59.77 24.73 -85.05
C LEU N 55 -58.78 23.64 -85.46
N GLU N 56 -57.79 23.46 -84.58
CA GLU N 56 -56.66 22.57 -84.63
C GLU N 56 -57.16 21.14 -84.54
N ALA N 57 -56.84 20.46 -85.62
CA ALA N 57 -57.50 19.26 -86.00
C ALA N 57 -56.62 18.44 -86.84
N ASP N 58 -55.33 18.72 -86.74
CA ASP N 58 -54.35 17.92 -87.38
C ASP N 58 -53.09 17.82 -86.48
N THR N 59 -53.26 18.29 -85.21
CA THR N 59 -52.24 18.11 -84.18
C THR N 59 -52.94 17.59 -82.91
N ILE N 60 -54.26 17.76 -82.95
CA ILE N 60 -55.16 17.49 -81.74
C ILE N 60 -55.22 16.05 -81.35
N GLU N 61 -55.17 15.81 -80.02
CA GLU N 61 -55.31 14.54 -79.36
C GLU N 61 -56.77 14.22 -79.03
N LYS N 62 -57.13 12.92 -79.03
CA LYS N 62 -58.50 12.47 -78.84
C LYS N 62 -58.40 10.97 -78.56
N ILE N 63 -57.18 10.37 -78.65
CA ILE N 63 -56.95 9.01 -78.27
C ILE N 63 -55.86 9.22 -77.21
N TYR N 64 -56.11 8.84 -75.92
CA TYR N 64 -55.29 9.13 -74.73
C TYR N 64 -54.51 7.89 -74.49
N LYS N 65 -53.22 8.01 -74.00
CA LYS N 65 -52.39 6.95 -73.51
C LYS N 65 -52.76 6.93 -72.09
N ILE N 66 -53.33 5.78 -71.77
CA ILE N 66 -53.76 5.51 -70.37
C ILE N 66 -52.75 4.47 -69.81
N ASP N 67 -52.14 3.66 -70.70
CA ASP N 67 -51.24 2.60 -70.29
C ASP N 67 -50.41 2.30 -71.44
N GLU N 68 -49.37 1.42 -71.21
CA GLU N 68 -48.48 0.90 -72.14
C GLU N 68 -49.12 -0.31 -72.75
N HIS N 69 -50.53 -0.40 -72.70
CA HIS N 69 -51.26 -1.51 -73.37
C HIS N 69 -52.69 -1.16 -73.35
N ILE N 70 -53.02 0.04 -72.91
CA ILE N 70 -54.43 0.48 -72.93
C ILE N 70 -54.53 1.88 -73.39
N CYS N 71 -55.49 2.21 -74.30
CA CYS N 71 -55.71 3.56 -74.76
C CYS N 71 -57.23 3.76 -74.79
N ALA N 72 -57.71 5.03 -74.82
CA ALA N 72 -59.10 5.22 -74.90
C ALA N 72 -59.42 6.45 -75.73
N ALA N 73 -60.69 6.45 -76.37
CA ALA N 73 -61.11 7.48 -77.30
C ALA N 73 -62.46 7.90 -76.78
N THR N 74 -62.98 9.06 -77.15
CA THR N 74 -64.07 9.61 -76.48
C THR N 74 -65.09 10.11 -77.48
N SER N 75 -66.34 10.37 -77.03
CA SER N 75 -67.43 11.05 -77.75
C SER N 75 -68.30 11.56 -76.65
N GLY N 76 -68.86 12.78 -76.86
CA GLY N 76 -69.74 13.33 -75.93
C GLY N 76 -69.22 14.71 -75.84
N LEU N 77 -69.68 15.46 -74.81
CA LEU N 77 -69.09 16.72 -74.57
C LEU N 77 -67.73 16.61 -74.04
N VAL N 78 -66.89 17.52 -74.56
CA VAL N 78 -65.46 17.53 -74.36
C VAL N 78 -65.09 17.89 -72.95
N ALA N 79 -65.94 18.79 -72.28
CA ALA N 79 -65.66 19.10 -70.88
C ALA N 79 -65.87 17.92 -70.01
N ASP N 80 -66.94 17.07 -70.18
CA ASP N 80 -67.05 15.88 -69.42
C ASP N 80 -65.93 14.91 -69.66
N ALA N 81 -65.47 14.80 -70.88
CA ALA N 81 -64.35 14.03 -71.31
C ALA N 81 -63.07 14.37 -70.60
N ARG N 82 -62.81 15.68 -70.40
CA ARG N 82 -61.49 16.17 -70.01
C ARG N 82 -60.97 15.64 -68.73
N VAL N 83 -61.84 15.58 -67.71
CA VAL N 83 -61.56 15.18 -66.33
C VAL N 83 -61.54 13.70 -66.24
N LEU N 84 -62.35 12.95 -66.97
CA LEU N 84 -62.48 11.50 -66.82
C LEU N 84 -61.23 10.73 -67.32
N ILE N 85 -60.62 11.22 -68.38
CA ILE N 85 -59.51 10.56 -68.97
C ILE N 85 -58.32 10.76 -68.10
N ASP N 86 -58.26 11.96 -67.44
CA ASP N 86 -57.25 12.30 -66.57
C ASP N 86 -57.27 11.36 -65.31
N ARG N 87 -58.55 11.05 -64.78
CA ARG N 87 -58.77 10.18 -63.64
C ARG N 87 -58.31 8.73 -63.85
N ALA N 88 -58.64 8.29 -65.09
CA ALA N 88 -58.53 6.87 -65.42
C ALA N 88 -57.01 6.49 -65.49
N ARG N 89 -56.18 7.44 -65.93
CA ARG N 89 -54.76 7.33 -66.11
C ARG N 89 -54.07 7.09 -64.77
N ILE N 90 -54.50 7.81 -63.71
CA ILE N 90 -53.88 7.65 -62.44
C ILE N 90 -54.34 6.38 -61.89
N GLU N 91 -55.70 6.20 -62.05
CA GLU N 91 -56.39 5.04 -61.57
C GLU N 91 -55.82 3.71 -62.02
N ALA N 92 -55.28 3.70 -63.29
CA ALA N 92 -54.77 2.58 -63.95
C ALA N 92 -53.51 2.18 -63.28
N GLN N 93 -52.78 3.19 -62.74
CA GLN N 93 -51.53 2.95 -62.10
C GLN N 93 -51.61 2.63 -60.61
N ILE N 94 -52.78 2.79 -59.97
CA ILE N 94 -52.96 2.38 -58.56
C ILE N 94 -53.00 0.82 -58.57
N ASN N 95 -53.67 0.23 -59.65
CA ASN N 95 -53.69 -1.18 -59.82
C ASN N 95 -52.29 -1.76 -60.23
N ARG N 96 -51.54 -0.96 -61.09
CA ARG N 96 -50.29 -1.44 -61.65
C ARG N 96 -49.26 -1.59 -60.43
N LEU N 97 -49.35 -0.55 -59.45
CA LEU N 97 -48.43 -0.44 -58.28
C LEU N 97 -48.53 -1.60 -57.32
N THR N 98 -49.80 -1.96 -57.12
CA THR N 98 -50.08 -2.75 -55.94
C THR N 98 -49.88 -4.22 -56.14
N TYR N 99 -49.66 -4.66 -57.41
CA TYR N 99 -49.45 -6.07 -57.76
C TYR N 99 -48.12 -6.13 -58.55
N ASP N 100 -47.58 -4.97 -59.03
CA ASP N 100 -46.52 -4.91 -60.12
C ASP N 100 -47.05 -5.63 -61.37
N GLU N 101 -48.31 -5.36 -61.76
CA GLU N 101 -48.83 -6.08 -62.94
C GLU N 101 -49.66 -5.03 -63.60
N PRO N 102 -49.48 -4.68 -64.93
CA PRO N 102 -50.49 -4.06 -65.78
C PRO N 102 -51.99 -4.30 -65.57
N ILE N 103 -52.85 -3.29 -65.55
CA ILE N 103 -54.29 -3.36 -65.21
C ILE N 103 -54.99 -3.96 -66.37
N THR N 104 -55.71 -5.17 -66.28
CA THR N 104 -56.55 -5.66 -67.34
C THR N 104 -57.60 -4.68 -67.79
N VAL N 105 -58.04 -4.77 -69.11
CA VAL N 105 -59.04 -3.91 -69.71
C VAL N 105 -60.31 -4.14 -69.02
N LYS N 106 -60.64 -5.36 -68.65
CA LYS N 106 -61.85 -5.68 -67.91
C LYS N 106 -61.89 -4.89 -66.57
N GLU N 107 -60.73 -4.85 -65.89
CA GLU N 107 -60.68 -4.20 -64.62
C GLU N 107 -60.78 -2.72 -64.69
N LEU N 108 -60.17 -2.04 -65.68
CA LEU N 108 -60.20 -0.60 -65.76
C LEU N 108 -61.59 -0.01 -66.04
N ALA N 109 -62.26 -0.66 -67.01
CA ALA N 109 -63.57 -0.27 -67.44
C ALA N 109 -64.60 -0.46 -66.43
N LYS N 110 -64.42 -1.48 -65.62
CA LYS N 110 -65.28 -1.71 -64.39
C LYS N 110 -65.09 -0.58 -63.37
N LYS N 111 -63.85 -0.08 -63.12
CA LYS N 111 -63.66 0.98 -62.17
C LYS N 111 -64.33 2.31 -62.64
N ILE N 112 -64.23 2.56 -63.99
CA ILE N 112 -64.77 3.77 -64.65
C ILE N 112 -66.28 3.81 -64.38
N CYS N 113 -66.88 2.58 -64.50
CA CYS N 113 -68.28 2.41 -64.39
C CYS N 113 -68.87 2.65 -63.11
N ASP N 114 -68.10 2.39 -62.08
CA ASP N 114 -68.52 2.67 -60.74
C ASP N 114 -68.61 4.16 -60.42
N PHE N 115 -67.59 4.92 -60.85
CA PHE N 115 -67.54 6.32 -60.60
C PHE N 115 -68.66 7.20 -61.14
N LYS N 116 -69.08 6.89 -62.44
CA LYS N 116 -70.18 7.63 -63.17
C LYS N 116 -71.55 7.37 -62.57
N GLN N 117 -71.93 6.03 -62.20
CA GLN N 117 -73.14 5.63 -61.51
C GLN N 117 -73.18 6.20 -60.07
N GLN N 118 -71.99 6.40 -59.38
CA GLN N 118 -71.95 7.03 -58.12
C GLN N 118 -72.42 8.45 -58.20
N TYR N 119 -72.11 9.16 -59.30
CA TYR N 119 -72.46 10.62 -59.47
C TYR N 119 -73.80 10.70 -60.12
N THR N 120 -74.43 9.56 -60.51
CA THR N 120 -75.82 9.54 -61.00
C THR N 120 -76.75 9.51 -59.82
N GLN N 121 -76.44 8.70 -58.81
CA GLN N 121 -77.30 8.37 -57.70
C GLN N 121 -77.14 9.30 -56.52
N TYR N 122 -75.94 9.97 -56.42
CA TYR N 122 -75.76 11.00 -55.47
C TYR N 122 -76.31 12.28 -56.02
N GLY N 123 -77.28 12.95 -55.31
CA GLY N 123 -78.07 13.96 -55.90
C GLY N 123 -77.49 15.38 -55.81
N GLY N 124 -76.44 15.60 -54.95
CA GLY N 124 -75.75 16.91 -54.86
C GLY N 124 -74.88 17.16 -55.93
N VAL N 125 -74.59 16.11 -56.74
CA VAL N 125 -73.61 16.16 -57.78
C VAL N 125 -74.32 15.58 -59.03
N ARG N 126 -73.88 15.93 -60.27
CA ARG N 126 -74.47 15.53 -61.51
C ARG N 126 -73.47 14.62 -62.27
N PRO N 127 -73.89 13.58 -63.01
CA PRO N 127 -72.97 12.67 -63.66
C PRO N 127 -72.77 13.24 -65.02
N PHE N 128 -71.52 12.83 -65.46
CA PHE N 128 -70.88 13.01 -66.76
C PHE N 128 -71.69 12.35 -67.83
N GLY N 129 -71.67 13.01 -69.04
CA GLY N 129 -72.24 12.59 -70.28
C GLY N 129 -71.20 12.39 -71.32
N VAL N 130 -70.51 11.24 -71.15
CA VAL N 130 -69.36 10.98 -71.98
C VAL N 130 -69.39 9.49 -71.99
N SER N 131 -68.87 8.93 -73.09
CA SER N 131 -68.73 7.46 -73.17
C SER N 131 -67.32 7.43 -73.66
N LEU N 132 -66.58 6.36 -73.22
CA LEU N 132 -65.19 6.05 -73.64
C LEU N 132 -65.26 4.75 -74.27
N LEU N 133 -64.60 4.60 -75.40
CA LEU N 133 -64.36 3.28 -75.94
C LEU N 133 -62.97 3.02 -75.58
N ILE N 134 -62.71 1.95 -74.89
CA ILE N 134 -61.45 1.68 -74.24
C ILE N 134 -60.97 0.40 -74.85
N ALA N 135 -59.77 0.35 -75.42
CA ALA N 135 -59.33 -0.68 -76.17
C ALA N 135 -57.91 -0.97 -75.63
N GLY N 136 -57.63 -2.29 -75.33
CA GLY N 136 -56.28 -2.75 -75.10
C GLY N 136 -56.25 -4.21 -75.29
N VAL N 137 -54.98 -4.71 -75.13
CA VAL N 137 -54.75 -6.15 -75.20
C VAL N 137 -53.87 -6.41 -74.00
N ASP N 138 -54.32 -7.18 -73.08
CA ASP N 138 -53.58 -7.56 -71.92
C ASP N 138 -52.95 -8.96 -72.06
N GLU N 139 -53.23 -9.65 -73.20
CA GLU N 139 -52.85 -10.95 -73.69
C GLU N 139 -54.05 -11.45 -74.48
N VAL N 140 -55.24 -10.98 -73.99
CA VAL N 140 -56.50 -11.44 -74.47
C VAL N 140 -57.01 -10.15 -75.29
N PRO N 141 -57.54 -10.07 -76.50
CA PRO N 141 -58.14 -8.92 -77.04
C PRO N 141 -59.42 -8.52 -76.34
N LYS N 142 -59.51 -7.21 -75.98
CA LYS N 142 -60.66 -6.69 -75.24
C LYS N 142 -60.92 -5.27 -75.69
N LEU N 143 -62.22 -5.03 -75.67
CA LEU N 143 -62.91 -3.86 -76.11
C LEU N 143 -64.04 -3.83 -75.18
N TYR N 144 -64.45 -2.61 -74.72
CA TYR N 144 -65.67 -2.35 -73.93
C TYR N 144 -66.10 -1.01 -74.31
N GLU N 145 -67.43 -0.82 -74.24
CA GLU N 145 -68.09 0.43 -74.24
C GLU N 145 -68.56 0.69 -72.87
N THR N 146 -68.35 1.86 -72.29
CA THR N 146 -68.85 2.27 -71.08
C THR N 146 -69.74 3.47 -71.43
N ASP N 147 -70.97 3.50 -70.79
CA ASP N 147 -72.09 4.39 -71.12
C ASP N 147 -71.87 5.43 -70.02
N PRO N 148 -72.49 6.56 -70.17
CA PRO N 148 -72.52 7.64 -69.24
C PRO N 148 -73.33 7.29 -68.01
N SER N 149 -73.90 6.09 -67.92
CA SER N 149 -74.74 5.59 -66.87
C SER N 149 -73.87 4.79 -65.99
N GLY N 150 -72.65 4.46 -66.41
CA GLY N 150 -71.80 3.51 -65.75
C GLY N 150 -72.15 2.13 -66.17
N ALA N 151 -72.83 1.83 -67.33
CA ALA N 151 -73.08 0.45 -67.86
C ALA N 151 -72.00 -0.04 -68.76
N LEU N 152 -71.61 -1.26 -68.50
CA LEU N 152 -70.60 -1.97 -69.15
C LEU N 152 -71.16 -2.88 -70.10
N LEU N 153 -70.62 -2.92 -71.37
CA LEU N 153 -71.15 -3.83 -72.35
C LEU N 153 -69.89 -4.15 -73.11
N GLU N 154 -69.57 -5.43 -73.33
CA GLU N 154 -68.44 -5.82 -74.01
C GLU N 154 -69.00 -6.05 -75.43
N TYR N 155 -68.29 -5.45 -76.42
CA TYR N 155 -68.63 -5.53 -77.79
C TYR N 155 -67.63 -6.31 -78.62
N LYS N 156 -68.14 -6.94 -79.74
CA LYS N 156 -67.31 -7.24 -80.89
C LYS N 156 -66.93 -6.01 -81.64
N ALA N 157 -67.90 -5.10 -81.92
CA ALA N 157 -67.59 -3.94 -82.73
C ALA N 157 -68.68 -2.97 -82.45
N THR N 158 -68.33 -1.64 -82.31
CA THR N 158 -69.27 -0.70 -81.89
C THR N 158 -68.82 0.69 -82.22
N ALA N 159 -69.69 1.68 -81.97
CA ALA N 159 -69.60 3.01 -82.49
C ALA N 159 -70.35 3.79 -81.50
N ILE N 160 -69.84 5.05 -81.28
CA ILE N 160 -70.43 6.10 -80.45
C ILE N 160 -70.38 7.43 -81.18
N GLY N 161 -71.24 8.43 -80.86
CA GLY N 161 -71.24 9.75 -81.55
C GLY N 161 -72.25 9.89 -82.67
N MET N 162 -71.81 10.49 -83.77
CA MET N 162 -72.68 10.84 -84.91
C MET N 162 -73.23 9.61 -85.57
N GLY N 163 -72.39 8.59 -85.76
CA GLY N 163 -72.62 7.29 -86.34
C GLY N 163 -72.91 6.19 -85.34
N ARG N 164 -73.16 6.55 -84.09
CA ARG N 164 -73.50 5.62 -82.98
C ARG N 164 -74.42 4.55 -83.37
N ASN N 165 -75.68 4.99 -83.74
CA ASN N 165 -76.67 4.06 -84.26
C ASN N 165 -76.40 3.32 -85.60
N ALA N 166 -76.06 4.04 -86.70
CA ALA N 166 -75.94 3.51 -88.03
C ALA N 166 -74.92 2.52 -88.17
N VAL N 167 -73.68 2.89 -87.65
CA VAL N 167 -72.52 2.03 -87.72
C VAL N 167 -72.66 0.66 -87.00
N THR N 168 -73.26 0.63 -85.81
CA THR N 168 -73.62 -0.51 -84.99
C THR N 168 -74.61 -1.40 -85.79
N GLU N 169 -75.60 -0.71 -86.45
CA GLU N 169 -76.53 -1.52 -87.27
C GLU N 169 -75.81 -2.17 -88.46
N PHE N 170 -74.88 -1.43 -89.08
CA PHE N 170 -74.06 -1.78 -90.24
C PHE N 170 -73.23 -2.93 -89.94
N PHE N 171 -72.55 -3.02 -88.75
CA PHE N 171 -71.57 -4.11 -88.53
C PHE N 171 -72.30 -5.44 -88.55
N GLU N 172 -73.64 -5.51 -88.30
CA GLU N 172 -74.38 -6.75 -88.23
C GLU N 172 -74.21 -7.53 -89.55
N LYS N 173 -74.08 -6.87 -90.66
CA LYS N 173 -73.84 -7.44 -91.91
C LYS N 173 -72.46 -7.38 -92.27
N GLU N 174 -71.79 -6.28 -92.05
CA GLU N 174 -70.49 -6.06 -92.53
C GLU N 174 -69.44 -6.83 -91.79
N TYR N 175 -69.50 -6.87 -90.42
CA TYR N 175 -68.45 -7.55 -89.64
C TYR N 175 -68.61 -9.04 -89.84
N ARG N 176 -67.42 -9.66 -89.75
CA ARG N 176 -67.43 -11.09 -89.73
C ARG N 176 -66.36 -11.38 -88.75
N ASP N 177 -66.46 -12.61 -88.18
CA ASP N 177 -65.41 -13.23 -87.35
C ASP N 177 -64.48 -13.92 -88.22
N ASP N 178 -63.81 -13.18 -89.11
CA ASP N 178 -62.99 -13.73 -90.09
C ASP N 178 -62.07 -12.62 -90.41
N LEU N 179 -62.18 -11.31 -89.99
CA LEU N 179 -61.29 -10.25 -90.40
C LEU N 179 -59.86 -10.45 -89.86
N SER N 180 -58.94 -10.06 -90.69
CA SER N 180 -57.58 -9.85 -90.42
C SER N 180 -57.38 -8.57 -89.63
N PHE N 181 -56.18 -8.25 -89.08
CA PHE N 181 -55.90 -7.07 -88.28
C PHE N 181 -56.03 -5.97 -89.24
N ASP N 182 -55.42 -6.18 -90.44
CA ASP N 182 -55.39 -5.23 -91.49
C ASP N 182 -56.76 -4.88 -92.03
N ASP N 183 -57.63 -5.92 -92.27
CA ASP N 183 -58.89 -5.87 -92.87
C ASP N 183 -59.75 -5.12 -92.01
N ALA N 184 -59.79 -5.41 -90.68
CA ALA N 184 -60.55 -4.78 -89.64
C ALA N 184 -60.20 -3.34 -89.50
N MET N 185 -58.94 -3.03 -89.85
CA MET N 185 -58.51 -1.65 -89.71
C MET N 185 -59.13 -0.85 -90.88
N VAL N 186 -59.14 -1.35 -92.15
CA VAL N 186 -59.77 -0.85 -93.34
C VAL N 186 -61.21 -0.73 -93.15
N LEU N 187 -61.83 -1.67 -92.45
CA LEU N 187 -63.20 -1.53 -92.06
C LEU N 187 -63.55 -0.40 -91.09
N GLY N 188 -62.75 -0.05 -90.04
CA GLY N 188 -62.98 1.09 -89.14
C GLY N 188 -62.87 2.37 -89.83
N LEU N 189 -62.03 2.47 -90.86
CA LEU N 189 -61.94 3.64 -91.77
C LEU N 189 -63.19 3.79 -92.62
N VAL N 190 -63.70 2.76 -93.28
CA VAL N 190 -64.90 2.79 -94.12
C VAL N 190 -66.09 3.17 -93.30
N ALA N 191 -66.20 2.67 -92.04
CA ALA N 191 -67.29 2.88 -91.16
C ALA N 191 -67.43 4.31 -90.71
N MET N 192 -66.27 4.94 -90.36
CA MET N 192 -66.15 6.30 -90.00
C MET N 192 -66.35 7.13 -91.22
N GLY N 193 -65.88 6.67 -92.37
CA GLY N 193 -65.99 7.23 -93.65
C GLY N 193 -67.39 7.56 -93.95
N LEU N 194 -68.38 6.56 -93.77
CA LEU N 194 -69.74 6.80 -94.13
C LEU N 194 -70.38 7.82 -93.23
N SER N 195 -70.03 7.80 -91.92
CA SER N 195 -70.60 8.56 -90.86
C SER N 195 -70.38 10.06 -90.99
N ILE N 196 -69.20 10.52 -91.40
CA ILE N 196 -68.91 11.91 -91.74
C ILE N 196 -69.22 12.10 -93.18
N GLU N 197 -69.60 11.03 -93.96
CA GLU N 197 -70.33 11.13 -95.32
C GLU N 197 -69.41 11.39 -96.41
N SER N 198 -68.10 11.09 -96.24
CA SER N 198 -67.14 11.57 -97.27
C SER N 198 -65.85 10.87 -97.04
N GLU N 199 -64.89 11.10 -98.00
CA GLU N 199 -63.61 10.47 -98.18
C GLU N 199 -62.65 10.79 -97.01
N LEU N 200 -62.01 9.77 -96.51
CA LEU N 200 -61.10 10.03 -95.39
C LEU N 200 -59.76 10.30 -95.93
N VAL N 201 -59.04 11.23 -95.31
CA VAL N 201 -57.63 11.46 -95.66
C VAL N 201 -56.92 11.06 -94.42
N PRO N 202 -55.66 10.87 -94.31
CA PRO N 202 -55.13 10.42 -93.06
C PRO N 202 -55.05 11.44 -91.94
N GLU N 203 -55.03 12.77 -92.28
CA GLU N 203 -54.81 13.86 -91.31
C GLU N 203 -56.09 14.24 -90.57
N ASN N 204 -57.28 13.83 -91.02
CA ASN N 204 -58.48 14.19 -90.33
C ASN N 204 -58.97 13.07 -89.41
N ILE N 205 -58.07 12.11 -89.18
CA ILE N 205 -58.40 10.94 -88.38
C ILE N 205 -57.04 10.64 -87.61
N GLU N 206 -57.18 10.00 -86.47
CA GLU N 206 -56.12 9.65 -85.58
C GLU N 206 -56.36 8.22 -85.06
N VAL N 207 -55.32 7.29 -85.14
CA VAL N 207 -55.49 5.86 -84.81
C VAL N 207 -54.41 5.42 -83.92
N GLY N 208 -54.79 4.67 -82.88
CA GLY N 208 -53.76 3.97 -82.11
C GLY N 208 -54.42 2.71 -81.82
N TYR N 209 -53.63 1.57 -81.67
CA TYR N 209 -54.26 0.31 -81.54
C TYR N 209 -53.33 -0.46 -80.66
N VAL N 210 -53.76 -1.66 -80.14
CA VAL N 210 -53.01 -2.53 -79.22
C VAL N 210 -53.23 -3.90 -79.75
N LYS N 211 -52.20 -4.60 -80.26
CA LYS N 211 -52.45 -5.84 -80.96
C LYS N 211 -51.83 -6.91 -80.06
N VAL N 212 -52.13 -8.14 -80.35
CA VAL N 212 -51.75 -9.27 -79.58
C VAL N 212 -50.42 -9.68 -80.25
N ASP N 213 -49.33 -9.45 -79.55
CA ASP N 213 -48.00 -9.78 -80.02
C ASP N 213 -47.07 -9.76 -78.85
N ASP N 214 -47.21 -8.74 -77.95
CA ASP N 214 -46.27 -8.56 -76.87
C ASP N 214 -46.96 -7.52 -75.93
N ARG N 215 -48.18 -7.25 -76.28
CA ARG N 215 -49.05 -6.31 -75.60
C ARG N 215 -48.58 -4.95 -75.88
N THR N 216 -48.08 -4.74 -77.18
CA THR N 216 -47.59 -3.44 -77.60
C THR N 216 -48.57 -3.01 -78.71
N PHE N 217 -49.53 -2.08 -78.50
CA PHE N 217 -49.48 -0.69 -78.08
C PHE N 217 -48.61 0.15 -78.99
N LYS N 218 -49.24 0.70 -80.02
CA LYS N 218 -48.61 1.42 -81.08
C LYS N 218 -49.53 2.60 -81.36
N GLU N 219 -48.91 3.69 -81.80
CA GLU N 219 -49.50 4.96 -82.21
C GLU N 219 -49.02 5.17 -83.65
N VAL N 220 -49.96 5.45 -84.55
CA VAL N 220 -49.72 5.46 -85.99
C VAL N 220 -49.79 6.89 -86.56
N SER N 221 -48.82 7.15 -87.38
CA SER N 221 -48.62 8.45 -87.98
C SER N 221 -49.27 8.48 -89.34
N PRO N 222 -49.52 9.66 -89.94
CA PRO N 222 -50.14 9.76 -91.31
C PRO N 222 -49.62 9.02 -92.45
N GLU N 223 -48.28 8.88 -92.52
CA GLU N 223 -47.59 8.24 -93.60
C GLU N 223 -47.84 6.78 -93.49
N GLU N 224 -47.86 6.34 -92.26
CA GLU N 224 -48.07 4.96 -91.85
C GLU N 224 -49.57 4.56 -91.99
N LEU N 225 -50.51 5.51 -91.73
CA LEU N 225 -51.94 5.43 -91.82
C LEU N 225 -52.33 5.18 -93.25
N LYS N 226 -51.70 5.82 -94.19
CA LYS N 226 -52.00 5.95 -95.63
C LYS N 226 -52.45 4.75 -96.38
N PRO N 227 -51.80 3.54 -96.35
CA PRO N 227 -52.20 2.47 -97.22
C PRO N 227 -53.49 1.85 -96.76
N TYR N 228 -53.89 2.06 -95.48
CA TYR N 228 -55.09 1.49 -94.95
C TYR N 228 -56.27 2.37 -95.37
N VAL N 229 -56.00 3.71 -95.34
CA VAL N 229 -56.94 4.75 -95.62
C VAL N 229 -57.37 4.63 -97.04
N GLU N 230 -56.47 4.24 -97.96
CA GLU N 230 -56.60 4.20 -99.42
C GLU N 230 -57.57 3.16 -99.83
N ARG N 231 -57.48 2.00 -99.22
CA ARG N 231 -58.29 0.87 -99.49
C ARG N 231 -59.72 1.06 -99.10
N ALA N 232 -59.88 1.75 -97.95
CA ALA N 232 -61.12 2.23 -97.46
C ALA N 232 -61.68 3.26 -98.34
N ASN N 233 -60.80 4.19 -98.94
CA ASN N 233 -61.33 5.28 -99.71
C ASN N 233 -62.11 4.79 -100.98
N GLU N 234 -61.66 3.61 -101.57
CA GLU N 234 -62.51 2.98 -102.58
C GLU N 234 -63.93 2.71 -102.19
N ARG N 235 -64.05 1.96 -101.04
CA ARG N 235 -65.27 1.30 -100.50
C ARG N 235 -66.24 2.37 -100.01
N ILE N 236 -65.78 3.53 -99.50
CA ILE N 236 -66.47 4.71 -99.12
C ILE N 236 -67.27 5.30 -100.20
N ARG N 237 -66.59 5.49 -101.36
CA ARG N 237 -67.16 6.16 -102.51
C ARG N 237 -68.24 5.26 -103.17
N GLU N 238 -67.96 3.96 -103.24
CA GLU N 238 -68.84 3.06 -103.91
C GLU N 238 -70.21 3.01 -103.23
N LEU N 239 -70.20 2.98 -101.86
CA LEU N 239 -71.35 2.83 -100.99
C LEU N 239 -72.25 4.08 -100.95
N LEU N 240 -71.57 5.27 -101.24
CA LEU N 240 -72.10 6.60 -101.29
C LEU N 240 -72.50 6.92 -102.73
N LYS N 241 -72.61 5.95 -103.65
CA LYS N 241 -73.04 6.05 -105.05
C LYS N 241 -74.04 4.95 -105.18
N LYS N 242 -74.42 4.22 -104.08
CA LYS N 242 -75.58 3.38 -103.95
C LYS N 242 -76.58 4.20 -103.12
N THR O 1 -12.13 -14.21 -35.40
CA THR O 1 -10.86 -15.00 -35.07
C THR O 1 -11.22 -16.41 -34.74
N THR O 2 -10.44 -17.40 -35.24
CA THR O 2 -10.78 -18.81 -35.08
C THR O 2 -9.53 -19.68 -35.30
N THR O 3 -9.46 -20.95 -34.72
CA THR O 3 -8.33 -21.84 -34.89
C THR O 3 -8.81 -23.19 -34.92
N VAL O 4 -8.18 -24.08 -35.64
CA VAL O 4 -8.59 -25.43 -35.69
C VAL O 4 -7.37 -26.16 -35.51
N GLY O 5 -7.56 -27.40 -35.05
CA GLY O 5 -6.49 -28.32 -34.62
C GLY O 5 -7.00 -29.74 -34.82
N LEU O 6 -6.13 -30.54 -35.43
CA LEU O 6 -6.38 -31.97 -35.65
C LEU O 6 -5.12 -32.69 -35.38
N VAL O 7 -5.33 -33.96 -34.93
CA VAL O 7 -4.35 -34.91 -34.51
C VAL O 7 -4.27 -35.86 -35.63
N CYS O 8 -3.01 -35.99 -36.19
CA CYS O 8 -2.66 -36.98 -37.17
C CYS O 8 -1.86 -38.12 -36.58
N LYS O 9 -1.68 -39.21 -37.38
CA LYS O 9 -0.90 -40.42 -36.98
C LYS O 9 0.56 -40.16 -36.73
N ASP O 10 1.07 -38.99 -37.23
CA ASP O 10 2.46 -38.71 -37.31
C ASP O 10 2.63 -37.26 -37.00
N GLY O 11 1.51 -36.42 -37.03
CA GLY O 11 1.67 -34.98 -36.87
C GLY O 11 0.60 -34.34 -36.04
N VAL O 12 0.65 -33.04 -36.02
CA VAL O 12 -0.43 -32.22 -35.50
C VAL O 12 -0.29 -31.06 -36.49
N VAL O 13 -1.46 -30.68 -36.90
CA VAL O 13 -1.66 -29.56 -37.85
C VAL O 13 -2.64 -28.76 -37.17
N MET O 14 -2.39 -27.38 -37.19
CA MET O 14 -3.28 -26.42 -36.56
C MET O 14 -3.23 -25.25 -37.53
N ALA O 15 -4.17 -24.27 -37.41
CA ALA O 15 -4.19 -23.17 -38.37
C ALA O 15 -4.77 -21.99 -37.68
N THR O 16 -4.43 -20.81 -38.14
CA THR O 16 -4.68 -19.55 -37.53
C THR O 16 -5.08 -18.68 -38.68
N GLU O 17 -5.70 -17.54 -38.37
CA GLU O 17 -5.79 -16.39 -39.23
C GLU O 17 -4.57 -15.48 -39.03
N LYS O 18 -3.99 -15.02 -40.15
CA LYS O 18 -2.67 -14.46 -40.17
C LYS O 18 -2.90 -13.01 -40.54
N ARG O 19 -4.14 -12.61 -40.73
CA ARG O 19 -4.52 -11.21 -40.94
C ARG O 19 -5.77 -11.12 -40.07
N ALA O 20 -5.79 -10.09 -39.23
CA ALA O 20 -6.89 -9.84 -38.36
C ALA O 20 -7.46 -8.55 -38.84
N THR O 21 -8.83 -8.44 -38.98
CA THR O 21 -9.40 -7.13 -39.39
C THR O 21 -10.49 -6.96 -38.42
N MET O 22 -10.61 -5.70 -37.93
CA MET O 22 -11.63 -5.30 -37.10
C MET O 22 -11.76 -3.83 -37.43
N GLY O 23 -12.98 -3.47 -37.98
CA GLY O 23 -13.23 -2.20 -38.63
C GLY O 23 -12.37 -2.01 -39.83
N ASN O 24 -11.40 -1.06 -39.90
CA ASN O 24 -10.46 -0.84 -41.02
C ASN O 24 -9.06 -1.08 -40.54
N PHE O 25 -8.87 -1.75 -39.36
CA PHE O 25 -7.56 -1.84 -38.75
C PHE O 25 -7.01 -3.14 -39.20
N ILE O 26 -5.80 -3.14 -39.67
CA ILE O 26 -5.01 -4.31 -40.04
C ILE O 26 -3.72 -4.13 -39.19
N ALA O 27 -3.42 -5.13 -38.31
CA ALA O 27 -2.42 -5.06 -37.27
C ALA O 27 -1.06 -5.12 -37.92
N SER O 28 -1.02 -5.69 -39.18
CA SER O 28 0.09 -5.91 -40.08
C SER O 28 -0.52 -7.09 -40.88
N LYS O 29 -0.06 -7.23 -42.16
CA LYS O 29 -0.33 -8.33 -43.10
C LYS O 29 0.82 -9.36 -43.13
N ALA O 30 1.61 -9.34 -42.07
CA ALA O 30 2.74 -10.23 -41.93
C ALA O 30 2.65 -10.66 -40.42
N ALA O 31 1.57 -10.18 -39.70
CA ALA O 31 1.35 -10.33 -38.27
C ALA O 31 1.37 -11.72 -37.89
N LYS O 32 2.22 -12.12 -36.92
CA LYS O 32 2.33 -13.45 -36.46
C LYS O 32 1.28 -13.58 -35.43
N LYS O 33 0.60 -14.79 -35.36
CA LYS O 33 -0.29 -15.31 -34.35
C LYS O 33 -0.11 -16.84 -34.32
N ILE O 34 1.04 -17.37 -34.80
CA ILE O 34 1.50 -18.68 -34.79
C ILE O 34 2.81 -18.49 -34.08
N TYR O 35 2.96 -19.30 -32.99
CA TYR O 35 3.98 -19.13 -32.08
C TYR O 35 4.56 -20.51 -32.01
N GLN O 36 5.96 -20.55 -32.08
CA GLN O 36 6.64 -21.71 -31.83
C GLN O 36 7.25 -21.80 -30.43
N ILE O 37 6.75 -22.81 -29.71
CA ILE O 37 7.05 -22.85 -28.26
C ILE O 37 8.27 -23.68 -28.05
N ALA O 38 8.41 -24.74 -28.86
CA ALA O 38 9.43 -25.75 -28.75
C ALA O 38 9.63 -26.41 -30.08
N ASP O 39 10.55 -27.44 -30.15
CA ASP O 39 11.00 -27.96 -31.43
C ASP O 39 9.97 -28.60 -32.31
N ARG O 40 8.94 -29.20 -31.63
CA ARG O 40 7.84 -29.82 -32.31
C ARG O 40 6.62 -29.54 -31.52
N MET O 41 6.45 -28.32 -31.02
CA MET O 41 5.25 -27.89 -30.33
C MET O 41 4.84 -26.57 -31.08
N ALA O 42 3.54 -26.26 -31.22
CA ALA O 42 3.11 -25.01 -31.78
C ALA O 42 2.02 -24.44 -30.86
N MET O 43 1.70 -23.11 -31.09
CA MET O 43 0.44 -22.58 -30.46
C MET O 43 -0.22 -21.74 -31.46
N THR O 44 -1.58 -21.88 -31.54
CA THR O 44 -2.40 -21.15 -32.57
C THR O 44 -3.44 -20.46 -31.66
N THR O 45 -3.61 -19.09 -31.82
CA THR O 45 -4.39 -18.31 -30.91
C THR O 45 -5.45 -17.62 -31.72
N ALA O 46 -6.63 -17.55 -31.07
CA ALA O 46 -7.83 -16.79 -31.49
C ALA O 46 -8.12 -15.86 -30.35
N GLY O 47 -8.84 -14.74 -30.59
CA GLY O 47 -9.03 -13.70 -29.55
C GLY O 47 -8.10 -12.53 -29.76
N SER O 48 -7.86 -11.62 -28.79
CA SER O 48 -7.01 -10.41 -29.00
C SER O 48 -5.57 -10.68 -29.29
N VAL O 49 -4.98 -9.88 -30.22
CA VAL O 49 -3.73 -10.01 -30.90
C VAL O 49 -2.64 -9.82 -29.94
N GLY O 50 -2.71 -8.64 -29.32
CA GLY O 50 -1.58 -8.20 -28.50
C GLY O 50 -1.37 -9.05 -27.29
N ASP O 51 -2.46 -9.53 -26.59
CA ASP O 51 -2.35 -10.32 -25.44
C ASP O 51 -1.89 -11.73 -25.78
N ALA O 52 -2.12 -12.19 -27.07
CA ALA O 52 -1.73 -13.53 -27.62
C ALA O 52 -0.27 -13.64 -27.53
N GLN O 53 0.45 -12.65 -28.04
CA GLN O 53 1.88 -12.56 -28.22
C GLN O 53 2.62 -12.37 -26.98
N PHE O 54 2.05 -11.55 -26.07
CA PHE O 54 2.79 -11.15 -24.86
C PHE O 54 2.88 -12.33 -23.92
N LEU O 55 1.77 -13.06 -23.72
CA LEU O 55 1.70 -14.26 -22.92
C LEU O 55 2.53 -15.34 -23.60
N ALA O 56 2.50 -15.43 -24.95
CA ALA O 56 3.18 -16.46 -25.76
C ALA O 56 4.71 -16.45 -25.64
N ARG O 57 5.26 -15.26 -25.45
CA ARG O 57 6.65 -15.13 -25.30
C ARG O 57 7.16 -15.85 -24.05
N ILE O 58 6.36 -15.65 -23.02
CA ILE O 58 6.65 -16.19 -21.70
C ILE O 58 6.67 -17.67 -21.64
N ILE O 59 5.84 -18.38 -22.41
CA ILE O 59 5.78 -19.84 -22.51
C ILE O 59 6.85 -20.52 -23.33
N LYS O 60 7.39 -19.85 -24.40
CA LYS O 60 8.58 -20.27 -25.11
C LYS O 60 9.80 -20.43 -24.20
N ILE O 61 9.93 -19.34 -23.35
CA ILE O 61 10.99 -19.07 -22.42
C ILE O 61 10.90 -20.20 -21.39
N GLU O 62 9.67 -20.61 -20.95
CA GLU O 62 9.38 -21.62 -20.04
C GLU O 62 9.73 -22.98 -20.56
N ALA O 63 9.42 -23.21 -21.86
CA ALA O 63 9.63 -24.51 -22.48
C ALA O 63 11.07 -24.81 -22.41
N ASN O 64 11.90 -23.82 -22.75
CA ASN O 64 13.34 -23.97 -22.58
C ASN O 64 13.79 -24.26 -21.19
N LEU O 65 13.31 -23.50 -20.17
CA LEU O 65 13.80 -23.64 -18.79
C LEU O 65 13.51 -24.96 -18.13
N TYR O 66 12.29 -25.52 -18.34
CA TYR O 66 11.88 -26.87 -18.01
C TYR O 66 12.70 -27.90 -18.66
N GLU O 67 12.91 -27.69 -19.97
CA GLU O 67 13.70 -28.55 -20.84
C GLU O 67 15.05 -28.65 -20.28
N ILE O 68 15.72 -27.55 -19.83
CA ILE O 68 17.06 -27.51 -19.27
C ILE O 68 17.12 -28.15 -17.89
N ARG O 69 16.13 -27.83 -16.99
CA ARG O 69 16.08 -28.29 -15.59
C ARG O 69 15.77 -29.73 -15.51
N ARG O 70 15.07 -30.38 -16.46
CA ARG O 70 14.65 -31.76 -16.26
C ARG O 70 15.46 -32.62 -17.04
N GLU O 71 16.08 -31.96 -18.08
CA GLU O 71 17.10 -32.49 -19.01
C GLU O 71 16.34 -33.20 -20.15
N ARG O 72 15.03 -33.10 -20.21
CA ARG O 72 14.24 -33.86 -21.11
C ARG O 72 13.27 -32.90 -21.76
N LYS O 73 12.82 -33.20 -23.03
CA LYS O 73 11.91 -32.36 -23.83
C LYS O 73 10.49 -32.27 -23.17
N PRO O 74 9.78 -31.09 -23.14
CA PRO O 74 8.43 -30.93 -22.66
C PRO O 74 7.35 -31.85 -23.28
N THR O 75 6.42 -32.23 -22.38
CA THR O 75 5.14 -32.85 -22.57
C THR O 75 4.34 -31.77 -23.12
N VAL O 76 3.31 -32.27 -23.89
CA VAL O 76 2.22 -31.51 -24.38
C VAL O 76 1.39 -31.15 -23.23
N ARG O 77 1.34 -32.09 -22.23
CA ARG O 77 0.52 -31.93 -21.07
C ARG O 77 1.04 -30.80 -20.20
N ALA O 78 2.37 -30.71 -20.09
CA ALA O 78 3.10 -29.82 -19.21
C ALA O 78 2.82 -28.42 -19.47
N ILE O 79 2.83 -28.02 -20.78
CA ILE O 79 2.75 -26.68 -21.18
C ILE O 79 1.31 -26.20 -21.23
N ALA O 80 0.41 -27.14 -21.37
CA ALA O 80 -1.02 -26.83 -21.30
C ALA O 80 -1.48 -26.43 -19.96
N THR O 81 -0.89 -27.08 -18.92
CA THR O 81 -1.19 -26.76 -17.50
C THR O 81 -0.59 -25.45 -17.09
N LEU O 82 0.66 -25.29 -17.56
CA LEU O 82 1.52 -24.20 -17.24
C LEU O 82 0.91 -22.89 -17.67
N THR O 83 0.38 -22.83 -18.88
CA THR O 83 -0.26 -21.68 -19.44
C THR O 83 -1.51 -21.30 -18.51
N SER O 84 -2.27 -22.29 -18.09
CA SER O 84 -3.58 -22.16 -17.40
C SER O 84 -3.31 -21.53 -16.05
N ASN O 85 -2.25 -22.00 -15.36
CA ASN O 85 -1.79 -21.49 -14.04
C ASN O 85 -1.34 -20.09 -14.10
N LEU O 86 -0.53 -19.73 -15.11
CA LEU O 86 -0.03 -18.43 -15.35
C LEU O 86 -1.15 -17.48 -15.54
N LEU O 87 -2.20 -17.92 -16.31
CA LEU O 87 -3.29 -17.07 -16.69
C LEU O 87 -4.14 -16.76 -15.45
N ASN O 88 -4.40 -17.73 -14.60
CA ASN O 88 -5.15 -17.65 -13.41
C ASN O 88 -4.45 -16.82 -12.35
N SER O 89 -3.09 -17.03 -12.21
CA SER O 89 -2.36 -16.18 -11.33
C SER O 89 -2.32 -14.70 -11.83
N TYR O 90 -2.37 -14.38 -13.14
CA TYR O 90 -2.31 -13.08 -13.81
C TYR O 90 -3.66 -12.79 -14.37
N ARG O 91 -4.72 -12.60 -13.53
CA ARG O 91 -6.03 -12.04 -13.92
C ARG O 91 -6.16 -10.60 -13.48
N TYR O 92 -5.06 -10.07 -12.93
CA TYR O 92 -4.98 -8.65 -12.60
C TYR O 92 -4.37 -8.01 -13.76
N PHE O 93 -3.82 -8.80 -14.70
CA PHE O 93 -3.19 -8.42 -15.95
C PHE O 93 -3.83 -9.45 -16.87
N PRO O 94 -5.13 -9.38 -17.26
CA PRO O 94 -5.82 -10.47 -17.99
C PRO O 94 -5.45 -10.54 -19.41
N TYR O 95 -5.29 -11.79 -19.92
CA TYR O 95 -5.04 -11.92 -21.27
C TYR O 95 -6.28 -12.58 -21.71
N LEU O 96 -6.88 -12.01 -22.80
CA LEU O 96 -8.21 -12.32 -23.22
C LEU O 96 -7.93 -13.18 -24.43
N VAL O 97 -7.16 -14.36 -24.31
CA VAL O 97 -6.77 -15.21 -25.45
C VAL O 97 -7.07 -16.72 -25.20
N GLN O 98 -7.49 -17.47 -26.28
CA GLN O 98 -7.94 -18.78 -26.25
C GLN O 98 -6.83 -19.45 -26.88
N LEU O 99 -6.10 -20.41 -26.23
CA LEU O 99 -4.95 -21.03 -26.79
C LEU O 99 -5.32 -22.40 -27.37
N LEU O 100 -4.44 -22.95 -28.25
CA LEU O 100 -4.50 -24.37 -28.51
C LEU O 100 -3.07 -24.80 -28.50
N ILE O 101 -2.66 -25.66 -27.55
CA ILE O 101 -1.35 -26.17 -27.52
C ILE O 101 -1.36 -27.60 -27.95
N GLY O 102 -0.47 -27.92 -28.93
CA GLY O 102 -0.39 -29.24 -29.34
C GLY O 102 0.91 -29.31 -30.02
N GLY O 103 1.20 -30.61 -30.39
CA GLY O 103 2.46 -30.92 -30.98
C GLY O 103 2.66 -32.35 -30.62
N ILE O 104 3.95 -32.77 -30.75
CA ILE O 104 4.36 -34.15 -30.62
C ILE O 104 5.30 -34.15 -29.49
N ASP O 105 5.21 -35.17 -28.64
CA ASP O 105 6.00 -35.32 -27.42
C ASP O 105 6.09 -36.86 -27.25
N SER O 106 6.71 -37.32 -26.14
CA SER O 106 7.04 -38.70 -25.92
C SER O 106 5.75 -39.49 -25.64
N GLU O 107 4.71 -38.78 -25.11
CA GLU O 107 3.38 -39.34 -24.84
C GLU O 107 2.69 -39.54 -26.23
N GLY O 108 2.84 -38.66 -27.18
CA GLY O 108 2.26 -38.79 -28.48
C GLY O 108 1.64 -37.52 -28.85
N LYS O 109 0.48 -37.62 -29.49
CA LYS O 109 -0.19 -36.51 -30.05
C LYS O 109 -1.52 -36.27 -29.36
N SER O 110 -1.80 -34.97 -29.12
CA SER O 110 -2.95 -34.42 -28.47
C SER O 110 -2.91 -32.92 -28.64
N ILE O 111 -4.06 -32.21 -28.47
CA ILE O 111 -4.21 -30.83 -28.57
C ILE O 111 -5.18 -30.49 -27.43
N TYR O 112 -4.84 -29.44 -26.62
CA TYR O 112 -5.54 -28.96 -25.52
C TYR O 112 -6.01 -27.63 -25.88
N SER O 113 -7.21 -27.27 -25.40
CA SER O 113 -7.67 -25.92 -25.48
C SER O 113 -7.48 -25.48 -24.00
N ILE O 114 -7.07 -24.12 -23.93
CA ILE O 114 -6.84 -23.42 -22.66
C ILE O 114 -7.76 -22.18 -22.79
N ASP O 115 -8.67 -21.93 -21.82
CA ASP O 115 -9.69 -20.96 -21.88
C ASP O 115 -9.05 -19.60 -21.60
N PRO O 116 -9.55 -18.47 -21.94
CA PRO O 116 -8.93 -17.23 -21.61
C PRO O 116 -9.05 -16.94 -20.11
N ILE O 117 -9.78 -17.82 -19.36
CA ILE O 117 -10.00 -17.58 -17.95
C ILE O 117 -9.29 -18.63 -17.12
N GLY O 118 -8.56 -19.52 -17.89
CA GLY O 118 -7.62 -20.49 -17.34
C GLY O 118 -8.25 -21.82 -17.52
N GLY O 119 -7.58 -22.99 -17.27
CA GLY O 119 -8.14 -24.30 -17.29
C GLY O 119 -7.89 -24.94 -18.62
N ALA O 120 -7.47 -26.23 -18.64
CA ALA O 120 -6.97 -27.13 -19.68
C ALA O 120 -7.76 -28.28 -19.71
N ILE O 121 -8.43 -28.44 -20.87
CA ILE O 121 -9.29 -29.47 -21.25
C ILE O 121 -8.59 -30.10 -22.35
N GLU O 122 -8.87 -31.44 -22.65
CA GLU O 122 -8.20 -32.28 -23.66
C GLU O 122 -9.21 -32.79 -24.64
N GLU O 123 -8.77 -32.77 -25.92
CA GLU O 123 -9.58 -33.02 -27.03
C GLU O 123 -9.04 -34.21 -27.75
N LYS O 124 -9.93 -35.14 -28.13
CA LYS O 124 -9.54 -36.44 -28.58
C LYS O 124 -8.86 -36.48 -29.90
N ASP O 125 -9.37 -35.71 -30.96
CA ASP O 125 -8.63 -35.60 -32.21
C ASP O 125 -9.20 -34.53 -33.19
N ILE O 126 -10.21 -33.86 -32.70
CA ILE O 126 -10.80 -32.71 -33.45
C ILE O 126 -10.82 -31.62 -32.40
N VAL O 127 -10.67 -30.37 -32.88
CA VAL O 127 -11.01 -29.22 -32.05
C VAL O 127 -11.14 -27.94 -32.94
N ALA O 128 -12.05 -27.05 -32.58
CA ALA O 128 -12.20 -25.69 -33.15
C ALA O 128 -12.53 -24.87 -31.92
N THR O 129 -12.07 -23.62 -31.94
CA THR O 129 -12.10 -22.78 -30.81
C THR O 129 -12.21 -21.52 -31.55
N GLY O 130 -13.27 -20.73 -31.06
CA GLY O 130 -13.40 -19.35 -31.44
C GLY O 130 -14.81 -19.23 -31.95
N SER O 131 -15.10 -18.14 -32.65
CA SER O 131 -16.45 -17.80 -33.16
C SER O 131 -16.83 -18.48 -34.41
N GLY O 132 -15.82 -19.02 -35.12
CA GLY O 132 -16.01 -19.81 -36.35
C GLY O 132 -16.31 -21.27 -36.11
N SER O 133 -16.31 -21.65 -34.81
CA SER O 133 -16.31 -22.95 -34.30
C SER O 133 -17.48 -23.80 -34.80
N LEU O 134 -18.73 -23.29 -34.84
CA LEU O 134 -19.87 -24.13 -35.19
C LEU O 134 -19.81 -24.72 -36.57
N THR O 135 -19.49 -23.90 -37.60
CA THR O 135 -19.41 -24.31 -38.98
C THR O 135 -18.21 -25.25 -39.16
N ALA O 136 -17.06 -24.95 -38.55
CA ALA O 136 -15.76 -25.60 -38.65
C ALA O 136 -15.73 -27.05 -38.25
N TYR O 137 -16.48 -27.50 -37.22
CA TYR O 137 -16.51 -28.87 -36.72
C TYR O 137 -16.95 -29.85 -37.74
N GLY O 138 -18.07 -29.54 -38.43
CA GLY O 138 -18.71 -30.48 -39.37
C GLY O 138 -17.91 -30.44 -40.62
N VAL O 139 -17.39 -29.27 -41.08
CA VAL O 139 -16.52 -29.12 -42.19
C VAL O 139 -15.29 -30.04 -41.97
N LEU O 140 -14.70 -30.14 -40.76
CA LEU O 140 -13.54 -30.92 -40.51
C LEU O 140 -13.75 -32.42 -40.46
N GLU O 141 -14.77 -32.93 -39.79
CA GLU O 141 -15.14 -34.35 -39.51
C GLU O 141 -15.46 -35.12 -40.81
N ASP O 142 -15.77 -34.43 -41.94
CA ASP O 142 -16.16 -35.08 -43.18
C ASP O 142 -15.17 -36.10 -43.76
N ARG O 143 -13.88 -35.71 -43.85
CA ARG O 143 -12.82 -36.54 -44.39
C ARG O 143 -11.90 -37.04 -43.36
N PHE O 144 -12.29 -36.81 -42.09
CA PHE O 144 -11.48 -37.19 -40.96
C PHE O 144 -11.38 -38.70 -40.87
N THR O 145 -10.12 -39.13 -40.56
CA THR O 145 -9.87 -40.44 -39.97
C THR O 145 -8.76 -40.13 -39.02
N PRO O 146 -8.47 -40.86 -37.99
CA PRO O 146 -7.23 -40.59 -37.24
C PRO O 146 -5.94 -40.83 -37.95
N GLU O 147 -6.14 -41.79 -38.92
CA GLU O 147 -5.06 -42.24 -39.81
C GLU O 147 -4.93 -41.40 -41.01
N ILE O 148 -5.77 -40.32 -41.18
CA ILE O 148 -5.56 -39.28 -42.18
C ILE O 148 -4.15 -38.66 -42.02
N GLY O 149 -3.40 -38.55 -43.16
CA GLY O 149 -2.01 -38.16 -43.00
C GLY O 149 -1.87 -36.67 -43.05
N VAL O 150 -0.58 -36.22 -43.02
CA VAL O 150 -0.26 -34.77 -42.92
C VAL O 150 -0.65 -34.06 -44.14
N ASP O 151 -0.54 -34.68 -45.25
CA ASP O 151 -0.79 -34.12 -46.57
C ASP O 151 -2.19 -33.83 -46.83
N GLU O 152 -3.13 -34.71 -46.32
CA GLU O 152 -4.52 -34.48 -46.44
C GLU O 152 -4.95 -33.57 -45.37
N ALA O 153 -4.21 -33.55 -44.23
CA ALA O 153 -4.53 -32.76 -43.04
C ALA O 153 -4.46 -31.24 -43.19
N VAL O 154 -3.41 -30.71 -43.90
CA VAL O 154 -3.29 -29.30 -44.09
C VAL O 154 -4.42 -28.76 -45.00
N GLU O 155 -4.84 -29.48 -46.05
CA GLU O 155 -5.99 -29.22 -46.92
C GLU O 155 -7.34 -29.12 -46.24
N LEU O 156 -7.54 -30.07 -45.33
CA LEU O 156 -8.71 -30.34 -44.56
C LEU O 156 -8.85 -29.16 -43.54
N ALA O 157 -7.74 -28.71 -42.92
CA ALA O 157 -7.69 -27.50 -42.08
C ALA O 157 -8.11 -26.15 -42.78
N VAL O 158 -7.70 -25.98 -44.05
CA VAL O 158 -8.05 -24.74 -44.76
C VAL O 158 -9.52 -24.70 -44.82
N ARG O 159 -10.29 -25.77 -45.07
CA ARG O 159 -11.75 -25.60 -45.39
C ARG O 159 -12.60 -25.04 -44.27
N ALA O 160 -12.17 -25.46 -43.00
CA ALA O 160 -12.85 -24.83 -41.86
C ALA O 160 -12.59 -23.37 -41.67
N ILE O 161 -11.36 -22.96 -41.90
CA ILE O 161 -10.94 -21.56 -41.75
C ILE O 161 -11.64 -20.70 -42.83
N TYR O 162 -11.75 -21.27 -44.02
CA TYR O 162 -12.19 -20.74 -45.27
C TYR O 162 -13.66 -20.47 -45.21
N SER O 163 -14.46 -21.33 -44.60
CA SER O 163 -15.86 -21.13 -44.50
C SER O 163 -16.21 -19.92 -43.65
N ALA O 164 -15.44 -19.80 -42.54
CA ALA O 164 -15.65 -18.79 -41.49
C ALA O 164 -15.27 -17.42 -42.02
N MET O 165 -14.17 -17.30 -42.75
CA MET O 165 -13.66 -16.07 -43.27
C MET O 165 -14.51 -15.54 -44.39
N LYS O 166 -15.24 -16.31 -45.22
CA LYS O 166 -15.96 -15.80 -46.42
C LYS O 166 -17.30 -15.31 -46.10
N ARG O 167 -18.12 -15.78 -45.10
CA ARG O 167 -19.41 -15.22 -44.81
C ARG O 167 -19.08 -13.83 -44.12
N ASP O 168 -18.04 -13.91 -43.16
CA ASP O 168 -17.55 -12.82 -42.27
C ASP O 168 -17.10 -11.72 -43.11
N SER O 169 -17.32 -10.47 -42.60
CA SER O 169 -16.96 -9.21 -43.11
C SER O 169 -15.77 -8.74 -42.34
N ALA O 170 -15.45 -9.51 -41.27
CA ALA O 170 -14.31 -9.29 -40.45
C ALA O 170 -13.12 -10.03 -40.91
N SER O 171 -13.13 -10.98 -41.92
CA SER O 171 -11.92 -11.57 -42.43
C SER O 171 -12.26 -11.89 -43.83
N GLY O 172 -11.28 -12.36 -44.64
CA GLY O 172 -11.62 -12.58 -46.03
C GLY O 172 -10.34 -13.11 -46.66
N ASP O 173 -9.16 -12.77 -46.05
CA ASP O 173 -7.89 -13.12 -46.63
C ASP O 173 -7.02 -13.25 -45.39
N GLY O 174 -5.89 -13.97 -45.53
CA GLY O 174 -4.83 -14.07 -44.52
C GLY O 174 -5.03 -15.14 -43.54
N ILE O 175 -4.35 -16.24 -43.75
CA ILE O 175 -4.43 -17.57 -43.09
C ILE O 175 -3.04 -18.16 -43.25
N ASP O 176 -2.61 -18.86 -42.13
CA ASP O 176 -1.37 -19.60 -41.94
C ASP O 176 -1.74 -20.98 -41.47
N VAL O 177 -1.14 -22.02 -42.10
CA VAL O 177 -1.37 -23.38 -41.77
C VAL O 177 -0.04 -23.79 -41.26
N VAL O 178 -0.05 -24.63 -40.15
CA VAL O 178 1.23 -24.97 -39.47
C VAL O 178 1.22 -26.45 -39.55
N LYS O 179 2.37 -27.01 -39.99
CA LYS O 179 2.51 -28.43 -40.07
C LYS O 179 3.66 -28.70 -39.28
N ILE O 180 3.59 -29.88 -38.58
CA ILE O 180 4.48 -30.31 -37.55
C ILE O 180 4.39 -31.78 -37.70
N THR O 181 5.30 -32.37 -38.42
CA THR O 181 5.21 -33.70 -38.89
C THR O 181 6.10 -34.72 -38.17
N GLU O 182 6.77 -34.25 -37.06
CA GLU O 182 7.88 -34.83 -36.31
C GLU O 182 9.27 -34.77 -37.07
N ASP O 183 9.33 -33.92 -38.14
CA ASP O 183 10.59 -33.81 -38.90
C ASP O 183 10.70 -32.38 -39.37
N GLU O 184 9.61 -31.63 -39.51
CA GLU O 184 9.60 -30.24 -40.02
C GLU O 184 8.80 -29.34 -39.13
N PHE O 185 8.94 -28.01 -39.28
CA PHE O 185 8.08 -27.05 -38.69
C PHE O 185 7.92 -26.15 -39.87
N TYR O 186 6.81 -26.40 -40.67
CA TYR O 186 6.55 -25.44 -41.75
C TYR O 186 5.47 -24.49 -41.40
N GLN O 187 5.58 -23.23 -41.89
CA GLN O 187 4.59 -22.21 -41.77
C GLN O 187 4.33 -21.96 -43.21
N TYR O 188 3.19 -22.29 -43.68
CA TYR O 188 2.81 -22.33 -45.10
C TYR O 188 2.76 -20.89 -45.64
N SER O 189 2.12 -19.93 -44.84
CA SER O 189 2.00 -18.44 -45.02
C SER O 189 0.96 -18.13 -46.09
N PRO O 190 0.28 -16.94 -46.05
CA PRO O 190 -0.87 -16.63 -46.87
C PRO O 190 -0.83 -17.04 -48.35
N GLU O 191 0.25 -16.71 -49.10
CA GLU O 191 0.43 -17.05 -50.54
C GLU O 191 0.26 -18.50 -50.96
N GLU O 192 1.00 -19.45 -50.33
CA GLU O 192 1.03 -20.86 -50.54
C GLU O 192 -0.29 -21.45 -50.15
N VAL O 193 -0.90 -21.01 -49.02
CA VAL O 193 -2.22 -21.36 -48.50
C VAL O 193 -3.29 -21.01 -49.54
N GLU O 194 -3.14 -19.90 -50.27
CA GLU O 194 -4.11 -19.26 -51.22
C GLU O 194 -4.53 -20.21 -52.31
N GLN O 195 -3.52 -20.97 -52.82
CA GLN O 195 -3.88 -21.96 -53.83
C GLN O 195 -4.59 -23.14 -53.25
N ILE O 196 -4.63 -23.41 -51.97
CA ILE O 196 -5.45 -24.46 -51.38
C ILE O 196 -6.93 -24.15 -51.43
N LEU O 197 -7.28 -22.83 -51.29
CA LEU O 197 -8.71 -22.40 -51.38
C LEU O 197 -9.05 -21.76 -52.74
N ALA O 198 -8.12 -21.83 -53.72
CA ALA O 198 -8.26 -21.34 -55.07
C ALA O 198 -8.69 -22.55 -55.87
N LYS O 199 -8.60 -23.74 -55.23
CA LYS O 199 -9.13 -25.05 -55.68
C LYS O 199 -10.64 -25.07 -55.49
N PHE O 200 -11.09 -24.37 -54.47
CA PHE O 200 -12.53 -24.43 -53.99
C PHE O 200 -13.10 -23.16 -54.54
N ARG O 201 -12.29 -22.35 -55.23
CA ARG O 201 -12.64 -21.16 -55.98
C ARG O 201 -13.32 -20.05 -55.12
N LYS O 202 -14.45 -19.46 -55.65
CA LYS O 202 -14.95 -18.29 -55.11
C LYS O 202 -15.51 -18.44 -53.67
N THR P 1 -37.71 -20.42 -33.89
CA THR P 1 -38.55 -20.69 -35.14
C THR P 1 -37.70 -20.31 -36.36
N THR P 2 -37.52 -21.19 -37.36
CA THR P 2 -36.77 -20.82 -38.53
C THR P 2 -37.47 -21.39 -39.77
N THR P 3 -37.17 -20.97 -41.05
CA THR P 3 -37.93 -21.40 -42.22
C THR P 3 -36.92 -21.45 -43.33
N VAL P 4 -37.15 -22.41 -44.28
CA VAL P 4 -36.32 -22.66 -45.37
C VAL P 4 -37.17 -22.63 -46.62
N GLY P 5 -36.66 -22.40 -47.86
CA GLY P 5 -37.42 -22.40 -49.05
C GLY P 5 -36.46 -22.78 -50.22
N LEU P 6 -37.01 -23.70 -51.08
CA LEU P 6 -36.31 -24.14 -52.27
C LEU P 6 -37.25 -24.47 -53.38
N VAL P 7 -36.76 -24.23 -54.63
CA VAL P 7 -37.45 -24.43 -55.91
C VAL P 7 -36.89 -25.72 -56.54
N CYS P 8 -37.79 -26.61 -56.93
CA CYS P 8 -37.53 -27.95 -57.41
C CYS P 8 -37.48 -28.10 -58.88
N LYS P 9 -38.53 -28.73 -59.53
CA LYS P 9 -38.78 -28.94 -60.84
C LYS P 9 -40.17 -29.42 -61.12
N ASP P 10 -40.97 -29.58 -60.08
CA ASP P 10 -42.35 -29.92 -60.12
C ASP P 10 -42.91 -29.64 -58.74
N GLY P 11 -42.05 -29.13 -57.77
CA GLY P 11 -42.70 -28.54 -56.64
C GLY P 11 -42.00 -27.31 -56.27
N VAL P 12 -42.48 -26.75 -55.14
CA VAL P 12 -41.83 -25.76 -54.40
C VAL P 12 -42.17 -26.23 -53.01
N VAL P 13 -41.13 -26.39 -52.20
CA VAL P 13 -41.14 -27.10 -50.95
C VAL P 13 -40.71 -26.04 -49.95
N MET P 14 -41.43 -25.97 -48.83
CA MET P 14 -41.15 -24.97 -47.72
C MET P 14 -41.43 -25.77 -46.51
N ALA P 15 -40.80 -25.31 -45.41
CA ALA P 15 -40.86 -26.06 -44.11
C ALA P 15 -40.67 -24.96 -42.99
N THR P 16 -41.24 -25.34 -41.80
CA THR P 16 -41.34 -24.47 -40.62
C THR P 16 -40.95 -25.40 -39.45
N GLU P 17 -40.80 -24.75 -38.25
CA GLU P 17 -40.64 -25.43 -36.98
C GLU P 17 -41.97 -25.26 -36.41
N LYS P 18 -42.41 -26.22 -35.62
CA LYS P 18 -43.65 -26.16 -34.89
C LYS P 18 -43.34 -25.83 -33.46
N ARG P 19 -42.09 -25.85 -33.08
CA ARG P 19 -41.68 -25.74 -31.66
C ARG P 19 -40.94 -24.45 -31.53
N ALA P 20 -41.28 -23.61 -30.56
CA ALA P 20 -40.54 -22.41 -30.25
C ALA P 20 -40.41 -22.48 -28.76
N THR P 21 -39.17 -22.78 -28.26
CA THR P 21 -38.96 -22.96 -26.84
C THR P 21 -37.61 -22.36 -26.68
N MET P 22 -37.51 -21.45 -25.67
CA MET P 22 -36.36 -20.76 -25.33
C MET P 22 -36.61 -20.53 -23.80
N GLY P 23 -35.57 -20.50 -23.01
CA GLY P 23 -35.77 -20.21 -21.60
C GLY P 23 -36.23 -21.49 -20.86
N ASN P 24 -37.50 -21.56 -20.59
CA ASN P 24 -38.14 -22.58 -19.89
C ASN P 24 -39.71 -22.37 -20.18
N PHE P 25 -40.04 -21.41 -21.05
CA PHE P 25 -41.48 -21.18 -21.32
C PHE P 25 -41.71 -21.71 -22.74
N ILE P 26 -42.58 -22.70 -22.93
CA ILE P 26 -42.89 -23.35 -24.18
C ILE P 26 -44.07 -22.58 -24.73
N ALA P 27 -44.04 -22.07 -25.98
CA ALA P 27 -45.11 -21.31 -26.56
C ALA P 27 -45.77 -22.04 -27.69
N SER P 28 -45.12 -23.03 -28.30
CA SER P 28 -45.54 -23.62 -29.50
C SER P 28 -45.08 -25.01 -29.35
N LYS P 29 -46.01 -25.99 -29.55
CA LYS P 29 -45.78 -27.40 -29.40
C LYS P 29 -46.30 -28.09 -30.65
N ALA P 30 -47.23 -27.37 -31.37
CA ALA P 30 -47.80 -27.95 -32.59
C ALA P 30 -48.54 -26.80 -33.26
N ALA P 31 -48.04 -25.57 -33.06
CA ALA P 31 -48.59 -24.31 -33.52
C ALA P 31 -48.54 -24.18 -34.92
N LYS P 32 -49.56 -23.42 -35.40
CA LYS P 32 -49.65 -22.99 -36.80
C LYS P 32 -48.55 -22.10 -37.17
N LYS P 33 -47.88 -22.39 -38.33
CA LYS P 33 -46.83 -21.63 -38.96
C LYS P 33 -46.89 -21.67 -40.44
N ILE P 34 -47.56 -22.76 -40.93
CA ILE P 34 -47.76 -22.90 -42.32
C ILE P 34 -49.23 -22.57 -42.48
N TYR P 35 -49.44 -21.61 -43.39
CA TYR P 35 -50.68 -21.15 -43.88
C TYR P 35 -50.77 -21.31 -45.34
N GLN P 36 -52.00 -21.66 -45.85
CA GLN P 36 -52.28 -21.98 -47.25
C GLN P 36 -53.09 -20.83 -47.86
N ILE P 37 -52.45 -19.97 -48.74
CA ILE P 37 -52.97 -18.73 -49.23
C ILE P 37 -53.95 -18.95 -50.40
N ALA P 38 -53.59 -19.90 -51.28
CA ALA P 38 -54.26 -20.25 -52.49
C ALA P 38 -54.01 -21.62 -52.81
N ASP P 39 -54.60 -22.11 -53.87
CA ASP P 39 -54.39 -23.44 -54.39
C ASP P 39 -53.25 -23.47 -55.30
N ARG P 40 -52.31 -22.45 -55.07
CA ARG P 40 -51.24 -22.06 -55.88
C ARG P 40 -50.23 -21.39 -55.06
N MET P 41 -50.54 -20.95 -53.83
CA MET P 41 -49.56 -20.28 -53.04
C MET P 41 -49.71 -20.93 -51.69
N ALA P 42 -48.54 -21.23 -50.99
CA ALA P 42 -48.58 -21.44 -49.56
C ALA P 42 -47.58 -20.47 -48.96
N MET P 43 -47.52 -20.30 -47.65
CA MET P 43 -46.88 -19.33 -46.88
C MET P 43 -46.32 -19.85 -45.60
N THR P 44 -45.05 -19.60 -45.37
CA THR P 44 -44.16 -19.98 -44.20
C THR P 44 -43.65 -18.69 -43.59
N THR P 45 -43.64 -18.74 -42.26
CA THR P 45 -43.35 -17.52 -41.46
C THR P 45 -42.33 -17.95 -40.45
N ALA P 46 -41.27 -17.11 -40.14
CA ALA P 46 -40.29 -17.42 -39.18
C ALA P 46 -40.45 -16.34 -38.17
N GLY P 47 -40.24 -16.62 -36.81
CA GLY P 47 -40.32 -15.51 -35.95
C GLY P 47 -41.66 -15.52 -35.12
N SER P 48 -42.15 -14.29 -34.84
CA SER P 48 -43.17 -13.98 -33.83
C SER P 48 -44.48 -14.73 -34.24
N VAL P 49 -45.20 -15.28 -33.19
CA VAL P 49 -46.35 -16.15 -33.43
C VAL P 49 -47.48 -15.21 -33.85
N GLY P 50 -47.73 -14.11 -33.12
CA GLY P 50 -48.95 -13.31 -33.10
C GLY P 50 -49.15 -12.62 -34.43
N ASP P 51 -48.12 -11.96 -34.93
CA ASP P 51 -48.08 -11.21 -36.10
C ASP P 51 -48.25 -12.08 -37.32
N ALA P 52 -47.77 -13.30 -37.28
CA ALA P 52 -47.93 -14.33 -38.27
C ALA P 52 -49.28 -14.87 -38.50
N GLN P 53 -50.05 -15.21 -37.40
CA GLN P 53 -51.37 -15.70 -37.58
C GLN P 53 -52.17 -14.60 -38.06
N PHE P 54 -51.94 -13.41 -37.55
CA PHE P 54 -52.82 -12.25 -37.74
C PHE P 54 -52.74 -11.75 -39.21
N LEU P 55 -51.50 -11.78 -39.80
CA LEU P 55 -51.23 -11.46 -41.16
C LEU P 55 -51.84 -12.48 -42.11
N ALA P 56 -51.66 -13.75 -41.89
CA ALA P 56 -52.00 -14.83 -42.83
C ALA P 56 -53.38 -14.97 -43.32
N ARG P 57 -54.30 -14.78 -42.38
CA ARG P 57 -55.72 -14.85 -42.61
C ARG P 57 -56.08 -13.62 -43.46
N ILE P 58 -55.43 -12.40 -43.37
CA ILE P 58 -55.68 -11.25 -44.18
C ILE P 58 -55.25 -11.57 -45.59
N ILE P 59 -54.02 -12.20 -45.74
CA ILE P 59 -53.40 -12.39 -46.97
C ILE P 59 -54.28 -13.37 -47.76
N LYS P 60 -54.82 -14.45 -47.06
CA LYS P 60 -55.61 -15.54 -47.59
C LYS P 60 -56.85 -14.99 -48.16
N ILE P 61 -57.44 -14.08 -47.35
CA ILE P 61 -58.69 -13.42 -47.66
C ILE P 61 -58.58 -12.41 -48.74
N GLU P 62 -57.38 -11.80 -49.00
CA GLU P 62 -57.07 -10.91 -50.12
C GLU P 62 -56.77 -11.69 -51.36
N ALA P 63 -56.43 -13.01 -51.25
CA ALA P 63 -56.15 -13.79 -52.45
C ALA P 63 -57.45 -14.31 -53.05
N ASN P 64 -58.41 -14.57 -52.17
CA ASN P 64 -59.79 -14.72 -52.52
C ASN P 64 -60.42 -13.46 -53.03
N LEU P 65 -60.13 -12.33 -52.42
CA LEU P 65 -60.65 -11.04 -52.92
C LEU P 65 -60.19 -10.76 -54.36
N TYR P 66 -58.89 -11.09 -54.65
CA TYR P 66 -58.36 -10.99 -56.02
C TYR P 66 -58.96 -11.91 -57.06
N GLU P 67 -59.15 -13.17 -56.69
CA GLU P 67 -59.76 -14.21 -57.48
C GLU P 67 -61.16 -13.87 -57.99
N ILE P 68 -61.99 -13.40 -57.00
CA ILE P 68 -63.39 -13.21 -57.04
C ILE P 68 -63.84 -11.82 -57.67
N ARG P 69 -63.13 -10.68 -57.27
CA ARG P 69 -63.31 -9.36 -57.80
C ARG P 69 -62.79 -9.27 -59.20
N ARG P 70 -61.56 -9.79 -59.56
CA ARG P 70 -60.96 -9.57 -60.83
C ARG P 70 -61.32 -10.75 -61.71
N GLU P 71 -61.76 -11.88 -61.14
CA GLU P 71 -62.40 -12.91 -61.94
C GLU P 71 -61.30 -13.56 -62.82
N ARG P 72 -60.12 -13.80 -62.24
CA ARG P 72 -58.96 -14.38 -62.91
C ARG P 72 -58.08 -14.68 -61.67
N LYS P 73 -57.23 -15.70 -61.88
CA LYS P 73 -56.53 -16.35 -60.76
C LYS P 73 -55.35 -15.42 -60.26
N PRO P 74 -55.11 -15.48 -58.92
CA PRO P 74 -53.87 -14.87 -58.37
C PRO P 74 -52.58 -15.54 -58.90
N THR P 75 -51.45 -14.87 -58.81
CA THR P 75 -50.15 -15.33 -59.26
C THR P 75 -49.21 -14.85 -58.12
N VAL P 76 -47.95 -15.31 -58.06
CA VAL P 76 -47.06 -15.11 -56.92
C VAL P 76 -46.58 -13.69 -56.78
N ARG P 77 -46.46 -12.99 -57.93
CA ARG P 77 -46.07 -11.63 -58.08
C ARG P 77 -47.13 -10.70 -57.53
N ALA P 78 -48.44 -10.98 -57.83
CA ALA P 78 -49.57 -10.24 -57.48
C ALA P 78 -49.70 -10.25 -56.02
N ILE P 79 -49.55 -11.47 -55.41
CA ILE P 79 -49.85 -11.72 -54.03
C ILE P 79 -48.82 -11.10 -53.07
N ALA P 80 -47.56 -11.29 -53.53
CA ALA P 80 -46.47 -10.82 -52.74
C ALA P 80 -46.33 -9.33 -52.58
N THR P 81 -46.62 -8.64 -53.72
CA THR P 81 -46.53 -7.24 -53.84
C THR P 81 -47.63 -6.61 -53.10
N LEU P 82 -48.86 -7.22 -53.10
CA LEU P 82 -50.03 -6.81 -52.31
C LEU P 82 -49.89 -6.83 -50.84
N THR P 83 -49.15 -7.89 -50.34
CA THR P 83 -48.67 -8.01 -48.98
C THR P 83 -47.69 -6.95 -48.53
N SER P 84 -46.78 -6.47 -49.40
CA SER P 84 -45.76 -5.41 -49.18
C SER P 84 -46.35 -4.14 -48.79
N ASN P 85 -47.50 -3.73 -49.47
CA ASN P 85 -48.23 -2.54 -49.24
C ASN P 85 -48.82 -2.57 -47.86
N LEU P 86 -49.29 -3.74 -47.45
CA LEU P 86 -49.93 -3.95 -46.15
C LEU P 86 -49.00 -3.83 -44.96
N LEU P 87 -47.74 -4.37 -45.12
CA LEU P 87 -46.66 -4.44 -44.16
C LEU P 87 -46.10 -3.06 -43.87
N ASN P 88 -46.22 -2.11 -44.93
CA ASN P 88 -45.81 -0.73 -44.87
C ASN P 88 -46.65 -0.01 -43.89
N SER P 89 -47.95 -0.45 -43.76
CA SER P 89 -48.93 0.12 -42.91
C SER P 89 -48.74 -0.36 -41.48
N TYR P 90 -48.22 -1.62 -41.28
CA TYR P 90 -48.13 -2.35 -40.01
C TYR P 90 -46.72 -2.41 -39.55
N ARG P 91 -45.82 -1.58 -40.08
CA ARG P 91 -44.50 -1.48 -39.47
C ARG P 91 -44.33 -0.32 -38.46
N TYR P 92 -45.40 0.48 -38.33
CA TYR P 92 -45.42 1.64 -37.50
C TYR P 92 -45.41 1.32 -36.07
N PHE P 93 -46.14 0.26 -35.65
CA PHE P 93 -46.05 -0.53 -34.43
C PHE P 93 -45.20 -1.68 -34.80
N PRO P 94 -44.43 -2.29 -33.87
CA PRO P 94 -43.74 -3.57 -34.02
C PRO P 94 -44.65 -4.65 -34.68
N TYR P 95 -44.15 -5.44 -35.65
CA TYR P 95 -45.00 -6.44 -36.35
C TYR P 95 -43.94 -7.27 -37.03
N LEU P 96 -42.95 -7.75 -36.28
CA LEU P 96 -41.90 -8.66 -36.82
C LEU P 96 -42.51 -9.95 -37.25
N VAL P 97 -42.41 -10.26 -38.51
CA VAL P 97 -42.75 -11.58 -39.10
C VAL P 97 -41.97 -11.56 -40.34
N GLN P 98 -41.31 -12.71 -40.71
CA GLN P 98 -40.52 -12.79 -41.92
C GLN P 98 -41.17 -13.85 -42.76
N LEU P 99 -41.71 -13.46 -43.95
CA LEU P 99 -42.53 -14.26 -44.80
C LEU P 99 -41.77 -14.80 -45.87
N LEU P 100 -42.15 -16.08 -46.25
CA LEU P 100 -41.78 -16.60 -47.58
C LEU P 100 -43.12 -16.95 -48.13
N ILE P 101 -43.54 -16.34 -49.30
CA ILE P 101 -44.79 -16.71 -49.89
C ILE P 101 -44.35 -17.19 -51.24
N GLY P 102 -44.75 -18.35 -51.66
CA GLY P 102 -44.41 -18.82 -52.98
C GLY P 102 -45.29 -19.98 -53.46
N GLY P 103 -44.91 -20.46 -54.68
CA GLY P 103 -45.49 -21.63 -55.17
C GLY P 103 -45.31 -21.68 -56.68
N ILE P 104 -46.30 -22.38 -57.23
CA ILE P 104 -46.42 -22.59 -58.65
C ILE P 104 -47.69 -22.04 -59.03
N ASP P 105 -47.64 -21.32 -60.18
CA ASP P 105 -48.65 -20.41 -60.70
C ASP P 105 -48.48 -20.48 -62.16
N SER P 106 -49.29 -19.70 -63.01
CA SER P 106 -49.19 -19.70 -64.48
C SER P 106 -47.81 -19.25 -64.92
N GLU P 107 -47.15 -18.30 -64.25
CA GLU P 107 -45.93 -17.68 -64.74
C GLU P 107 -44.66 -18.46 -64.43
N GLY P 108 -44.77 -19.53 -63.59
CA GLY P 108 -43.70 -20.38 -63.41
C GLY P 108 -43.63 -20.64 -61.95
N LYS P 109 -42.40 -20.77 -61.48
CA LYS P 109 -42.05 -20.94 -60.13
C LYS P 109 -41.20 -19.86 -59.60
N SER P 110 -41.79 -19.16 -58.58
CA SER P 110 -41.07 -18.16 -57.85
C SER P 110 -41.43 -18.12 -56.40
N ILE P 111 -40.52 -17.47 -55.67
CA ILE P 111 -40.66 -17.28 -54.20
C ILE P 111 -40.43 -15.78 -54.07
N TYR P 112 -41.18 -15.04 -53.25
CA TYR P 112 -40.80 -13.76 -52.85
C TYR P 112 -40.66 -13.86 -51.37
N SER P 113 -39.62 -13.24 -50.83
CA SER P 113 -39.29 -13.25 -49.44
C SER P 113 -39.40 -11.80 -49.05
N ILE P 114 -40.46 -11.54 -48.34
CA ILE P 114 -40.90 -10.23 -47.92
C ILE P 114 -40.53 -10.11 -46.42
N ASP P 115 -39.94 -8.96 -46.01
CA ASP P 115 -39.44 -8.61 -44.76
C ASP P 115 -40.45 -7.64 -44.28
N PRO P 116 -40.61 -7.40 -42.95
CA PRO P 116 -41.81 -6.71 -42.48
C PRO P 116 -41.72 -5.20 -42.57
N ILE P 117 -41.25 -4.65 -43.73
CA ILE P 117 -41.13 -3.23 -43.98
C ILE P 117 -41.53 -2.96 -45.40
N GLY P 118 -41.85 -4.08 -46.14
CA GLY P 118 -42.15 -3.91 -47.57
C GLY P 118 -40.97 -4.45 -48.42
N GLY P 119 -40.11 -5.26 -47.79
CA GLY P 119 -38.88 -5.73 -48.38
C GLY P 119 -39.03 -7.04 -49.15
N ALA P 120 -39.62 -7.01 -50.34
CA ALA P 120 -39.80 -8.19 -51.13
C ALA P 120 -38.51 -8.45 -51.93
N ILE P 121 -38.07 -9.70 -51.91
CA ILE P 121 -36.84 -10.23 -52.46
C ILE P 121 -37.29 -11.33 -53.37
N GLU P 122 -37.27 -11.07 -54.69
CA GLU P 122 -37.20 -12.22 -55.61
C GLU P 122 -35.95 -13.08 -55.42
N GLU P 123 -36.11 -14.22 -54.76
CA GLU P 123 -35.01 -15.14 -54.54
C GLU P 123 -35.61 -16.36 -55.06
N LYS P 124 -34.99 -17.08 -56.03
CA LYS P 124 -35.52 -18.32 -56.58
C LYS P 124 -34.59 -19.43 -56.22
N ASP P 125 -33.92 -19.35 -55.05
CA ASP P 125 -32.86 -20.22 -54.56
C ASP P 125 -32.95 -20.11 -53.04
N ILE P 126 -32.11 -20.85 -52.18
CA ILE P 126 -31.97 -21.05 -50.69
C ILE P 126 -32.44 -19.79 -50.04
N VAL P 127 -33.39 -19.82 -49.13
CA VAL P 127 -33.73 -18.66 -48.36
C VAL P 127 -33.97 -19.22 -47.03
N ALA P 128 -33.54 -18.44 -46.06
CA ALA P 128 -33.67 -18.79 -44.67
C ALA P 128 -33.27 -17.49 -44.14
N THR P 129 -33.51 -17.16 -42.91
CA THR P 129 -34.74 -16.58 -42.34
C THR P 129 -35.11 -17.37 -41.11
N GLY P 130 -35.22 -16.61 -39.99
CA GLY P 130 -35.38 -17.05 -38.65
C GLY P 130 -34.04 -17.01 -38.00
N SER P 131 -34.00 -17.47 -36.69
CA SER P 131 -32.83 -17.26 -35.88
C SER P 131 -31.94 -18.48 -36.14
N GLY P 132 -32.50 -19.46 -36.73
CA GLY P 132 -31.91 -20.77 -36.94
C GLY P 132 -31.25 -20.77 -38.28
N SER P 133 -31.19 -19.63 -38.93
CA SER P 133 -30.76 -19.42 -40.28
C SER P 133 -29.31 -19.90 -40.56
N LEU P 134 -28.34 -19.77 -39.51
CA LEU P 134 -26.94 -19.91 -39.74
C LEU P 134 -26.53 -21.28 -40.22
N THR P 135 -27.11 -22.34 -39.64
CA THR P 135 -26.88 -23.71 -40.03
C THR P 135 -27.72 -24.02 -41.26
N ALA P 136 -29.00 -23.64 -41.23
CA ALA P 136 -30.12 -23.94 -42.13
C ALA P 136 -29.91 -23.60 -43.56
N TYR P 137 -29.33 -22.43 -43.83
CA TYR P 137 -29.00 -21.93 -45.07
C TYR P 137 -27.95 -22.75 -45.74
N GLY P 138 -26.84 -23.09 -45.00
CA GLY P 138 -25.78 -23.97 -45.52
C GLY P 138 -26.27 -25.33 -45.82
N VAL P 139 -27.02 -25.94 -44.88
CA VAL P 139 -27.37 -27.31 -45.03
C VAL P 139 -28.26 -27.47 -46.21
N LEU P 140 -29.23 -26.54 -46.44
CA LEU P 140 -29.99 -26.61 -47.58
C LEU P 140 -29.23 -26.62 -48.95
N GLU P 141 -28.07 -25.83 -48.97
CA GLU P 141 -27.32 -25.59 -50.19
C GLU P 141 -26.40 -26.80 -50.59
N ASP P 142 -26.22 -27.80 -49.65
CA ASP P 142 -25.45 -29.02 -49.84
C ASP P 142 -26.04 -29.83 -50.94
N ARG P 143 -27.27 -30.26 -50.89
CA ARG P 143 -27.88 -31.13 -51.90
C ARG P 143 -28.62 -30.30 -52.84
N PHE P 144 -28.52 -28.98 -52.64
CA PHE P 144 -29.17 -28.12 -53.64
C PHE P 144 -28.61 -28.08 -55.11
N THR P 145 -29.49 -28.44 -56.03
CA THR P 145 -29.38 -28.48 -57.43
C THR P 145 -30.61 -27.68 -57.94
N PRO P 146 -30.69 -26.97 -59.11
CA PRO P 146 -31.75 -26.06 -59.52
C PRO P 146 -32.92 -26.85 -59.88
N GLU P 147 -32.70 -28.16 -60.11
CA GLU P 147 -33.60 -29.15 -60.66
C GLU P 147 -33.41 -30.30 -59.63
N ILE P 148 -33.64 -29.99 -58.33
CA ILE P 148 -33.68 -31.03 -57.30
C ILE P 148 -35.08 -31.68 -57.32
N GLY P 149 -35.20 -32.98 -57.03
CA GLY P 149 -36.45 -33.74 -56.87
C GLY P 149 -37.27 -33.19 -55.76
N VAL P 150 -38.52 -33.72 -55.57
CA VAL P 150 -39.35 -33.12 -54.53
C VAL P 150 -39.19 -33.83 -53.21
N ASP P 151 -38.81 -35.13 -53.34
CA ASP P 151 -38.95 -36.16 -52.25
C ASP P 151 -37.68 -36.08 -51.45
N GLU P 152 -36.69 -35.41 -52.06
CA GLU P 152 -35.38 -35.06 -51.45
C GLU P 152 -35.25 -33.67 -50.94
N ALA P 153 -36.08 -32.81 -51.49
CA ALA P 153 -36.18 -31.48 -51.06
C ALA P 153 -36.95 -31.38 -49.76
N VAL P 154 -37.85 -32.36 -49.42
CA VAL P 154 -38.55 -32.36 -48.13
C VAL P 154 -37.50 -32.82 -47.09
N GLU P 155 -36.71 -33.88 -47.37
CA GLU P 155 -35.65 -34.40 -46.49
C GLU P 155 -34.53 -33.37 -46.25
N LEU P 156 -34.21 -32.55 -47.25
CA LEU P 156 -33.27 -31.47 -47.17
C LEU P 156 -33.66 -30.34 -46.29
N ALA P 157 -34.89 -29.85 -46.38
CA ALA P 157 -35.52 -28.79 -45.69
C ALA P 157 -35.52 -29.22 -44.23
N VAL P 158 -35.93 -30.50 -44.02
CA VAL P 158 -36.11 -31.09 -42.69
C VAL P 158 -34.80 -31.14 -41.99
N ARG P 159 -33.78 -31.47 -42.77
CA ARG P 159 -32.44 -31.54 -42.30
C ARG P 159 -31.86 -30.13 -41.94
N ALA P 160 -32.23 -29.08 -42.72
CA ALA P 160 -31.74 -27.72 -42.41
C ALA P 160 -32.27 -27.23 -41.12
N ILE P 161 -33.59 -27.46 -40.93
CA ILE P 161 -34.24 -27.06 -39.70
C ILE P 161 -33.93 -27.86 -38.44
N TYR P 162 -33.66 -29.17 -38.62
CA TYR P 162 -33.15 -30.05 -37.59
C TYR P 162 -31.84 -29.67 -36.93
N SER P 163 -30.95 -29.00 -37.76
CA SER P 163 -29.68 -28.44 -37.36
C SER P 163 -29.86 -27.28 -36.44
N ALA P 164 -30.97 -26.51 -36.57
CA ALA P 164 -31.30 -25.43 -35.73
C ALA P 164 -31.81 -25.86 -34.40
N MET P 165 -32.51 -26.98 -34.44
CA MET P 165 -33.20 -27.35 -33.28
C MET P 165 -32.34 -28.21 -32.40
N LYS P 166 -31.09 -28.53 -32.91
CA LYS P 166 -30.15 -29.31 -32.12
C LYS P 166 -29.38 -28.33 -31.33
N ARG P 167 -29.10 -27.13 -31.92
CA ARG P 167 -28.28 -26.08 -31.32
C ARG P 167 -28.98 -25.57 -30.08
N ASP P 168 -30.24 -25.17 -30.33
CA ASP P 168 -31.19 -24.71 -29.31
C ASP P 168 -31.83 -26.00 -28.79
N SER P 169 -31.34 -26.39 -27.61
CA SER P 169 -31.53 -27.81 -27.26
C SER P 169 -32.93 -28.13 -26.68
N ALA P 170 -33.65 -27.05 -26.33
CA ALA P 170 -34.99 -27.03 -25.72
C ALA P 170 -36.04 -27.44 -26.74
N SER P 171 -35.85 -26.91 -27.95
CA SER P 171 -36.62 -27.24 -29.17
C SER P 171 -36.15 -28.60 -29.60
N GLY P 172 -36.95 -29.41 -30.37
CA GLY P 172 -36.38 -30.63 -30.88
C GLY P 172 -37.33 -31.40 -31.72
N ASP P 173 -38.61 -31.45 -31.37
CA ASP P 173 -39.65 -32.32 -31.92
C ASP P 173 -40.66 -31.46 -32.65
N GLY P 174 -40.99 -31.88 -33.91
CA GLY P 174 -42.04 -31.32 -34.73
C GLY P 174 -41.44 -30.39 -35.69
N ILE P 175 -41.35 -30.78 -37.00
CA ILE P 175 -40.84 -30.08 -38.20
C ILE P 175 -41.89 -30.41 -39.14
N ASP P 176 -42.49 -29.35 -39.82
CA ASP P 176 -43.50 -29.50 -40.84
C ASP P 176 -42.94 -29.02 -42.23
N VAL P 177 -43.34 -29.69 -43.33
CA VAL P 177 -42.99 -29.45 -44.73
C VAL P 177 -44.19 -29.40 -45.46
N VAL P 178 -44.22 -28.68 -46.57
CA VAL P 178 -45.39 -28.45 -47.44
C VAL P 178 -44.91 -28.44 -48.83
N LYS P 179 -45.56 -29.27 -49.73
CA LYS P 179 -45.35 -29.39 -51.14
C LYS P 179 -46.54 -28.92 -51.82
N ILE P 180 -46.42 -28.62 -53.15
CA ILE P 180 -47.19 -27.68 -53.97
C ILE P 180 -46.89 -28.27 -55.32
N THR P 181 -47.70 -29.19 -55.87
CA THR P 181 -47.54 -29.59 -57.31
C THR P 181 -48.53 -28.85 -58.24
N GLU P 182 -49.44 -28.10 -57.55
CA GLU P 182 -50.48 -27.20 -58.14
C GLU P 182 -51.56 -28.17 -58.65
N ASP P 183 -51.70 -29.31 -57.91
CA ASP P 183 -52.83 -30.18 -58.12
C ASP P 183 -53.23 -30.44 -56.71
N GLU P 184 -52.24 -30.47 -55.78
CA GLU P 184 -52.43 -30.83 -54.41
C GLU P 184 -51.37 -30.34 -53.49
N PHE P 185 -51.64 -30.29 -52.17
CA PHE P 185 -50.70 -29.58 -51.27
C PHE P 185 -50.49 -30.63 -50.26
N TYR P 186 -49.35 -31.32 -50.36
CA TYR P 186 -49.07 -32.46 -49.47
C TYR P 186 -48.49 -31.82 -48.21
N GLN P 187 -48.94 -32.23 -47.06
CA GLN P 187 -48.61 -31.74 -45.78
C GLN P 187 -48.10 -32.98 -45.19
N TYR P 188 -46.80 -33.03 -44.92
CA TYR P 188 -46.13 -34.19 -44.49
C TYR P 188 -46.56 -34.52 -43.05
N SER P 189 -46.59 -33.35 -42.30
CA SER P 189 -47.02 -33.25 -40.97
C SER P 189 -45.93 -33.77 -40.09
N PRO P 190 -45.79 -33.25 -38.89
CA PRO P 190 -44.81 -33.72 -37.99
C PRO P 190 -44.63 -35.17 -37.84
N GLU P 191 -45.75 -35.97 -37.80
CA GLU P 191 -45.66 -37.36 -37.46
C GLU P 191 -44.69 -38.17 -38.25
N GLU P 192 -44.83 -38.12 -39.57
CA GLU P 192 -43.99 -38.73 -40.58
C GLU P 192 -42.61 -38.18 -40.67
N VAL P 193 -42.46 -36.84 -40.41
CA VAL P 193 -41.22 -36.02 -40.44
C VAL P 193 -40.34 -36.26 -39.31
N GLU P 194 -41.02 -36.62 -38.18
CA GLU P 194 -40.36 -37.07 -36.93
C GLU P 194 -39.50 -38.34 -37.07
N GLN P 195 -39.78 -39.18 -38.12
CA GLN P 195 -39.10 -40.42 -38.30
C GLN P 195 -37.89 -40.17 -39.18
N ILE P 196 -37.86 -39.02 -39.90
CA ILE P 196 -36.72 -38.66 -40.81
C ILE P 196 -35.61 -38.13 -39.95
N LEU P 197 -35.90 -37.39 -38.92
CA LEU P 197 -34.93 -36.91 -37.94
C LEU P 197 -34.72 -37.87 -36.83
N ALA P 198 -35.40 -39.01 -36.78
CA ALA P 198 -35.22 -40.07 -35.80
C ALA P 198 -34.50 -41.20 -36.46
N LYS P 199 -33.92 -41.07 -37.65
CA LYS P 199 -32.96 -41.92 -38.19
C LYS P 199 -31.83 -41.03 -38.64
N PHE P 200 -31.85 -39.78 -38.15
CA PHE P 200 -30.79 -38.79 -38.26
C PHE P 200 -30.08 -38.74 -36.90
N ARG P 201 -30.56 -39.53 -35.93
CA ARG P 201 -30.09 -39.45 -34.55
C ARG P 201 -30.29 -40.72 -33.80
N LYS P 202 -31.01 -41.69 -34.44
CA LYS P 202 -31.25 -42.99 -33.85
C LYS P 202 -30.84 -43.88 -35.00
N THR Q 1 -4.43 9.43 -35.89
CA THR Q 1 -3.02 9.08 -35.69
C THR Q 1 -2.60 7.81 -36.39
N THR Q 2 -1.46 7.90 -37.15
CA THR Q 2 -1.05 6.86 -38.06
C THR Q 2 0.46 7.01 -38.21
N THR Q 3 1.14 5.89 -38.43
CA THR Q 3 2.44 5.68 -38.80
C THR Q 3 2.49 4.79 -40.00
N VAL Q 4 3.59 4.96 -40.74
CA VAL Q 4 3.93 4.12 -41.89
C VAL Q 4 5.31 3.66 -41.68
N GLY Q 5 5.68 2.50 -42.31
CA GLY Q 5 7.00 2.07 -42.00
C GLY Q 5 7.39 1.26 -43.18
N LEU Q 6 8.66 1.29 -43.69
CA LEU Q 6 9.12 0.57 -44.89
C LEU Q 6 10.57 0.30 -44.69
N VAL Q 7 10.95 -0.88 -45.26
CA VAL Q 7 12.27 -1.34 -45.28
C VAL Q 7 12.72 -1.06 -46.73
N CYS Q 8 13.91 -0.45 -46.85
CA CYS Q 8 14.51 -0.20 -48.14
C CYS Q 8 15.55 -1.22 -48.35
N LYS Q 9 16.35 -1.17 -49.47
CA LYS Q 9 17.35 -2.09 -49.69
C LYS Q 9 18.60 -1.77 -48.90
N ASP Q 10 18.78 -0.56 -48.27
CA ASP Q 10 20.00 -0.08 -47.72
C ASP Q 10 19.70 0.87 -46.59
N GLY Q 11 18.38 0.94 -46.32
CA GLY Q 11 17.92 1.69 -45.19
C GLY Q 11 16.65 1.20 -44.60
N VAL Q 12 16.08 2.18 -43.90
CA VAL Q 12 14.79 2.08 -43.31
C VAL Q 12 14.28 3.50 -43.33
N VAL Q 13 12.96 3.64 -43.55
CA VAL Q 13 12.36 5.04 -43.53
C VAL Q 13 11.03 4.73 -42.85
N MET Q 14 10.56 5.65 -42.01
CA MET Q 14 9.39 5.68 -41.22
C MET Q 14 9.02 7.13 -41.22
N ALA Q 15 7.79 7.35 -40.95
CA ALA Q 15 7.21 8.74 -40.87
C ALA Q 15 5.95 8.59 -40.12
N THR Q 16 5.52 9.79 -39.64
CA THR Q 16 4.49 10.05 -38.62
C THR Q 16 3.69 11.24 -39.08
N GLU Q 17 2.53 11.53 -38.44
CA GLU Q 17 1.65 12.61 -38.79
C GLU Q 17 1.87 13.72 -37.87
N LYS Q 18 1.53 14.94 -38.28
CA LYS Q 18 1.71 16.12 -37.43
C LYS Q 18 0.75 17.23 -37.93
N ARG Q 19 0.70 18.29 -37.17
CA ARG Q 19 0.00 19.51 -37.33
C ARG Q 19 -1.52 19.31 -37.42
N ALA Q 20 -2.01 18.51 -36.44
CA ALA Q 20 -3.45 18.33 -36.16
C ALA Q 20 -3.80 19.14 -34.98
N THR Q 21 -4.77 18.70 -34.12
CA THR Q 21 -4.97 19.31 -32.84
C THR Q 21 -4.83 18.12 -31.87
N MET Q 22 -4.35 18.50 -30.67
CA MET Q 22 -4.12 17.69 -29.47
C MET Q 22 -4.52 18.55 -28.31
N GLY Q 23 -5.37 17.96 -27.47
CA GLY Q 23 -6.17 18.57 -26.37
C GLY Q 23 -7.22 19.46 -27.03
N ASN Q 24 -6.68 20.69 -27.30
CA ASN Q 24 -7.44 21.78 -27.91
C ASN Q 24 -6.58 22.84 -28.51
N PHE Q 25 -5.25 22.55 -28.59
CA PHE Q 25 -4.26 23.42 -29.16
C PHE Q 25 -3.64 22.72 -30.35
N ILE Q 26 -3.08 23.56 -31.28
CA ILE Q 26 -2.37 23.00 -32.46
C ILE Q 26 -1.22 22.13 -31.94
N ALA Q 27 -1.11 20.93 -32.49
CA ALA Q 27 -0.16 19.99 -31.97
C ALA Q 27 1.26 20.27 -32.38
N SER Q 28 1.49 20.54 -33.70
CA SER Q 28 2.82 20.78 -34.11
C SER Q 28 3.01 22.27 -33.91
N LYS Q 29 3.92 22.64 -33.00
CA LYS Q 29 4.31 23.96 -32.74
C LYS Q 29 5.83 23.96 -32.73
N ALA Q 30 6.39 22.80 -32.45
CA ALA Q 30 7.78 22.56 -32.64
C ALA Q 30 8.07 21.19 -32.03
N ALA Q 31 7.03 20.48 -31.69
CA ALA Q 31 6.99 19.11 -31.19
C ALA Q 31 7.94 18.12 -31.73
N LYS Q 32 8.36 17.18 -30.83
CA LYS Q 32 9.10 16.01 -31.30
C LYS Q 32 8.09 14.96 -31.44
N LYS Q 33 8.27 14.06 -32.44
CA LYS Q 33 7.25 13.04 -32.61
C LYS Q 33 7.99 11.82 -33.21
N ILE Q 34 9.23 11.99 -33.69
CA ILE Q 34 10.12 10.85 -34.12
C ILE Q 34 11.21 11.09 -33.09
N TYR Q 35 11.47 10.05 -32.31
CA TYR Q 35 12.35 10.12 -31.22
C TYR Q 35 13.59 9.33 -31.56
N GLN Q 36 14.78 9.81 -31.21
CA GLN Q 36 16.11 9.27 -31.44
C GLN Q 36 16.40 8.40 -30.24
N ILE Q 37 16.49 7.07 -30.47
CA ILE Q 37 16.75 6.00 -29.51
C ILE Q 37 18.24 5.76 -29.36
N ALA Q 38 18.86 5.64 -30.54
CA ALA Q 38 20.25 5.48 -30.73
C ALA Q 38 20.54 6.27 -31.93
N ASP Q 39 21.80 6.24 -32.37
CA ASP Q 39 22.21 6.89 -33.58
C ASP Q 39 21.59 6.32 -34.78
N ARG Q 40 21.45 4.99 -34.78
CA ARG Q 40 20.92 4.24 -35.95
C ARG Q 40 19.60 3.44 -35.55
N MET Q 41 18.86 4.19 -34.69
CA MET Q 41 17.65 3.65 -34.14
C MET Q 41 16.70 4.72 -33.78
N ALA Q 42 15.40 4.54 -34.11
CA ALA Q 42 14.32 5.47 -33.83
C ALA Q 42 13.17 4.71 -33.45
N MET Q 43 12.23 5.46 -33.00
CA MET Q 43 10.85 5.10 -32.66
C MET Q 43 9.94 6.21 -33.08
N THR Q 44 8.83 5.74 -33.76
CA THR Q 44 7.68 6.57 -34.23
C THR Q 44 6.44 5.99 -33.65
N THR Q 45 5.42 6.82 -33.26
CA THR Q 45 4.40 6.33 -32.46
C THR Q 45 3.11 6.81 -33.07
N ALA Q 46 2.05 6.03 -33.00
CA ALA Q 46 0.65 6.44 -33.35
C ALA Q 46 -0.16 6.12 -32.08
N GLY Q 47 -0.83 7.07 -31.38
CA GLY Q 47 -1.57 6.69 -30.14
C GLY Q 47 -1.56 7.94 -29.38
N SER Q 48 -1.57 7.77 -28.01
CA SER Q 48 -1.35 8.81 -27.09
C SER Q 48 0.09 9.51 -27.36
N VAL Q 49 0.14 10.79 -27.69
CA VAL Q 49 1.24 11.66 -27.97
C VAL Q 49 2.18 11.93 -26.83
N GLY Q 50 1.67 12.33 -25.62
CA GLY Q 50 2.52 12.70 -24.50
C GLY Q 50 3.03 11.50 -23.78
N ASP Q 51 2.20 10.40 -23.85
CA ASP Q 51 2.74 9.12 -23.35
C ASP Q 51 4.02 8.70 -24.13
N ALA Q 52 3.94 8.89 -25.48
CA ALA Q 52 5.07 8.58 -26.38
C ALA Q 52 6.20 9.45 -26.13
N GLN Q 53 6.02 10.71 -25.74
CA GLN Q 53 7.12 11.61 -25.47
C GLN Q 53 7.87 11.21 -24.26
N PHE Q 54 7.18 10.73 -23.26
CA PHE Q 54 7.76 10.39 -21.96
C PHE Q 54 8.49 9.00 -22.02
N LEU Q 55 7.83 8.05 -22.72
CA LEU Q 55 8.25 6.69 -22.81
C LEU Q 55 9.56 6.60 -23.59
N ALA Q 56 9.75 7.59 -24.60
CA ALA Q 56 10.85 7.82 -25.50
C ALA Q 56 12.17 8.05 -24.80
N ARG Q 57 12.02 8.81 -23.64
CA ARG Q 57 13.04 9.12 -22.72
C ARG Q 57 13.47 7.83 -22.05
N ILE Q 58 12.55 6.97 -21.64
CA ILE Q 58 12.97 5.72 -21.02
C ILE Q 58 13.70 4.83 -21.99
N ILE Q 59 13.20 4.55 -23.23
CA ILE Q 59 13.83 3.59 -24.15
C ILE Q 59 15.15 4.20 -24.76
N LYS Q 60 15.26 5.51 -25.01
CA LYS Q 60 16.57 6.09 -25.40
C LYS Q 60 17.66 5.86 -24.44
N ILE Q 61 17.37 6.05 -23.14
CA ILE Q 61 18.30 5.84 -22.11
C ILE Q 61 18.63 4.33 -21.93
N GLU Q 62 17.64 3.37 -22.08
CA GLU Q 62 17.97 1.97 -22.00
C GLU Q 62 18.70 1.48 -23.20
N ALA Q 63 18.52 2.05 -24.38
CA ALA Q 63 19.31 1.84 -25.54
C ALA Q 63 20.74 2.31 -25.40
N ASN Q 64 20.99 3.44 -24.78
CA ASN Q 64 22.30 3.85 -24.40
C ASN Q 64 22.81 2.91 -23.29
N LEU Q 65 21.96 2.44 -22.33
CA LEU Q 65 22.42 1.54 -21.28
C LEU Q 65 22.84 0.17 -21.82
N TYR Q 66 22.14 -0.40 -22.81
CA TYR Q 66 22.57 -1.58 -23.45
C TYR Q 66 23.85 -1.52 -24.19
N GLU Q 67 24.04 -0.28 -24.84
CA GLU Q 67 25.27 -0.03 -25.58
C GLU Q 67 26.40 0.18 -24.62
N ILE Q 68 26.30 0.92 -23.50
CA ILE Q 68 27.37 1.17 -22.61
C ILE Q 68 27.75 -0.15 -21.87
N ARG Q 69 26.78 -0.98 -21.50
CA ARG Q 69 26.94 -2.12 -20.60
C ARG Q 69 27.58 -3.29 -21.33
N ARG Q 70 27.12 -3.65 -22.54
CA ARG Q 70 27.37 -4.98 -23.09
C ARG Q 70 28.44 -4.95 -24.20
N GLU Q 71 29.08 -3.75 -24.47
CA GLU Q 71 30.03 -3.53 -25.53
C GLU Q 71 29.55 -4.06 -26.86
N ARG Q 72 28.30 -3.90 -27.13
CA ARG Q 72 27.73 -4.42 -28.27
C ARG Q 72 26.47 -3.68 -28.47
N LYS Q 73 26.40 -3.12 -29.71
CA LYS Q 73 25.34 -2.25 -30.10
C LYS Q 73 23.97 -2.91 -29.92
N PRO Q 74 22.87 -2.18 -29.63
CA PRO Q 74 21.51 -2.74 -29.58
C PRO Q 74 21.02 -3.10 -30.93
N THR Q 75 20.46 -4.34 -31.01
CA THR Q 75 19.83 -4.95 -32.22
C THR Q 75 18.44 -4.39 -32.15
N VAL Q 76 17.71 -4.30 -33.34
CA VAL Q 76 16.39 -3.82 -33.54
C VAL Q 76 15.42 -4.62 -32.84
N ARG Q 77 15.65 -5.94 -32.94
CA ARG Q 77 14.91 -6.96 -32.23
C ARG Q 77 14.91 -6.70 -30.70
N ALA Q 78 16.02 -6.32 -30.14
CA ALA Q 78 16.23 -6.08 -28.67
C ALA Q 78 15.36 -5.07 -28.07
N ILE Q 79 15.29 -3.91 -28.80
CA ILE Q 79 14.63 -2.69 -28.33
C ILE Q 79 13.10 -2.84 -28.38
N ALA Q 80 12.51 -3.50 -29.46
CA ALA Q 80 11.12 -3.75 -29.52
C ALA Q 80 10.63 -4.66 -28.37
N THR Q 81 11.40 -5.75 -28.06
CA THR Q 81 11.03 -6.76 -27.12
C THR Q 81 11.00 -6.12 -25.66
N LEU Q 82 11.89 -5.17 -25.33
CA LEU Q 82 11.98 -4.45 -24.09
C LEU Q 82 10.79 -3.58 -23.83
N THR Q 83 10.28 -2.92 -24.92
CA THR Q 83 9.11 -2.10 -25.00
C THR Q 83 7.92 -2.79 -24.56
N SER Q 84 7.84 -4.17 -24.92
CA SER Q 84 6.73 -5.05 -24.70
C SER Q 84 6.41 -5.13 -23.25
N ASN Q 85 7.48 -5.31 -22.43
CA ASN Q 85 7.51 -5.40 -20.99
C ASN Q 85 7.02 -4.11 -20.25
N LEU Q 86 7.47 -2.94 -20.82
CA LEU Q 86 7.20 -1.58 -20.35
C LEU Q 86 5.73 -1.26 -20.48
N LEU Q 87 5.16 -1.55 -21.67
CA LEU Q 87 3.74 -1.43 -22.06
C LEU Q 87 2.91 -2.34 -21.27
N ASN Q 88 3.37 -3.64 -20.93
CA ASN Q 88 2.62 -4.41 -20.02
C ASN Q 88 2.45 -3.78 -18.61
N SER Q 89 3.51 -3.18 -18.08
CA SER Q 89 3.52 -2.66 -16.75
C SER Q 89 2.57 -1.50 -16.69
N TYR Q 90 2.55 -0.53 -17.68
CA TYR Q 90 1.67 0.62 -17.80
C TYR Q 90 0.40 0.24 -18.51
N ARG Q 91 -0.36 -0.82 -18.11
CA ARG Q 91 -1.61 -1.08 -18.77
C ARG Q 91 -2.81 -0.50 -18.01
N TYR Q 92 -2.63 0.38 -16.99
CA TYR Q 92 -3.73 0.92 -16.26
C TYR Q 92 -4.00 2.40 -16.44
N PHE Q 93 -3.05 3.10 -16.99
CA PHE Q 93 -3.09 4.59 -17.10
C PHE Q 93 -3.23 4.80 -18.63
N PRO Q 94 -3.71 5.91 -19.29
CA PRO Q 94 -3.47 6.29 -20.72
C PRO Q 94 -2.04 6.14 -21.08
N TYR Q 95 -1.72 5.15 -22.03
CA TYR Q 95 -0.40 4.71 -22.28
C TYR Q 95 -0.49 3.86 -23.54
N LEU Q 96 -1.77 3.65 -24.04
CA LEU Q 96 -2.02 2.87 -25.28
C LEU Q 96 -1.40 3.52 -26.52
N VAL Q 97 -0.33 2.97 -27.09
CA VAL Q 97 0.40 3.62 -28.17
C VAL Q 97 0.80 2.38 -28.85
N GLN Q 98 0.81 2.46 -30.18
CA GLN Q 98 1.18 1.39 -31.12
C GLN Q 98 2.30 2.10 -31.77
N LEU Q 99 3.49 1.46 -31.64
CA LEU Q 99 4.80 1.91 -31.91
C LEU Q 99 5.44 0.97 -32.92
N LEU Q 100 6.18 1.55 -33.86
CA LEU Q 100 7.06 0.87 -34.78
C LEU Q 100 8.37 1.44 -34.36
N ILE Q 101 9.36 0.51 -34.15
CA ILE Q 101 10.76 0.68 -33.77
C ILE Q 101 11.60 0.02 -34.85
N GLY Q 102 12.43 0.84 -35.52
CA GLY Q 102 13.25 0.43 -36.67
C GLY Q 102 14.63 0.83 -36.49
N GLY Q 103 15.52 0.31 -37.41
CA GLY Q 103 16.81 0.78 -37.65
C GLY Q 103 17.64 -0.29 -38.26
N ILE Q 104 18.99 -0.25 -38.20
CA ILE Q 104 19.90 -1.26 -38.81
C ILE Q 104 20.62 -1.91 -37.67
N ASP Q 105 20.89 -3.20 -37.81
CA ASP Q 105 21.57 -4.02 -36.81
C ASP Q 105 22.32 -5.01 -37.70
N SER Q 106 23.10 -5.92 -37.03
CA SER Q 106 23.89 -6.94 -37.64
C SER Q 106 23.03 -8.05 -38.30
N GLU Q 107 21.70 -8.13 -37.93
CA GLU Q 107 20.76 -9.03 -38.54
C GLU Q 107 20.35 -8.54 -39.90
N GLY Q 108 20.48 -7.20 -40.19
CA GLY Q 108 20.30 -6.60 -41.50
C GLY Q 108 19.44 -5.39 -41.34
N LYS Q 109 18.32 -5.15 -42.10
CA LYS Q 109 17.47 -3.94 -41.91
C LYS Q 109 16.16 -4.40 -41.45
N SER Q 110 15.53 -3.71 -40.43
CA SER Q 110 14.20 -4.17 -39.98
C SER Q 110 13.46 -3.17 -39.23
N ILE Q 111 12.15 -3.36 -39.14
CA ILE Q 111 11.20 -2.56 -38.46
C ILE Q 111 10.27 -3.59 -37.77
N TYR Q 112 10.07 -3.35 -36.44
CA TYR Q 112 9.22 -4.22 -35.64
C TYR Q 112 8.12 -3.38 -35.17
N SER Q 113 6.90 -3.96 -35.25
CA SER Q 113 5.74 -3.35 -34.69
C SER Q 113 5.40 -3.94 -33.38
N ILE Q 114 5.06 -3.18 -32.42
CA ILE Q 114 4.79 -3.49 -31.08
C ILE Q 114 3.41 -2.99 -30.75
N ASP Q 115 2.62 -3.94 -30.33
CA ASP Q 115 1.16 -3.88 -30.02
C ASP Q 115 0.99 -3.24 -28.69
N PRO Q 116 -0.24 -2.71 -28.37
CA PRO Q 116 -0.38 -1.81 -27.22
C PRO Q 116 0.11 -2.40 -25.88
N ILE Q 117 -0.08 -3.75 -25.68
CA ILE Q 117 0.22 -4.47 -24.42
C ILE Q 117 1.59 -5.06 -24.54
N GLY Q 118 2.24 -4.85 -25.67
CA GLY Q 118 3.51 -5.49 -26.01
C GLY Q 118 3.31 -6.50 -27.04
N GLY Q 119 4.34 -6.81 -27.85
CA GLY Q 119 4.24 -7.97 -28.74
C GLY Q 119 4.89 -7.61 -30.02
N ALA Q 120 6.21 -7.96 -30.24
CA ALA Q 120 6.99 -7.58 -31.36
C ALA Q 120 6.72 -8.52 -32.55
N ILE Q 121 6.84 -8.06 -33.83
CA ILE Q 121 6.56 -8.79 -35.01
C ILE Q 121 7.46 -8.17 -36.04
N GLU Q 122 8.28 -9.03 -36.70
CA GLU Q 122 9.20 -8.58 -37.71
C GLU Q 122 8.46 -8.41 -39.01
N GLU Q 123 8.67 -7.32 -39.69
CA GLU Q 123 8.15 -7.03 -40.98
C GLU Q 123 9.33 -6.51 -41.63
N LYS Q 124 9.59 -6.97 -42.87
CA LYS Q 124 10.74 -6.56 -43.64
C LYS Q 124 10.34 -5.92 -44.89
N ASP Q 125 9.07 -5.49 -44.98
CA ASP Q 125 8.46 -4.96 -46.15
C ASP Q 125 7.77 -3.72 -45.77
N ILE Q 126 6.42 -3.63 -45.67
CA ILE Q 126 5.66 -2.45 -45.20
C ILE Q 126 4.87 -2.80 -43.97
N VAL Q 127 4.52 -1.85 -43.15
CA VAL Q 127 3.73 -1.98 -41.97
C VAL Q 127 3.00 -0.74 -41.64
N ALA Q 128 1.84 -0.82 -41.00
CA ALA Q 128 1.09 0.31 -40.72
C ALA Q 128 -0.04 -0.40 -39.96
N THR Q 129 0.14 -0.55 -38.62
CA THR Q 129 -0.65 0.11 -37.53
C THR Q 129 -1.09 1.56 -37.84
N GLY Q 130 -2.18 1.97 -37.14
CA GLY Q 130 -2.94 3.21 -37.26
C GLY Q 130 -4.34 2.77 -37.75
N SER Q 131 -5.26 3.83 -37.68
CA SER Q 131 -6.58 3.82 -38.34
C SER Q 131 -6.32 4.21 -39.77
N GLY Q 132 -5.10 4.78 -40.07
CA GLY Q 132 -4.78 5.22 -41.38
C GLY Q 132 -4.22 4.11 -42.24
N SER Q 133 -4.07 2.88 -41.71
CA SER Q 133 -3.38 1.77 -42.26
C SER Q 133 -3.85 1.21 -43.59
N LEU Q 134 -5.20 1.11 -43.82
CA LEU Q 134 -5.74 0.52 -45.04
C LEU Q 134 -5.47 1.39 -46.17
N THR Q 135 -5.60 2.72 -45.99
CA THR Q 135 -5.40 3.79 -46.93
C THR Q 135 -3.92 3.80 -47.18
N ALA Q 136 -3.05 3.64 -46.16
CA ALA Q 136 -1.56 3.64 -46.25
C ALA Q 136 -1.08 2.53 -47.15
N TYR Q 137 -1.68 1.37 -46.96
CA TYR Q 137 -1.24 0.07 -47.60
C TYR Q 137 -1.47 0.13 -49.13
N GLY Q 138 -2.59 0.69 -49.57
CA GLY Q 138 -2.93 1.11 -50.90
C GLY Q 138 -1.84 1.90 -51.58
N VAL Q 139 -1.49 3.16 -51.04
CA VAL Q 139 -0.57 4.09 -51.61
C VAL Q 139 0.76 3.40 -51.61
N LEU Q 140 1.05 2.61 -50.52
CA LEU Q 140 2.39 1.99 -50.40
C LEU Q 140 2.65 1.05 -51.45
N GLU Q 141 1.74 0.08 -51.87
CA GLU Q 141 2.17 -0.93 -52.84
C GLU Q 141 2.43 -0.38 -54.23
N ASP Q 142 1.83 0.81 -54.64
CA ASP Q 142 1.80 1.21 -56.04
C ASP Q 142 3.14 1.48 -56.63
N ARG Q 143 4.14 1.96 -55.85
CA ARG Q 143 5.46 2.20 -56.38
C ARG Q 143 6.40 1.58 -55.38
N PHE Q 144 5.93 0.95 -54.23
CA PHE Q 144 6.81 0.16 -53.39
C PHE Q 144 7.22 -1.10 -54.09
N THR Q 145 8.55 -1.35 -54.00
CA THR Q 145 9.08 -2.55 -54.71
C THR Q 145 10.04 -3.09 -53.68
N PRO Q 146 10.46 -4.42 -53.80
CA PRO Q 146 11.37 -5.06 -52.89
C PRO Q 146 12.64 -4.32 -52.74
N GLU Q 147 13.17 -3.77 -53.89
CA GLU Q 147 14.36 -2.90 -53.90
C GLU Q 147 13.85 -1.45 -54.09
N ILE Q 148 14.23 -0.49 -53.18
CA ILE Q 148 13.82 0.90 -53.39
C ILE Q 148 14.98 1.68 -52.75
N GLY Q 149 15.35 2.95 -53.28
CA GLY Q 149 16.30 3.87 -52.73
C GLY Q 149 15.86 4.30 -51.38
N VAL Q 150 16.65 5.13 -50.69
CA VAL Q 150 16.39 5.70 -49.37
C VAL Q 150 16.12 7.22 -49.48
N ASP Q 151 16.14 7.67 -50.74
CA ASP Q 151 15.75 8.99 -51.09
C ASP Q 151 14.60 8.88 -52.11
N GLU Q 152 14.14 7.62 -52.49
CA GLU Q 152 12.90 7.40 -53.25
C GLU Q 152 11.80 7.04 -52.32
N ALA Q 153 12.20 6.90 -51.06
CA ALA Q 153 11.37 6.36 -49.99
C ALA Q 153 10.62 7.34 -49.21
N VAL Q 154 11.26 8.56 -49.11
CA VAL Q 154 10.85 9.68 -48.31
C VAL Q 154 9.72 10.28 -49.08
N GLU Q 155 9.69 10.15 -50.44
CA GLU Q 155 8.57 10.65 -51.21
C GLU Q 155 7.28 9.88 -50.99
N LEU Q 156 7.33 8.53 -51.00
CA LEU Q 156 6.25 7.56 -50.87
C LEU Q 156 5.63 7.66 -49.52
N ALA Q 157 6.52 7.77 -48.48
CA ALA Q 157 6.14 7.79 -47.11
C ALA Q 157 5.30 9.08 -46.83
N VAL Q 158 5.75 10.20 -47.40
CA VAL Q 158 5.13 11.50 -47.22
C VAL Q 158 3.74 11.55 -47.87
N ARG Q 159 3.64 10.81 -49.02
CA ARG Q 159 2.44 10.76 -49.78
C ARG Q 159 1.31 10.16 -49.08
N ALA Q 160 1.59 9.06 -48.45
CA ALA Q 160 0.68 8.09 -47.92
C ALA Q 160 -0.14 8.67 -46.78
N ILE Q 161 0.61 9.41 -45.97
CA ILE Q 161 0.09 10.00 -44.75
C ILE Q 161 -0.78 11.21 -45.04
N TYR Q 162 -0.52 11.87 -46.19
CA TYR Q 162 -1.25 13.03 -46.70
C TYR Q 162 -2.60 12.64 -47.25
N SER Q 163 -2.68 11.38 -47.86
CA SER Q 163 -3.91 10.75 -48.19
C SER Q 163 -4.62 10.30 -46.96
N ALA Q 164 -3.91 9.98 -45.89
CA ALA Q 164 -4.54 9.61 -44.61
C ALA Q 164 -5.02 10.91 -43.82
N MET Q 165 -4.65 12.13 -44.28
CA MET Q 165 -5.03 13.33 -43.54
C MET Q 165 -6.53 13.45 -43.64
N LYS Q 166 -7.00 13.22 -44.88
CA LYS Q 166 -8.42 13.15 -45.24
C LYS Q 166 -9.27 12.07 -44.59
N ARG Q 167 -8.65 11.00 -44.04
CA ARG Q 167 -9.32 9.76 -43.51
C ARG Q 167 -9.35 9.83 -42.03
N ASP Q 168 -8.66 10.82 -41.49
CA ASP Q 168 -8.42 11.12 -40.11
C ASP Q 168 -9.02 12.46 -39.87
N SER Q 169 -9.24 12.72 -38.53
CA SER Q 169 -10.08 13.88 -38.15
C SER Q 169 -9.40 15.10 -38.50
N ALA Q 170 -8.03 15.11 -38.30
CA ALA Q 170 -7.31 16.34 -38.61
C ALA Q 170 -5.89 15.86 -38.75
N SER Q 171 -4.98 16.80 -39.17
CA SER Q 171 -3.60 16.63 -39.52
C SER Q 171 -3.47 17.71 -40.60
N GLY Q 172 -2.25 18.24 -40.84
CA GLY Q 172 -1.90 19.34 -41.62
C GLY Q 172 -0.98 18.91 -42.66
N ASP Q 173 0.04 19.78 -42.87
CA ASP Q 173 1.05 19.69 -43.93
C ASP Q 173 2.39 19.99 -43.35
N GLY Q 174 3.46 19.15 -43.75
CA GLY Q 174 4.63 19.08 -42.95
C GLY Q 174 4.37 18.12 -41.90
N ILE Q 175 5.14 17.02 -41.99
CA ILE Q 175 5.19 15.91 -41.16
C ILE Q 175 6.68 15.55 -41.02
N ASP Q 176 6.96 14.61 -40.08
CA ASP Q 176 8.29 14.05 -39.69
C ASP Q 176 8.41 12.86 -40.63
N VAL Q 177 9.59 12.75 -41.21
CA VAL Q 177 10.06 11.53 -41.81
C VAL Q 177 11.55 11.48 -41.37
N VAL Q 178 12.11 10.24 -41.34
CA VAL Q 178 13.44 9.99 -40.86
C VAL Q 178 13.94 8.90 -41.81
N LYS Q 179 15.20 9.06 -42.22
CA LYS Q 179 15.95 8.09 -42.99
C LYS Q 179 17.19 7.66 -42.22
N ILE Q 180 17.54 6.35 -42.30
CA ILE Q 180 18.46 5.75 -41.39
C ILE Q 180 19.06 4.77 -42.38
N THR Q 181 20.25 5.11 -42.87
CA THR Q 181 20.83 4.44 -44.03
C THR Q 181 22.23 3.80 -43.76
N GLU Q 182 22.68 3.78 -42.48
CA GLU Q 182 23.90 3.28 -42.00
C GLU Q 182 25.05 4.25 -42.38
N ASP Q 183 24.65 5.50 -42.70
CA ASP Q 183 25.61 6.49 -43.09
C ASP Q 183 25.05 7.83 -42.65
N GLU Q 184 23.72 7.88 -42.30
CA GLU Q 184 23.15 9.13 -41.89
C GLU Q 184 21.99 8.88 -40.90
N PHE Q 185 21.59 9.80 -40.03
CA PHE Q 185 20.37 9.74 -39.30
C PHE Q 185 19.89 11.16 -39.59
N TYR Q 186 19.10 11.35 -40.72
CA TYR Q 186 18.73 12.64 -41.13
C TYR Q 186 17.25 12.70 -40.97
N GLN Q 187 16.76 13.77 -40.26
CA GLN Q 187 15.43 13.95 -39.93
C GLN Q 187 15.02 15.21 -40.66
N TYR Q 188 14.14 15.08 -41.67
CA TYR Q 188 13.80 16.20 -42.51
C TYR Q 188 13.04 17.47 -42.03
N SER Q 189 11.94 17.24 -41.29
CA SER Q 189 11.09 18.17 -40.49
C SER Q 189 10.30 18.99 -41.45
N PRO Q 190 9.21 19.61 -40.98
CA PRO Q 190 8.16 20.23 -41.81
C PRO Q 190 8.64 21.03 -42.95
N GLU Q 191 9.62 21.92 -42.79
CA GLU Q 191 10.20 22.80 -43.82
C GLU Q 191 10.64 22.07 -45.06
N GLU Q 192 11.47 21.00 -44.93
CA GLU Q 192 11.88 20.12 -46.01
C GLU Q 192 10.72 19.25 -46.60
N VAL Q 193 9.84 18.69 -45.68
CA VAL Q 193 8.76 17.81 -46.11
C VAL Q 193 7.67 18.52 -46.96
N GLU Q 194 7.30 19.75 -46.63
CA GLU Q 194 6.44 20.59 -47.31
C GLU Q 194 6.68 20.76 -48.76
N GLN Q 195 7.94 20.59 -49.17
CA GLN Q 195 8.32 20.84 -50.54
C GLN Q 195 8.12 19.63 -51.38
N ILE Q 196 8.09 18.47 -50.74
CA ILE Q 196 7.91 17.13 -51.35
C ILE Q 196 6.46 16.85 -51.53
N LEU Q 197 5.61 17.58 -50.73
CA LEU Q 197 4.13 17.43 -50.92
C LEU Q 197 3.63 18.55 -51.78
N ALA Q 198 4.54 19.46 -52.31
CA ALA Q 198 4.26 20.49 -53.19
C ALA Q 198 4.38 20.01 -54.64
N LYS Q 199 4.58 18.74 -54.88
CA LYS Q 199 4.57 18.10 -56.19
C LYS Q 199 3.30 17.24 -56.17
N PHE Q 200 2.79 16.87 -54.97
CA PHE Q 200 1.71 16.04 -54.92
C PHE Q 200 0.38 16.84 -54.97
N ARG Q 201 0.35 18.07 -55.39
CA ARG Q 201 -0.82 18.93 -55.54
C ARG Q 201 -1.60 19.09 -54.22
N LYS Q 202 -2.92 19.29 -54.34
CA LYS Q 202 -3.82 19.50 -53.21
C LYS Q 202 -4.35 18.13 -52.74
N THR R 1 -51.14 -15.92 -12.13
CA THR R 1 -52.25 -16.81 -12.43
C THR R 1 -51.93 -17.77 -13.50
N THR R 2 -52.51 -19.02 -13.56
CA THR R 2 -52.17 -20.01 -14.55
C THR R 2 -53.42 -20.79 -14.95
N THR R 3 -53.46 -21.23 -16.22
CA THR R 3 -54.56 -21.83 -16.80
C THR R 3 -53.97 -22.98 -17.52
N VAL R 4 -54.90 -23.90 -17.83
CA VAL R 4 -54.65 -25.20 -18.53
C VAL R 4 -55.85 -25.40 -19.38
N GLY R 5 -55.64 -26.19 -20.49
CA GLY R 5 -56.77 -26.36 -21.39
C GLY R 5 -56.43 -27.61 -22.12
N LEU R 6 -57.44 -28.51 -22.22
CA LEU R 6 -57.12 -29.71 -22.88
C LEU R 6 -58.41 -30.22 -23.65
N VAL R 7 -58.14 -30.97 -24.75
CA VAL R 7 -59.22 -31.38 -25.71
C VAL R 7 -59.62 -32.70 -25.23
N CYS R 8 -60.94 -32.93 -24.99
CA CYS R 8 -61.40 -34.13 -24.45
C CYS R 8 -62.12 -34.71 -25.57
N LYS R 9 -62.90 -35.79 -25.30
CA LYS R 9 -63.70 -36.40 -26.31
C LYS R 9 -65.16 -36.18 -25.91
N ASP R 10 -65.40 -35.82 -24.63
CA ASP R 10 -66.68 -35.50 -23.99
C ASP R 10 -66.96 -34.04 -24.01
N GLY R 11 -65.95 -33.26 -24.35
CA GLY R 11 -66.05 -31.91 -24.27
C GLY R 11 -64.72 -31.37 -24.17
N VAL R 12 -64.55 -30.46 -23.21
CA VAL R 12 -63.38 -29.63 -22.96
C VAL R 12 -63.42 -29.51 -21.54
N VAL R 13 -62.24 -29.58 -20.81
CA VAL R 13 -61.96 -29.18 -19.45
C VAL R 13 -60.91 -28.09 -19.47
N MET R 14 -61.04 -27.05 -18.58
CA MET R 14 -60.18 -25.88 -18.39
C MET R 14 -60.21 -25.55 -16.91
N ALA R 15 -59.09 -24.89 -16.39
CA ALA R 15 -58.97 -24.70 -14.97
C ALA R 15 -58.26 -23.38 -14.95
N THR R 16 -58.41 -22.73 -13.76
CA THR R 16 -57.73 -21.45 -13.40
C THR R 16 -57.61 -21.58 -11.96
N GLU R 17 -56.59 -20.80 -11.37
CA GLU R 17 -56.54 -20.63 -9.94
C GLU R 17 -57.44 -19.49 -9.65
N LYS R 18 -58.13 -19.65 -8.54
CA LYS R 18 -59.26 -18.79 -8.20
C LYS R 18 -58.71 -17.59 -7.49
N ARG R 19 -57.53 -17.64 -6.84
CA ARG R 19 -56.89 -16.55 -6.18
C ARG R 19 -56.37 -15.59 -7.27
N ALA R 20 -56.51 -14.30 -6.90
CA ALA R 20 -56.25 -13.08 -7.58
C ALA R 20 -55.33 -12.29 -6.77
N THR R 21 -54.44 -11.56 -7.41
CA THR R 21 -53.46 -10.78 -6.71
C THR R 21 -53.41 -9.44 -7.42
N MET R 22 -53.02 -8.37 -6.74
CA MET R 22 -52.77 -7.13 -7.35
C MET R 22 -51.70 -6.44 -6.50
N GLY R 23 -50.64 -5.76 -7.07
CA GLY R 23 -49.79 -5.03 -6.26
C GLY R 23 -48.71 -5.97 -5.88
N ASN R 24 -48.32 -5.77 -4.59
CA ASN R 24 -47.41 -6.62 -3.88
C ASN R 24 -48.14 -7.17 -2.73
N PHE R 25 -49.50 -7.28 -2.88
CA PHE R 25 -50.37 -7.70 -1.81
C PHE R 25 -51.38 -8.58 -2.50
N ILE R 26 -52.22 -9.24 -1.64
CA ILE R 26 -53.12 -10.31 -2.22
C ILE R 26 -54.46 -9.64 -2.29
N ALA R 27 -55.02 -9.41 -3.53
CA ALA R 27 -56.17 -8.54 -3.72
C ALA R 27 -57.34 -9.22 -3.19
N SER R 28 -57.47 -10.56 -3.50
CA SER R 28 -58.66 -11.29 -3.12
C SER R 28 -58.17 -12.71 -3.02
N LYS R 29 -58.77 -13.55 -2.08
CA LYS R 29 -58.32 -14.92 -1.87
C LYS R 29 -59.16 -15.95 -2.59
N ALA R 30 -60.05 -15.40 -3.41
CA ALA R 30 -61.00 -16.10 -4.18
C ALA R 30 -61.89 -15.02 -4.73
N ALA R 31 -61.75 -14.89 -6.11
CA ALA R 31 -62.48 -13.97 -6.90
C ALA R 31 -62.57 -14.69 -8.18
N LYS R 32 -63.54 -14.23 -8.98
CA LYS R 32 -63.86 -14.87 -10.21
C LYS R 32 -62.80 -14.61 -11.22
N LYS R 33 -62.44 -15.56 -12.09
CA LYS R 33 -61.46 -15.48 -13.08
C LYS R 33 -61.89 -16.42 -14.11
N ILE R 34 -63.09 -17.05 -13.91
CA ILE R 34 -63.77 -18.05 -14.70
C ILE R 34 -65.03 -17.31 -15.15
N TYR R 35 -65.21 -17.29 -16.54
CA TYR R 35 -66.37 -16.62 -17.11
C TYR R 35 -67.20 -17.55 -17.98
N GLN R 36 -68.56 -17.43 -17.82
CA GLN R 36 -69.44 -18.10 -18.70
C GLN R 36 -69.63 -17.29 -19.91
N ILE R 37 -69.21 -17.77 -21.06
CA ILE R 37 -69.41 -17.07 -22.28
C ILE R 37 -70.70 -17.62 -22.82
N ALA R 38 -71.00 -18.93 -22.55
CA ALA R 38 -72.13 -19.64 -23.10
C ALA R 38 -72.19 -20.81 -22.23
N ASP R 39 -73.30 -21.53 -22.40
CA ASP R 39 -73.67 -22.68 -21.56
C ASP R 39 -72.70 -23.84 -21.81
N ARG R 40 -71.88 -23.65 -22.84
CA ARG R 40 -71.09 -24.70 -23.36
C ARG R 40 -69.79 -24.09 -23.72
N MET R 41 -69.39 -22.81 -23.46
CA MET R 41 -68.03 -22.35 -23.64
C MET R 41 -67.72 -21.41 -22.56
N ALA R 42 -66.40 -21.36 -22.24
CA ALA R 42 -65.86 -20.62 -21.19
C ALA R 42 -64.62 -19.88 -21.68
N MET R 43 -64.09 -18.91 -20.89
CA MET R 43 -62.93 -18.08 -21.07
C MET R 43 -62.31 -18.27 -19.73
N THR R 44 -61.09 -18.80 -19.74
CA THR R 44 -60.21 -18.93 -18.57
C THR R 44 -58.98 -18.11 -18.98
N THR R 45 -58.69 -17.07 -18.16
CA THR R 45 -57.70 -16.13 -18.34
C THR R 45 -56.65 -16.35 -17.32
N ALA R 46 -55.36 -16.18 -17.67
CA ALA R 46 -54.18 -16.10 -16.80
C ALA R 46 -53.58 -14.80 -17.16
N GLY R 47 -53.17 -14.02 -16.15
CA GLY R 47 -52.57 -12.72 -16.26
C GLY R 47 -53.29 -11.78 -15.30
N SER R 48 -53.33 -10.49 -15.77
CA SER R 48 -53.85 -9.39 -14.98
C SER R 48 -55.30 -9.53 -14.79
N VAL R 49 -55.80 -9.15 -13.60
CA VAL R 49 -57.16 -9.24 -13.17
C VAL R 49 -57.98 -8.21 -13.87
N GLY R 50 -57.59 -6.95 -13.81
CA GLY R 50 -58.35 -5.84 -14.26
C GLY R 50 -58.79 -6.03 -15.75
N ASP R 51 -57.73 -6.29 -16.58
CA ASP R 51 -57.84 -6.42 -18.01
C ASP R 51 -58.72 -7.55 -18.42
N ALA R 52 -58.69 -8.69 -17.61
CA ALA R 52 -59.36 -9.89 -17.93
C ALA R 52 -60.83 -9.71 -18.07
N GLN R 53 -61.42 -8.92 -17.14
CA GLN R 53 -62.80 -8.61 -16.90
C GLN R 53 -63.31 -7.73 -18.01
N PHE R 54 -62.47 -6.77 -18.50
CA PHE R 54 -62.82 -5.86 -19.60
C PHE R 54 -63.09 -6.56 -20.85
N LEU R 55 -62.22 -7.47 -21.28
CA LEU R 55 -62.37 -8.30 -22.46
C LEU R 55 -63.49 -9.28 -22.39
N ALA R 56 -63.68 -9.78 -21.15
CA ALA R 56 -64.57 -10.92 -20.91
C ALA R 56 -66.05 -10.45 -21.08
N ARG R 57 -66.31 -9.20 -20.69
CA ARG R 57 -67.60 -8.53 -20.92
C ARG R 57 -67.92 -8.28 -22.39
N ILE R 58 -66.94 -7.88 -23.17
CA ILE R 58 -67.14 -7.66 -24.55
C ILE R 58 -67.37 -8.97 -25.30
N ILE R 59 -66.58 -9.96 -25.06
CA ILE R 59 -66.66 -11.32 -25.72
C ILE R 59 -67.88 -12.04 -25.34
N LYS R 60 -68.26 -11.98 -24.01
CA LYS R 60 -69.52 -12.50 -23.52
C LYS R 60 -70.67 -11.88 -24.27
N ILE R 61 -70.75 -10.60 -24.48
CA ILE R 61 -71.85 -9.96 -25.19
C ILE R 61 -72.03 -10.29 -26.62
N GLU R 62 -70.89 -10.37 -27.27
CA GLU R 62 -70.74 -10.56 -28.67
C GLU R 62 -71.06 -11.97 -29.08
N ALA R 63 -70.80 -12.98 -28.14
CA ALA R 63 -71.21 -14.34 -28.23
C ALA R 63 -72.73 -14.41 -28.25
N ASN R 64 -73.50 -13.57 -27.42
CA ASN R 64 -74.96 -13.53 -27.35
C ASN R 64 -75.41 -13.03 -28.71
N LEU R 65 -74.69 -11.99 -29.18
CA LEU R 65 -75.08 -11.30 -30.41
C LEU R 65 -75.03 -12.23 -31.65
N TYR R 66 -74.05 -13.14 -31.67
CA TYR R 66 -73.74 -14.05 -32.78
C TYR R 66 -75.00 -14.96 -32.82
N GLU R 67 -75.50 -15.48 -31.69
CA GLU R 67 -76.60 -16.37 -31.61
C GLU R 67 -77.87 -15.84 -32.11
N ILE R 68 -78.12 -14.57 -31.80
CA ILE R 68 -79.19 -13.76 -32.22
C ILE R 68 -79.17 -13.43 -33.68
N ARG R 69 -78.00 -13.04 -34.26
CA ARG R 69 -77.90 -12.68 -35.57
C ARG R 69 -78.01 -13.84 -36.54
N ARG R 70 -77.45 -15.05 -36.15
CA ARG R 70 -77.10 -15.97 -37.23
C ARG R 70 -77.93 -17.26 -37.02
N GLU R 71 -78.75 -17.28 -35.96
CA GLU R 71 -79.62 -18.42 -35.57
C GLU R 71 -78.88 -19.70 -35.31
N ARG R 72 -77.66 -19.57 -34.73
CA ARG R 72 -76.79 -20.69 -34.55
C ARG R 72 -76.04 -20.43 -33.31
N LYS R 73 -76.02 -21.46 -32.32
CA LYS R 73 -75.21 -21.46 -31.16
C LYS R 73 -73.78 -21.31 -31.54
N PRO R 74 -72.98 -20.32 -30.98
CA PRO R 74 -71.78 -19.83 -31.52
C PRO R 74 -70.67 -20.83 -31.52
N THR R 75 -69.56 -20.52 -32.27
CA THR R 75 -68.55 -21.50 -32.46
C THR R 75 -67.29 -20.86 -31.96
N VAL R 76 -66.34 -21.75 -31.57
CA VAL R 76 -65.04 -21.42 -30.95
C VAL R 76 -64.19 -20.65 -31.90
N ARG R 77 -64.35 -21.10 -33.18
CA ARG R 77 -63.54 -20.54 -34.24
C ARG R 77 -63.73 -19.13 -34.48
N ALA R 78 -65.04 -18.67 -34.50
CA ALA R 78 -65.59 -17.33 -34.68
C ALA R 78 -65.19 -16.46 -33.46
N ILE R 79 -65.31 -17.01 -32.18
CA ILE R 79 -65.08 -16.20 -30.97
C ILE R 79 -63.60 -15.83 -30.84
N ALA R 80 -62.73 -16.83 -31.05
CA ALA R 80 -61.25 -16.76 -30.96
C ALA R 80 -60.68 -15.76 -31.95
N THR R 81 -61.15 -15.78 -33.27
CA THR R 81 -60.69 -14.83 -34.26
C THR R 81 -61.11 -13.42 -33.99
N LEU R 82 -62.33 -13.22 -33.49
CA LEU R 82 -62.85 -12.02 -33.08
C LEU R 82 -61.99 -11.39 -31.96
N THR R 83 -61.54 -12.21 -30.95
CA THR R 83 -60.92 -11.77 -29.69
C THR R 83 -59.66 -11.14 -30.12
N SER R 84 -58.96 -11.69 -31.09
CA SER R 84 -57.71 -11.37 -31.69
C SER R 84 -57.70 -10.01 -32.30
N ASN R 85 -58.78 -9.67 -33.04
CA ASN R 85 -58.97 -8.38 -33.72
C ASN R 85 -59.01 -7.27 -32.77
N LEU R 86 -59.77 -7.52 -31.63
CA LEU R 86 -59.90 -6.57 -30.51
C LEU R 86 -58.56 -6.27 -29.88
N LEU R 87 -57.69 -7.31 -29.72
CA LEU R 87 -56.32 -7.19 -29.25
C LEU R 87 -55.48 -6.44 -30.20
N ASN R 88 -55.62 -6.64 -31.55
CA ASN R 88 -54.88 -5.76 -32.47
C ASN R 88 -55.28 -4.37 -32.48
N SER R 89 -56.57 -4.11 -32.31
CA SER R 89 -57.16 -2.69 -32.28
C SER R 89 -56.60 -1.93 -31.15
N TYR R 90 -56.50 -2.69 -30.04
CA TYR R 90 -56.27 -2.14 -28.69
C TYR R 90 -54.87 -2.37 -28.13
N ARG R 91 -53.90 -2.62 -29.06
CA ARG R 91 -52.51 -2.77 -28.64
C ARG R 91 -51.86 -1.44 -28.87
N TYR R 92 -52.69 -0.45 -29.18
CA TYR R 92 -52.22 0.91 -29.18
C TYR R 92 -52.69 1.54 -27.91
N PHE R 93 -53.24 0.71 -26.95
CA PHE R 93 -53.53 1.17 -25.58
C PHE R 93 -53.46 -0.05 -24.76
N PRO R 94 -52.25 -0.73 -24.50
CA PRO R 94 -51.99 -2.16 -24.10
C PRO R 94 -52.90 -2.76 -23.13
N TYR R 95 -53.19 -4.04 -23.30
CA TYR R 95 -53.86 -4.95 -22.35
C TYR R 95 -53.14 -6.29 -22.54
N LEU R 96 -52.73 -6.83 -21.40
CA LEU R 96 -51.82 -7.90 -21.30
C LEU R 96 -52.65 -8.84 -20.51
N VAL R 97 -53.13 -9.95 -21.15
CA VAL R 97 -53.73 -11.06 -20.46
C VAL R 97 -53.69 -12.24 -21.42
N GLN R 98 -53.57 -13.55 -21.05
CA GLN R 98 -53.44 -14.66 -21.99
C GLN R 98 -54.73 -15.34 -22.05
N LEU R 99 -55.46 -15.36 -23.19
CA LEU R 99 -56.86 -15.79 -23.17
C LEU R 99 -56.98 -17.17 -23.77
N LEU R 100 -57.62 -18.07 -23.02
CA LEU R 100 -57.91 -19.47 -23.55
C LEU R 100 -59.41 -19.49 -23.53
N ILE R 101 -60.02 -19.68 -24.67
CA ILE R 101 -61.42 -19.82 -24.83
C ILE R 101 -61.53 -21.14 -25.47
N GLY R 102 -62.46 -22.00 -25.01
CA GLY R 102 -62.68 -23.28 -25.63
C GLY R 102 -64.11 -23.56 -25.31
N GLY R 103 -64.56 -24.72 -25.92
CA GLY R 103 -65.59 -25.55 -25.45
C GLY R 103 -66.24 -26.25 -26.59
N ILE R 104 -67.56 -26.51 -26.50
CA ILE R 104 -68.26 -27.24 -27.50
C ILE R 104 -68.99 -26.35 -28.41
N ASP R 105 -68.99 -26.66 -29.72
CA ASP R 105 -69.65 -25.87 -30.75
C ASP R 105 -70.49 -26.86 -31.61
N SER R 106 -71.16 -26.37 -32.62
CA SER R 106 -72.07 -27.21 -33.36
C SER R 106 -71.46 -27.75 -34.62
N GLU R 107 -70.16 -27.60 -34.84
CA GLU R 107 -69.37 -28.21 -35.86
C GLU R 107 -68.25 -29.01 -35.23
N GLY R 108 -67.99 -28.82 -33.90
CA GLY R 108 -67.01 -29.68 -33.29
C GLY R 108 -66.81 -29.41 -31.88
N LYS R 109 -65.56 -29.71 -31.40
CA LYS R 109 -65.12 -29.46 -29.98
C LYS R 109 -63.73 -28.94 -30.12
N SER R 110 -63.43 -27.91 -29.34
CA SER R 110 -62.30 -27.07 -29.66
C SER R 110 -61.75 -26.34 -28.42
N ILE R 111 -60.45 -26.03 -28.36
CA ILE R 111 -59.82 -25.09 -27.43
C ILE R 111 -58.91 -24.28 -28.31
N TYR R 112 -58.99 -22.93 -28.26
CA TYR R 112 -58.18 -21.99 -28.94
C TYR R 112 -57.55 -21.13 -27.87
N SER R 113 -56.19 -20.81 -28.02
CA SER R 113 -55.34 -20.17 -27.12
C SER R 113 -55.08 -18.91 -27.98
N ILE R 114 -55.16 -17.76 -27.35
CA ILE R 114 -55.10 -16.50 -28.04
C ILE R 114 -54.00 -15.74 -27.42
N ASP R 115 -52.98 -15.30 -28.28
CA ASP R 115 -51.84 -14.44 -27.94
C ASP R 115 -52.18 -13.07 -27.48
N PRO R 116 -51.44 -12.45 -26.60
CA PRO R 116 -51.59 -11.03 -26.16
C PRO R 116 -51.44 -9.97 -27.24
N ILE R 117 -50.75 -10.29 -28.35
CA ILE R 117 -50.50 -9.25 -29.35
C ILE R 117 -51.36 -9.54 -30.50
N GLY R 118 -52.31 -10.52 -30.35
CA GLY R 118 -53.24 -10.81 -31.38
C GLY R 118 -52.67 -12.00 -32.21
N GLY R 119 -53.57 -12.62 -32.99
CA GLY R 119 -53.45 -13.87 -33.74
C GLY R 119 -53.95 -14.99 -32.84
N ALA R 120 -54.67 -15.92 -33.48
CA ALA R 120 -55.48 -16.99 -32.89
C ALA R 120 -54.94 -18.28 -33.34
N ILE R 121 -54.71 -19.20 -32.39
CA ILE R 121 -54.14 -20.58 -32.53
C ILE R 121 -55.26 -21.54 -32.09
N GLU R 122 -55.60 -22.58 -32.89
CA GLU R 122 -56.38 -23.73 -32.37
C GLU R 122 -55.27 -24.66 -31.98
N GLU R 123 -54.97 -24.71 -30.63
CA GLU R 123 -54.01 -25.68 -30.17
C GLU R 123 -54.89 -27.04 -30.09
N LYS R 124 -54.41 -28.14 -30.76
CA LYS R 124 -55.13 -29.41 -30.95
C LYS R 124 -54.96 -30.43 -29.83
N ASP R 125 -54.16 -30.03 -28.82
CA ASP R 125 -53.76 -30.90 -27.81
C ASP R 125 -54.05 -30.07 -26.55
N ILE R 126 -53.09 -30.22 -25.65
CA ILE R 126 -53.01 -29.48 -24.40
C ILE R 126 -52.23 -28.22 -24.58
N VAL R 127 -52.63 -27.24 -23.74
CA VAL R 127 -52.00 -25.89 -23.66
C VAL R 127 -51.91 -25.54 -22.14
N ALA R 128 -50.88 -24.69 -21.78
CA ALA R 128 -50.78 -24.28 -20.37
C ALA R 128 -49.93 -23.05 -20.44
N THR R 129 -50.05 -22.13 -19.38
CA THR R 129 -50.14 -20.73 -19.75
C THR R 129 -50.31 -19.97 -18.43
N GLY R 130 -49.24 -19.16 -18.05
CA GLY R 130 -49.24 -18.39 -16.84
C GLY R 130 -47.87 -18.32 -16.35
N SER R 131 -47.83 -18.44 -14.98
CA SER R 131 -46.54 -18.44 -14.35
C SER R 131 -46.43 -19.68 -13.47
N GLY R 132 -47.48 -20.57 -13.41
CA GLY R 132 -47.52 -21.93 -12.91
C GLY R 132 -47.40 -22.82 -14.05
N SER R 133 -47.32 -22.27 -15.31
CA SER R 133 -47.18 -23.00 -16.59
C SER R 133 -45.96 -23.90 -16.60
N LEU R 134 -44.82 -23.47 -16.04
CA LEU R 134 -43.54 -24.08 -16.18
C LEU R 134 -43.70 -25.47 -15.54
N THR R 135 -44.37 -25.55 -14.38
CA THR R 135 -44.73 -26.81 -13.70
C THR R 135 -45.76 -27.63 -14.37
N ALA R 136 -46.89 -26.97 -14.83
CA ALA R 136 -48.01 -27.60 -15.51
C ALA R 136 -47.59 -28.44 -16.65
N TYR R 137 -46.52 -27.98 -17.39
CA TYR R 137 -46.09 -28.77 -18.51
C TYR R 137 -45.72 -30.17 -18.25
N GLY R 138 -45.04 -30.49 -17.15
CA GLY R 138 -44.45 -31.83 -17.08
C GLY R 138 -45.36 -32.89 -16.62
N VAL R 139 -46.34 -32.50 -15.79
CA VAL R 139 -47.39 -33.38 -15.33
C VAL R 139 -48.47 -33.50 -16.43
N LEU R 140 -48.89 -32.46 -17.11
CA LEU R 140 -49.94 -32.34 -18.06
C LEU R 140 -49.67 -33.16 -19.29
N GLU R 141 -48.45 -33.04 -19.81
CA GLU R 141 -48.15 -33.55 -21.12
C GLU R 141 -47.81 -34.98 -21.18
N ASP R 142 -47.29 -35.51 -20.04
CA ASP R 142 -47.06 -36.95 -19.79
C ASP R 142 -48.35 -37.77 -19.51
N ARG R 143 -49.30 -37.06 -18.87
CA ARG R 143 -50.51 -37.71 -18.50
C ARG R 143 -51.66 -37.42 -19.44
N PHE R 144 -51.49 -36.60 -20.51
CA PHE R 144 -52.38 -36.51 -21.63
C PHE R 144 -52.33 -37.82 -22.41
N THR R 145 -53.50 -38.18 -22.98
CA THR R 145 -53.70 -39.15 -23.99
C THR R 145 -54.76 -38.38 -24.76
N PRO R 146 -54.91 -38.73 -26.06
CA PRO R 146 -55.91 -38.06 -26.87
C PRO R 146 -57.29 -38.35 -26.45
N GLU R 147 -57.51 -39.63 -26.06
CA GLU R 147 -58.78 -40.20 -25.85
C GLU R 147 -59.29 -39.90 -24.44
N ILE R 148 -58.63 -38.88 -23.79
CA ILE R 148 -58.92 -38.44 -22.48
C ILE R 148 -60.31 -37.89 -22.36
N GLY R 149 -61.12 -38.34 -21.35
CA GLY R 149 -62.51 -37.93 -21.17
C GLY R 149 -62.54 -36.72 -20.31
N VAL R 150 -63.71 -36.05 -20.16
CA VAL R 150 -63.85 -34.87 -19.28
C VAL R 150 -63.75 -35.40 -17.91
N ASP R 151 -64.27 -36.64 -17.72
CA ASP R 151 -64.33 -37.32 -16.41
C ASP R 151 -62.97 -37.51 -15.79
N GLU R 152 -61.92 -37.87 -16.62
CA GLU R 152 -60.55 -38.03 -16.29
C GLU R 152 -59.73 -36.79 -16.34
N ALA R 153 -60.15 -35.80 -17.08
CA ALA R 153 -59.55 -34.54 -17.41
C ALA R 153 -59.67 -33.59 -16.29
N VAL R 154 -60.70 -33.74 -15.44
CA VAL R 154 -60.89 -32.87 -14.27
C VAL R 154 -59.76 -33.15 -13.22
N GLU R 155 -59.36 -34.42 -13.06
CA GLU R 155 -58.41 -34.98 -12.16
C GLU R 155 -57.12 -34.55 -12.66
N LEU R 156 -56.92 -34.58 -14.00
CA LEU R 156 -55.73 -34.05 -14.62
C LEU R 156 -55.54 -32.51 -14.45
N ALA R 157 -56.59 -31.72 -14.49
CA ALA R 157 -56.57 -30.29 -14.27
C ALA R 157 -56.10 -29.93 -12.90
N VAL R 158 -56.71 -30.64 -11.87
CA VAL R 158 -56.41 -30.41 -10.50
C VAL R 158 -54.90 -30.70 -10.32
N ARG R 159 -54.40 -31.84 -10.76
CA ARG R 159 -53.02 -32.21 -10.58
C ARG R 159 -52.02 -31.18 -11.22
N ALA R 160 -52.36 -30.63 -12.39
CA ALA R 160 -51.45 -29.73 -13.03
C ALA R 160 -51.16 -28.41 -12.42
N ILE R 161 -52.23 -27.80 -11.94
CA ILE R 161 -52.28 -26.63 -11.11
C ILE R 161 -51.69 -26.87 -9.71
N TYR R 162 -51.95 -28.05 -9.09
CA TYR R 162 -51.55 -28.49 -7.75
C TYR R 162 -50.07 -28.53 -7.67
N SER R 163 -49.40 -29.00 -8.76
CA SER R 163 -47.91 -29.01 -8.85
C SER R 163 -47.27 -27.70 -8.74
N ALA R 164 -47.94 -26.67 -9.28
CA ALA R 164 -47.63 -25.23 -9.05
C ALA R 164 -47.83 -24.72 -7.69
N MET R 165 -48.92 -25.08 -6.98
CA MET R 165 -49.17 -24.69 -5.57
C MET R 165 -48.11 -25.09 -4.68
N LYS R 166 -47.35 -26.24 -4.86
CA LYS R 166 -46.29 -26.68 -3.92
C LYS R 166 -45.19 -25.55 -3.83
N ARG R 167 -44.89 -24.94 -4.94
CA ARG R 167 -43.87 -23.90 -4.99
C ARG R 167 -44.36 -22.56 -4.33
N ASP R 168 -45.66 -22.14 -4.65
CA ASP R 168 -46.18 -20.82 -4.61
C ASP R 168 -47.00 -20.79 -3.38
N SER R 169 -46.65 -19.73 -2.54
CA SER R 169 -47.29 -19.43 -1.29
C SER R 169 -47.70 -17.94 -1.24
N ALA R 170 -48.34 -17.45 -2.28
CA ALA R 170 -49.11 -16.23 -2.23
C ALA R 170 -50.11 -16.34 -3.27
N SER R 171 -50.01 -17.39 -4.18
CA SER R 171 -51.00 -17.57 -5.26
C SER R 171 -51.37 -19.07 -5.26
N GLY R 172 -52.45 -19.54 -6.03
CA GLY R 172 -53.05 -20.88 -6.04
C GLY R 172 -53.84 -20.89 -4.81
N ASP R 173 -54.08 -22.16 -4.26
CA ASP R 173 -54.87 -22.38 -3.11
C ASP R 173 -56.32 -21.88 -3.29
N GLY R 174 -56.87 -22.31 -4.43
CA GLY R 174 -58.16 -21.95 -4.82
C GLY R 174 -58.07 -22.30 -6.22
N ILE R 175 -58.97 -23.17 -6.71
CA ILE R 175 -58.86 -23.63 -8.07
C ILE R 175 -60.32 -23.83 -8.46
N ASP R 176 -60.70 -23.48 -9.71
CA ASP R 176 -61.98 -23.74 -10.28
C ASP R 176 -61.53 -24.52 -11.49
N VAL R 177 -62.28 -25.57 -11.76
CA VAL R 177 -62.20 -26.38 -12.99
C VAL R 177 -63.51 -26.33 -13.61
N VAL R 178 -63.56 -26.34 -14.93
CA VAL R 178 -64.81 -26.31 -15.66
C VAL R 178 -64.97 -27.62 -16.30
N LYS R 179 -66.22 -28.19 -16.20
CA LYS R 179 -66.53 -29.43 -16.96
C LYS R 179 -67.62 -28.97 -17.84
N ILE R 180 -67.38 -29.05 -19.19
CA ILE R 180 -68.39 -29.07 -20.18
C ILE R 180 -68.46 -30.51 -20.67
N THR R 181 -69.48 -31.20 -20.22
CA THR R 181 -69.75 -32.60 -20.50
C THR R 181 -70.73 -32.72 -21.61
N GLU R 182 -71.24 -31.61 -22.03
CA GLU R 182 -72.21 -31.45 -23.11
C GLU R 182 -73.60 -31.57 -22.47
N ASP R 183 -73.67 -31.36 -21.14
CA ASP R 183 -74.87 -31.42 -20.43
C ASP R 183 -74.84 -30.46 -19.31
N GLU R 184 -73.72 -29.75 -19.09
CA GLU R 184 -73.61 -28.87 -17.96
C GLU R 184 -72.65 -27.77 -18.27
N PHE R 185 -72.66 -26.72 -17.39
CA PHE R 185 -71.66 -25.77 -17.29
C PHE R 185 -71.40 -25.78 -15.84
N TYR R 186 -70.33 -26.53 -15.38
CA TYR R 186 -70.06 -26.86 -14.02
C TYR R 186 -68.84 -26.12 -13.58
N GLN R 187 -68.87 -25.63 -12.34
CA GLN R 187 -67.81 -25.01 -11.66
C GLN R 187 -67.53 -25.93 -10.49
N TYR R 188 -66.34 -26.47 -10.52
CA TYR R 188 -65.71 -27.53 -9.65
C TYR R 188 -65.55 -27.04 -8.19
N SER R 189 -65.09 -25.77 -8.15
CA SER R 189 -64.89 -24.94 -6.97
C SER R 189 -63.77 -25.48 -6.08
N PRO R 190 -63.11 -24.70 -5.30
CA PRO R 190 -61.98 -24.93 -4.32
C PRO R 190 -62.08 -26.14 -3.38
N GLU R 191 -63.31 -26.39 -2.81
CA GLU R 191 -63.61 -27.25 -1.72
C GLU R 191 -63.04 -28.60 -1.87
N GLU R 192 -63.26 -29.24 -3.01
CA GLU R 192 -62.99 -30.66 -3.29
C GLU R 192 -61.57 -31.04 -3.24
N VAL R 193 -60.80 -30.11 -3.74
CA VAL R 193 -59.37 -29.96 -3.80
C VAL R 193 -58.81 -29.71 -2.42
N GLU R 194 -59.38 -28.81 -1.57
CA GLU R 194 -58.91 -28.36 -0.29
C GLU R 194 -58.71 -29.55 0.69
N GLN R 195 -59.58 -30.66 0.52
CA GLN R 195 -59.68 -31.80 1.39
C GLN R 195 -58.45 -32.69 1.17
N ILE R 196 -57.73 -32.60 0.04
CA ILE R 196 -56.53 -33.40 -0.18
C ILE R 196 -55.35 -32.52 0.24
N LEU R 197 -55.52 -31.88 1.42
CA LEU R 197 -54.39 -31.25 2.11
C LEU R 197 -54.78 -31.46 3.60
N ALA R 198 -56.09 -31.80 3.84
CA ALA R 198 -56.52 -31.78 5.23
C ALA R 198 -56.71 -33.18 5.79
N LYS R 199 -56.26 -34.19 5.00
CA LYS R 199 -56.24 -35.51 5.43
C LYS R 199 -55.15 -36.26 4.64
N PHE R 200 -54.61 -35.55 3.59
CA PHE R 200 -53.55 -36.06 2.73
C PHE R 200 -52.31 -36.40 3.49
N ARG R 201 -51.80 -35.46 4.32
CA ARG R 201 -50.66 -35.74 5.11
C ARG R 201 -50.98 -35.37 6.56
N LYS R 202 -51.60 -34.19 6.71
CA LYS R 202 -52.00 -33.59 7.91
C LYS R 202 -53.23 -34.30 8.47
N THR S 1 -8.73 28.60 -20.11
CA THR S 1 -7.52 29.12 -19.43
C THR S 1 -6.40 28.81 -20.35
N THR S 2 -5.54 29.79 -20.70
CA THR S 2 -4.57 29.62 -21.72
C THR S 2 -3.41 30.46 -21.16
N THR S 3 -2.16 29.99 -21.46
CA THR S 3 -0.87 30.52 -21.12
C THR S 3 -0.20 30.57 -22.54
N VAL S 4 0.64 31.62 -22.82
CA VAL S 4 1.24 31.93 -24.11
C VAL S 4 2.73 32.10 -23.71
N GLY S 5 3.60 32.27 -24.75
CA GLY S 5 5.03 32.33 -24.46
C GLY S 5 5.69 32.65 -25.75
N LEU S 6 6.79 33.45 -25.67
CA LEU S 6 7.57 33.75 -26.80
C LEU S 6 8.93 34.02 -26.31
N VAL S 7 9.85 33.63 -27.19
CA VAL S 7 11.26 33.65 -26.92
C VAL S 7 11.90 34.83 -27.55
N CYS S 8 12.67 35.56 -26.76
CA CYS S 8 13.39 36.79 -27.18
C CYS S 8 14.66 36.53 -27.38
N LYS S 9 15.33 37.50 -28.11
CA LYS S 9 16.69 37.44 -28.49
C LYS S 9 17.69 37.76 -27.42
N ASP S 10 17.20 38.36 -26.32
CA ASP S 10 18.05 38.62 -25.17
C ASP S 10 17.23 38.39 -23.91
N GLY S 11 16.14 37.67 -23.87
CA GLY S 11 15.48 37.18 -22.73
C GLY S 11 14.59 36.14 -23.17
N VAL S 12 13.56 35.89 -22.29
CA VAL S 12 12.38 35.04 -22.48
C VAL S 12 11.32 35.86 -21.77
N VAL S 13 10.10 35.90 -22.36
CA VAL S 13 8.96 36.55 -21.76
C VAL S 13 7.82 35.53 -21.79
N MET S 14 6.88 35.62 -20.84
CA MET S 14 5.76 34.71 -20.80
C MET S 14 4.68 35.45 -20.14
N ALA S 15 3.41 35.11 -20.53
CA ALA S 15 2.21 35.61 -19.92
C ALA S 15 1.20 34.56 -19.65
N THR S 16 0.21 34.87 -18.77
CA THR S 16 -0.84 34.00 -18.33
C THR S 16 -2.10 34.70 -18.50
N GLU S 17 -3.16 33.90 -18.57
CA GLU S 17 -4.50 34.41 -18.41
C GLU S 17 -4.98 33.63 -17.23
N LYS S 18 -5.43 34.41 -16.20
CA LYS S 18 -5.82 33.74 -14.92
C LYS S 18 -7.28 33.28 -14.92
N ARG S 19 -7.68 32.32 -14.07
CA ARG S 19 -9.03 31.88 -13.94
C ARG S 19 -8.95 30.92 -12.87
N ALA S 20 -9.78 31.10 -11.82
CA ALA S 20 -9.87 30.19 -10.70
C ALA S 20 -11.13 29.45 -10.93
N THR S 21 -11.12 28.13 -10.59
CA THR S 21 -12.21 27.29 -10.86
C THR S 21 -12.69 26.92 -9.50
N MET S 22 -14.05 27.18 -9.33
CA MET S 22 -15.02 26.77 -8.32
C MET S 22 -16.30 26.72 -9.03
N GLY S 23 -16.46 27.50 -10.14
CA GLY S 23 -17.70 27.61 -10.91
C GLY S 23 -18.69 28.53 -10.27
N ASN S 24 -18.27 29.12 -9.16
CA ASN S 24 -19.01 29.97 -8.31
C ASN S 24 -18.19 31.23 -8.19
N PHE S 25 -16.86 31.21 -8.48
CA PHE S 25 -16.02 32.39 -8.14
C PHE S 25 -14.77 32.39 -9.03
N ILE S 26 -14.20 33.62 -9.20
CA ILE S 26 -12.97 33.77 -9.93
C ILE S 26 -12.18 34.68 -9.09
N ALA S 27 -10.94 34.18 -8.79
CA ALA S 27 -10.05 34.85 -7.89
C ALA S 27 -8.73 34.98 -8.71
N SER S 28 -8.32 36.24 -8.88
CA SER S 28 -7.24 36.56 -9.81
C SER S 28 -6.75 38.00 -9.55
N LYS S 29 -7.07 38.63 -8.32
CA LYS S 29 -6.61 39.96 -7.99
C LYS S 29 -5.58 39.97 -6.80
N ALA S 30 -5.20 38.73 -6.38
CA ALA S 30 -4.39 38.55 -5.23
C ALA S 30 -3.76 37.16 -5.32
N ALA S 31 -3.84 36.53 -6.45
CA ALA S 31 -3.21 35.21 -6.71
C ALA S 31 -2.53 35.36 -8.09
N LYS S 32 -1.66 34.37 -8.45
CA LYS S 32 -0.82 34.51 -9.58
C LYS S 32 -0.71 33.14 -10.18
N LYS S 33 -0.09 33.03 -11.32
CA LYS S 33 0.10 31.79 -12.13
C LYS S 33 1.55 31.66 -12.40
N ILE S 34 2.29 32.74 -12.07
CA ILE S 34 3.69 32.72 -12.40
C ILE S 34 4.49 32.55 -11.20
N TYR S 35 5.16 31.40 -11.04
CA TYR S 35 5.91 31.12 -9.80
C TYR S 35 7.29 31.00 -10.35
N GLN S 36 8.26 31.69 -9.68
CA GLN S 36 9.72 31.65 -9.96
C GLN S 36 10.30 30.42 -9.44
N ILE S 37 11.00 29.66 -10.33
CA ILE S 37 11.44 28.31 -10.12
C ILE S 37 12.88 28.38 -9.77
N ALA S 38 13.75 29.11 -10.54
CA ALA S 38 15.13 29.43 -10.12
C ALA S 38 15.03 30.90 -10.15
N ASP S 39 16.11 31.59 -9.74
CA ASP S 39 16.25 32.98 -9.59
C ASP S 39 15.93 33.74 -10.88
N ARG S 40 16.28 33.11 -12.04
CA ARG S 40 15.99 33.66 -13.35
C ARG S 40 15.41 32.59 -14.15
N MET S 41 14.40 31.90 -13.61
CA MET S 41 13.64 30.92 -14.40
C MET S 41 12.26 30.98 -13.77
N ALA S 42 11.17 30.83 -14.59
CA ALA S 42 9.83 30.80 -14.10
C ALA S 42 9.07 29.69 -14.75
N MET S 43 7.89 29.32 -14.17
CA MET S 43 6.97 28.38 -14.67
C MET S 43 5.66 29.07 -14.68
N THR S 44 4.98 29.06 -15.82
CA THR S 44 3.65 29.56 -16.14
C THR S 44 2.83 28.30 -16.27
N THR S 45 1.54 28.28 -15.84
CA THR S 45 0.79 27.13 -15.57
C THR S 45 -0.66 27.51 -15.90
N ALA S 46 -1.40 26.52 -16.42
CA ALA S 46 -2.79 26.73 -16.84
C ALA S 46 -3.59 25.69 -16.17
N GLY S 47 -4.77 26.05 -15.51
CA GLY S 47 -5.69 25.21 -14.82
C GLY S 47 -6.42 25.97 -13.77
N SER S 48 -5.91 25.82 -12.59
CA SER S 48 -6.43 26.68 -11.43
C SER S 48 -5.22 27.32 -10.72
N VAL S 49 -5.40 28.40 -9.97
CA VAL S 49 -4.38 29.20 -9.26
C VAL S 49 -3.71 28.34 -8.21
N GLY S 50 -4.55 27.47 -7.59
CA GLY S 50 -4.17 26.62 -6.43
C GLY S 50 -3.35 25.45 -6.90
N ASP S 51 -3.76 24.83 -8.00
CA ASP S 51 -3.11 23.62 -8.55
C ASP S 51 -1.67 23.97 -8.93
N ALA S 52 -1.57 25.21 -9.50
CA ALA S 52 -0.28 25.71 -9.89
C ALA S 52 0.65 25.89 -8.70
N GLN S 53 0.23 26.47 -7.57
CA GLN S 53 1.03 26.83 -6.44
C GLN S 53 1.58 25.62 -5.77
N PHE S 54 0.76 24.57 -5.52
CA PHE S 54 1.23 23.39 -4.90
C PHE S 54 2.20 22.66 -5.75
N LEU S 55 1.87 22.55 -7.02
CA LEU S 55 2.67 21.90 -7.97
C LEU S 55 4.04 22.55 -8.12
N ALA S 56 4.09 23.91 -8.14
CA ALA S 56 5.26 24.79 -8.39
C ALA S 56 6.24 24.71 -7.28
N ARG S 57 5.73 24.66 -5.98
CA ARG S 57 6.55 24.72 -4.76
C ARG S 57 7.58 23.64 -4.77
N ILE S 58 7.20 22.43 -5.17
CA ILE S 58 8.02 21.26 -5.22
C ILE S 58 9.20 21.55 -6.09
N ILE S 59 8.84 22.05 -7.30
CA ILE S 59 9.71 22.26 -8.35
C ILE S 59 10.72 23.38 -8.09
N LYS S 60 10.26 24.41 -7.36
CA LYS S 60 11.12 25.43 -6.79
C LYS S 60 12.32 24.86 -5.98
N ILE S 61 11.93 24.04 -4.96
CA ILE S 61 12.79 23.53 -3.99
C ILE S 61 13.85 22.61 -4.57
N GLU S 62 13.49 21.83 -5.55
CA GLU S 62 14.39 20.91 -6.18
C GLU S 62 15.35 21.59 -7.10
N ALA S 63 15.03 22.71 -7.63
CA ALA S 63 15.83 23.68 -8.48
C ALA S 63 16.93 24.30 -7.63
N ASN S 64 16.60 24.60 -6.33
CA ASN S 64 17.53 25.18 -5.35
C ASN S 64 18.47 24.24 -4.87
N LEU S 65 18.10 22.97 -4.55
CA LEU S 65 18.86 21.80 -4.15
C LEU S 65 19.93 21.45 -5.06
N TYR S 66 19.61 21.42 -6.39
CA TYR S 66 20.47 21.02 -7.48
C TYR S 66 21.48 22.10 -7.71
N GLU S 67 21.10 23.38 -7.51
CA GLU S 67 21.93 24.56 -7.71
C GLU S 67 23.10 24.53 -6.72
N ILE S 68 22.70 24.19 -5.44
CA ILE S 68 23.60 24.10 -4.36
C ILE S 68 24.61 22.94 -4.47
N ARG S 69 24.20 21.71 -5.01
CA ARG S 69 25.00 20.46 -5.10
C ARG S 69 25.99 20.37 -6.29
N ARG S 70 25.69 21.15 -7.39
CA ARG S 70 26.41 21.12 -8.56
C ARG S 70 27.38 22.24 -8.51
N GLU S 71 26.99 23.28 -7.77
CA GLU S 71 27.64 24.56 -7.61
C GLU S 71 27.54 25.21 -8.99
N ARG S 72 26.43 25.03 -9.72
CA ARG S 72 26.23 25.69 -10.97
C ARG S 72 24.79 25.53 -11.23
N LYS S 73 24.30 26.48 -12.05
CA LYS S 73 22.89 26.64 -12.24
C LYS S 73 22.27 25.56 -13.09
N PRO S 74 21.06 25.14 -12.76
CA PRO S 74 20.36 24.15 -13.56
C PRO S 74 19.81 24.84 -14.76
N THR S 75 19.79 24.16 -15.89
CA THR S 75 19.32 24.77 -17.15
C THR S 75 17.76 24.56 -17.13
N VAL S 76 17.03 25.22 -18.00
CA VAL S 76 15.60 25.20 -18.19
C VAL S 76 15.17 23.77 -18.60
N ARG S 77 15.97 23.12 -19.48
CA ARG S 77 15.70 21.80 -19.99
C ARG S 77 15.70 20.76 -18.96
N ALA S 78 16.58 20.94 -17.94
CA ALA S 78 16.86 20.01 -16.90
C ALA S 78 15.64 19.93 -15.96
N ILE S 79 15.19 21.08 -15.50
CA ILE S 79 13.99 21.34 -14.68
C ILE S 79 12.80 20.83 -15.45
N ALA S 80 12.74 20.97 -16.81
CA ALA S 80 11.59 20.66 -17.59
C ALA S 80 11.31 19.18 -17.61
N THR S 81 12.35 18.44 -17.86
CA THR S 81 12.29 16.96 -17.85
C THR S 81 12.03 16.47 -16.47
N LEU S 82 12.53 17.18 -15.43
CA LEU S 82 12.25 16.85 -14.05
C LEU S 82 10.78 16.89 -13.69
N THR S 83 10.05 17.89 -14.15
CA THR S 83 8.69 18.11 -13.93
C THR S 83 7.91 17.03 -14.60
N SER S 84 8.37 16.63 -15.82
CA SER S 84 7.78 15.58 -16.64
C SER S 84 7.72 14.29 -15.95
N ASN S 85 8.82 13.79 -15.19
CA ASN S 85 8.81 12.59 -14.32
C ASN S 85 7.76 12.75 -13.15
N LEU S 86 7.80 13.95 -12.52
CA LEU S 86 6.87 14.25 -11.38
C LEU S 86 5.43 13.92 -11.76
N LEU S 87 4.97 14.40 -12.92
CA LEU S 87 3.66 14.39 -13.34
C LEU S 87 3.19 12.98 -13.71
N ASN S 88 4.07 12.19 -14.42
CA ASN S 88 3.72 10.92 -14.85
C ASN S 88 3.63 9.99 -13.64
N SER S 89 4.67 9.91 -12.82
CA SER S 89 4.81 8.94 -11.73
C SER S 89 3.85 9.18 -10.57
N TYR S 90 3.81 10.45 -10.00
CA TYR S 90 3.16 10.67 -8.78
C TYR S 90 1.84 11.25 -9.06
N ARG S 91 0.99 10.53 -9.91
CA ARG S 91 -0.36 11.00 -10.23
C ARG S 91 -1.21 10.16 -9.30
N TYR S 92 -0.65 9.79 -8.10
CA TYR S 92 -1.37 9.28 -6.91
C TYR S 92 -1.79 10.54 -6.08
N PHE S 93 -1.31 11.70 -6.57
CA PHE S 93 -1.87 12.97 -6.34
C PHE S 93 -2.25 13.34 -7.66
N PRO S 94 -3.43 13.10 -8.25
CA PRO S 94 -3.60 13.25 -9.66
C PRO S 94 -3.64 14.76 -10.09
N TYR S 95 -3.07 15.16 -11.28
CA TYR S 95 -2.93 16.56 -11.75
C TYR S 95 -3.55 16.64 -13.09
N LEU S 96 -4.14 17.78 -13.56
CA LEU S 96 -4.54 17.89 -14.97
C LEU S 96 -4.11 19.27 -15.17
N VAL S 97 -2.91 19.47 -15.81
CA VAL S 97 -2.34 20.76 -15.80
C VAL S 97 -1.45 20.71 -16.98
N GLN S 98 -1.21 21.92 -17.64
CA GLN S 98 -0.31 22.17 -18.74
C GLN S 98 0.61 23.29 -18.26
N LEU S 99 1.89 23.18 -18.51
CA LEU S 99 2.92 23.95 -17.90
C LEU S 99 3.87 24.47 -18.96
N LEU S 100 4.48 25.67 -18.76
CA LEU S 100 5.51 26.09 -19.56
C LEU S 100 6.54 26.41 -18.61
N ILE S 101 7.73 25.90 -18.70
CA ILE S 101 8.77 26.28 -17.75
C ILE S 101 9.80 26.73 -18.78
N GLY S 102 10.23 28.02 -18.66
CA GLY S 102 11.07 28.62 -19.62
C GLY S 102 11.87 29.67 -18.84
N GLY S 103 12.88 30.32 -19.54
CA GLY S 103 13.86 31.12 -18.94
C GLY S 103 15.15 30.92 -19.56
N ILE S 104 16.11 31.54 -18.86
CA ILE S 104 17.46 31.78 -19.39
C ILE S 104 18.37 30.84 -18.65
N ASP S 105 19.11 30.14 -19.45
CA ASP S 105 20.06 29.13 -19.12
C ASP S 105 21.31 29.34 -19.85
N SER S 106 22.40 28.58 -19.48
CA SER S 106 23.74 28.86 -19.92
C SER S 106 23.90 28.42 -21.39
N GLU S 107 23.04 27.45 -21.77
CA GLU S 107 23.08 26.75 -23.13
C GLU S 107 22.00 27.26 -24.05
N GLY S 108 21.40 28.41 -23.66
CA GLY S 108 20.56 29.12 -24.58
C GLY S 108 19.41 29.76 -23.94
N LYS S 109 18.35 30.12 -24.70
CA LYS S 109 17.12 30.70 -24.15
C LYS S 109 15.99 30.00 -24.78
N SER S 110 14.91 29.64 -24.01
CA SER S 110 13.95 28.63 -24.40
C SER S 110 12.76 28.62 -23.47
N ILE S 111 11.70 28.06 -24.13
CA ILE S 111 10.44 27.74 -23.44
C ILE S 111 10.06 26.30 -23.74
N TYR S 112 10.05 25.40 -22.69
CA TYR S 112 9.70 24.05 -22.81
C TYR S 112 8.29 23.88 -22.44
N SER S 113 7.49 22.94 -23.11
CA SER S 113 6.18 22.69 -22.82
C SER S 113 6.17 21.31 -22.19
N ILE S 114 5.37 21.11 -21.09
CA ILE S 114 5.30 19.80 -20.45
C ILE S 114 3.81 19.53 -20.36
N ASP S 115 3.39 18.36 -20.78
CA ASP S 115 2.00 17.84 -20.87
C ASP S 115 1.67 17.22 -19.55
N PRO S 116 0.38 16.89 -19.23
CA PRO S 116 -0.04 16.31 -17.92
C PRO S 116 0.37 14.85 -17.89
N ILE S 117 0.75 14.35 -19.04
CA ILE S 117 1.08 12.96 -19.31
C ILE S 117 2.51 12.96 -19.56
N GLY S 118 3.22 14.06 -19.29
CA GLY S 118 4.69 14.12 -19.25
C GLY S 118 5.20 14.25 -20.68
N GLY S 119 6.55 14.19 -20.86
CA GLY S 119 7.25 14.51 -22.06
C GLY S 119 7.40 16.01 -22.20
N ALA S 120 8.67 16.46 -22.49
CA ALA S 120 9.08 17.81 -22.53
C ALA S 120 9.52 18.02 -23.90
N ILE S 121 8.82 18.99 -24.59
CA ILE S 121 9.24 19.44 -25.94
C ILE S 121 9.76 20.81 -25.79
N GLU S 122 10.20 21.43 -26.86
CA GLU S 122 10.88 22.68 -26.74
C GLU S 122 10.54 23.54 -27.89
N GLU S 123 9.73 24.59 -27.62
CA GLU S 123 9.39 25.61 -28.57
C GLU S 123 10.39 26.72 -28.32
N LYS S 124 11.22 26.92 -29.37
CA LYS S 124 12.18 27.99 -29.36
C LYS S 124 11.48 29.18 -30.00
N ASP S 125 10.15 29.21 -29.88
CA ASP S 125 9.31 30.13 -30.52
C ASP S 125 8.04 30.21 -29.68
N ILE S 126 6.97 30.34 -30.42
CA ILE S 126 5.64 30.52 -29.93
C ILE S 126 5.10 29.21 -29.44
N VAL S 127 4.33 29.25 -28.34
CA VAL S 127 3.73 28.13 -27.62
C VAL S 127 2.44 28.52 -26.95
N ALA S 128 1.52 27.49 -26.76
CA ALA S 128 0.23 27.63 -26.17
C ALA S 128 -0.45 26.39 -26.74
N THR S 129 -1.02 25.46 -25.96
CA THR S 129 -1.22 25.29 -24.58
C THR S 129 -2.46 26.06 -24.14
N GLY S 130 -3.47 25.41 -23.54
CA GLY S 130 -4.78 26.05 -23.24
C GLY S 130 -5.77 25.73 -24.31
N SER S 131 -6.85 26.52 -24.39
CA SER S 131 -7.88 26.46 -25.39
C SER S 131 -7.91 27.70 -26.30
N GLY S 132 -7.46 28.86 -25.66
CA GLY S 132 -7.40 30.12 -26.19
C GLY S 132 -6.29 30.29 -27.12
N SER S 133 -5.47 29.26 -27.41
CA SER S 133 -4.25 29.23 -28.21
C SER S 133 -4.42 29.77 -29.62
N LEU S 134 -5.51 29.35 -30.27
CA LEU S 134 -5.84 29.63 -31.61
C LEU S 134 -6.14 31.16 -31.68
N THR S 135 -6.91 31.79 -30.72
CA THR S 135 -7.30 33.15 -30.62
C THR S 135 -6.07 34.03 -30.41
N ALA S 136 -5.14 33.60 -29.55
CA ALA S 136 -3.87 34.23 -29.30
C ALA S 136 -2.98 34.41 -30.51
N TYR S 137 -2.96 33.35 -31.37
CA TYR S 137 -2.06 33.27 -32.54
C TYR S 137 -2.19 34.27 -33.61
N GLY S 138 -3.42 34.76 -33.84
CA GLY S 138 -3.62 35.89 -34.74
C GLY S 138 -2.61 37.03 -34.71
N VAL S 139 -2.48 37.73 -33.56
CA VAL S 139 -1.60 38.90 -33.46
C VAL S 139 -0.19 38.39 -33.02
N LEU S 140 -0.16 37.38 -32.13
CA LEU S 140 1.03 36.77 -31.49
C LEU S 140 2.07 36.26 -32.50
N GLU S 141 1.66 35.58 -33.59
CA GLU S 141 2.65 34.95 -34.47
C GLU S 141 2.86 35.75 -35.77
N ASP S 142 1.95 36.69 -36.04
CA ASP S 142 2.13 37.59 -37.15
C ASP S 142 3.33 38.49 -36.91
N ARG S 143 3.47 39.12 -35.69
CA ARG S 143 4.44 40.21 -35.36
C ARG S 143 5.63 39.57 -34.56
N PHE S 144 5.71 38.23 -34.52
CA PHE S 144 6.81 37.54 -33.94
C PHE S 144 7.97 37.72 -34.85
N THR S 145 9.16 37.85 -34.24
CA THR S 145 10.45 37.91 -34.94
C THR S 145 11.35 37.07 -34.10
N PRO S 146 12.49 36.71 -34.74
CA PRO S 146 13.63 36.16 -34.12
C PRO S 146 14.43 37.33 -33.53
N GLU S 147 13.92 38.62 -33.78
CA GLU S 147 14.65 39.75 -33.23
C GLU S 147 13.76 40.48 -32.28
N ILE S 148 12.76 39.74 -31.77
CA ILE S 148 11.90 40.25 -30.69
C ILE S 148 12.71 40.49 -29.39
N GLY S 149 12.70 41.78 -28.91
CA GLY S 149 13.49 42.18 -27.69
C GLY S 149 12.59 41.83 -26.54
N VAL S 150 13.10 42.05 -25.35
CA VAL S 150 12.33 41.87 -24.12
C VAL S 150 11.25 42.85 -23.92
N ASP S 151 11.42 44.11 -24.38
CA ASP S 151 10.51 45.23 -24.29
C ASP S 151 9.30 45.03 -25.27
N GLU S 152 9.61 44.49 -26.41
CA GLU S 152 8.63 44.19 -27.43
C GLU S 152 7.85 42.94 -27.18
N ALA S 153 8.41 42.07 -26.42
CA ALA S 153 7.77 40.84 -26.08
C ALA S 153 6.84 40.92 -24.92
N VAL S 154 7.02 41.87 -23.94
CA VAL S 154 6.03 42.15 -22.85
C VAL S 154 4.83 42.88 -23.45
N GLU S 155 5.10 43.79 -24.42
CA GLU S 155 4.03 44.32 -25.25
C GLU S 155 3.26 43.29 -26.03
N LEU S 156 3.95 42.41 -26.70
CA LEU S 156 3.25 41.40 -27.47
C LEU S 156 2.41 40.36 -26.75
N ALA S 157 2.96 40.02 -25.56
CA ALA S 157 2.28 39.11 -24.62
C ALA S 157 0.94 39.65 -24.20
N VAL S 158 0.86 40.98 -23.92
CA VAL S 158 -0.36 41.65 -23.52
C VAL S 158 -1.41 41.56 -24.62
N ARG S 159 -0.98 41.83 -25.92
CA ARG S 159 -1.89 41.80 -27.08
C ARG S 159 -2.51 40.41 -27.25
N ALA S 160 -1.71 39.32 -27.16
CA ALA S 160 -2.19 37.95 -27.26
C ALA S 160 -3.17 37.51 -26.21
N ILE S 161 -2.97 37.82 -24.90
CA ILE S 161 -3.91 37.49 -23.80
C ILE S 161 -5.14 38.36 -24.03
N TYR S 162 -5.09 39.68 -24.37
CA TYR S 162 -6.19 40.66 -24.64
C TYR S 162 -6.95 40.16 -25.87
N SER S 163 -6.35 39.51 -26.87
CA SER S 163 -7.03 38.86 -27.99
C SER S 163 -7.85 37.67 -27.47
N ALA S 164 -7.28 36.86 -26.53
CA ALA S 164 -7.91 35.76 -25.96
C ALA S 164 -9.17 36.22 -25.16
N MET S 165 -9.19 37.44 -24.61
CA MET S 165 -10.22 37.95 -23.72
C MET S 165 -11.27 38.64 -24.56
N LYS S 166 -10.90 38.96 -25.79
CA LYS S 166 -11.72 39.70 -26.71
C LYS S 166 -12.94 38.98 -27.14
N ARG S 167 -12.83 37.57 -27.20
CA ARG S 167 -13.94 36.74 -27.44
C ARG S 167 -14.97 36.80 -26.32
N ASP S 168 -14.45 36.84 -25.03
CA ASP S 168 -15.32 36.95 -23.85
C ASP S 168 -15.86 38.37 -23.78
N SER S 169 -16.86 38.72 -22.93
CA SER S 169 -17.22 40.07 -22.79
C SER S 169 -16.14 40.78 -22.06
N ALA S 170 -15.59 40.09 -20.99
CA ALA S 170 -14.52 40.67 -20.27
C ALA S 170 -13.94 39.64 -19.34
N SER S 171 -14.57 38.43 -19.31
CA SER S 171 -14.35 37.34 -18.33
C SER S 171 -12.95 36.69 -18.48
N GLY S 172 -12.39 36.22 -17.42
CA GLY S 172 -11.14 35.52 -17.37
C GLY S 172 -10.01 36.45 -17.12
N ASP S 173 -10.37 37.68 -16.65
CA ASP S 173 -9.45 38.76 -16.45
C ASP S 173 -8.47 38.43 -15.35
N GLY S 174 -7.24 38.92 -15.55
CA GLY S 174 -6.14 38.51 -14.73
C GLY S 174 -5.02 38.35 -15.73
N ILE S 175 -4.13 39.36 -15.84
CA ILE S 175 -3.00 39.29 -16.71
C ILE S 175 -1.76 39.45 -15.88
N ASP S 176 -0.79 38.50 -15.97
CA ASP S 176 0.50 38.67 -15.36
C ASP S 176 1.45 38.22 -16.42
N VAL S 177 2.59 38.95 -16.46
CA VAL S 177 3.63 38.77 -17.42
C VAL S 177 4.84 38.63 -16.55
N VAL S 178 5.93 37.96 -17.06
CA VAL S 178 7.22 37.88 -16.41
C VAL S 178 8.21 38.43 -17.40
N LYS S 179 9.28 39.08 -16.90
CA LYS S 179 10.36 39.55 -17.68
C LYS S 179 11.57 38.93 -17.05
N ILE S 180 12.29 38.25 -17.95
CA ILE S 180 13.42 37.41 -17.72
C ILE S 180 14.42 37.93 -18.74
N THR S 181 15.42 38.76 -18.33
CA THR S 181 16.39 39.35 -19.20
C THR S 181 17.82 39.11 -18.63
N GLU S 182 17.90 38.45 -17.48
CA GLU S 182 19.10 37.96 -16.74
C GLU S 182 19.66 39.01 -15.84
N ASP S 183 19.20 40.25 -16.12
CA ASP S 183 19.62 41.48 -15.45
C ASP S 183 18.50 41.90 -14.58
N GLU S 184 17.36 41.16 -14.62
CA GLU S 184 16.11 41.45 -13.91
C GLU S 184 15.31 40.23 -13.97
N PHE S 185 14.47 40.10 -12.97
CA PHE S 185 13.42 39.15 -12.81
C PHE S 185 12.32 40.09 -12.32
N TYR S 186 11.50 40.42 -13.27
CA TYR S 186 10.37 41.34 -13.06
C TYR S 186 9.18 40.34 -13.00
N GLN S 187 8.32 40.35 -11.91
CA GLN S 187 7.19 39.51 -11.72
C GLN S 187 6.14 40.54 -11.47
N TYR S 188 5.20 40.71 -12.46
CA TYR S 188 4.35 41.84 -12.54
C TYR S 188 3.30 41.75 -11.62
N SER S 189 2.61 42.87 -11.40
CA SER S 189 1.45 42.87 -10.57
C SER S 189 0.37 43.39 -11.45
N PRO S 190 -0.96 42.93 -11.24
CA PRO S 190 -2.07 43.30 -12.12
C PRO S 190 -2.09 44.72 -12.68
N GLU S 191 -1.95 45.63 -11.76
CA GLU S 191 -1.98 47.07 -11.90
C GLU S 191 -1.06 47.58 -12.98
N GLU S 192 0.16 47.06 -12.93
CA GLU S 192 1.30 47.36 -13.72
C GLU S 192 1.11 47.02 -15.19
N VAL S 193 0.51 45.86 -15.43
CA VAL S 193 0.20 45.34 -16.71
C VAL S 193 -1.01 46.13 -17.30
N GLU S 194 -1.93 46.50 -16.41
CA GLU S 194 -3.17 47.13 -16.79
C GLU S 194 -2.97 48.38 -17.59
N GLN S 195 -1.82 49.12 -17.41
CA GLN S 195 -1.53 50.39 -18.06
C GLN S 195 -0.96 50.17 -19.41
N ILE S 196 -0.35 48.96 -19.71
CA ILE S 196 0.09 48.57 -21.03
C ILE S 196 -1.12 48.13 -21.85
N LEU S 197 -2.17 47.58 -21.18
CA LEU S 197 -3.42 47.08 -21.80
C LEU S 197 -4.29 48.32 -21.97
N ALA S 198 -3.89 49.48 -21.39
CA ALA S 198 -4.62 50.68 -21.48
C ALA S 198 -4.24 51.48 -22.70
N LYS S 199 -3.29 51.01 -23.58
CA LYS S 199 -2.81 51.53 -24.86
C LYS S 199 -3.35 50.71 -25.98
N PHE S 200 -4.38 49.86 -25.75
CA PHE S 200 -5.00 49.21 -26.85
C PHE S 200 -6.47 49.39 -26.61
N ARG S 201 -6.94 49.96 -25.40
CA ARG S 201 -8.30 50.05 -25.03
C ARG S 201 -8.34 50.49 -23.60
N LYS S 202 -8.78 51.80 -23.46
CA LYS S 202 -8.74 52.53 -22.25
C LYS S 202 -9.93 52.13 -21.43
N THR T 1 -53.01 5.27 4.15
CA THR T 1 -54.45 4.94 4.17
C THR T 1 -54.68 3.47 3.83
N THR T 2 -55.80 2.89 4.39
CA THR T 2 -56.19 1.52 4.09
C THR T 2 -57.65 1.59 3.99
N THR T 3 -58.20 0.51 3.37
CA THR T 3 -59.63 0.42 3.27
C THR T 3 -59.90 -1.07 3.49
N VAL T 4 -61.05 -1.31 4.13
CA VAL T 4 -61.60 -2.65 4.27
C VAL T 4 -63.04 -2.53 4.01
N GLY T 5 -63.80 -3.62 3.78
CA GLY T 5 -65.18 -3.72 3.50
C GLY T 5 -65.70 -5.07 3.93
N LEU T 6 -66.91 -5.11 4.55
CA LEU T 6 -67.56 -6.34 5.05
C LEU T 6 -68.96 -6.46 4.58
N VAL T 7 -69.36 -7.67 4.14
CA VAL T 7 -70.71 -7.94 3.72
C VAL T 7 -71.34 -8.46 4.99
N CYS T 8 -72.51 -7.93 5.37
CA CYS T 8 -73.21 -8.15 6.67
C CYS T 8 -74.61 -8.67 6.20
N LYS T 9 -75.30 -9.04 7.27
CA LYS T 9 -76.55 -9.76 7.11
C LYS T 9 -77.72 -8.80 7.22
N ASP T 10 -77.48 -7.48 7.31
CA ASP T 10 -78.52 -6.46 7.44
C ASP T 10 -78.03 -5.27 6.77
N GLY T 11 -76.87 -5.28 6.12
CA GLY T 11 -76.35 -4.14 5.42
C GLY T 11 -74.98 -4.43 5.00
N VAL T 12 -74.27 -3.29 4.90
CA VAL T 12 -72.93 -3.15 4.47
C VAL T 12 -72.28 -2.09 5.28
N VAL T 13 -71.13 -2.41 5.91
CA VAL T 13 -70.28 -1.58 6.75
C VAL T 13 -69.05 -1.61 5.98
N MET T 14 -68.42 -0.41 5.83
CA MET T 14 -67.16 -0.24 5.10
C MET T 14 -66.42 0.84 5.78
N ALA T 15 -65.06 0.87 5.62
CA ALA T 15 -64.25 1.78 6.36
C ALA T 15 -63.08 2.20 5.63
N THR T 16 -62.63 3.45 5.97
CA THR T 16 -61.54 4.16 5.25
C THR T 16 -60.74 4.83 6.31
N GLU T 17 -59.50 5.23 5.98
CA GLU T 17 -58.77 6.02 6.88
C GLU T 17 -58.72 7.30 6.14
N LYS T 18 -59.23 8.36 6.84
CA LYS T 18 -59.64 9.57 6.25
C LYS T 18 -58.47 10.50 6.42
N ARG T 19 -57.52 10.11 7.30
CA ARG T 19 -56.30 10.88 7.70
C ARG T 19 -55.20 9.99 7.29
N ALA T 20 -54.19 10.58 6.59
CA ALA T 20 -53.02 9.83 6.14
C ALA T 20 -51.87 10.76 6.28
N THR T 21 -50.74 10.21 6.72
CA THR T 21 -49.54 10.81 6.91
C THR T 21 -48.54 9.89 6.24
N MET T 22 -47.43 10.53 5.73
CA MET T 22 -46.29 9.79 5.22
C MET T 22 -45.05 10.52 5.73
N GLY T 23 -44.52 10.00 6.86
CA GLY T 23 -43.57 10.72 7.59
C GLY T 23 -44.25 11.80 8.50
N ASN T 24 -43.71 13.10 8.56
CA ASN T 24 -44.27 14.14 9.35
C ASN T 24 -45.11 15.09 8.45
N PHE T 25 -45.14 14.75 7.11
CA PHE T 25 -46.00 15.27 6.15
C PHE T 25 -47.39 14.73 6.32
N ILE T 26 -48.44 15.65 6.24
CA ILE T 26 -49.80 15.30 6.31
C ILE T 26 -50.21 15.32 4.88
N ALA T 27 -50.40 14.11 4.38
CA ALA T 27 -50.83 13.95 2.96
C ALA T 27 -52.33 14.26 2.92
N SER T 28 -53.12 13.85 3.91
CA SER T 28 -54.55 13.96 4.02
C SER T 28 -54.80 14.16 5.45
N LYS T 29 -55.79 15.06 5.74
CA LYS T 29 -56.14 15.31 7.15
C LYS T 29 -57.59 14.89 7.37
N ALA T 30 -58.56 15.79 6.97
CA ALA T 30 -59.95 15.61 6.99
C ALA T 30 -60.38 15.31 5.58
N ALA T 31 -59.45 14.83 4.72
CA ALA T 31 -59.59 14.68 3.27
C ALA T 31 -60.78 13.77 2.94
N LYS T 32 -61.64 14.23 1.97
CA LYS T 32 -62.77 13.56 1.39
C LYS T 32 -62.32 12.17 0.90
N LYS T 33 -62.91 11.07 1.46
CA LYS T 33 -62.51 9.70 1.05
C LYS T 33 -63.69 8.80 1.41
N ILE T 34 -64.80 9.39 1.79
CA ILE T 34 -65.99 8.72 2.11
C ILE T 34 -67.04 9.51 1.38
N TYR T 35 -67.73 8.84 0.41
CA TYR T 35 -68.64 9.45 -0.55
C TYR T 35 -69.96 8.72 -0.61
N GLN T 36 -71.06 9.53 -0.81
CA GLN T 36 -72.40 8.98 -0.92
C GLN T 36 -72.79 9.11 -2.36
N ILE T 37 -72.72 7.95 -3.08
CA ILE T 37 -73.07 7.67 -4.48
C ILE T 37 -74.62 7.77 -4.62
N ALA T 38 -75.38 7.18 -3.73
CA ALA T 38 -76.79 7.12 -3.68
C ALA T 38 -77.17 6.86 -2.29
N ASP T 39 -78.48 6.88 -1.99
CA ASP T 39 -79.06 6.81 -0.66
C ASP T 39 -78.64 5.72 0.27
N ARG T 40 -78.33 4.50 -0.23
CA ARG T 40 -77.74 3.44 0.56
C ARG T 40 -76.55 2.82 -0.11
N MET T 41 -75.91 3.58 -1.05
CA MET T 41 -74.68 3.14 -1.67
C MET T 41 -73.61 4.19 -1.46
N ALA T 42 -72.40 3.70 -1.08
CA ALA T 42 -71.26 4.44 -0.63
C ALA T 42 -70.05 3.95 -1.36
N MET T 43 -69.05 4.86 -1.54
CA MET T 43 -67.77 4.65 -2.11
C MET T 43 -66.71 5.02 -1.11
N THR T 44 -65.87 4.10 -0.89
CA THR T 44 -64.74 4.30 -0.01
C THR T 44 -63.49 4.18 -0.90
N THR T 45 -62.40 4.94 -0.72
CA THR T 45 -61.21 4.81 -1.65
C THR T 45 -59.98 4.92 -0.73
N ALA T 46 -58.97 4.18 -1.07
CA ALA T 46 -57.65 4.20 -0.46
C ALA T 46 -56.77 4.39 -1.67
N GLY T 47 -55.67 5.14 -1.57
CA GLY T 47 -54.87 5.53 -2.76
C GLY T 47 -54.83 7.01 -2.72
N SER T 48 -54.78 7.59 -3.91
CA SER T 48 -54.52 9.03 -4.03
C SER T 48 -55.86 9.70 -3.95
N VAL T 49 -55.85 10.97 -3.44
CA VAL T 49 -56.95 11.90 -3.26
C VAL T 49 -57.44 12.42 -4.60
N GLY T 50 -56.51 12.74 -5.50
CA GLY T 50 -56.86 13.48 -6.76
C GLY T 50 -57.65 12.71 -7.79
N ASP T 51 -57.48 11.34 -7.79
CA ASP T 51 -58.19 10.49 -8.74
C ASP T 51 -59.55 10.18 -8.14
N ALA T 52 -59.53 10.12 -6.80
CA ALA T 52 -60.60 9.76 -5.94
C ALA T 52 -61.63 10.66 -6.04
N GLN T 53 -61.30 11.94 -5.96
CA GLN T 53 -62.19 13.09 -5.83
C GLN T 53 -62.91 13.27 -7.10
N PHE T 54 -62.21 13.29 -8.28
CA PHE T 54 -62.80 13.58 -9.59
C PHE T 54 -63.70 12.46 -10.00
N LEU T 55 -63.22 11.22 -9.79
CA LEU T 55 -64.02 10.01 -10.15
C LEU T 55 -65.25 9.87 -9.33
N ALA T 56 -65.17 10.26 -8.04
CA ALA T 56 -66.30 10.19 -7.11
C ALA T 56 -67.46 11.06 -7.57
N ARG T 57 -67.23 12.19 -8.28
CA ARG T 57 -68.28 13.20 -8.72
C ARG T 57 -69.12 12.57 -9.78
N ILE T 58 -68.50 11.81 -10.69
CA ILE T 58 -69.14 11.30 -11.88
C ILE T 58 -69.98 10.06 -11.57
N ILE T 59 -69.53 9.20 -10.65
CA ILE T 59 -70.15 7.94 -10.23
C ILE T 59 -71.56 8.19 -9.56
N LYS T 60 -71.50 9.19 -8.75
CA LYS T 60 -72.56 9.79 -7.95
C LYS T 60 -73.67 10.35 -8.81
N ILE T 61 -73.33 11.05 -9.92
CA ILE T 61 -74.09 11.58 -11.01
C ILE T 61 -74.89 10.54 -11.81
N GLU T 62 -74.16 9.45 -12.23
CA GLU T 62 -74.58 8.42 -13.05
C GLU T 62 -75.60 7.47 -12.31
N ALA T 63 -75.40 7.29 -10.96
CA ALA T 63 -76.42 6.74 -10.09
C ALA T 63 -77.67 7.58 -9.98
N ASN T 64 -77.51 8.88 -9.75
CA ASN T 64 -78.65 9.75 -9.60
C ASN T 64 -79.48 9.67 -10.91
N LEU T 65 -78.82 9.70 -12.10
CA LEU T 65 -79.46 9.79 -13.36
C LEU T 65 -80.17 8.48 -13.56
N TYR T 66 -79.59 7.34 -13.09
CA TYR T 66 -80.05 5.95 -13.31
C TYR T 66 -81.43 5.84 -12.74
N GLU T 67 -81.61 6.36 -11.45
CA GLU T 67 -82.97 6.36 -10.84
C GLU T 67 -83.93 7.20 -11.59
N ILE T 68 -83.55 8.34 -12.11
CA ILE T 68 -84.37 9.28 -12.97
C ILE T 68 -84.85 8.55 -14.26
N ARG T 69 -84.02 7.80 -14.91
CA ARG T 69 -84.33 7.30 -16.20
C ARG T 69 -85.21 6.12 -16.18
N ARG T 70 -84.83 5.13 -15.43
CA ARG T 70 -85.20 3.73 -15.53
C ARG T 70 -86.19 3.49 -14.35
N GLU T 71 -86.24 4.40 -13.38
CA GLU T 71 -87.15 4.29 -12.19
C GLU T 71 -86.96 3.11 -11.39
N ARG T 72 -85.64 2.83 -11.13
CA ARG T 72 -85.29 1.67 -10.43
C ARG T 72 -84.13 2.19 -9.67
N LYS T 73 -83.94 1.68 -8.41
CA LYS T 73 -82.81 2.16 -7.68
C LYS T 73 -81.62 1.37 -8.20
N PRO T 74 -80.42 1.97 -8.57
CA PRO T 74 -79.33 1.28 -9.11
C PRO T 74 -78.76 0.33 -8.10
N THR T 75 -78.29 -0.79 -8.67
CA THR T 75 -77.59 -1.87 -7.95
C THR T 75 -76.09 -1.50 -8.05
N VAL T 76 -75.33 -2.02 -7.11
CA VAL T 76 -73.93 -1.82 -6.94
C VAL T 76 -73.23 -2.34 -8.21
N ARG T 77 -73.84 -3.42 -8.75
CA ARG T 77 -73.30 -4.13 -9.86
C ARG T 77 -73.33 -3.27 -11.11
N ALA T 78 -74.36 -2.37 -11.30
CA ALA T 78 -74.48 -1.49 -12.43
C ALA T 78 -73.49 -0.34 -12.51
N ILE T 79 -73.40 0.37 -11.36
CA ILE T 79 -72.59 1.55 -11.26
C ILE T 79 -71.12 1.02 -11.14
N ALA T 80 -70.79 -0.17 -10.57
CA ALA T 80 -69.45 -0.73 -10.61
C ALA T 80 -68.98 -1.02 -11.99
N THR T 81 -69.84 -1.62 -12.83
CA THR T 81 -69.55 -1.97 -14.20
C THR T 81 -69.30 -0.80 -15.10
N LEU T 82 -70.04 0.28 -14.92
CA LEU T 82 -70.01 1.49 -15.66
C LEU T 82 -68.69 2.14 -15.40
N THR T 83 -68.27 2.05 -14.16
CA THR T 83 -67.06 2.73 -13.67
C THR T 83 -65.78 2.05 -14.15
N SER T 84 -65.77 0.68 -14.27
CA SER T 84 -64.75 -0.12 -14.81
C SER T 84 -64.49 0.25 -16.21
N ASN T 85 -65.50 0.49 -17.14
CA ASN T 85 -65.33 0.98 -18.53
C ASN T 85 -64.52 2.24 -18.64
N LEU T 86 -64.72 3.18 -17.71
CA LEU T 86 -64.05 4.44 -17.68
C LEU T 86 -62.58 4.32 -17.40
N LEU T 87 -62.25 3.38 -16.46
CA LEU T 87 -60.91 3.15 -15.89
C LEU T 87 -60.08 2.45 -16.84
N ASN T 88 -60.70 1.50 -17.56
CA ASN T 88 -60.12 0.96 -18.83
C ASN T 88 -59.94 1.92 -19.92
N SER T 89 -60.98 2.78 -20.23
CA SER T 89 -60.93 3.63 -21.38
C SER T 89 -59.93 4.76 -21.38
N TYR T 90 -59.80 5.44 -20.18
CA TYR T 90 -59.09 6.64 -19.86
C TYR T 90 -57.81 6.28 -19.30
N ARG T 91 -57.19 5.22 -19.86
CA ARG T 91 -55.98 4.68 -19.27
C ARG T 91 -54.81 5.33 -19.86
N TYR T 92 -55.13 6.33 -20.70
CA TYR T 92 -54.20 7.24 -21.35
C TYR T 92 -53.67 8.17 -20.28
N PHE T 93 -54.36 8.46 -19.16
CA PHE T 93 -53.82 9.06 -17.99
C PHE T 93 -53.99 8.12 -16.73
N PRO T 94 -52.87 7.69 -16.10
CA PRO T 94 -52.97 6.60 -15.14
C PRO T 94 -53.57 6.98 -13.87
N TYR T 95 -54.33 6.01 -13.28
CA TYR T 95 -54.90 6.07 -12.02
C TYR T 95 -54.12 5.19 -11.01
N LEU T 96 -54.38 5.55 -9.76
CA LEU T 96 -53.66 4.86 -8.74
C LEU T 96 -54.45 4.98 -7.51
N VAL T 97 -55.63 4.30 -7.58
CA VAL T 97 -56.69 4.29 -6.60
C VAL T 97 -57.35 2.95 -6.76
N GLN T 98 -57.73 2.35 -5.61
CA GLN T 98 -58.51 1.16 -5.56
C GLN T 98 -59.85 1.55 -5.03
N LEU T 99 -60.92 1.15 -5.76
CA LEU T 99 -62.26 1.64 -5.31
C LEU T 99 -63.05 0.52 -4.68
N LEU T 100 -63.84 0.76 -3.67
CA LEU T 100 -64.70 -0.23 -3.16
C LEU T 100 -66.01 0.46 -3.22
N ILE T 101 -66.93 -0.03 -4.07
CA ILE T 101 -68.29 0.44 -4.12
C ILE T 101 -69.15 -0.72 -3.62
N GLY T 102 -70.01 -0.43 -2.65
CA GLY T 102 -70.83 -1.41 -2.02
C GLY T 102 -72.06 -0.71 -1.54
N GLY T 103 -72.97 -1.41 -0.92
CA GLY T 103 -74.12 -0.79 -0.26
C GLY T 103 -75.12 -1.80 -0.49
N ILE T 104 -76.26 -1.22 -0.32
CA ILE T 104 -77.53 -1.86 -0.15
C ILE T 104 -78.19 -1.48 -1.37
N ASP T 105 -79.05 -2.40 -1.94
CA ASP T 105 -79.93 -2.20 -3.02
C ASP T 105 -81.00 -3.27 -2.74
N SER T 106 -81.98 -3.33 -3.63
CA SER T 106 -83.14 -4.17 -3.60
C SER T 106 -82.80 -5.64 -3.85
N GLU T 107 -81.77 -5.99 -4.68
CA GLU T 107 -81.45 -7.34 -4.99
C GLU T 107 -80.82 -8.04 -3.84
N GLY T 108 -79.88 -7.29 -3.16
CA GLY T 108 -79.25 -7.81 -1.99
C GLY T 108 -78.10 -6.93 -1.80
N LYS T 109 -76.98 -7.54 -1.28
CA LYS T 109 -75.75 -6.83 -0.95
C LYS T 109 -74.72 -7.65 -1.67
N SER T 110 -74.07 -6.89 -2.55
CA SER T 110 -72.85 -7.30 -3.14
C SER T 110 -71.76 -6.17 -3.09
N ILE T 111 -70.48 -6.40 -2.85
CA ILE T 111 -69.45 -5.40 -2.80
C ILE T 111 -68.51 -5.83 -3.89
N TYR T 112 -68.13 -4.83 -4.76
CA TYR T 112 -67.30 -4.95 -5.94
C TYR T 112 -66.06 -4.11 -5.71
N SER T 113 -64.91 -4.54 -6.33
CA SER T 113 -63.67 -3.73 -6.25
C SER T 113 -63.20 -3.53 -7.64
N ILE T 114 -62.96 -2.24 -7.88
CA ILE T 114 -62.46 -1.75 -9.14
C ILE T 114 -61.02 -1.50 -8.86
N ASP T 115 -60.15 -1.91 -9.81
CA ASP T 115 -58.65 -1.84 -9.54
C ASP T 115 -58.09 -0.65 -10.29
N PRO T 116 -56.78 -0.19 -10.15
CA PRO T 116 -56.29 0.98 -10.81
C PRO T 116 -56.13 0.65 -12.29
N ILE T 117 -56.15 -0.66 -12.76
CA ILE T 117 -56.08 -0.92 -14.18
C ILE T 117 -57.38 -1.44 -14.66
N GLY T 118 -58.50 -1.51 -13.87
CA GLY T 118 -59.87 -1.66 -14.35
C GLY T 118 -60.41 -2.94 -13.72
N GLY T 119 -61.51 -3.46 -14.38
CA GLY T 119 -62.24 -4.63 -14.13
C GLY T 119 -63.00 -4.62 -12.85
N ALA T 120 -63.76 -5.69 -12.54
CA ALA T 120 -64.61 -5.66 -11.38
C ALA T 120 -64.70 -7.06 -10.83
N ILE T 121 -64.43 -7.24 -9.57
CA ILE T 121 -64.39 -8.52 -8.87
C ILE T 121 -65.34 -8.46 -7.72
N GLU T 122 -66.16 -9.46 -7.67
CA GLU T 122 -67.00 -9.59 -6.53
C GLU T 122 -66.31 -10.09 -5.28
N GLU T 123 -66.37 -9.31 -4.20
CA GLU T 123 -65.97 -9.66 -2.87
C GLU T 123 -67.01 -10.46 -2.23
N LYS T 124 -66.66 -11.75 -1.87
CA LYS T 124 -67.59 -12.67 -1.23
C LYS T 124 -68.09 -12.14 0.08
N ASP T 125 -67.13 -11.57 0.90
CA ASP T 125 -67.54 -10.96 2.18
C ASP T 125 -66.43 -10.22 2.87
N ILE T 126 -65.17 -10.13 2.24
CA ILE T 126 -63.98 -9.59 2.84
C ILE T 126 -63.08 -9.02 1.72
N VAL T 127 -62.29 -7.97 2.09
CA VAL T 127 -61.33 -7.31 1.18
C VAL T 127 -60.41 -6.61 2.21
N ALA T 128 -59.17 -6.15 1.78
CA ALA T 128 -58.28 -5.27 2.48
C ALA T 128 -57.18 -5.06 1.45
N THR T 129 -56.98 -3.76 1.24
CA THR T 129 -56.60 -3.23 -0.13
C THR T 129 -56.12 -1.84 0.36
N GLY T 130 -55.09 -1.24 -0.24
CA GLY T 130 -54.42 -0.05 0.32
C GLY T 130 -53.03 -0.39 0.79
N SER T 131 -52.34 0.48 1.55
CA SER T 131 -50.90 0.31 1.82
C SER T 131 -50.76 -0.43 3.12
N GLY T 132 -51.90 -0.51 3.83
CA GLY T 132 -52.07 -1.22 5.07
C GLY T 132 -52.69 -2.57 4.92
N SER T 133 -52.80 -2.95 3.62
CA SER T 133 -53.59 -4.06 3.00
C SER T 133 -53.49 -5.49 3.56
N LEU T 134 -52.28 -5.88 4.04
CA LEU T 134 -52.09 -7.16 4.60
C LEU T 134 -52.29 -7.20 6.09
N THR T 135 -51.86 -6.08 6.79
CA THR T 135 -52.06 -5.99 8.20
C THR T 135 -53.54 -6.05 8.49
N ALA T 136 -54.26 -5.32 7.67
CA ALA T 136 -55.71 -5.35 7.76
C ALA T 136 -56.47 -6.62 7.45
N TYR T 137 -56.13 -7.42 6.36
CA TYR T 137 -56.86 -8.60 6.02
C TYR T 137 -56.97 -9.70 7.02
N GLY T 138 -55.84 -9.92 7.79
CA GLY T 138 -55.70 -11.02 8.76
C GLY T 138 -56.70 -11.00 9.78
N VAL T 139 -56.92 -9.82 10.39
CA VAL T 139 -57.77 -9.63 11.53
C VAL T 139 -59.19 -9.93 11.06
N LEU T 140 -59.46 -9.51 9.81
CA LEU T 140 -60.85 -9.69 9.32
C LEU T 140 -61.12 -11.18 9.24
N GLU T 141 -60.17 -12.01 8.78
CA GLU T 141 -60.48 -13.34 8.46
C GLU T 141 -60.50 -14.26 9.70
N ASP T 142 -59.90 -13.78 10.78
CA ASP T 142 -59.76 -14.50 11.99
C ASP T 142 -61.06 -14.29 12.76
N ARG T 143 -61.71 -13.12 12.54
CA ARG T 143 -62.93 -12.96 13.27
C ARG T 143 -64.08 -13.00 12.37
N PHE T 144 -63.94 -13.49 11.16
CA PHE T 144 -65.03 -13.59 10.29
C PHE T 144 -65.88 -14.77 10.69
N THR T 145 -67.19 -14.54 10.93
CA THR T 145 -68.28 -15.36 11.13
C THR T 145 -69.25 -15.01 9.98
N PRO T 146 -69.97 -16.04 9.48
CA PRO T 146 -70.88 -15.80 8.34
C PRO T 146 -72.14 -15.17 8.99
N GLU T 147 -72.23 -15.09 10.29
CA GLU T 147 -73.44 -14.49 10.97
C GLU T 147 -73.08 -13.09 11.39
N ILE T 148 -71.95 -12.49 10.90
CA ILE T 148 -71.54 -11.08 11.02
C ILE T 148 -72.69 -10.14 10.60
N GLY T 149 -72.98 -9.17 11.55
CA GLY T 149 -73.99 -8.16 11.38
C GLY T 149 -73.26 -6.92 11.22
N VAL T 150 -74.00 -5.78 11.25
CA VAL T 150 -73.45 -4.48 11.27
C VAL T 150 -72.70 -4.26 12.64
N ASP T 151 -73.28 -4.85 13.76
CA ASP T 151 -72.74 -4.70 15.13
C ASP T 151 -71.41 -5.40 15.30
N GLU T 152 -71.17 -6.49 14.56
CA GLU T 152 -69.99 -7.28 14.65
C GLU T 152 -69.03 -6.67 13.69
N ALA T 153 -69.61 -6.13 12.54
CA ALA T 153 -68.80 -5.51 11.47
C ALA T 153 -68.23 -4.15 11.81
N VAL T 154 -68.87 -3.24 12.57
CA VAL T 154 -68.32 -1.96 12.89
C VAL T 154 -67.06 -2.04 13.75
N GLU T 155 -67.14 -2.96 14.77
CA GLU T 155 -66.08 -3.23 15.65
C GLU T 155 -64.92 -3.94 14.94
N LEU T 156 -65.21 -4.90 14.04
CA LEU T 156 -64.28 -5.65 13.16
C LEU T 156 -63.58 -4.68 12.21
N ALA T 157 -64.29 -3.63 11.78
CA ALA T 157 -63.72 -2.65 10.99
C ALA T 157 -62.66 -1.85 11.72
N VAL T 158 -62.87 -1.35 12.94
CA VAL T 158 -61.95 -0.53 13.70
C VAL T 158 -60.62 -1.23 14.02
N ARG T 159 -60.81 -2.49 14.52
CA ARG T 159 -59.69 -3.28 15.07
C ARG T 159 -58.66 -3.59 13.95
N ALA T 160 -59.12 -3.90 12.72
CA ALA T 160 -58.22 -4.28 11.61
C ALA T 160 -57.45 -3.05 11.23
N ILE T 161 -58.13 -1.89 11.19
CA ILE T 161 -57.44 -0.63 10.90
C ILE T 161 -56.43 -0.22 11.98
N TYR T 162 -56.85 -0.44 13.27
CA TYR T 162 -56.14 -0.10 14.45
C TYR T 162 -54.79 -0.83 14.47
N SER T 163 -54.77 -2.12 13.98
CA SER T 163 -53.51 -2.93 13.85
C SER T 163 -52.64 -2.35 12.80
N ALA T 164 -53.19 -1.89 11.60
CA ALA T 164 -52.51 -1.26 10.50
C ALA T 164 -51.81 0.02 10.94
N MET T 165 -52.36 0.83 11.83
CA MET T 165 -51.76 2.13 12.35
C MET T 165 -50.43 1.95 13.03
N LYS T 166 -50.41 0.81 13.76
CA LYS T 166 -49.45 0.38 14.74
C LYS T 166 -48.53 -0.62 14.08
N ARG T 167 -48.59 -0.78 12.74
CA ARG T 167 -47.67 -1.70 12.00
C ARG T 167 -47.23 -1.09 10.77
N ASP T 168 -47.59 0.17 10.51
CA ASP T 168 -47.24 0.95 9.37
C ASP T 168 -46.95 2.38 9.76
N SER T 169 -46.14 3.17 9.05
CA SER T 169 -45.95 4.57 9.21
C SER T 169 -46.19 5.09 7.87
N ALA T 170 -47.33 4.59 7.29
CA ALA T 170 -47.76 5.20 6.09
C ALA T 170 -49.28 5.41 6.28
N SER T 171 -49.77 5.08 7.51
CA SER T 171 -51.14 5.13 7.91
C SER T 171 -51.25 6.36 8.72
N GLY T 172 -52.48 6.83 8.85
CA GLY T 172 -52.80 7.95 9.63
C GLY T 172 -53.18 7.46 11.00
N ASP T 173 -53.84 8.28 11.83
CA ASP T 173 -54.45 8.03 13.12
C ASP T 173 -55.76 8.88 13.22
N GLY T 174 -56.58 8.74 12.19
CA GLY T 174 -57.81 9.48 12.10
C GLY T 174 -58.81 8.68 11.22
N ILE T 175 -59.21 7.44 11.76
CA ILE T 175 -60.12 6.49 11.13
C ILE T 175 -61.54 6.98 10.96
N ASP T 176 -62.13 6.79 9.74
CA ASP T 176 -63.56 6.90 9.55
C ASP T 176 -64.22 5.61 9.16
N VAL T 177 -65.44 5.43 9.62
CA VAL T 177 -66.22 4.20 9.41
C VAL T 177 -67.54 4.68 8.95
N VAL T 178 -68.21 3.86 8.11
CA VAL T 178 -69.47 4.26 7.53
C VAL T 178 -70.36 3.06 7.70
N LYS T 179 -71.54 3.29 8.27
CA LYS T 179 -72.53 2.26 8.48
C LYS T 179 -73.68 2.50 7.68
N ILE T 180 -74.14 1.48 6.99
CA ILE T 180 -75.35 1.41 6.26
C ILE T 180 -76.08 0.19 6.75
N THR T 181 -77.10 0.41 7.60
CA THR T 181 -77.83 -0.67 8.33
C THR T 181 -79.20 -0.91 7.67
N GLU T 182 -79.58 -0.15 6.57
CA GLU T 182 -80.69 -0.36 5.62
C GLU T 182 -81.90 0.43 6.19
N ASP T 183 -81.56 1.44 7.07
CA ASP T 183 -82.53 2.31 7.86
C ASP T 183 -81.87 3.59 8.01
N GLU T 184 -80.54 3.65 7.81
CA GLU T 184 -79.72 4.85 7.91
C GLU T 184 -78.68 4.85 6.89
N PHE T 185 -78.10 6.05 6.65
CA PHE T 185 -76.81 6.22 6.05
C PHE T 185 -76.21 7.08 7.03
N TYR T 186 -75.43 6.49 8.00
CA TYR T 186 -74.84 7.12 9.09
C TYR T 186 -73.38 7.10 8.73
N GLN T 187 -72.60 8.12 9.04
CA GLN T 187 -71.17 8.29 8.87
C GLN T 187 -70.66 8.77 10.22
N TYR T 188 -69.93 7.87 10.91
CA TYR T 188 -69.60 8.14 12.28
C TYR T 188 -68.69 9.34 12.51
N SER T 189 -67.82 9.63 11.50
CA SER T 189 -66.89 10.82 11.42
C SER T 189 -65.67 10.48 12.18
N PRO T 190 -64.48 10.95 11.84
CA PRO T 190 -63.23 10.63 12.51
C PRO T 190 -63.26 10.59 14.10
N GLU T 191 -63.73 11.62 14.80
CA GLU T 191 -63.66 11.77 16.28
C GLU T 191 -64.25 10.57 17.11
N GLU T 192 -65.49 10.23 16.77
CA GLU T 192 -66.30 9.12 17.27
C GLU T 192 -65.71 7.86 17.01
N VAL T 193 -65.16 7.63 15.85
CA VAL T 193 -64.55 6.33 15.59
C VAL T 193 -63.27 6.13 16.41
N GLU T 194 -62.36 7.11 16.43
CA GLU T 194 -61.10 7.23 17.14
C GLU T 194 -61.21 7.07 18.58
N GLN T 195 -62.32 7.52 19.20
CA GLN T 195 -62.61 7.60 20.63
C GLN T 195 -62.79 6.16 21.17
N ILE T 196 -63.46 5.33 20.34
CA ILE T 196 -63.62 3.97 20.73
C ILE T 196 -62.30 3.15 20.85
N LEU T 197 -61.27 3.40 20.00
CA LEU T 197 -60.03 2.68 20.04
C LEU T 197 -59.05 3.41 20.99
N ALA T 198 -59.46 4.54 21.62
CA ALA T 198 -58.49 5.16 22.50
C ALA T 198 -58.69 4.78 23.91
N LYS T 199 -59.81 4.03 24.23
CA LYS T 199 -59.97 3.33 25.50
C LYS T 199 -59.50 1.96 25.43
N PHE T 200 -58.85 1.51 24.35
CA PHE T 200 -58.00 0.32 24.40
C PHE T 200 -56.71 0.62 25.13
N ARG T 201 -55.94 1.72 24.80
CA ARG T 201 -54.80 2.12 25.54
C ARG T 201 -54.18 3.34 24.80
N LYS T 202 -53.59 3.25 23.57
CA LYS T 202 -53.06 4.44 22.87
C LYS T 202 -54.16 5.38 22.31
N THR U 1 -22.34 28.24 3.34
CA THR U 1 -21.09 28.77 4.04
C THR U 1 -20.33 29.49 3.07
N THR U 2 -20.01 30.78 3.40
CA THR U 2 -19.18 31.69 2.66
C THR U 2 -18.55 32.52 3.73
N THR U 3 -17.32 32.91 3.32
CA THR U 3 -16.40 33.62 4.27
C THR U 3 -15.82 34.85 3.59
N VAL U 4 -15.37 35.76 4.45
CA VAL U 4 -14.53 36.91 4.10
C VAL U 4 -13.38 36.99 5.10
N GLY U 5 -12.42 37.88 4.74
CA GLY U 5 -11.19 38.03 5.47
C GLY U 5 -10.64 39.28 5.06
N LEU U 6 -10.37 40.12 6.07
CA LEU U 6 -9.88 41.39 5.91
C LEU U 6 -8.62 41.52 6.78
N VAL U 7 -7.63 42.18 6.17
CA VAL U 7 -6.39 42.57 6.73
C VAL U 7 -6.61 44.04 6.99
N CYS U 8 -6.50 44.37 8.29
CA CYS U 8 -6.86 45.63 8.93
C CYS U 8 -5.59 46.18 9.55
N LYS U 9 -5.61 47.51 9.74
CA LYS U 9 -4.51 48.22 10.34
C LYS U 9 -4.34 47.99 11.81
N ASP U 10 -5.43 47.50 12.50
CA ASP U 10 -5.35 47.28 13.91
C ASP U 10 -5.72 45.86 14.22
N GLY U 11 -5.77 45.02 13.12
CA GLY U 11 -5.76 43.61 13.42
C GLY U 11 -6.05 42.82 12.21
N VAL U 12 -6.83 41.72 12.36
CA VAL U 12 -7.46 41.01 11.27
C VAL U 12 -8.86 40.70 11.69
N VAL U 13 -9.84 40.75 10.71
CA VAL U 13 -11.26 40.38 10.91
C VAL U 13 -11.53 39.28 9.89
N MET U 14 -11.88 38.08 10.46
CA MET U 14 -12.11 36.88 9.78
C MET U 14 -13.61 36.63 10.16
N ALA U 15 -14.30 36.02 9.23
CA ALA U 15 -15.75 35.83 9.41
C ALA U 15 -16.27 34.45 8.91
N THR U 16 -17.42 33.99 9.51
CA THR U 16 -18.02 32.67 9.33
C THR U 16 -19.51 32.87 9.54
N GLU U 17 -20.37 32.06 8.97
CA GLU U 17 -21.74 31.97 9.35
C GLU U 17 -22.03 30.63 9.98
N LYS U 18 -23.03 30.57 10.88
CA LYS U 18 -23.43 29.36 11.62
C LYS U 18 -24.08 28.47 10.69
N ARG U 19 -23.62 27.21 10.61
CA ARG U 19 -24.10 26.09 9.88
C ARG U 19 -23.57 24.95 10.62
N ALA U 20 -24.26 23.78 10.53
CA ALA U 20 -23.90 22.63 11.29
C ALA U 20 -24.67 21.45 10.73
N THR U 21 -23.94 20.35 10.61
CA THR U 21 -24.45 19.02 10.32
C THR U 21 -25.29 18.52 11.48
N MET U 22 -26.60 18.39 11.39
CA MET U 22 -27.55 18.01 12.39
C MET U 22 -28.81 17.96 11.56
N GLY U 23 -28.79 17.53 10.30
CA GLY U 23 -29.91 17.65 9.36
C GLY U 23 -29.74 18.95 8.62
N ASN U 24 -28.55 19.60 8.54
CA ASN U 24 -28.19 20.79 7.84
C ASN U 24 -28.86 21.99 8.52
N PHE U 25 -28.86 22.04 9.85
CA PHE U 25 -29.58 23.00 10.68
C PHE U 25 -28.64 23.20 11.83
N ILE U 26 -28.49 24.49 12.22
CA ILE U 26 -27.50 25.02 13.16
C ILE U 26 -27.60 24.22 14.44
N ALA U 27 -26.45 24.00 15.02
CA ALA U 27 -26.21 23.31 16.35
C ALA U 27 -26.05 24.36 17.42
N SER U 28 -26.97 24.30 18.45
CA SER U 28 -27.16 25.23 19.55
C SER U 28 -27.33 26.70 19.13
N LYS U 29 -26.70 27.62 19.88
CA LYS U 29 -26.60 28.99 19.62
C LYS U 29 -25.25 29.24 19.05
N ALA U 30 -24.29 28.43 19.46
CA ALA U 30 -22.86 28.58 19.13
C ALA U 30 -22.44 27.29 18.61
N ALA U 31 -21.92 27.38 17.34
CA ALA U 31 -21.47 26.23 16.62
C ALA U 31 -20.07 26.47 16.08
N LYS U 32 -19.08 25.64 16.41
CA LYS U 32 -17.71 25.73 16.04
C LYS U 32 -17.37 26.16 14.70
N LYS U 33 -16.65 27.31 14.57
CA LYS U 33 -16.32 27.85 13.29
C LYS U 33 -15.09 28.75 13.45
N ILE U 34 -14.47 28.65 14.56
CA ILE U 34 -13.41 29.57 14.95
C ILE U 34 -12.68 28.62 15.80
N TYR U 35 -11.36 28.45 15.49
CA TYR U 35 -10.49 27.41 16.06
C TYR U 35 -9.28 28.26 16.38
N GLN U 36 -8.78 28.33 17.64
CA GLN U 36 -7.51 28.96 18.05
C GLN U 36 -6.47 27.92 17.81
N ILE U 37 -5.81 28.17 16.66
CA ILE U 37 -4.57 27.44 16.27
C ILE U 37 -3.36 27.74 17.14
N ALA U 38 -3.25 29.02 17.46
CA ALA U 38 -2.25 29.60 18.26
C ALA U 38 -2.71 30.92 18.82
N ASP U 39 -1.83 31.67 19.57
CA ASP U 39 -2.29 32.89 20.22
C ASP U 39 -2.77 33.96 19.25
N ARG U 40 -2.03 34.07 18.12
CA ARG U 40 -2.13 35.14 17.17
C ARG U 40 -2.48 34.55 15.84
N MET U 41 -3.08 33.32 15.85
CA MET U 41 -3.41 32.65 14.57
C MET U 41 -4.77 32.05 14.77
N ALA U 42 -5.72 32.25 13.80
CA ALA U 42 -7.06 31.82 13.73
C ALA U 42 -7.35 31.04 12.48
N MET U 43 -8.45 30.24 12.48
CA MET U 43 -8.91 29.50 11.31
C MET U 43 -10.41 29.75 11.19
N THR U 44 -10.81 30.11 9.92
CA THR U 44 -12.18 30.22 9.45
C THR U 44 -12.26 29.42 8.21
N THR U 45 -13.51 29.04 7.85
CA THR U 45 -13.65 28.00 6.83
C THR U 45 -14.97 28.21 6.13
N ALA U 46 -15.00 28.12 4.79
CA ALA U 46 -16.20 28.01 3.98
C ALA U 46 -16.15 26.60 3.47
N GLY U 47 -17.19 25.84 3.46
CA GLY U 47 -17.27 24.47 3.03
C GLY U 47 -17.74 23.67 4.21
N SER U 48 -17.44 22.38 4.13
CA SER U 48 -17.87 21.32 5.06
C SER U 48 -17.43 21.58 6.48
N VAL U 49 -18.37 21.45 7.46
CA VAL U 49 -18.21 21.72 8.87
C VAL U 49 -17.40 20.68 9.62
N GLY U 50 -17.68 19.37 9.38
CA GLY U 50 -16.96 18.30 10.09
C GLY U 50 -15.51 18.22 9.73
N ASP U 51 -15.22 18.47 8.42
CA ASP U 51 -13.95 18.54 7.76
C ASP U 51 -13.16 19.67 8.39
N ALA U 52 -13.88 20.82 8.57
CA ALA U 52 -13.42 22.05 9.17
C ALA U 52 -12.88 21.93 10.57
N GLN U 53 -13.53 21.19 11.48
CA GLN U 53 -13.14 20.96 12.78
C GLN U 53 -11.94 19.94 12.86
N PHE U 54 -11.99 18.77 12.08
CA PHE U 54 -11.00 17.71 12.10
C PHE U 54 -9.71 18.18 11.57
N LEU U 55 -9.74 19.05 10.50
CA LEU U 55 -8.47 19.48 10.02
C LEU U 55 -7.91 20.60 10.89
N ALA U 56 -8.76 21.25 11.61
CA ALA U 56 -8.40 22.33 12.61
C ALA U 56 -7.51 21.82 13.62
N ARG U 57 -7.81 20.57 14.13
CA ARG U 57 -6.98 19.98 15.11
C ARG U 57 -5.63 19.54 14.67
N ILE U 58 -5.46 19.02 13.46
CA ILE U 58 -4.14 18.56 13.01
C ILE U 58 -3.17 19.67 12.98
N ILE U 59 -3.62 20.86 12.50
CA ILE U 59 -2.85 22.12 12.27
C ILE U 59 -2.60 22.74 13.63
N LYS U 60 -3.62 22.74 14.53
CA LYS U 60 -3.47 23.25 15.86
C LYS U 60 -2.40 22.54 16.64
N ILE U 61 -2.38 21.18 16.64
CA ILE U 61 -1.39 20.37 17.31
C ILE U 61 -0.04 20.67 16.74
N GLU U 62 0.11 20.81 15.39
CA GLU U 62 1.42 21.00 14.81
C GLU U 62 1.94 22.42 15.01
N ALA U 63 1.02 23.37 15.19
CA ALA U 63 1.30 24.77 15.38
C ALA U 63 1.80 24.98 16.75
N ASN U 64 1.15 24.28 17.75
CA ASN U 64 1.43 24.40 19.13
C ASN U 64 2.87 23.75 19.24
N LEU U 65 3.16 22.65 18.41
CA LEU U 65 4.37 21.90 18.34
C LEU U 65 5.49 22.68 17.81
N TYR U 66 5.18 23.63 16.87
CA TYR U 66 6.14 24.42 16.29
C TYR U 66 6.74 25.36 17.37
N GLU U 67 5.81 25.93 18.20
CA GLU U 67 6.16 26.95 19.17
C GLU U 67 7.01 26.46 20.30
N ILE U 68 6.60 25.29 20.80
CA ILE U 68 7.19 24.44 21.74
C ILE U 68 8.52 23.90 21.42
N ARG U 69 8.68 23.37 20.14
CA ARG U 69 9.90 22.81 19.72
C ARG U 69 10.99 23.86 19.56
N ARG U 70 10.80 25.02 18.91
CA ARG U 70 11.87 25.79 18.34
C ARG U 70 12.18 26.99 19.17
N GLU U 71 11.37 27.29 20.20
CA GLU U 71 11.51 28.48 21.12
C GLU U 71 11.40 29.75 20.36
N ARG U 72 10.45 29.77 19.38
CA ARG U 72 10.31 30.83 18.37
C ARG U 72 8.86 30.69 17.90
N LYS U 73 8.10 31.80 18.08
CA LYS U 73 6.69 31.84 17.70
C LYS U 73 6.57 31.47 16.24
N PRO U 74 5.46 30.87 15.77
CA PRO U 74 5.26 30.61 14.31
C PRO U 74 4.76 31.83 13.69
N THR U 75 4.86 31.83 12.34
CA THR U 75 4.44 32.85 11.46
C THR U 75 3.31 32.35 10.64
N VAL U 76 2.51 33.32 10.03
CA VAL U 76 1.28 33.05 9.35
C VAL U 76 1.48 32.24 8.07
N ARG U 77 2.62 32.57 7.30
CA ARG U 77 3.11 31.83 6.18
C ARG U 77 3.53 30.37 6.45
N ALA U 78 4.18 30.12 7.59
CA ALA U 78 4.49 28.80 8.06
C ALA U 78 3.28 27.92 8.31
N ILE U 79 2.21 28.43 8.96
CA ILE U 79 1.03 27.65 9.25
C ILE U 79 0.26 27.35 7.96
N ALA U 80 0.20 28.35 7.00
CA ALA U 80 -0.46 28.35 5.74
C ALA U 80 0.11 27.28 4.84
N THR U 81 1.43 27.15 4.76
CA THR U 81 2.08 26.21 3.79
C THR U 81 2.10 24.81 4.43
N LEU U 82 2.11 24.76 5.80
CA LEU U 82 1.95 23.54 6.57
C LEU U 82 0.61 22.83 6.22
N THR U 83 -0.44 23.67 6.10
CA THR U 83 -1.81 23.24 5.80
C THR U 83 -1.87 22.57 4.46
N SER U 84 -1.15 23.17 3.47
CA SER U 84 -1.18 22.67 2.08
C SER U 84 -0.62 21.33 1.92
N ASN U 85 0.49 21.05 2.59
CA ASN U 85 1.18 19.80 2.38
C ASN U 85 0.40 18.62 2.94
N LEU U 86 -0.17 18.95 4.18
CA LEU U 86 -1.11 18.10 4.88
C LEU U 86 -2.33 17.80 4.04
N LEU U 87 -2.94 18.84 3.33
CA LEU U 87 -4.17 18.57 2.63
C LEU U 87 -4.06 17.58 1.47
N ASN U 88 -3.01 17.84 0.69
CA ASN U 88 -2.68 17.11 -0.52
C ASN U 88 -2.25 15.64 -0.27
N SER U 89 -1.68 15.38 0.95
CA SER U 89 -1.30 14.09 1.39
C SER U 89 -2.54 13.32 1.74
N TYR U 90 -3.41 13.98 2.57
CA TYR U 90 -4.57 13.43 3.20
C TYR U 90 -5.74 13.52 2.27
N ARG U 91 -5.51 13.60 0.89
CA ARG U 91 -6.58 13.64 -0.01
C ARG U 91 -7.19 12.27 -0.22
N TYR U 92 -6.47 11.11 0.05
CA TYR U 92 -6.93 9.78 0.07
C TYR U 92 -8.06 9.62 0.98
N PHE U 93 -8.13 10.40 2.04
CA PHE U 93 -9.35 10.50 2.85
C PHE U 93 -10.18 11.60 2.23
N PRO U 94 -11.48 11.30 2.10
CA PRO U 94 -12.45 12.33 1.46
C PRO U 94 -12.35 13.69 2.16
N TYR U 95 -11.96 14.76 1.50
CA TYR U 95 -11.94 16.07 2.09
C TYR U 95 -12.23 17.03 0.98
N LEU U 96 -12.85 18.24 1.33
CA LEU U 96 -13.14 19.21 0.25
C LEU U 96 -13.78 20.31 1.14
N VAL U 97 -12.95 21.37 1.38
CA VAL U 97 -13.30 22.52 2.27
C VAL U 97 -12.24 23.52 1.80
N GLN U 98 -12.54 24.81 1.77
CA GLN U 98 -11.70 25.88 1.38
C GLN U 98 -11.44 26.63 2.71
N LEU U 99 -10.16 26.94 2.98
CA LEU U 99 -9.63 27.19 4.30
C LEU U 99 -9.07 28.57 4.25
N LEU U 100 -9.33 29.39 5.31
CA LEU U 100 -8.63 30.65 5.48
C LEU U 100 -7.94 30.58 6.76
N ILE U 101 -6.61 30.75 6.64
CA ILE U 101 -5.75 30.81 7.78
C ILE U 101 -5.29 32.25 7.67
N GLY U 102 -5.19 32.96 8.74
CA GLY U 102 -4.76 34.35 8.76
C GLY U 102 -4.52 34.65 10.19
N GLY U 103 -3.89 35.83 10.32
CA GLY U 103 -3.59 36.24 11.71
C GLY U 103 -2.44 37.28 11.55
N ILE U 104 -1.68 37.36 12.62
CA ILE U 104 -0.69 38.39 12.82
C ILE U 104 0.60 37.70 13.16
N ASP U 105 1.74 38.19 12.71
CA ASP U 105 2.97 37.60 12.92
C ASP U 105 3.97 38.76 12.81
N SER U 106 5.30 38.44 12.98
CA SER U 106 6.24 39.39 13.09
C SER U 106 6.77 39.83 11.76
N GLU U 107 6.06 39.61 10.67
CA GLU U 107 6.41 39.99 9.26
C GLU U 107 5.24 40.89 8.96
N GLY U 108 4.18 41.00 9.76
CA GLY U 108 3.08 41.87 9.48
C GLY U 108 1.85 41.06 9.60
N LYS U 109 0.85 41.34 8.74
CA LYS U 109 -0.44 40.68 8.91
C LYS U 109 -0.73 40.13 7.54
N SER U 110 -1.58 39.04 7.46
CA SER U 110 -1.77 38.45 6.15
C SER U 110 -2.77 37.41 6.22
N ILE U 111 -3.37 36.94 5.11
CA ILE U 111 -4.36 35.99 5.11
C ILE U 111 -3.89 35.10 4.00
N TYR U 112 -3.81 33.75 4.25
CA TYR U 112 -3.45 32.88 3.20
C TYR U 112 -4.66 31.92 3.10
N SER U 113 -5.09 31.70 1.80
CA SER U 113 -6.24 30.92 1.51
C SER U 113 -5.55 29.64 1.08
N ILE U 114 -6.09 28.48 1.57
CA ILE U 114 -5.56 27.22 1.23
C ILE U 114 -6.65 26.49 0.52
N ASP U 115 -6.34 25.94 -0.68
CA ASP U 115 -7.32 25.20 -1.53
C ASP U 115 -7.15 23.86 -1.16
N PRO U 116 -8.13 22.92 -1.20
CA PRO U 116 -7.97 21.53 -0.78
C PRO U 116 -7.10 20.86 -1.80
N ILE U 117 -7.00 21.34 -3.04
CA ILE U 117 -6.36 20.55 -4.14
C ILE U 117 -5.23 21.44 -4.62
N GLY U 118 -4.79 22.48 -3.78
CA GLY U 118 -3.74 23.43 -4.03
C GLY U 118 -2.99 23.93 -2.84
N GLY U 119 -2.20 24.99 -2.97
CA GLY U 119 -1.19 25.40 -2.01
C GLY U 119 -1.78 26.52 -1.34
N ALA U 120 -0.90 27.36 -0.75
CA ALA U 120 -1.27 28.48 0.05
C ALA U 120 -0.68 29.59 -0.75
N ILE U 121 -1.57 30.42 -1.28
CA ILE U 121 -1.24 31.56 -2.03
C ILE U 121 -1.34 32.62 -1.01
N GLU U 122 -0.61 33.77 -1.16
CA GLU U 122 -0.78 34.83 -0.18
C GLU U 122 -2.07 35.51 -0.67
N GLU U 123 -2.83 36.15 0.16
CA GLU U 123 -3.94 36.96 -0.26
C GLU U 123 -3.71 38.21 0.53
N LYS U 124 -3.69 39.41 -0.09
CA LYS U 124 -3.15 40.61 0.47
C LYS U 124 -4.02 41.12 1.64
N ASP U 125 -5.30 41.22 1.34
CA ASP U 125 -6.22 41.88 2.19
C ASP U 125 -7.72 41.65 1.75
N ILE U 126 -7.94 40.97 0.64
CA ILE U 126 -9.30 40.86 0.22
C ILE U 126 -9.43 39.44 -0.24
N VAL U 127 -10.37 38.56 0.23
CA VAL U 127 -10.50 37.20 -0.20
C VAL U 127 -12.01 36.68 -0.13
N ALA U 128 -12.44 35.93 -1.16
CA ALA U 128 -13.74 35.32 -1.16
C ALA U 128 -13.76 34.11 -2.02
N THR U 129 -14.74 33.27 -1.65
CA THR U 129 -14.54 32.03 -1.05
C THR U 129 -15.89 31.65 -0.43
N GLY U 130 -16.48 30.61 -1.05
CA GLY U 130 -17.77 30.09 -0.77
C GLY U 130 -18.60 30.00 -1.97
N SER U 131 -19.88 29.69 -1.74
CA SER U 131 -20.93 29.65 -2.67
C SER U 131 -21.77 30.91 -2.56
N GLY U 132 -21.56 31.62 -1.41
CA GLY U 132 -22.04 33.00 -1.33
C GLY U 132 -21.04 34.00 -1.78
N SER U 133 -19.91 33.57 -2.32
CA SER U 133 -18.77 34.47 -2.58
C SER U 133 -18.92 35.68 -3.56
N LEU U 134 -19.73 35.60 -4.64
CA LEU U 134 -19.99 36.66 -5.67
C LEU U 134 -20.66 37.73 -4.89
N THR U 135 -21.63 37.49 -3.99
CA THR U 135 -22.42 38.43 -3.32
C THR U 135 -21.52 39.14 -2.29
N ALA U 136 -20.72 38.39 -1.52
CA ALA U 136 -19.91 38.87 -0.43
C ALA U 136 -18.78 39.68 -0.87
N TYR U 137 -18.08 39.29 -1.91
CA TYR U 137 -17.00 40.03 -2.52
C TYR U 137 -17.38 41.35 -3.20
N GLY U 138 -18.54 41.44 -3.86
CA GLY U 138 -19.05 42.59 -4.51
C GLY U 138 -19.04 43.85 -3.56
N VAL U 139 -19.75 43.78 -2.37
CA VAL U 139 -19.80 44.84 -1.49
C VAL U 139 -18.54 45.06 -0.71
N LEU U 140 -17.64 44.00 -0.58
CA LEU U 140 -16.50 43.99 0.22
C LEU U 140 -15.48 44.94 -0.31
N GLU U 141 -15.24 44.99 -1.65
CA GLU U 141 -14.14 45.72 -2.27
C GLU U 141 -14.50 47.19 -2.34
N ASP U 142 -15.88 47.51 -2.29
CA ASP U 142 -16.43 48.88 -2.39
C ASP U 142 -16.28 49.61 -1.09
N ARG U 143 -16.51 48.95 0.06
CA ARG U 143 -16.34 49.51 1.34
C ARG U 143 -15.08 49.14 2.03
N PHE U 144 -14.14 48.57 1.29
CA PHE U 144 -12.73 48.43 1.71
C PHE U 144 -12.12 49.77 1.61
N THR U 145 -11.14 49.90 2.51
CA THR U 145 -10.15 51.00 2.51
C THR U 145 -9.05 50.10 3.07
N PRO U 146 -7.77 50.13 2.70
CA PRO U 146 -6.78 49.30 3.30
C PRO U 146 -6.43 49.79 4.69
N GLU U 147 -7.02 50.98 5.02
CA GLU U 147 -6.93 51.86 6.14
C GLU U 147 -8.12 51.60 7.14
N ILE U 148 -8.59 50.34 7.14
CA ILE U 148 -9.80 50.01 7.81
C ILE U 148 -9.48 49.51 9.17
N GLY U 149 -10.23 49.86 10.19
CA GLY U 149 -9.89 49.40 11.53
C GLY U 149 -10.81 48.28 11.90
N VAL U 150 -10.61 47.69 13.11
CA VAL U 150 -11.21 46.48 13.48
C VAL U 150 -12.63 46.62 13.70
N ASP U 151 -13.03 47.85 14.23
CA ASP U 151 -14.40 48.21 14.45
C ASP U 151 -15.21 48.34 13.14
N GLU U 152 -14.59 48.91 12.13
CA GLU U 152 -15.23 49.12 10.86
C GLU U 152 -15.31 47.86 10.09
N ALA U 153 -14.29 47.05 10.40
CA ALA U 153 -14.04 45.76 9.78
C ALA U 153 -15.00 44.76 10.27
N VAL U 154 -15.48 44.72 11.56
CA VAL U 154 -16.45 43.88 12.04
C VAL U 154 -17.80 44.13 11.37
N GLU U 155 -18.13 45.42 11.12
CA GLU U 155 -19.33 45.78 10.45
C GLU U 155 -19.33 45.22 9.05
N LEU U 156 -18.14 45.31 8.38
CA LEU U 156 -18.08 45.09 6.98
C LEU U 156 -18.33 43.64 6.77
N ALA U 157 -17.66 42.90 7.62
CA ALA U 157 -17.57 41.47 7.56
C ALA U 157 -18.91 40.77 7.74
N VAL U 158 -19.70 41.26 8.73
CA VAL U 158 -21.09 40.82 9.12
C VAL U 158 -22.03 41.12 7.98
N ARG U 159 -21.93 42.38 7.41
CA ARG U 159 -22.80 42.85 6.30
C ARG U 159 -22.70 42.09 5.02
N ALA U 160 -21.47 41.79 4.57
CA ALA U 160 -21.09 40.98 3.34
C ALA U 160 -21.66 39.58 3.35
N ILE U 161 -21.58 38.86 4.49
CA ILE U 161 -22.12 37.60 4.59
C ILE U 161 -23.64 37.67 4.71
N TYR U 162 -24.18 38.79 5.30
CA TYR U 162 -25.62 38.97 5.53
C TYR U 162 -26.23 39.10 4.15
N SER U 163 -25.57 39.82 3.22
CA SER U 163 -26.04 39.95 1.86
C SER U 163 -26.12 38.61 1.05
N ALA U 164 -25.08 37.73 1.28
CA ALA U 164 -24.86 36.43 0.68
C ALA U 164 -25.84 35.42 1.24
N MET U 165 -26.39 35.69 2.45
CA MET U 165 -27.40 34.87 3.12
C MET U 165 -28.76 34.95 2.51
N LYS U 166 -28.96 36.04 1.79
CA LYS U 166 -30.21 36.46 1.19
C LYS U 166 -30.37 35.99 -0.23
N ARG U 167 -29.41 35.26 -0.83
CA ARG U 167 -29.43 34.79 -2.18
C ARG U 167 -29.24 33.31 -2.22
N ASP U 168 -28.97 32.67 -1.09
CA ASP U 168 -28.93 31.20 -1.08
C ASP U 168 -29.73 30.80 0.10
N SER U 169 -30.07 29.55 0.29
CA SER U 169 -30.90 29.08 1.46
C SER U 169 -30.10 28.01 2.07
N ALA U 170 -28.76 28.08 1.91
CA ALA U 170 -27.80 27.11 2.32
C ALA U 170 -26.96 27.62 3.37
N SER U 171 -27.22 28.91 3.74
CA SER U 171 -26.54 29.57 4.84
C SER U 171 -27.53 29.83 5.87
N GLY U 172 -27.36 29.25 7.09
CA GLY U 172 -28.17 29.41 8.31
C GLY U 172 -27.96 30.81 8.92
N ASP U 173 -28.65 31.11 10.03
CA ASP U 173 -28.83 32.44 10.65
C ASP U 173 -27.86 32.57 11.75
N GLY U 174 -27.22 33.76 11.85
CA GLY U 174 -26.28 34.03 12.85
C GLY U 174 -24.94 34.10 12.11
N ILE U 175 -24.03 35.01 12.58
CA ILE U 175 -22.76 35.30 12.02
C ILE U 175 -21.87 35.34 13.30
N ASP U 176 -20.65 34.70 13.24
CA ASP U 176 -19.62 34.88 14.17
C ASP U 176 -18.50 35.56 13.40
N VAL U 177 -17.67 36.38 14.14
CA VAL U 177 -16.55 37.12 13.66
C VAL U 177 -15.51 36.89 14.69
N VAL U 178 -14.20 37.17 14.29
CA VAL U 178 -13.08 36.79 15.08
C VAL U 178 -12.25 38.03 14.94
N LYS U 179 -11.73 38.53 16.03
CA LYS U 179 -10.88 39.66 16.10
C LYS U 179 -9.56 39.14 16.71
N ILE U 180 -8.43 39.47 16.06
CA ILE U 180 -7.02 39.34 16.65
C ILE U 180 -6.50 40.71 16.59
N THR U 181 -6.38 41.32 17.75
CA THR U 181 -6.08 42.72 17.74
C THR U 181 -4.63 42.97 17.99
N GLU U 182 -3.88 41.82 18.01
CA GLU U 182 -2.46 41.81 18.12
C GLU U 182 -2.02 41.56 19.55
N ASP U 183 -2.99 41.48 20.55
CA ASP U 183 -2.69 41.40 22.01
C ASP U 183 -3.70 40.59 22.77
N GLU U 184 -4.85 40.49 22.13
CA GLU U 184 -5.99 39.77 22.70
C GLU U 184 -6.50 38.93 21.56
N PHE U 185 -7.25 37.88 21.97
CA PHE U 185 -7.74 36.93 21.01
C PHE U 185 -9.15 36.72 21.31
N TYR U 186 -9.95 37.60 20.62
CA TYR U 186 -11.33 37.79 20.99
C TYR U 186 -12.15 37.04 20.03
N GLN U 187 -13.28 36.44 20.57
CA GLN U 187 -14.40 35.96 19.78
C GLN U 187 -15.50 36.65 20.36
N TYR U 188 -16.16 37.51 19.62
CA TYR U 188 -17.19 38.37 20.22
C TYR U 188 -18.40 37.59 20.73
N SER U 189 -18.59 36.42 20.06
CA SER U 189 -19.62 35.44 20.44
C SER U 189 -21.04 35.87 19.93
N PRO U 190 -21.96 34.92 19.52
CA PRO U 190 -23.32 35.24 18.97
C PRO U 190 -24.11 36.40 19.51
N GLU U 191 -24.26 36.50 20.84
CA GLU U 191 -24.96 37.64 21.52
C GLU U 191 -24.52 38.93 21.06
N GLU U 192 -23.16 39.24 21.13
CA GLU U 192 -22.65 40.54 20.80
C GLU U 192 -22.62 40.91 19.28
N VAL U 193 -22.56 39.94 18.32
CA VAL U 193 -22.50 40.18 16.93
C VAL U 193 -23.89 40.51 16.45
N GLU U 194 -24.94 39.90 17.09
CA GLU U 194 -26.32 40.07 16.70
C GLU U 194 -26.72 41.57 16.63
N GLN U 195 -26.15 42.37 17.51
CA GLN U 195 -26.37 43.87 17.61
C GLN U 195 -25.75 44.66 16.50
N ILE U 196 -24.61 44.15 15.95
CA ILE U 196 -23.87 44.72 14.88
C ILE U 196 -24.56 44.40 13.59
N LEU U 197 -25.46 43.40 13.55
CA LEU U 197 -26.29 43.02 12.39
C LEU U 197 -27.74 43.51 12.59
N ALA U 198 -28.18 44.09 13.77
CA ALA U 198 -29.51 44.49 14.06
C ALA U 198 -29.41 46.04 14.15
N LYS U 199 -28.37 46.74 13.69
CA LYS U 199 -28.37 48.15 13.41
C LYS U 199 -29.10 48.39 12.15
N PHE U 200 -29.18 47.34 11.27
CA PHE U 200 -29.98 47.27 10.00
C PHE U 200 -31.42 47.06 10.37
N ARG U 201 -32.18 46.29 9.59
CA ARG U 201 -33.56 45.94 9.90
C ARG U 201 -33.61 44.50 10.32
N LYS U 202 -32.49 43.73 10.36
CA LYS U 202 -32.66 42.38 10.76
C LYS U 202 -31.40 41.91 11.48
N THR V 1 -42.24 30.35 -0.35
CA THR V 1 -43.56 30.29 -0.98
C THR V 1 -44.43 29.21 -0.28
N THR V 2 -45.42 29.70 0.48
CA THR V 2 -46.33 28.86 1.26
C THR V 2 -47.64 29.70 1.43
N THR V 3 -48.73 28.98 1.74
CA THR V 3 -50.06 29.47 1.70
C THR V 3 -50.70 28.79 2.96
N VAL V 4 -51.54 29.52 3.69
CA VAL V 4 -52.28 28.89 4.74
C VAL V 4 -53.70 29.25 4.45
N GLY V 5 -54.62 28.66 5.20
CA GLY V 5 -56.02 28.90 5.11
C GLY V 5 -56.69 28.51 6.42
N LEU V 6 -57.66 29.36 6.84
CA LEU V 6 -58.37 29.29 8.15
C LEU V 6 -59.73 29.88 7.98
N VAL V 7 -60.72 29.19 8.61
CA VAL V 7 -62.14 29.50 8.45
C VAL V 7 -62.45 30.11 9.78
N CYS V 8 -63.15 31.23 9.83
CA CYS V 8 -63.49 31.91 11.07
C CYS V 8 -65.00 31.97 11.05
N LYS V 9 -65.57 32.24 12.21
CA LYS V 9 -66.98 32.30 12.38
C LYS V 9 -67.48 33.49 11.59
N ASP V 10 -66.72 34.63 11.47
CA ASP V 10 -67.21 35.90 10.96
C ASP V 10 -66.43 36.19 9.69
N GLY V 11 -65.96 35.13 9.02
CA GLY V 11 -65.46 35.26 7.72
C GLY V 11 -64.47 34.22 7.43
N VAL V 12 -63.41 34.46 6.59
CA VAL V 12 -62.36 33.52 6.24
C VAL V 12 -61.16 34.43 6.10
N VAL V 13 -60.01 33.89 6.61
CA VAL V 13 -58.72 34.47 6.51
C VAL V 13 -57.84 33.45 5.78
N MET V 14 -57.00 33.98 4.87
CA MET V 14 -55.94 33.26 4.12
C MET V 14 -54.84 34.24 4.00
N ALA V 15 -53.60 33.80 3.66
CA ALA V 15 -52.39 34.61 3.72
C ALA V 15 -51.37 33.95 2.80
N THR V 16 -50.39 34.70 2.26
CA THR V 16 -49.48 34.24 1.22
C THR V 16 -48.06 34.57 1.63
N GLU V 17 -47.08 33.88 0.99
CA GLU V 17 -45.67 34.20 1.05
C GLU V 17 -45.30 34.36 -0.40
N LYS V 18 -44.61 35.52 -0.79
CA LYS V 18 -44.23 35.88 -2.11
C LYS V 18 -42.79 35.53 -2.32
N ARG V 19 -42.13 36.24 -3.29
CA ARG V 19 -40.79 36.07 -3.84
C ARG V 19 -40.83 34.98 -4.84
N ALA V 20 -40.45 35.31 -6.05
CA ALA V 20 -40.50 34.48 -7.22
C ALA V 20 -39.13 34.31 -7.69
N THR V 21 -38.79 33.00 -7.98
CA THR V 21 -37.55 32.59 -8.63
C THR V 21 -38.07 31.60 -9.64
N MET V 22 -37.39 31.53 -10.85
CA MET V 22 -37.70 30.75 -12.01
C MET V 22 -36.27 30.31 -12.54
N GLY V 23 -35.46 29.65 -11.60
CA GLY V 23 -34.09 29.31 -11.86
C GLY V 23 -33.14 30.34 -11.27
N ASN V 24 -32.64 31.16 -12.18
CA ASN V 24 -31.76 32.27 -11.90
C ASN V 24 -32.37 33.52 -12.41
N PHE V 25 -33.55 33.42 -13.04
CA PHE V 25 -34.40 34.56 -13.33
C PHE V 25 -35.05 34.87 -12.04
N ILE V 26 -34.85 36.12 -11.54
CA ILE V 26 -35.39 36.54 -10.25
C ILE V 26 -36.29 37.70 -10.37
N ALA V 27 -37.17 37.92 -9.39
CA ALA V 27 -38.31 38.88 -9.44
C ALA V 27 -38.14 39.59 -8.11
N SER V 28 -38.86 40.72 -8.00
CA SER V 28 -38.86 41.53 -6.85
C SER V 28 -40.01 40.98 -6.01
N LYS V 29 -40.11 41.59 -4.79
CA LYS V 29 -40.99 41.36 -3.70
C LYS V 29 -42.23 42.16 -3.93
N ALA V 30 -43.03 41.79 -4.94
CA ALA V 30 -44.20 42.50 -5.33
C ALA V 30 -44.97 41.57 -6.15
N ALA V 31 -44.43 40.42 -6.53
CA ALA V 31 -45.09 39.35 -7.30
C ALA V 31 -46.34 38.87 -6.62
N LYS V 32 -47.53 38.76 -7.24
CA LYS V 32 -48.82 38.49 -6.52
C LYS V 32 -48.95 36.95 -6.43
N LYS V 33 -49.68 36.56 -5.34
CA LYS V 33 -50.09 35.24 -5.03
C LYS V 33 -51.59 35.27 -4.71
N ILE V 34 -52.10 36.53 -4.67
CA ILE V 34 -53.44 36.84 -4.22
C ILE V 34 -54.08 37.43 -5.45
N TYR V 35 -55.23 36.79 -5.73
CA TYR V 35 -56.11 37.04 -6.87
C TYR V 35 -57.46 37.09 -6.33
N GLN V 36 -58.28 38.08 -6.62
CA GLN V 36 -59.60 38.12 -6.15
C GLN V 36 -60.37 37.43 -7.25
N ILE V 37 -60.91 36.23 -6.84
CA ILE V 37 -61.74 35.43 -7.66
C ILE V 37 -63.02 36.11 -7.85
N ALA V 38 -63.54 36.67 -6.71
CA ALA V 38 -64.86 37.31 -6.57
C ALA V 38 -64.56 38.44 -5.62
N ASP V 39 -65.56 39.27 -5.30
CA ASP V 39 -65.33 40.45 -4.54
C ASP V 39 -64.94 40.14 -3.09
N ARG V 40 -65.53 39.04 -2.44
CA ARG V 40 -65.34 38.61 -1.11
C ARG V 40 -64.72 37.16 -1.12
N MET V 41 -64.02 36.77 -2.19
CA MET V 41 -63.39 35.44 -2.28
C MET V 41 -62.06 35.68 -3.03
N ALA V 42 -61.02 34.97 -2.59
CA ALA V 42 -59.68 35.10 -3.03
C ALA V 42 -59.14 33.76 -3.31
N MET V 43 -58.04 33.74 -4.01
CA MET V 43 -57.30 32.55 -4.28
C MET V 43 -55.93 32.97 -3.86
N THR V 44 -55.33 32.09 -2.97
CA THR V 44 -53.97 32.26 -2.53
C THR V 44 -53.34 31.05 -3.21
N THR V 45 -52.12 31.27 -3.76
CA THR V 45 -51.51 30.35 -4.69
C THR V 45 -50.16 30.06 -4.29
N ALA V 46 -49.78 28.78 -4.38
CA ALA V 46 -48.41 28.43 -4.10
C ALA V 46 -47.98 27.51 -5.13
N GLY V 47 -46.68 27.44 -5.36
CA GLY V 47 -46.12 26.66 -6.45
C GLY V 47 -45.69 27.62 -7.47
N SER V 48 -45.71 27.11 -8.70
CA SER V 48 -45.21 27.77 -9.92
C SER V 48 -45.97 29.03 -10.28
N VAL V 49 -45.23 30.18 -10.39
CA VAL V 49 -45.77 31.55 -10.69
C VAL V 49 -46.44 31.55 -12.08
N GLY V 50 -45.73 30.93 -13.10
CA GLY V 50 -46.18 30.75 -14.45
C GLY V 50 -47.52 30.06 -14.50
N ASP V 51 -47.61 28.84 -13.81
CA ASP V 51 -48.81 28.10 -13.88
C ASP V 51 -49.95 28.75 -13.09
N ALA V 52 -49.67 29.44 -12.02
CA ALA V 52 -50.64 30.07 -11.13
C ALA V 52 -51.43 31.24 -11.68
N GLN V 53 -50.70 32.05 -12.39
CA GLN V 53 -51.26 33.25 -13.04
C GLN V 53 -52.00 32.88 -14.24
N PHE V 54 -51.63 31.83 -15.07
CA PHE V 54 -52.43 31.62 -16.24
C PHE V 54 -53.87 31.12 -15.85
N LEU V 55 -53.93 30.31 -14.77
CA LEU V 55 -55.17 29.74 -14.21
C LEU V 55 -55.86 30.85 -13.49
N ALA V 56 -55.18 31.88 -12.88
CA ALA V 56 -55.86 32.92 -12.14
C ALA V 56 -56.90 33.72 -12.91
N ARG V 57 -56.55 33.97 -14.22
CA ARG V 57 -57.30 34.59 -15.27
C ARG V 57 -58.46 33.74 -15.82
N ILE V 58 -58.29 32.42 -15.84
CA ILE V 58 -59.46 31.56 -16.22
C ILE V 58 -60.49 31.60 -15.08
N ILE V 59 -60.13 31.43 -13.78
CA ILE V 59 -61.06 31.28 -12.66
C ILE V 59 -61.77 32.57 -12.44
N LYS V 60 -61.14 33.77 -12.56
CA LYS V 60 -61.68 35.06 -12.35
C LYS V 60 -62.88 35.23 -13.24
N ILE V 61 -62.70 34.83 -14.52
CA ILE V 61 -63.69 34.86 -15.60
C ILE V 61 -64.83 33.95 -15.28
N GLU V 62 -64.64 32.72 -14.78
CA GLU V 62 -65.66 31.78 -14.47
C GLU V 62 -66.51 32.30 -13.34
N ALA V 63 -65.88 32.95 -12.34
CA ALA V 63 -66.65 33.52 -11.24
C ALA V 63 -67.61 34.67 -11.72
N ASN V 64 -67.13 35.59 -12.62
CA ASN V 64 -67.90 36.66 -13.02
C ASN V 64 -69.02 36.13 -13.89
N LEU V 65 -68.73 35.16 -14.71
CA LEU V 65 -69.74 34.61 -15.67
C LEU V 65 -70.92 34.03 -14.94
N TYR V 66 -70.61 33.26 -13.81
CA TYR V 66 -71.48 32.54 -12.92
C TYR V 66 -72.40 33.58 -12.22
N GLU V 67 -71.87 34.63 -11.72
CA GLU V 67 -72.50 35.65 -10.95
C GLU V 67 -73.57 36.42 -11.75
N ILE V 68 -73.24 36.64 -13.04
CA ILE V 68 -74.14 37.17 -13.96
C ILE V 68 -75.23 36.18 -14.33
N ARG V 69 -74.81 34.91 -14.72
CA ARG V 69 -75.59 33.93 -15.37
C ARG V 69 -76.73 33.50 -14.50
N ARG V 70 -76.39 33.34 -13.20
CA ARG V 70 -77.34 32.74 -12.33
C ARG V 70 -77.91 33.70 -11.37
N GLU V 71 -77.47 34.92 -11.37
CA GLU V 71 -78.07 36.07 -10.77
C GLU V 71 -77.86 36.04 -9.32
N ARG V 72 -76.63 35.70 -8.82
CA ARG V 72 -76.44 35.58 -7.34
C ARG V 72 -74.97 35.77 -7.18
N LYS V 73 -74.54 35.82 -5.92
CA LYS V 73 -73.23 35.89 -5.39
C LYS V 73 -72.47 34.56 -5.78
N PRO V 74 -71.11 34.68 -6.11
CA PRO V 74 -70.40 33.45 -6.22
C PRO V 74 -70.37 32.54 -5.04
N THR V 75 -69.93 31.27 -5.24
CA THR V 75 -69.96 30.39 -4.12
C THR V 75 -68.67 29.59 -4.26
N VAL V 76 -68.09 29.21 -3.08
CA VAL V 76 -66.87 28.44 -2.90
C VAL V 76 -67.06 27.04 -3.42
N ARG V 77 -68.22 26.38 -3.23
CA ARG V 77 -68.55 25.12 -3.70
C ARG V 77 -68.58 25.11 -5.25
N ALA V 78 -69.15 26.19 -5.95
CA ALA V 78 -69.30 26.28 -7.35
C ALA V 78 -68.03 26.30 -8.08
N ILE V 79 -67.11 27.20 -7.61
CA ILE V 79 -65.84 27.38 -8.20
C ILE V 79 -64.95 26.17 -7.93
N ALA V 80 -64.98 25.59 -6.71
CA ALA V 80 -64.08 24.47 -6.43
C ALA V 80 -64.31 23.25 -7.32
N THR V 81 -65.54 22.91 -7.61
CA THR V 81 -65.91 21.89 -8.52
C THR V 81 -65.46 22.20 -9.93
N LEU V 82 -65.58 23.49 -10.44
CA LEU V 82 -65.13 23.86 -11.73
C LEU V 82 -63.62 23.71 -11.84
N THR V 83 -62.85 24.17 -10.80
CA THR V 83 -61.42 24.30 -10.89
C THR V 83 -60.77 22.93 -10.96
N SER V 84 -61.32 22.04 -10.16
CA SER V 84 -60.93 20.64 -10.01
C SER V 84 -61.10 19.91 -11.36
N ASN V 85 -62.26 20.19 -12.02
CA ASN V 85 -62.59 19.58 -13.35
C ASN V 85 -61.69 20.18 -14.41
N LEU V 86 -61.45 21.50 -14.24
CA LEU V 86 -60.62 22.37 -15.09
C LEU V 86 -59.26 21.80 -15.19
N LEU V 87 -58.63 21.41 -14.09
CA LEU V 87 -57.30 20.94 -14.02
C LEU V 87 -57.14 19.56 -14.65
N ASN V 88 -58.21 18.73 -14.56
CA ASN V 88 -58.20 17.46 -15.23
C ASN V 88 -58.17 17.63 -16.67
N SER V 89 -58.92 18.55 -17.29
CA SER V 89 -58.80 18.76 -18.75
C SER V 89 -57.44 19.27 -19.16
N TYR V 90 -56.88 20.26 -18.34
CA TYR V 90 -55.65 20.93 -18.63
C TYR V 90 -54.52 20.24 -17.91
N ARG V 91 -54.61 18.91 -17.68
CA ARG V 91 -53.56 18.04 -17.15
C ARG V 91 -52.59 17.59 -18.20
N TYR V 92 -53.10 17.69 -19.44
CA TYR V 92 -52.37 17.50 -20.62
C TYR V 92 -51.63 18.76 -20.93
N PHE V 93 -51.83 19.83 -20.14
CA PHE V 93 -51.30 21.18 -20.31
C PHE V 93 -50.74 21.51 -18.91
N PRO V 94 -49.99 20.59 -18.27
CA PRO V 94 -49.82 20.45 -16.81
C PRO V 94 -49.66 21.72 -16.06
N TYR V 95 -50.60 22.09 -15.13
CA TYR V 95 -50.42 23.23 -14.26
C TYR V 95 -50.08 22.67 -12.90
N LEU V 96 -48.89 23.09 -12.29
CA LEU V 96 -48.40 22.61 -11.05
C LEU V 96 -48.65 23.83 -10.20
N VAL V 97 -49.64 23.80 -9.31
CA VAL V 97 -50.09 24.85 -8.46
C VAL V 97 -50.98 24.26 -7.37
N GLN V 98 -50.94 24.87 -6.13
CA GLN V 98 -51.77 24.44 -4.98
C GLN V 98 -52.51 25.66 -4.67
N LEU V 99 -53.85 25.55 -4.70
CA LEU V 99 -54.74 26.61 -4.55
C LEU V 99 -55.38 26.45 -3.24
N LEU V 100 -55.87 27.60 -2.78
CA LEU V 100 -56.93 27.57 -1.83
C LEU V 100 -57.89 28.62 -2.36
N ILE V 101 -59.12 28.13 -2.67
CA ILE V 101 -60.16 28.92 -3.19
C ILE V 101 -61.12 28.78 -2.05
N GLY V 102 -61.60 29.92 -1.51
CA GLY V 102 -62.41 29.95 -0.37
C GLY V 102 -62.93 31.33 -0.27
N GLY V 103 -63.80 31.53 0.72
CA GLY V 103 -64.24 32.82 1.12
C GLY V 103 -65.56 32.66 1.88
N ILE V 104 -66.41 33.71 1.66
CA ILE V 104 -67.67 33.94 2.18
C ILE V 104 -68.57 33.86 0.99
N ASP V 105 -69.69 33.24 1.15
CA ASP V 105 -70.61 32.81 0.11
C ASP V 105 -72.02 32.79 0.63
N SER V 106 -73.01 32.47 -0.18
CA SER V 106 -74.41 32.53 0.34
C SER V 106 -74.84 31.16 0.99
N GLU V 107 -73.91 30.14 0.98
CA GLU V 107 -74.07 28.82 1.55
C GLU V 107 -73.23 28.68 2.90
N GLY V 108 -72.54 29.79 3.27
CA GLY V 108 -71.90 29.91 4.54
C GLY V 108 -70.53 30.46 4.29
N LYS V 109 -69.55 29.88 4.99
CA LYS V 109 -68.11 30.23 4.90
C LYS V 109 -67.42 28.90 4.69
N SER V 110 -66.44 28.78 3.72
CA SER V 110 -65.67 27.54 3.66
C SER V 110 -64.50 27.80 2.75
N ILE V 111 -63.62 26.82 2.57
CA ILE V 111 -62.52 26.92 1.63
C ILE V 111 -62.50 25.53 1.13
N TYR V 112 -62.23 25.26 -0.17
CA TYR V 112 -61.88 23.94 -0.72
C TYR V 112 -60.56 24.24 -1.38
N SER V 113 -59.53 23.44 -0.97
CA SER V 113 -58.17 23.69 -1.46
C SER V 113 -58.06 22.69 -2.56
N ILE V 114 -57.53 23.10 -3.71
CA ILE V 114 -57.62 22.27 -4.87
C ILE V 114 -56.25 21.95 -5.15
N ASP V 115 -55.93 20.69 -5.37
CA ASP V 115 -54.62 20.04 -5.65
C ASP V 115 -54.39 20.10 -7.15
N PRO V 116 -53.16 19.96 -7.68
CA PRO V 116 -52.96 20.28 -9.07
C PRO V 116 -53.37 19.18 -9.97
N ILE V 117 -53.81 18.02 -9.44
CA ILE V 117 -54.16 16.78 -10.04
C ILE V 117 -55.66 16.63 -9.92
N GLY V 118 -56.31 17.77 -9.60
CA GLY V 118 -57.81 17.86 -9.65
C GLY V 118 -58.47 17.37 -8.36
N GLY V 119 -57.63 17.21 -7.31
CA GLY V 119 -58.09 16.85 -5.99
C GLY V 119 -58.81 18.02 -5.41
N ALA V 120 -59.42 17.81 -4.22
CA ALA V 120 -60.03 18.83 -3.39
C ALA V 120 -59.98 18.44 -1.94
N ILE V 121 -59.60 19.29 -0.99
CA ILE V 121 -59.43 18.91 0.35
C ILE V 121 -60.45 19.74 1.04
N GLU V 122 -61.32 19.05 1.80
CA GLU V 122 -62.13 19.66 2.78
C GLU V 122 -61.43 20.45 3.79
N GLU V 123 -61.86 21.69 3.89
CA GLU V 123 -61.25 22.68 4.75
C GLU V 123 -62.36 23.40 5.43
N LYS V 124 -62.23 23.46 6.78
CA LYS V 124 -63.07 24.19 7.72
C LYS V 124 -62.23 24.09 8.94
N ASP V 125 -61.03 23.48 8.86
CA ASP V 125 -60.24 23.05 10.00
C ASP V 125 -58.85 23.63 9.78
N ILE V 126 -57.82 22.82 9.32
CA ILE V 126 -56.52 23.32 9.26
C ILE V 126 -56.14 22.72 7.92
N VAL V 127 -55.47 23.56 7.03
CA VAL V 127 -54.89 23.00 5.81
C VAL V 127 -53.63 23.80 5.50
N ALA V 128 -52.59 23.00 5.14
CA ALA V 128 -51.38 23.47 4.60
C ALA V 128 -51.06 22.30 3.75
N THR V 129 -50.78 22.51 2.39
CA THR V 129 -50.70 23.69 1.49
C THR V 129 -49.41 24.45 1.58
N GLY V 130 -48.72 24.54 0.44
CA GLY V 130 -47.42 25.21 0.40
C GLY V 130 -46.34 24.20 0.64
N SER V 131 -45.09 24.70 0.62
CA SER V 131 -43.94 23.93 0.88
C SER V 131 -43.48 24.15 2.27
N GLY V 132 -44.23 25.02 3.03
CA GLY V 132 -44.04 25.36 4.41
C GLY V 132 -45.15 24.73 5.11
N SER V 133 -45.74 23.65 4.55
CA SER V 133 -46.91 22.98 5.12
C SER V 133 -46.55 22.47 6.43
N LEU V 134 -45.36 21.90 6.67
CA LEU V 134 -45.00 21.27 7.93
C LEU V 134 -44.88 22.25 9.01
N THR V 135 -44.26 23.39 8.62
CA THR V 135 -44.08 24.52 9.54
C THR V 135 -45.28 25.25 9.82
N ALA V 136 -46.15 25.45 8.76
CA ALA V 136 -47.42 26.12 8.89
C ALA V 136 -48.36 25.38 9.85
N TYR V 137 -48.45 24.02 9.71
CA TYR V 137 -49.37 23.15 10.51
C TYR V 137 -49.12 23.27 12.00
N GLY V 138 -47.84 23.37 12.42
CA GLY V 138 -47.42 23.69 13.81
C GLY V 138 -48.14 24.81 14.48
N VAL V 139 -48.28 26.02 13.87
CA VAL V 139 -48.78 27.18 14.52
C VAL V 139 -50.27 27.12 14.48
N LEU V 140 -50.88 26.63 13.35
CA LEU V 140 -52.26 26.79 13.13
C LEU V 140 -53.07 25.88 14.16
N GLU V 141 -52.54 24.67 14.47
CA GLU V 141 -53.15 23.71 15.35
C GLU V 141 -52.97 24.12 16.81
N ASP V 142 -51.88 24.89 17.07
CA ASP V 142 -51.52 25.18 18.45
C ASP V 142 -52.50 26.06 19.01
N ARG V 143 -52.90 27.14 18.26
CA ARG V 143 -53.99 27.94 18.73
C ARG V 143 -55.06 27.88 17.67
N PHE V 144 -56.20 27.22 17.91
CA PHE V 144 -57.31 27.37 17.00
C PHE V 144 -58.60 27.20 17.80
N THR V 145 -59.64 27.79 17.24
CA THR V 145 -61.05 27.88 17.64
C THR V 145 -61.89 28.05 16.37
N PRO V 146 -63.06 27.47 16.37
CA PRO V 146 -64.04 27.73 15.26
C PRO V 146 -64.64 29.16 15.41
N GLU V 147 -64.36 29.77 16.57
CA GLU V 147 -64.91 31.02 16.99
C GLU V 147 -63.68 31.85 17.33
N ILE V 148 -62.95 32.14 16.20
CA ILE V 148 -61.67 32.83 16.09
C ILE V 148 -61.97 34.15 15.43
N GLY V 149 -61.52 35.28 16.08
CA GLY V 149 -61.64 36.61 15.56
C GLY V 149 -60.85 36.69 14.28
N VAL V 150 -61.27 37.45 13.28
CA VAL V 150 -60.55 37.63 11.97
C VAL V 150 -59.23 38.30 12.23
N ASP V 151 -59.07 39.18 13.30
CA ASP V 151 -57.84 39.74 13.78
C ASP V 151 -56.96 38.67 14.38
N GLU V 152 -57.53 37.61 14.91
CA GLU V 152 -56.72 36.52 15.48
C GLU V 152 -56.32 35.52 14.53
N ALA V 153 -56.90 35.47 13.34
CA ALA V 153 -56.58 34.54 12.29
C ALA V 153 -55.49 35.14 11.40
N VAL V 154 -55.45 36.50 11.13
CA VAL V 154 -54.31 37.15 10.49
C VAL V 154 -53.09 36.97 11.35
N GLU V 155 -53.25 37.01 12.69
CA GLU V 155 -52.16 36.99 13.62
C GLU V 155 -51.51 35.67 13.68
N LEU V 156 -52.35 34.61 13.70
CA LEU V 156 -52.00 33.20 13.72
C LEU V 156 -51.22 32.84 12.49
N ALA V 157 -51.66 33.27 11.25
CA ALA V 157 -51.23 33.04 9.92
C ALA V 157 -49.86 33.67 9.76
N VAL V 158 -49.67 34.96 10.24
CA VAL V 158 -48.42 35.65 10.03
C VAL V 158 -47.32 34.95 10.84
N ARG V 159 -47.57 34.38 12.08
CA ARG V 159 -46.63 33.60 12.79
C ARG V 159 -46.37 32.18 12.21
N ALA V 160 -47.36 31.62 11.52
CA ALA V 160 -47.24 30.32 10.92
C ALA V 160 -46.30 30.31 9.72
N ILE V 161 -46.37 31.45 8.88
CA ILE V 161 -45.51 31.84 7.78
C ILE V 161 -44.18 32.49 8.24
N TYR V 162 -44.10 32.99 9.52
CA TYR V 162 -42.78 33.32 10.14
C TYR V 162 -41.89 32.08 10.34
N SER V 163 -42.48 30.89 10.59
CA SER V 163 -41.79 29.63 10.85
C SER V 163 -41.13 29.14 9.54
N ALA V 164 -41.83 29.37 8.39
CA ALA V 164 -41.39 29.09 7.03
C ALA V 164 -40.27 29.95 6.60
N MET V 165 -40.20 31.22 7.12
CA MET V 165 -39.12 32.16 6.72
C MET V 165 -37.80 31.75 7.38
N LYS V 166 -37.95 30.92 8.48
CA LYS V 166 -36.88 30.29 9.19
C LYS V 166 -36.18 29.27 8.30
N ARG V 167 -36.93 28.49 7.48
CA ARG V 167 -36.30 27.57 6.55
C ARG V 167 -35.79 28.28 5.33
N ASP V 168 -36.66 29.22 4.90
CA ASP V 168 -36.46 29.97 3.63
C ASP V 168 -35.73 31.22 3.79
N SER V 169 -34.46 31.29 3.33
CA SER V 169 -33.60 32.45 3.56
C SER V 169 -33.47 33.09 2.18
N ALA V 170 -34.21 32.62 1.12
CA ALA V 170 -34.15 33.08 -0.25
C ALA V 170 -35.17 32.56 -1.14
N SER V 171 -36.01 31.60 -0.68
CA SER V 171 -36.96 30.91 -1.53
C SER V 171 -38.32 31.53 -1.32
N GLY V 172 -38.44 32.49 -0.48
CA GLY V 172 -39.69 33.08 0.04
C GLY V 172 -39.21 34.12 1.04
N ASP V 173 -39.60 35.39 0.83
CA ASP V 173 -39.72 36.35 1.89
C ASP V 173 -40.90 37.14 1.54
N GLY V 174 -41.46 38.00 2.51
CA GLY V 174 -42.59 38.83 2.25
C GLY V 174 -43.83 38.08 2.65
N ILE V 175 -44.84 38.85 3.04
CA ILE V 175 -45.97 38.25 3.73
C ILE V 175 -47.13 39.15 3.30
N ASP V 176 -48.10 38.62 2.61
CA ASP V 176 -49.33 39.34 2.38
C ASP V 176 -50.47 38.56 2.99
N VAL V 177 -51.59 39.30 3.25
CA VAL V 177 -52.71 38.70 3.93
C VAL V 177 -53.92 38.98 3.09
N VAL V 178 -54.94 38.09 3.14
CA VAL V 178 -56.27 38.25 2.61
C VAL V 178 -57.01 38.31 3.90
N LYS V 179 -57.82 39.39 4.17
CA LYS V 179 -58.78 39.36 5.22
C LYS V 179 -60.09 39.41 4.50
N ILE V 180 -61.00 38.55 4.93
CA ILE V 180 -62.35 38.58 4.38
C ILE V 180 -63.18 38.43 5.64
N THR V 181 -64.05 39.42 5.91
CA THR V 181 -64.90 39.62 7.05
C THR V 181 -66.31 39.96 6.49
N GLU V 182 -66.42 40.03 5.10
CA GLU V 182 -67.51 40.42 4.23
C GLU V 182 -67.54 41.89 4.19
N ASP V 183 -66.46 42.60 4.49
CA ASP V 183 -66.51 44.07 4.42
C ASP V 183 -65.07 44.65 4.10
N GLU V 184 -64.00 43.98 4.50
CA GLU V 184 -62.66 44.59 4.40
C GLU V 184 -61.63 43.62 3.92
N PHE V 185 -60.97 43.98 2.82
CA PHE V 185 -59.73 43.46 2.30
C PHE V 185 -58.65 44.24 2.99
N TYR V 186 -57.69 43.53 3.67
CA TYR V 186 -56.64 44.22 4.42
C TYR V 186 -55.39 43.39 4.07
N GLN V 187 -54.20 44.09 4.28
CA GLN V 187 -52.91 43.45 3.85
C GLN V 187 -51.82 43.76 4.87
N TYR V 188 -51.19 42.69 5.50
CA TYR V 188 -50.28 42.84 6.58
C TYR V 188 -49.00 43.51 6.18
N SER V 189 -48.39 43.07 5.02
CA SER V 189 -47.29 43.68 4.32
C SER V 189 -46.00 43.27 4.89
N PRO V 190 -44.95 43.09 4.11
CA PRO V 190 -43.61 42.73 4.57
C PRO V 190 -43.10 43.58 5.74
N GLU V 191 -43.33 44.87 5.72
CA GLU V 191 -42.93 45.90 6.67
C GLU V 191 -43.25 45.62 8.14
N GLU V 192 -44.51 45.18 8.44
CA GLU V 192 -44.98 45.03 9.78
C GLU V 192 -44.11 44.08 10.57
N VAL V 193 -43.68 42.97 9.89
CA VAL V 193 -42.80 41.97 10.44
C VAL V 193 -41.31 42.45 10.59
N GLU V 194 -40.71 43.10 9.54
CA GLU V 194 -39.39 43.60 9.48
C GLU V 194 -39.07 44.64 10.54
N GLN V 195 -40.01 45.49 10.94
CA GLN V 195 -39.89 46.66 11.80
C GLN V 195 -39.81 46.26 13.23
N ILE V 196 -40.33 45.09 13.60
CA ILE V 196 -40.25 44.57 14.95
C ILE V 196 -38.83 44.22 15.24
N LEU V 197 -38.13 43.61 14.28
CA LEU V 197 -36.81 43.11 14.35
C LEU V 197 -35.82 44.24 14.31
N ALA V 198 -36.26 45.46 13.79
CA ALA V 198 -35.45 46.61 13.70
C ALA V 198 -35.34 47.13 15.10
N LYS V 199 -36.46 47.17 15.84
CA LYS V 199 -36.51 47.49 17.29
C LYS V 199 -35.76 46.56 18.05
N PHE V 200 -35.85 45.28 17.74
CA PHE V 200 -34.98 44.25 18.33
C PHE V 200 -33.48 44.48 18.01
N ARG V 201 -32.67 44.32 19.08
CA ARG V 201 -31.22 44.41 19.08
C ARG V 201 -30.70 42.97 18.98
N LYS V 202 -31.66 42.08 19.16
CA LYS V 202 -31.31 40.69 18.89
C LYS V 202 -32.23 40.23 17.76
N THR W 1 -35.40 8.02 12.48
CA THR W 1 -34.04 7.83 13.16
C THR W 1 -33.53 9.14 13.63
N THR W 2 -33.71 9.23 14.96
CA THR W 2 -33.62 10.44 15.69
C THR W 2 -33.30 10.30 17.18
N THR W 3 -32.52 11.28 17.75
CA THR W 3 -32.05 11.22 19.12
C THR W 3 -32.20 12.58 19.64
N VAL W 4 -32.22 12.83 20.96
CA VAL W 4 -32.29 14.09 21.64
C VAL W 4 -31.46 14.15 22.90
N GLY W 5 -31.14 15.36 23.39
CA GLY W 5 -30.29 15.64 24.59
C GLY W 5 -30.73 16.95 25.03
N LEU W 6 -30.60 17.11 26.36
CA LEU W 6 -30.48 18.38 27.06
C LEU W 6 -29.61 18.28 28.24
N VAL W 7 -28.67 19.21 28.41
CA VAL W 7 -27.75 19.23 29.51
C VAL W 7 -28.54 19.91 30.60
N CYS W 8 -28.46 19.25 31.81
CA CYS W 8 -29.18 19.70 32.92
C CYS W 8 -28.27 20.31 33.98
N LYS W 9 -28.85 21.05 34.96
CA LYS W 9 -28.05 21.77 35.93
C LYS W 9 -27.49 20.78 36.93
N ASP W 10 -27.95 19.49 37.02
CA ASP W 10 -27.59 18.58 38.07
C ASP W 10 -27.52 17.19 37.47
N GLY W 11 -27.48 17.16 36.06
CA GLY W 11 -27.33 15.89 35.42
C GLY W 11 -27.02 16.10 33.95
N VAL W 12 -27.27 15.02 33.16
CA VAL W 12 -27.22 15.01 31.73
C VAL W 12 -28.36 14.12 31.44
N VAL W 13 -29.28 14.50 30.55
CA VAL W 13 -30.42 13.80 30.15
C VAL W 13 -30.28 13.72 28.67
N MET W 14 -30.62 12.54 28.06
CA MET W 14 -30.53 12.22 26.70
C MET W 14 -31.66 11.23 26.57
N ALA W 15 -32.20 11.03 25.36
CA ALA W 15 -33.19 10.05 25.03
C ALA W 15 -33.03 9.59 23.58
N THR W 16 -33.44 8.35 23.35
CA THR W 16 -33.10 7.63 22.14
C THR W 16 -34.43 6.96 21.83
N GLU W 17 -34.54 6.33 20.68
CA GLU W 17 -35.58 5.34 20.26
C GLU W 17 -35.10 3.98 20.44
N LYS W 18 -35.90 3.05 21.07
CA LYS W 18 -35.47 1.66 21.39
C LYS W 18 -35.65 0.73 20.16
N ARG W 19 -36.34 1.21 19.08
CA ARG W 19 -36.69 0.36 17.96
C ARG W 19 -36.29 1.22 16.80
N ALA W 20 -35.25 0.76 16.01
CA ALA W 20 -34.93 1.37 14.75
C ALA W 20 -36.10 1.29 13.77
N THR W 21 -36.34 2.45 13.02
CA THR W 21 -37.45 2.71 12.18
C THR W 21 -37.02 2.50 10.76
N MET W 22 -37.55 1.40 10.13
CA MET W 22 -37.43 1.10 8.73
C MET W 22 -38.52 1.78 7.96
N GLY W 23 -39.49 2.42 8.66
CA GLY W 23 -40.59 3.13 8.17
C GLY W 23 -41.75 2.17 8.02
N ASN W 24 -41.64 0.84 8.25
CA ASN W 24 -42.72 -0.12 8.14
C ASN W 24 -42.30 -1.38 8.88
N PHE W 25 -41.08 -1.36 9.54
CA PHE W 25 -40.60 -2.57 10.16
C PHE W 25 -39.82 -2.05 11.33
N ILE W 26 -39.29 -2.98 12.13
CA ILE W 26 -38.58 -2.67 13.38
C ILE W 26 -37.50 -3.75 13.41
N ALA W 27 -36.42 -3.53 14.24
CA ALA W 27 -35.28 -4.38 14.14
C ALA W 27 -35.58 -5.72 14.75
N SER W 28 -36.02 -5.69 16.01
CA SER W 28 -36.35 -6.86 16.84
C SER W 28 -37.38 -6.35 17.83
N LYS W 29 -37.98 -7.23 18.62
CA LYS W 29 -38.89 -6.82 19.59
C LYS W 29 -38.32 -5.93 20.69
N ALA W 30 -37.08 -6.29 21.26
CA ALA W 30 -36.38 -5.46 22.17
C ALA W 30 -35.10 -5.15 21.49
N ALA W 31 -34.58 -3.97 21.64
CA ALA W 31 -33.34 -3.65 21.06
C ALA W 31 -32.79 -2.55 21.82
N LYS W 32 -31.45 -2.31 21.77
CA LYS W 32 -30.72 -1.41 22.69
C LYS W 32 -30.10 -0.42 21.77
N LYS W 33 -30.20 0.88 21.99
CA LYS W 33 -29.51 1.87 21.24
C LYS W 33 -28.88 2.89 22.20
N ILE W 34 -29.01 2.63 23.52
CA ILE W 34 -28.48 3.44 24.54
C ILE W 34 -27.48 2.67 25.15
N TYR W 35 -26.17 3.18 25.02
CA TYR W 35 -25.04 2.41 25.45
C TYR W 35 -24.29 3.07 26.62
N GLN W 36 -23.78 2.20 27.56
CA GLN W 36 -23.00 2.68 28.67
C GLN W 36 -21.55 2.70 28.27
N ILE W 37 -21.03 3.92 28.13
CA ILE W 37 -19.59 4.03 27.93
C ILE W 37 -18.81 3.87 29.20
N ALA W 38 -19.35 4.46 30.36
CA ALA W 38 -18.74 4.28 31.70
C ALA W 38 -19.86 4.58 32.70
N ASP W 39 -19.54 4.73 34.05
CA ASP W 39 -20.37 4.89 35.15
C ASP W 39 -21.18 6.18 35.14
N ARG W 40 -20.62 7.24 34.60
CA ARG W 40 -21.23 8.52 34.56
C ARG W 40 -21.35 8.99 33.12
N MET W 41 -21.23 8.14 32.08
CA MET W 41 -21.11 8.54 30.72
C MET W 41 -21.90 7.56 29.99
N ALA W 42 -22.84 7.98 29.12
CA ALA W 42 -23.54 7.22 28.20
C ALA W 42 -23.18 7.81 26.83
N MET W 43 -23.64 7.03 25.80
CA MET W 43 -23.63 7.38 24.45
C MET W 43 -24.93 6.91 23.81
N THR W 44 -25.59 7.87 23.11
CA THR W 44 -26.85 7.66 22.41
C THR W 44 -26.70 7.91 20.93
N THR W 45 -27.14 6.96 20.07
CA THR W 45 -26.77 6.91 18.65
C THR W 45 -28.06 6.99 17.83
N ALA W 46 -27.83 7.59 16.59
CA ALA W 46 -28.80 7.70 15.53
C ALA W 46 -28.13 7.12 14.32
N GLY W 47 -28.79 6.40 13.45
CA GLY W 47 -28.17 5.77 12.36
C GLY W 47 -28.23 4.28 12.62
N SER W 48 -27.38 3.42 12.06
CA SER W 48 -27.48 2.00 12.23
C SER W 48 -27.08 1.53 13.62
N VAL W 49 -27.75 0.51 14.17
CA VAL W 49 -27.47 0.06 15.46
C VAL W 49 -26.24 -0.80 15.38
N GLY W 50 -26.17 -1.57 14.21
CA GLY W 50 -25.02 -2.36 13.97
C GLY W 50 -23.72 -1.72 14.00
N ASP W 51 -23.58 -0.56 13.30
CA ASP W 51 -22.36 0.34 13.26
C ASP W 51 -22.10 1.00 14.64
N ALA W 52 -23.25 1.50 15.25
CA ALA W 52 -23.12 2.32 16.40
C ALA W 52 -22.55 1.60 17.63
N GLN W 53 -23.03 0.38 17.86
CA GLN W 53 -22.76 -0.41 18.99
C GLN W 53 -21.30 -0.86 18.87
N PHE W 54 -20.80 -1.16 17.64
CA PHE W 54 -19.41 -1.55 17.52
C PHE W 54 -18.53 -0.46 17.98
N LEU W 55 -18.76 0.81 17.57
CA LEU W 55 -17.86 1.93 17.92
C LEU W 55 -17.91 2.21 19.41
N ALA W 56 -19.15 2.13 20.04
CA ALA W 56 -19.35 2.32 21.42
C ALA W 56 -18.56 1.35 22.36
N ARG W 57 -18.51 0.05 21.98
CA ARG W 57 -17.70 -0.94 22.73
C ARG W 57 -16.23 -0.66 22.61
N ILE W 58 -15.67 -0.27 21.48
CA ILE W 58 -14.30 0.17 21.32
C ILE W 58 -14.08 1.35 22.28
N ILE W 59 -15.01 2.37 22.34
CA ILE W 59 -14.82 3.62 23.03
C ILE W 59 -14.95 3.45 24.53
N LYS W 60 -15.82 2.51 24.97
CA LYS W 60 -15.87 2.01 26.34
C LYS W 60 -14.62 1.41 26.83
N ILE W 61 -14.03 0.58 26.00
CA ILE W 61 -12.93 -0.29 26.29
C ILE W 61 -11.72 0.66 26.56
N GLU W 62 -11.54 1.67 25.68
CA GLU W 62 -10.45 2.61 25.83
C GLU W 62 -10.75 3.61 26.97
N ALA W 63 -12.00 3.83 27.33
CA ALA W 63 -12.36 4.76 28.38
C ALA W 63 -11.92 4.15 29.73
N ASN W 64 -12.18 2.90 29.98
CA ASN W 64 -11.79 2.11 31.13
C ASN W 64 -10.31 2.09 31.25
N LEU W 65 -9.61 1.88 30.10
CA LEU W 65 -8.17 1.74 30.11
C LEU W 65 -7.46 3.05 30.51
N TYR W 66 -7.95 4.22 29.98
CA TYR W 66 -7.44 5.57 30.24
C TYR W 66 -7.59 5.95 31.67
N GLU W 67 -8.77 5.51 32.28
CA GLU W 67 -9.10 5.81 33.59
C GLU W 67 -8.24 5.11 34.58
N ILE W 68 -7.90 3.88 34.21
CA ILE W 68 -7.05 3.04 34.99
C ILE W 68 -5.61 3.56 35.01
N ARG W 69 -5.11 4.09 33.86
CA ARG W 69 -3.71 4.52 33.74
C ARG W 69 -3.40 5.79 34.54
N ARG W 70 -4.39 6.63 34.51
CA ARG W 70 -4.27 7.86 35.26
C ARG W 70 -4.66 7.72 36.69
N GLU W 71 -5.44 6.70 37.07
CA GLU W 71 -6.08 6.56 38.38
C GLU W 71 -7.06 7.69 38.61
N ARG W 72 -7.75 8.22 37.57
CA ARG W 72 -8.56 9.37 37.77
C ARG W 72 -9.45 9.38 36.55
N LYS W 73 -10.66 9.97 36.66
CA LYS W 73 -11.59 9.75 35.66
C LYS W 73 -11.22 10.50 34.43
N PRO W 74 -11.51 10.06 33.15
CA PRO W 74 -11.35 10.80 32.00
C PRO W 74 -12.53 11.73 31.92
N THR W 75 -12.40 12.88 31.18
CA THR W 75 -13.46 13.87 30.98
C THR W 75 -14.23 13.41 29.72
N VAL W 76 -15.50 13.89 29.65
CA VAL W 76 -16.52 13.56 28.65
C VAL W 76 -16.03 14.02 27.32
N ARG W 77 -15.28 15.16 27.36
CA ARG W 77 -14.59 15.86 26.30
C ARG W 77 -13.63 14.92 25.69
N ALA W 78 -12.88 14.09 26.42
CA ALA W 78 -11.91 13.18 25.93
C ALA W 78 -12.57 12.03 25.21
N ILE W 79 -13.73 11.57 25.62
CA ILE W 79 -14.47 10.44 25.09
C ILE W 79 -14.87 10.85 23.75
N ALA W 80 -15.43 12.06 23.61
CA ALA W 80 -15.95 12.58 22.32
C ALA W 80 -14.79 12.72 21.34
N THR W 81 -13.61 13.30 21.82
CA THR W 81 -12.54 13.62 20.90
C THR W 81 -11.89 12.30 20.44
N LEU W 82 -11.84 11.31 21.30
CA LEU W 82 -11.32 9.96 20.97
C LEU W 82 -12.29 9.42 19.91
N THR W 83 -13.66 9.61 19.97
CA THR W 83 -14.65 9.20 18.98
C THR W 83 -14.50 9.91 17.62
N SER W 84 -14.09 11.22 17.65
CA SER W 84 -13.80 11.95 16.45
C SER W 84 -12.63 11.26 15.64
N ASN W 85 -11.62 10.78 16.37
CA ASN W 85 -10.49 10.05 15.84
C ASN W 85 -10.93 8.70 15.37
N LEU W 86 -11.76 7.95 16.14
CA LEU W 86 -12.14 6.61 15.86
C LEU W 86 -12.91 6.64 14.56
N LEU W 87 -13.84 7.61 14.33
CA LEU W 87 -14.62 7.75 13.17
C LEU W 87 -13.92 8.34 12.00
N ASN W 88 -12.79 8.89 12.19
CA ASN W 88 -11.91 9.29 11.15
C ASN W 88 -11.19 8.10 10.50
N SER W 89 -10.84 7.07 11.33
CA SER W 89 -10.31 5.81 10.87
C SER W 89 -11.42 5.10 10.08
N TYR W 90 -12.63 5.16 10.58
CA TYR W 90 -13.69 4.55 9.94
C TYR W 90 -14.47 5.56 9.04
N ARG W 91 -13.71 6.47 8.38
CA ARG W 91 -14.14 7.32 7.26
C ARG W 91 -13.30 6.82 6.09
N TYR W 92 -12.12 6.24 6.44
CA TYR W 92 -11.21 5.61 5.47
C TYR W 92 -11.63 4.05 5.40
N PHE W 93 -12.66 3.77 6.07
CA PHE W 93 -13.34 2.49 6.20
C PHE W 93 -14.87 2.90 6.50
N PRO W 94 -15.69 3.46 5.52
CA PRO W 94 -16.91 4.23 5.78
C PRO W 94 -17.95 3.61 6.67
N TYR W 95 -18.53 4.38 7.61
CA TYR W 95 -19.72 4.10 8.41
C TYR W 95 -20.37 5.37 8.44
N LEU W 96 -21.70 5.30 8.36
CA LEU W 96 -22.65 6.47 8.50
C LEU W 96 -23.47 6.23 9.72
N VAL W 97 -23.28 7.07 10.75
CA VAL W 97 -24.02 6.94 11.99
C VAL W 97 -23.64 8.28 12.64
N GLN W 98 -24.50 8.86 13.57
CA GLN W 98 -24.32 10.11 14.25
C GLN W 98 -24.31 9.70 15.66
N LEU W 99 -23.43 10.24 16.52
CA LEU W 99 -23.30 9.89 17.90
C LEU W 99 -23.40 11.12 18.76
N LEU W 100 -23.84 10.92 19.97
CA LEU W 100 -23.82 11.92 20.98
C LEU W 100 -23.20 11.25 22.16
N ILE W 101 -22.26 11.90 22.81
CA ILE W 101 -21.60 11.43 24.06
C ILE W 101 -21.84 12.60 25.00
N GLY W 102 -22.46 12.24 26.16
CA GLY W 102 -22.55 13.16 27.17
C GLY W 102 -22.39 12.44 28.44
N GLY W 103 -22.32 13.18 29.60
CA GLY W 103 -22.05 12.68 30.92
C GLY W 103 -21.62 13.72 31.80
N ILE W 104 -20.98 13.31 32.88
CA ILE W 104 -20.50 14.16 33.95
C ILE W 104 -19.03 13.91 34.01
N ASP W 105 -18.25 15.00 34.36
CA ASP W 105 -16.87 14.92 34.43
C ASP W 105 -16.50 15.97 35.51
N SER W 106 -15.20 16.18 35.69
CA SER W 106 -14.57 16.96 36.69
C SER W 106 -14.67 18.41 36.36
N GLU W 107 -14.94 18.71 35.05
CA GLU W 107 -14.87 20.04 34.64
C GLU W 107 -16.24 20.53 34.45
N GLY W 108 -17.21 19.63 34.68
CA GLY W 108 -18.61 20.08 34.74
C GLY W 108 -19.37 19.01 33.98
N LYS W 109 -20.44 19.41 33.24
CA LYS W 109 -21.25 18.51 32.39
C LYS W 109 -21.43 19.13 31.06
N SER W 110 -21.56 18.27 30.01
CA SER W 110 -21.98 18.65 28.63
C SER W 110 -22.34 17.36 27.79
N ILE W 111 -22.77 17.64 26.55
CA ILE W 111 -23.07 16.60 25.56
C ILE W 111 -22.32 17.10 24.35
N TYR W 112 -21.51 16.25 23.64
CA TYR W 112 -20.62 16.47 22.53
C TYR W 112 -21.12 15.55 21.45
N SER W 113 -21.27 16.05 20.20
CA SER W 113 -21.85 15.42 19.11
C SER W 113 -20.71 15.11 18.18
N ILE W 114 -20.57 13.89 17.77
CA ILE W 114 -19.39 13.36 17.09
C ILE W 114 -19.90 12.75 15.82
N ASP W 115 -19.28 13.09 14.61
CA ASP W 115 -20.00 13.07 13.38
C ASP W 115 -19.08 12.12 12.60
N PRO W 116 -19.50 11.43 11.58
CA PRO W 116 -18.68 10.41 10.91
C PRO W 116 -17.70 11.12 10.06
N ILE W 117 -17.91 12.44 9.77
CA ILE W 117 -17.06 13.18 8.92
C ILE W 117 -16.15 14.02 9.78
N GLY W 118 -16.09 13.60 11.05
CA GLY W 118 -15.19 14.05 11.99
C GLY W 118 -15.61 15.20 12.92
N GLY W 119 -14.70 15.53 13.83
CA GLY W 119 -14.77 16.61 14.79
C GLY W 119 -15.76 16.47 15.88
N ALA W 120 -15.69 17.36 16.90
CA ALA W 120 -16.71 17.37 17.98
C ALA W 120 -17.03 18.77 18.37
N ILE W 121 -18.38 19.02 18.47
CA ILE W 121 -19.05 20.22 18.93
C ILE W 121 -19.60 20.04 20.27
N GLU W 122 -18.97 20.76 21.29
CA GLU W 122 -19.70 21.23 22.47
C GLU W 122 -20.98 21.94 22.30
N GLU W 123 -22.14 21.21 22.58
CA GLU W 123 -23.49 21.71 22.55
C GLU W 123 -23.84 22.30 23.85
N LYS W 124 -24.22 23.58 23.97
CA LYS W 124 -24.36 24.20 25.20
C LYS W 124 -25.51 23.62 26.03
N ASP W 125 -26.69 23.21 25.41
CA ASP W 125 -27.77 22.50 26.16
C ASP W 125 -28.92 22.04 25.39
N ILE W 126 -28.98 22.34 24.07
CA ILE W 126 -30.03 22.01 23.28
C ILE W 126 -29.15 21.13 22.29
N VAL W 127 -29.74 19.96 21.93
CA VAL W 127 -29.21 19.00 20.99
C VAL W 127 -30.12 17.88 20.43
N ALA W 128 -29.96 17.57 19.15
CA ALA W 128 -30.50 16.38 18.54
C ALA W 128 -29.48 15.92 17.47
N THR W 129 -29.60 14.65 17.01
CA THR W 129 -29.05 14.41 15.72
C THR W 129 -29.94 13.40 15.09
N GLY W 130 -29.81 13.33 13.72
CA GLY W 130 -30.78 12.58 12.88
C GLY W 130 -31.24 13.42 11.76
N SER W 131 -32.59 13.37 11.53
CA SER W 131 -33.22 14.00 10.39
C SER W 131 -34.51 14.66 10.92
N GLY W 132 -35.17 14.09 11.96
CA GLY W 132 -36.32 14.68 12.62
C GLY W 132 -35.81 15.47 13.80
N SER W 133 -34.52 15.67 13.79
CA SER W 133 -33.73 16.43 14.70
C SER W 133 -34.25 17.88 14.79
N LEU W 134 -34.76 18.51 13.72
CA LEU W 134 -35.27 19.88 13.70
C LEU W 134 -36.54 20.09 14.49
N THR W 135 -37.55 19.16 14.44
CA THR W 135 -38.74 19.27 15.18
C THR W 135 -38.49 19.10 16.64
N ALA W 136 -37.58 18.12 16.99
CA ALA W 136 -37.16 17.83 18.35
C ALA W 136 -36.40 18.93 19.01
N TYR W 137 -35.57 19.71 18.20
CA TYR W 137 -34.78 20.86 18.68
C TYR W 137 -35.76 21.91 19.14
N GLY W 138 -36.77 22.22 18.35
CA GLY W 138 -37.78 23.25 18.55
C GLY W 138 -38.53 23.20 19.86
N VAL W 139 -39.03 21.96 20.11
CA VAL W 139 -39.70 21.58 21.36
C VAL W 139 -38.71 21.73 22.52
N LEU W 140 -37.44 21.33 22.34
CA LEU W 140 -36.47 21.35 23.46
C LEU W 140 -36.19 22.73 23.94
N GLU W 141 -36.41 23.79 23.11
CA GLU W 141 -36.27 25.17 23.53
C GLU W 141 -37.45 25.79 24.33
N ASP W 142 -38.63 25.14 24.30
CA ASP W 142 -39.92 25.57 24.81
C ASP W 142 -39.95 25.68 26.31
N ARG W 143 -39.35 24.72 27.07
CA ARG W 143 -39.61 24.65 28.48
C ARG W 143 -38.25 24.69 29.16
N PHE W 144 -37.20 24.96 28.36
CA PHE W 144 -35.76 24.96 28.76
C PHE W 144 -35.52 26.28 29.47
N THR W 145 -34.95 26.07 30.71
CA THR W 145 -34.41 27.12 31.54
C THR W 145 -33.16 26.42 32.09
N PRO W 146 -32.23 27.11 32.65
CA PRO W 146 -31.05 26.43 33.24
C PRO W 146 -31.42 26.12 34.70
N GLU W 147 -32.69 26.39 35.11
CA GLU W 147 -33.32 26.25 36.37
C GLU W 147 -34.07 24.94 36.33
N ILE W 148 -33.91 24.10 35.22
CA ILE W 148 -34.71 22.86 35.04
C ILE W 148 -33.95 21.85 35.81
N GLY W 149 -34.66 20.99 36.62
CA GLY W 149 -34.05 19.86 37.21
C GLY W 149 -34.06 18.64 36.35
N VAL W 150 -33.44 17.49 36.83
CA VAL W 150 -33.34 16.21 36.12
C VAL W 150 -34.64 15.55 35.86
N ASP W 151 -35.55 15.67 36.94
CA ASP W 151 -36.86 15.07 36.90
C ASP W 151 -37.84 15.81 35.86
N GLU W 152 -37.55 17.10 35.59
CA GLU W 152 -38.32 17.78 34.57
C GLU W 152 -37.63 17.60 33.25
N ALA W 153 -36.33 17.29 33.19
CA ALA W 153 -35.55 17.24 32.02
C ALA W 153 -35.87 15.92 31.28
N VAL W 154 -36.19 14.78 31.99
CA VAL W 154 -36.61 13.56 31.42
C VAL W 154 -38.00 13.81 30.81
N GLU W 155 -38.86 14.69 31.44
CA GLU W 155 -40.19 14.87 30.90
C GLU W 155 -40.26 15.50 29.60
N LEU W 156 -39.46 16.52 29.44
CA LEU W 156 -39.17 17.28 28.25
C LEU W 156 -38.39 16.41 27.19
N ALA W 157 -37.45 15.49 27.59
CA ALA W 157 -36.84 14.62 26.62
C ALA W 157 -37.86 13.83 25.89
N VAL W 158 -38.89 13.36 26.59
CA VAL W 158 -40.01 12.64 25.95
C VAL W 158 -40.73 13.48 24.96
N ARG W 159 -41.04 14.79 25.30
CA ARG W 159 -41.77 15.73 24.45
C ARG W 159 -41.11 16.06 23.15
N ALA W 160 -39.82 16.16 23.18
CA ALA W 160 -38.97 16.40 22.03
C ALA W 160 -38.91 15.35 21.03
N ILE W 161 -38.85 14.07 21.43
CA ILE W 161 -38.77 12.93 20.50
C ILE W 161 -40.15 12.40 20.10
N TYR W 162 -41.18 12.85 20.78
CA TYR W 162 -42.52 12.54 20.44
C TYR W 162 -42.93 13.31 19.33
N SER W 163 -42.26 14.39 19.00
CA SER W 163 -42.52 15.25 17.85
C SER W 163 -42.38 14.50 16.48
N ALA W 164 -41.33 13.65 16.42
CA ALA W 164 -41.10 12.85 15.27
C ALA W 164 -41.88 11.55 15.19
N MET W 165 -42.57 11.18 16.30
CA MET W 165 -43.35 9.90 16.53
C MET W 165 -44.73 10.38 16.87
N LYS W 166 -45.16 11.59 16.29
CA LYS W 166 -46.49 12.06 16.61
C LYS W 166 -47.51 11.71 15.56
N ARG W 167 -47.04 11.44 14.32
CA ARG W 167 -47.84 11.28 13.17
C ARG W 167 -47.34 9.99 12.62
N ASP W 168 -46.57 9.17 13.47
CA ASP W 168 -46.15 7.79 13.23
C ASP W 168 -46.61 7.04 14.48
N SER W 169 -46.66 5.70 14.35
CA SER W 169 -47.26 4.95 15.46
C SER W 169 -46.74 3.50 15.50
N ALA W 170 -45.81 3.06 14.50
CA ALA W 170 -45.19 1.80 14.48
C ALA W 170 -43.96 1.75 15.26
N SER W 171 -43.51 2.91 15.82
CA SER W 171 -42.38 3.14 16.73
C SER W 171 -42.76 4.27 17.61
N GLY W 172 -44.09 4.34 17.85
CA GLY W 172 -44.65 5.21 18.95
C GLY W 172 -44.59 4.57 20.31
N ASP W 173 -44.21 3.23 20.33
CA ASP W 173 -44.07 2.41 21.47
C ASP W 173 -42.61 2.03 21.30
N GLY W 174 -41.89 1.98 22.41
CA GLY W 174 -40.49 1.67 22.40
C GLY W 174 -39.71 2.91 22.33
N ILE W 175 -39.16 3.34 23.46
CA ILE W 175 -38.45 4.54 23.67
C ILE W 175 -37.51 4.34 24.86
N ASP W 176 -36.34 5.04 24.80
CA ASP W 176 -35.44 4.97 25.89
C ASP W 176 -35.27 6.39 26.38
N VAL W 177 -34.97 6.46 27.74
CA VAL W 177 -34.55 7.74 28.35
C VAL W 177 -33.35 7.37 29.28
N VAL W 178 -32.28 8.18 29.30
CA VAL W 178 -31.11 7.97 30.07
C VAL W 178 -30.90 9.24 30.81
N LYS W 179 -30.67 9.06 32.14
CA LYS W 179 -30.36 10.12 33.02
C LYS W 179 -29.20 9.68 33.84
N ILE W 180 -28.51 10.65 34.50
CA ILE W 180 -27.17 10.59 35.06
C ILE W 180 -27.23 11.75 35.98
N THR W 181 -27.55 11.48 37.31
CA THR W 181 -27.68 12.59 38.24
C THR W 181 -26.45 12.76 39.11
N GLU W 182 -25.54 11.81 38.98
CA GLU W 182 -24.31 11.67 39.74
C GLU W 182 -24.56 10.90 40.95
N ASP W 183 -25.52 9.96 40.96
CA ASP W 183 -25.80 9.11 42.06
C ASP W 183 -26.18 7.85 41.32
N GLU W 184 -26.61 7.97 40.07
CA GLU W 184 -27.38 6.99 39.39
C GLU W 184 -26.95 7.07 37.92
N PHE W 185 -27.14 5.90 37.21
CA PHE W 185 -26.96 5.92 35.81
C PHE W 185 -28.11 5.04 35.40
N TYR W 186 -29.23 5.70 35.15
CA TYR W 186 -30.49 5.10 35.08
C TYR W 186 -30.98 5.21 33.68
N GLN W 187 -31.60 4.14 33.28
CA GLN W 187 -32.14 3.95 31.93
C GLN W 187 -33.50 3.47 32.25
N TYR W 188 -34.49 4.31 31.94
CA TYR W 188 -35.82 4.16 32.36
C TYR W 188 -36.59 2.87 32.03
N SER W 189 -36.40 2.38 30.80
CA SER W 189 -36.91 1.08 30.44
C SER W 189 -38.35 1.34 29.89
N PRO W 190 -38.79 0.72 28.74
CA PRO W 190 -40.07 1.11 28.11
C PRO W 190 -41.28 1.38 28.91
N GLU W 191 -41.58 0.51 29.96
CA GLU W 191 -42.63 0.58 30.89
C GLU W 191 -42.74 1.94 31.69
N GLU W 192 -41.62 2.43 32.26
CA GLU W 192 -41.63 3.68 32.93
C GLU W 192 -41.87 4.79 31.89
N VAL W 193 -41.35 4.65 30.59
CA VAL W 193 -41.49 5.63 29.51
C VAL W 193 -42.94 5.71 29.08
N GLU W 194 -43.61 4.58 29.01
CA GLU W 194 -45.05 4.42 28.63
C GLU W 194 -46.00 5.11 29.57
N GLN W 195 -45.66 5.22 30.89
CA GLN W 195 -46.61 5.95 31.80
C GLN W 195 -46.51 7.47 31.67
N ILE W 196 -45.30 7.91 31.16
CA ILE W 196 -45.04 9.35 30.92
C ILE W 196 -45.81 9.76 29.67
N LEU W 197 -45.77 8.84 28.68
CA LEU W 197 -46.43 9.08 27.37
C LEU W 197 -47.86 8.64 27.32
N ALA W 198 -48.32 8.00 28.40
CA ALA W 198 -49.68 7.71 28.63
C ALA W 198 -50.56 8.99 28.73
N LYS W 199 -49.97 10.06 29.25
CA LYS W 199 -50.54 11.43 29.53
C LYS W 199 -50.67 12.15 28.34
N PHE W 200 -49.88 11.79 27.27
CA PHE W 200 -50.04 12.40 25.95
C PHE W 200 -50.79 11.37 25.13
N ARG W 201 -51.24 10.27 25.77
CA ARG W 201 -51.98 9.27 25.10
C ARG W 201 -51.16 8.31 24.18
N LYS W 202 -51.04 8.71 22.88
CA LYS W 202 -50.38 8.15 21.73
C LYS W 202 -48.84 7.86 22.04
N THR X 1 -26.61 37.43 -20.60
CA THR X 1 -27.74 38.27 -21.16
C THR X 1 -28.77 38.62 -20.08
N THR X 2 -29.06 39.91 -19.86
CA THR X 2 -30.08 40.49 -18.99
C THR X 2 -30.41 41.79 -19.63
N THR X 3 -31.72 42.20 -19.52
CA THR X 3 -32.31 43.43 -19.90
C THR X 3 -32.98 43.99 -18.62
N VAL X 4 -33.25 45.30 -18.61
CA VAL X 4 -33.91 45.97 -17.45
C VAL X 4 -34.88 46.94 -18.09
N GLY X 5 -35.98 47.20 -17.37
CA GLY X 5 -36.91 48.21 -17.60
C GLY X 5 -37.29 48.55 -16.20
N LEU X 6 -37.51 49.90 -15.95
CA LEU X 6 -37.79 50.37 -14.63
C LEU X 6 -38.67 51.61 -14.80
N VAL X 7 -39.67 51.85 -13.93
CA VAL X 7 -40.68 52.94 -14.04
C VAL X 7 -40.08 54.16 -13.48
N CYS X 8 -40.06 55.25 -14.19
CA CYS X 8 -39.56 56.62 -13.85
C CYS X 8 -40.78 57.47 -13.51
N LYS X 9 -40.50 58.70 -13.08
CA LYS X 9 -41.50 59.64 -12.75
C LYS X 9 -41.79 60.53 -13.95
N ASP X 10 -41.21 60.19 -15.10
CA ASP X 10 -41.43 60.93 -16.33
C ASP X 10 -41.18 60.04 -17.48
N GLY X 11 -41.67 58.73 -17.43
CA GLY X 11 -41.47 57.73 -18.48
C GLY X 11 -41.02 56.46 -17.94
N VAL X 12 -40.33 55.65 -18.82
CA VAL X 12 -39.85 54.32 -18.44
C VAL X 12 -38.52 54.14 -19.16
N VAL X 13 -37.48 53.55 -18.45
CA VAL X 13 -36.17 53.40 -19.04
C VAL X 13 -36.01 51.93 -19.24
N MET X 14 -35.34 51.55 -20.36
CA MET X 14 -35.10 50.23 -20.84
C MET X 14 -33.71 50.22 -21.29
N ALA X 15 -33.10 49.05 -21.23
CA ALA X 15 -31.75 48.78 -21.44
C ALA X 15 -31.83 47.45 -21.95
N THR X 16 -30.87 47.13 -22.77
CA THR X 16 -30.70 45.91 -23.56
C THR X 16 -29.24 45.75 -23.73
N GLU X 17 -28.85 44.50 -23.76
CA GLU X 17 -27.47 44.15 -24.05
C GLU X 17 -27.39 43.87 -25.58
N LYS X 18 -26.21 44.07 -26.19
CA LYS X 18 -26.07 44.08 -27.62
C LYS X 18 -24.95 43.18 -27.87
N ARG X 19 -24.93 42.52 -29.03
CA ARG X 19 -23.89 41.61 -29.40
C ARG X 19 -24.11 40.27 -28.73
N ALA X 20 -24.21 39.19 -29.47
CA ALA X 20 -24.44 37.86 -28.94
C ALA X 20 -23.66 36.97 -29.80
N THR X 21 -23.36 35.74 -29.29
CA THR X 21 -22.52 34.72 -29.96
C THR X 21 -23.26 33.40 -29.92
N MET X 22 -23.06 32.52 -30.92
CA MET X 22 -23.54 31.12 -31.02
C MET X 22 -22.36 30.32 -31.35
N GLY X 23 -22.19 29.19 -30.69
CA GLY X 23 -20.91 28.51 -30.78
C GLY X 23 -19.73 29.36 -30.38
N ASN X 24 -18.61 29.18 -31.17
CA ASN X 24 -17.51 30.00 -31.08
C ASN X 24 -17.45 30.93 -32.26
N PHE X 25 -18.57 31.66 -32.55
CA PHE X 25 -18.55 32.71 -33.55
C PHE X 25 -19.58 33.82 -33.21
N ILE X 26 -19.20 35.07 -33.51
CA ILE X 26 -20.09 36.22 -33.37
C ILE X 26 -21.25 36.05 -34.39
N ALA X 27 -22.51 36.39 -34.00
CA ALA X 27 -23.64 36.03 -34.83
C ALA X 27 -24.49 37.26 -34.84
N SER X 28 -24.32 38.13 -33.83
CA SER X 28 -25.09 39.34 -33.70
C SER X 28 -24.20 40.41 -33.20
N LYS X 29 -24.45 41.66 -33.74
CA LYS X 29 -23.81 42.89 -33.36
C LYS X 29 -24.62 44.10 -33.91
N ALA X 30 -25.68 43.72 -34.64
CA ALA X 30 -26.57 44.51 -35.42
C ALA X 30 -27.96 43.92 -35.37
N ALA X 31 -28.17 42.91 -34.46
CA ALA X 31 -29.43 42.36 -34.18
C ALA X 31 -30.00 43.16 -33.02
N LYS X 32 -31.37 43.09 -32.86
CA LYS X 32 -32.11 44.03 -32.05
C LYS X 32 -32.71 43.06 -31.01
N LYS X 33 -32.54 43.47 -29.72
CA LYS X 33 -33.09 42.75 -28.59
C LYS X 33 -33.93 43.80 -27.93
N ILE X 34 -34.30 44.94 -28.66
CA ILE X 34 -35.24 45.95 -28.28
C ILE X 34 -36.15 46.08 -29.42
N TYR X 35 -37.48 46.06 -29.11
CA TYR X 35 -38.59 46.08 -29.98
C TYR X 35 -39.38 47.22 -29.55
N GLN X 36 -39.84 47.91 -30.59
CA GLN X 36 -40.77 48.97 -30.53
C GLN X 36 -42.15 48.35 -30.88
N ILE X 37 -43.08 48.25 -29.93
CA ILE X 37 -44.39 47.54 -30.06
C ILE X 37 -45.33 48.56 -30.46
N ALA X 38 -45.07 49.80 -30.08
CA ALA X 38 -45.77 51.06 -30.45
C ALA X 38 -44.63 52.05 -30.30
N ASP X 39 -44.90 53.36 -30.45
CA ASP X 39 -43.96 54.42 -30.44
C ASP X 39 -43.29 54.52 -29.04
N ARG X 40 -44.13 54.35 -27.94
CA ARG X 40 -43.82 54.59 -26.63
C ARG X 40 -44.07 53.36 -25.75
N MET X 41 -44.17 52.17 -26.34
CA MET X 41 -44.24 50.95 -25.70
C MET X 41 -43.16 50.22 -26.24
N ALA X 42 -42.44 49.50 -25.33
CA ALA X 42 -41.19 48.81 -25.62
C ALA X 42 -41.44 47.40 -25.29
N MET X 43 -40.55 46.47 -25.74
CA MET X 43 -40.35 45.16 -25.23
C MET X 43 -38.89 44.93 -25.20
N THR X 44 -38.28 44.53 -24.06
CA THR X 44 -36.94 44.00 -23.99
C THR X 44 -37.01 42.49 -23.69
N THR X 45 -36.04 41.73 -24.24
CA THR X 45 -36.00 40.23 -24.34
C THR X 45 -34.62 39.89 -23.89
N ALA X 46 -34.71 38.87 -23.01
CA ALA X 46 -33.49 38.21 -22.48
C ALA X 46 -33.75 36.69 -22.67
N GLY X 47 -32.72 35.95 -23.16
CA GLY X 47 -32.89 34.53 -23.49
C GLY X 47 -32.28 34.36 -24.78
N SER X 48 -32.78 33.34 -25.51
CA SER X 48 -32.25 32.88 -26.85
C SER X 48 -32.70 33.89 -27.83
N VAL X 49 -31.76 34.12 -28.81
CA VAL X 49 -31.93 35.09 -29.85
C VAL X 49 -33.11 34.76 -30.76
N GLY X 50 -33.28 33.52 -31.24
CA GLY X 50 -34.28 33.09 -32.25
C GLY X 50 -35.64 33.10 -31.71
N ASP X 51 -35.87 32.76 -30.40
CA ASP X 51 -37.17 32.85 -29.76
C ASP X 51 -37.71 34.24 -29.64
N ALA X 52 -36.83 35.16 -29.13
CA ALA X 52 -37.10 36.56 -28.93
C ALA X 52 -37.33 37.36 -30.18
N GLN X 53 -36.53 37.12 -31.25
CA GLN X 53 -36.76 37.79 -32.59
C GLN X 53 -38.05 37.37 -33.18
N PHE X 54 -38.39 36.04 -33.20
CA PHE X 54 -39.62 35.54 -33.82
C PHE X 54 -40.90 36.07 -33.07
N LEU X 55 -40.82 36.08 -31.67
CA LEU X 55 -42.02 36.30 -30.90
C LEU X 55 -42.41 37.72 -30.99
N ALA X 56 -41.44 38.60 -31.21
CA ALA X 56 -41.56 40.03 -31.30
C ALA X 56 -42.42 40.45 -32.43
N ARG X 57 -42.39 39.71 -33.56
CA ARG X 57 -43.29 40.10 -34.73
C ARG X 57 -44.74 39.95 -34.42
N ILE X 58 -45.02 38.86 -33.68
CA ILE X 58 -46.36 38.51 -33.22
C ILE X 58 -46.96 39.55 -32.24
N ILE X 59 -46.33 40.08 -31.27
CA ILE X 59 -46.75 41.16 -30.36
C ILE X 59 -46.97 42.42 -31.16
N LYS X 60 -46.05 42.77 -32.05
CA LYS X 60 -46.11 43.89 -32.88
C LYS X 60 -47.31 43.93 -33.72
N ILE X 61 -47.67 42.90 -34.35
CA ILE X 61 -48.81 42.79 -35.28
C ILE X 61 -50.08 42.98 -34.48
N GLU X 62 -50.14 42.38 -33.30
CA GLU X 62 -51.25 42.58 -32.45
C GLU X 62 -51.47 44.00 -31.97
N ALA X 63 -50.33 44.65 -31.70
CA ALA X 63 -50.26 46.01 -31.28
C ALA X 63 -50.66 47.00 -32.38
N ASN X 64 -50.28 46.81 -33.64
CA ASN X 64 -50.70 47.56 -34.81
C ASN X 64 -52.13 47.38 -35.02
N LEU X 65 -52.68 46.15 -34.87
CA LEU X 65 -54.08 45.78 -35.06
C LEU X 65 -54.92 46.49 -34.12
N TYR X 66 -54.46 46.58 -32.84
CA TYR X 66 -55.20 47.20 -31.73
C TYR X 66 -55.49 48.60 -32.02
N GLU X 67 -54.59 49.42 -32.55
CA GLU X 67 -54.83 50.82 -32.93
C GLU X 67 -55.83 50.97 -34.03
N ILE X 68 -55.77 50.09 -35.07
CA ILE X 68 -56.65 50.05 -36.16
C ILE X 68 -58.10 49.82 -35.70
N ARG X 69 -58.23 48.79 -34.84
CA ARG X 69 -59.40 48.15 -34.47
C ARG X 69 -60.18 48.91 -33.46
N ARG X 70 -59.55 49.36 -32.40
CA ARG X 70 -60.23 49.86 -31.20
C ARG X 70 -60.14 51.33 -31.14
N GLU X 71 -59.25 51.97 -32.07
CA GLU X 71 -59.01 53.40 -31.99
C GLU X 71 -58.28 53.76 -30.70
N ARG X 72 -57.06 53.20 -30.50
CA ARG X 72 -56.44 53.40 -29.22
C ARG X 72 -55.12 52.76 -29.15
N LYS X 73 -54.13 53.53 -28.55
CA LYS X 73 -52.86 52.95 -28.30
C LYS X 73 -52.95 51.99 -27.09
N PRO X 74 -52.42 50.78 -27.28
CA PRO X 74 -52.77 49.71 -26.34
C PRO X 74 -52.06 49.93 -25.00
N THR X 75 -52.75 49.63 -23.83
CA THR X 75 -52.16 49.60 -22.51
C THR X 75 -51.17 48.41 -22.40
N VAL X 76 -50.20 48.57 -21.51
CA VAL X 76 -49.09 47.70 -21.22
C VAL X 76 -49.62 46.30 -20.85
N ARG X 77 -50.77 46.36 -20.04
CA ARG X 77 -51.50 45.19 -19.45
C ARG X 77 -52.09 44.42 -20.56
N ALA X 78 -52.58 45.09 -21.56
CA ALA X 78 -53.36 44.46 -22.60
C ALA X 78 -52.57 43.65 -23.49
N ILE X 79 -51.33 44.18 -23.78
CA ILE X 79 -50.27 43.60 -24.59
C ILE X 79 -49.50 42.53 -23.85
N ALA X 80 -49.40 42.54 -22.53
CA ALA X 80 -48.77 41.46 -21.71
C ALA X 80 -49.58 40.22 -21.73
N THR X 81 -50.96 40.35 -21.59
CA THR X 81 -51.88 39.22 -21.51
C THR X 81 -51.98 38.53 -22.85
N LEU X 82 -51.78 39.36 -23.97
CA LEU X 82 -51.62 38.71 -25.27
C LEU X 82 -50.42 37.86 -25.29
N THR X 83 -49.30 38.33 -24.69
CA THR X 83 -48.03 37.56 -24.68
C THR X 83 -48.11 36.29 -23.90
N SER X 84 -48.76 36.33 -22.77
CA SER X 84 -48.90 35.21 -22.02
C SER X 84 -49.66 34.14 -22.72
N ASN X 85 -50.73 34.51 -23.48
CA ASN X 85 -51.67 33.59 -24.13
C ASN X 85 -50.86 32.86 -25.22
N LEU X 86 -49.98 33.53 -26.04
CA LEU X 86 -49.22 32.77 -27.01
C LEU X 86 -48.37 31.70 -26.40
N LEU X 87 -47.56 32.02 -25.33
CA LEU X 87 -46.70 30.98 -24.81
C LEU X 87 -47.53 29.81 -24.25
N ASN X 88 -48.77 30.01 -23.67
CA ASN X 88 -49.48 28.92 -23.17
C ASN X 88 -50.02 27.90 -24.20
N SER X 89 -50.46 28.43 -25.39
CA SER X 89 -51.10 27.61 -26.45
C SER X 89 -50.07 26.74 -27.19
N TYR X 90 -48.78 27.11 -27.10
CA TYR X 90 -47.67 26.57 -27.84
C TYR X 90 -46.75 26.22 -26.84
N ARG X 91 -47.16 25.33 -25.89
CA ARG X 91 -46.29 24.90 -24.83
C ARG X 91 -45.70 23.51 -25.16
N TYR X 92 -46.11 22.92 -26.28
CA TYR X 92 -45.59 21.59 -26.74
C TYR X 92 -44.13 21.80 -27.04
N PHE X 93 -43.80 22.79 -27.86
CA PHE X 93 -42.41 23.22 -28.11
C PHE X 93 -42.47 24.63 -27.59
N PRO X 94 -41.99 24.90 -26.34
CA PRO X 94 -42.08 26.25 -25.75
C PRO X 94 -41.01 27.17 -26.23
N TYR X 95 -41.22 28.49 -26.04
CA TYR X 95 -40.34 29.55 -26.33
C TYR X 95 -39.57 29.90 -25.15
N LEU X 96 -38.25 29.99 -25.35
CA LEU X 96 -37.32 30.08 -24.22
C LEU X 96 -36.91 31.48 -24.18
N VAL X 97 -37.69 32.41 -23.56
CA VAL X 97 -37.38 33.80 -23.56
C VAL X 97 -38.08 34.33 -22.25
N GLN X 98 -37.50 35.33 -21.59
CA GLN X 98 -38.13 35.87 -20.48
C GLN X 98 -38.44 37.33 -20.94
N LEU X 99 -39.71 37.80 -20.87
CA LEU X 99 -40.19 38.93 -21.64
C LEU X 99 -40.38 40.08 -20.68
N LEU X 100 -40.16 41.31 -21.14
CA LEU X 100 -40.27 42.40 -20.26
C LEU X 100 -41.01 43.42 -21.02
N ILE X 101 -42.25 43.75 -20.61
CA ILE X 101 -43.08 44.64 -21.40
C ILE X 101 -43.41 45.71 -20.39
N GLY X 102 -42.86 46.92 -20.71
CA GLY X 102 -43.02 48.07 -19.95
C GLY X 102 -43.12 49.16 -21.04
N GLY X 103 -44.00 50.13 -20.74
CA GLY X 103 -44.02 51.38 -21.49
C GLY X 103 -44.91 52.35 -20.83
N ILE X 104 -45.38 53.31 -21.58
CA ILE X 104 -46.27 54.33 -21.18
C ILE X 104 -47.44 54.29 -22.16
N ASP X 105 -48.68 54.50 -21.65
CA ASP X 105 -49.95 54.29 -22.17
C ASP X 105 -50.86 55.31 -21.60
N SER X 106 -52.11 55.30 -22.11
CA SER X 106 -53.21 56.19 -21.84
C SER X 106 -53.57 56.12 -20.37
N GLU X 107 -53.40 54.94 -19.72
CA GLU X 107 -53.75 54.63 -18.32
C GLU X 107 -52.55 54.65 -17.37
N GLY X 108 -51.36 55.11 -17.87
CA GLY X 108 -50.26 55.31 -17.02
C GLY X 108 -49.20 54.39 -17.54
N LYS X 109 -48.39 53.92 -16.50
CA LYS X 109 -47.33 52.95 -16.75
C LYS X 109 -47.50 51.78 -15.83
N SER X 110 -46.92 50.64 -16.24
CA SER X 110 -46.76 49.42 -15.49
C SER X 110 -45.79 48.60 -16.21
N ILE X 111 -45.31 47.58 -15.51
CA ILE X 111 -44.36 46.65 -16.12
C ILE X 111 -44.98 45.31 -15.77
N TYR X 112 -45.06 44.37 -16.69
CA TYR X 112 -45.42 42.96 -16.55
C TYR X 112 -44.28 42.16 -17.24
N SER X 113 -43.63 41.19 -16.55
CA SER X 113 -42.60 40.32 -17.10
C SER X 113 -43.30 39.03 -17.20
N ILE X 114 -43.10 38.34 -18.38
CA ILE X 114 -43.96 37.22 -18.68
C ILE X 114 -42.97 35.99 -18.69
N ASP X 115 -43.25 34.91 -17.91
CA ASP X 115 -42.55 33.70 -17.62
C ASP X 115 -42.75 32.79 -18.82
N PRO X 116 -41.89 31.81 -19.09
CA PRO X 116 -41.86 31.01 -20.37
C PRO X 116 -42.86 29.80 -20.38
N ILE X 117 -44.16 30.09 -20.07
CA ILE X 117 -45.12 29.06 -20.15
C ILE X 117 -46.47 29.78 -20.06
N GLY X 118 -46.37 31.15 -19.99
CA GLY X 118 -47.50 32.03 -19.83
C GLY X 118 -47.91 32.20 -18.34
N GLY X 119 -48.48 33.41 -17.98
CA GLY X 119 -48.61 33.82 -16.58
C GLY X 119 -47.67 34.97 -16.55
N ALA X 120 -48.25 36.19 -16.22
CA ALA X 120 -47.48 37.39 -16.23
C ALA X 120 -47.42 37.87 -14.81
N ILE X 121 -46.30 38.38 -14.30
CA ILE X 121 -46.13 38.98 -13.04
C ILE X 121 -46.12 40.49 -13.24
N GLU X 122 -47.19 41.16 -12.77
CA GLU X 122 -47.14 42.57 -12.55
C GLU X 122 -46.03 42.93 -11.50
N GLU X 123 -44.95 43.58 -11.94
CA GLU X 123 -43.94 44.07 -11.09
C GLU X 123 -43.93 45.54 -11.31
N LYS X 124 -43.73 46.29 -10.25
CA LYS X 124 -43.80 47.79 -10.47
C LYS X 124 -42.40 48.19 -10.87
N ASP X 125 -41.39 47.68 -10.08
CA ASP X 125 -40.02 48.04 -10.25
C ASP X 125 -39.05 47.09 -9.48
N ILE X 126 -37.75 47.22 -9.84
CA ILE X 126 -36.63 46.42 -9.43
C ILE X 126 -36.75 45.11 -10.11
N VAL X 127 -36.84 45.20 -11.43
CA VAL X 127 -37.20 44.07 -12.33
C VAL X 127 -36.13 43.97 -13.39
N ALA X 128 -35.55 42.79 -13.56
CA ALA X 128 -34.71 42.41 -14.65
C ALA X 128 -35.12 41.02 -15.10
N THR X 129 -35.57 40.83 -16.39
CA THR X 129 -35.43 39.54 -17.04
C THR X 129 -33.99 39.22 -17.31
N GLY X 130 -33.63 37.94 -17.21
CA GLY X 130 -32.33 37.48 -17.51
C GLY X 130 -31.80 36.52 -16.50
N SER X 131 -30.68 35.86 -16.85
CA SER X 131 -29.97 35.00 -15.89
C SER X 131 -28.75 35.74 -15.29
N GLY X 132 -28.50 36.95 -15.81
CA GLY X 132 -27.48 37.89 -15.38
C GLY X 132 -28.19 38.83 -14.45
N SER X 133 -29.46 38.53 -14.24
CA SER X 133 -30.38 39.30 -13.45
C SER X 133 -30.04 39.37 -11.97
N LEU X 134 -29.25 38.44 -11.44
CA LEU X 134 -28.85 38.47 -9.99
C LEU X 134 -28.02 39.70 -9.66
N THR X 135 -26.96 39.88 -10.54
CA THR X 135 -25.96 40.84 -10.41
C THR X 135 -26.50 42.18 -10.70
N ALA X 136 -27.36 42.31 -11.72
CA ALA X 136 -27.97 43.57 -12.11
C ALA X 136 -28.88 44.19 -11.08
N TYR X 137 -29.72 43.34 -10.44
CA TYR X 137 -30.76 43.56 -9.43
C TYR X 137 -30.27 44.24 -8.13
N GLY X 138 -29.05 43.80 -7.73
CA GLY X 138 -28.35 44.26 -6.58
C GLY X 138 -28.10 45.77 -6.70
N VAL X 139 -27.57 46.31 -7.87
CA VAL X 139 -27.21 47.75 -8.13
C VAL X 139 -28.42 48.57 -8.32
N LEU X 140 -29.39 47.95 -9.09
CA LEU X 140 -30.65 48.52 -9.47
C LEU X 140 -31.48 48.82 -8.22
N GLU X 141 -31.51 47.93 -7.22
CA GLU X 141 -32.23 48.00 -5.90
C GLU X 141 -31.68 49.06 -5.00
N ASP X 142 -30.32 49.27 -4.90
CA ASP X 142 -29.79 50.22 -3.98
C ASP X 142 -30.22 51.71 -4.33
N ARG X 143 -30.14 52.09 -5.60
CA ARG X 143 -30.15 53.43 -5.99
C ARG X 143 -31.42 53.94 -6.64
N PHE X 144 -32.42 53.06 -6.84
CA PHE X 144 -33.75 53.37 -7.27
C PHE X 144 -34.44 54.11 -6.21
N THR X 145 -35.17 55.18 -6.57
CA THR X 145 -35.97 55.96 -5.62
C THR X 145 -37.29 55.99 -6.29
N PRO X 146 -38.49 56.00 -5.68
CA PRO X 146 -39.77 55.95 -6.39
C PRO X 146 -39.91 57.10 -7.38
N GLU X 147 -39.04 58.17 -7.21
CA GLU X 147 -39.00 59.39 -7.99
C GLU X 147 -37.73 59.44 -8.57
N ILE X 148 -37.53 58.96 -9.80
CA ILE X 148 -36.20 58.92 -10.38
C ILE X 148 -36.39 59.34 -11.87
N GLY X 149 -35.63 60.39 -12.26
CA GLY X 149 -35.57 60.98 -13.59
C GLY X 149 -35.14 59.78 -14.59
N VAL X 150 -35.35 60.06 -15.94
CA VAL X 150 -34.88 59.38 -17.13
C VAL X 150 -33.46 59.47 -17.32
N ASP X 151 -32.86 60.65 -17.00
CA ASP X 151 -31.48 60.93 -17.12
C ASP X 151 -30.63 60.01 -16.23
N GLU X 152 -31.25 59.71 -15.04
CA GLU X 152 -30.69 59.06 -13.95
C GLU X 152 -30.83 57.62 -14.10
N ALA X 153 -32.02 57.15 -14.64
CA ALA X 153 -32.34 55.76 -14.79
C ALA X 153 -31.48 55.01 -15.79
N VAL X 154 -31.08 55.71 -16.93
CA VAL X 154 -30.18 55.29 -17.99
C VAL X 154 -28.76 55.10 -17.44
N GLU X 155 -28.23 56.00 -16.57
CA GLU X 155 -26.98 55.93 -15.77
C GLU X 155 -26.93 54.74 -14.81
N LEU X 156 -28.00 54.43 -14.06
CA LEU X 156 -28.23 53.36 -13.15
C LEU X 156 -28.30 52.04 -13.88
N ALA X 157 -28.99 52.07 -15.06
CA ALA X 157 -29.27 50.93 -15.88
C ALA X 157 -27.99 50.41 -16.50
N VAL X 158 -27.13 51.40 -16.95
CA VAL X 158 -25.91 51.09 -17.58
C VAL X 158 -24.99 50.35 -16.61
N ARG X 159 -24.86 50.81 -15.37
CA ARG X 159 -24.02 50.13 -14.37
C ARG X 159 -24.46 48.74 -14.06
N ALA X 160 -25.80 48.56 -14.01
CA ALA X 160 -26.41 47.28 -13.81
C ALA X 160 -26.00 46.22 -14.80
N ILE X 161 -26.00 46.57 -16.12
CA ILE X 161 -25.60 45.61 -17.10
C ILE X 161 -24.07 45.39 -17.20
N TYR X 162 -23.29 46.42 -16.79
CA TYR X 162 -21.85 46.43 -16.79
C TYR X 162 -21.41 45.64 -15.72
N SER X 163 -22.09 45.57 -14.56
CA SER X 163 -21.68 44.65 -13.50
C SER X 163 -21.94 43.28 -13.79
N ALA X 164 -23.09 43.01 -14.44
CA ALA X 164 -23.54 41.69 -14.84
C ALA X 164 -22.63 41.03 -15.80
N MET X 165 -22.23 41.88 -16.78
CA MET X 165 -21.54 41.43 -18.01
C MET X 165 -20.18 40.80 -17.76
N LYS X 166 -19.49 41.17 -16.63
CA LYS X 166 -18.19 40.70 -16.31
C LYS X 166 -18.24 39.25 -15.95
N ARG X 167 -19.43 38.78 -15.51
CA ARG X 167 -19.60 37.41 -14.95
C ARG X 167 -20.29 36.59 -16.07
N ASP X 168 -20.45 37.17 -17.26
CA ASP X 168 -21.14 36.44 -18.33
C ASP X 168 -20.18 36.63 -19.49
N SER X 169 -20.54 35.92 -20.59
CA SER X 169 -19.85 36.11 -21.84
C SER X 169 -20.88 36.06 -22.96
N ALA X 170 -22.18 36.10 -22.56
CA ALA X 170 -23.41 35.99 -23.35
C ALA X 170 -24.05 37.35 -23.58
N SER X 171 -23.72 38.40 -22.76
CA SER X 171 -24.22 39.76 -22.95
C SER X 171 -23.50 40.50 -24.08
N GLY X 172 -22.20 40.16 -24.34
CA GLY X 172 -21.47 40.67 -25.43
C GLY X 172 -20.79 41.98 -25.03
N ASP X 173 -19.97 42.54 -26.01
CA ASP X 173 -19.42 43.82 -25.83
C ASP X 173 -20.33 44.84 -26.50
N GLY X 174 -20.38 46.07 -25.93
CA GLY X 174 -21.31 47.06 -26.25
C GLY X 174 -22.58 46.93 -25.48
N ILE X 175 -23.11 48.06 -24.92
CA ILE X 175 -24.23 48.08 -24.04
C ILE X 175 -25.13 49.17 -24.58
N ASP X 176 -26.43 48.83 -24.80
CA ASP X 176 -27.41 49.79 -25.32
C ASP X 176 -28.30 50.23 -24.21
N VAL X 177 -28.76 51.48 -24.28
CA VAL X 177 -29.62 51.97 -23.24
C VAL X 177 -30.49 52.94 -24.03
N VAL X 178 -31.78 53.00 -23.58
CA VAL X 178 -32.88 53.47 -24.36
C VAL X 178 -33.50 54.31 -23.27
N LYS X 179 -34.10 55.38 -23.73
CA LYS X 179 -34.84 56.32 -22.90
C LYS X 179 -36.21 56.47 -23.59
N ILE X 180 -37.27 56.07 -22.84
CA ILE X 180 -38.63 56.44 -23.16
C ILE X 180 -39.00 57.56 -22.23
N THR X 181 -39.11 58.75 -22.75
CA THR X 181 -39.30 59.86 -21.87
C THR X 181 -40.65 60.54 -22.04
N GLU X 182 -41.47 60.01 -22.96
CA GLU X 182 -42.86 60.37 -23.24
C GLU X 182 -42.93 61.49 -24.19
N ASP X 183 -42.00 61.49 -25.18
CA ASP X 183 -42.18 62.45 -26.31
C ASP X 183 -41.06 62.05 -27.35
N GLU X 184 -40.24 61.05 -26.97
CA GLU X 184 -39.18 60.55 -27.77
C GLU X 184 -38.94 59.08 -27.39
N PHE X 185 -38.23 58.30 -28.23
CA PHE X 185 -37.70 56.92 -27.98
C PHE X 185 -36.31 57.01 -28.46
N TYR X 186 -35.34 57.28 -27.55
CA TYR X 186 -34.06 57.62 -28.00
C TYR X 186 -33.24 56.44 -27.62
N GLN X 187 -32.33 56.04 -28.52
CA GLN X 187 -31.64 54.81 -28.39
C GLN X 187 -30.32 55.50 -28.50
N TYR X 188 -29.43 55.46 -27.43
CA TYR X 188 -28.08 55.97 -27.39
C TYR X 188 -27.19 55.27 -28.29
N SER X 189 -27.35 53.93 -28.59
CA SER X 189 -26.59 53.09 -29.46
C SER X 189 -25.26 52.74 -28.70
N PRO X 190 -24.59 51.55 -28.88
CA PRO X 190 -23.41 51.06 -28.17
C PRO X 190 -22.38 52.13 -28.05
N GLU X 191 -22.11 52.91 -29.09
CA GLU X 191 -21.03 53.89 -29.18
C GLU X 191 -20.92 54.79 -28.01
N GLU X 192 -22.02 55.55 -27.69
CA GLU X 192 -22.09 56.54 -26.60
C GLU X 192 -22.11 55.82 -25.26
N VAL X 193 -22.74 54.61 -25.12
CA VAL X 193 -22.87 54.02 -23.83
C VAL X 193 -21.56 53.51 -23.22
N GLU X 194 -20.69 53.01 -24.16
CA GLU X 194 -19.35 52.44 -23.87
C GLU X 194 -18.47 53.43 -23.15
N GLN X 195 -18.81 54.74 -23.31
CA GLN X 195 -18.04 55.84 -22.82
C GLN X 195 -18.34 56.31 -21.38
N ILE X 196 -19.48 55.71 -20.85
CA ILE X 196 -19.86 55.79 -19.46
C ILE X 196 -18.96 54.81 -18.64
N LEU X 197 -18.39 53.82 -19.34
CA LEU X 197 -17.60 52.73 -18.71
C LEU X 197 -16.18 53.15 -18.79
N ALA X 198 -15.95 54.38 -19.27
CA ALA X 198 -14.66 55.15 -19.15
C ALA X 198 -14.65 56.12 -18.01
N LYS X 199 -15.81 56.19 -17.27
CA LYS X 199 -15.90 56.80 -15.95
C LYS X 199 -15.87 55.66 -14.95
N PHE X 200 -15.73 54.40 -15.46
CA PHE X 200 -15.63 53.20 -14.54
C PHE X 200 -14.25 52.67 -14.78
N ARG X 201 -14.02 51.70 -15.70
CA ARG X 201 -12.87 50.98 -15.78
C ARG X 201 -12.64 50.68 -17.22
N LYS X 202 -12.98 49.47 -17.72
CA LYS X 202 -12.81 49.18 -19.17
C LYS X 202 -14.17 49.49 -19.79
N THR Y 1 -37.70 -16.19 3.79
CA THR Y 1 -36.91 -16.95 4.88
C THR Y 1 -37.20 -16.16 6.05
N THR Y 2 -37.22 -16.84 7.23
CA THR Y 2 -37.65 -16.24 8.41
C THR Y 2 -37.08 -17.07 9.50
N THR Y 3 -36.81 -16.47 10.72
CA THR Y 3 -36.44 -17.13 11.90
C THR Y 3 -37.25 -16.73 13.08
N VAL Y 4 -37.45 -17.67 14.10
CA VAL Y 4 -38.01 -17.26 15.32
C VAL Y 4 -37.03 -17.80 16.37
N GLY Y 5 -37.23 -17.36 17.62
CA GLY Y 5 -36.53 -17.78 18.80
C GLY Y 5 -37.19 -17.40 20.04
N LEU Y 6 -37.13 -18.31 21.09
CA LEU Y 6 -37.70 -18.04 22.36
C LEU Y 6 -36.91 -18.74 23.49
N VAL Y 7 -36.76 -17.97 24.66
CA VAL Y 7 -36.38 -18.50 25.93
C VAL Y 7 -37.65 -18.98 26.64
N CYS Y 8 -37.49 -20.21 27.26
CA CYS Y 8 -38.60 -20.95 27.95
C CYS Y 8 -38.42 -20.72 29.44
N LYS Y 9 -37.85 -21.71 30.17
CA LYS Y 9 -37.39 -21.53 31.49
C LYS Y 9 -36.59 -22.71 31.90
N ASP Y 10 -36.36 -23.63 30.87
CA ASP Y 10 -35.76 -24.94 31.12
C ASP Y 10 -35.11 -25.36 29.86
N GLY Y 11 -35.15 -24.52 28.78
CA GLY Y 11 -34.27 -24.60 27.65
C GLY Y 11 -34.38 -23.28 26.92
N VAL Y 12 -33.85 -23.40 25.71
CA VAL Y 12 -34.01 -22.40 24.77
C VAL Y 12 -34.46 -23.15 23.51
N VAL Y 13 -35.47 -22.76 22.77
CA VAL Y 13 -36.06 -23.41 21.63
C VAL Y 13 -35.84 -22.35 20.63
N MET Y 14 -35.33 -22.73 19.46
CA MET Y 14 -35.28 -21.79 18.40
C MET Y 14 -35.65 -22.61 17.21
N ALA Y 15 -36.18 -21.89 16.15
CA ALA Y 15 -36.47 -22.63 14.89
C ALA Y 15 -36.21 -21.81 13.66
N THR Y 16 -35.96 -22.47 12.49
CA THR Y 16 -35.50 -21.94 11.24
C THR Y 16 -36.09 -22.68 10.13
N GLU Y 17 -36.49 -21.95 9.03
CA GLU Y 17 -37.07 -22.65 7.90
C GLU Y 17 -36.10 -23.14 6.96
N LYS Y 18 -36.30 -24.39 6.39
CA LYS Y 18 -35.22 -25.06 5.69
C LYS Y 18 -35.02 -24.68 4.26
N ARG Y 19 -36.00 -23.95 3.53
CA ARG Y 19 -35.86 -23.92 2.11
C ARG Y 19 -35.12 -22.65 1.71
N ALA Y 20 -33.97 -22.77 1.00
CA ALA Y 20 -33.34 -21.68 0.42
C ALA Y 20 -33.17 -22.06 -1.02
N THR Y 21 -33.48 -21.13 -1.95
CA THR Y 21 -33.40 -21.24 -3.35
C THR Y 21 -32.87 -19.93 -3.77
N MET Y 22 -31.90 -20.00 -4.66
CA MET Y 22 -31.39 -18.74 -5.25
C MET Y 22 -31.31 -19.16 -6.71
N GLY Y 23 -32.07 -18.44 -7.61
CA GLY Y 23 -32.18 -18.84 -9.00
C GLY Y 23 -32.96 -20.05 -9.30
N ASN Y 24 -32.47 -20.95 -10.14
CA ASN Y 24 -33.14 -22.24 -10.38
C ASN Y 24 -32.48 -23.34 -9.56
N PHE Y 25 -31.65 -22.95 -8.56
CA PHE Y 25 -30.91 -23.93 -7.86
C PHE Y 25 -31.42 -23.90 -6.47
N ILE Y 26 -31.90 -25.11 -5.91
CA ILE Y 26 -32.28 -25.08 -4.54
C ILE Y 26 -31.02 -25.45 -3.81
N ALA Y 27 -30.56 -24.47 -2.97
CA ALA Y 27 -29.40 -24.66 -2.08
C ALA Y 27 -29.74 -25.59 -0.96
N SER Y 28 -30.92 -25.55 -0.32
CA SER Y 28 -31.16 -26.44 0.76
C SER Y 28 -32.61 -26.87 0.55
N LYS Y 29 -32.96 -28.21 0.65
CA LYS Y 29 -34.28 -28.75 0.48
C LYS Y 29 -34.71 -29.79 1.53
N ALA Y 30 -33.66 -30.11 2.32
CA ALA Y 30 -33.82 -31.18 3.20
C ALA Y 30 -32.67 -31.12 4.11
N ALA Y 31 -31.85 -29.99 4.05
CA ALA Y 31 -30.58 -29.82 4.76
C ALA Y 31 -30.64 -28.68 5.64
N LYS Y 32 -29.91 -28.73 6.79
CA LYS Y 32 -30.00 -27.72 7.89
C LYS Y 32 -29.57 -26.32 7.54
N LYS Y 33 -30.22 -25.36 8.22
CA LYS Y 33 -30.00 -23.94 8.21
C LYS Y 33 -29.81 -23.59 9.64
N ILE Y 34 -29.40 -24.60 10.48
CA ILE Y 34 -29.19 -24.32 11.92
C ILE Y 34 -28.01 -25.31 12.18
N TYR Y 35 -27.08 -24.79 13.03
CA TYR Y 35 -25.87 -25.37 13.25
C TYR Y 35 -25.56 -25.34 14.75
N GLN Y 36 -24.69 -26.35 15.09
CA GLN Y 36 -24.35 -26.54 16.44
C GLN Y 36 -22.98 -25.92 16.65
N ILE Y 37 -22.87 -24.94 17.58
CA ILE Y 37 -21.63 -24.34 17.79
C ILE Y 37 -20.92 -24.97 18.94
N ALA Y 38 -21.64 -25.34 19.98
CA ALA Y 38 -21.12 -26.02 21.19
C ALA Y 38 -22.31 -26.75 21.64
N ASP Y 39 -22.04 -27.43 22.78
CA ASP Y 39 -22.87 -28.44 23.29
C ASP Y 39 -24.25 -27.98 23.51
N ARG Y 40 -24.40 -26.73 23.93
CA ARG Y 40 -25.70 -26.24 24.15
C ARG Y 40 -25.62 -24.78 23.74
N MET Y 41 -25.09 -24.54 22.58
CA MET Y 41 -24.94 -23.27 21.88
C MET Y 41 -25.39 -23.52 20.50
N ALA Y 42 -26.17 -22.58 19.94
CA ALA Y 42 -26.67 -22.62 18.63
C ALA Y 42 -26.53 -21.31 17.95
N MET Y 43 -26.59 -21.29 16.57
CA MET Y 43 -26.77 -20.05 15.92
C MET Y 43 -27.71 -20.54 14.85
N THR Y 44 -28.79 -19.79 14.73
CA THR Y 44 -29.90 -19.99 13.82
C THR Y 44 -29.73 -18.81 12.87
N THR Y 45 -30.02 -19.05 11.56
CA THR Y 45 -29.70 -18.05 10.54
C THR Y 45 -30.86 -17.73 9.60
N ALA Y 46 -30.93 -16.39 9.26
CA ALA Y 46 -31.79 -15.96 8.20
C ALA Y 46 -30.78 -15.39 7.16
N GLY Y 47 -30.74 -15.88 5.90
CA GLY Y 47 -29.66 -15.53 4.98
C GLY Y 47 -29.11 -16.79 4.43
N SER Y 48 -28.50 -16.70 3.26
CA SER Y 48 -28.06 -17.84 2.47
C SER Y 48 -27.15 -18.82 3.17
N VAL Y 49 -27.20 -20.13 2.72
CA VAL Y 49 -26.57 -21.29 3.30
C VAL Y 49 -25.04 -21.27 3.41
N GLY Y 50 -24.39 -20.80 2.25
CA GLY Y 50 -22.95 -20.69 2.02
C GLY Y 50 -22.41 -19.78 3.13
N ASP Y 51 -23.08 -18.59 3.21
CA ASP Y 51 -22.71 -17.53 4.15
C ASP Y 51 -23.00 -18.10 5.55
N ALA Y 52 -24.14 -18.84 5.79
CA ALA Y 52 -24.50 -19.16 7.12
C ALA Y 52 -23.65 -20.13 7.79
N GLN Y 53 -23.34 -21.23 7.09
CA GLN Y 53 -22.52 -22.35 7.48
C GLN Y 53 -21.04 -22.09 7.53
N PHE Y 54 -20.47 -21.24 6.64
CA PHE Y 54 -19.07 -20.85 6.60
C PHE Y 54 -18.69 -20.05 7.83
N LEU Y 55 -19.63 -19.11 8.23
CA LEU Y 55 -19.52 -18.30 9.39
C LEU Y 55 -19.62 -19.23 10.61
N ALA Y 56 -20.53 -20.27 10.56
CA ALA Y 56 -20.86 -21.10 11.69
C ALA Y 56 -19.75 -21.95 12.14
N ARG Y 57 -18.94 -22.46 11.19
CA ARG Y 57 -17.78 -23.17 11.36
C ARG Y 57 -16.61 -22.47 12.03
N ILE Y 58 -16.35 -21.18 11.68
CA ILE Y 58 -15.35 -20.31 12.25
C ILE Y 58 -15.65 -20.15 13.75
N ILE Y 59 -16.89 -19.72 14.02
CA ILE Y 59 -17.46 -19.39 15.33
C ILE Y 59 -17.46 -20.62 16.17
N LYS Y 60 -17.69 -21.86 15.66
CA LYS Y 60 -17.74 -23.17 16.35
C LYS Y 60 -16.36 -23.55 16.83
N ILE Y 61 -15.36 -23.33 16.00
CA ILE Y 61 -13.99 -23.69 16.22
C ILE Y 61 -13.32 -22.81 17.28
N GLU Y 62 -13.64 -21.47 17.30
CA GLU Y 62 -13.20 -20.58 18.42
C GLU Y 62 -14.05 -20.70 19.69
N ALA Y 63 -15.32 -21.23 19.55
CA ALA Y 63 -16.14 -21.64 20.71
C ALA Y 63 -15.48 -22.70 21.47
N ASN Y 64 -14.91 -23.67 20.76
CA ASN Y 64 -14.17 -24.87 21.15
C ASN Y 64 -12.93 -24.36 21.77
N LEU Y 65 -12.23 -23.51 21.17
CA LEU Y 65 -11.03 -22.91 21.69
C LEU Y 65 -11.23 -22.16 22.97
N TYR Y 66 -12.34 -21.38 23.13
CA TYR Y 66 -12.76 -20.72 24.32
C TYR Y 66 -12.88 -21.75 25.39
N GLU Y 67 -13.57 -22.94 25.11
CA GLU Y 67 -13.83 -23.96 26.08
C GLU Y 67 -12.53 -24.62 26.54
N ILE Y 68 -11.66 -25.00 25.59
CA ILE Y 68 -10.40 -25.77 25.82
C ILE Y 68 -9.37 -24.88 26.54
N ARG Y 69 -9.11 -23.67 26.04
CA ARG Y 69 -8.00 -22.81 26.47
C ARG Y 69 -8.14 -22.34 27.95
N ARG Y 70 -9.36 -22.12 28.36
CA ARG Y 70 -9.77 -21.53 29.60
C ARG Y 70 -10.43 -22.52 30.64
N GLU Y 71 -10.63 -23.82 30.22
CA GLU Y 71 -11.04 -25.02 30.98
C GLU Y 71 -12.30 -24.69 31.70
N ARG Y 72 -13.34 -24.21 30.95
CA ARG Y 72 -14.57 -23.69 31.44
C ARG Y 72 -15.43 -23.49 30.23
N LYS Y 73 -16.76 -23.64 30.43
CA LYS Y 73 -17.74 -23.43 29.43
C LYS Y 73 -17.83 -22.05 28.80
N PRO Y 74 -18.07 -21.91 27.50
CA PRO Y 74 -18.33 -20.63 26.82
C PRO Y 74 -19.77 -20.26 27.16
N THR Y 75 -20.09 -18.98 27.51
CA THR Y 75 -21.36 -18.55 27.84
C THR Y 75 -21.98 -18.08 26.54
N VAL Y 76 -23.28 -17.74 26.50
CA VAL Y 76 -23.98 -17.23 25.32
C VAL Y 76 -23.46 -15.86 24.87
N ARG Y 77 -23.19 -15.01 25.80
CA ARG Y 77 -22.77 -13.69 25.55
C ARG Y 77 -21.41 -13.67 24.92
N ALA Y 78 -20.50 -14.59 25.29
CA ALA Y 78 -19.11 -14.60 24.80
C ALA Y 78 -19.09 -14.82 23.33
N ILE Y 79 -19.82 -15.81 22.85
CA ILE Y 79 -19.91 -16.21 21.45
C ILE Y 79 -20.59 -15.12 20.70
N ALA Y 80 -21.61 -14.53 21.34
CA ALA Y 80 -22.42 -13.48 20.72
C ALA Y 80 -21.60 -12.20 20.34
N THR Y 81 -20.79 -11.67 21.32
CA THR Y 81 -19.90 -10.57 21.06
C THR Y 81 -18.77 -10.90 20.08
N LEU Y 82 -18.26 -12.16 20.15
CA LEU Y 82 -17.20 -12.66 19.21
C LEU Y 82 -17.65 -12.60 17.80
N THR Y 83 -18.85 -13.03 17.52
CA THR Y 83 -19.57 -13.24 16.23
C THR Y 83 -19.70 -11.91 15.59
N SER Y 84 -20.02 -10.95 16.44
CA SER Y 84 -20.04 -9.55 16.05
C SER Y 84 -18.82 -9.01 15.55
N ASN Y 85 -17.75 -9.26 16.28
CA ASN Y 85 -16.48 -8.75 15.94
C ASN Y 85 -15.98 -9.37 14.72
N LEU Y 86 -16.14 -10.66 14.48
CA LEU Y 86 -15.82 -11.31 13.17
C LEU Y 86 -16.58 -10.72 12.05
N LEU Y 87 -17.85 -10.37 12.22
CA LEU Y 87 -18.66 -9.69 11.19
C LEU Y 87 -18.28 -8.34 10.69
N ASN Y 88 -17.59 -7.57 11.55
CA ASN Y 88 -16.85 -6.40 11.20
C ASN Y 88 -15.63 -6.63 10.32
N SER Y 89 -14.86 -7.79 10.49
CA SER Y 89 -13.64 -8.06 9.78
C SER Y 89 -13.92 -8.04 8.29
N TYR Y 90 -14.90 -8.82 7.70
CA TYR Y 90 -15.18 -8.70 6.29
C TYR Y 90 -16.00 -7.50 5.91
N ARG Y 91 -15.48 -6.76 4.94
CA ARG Y 91 -16.10 -5.52 4.50
C ARG Y 91 -15.57 -5.14 3.21
N TYR Y 92 -15.22 -6.14 2.45
CA TYR Y 92 -14.78 -6.09 1.11
C TYR Y 92 -15.77 -6.78 0.23
N PHE Y 93 -16.51 -7.73 0.86
CA PHE Y 93 -17.47 -8.63 0.27
C PHE Y 93 -18.66 -8.64 1.25
N PRO Y 94 -19.87 -9.04 0.75
CA PRO Y 94 -21.06 -8.98 1.54
C PRO Y 94 -21.14 -10.15 2.63
N TYR Y 95 -21.59 -9.87 3.89
CA TYR Y 95 -21.59 -10.79 4.99
C TYR Y 95 -22.53 -10.10 5.87
N LEU Y 96 -23.64 -9.58 5.31
CA LEU Y 96 -24.68 -8.84 5.94
C LEU Y 96 -25.57 -10.05 6.31
N VAL Y 97 -25.92 -10.20 7.60
CA VAL Y 97 -26.72 -11.42 7.94
C VAL Y 97 -27.40 -11.14 9.22
N GLN Y 98 -28.48 -11.83 9.53
CA GLN Y 98 -29.33 -11.65 10.70
C GLN Y 98 -29.28 -12.91 11.39
N LEU Y 99 -28.70 -12.85 12.60
CA LEU Y 99 -28.16 -14.00 13.36
C LEU Y 99 -28.98 -13.85 14.60
N LEU Y 100 -29.33 -15.04 15.13
CA LEU Y 100 -29.72 -15.21 16.48
C LEU Y 100 -28.90 -16.38 17.01
N ILE Y 101 -28.29 -16.13 18.20
CA ILE Y 101 -27.41 -16.97 18.87
C ILE Y 101 -27.96 -17.05 20.21
N GLY Y 102 -28.23 -18.27 20.71
CA GLY Y 102 -28.65 -18.43 22.09
C GLY Y 102 -28.44 -19.87 22.44
N GLY Y 103 -28.99 -20.13 23.63
CA GLY Y 103 -28.78 -21.41 24.18
C GLY Y 103 -28.46 -21.17 25.60
N ILE Y 104 -27.70 -22.09 26.23
CA ILE Y 104 -27.61 -22.21 27.67
C ILE Y 104 -26.17 -21.99 28.09
N ASP Y 105 -25.99 -21.46 29.35
CA ASP Y 105 -24.77 -21.01 30.04
C ASP Y 105 -25.09 -21.23 31.43
N SER Y 106 -24.02 -20.98 32.22
CA SER Y 106 -24.00 -21.22 33.63
C SER Y 106 -24.51 -20.07 34.42
N GLU Y 107 -24.78 -19.00 33.70
CA GLU Y 107 -25.42 -17.74 34.25
C GLU Y 107 -26.86 -17.71 33.83
N GLY Y 108 -27.34 -18.71 33.01
CA GLY Y 108 -28.76 -18.94 32.86
C GLY Y 108 -28.97 -19.32 31.39
N LYS Y 109 -30.10 -18.77 30.89
CA LYS Y 109 -30.37 -18.90 29.50
C LYS Y 109 -30.51 -17.57 28.85
N SER Y 110 -30.02 -17.35 27.64
CA SER Y 110 -30.07 -16.05 27.03
C SER Y 110 -30.16 -16.32 25.54
N ILE Y 111 -30.66 -15.23 24.87
CA ILE Y 111 -30.75 -15.15 23.44
C ILE Y 111 -30.19 -13.76 23.17
N TYR Y 112 -29.42 -13.53 22.07
CA TYR Y 112 -28.90 -12.27 21.63
C TYR Y 112 -29.07 -12.15 20.11
N SER Y 113 -29.54 -11.02 19.64
CA SER Y 113 -29.58 -10.72 18.23
C SER Y 113 -28.34 -10.08 17.96
N ILE Y 114 -27.66 -10.45 16.90
CA ILE Y 114 -26.45 -9.89 16.41
C ILE Y 114 -26.97 -9.29 15.17
N ASP Y 115 -26.62 -8.03 15.00
CA ASP Y 115 -26.99 -7.21 13.83
C ASP Y 115 -26.09 -7.52 12.64
N PRO Y 116 -26.27 -7.03 11.39
CA PRO Y 116 -25.59 -7.40 10.17
C PRO Y 116 -24.09 -7.13 10.10
N ILE Y 117 -23.60 -6.11 10.80
CA ILE Y 117 -22.31 -5.57 10.58
C ILE Y 117 -21.77 -5.08 11.91
N GLY Y 118 -21.56 -6.02 12.83
CA GLY Y 118 -21.11 -5.76 14.16
C GLY Y 118 -22.37 -5.47 14.93
N GLY Y 119 -22.26 -5.06 16.26
CA GLY Y 119 -23.46 -4.86 17.11
C GLY Y 119 -24.12 -6.16 17.58
N ALA Y 120 -24.54 -6.03 18.80
CA ALA Y 120 -25.17 -7.09 19.62
C ALA Y 120 -26.10 -6.34 20.54
N ILE Y 121 -27.37 -6.74 20.54
CA ILE Y 121 -28.51 -6.20 21.38
C ILE Y 121 -29.19 -7.43 21.89
N GLU Y 122 -30.06 -7.37 22.90
CA GLU Y 122 -30.42 -8.50 23.70
C GLU Y 122 -31.90 -8.69 23.63
N GLU Y 123 -32.40 -9.87 23.98
CA GLU Y 123 -33.81 -10.19 23.95
C GLU Y 123 -34.19 -11.15 25.05
N LYS Y 124 -35.15 -10.76 25.89
CA LYS Y 124 -35.56 -11.38 27.05
C LYS Y 124 -36.08 -12.80 26.85
N ASP Y 125 -36.96 -13.03 25.89
CA ASP Y 125 -37.48 -14.40 25.73
C ASP Y 125 -38.19 -14.54 24.40
N ILE Y 126 -38.10 -13.43 23.59
CA ILE Y 126 -38.79 -13.46 22.25
C ILE Y 126 -38.00 -12.62 21.30
N VAL Y 127 -37.67 -13.23 20.12
CA VAL Y 127 -36.96 -12.59 19.06
C VAL Y 127 -37.59 -13.11 17.72
N ALA Y 128 -37.37 -12.36 16.61
CA ALA Y 128 -37.79 -12.57 15.21
C ALA Y 128 -37.71 -11.14 14.72
N THR Y 129 -37.06 -10.84 13.64
CA THR Y 129 -36.03 -11.36 12.83
C THR Y 129 -36.55 -12.35 11.82
N GLY Y 130 -35.92 -12.18 10.65
CA GLY Y 130 -36.49 -12.85 9.46
C GLY Y 130 -37.29 -11.93 8.68
N SER Y 131 -37.70 -12.32 7.43
CA SER Y 131 -38.50 -11.49 6.49
C SER Y 131 -39.97 -11.41 6.86
N GLY Y 132 -40.33 -12.33 7.72
CA GLY Y 132 -41.68 -12.62 8.08
C GLY Y 132 -42.00 -12.13 9.49
N SER Y 133 -41.14 -11.31 10.09
CA SER Y 133 -41.18 -10.79 11.46
C SER Y 133 -42.46 -10.20 12.01
N LEU Y 134 -43.22 -9.42 11.21
CA LEU Y 134 -44.33 -8.74 11.70
C LEU Y 134 -45.49 -9.66 12.17
N THR Y 135 -45.63 -10.76 11.43
CA THR Y 135 -46.47 -11.89 11.64
C THR Y 135 -45.96 -12.81 12.76
N ALA Y 136 -44.59 -12.88 12.78
CA ALA Y 136 -43.96 -13.68 13.80
C ALA Y 136 -44.24 -13.17 15.20
N TYR Y 137 -44.30 -11.85 15.40
CA TYR Y 137 -44.48 -11.09 16.64
C TYR Y 137 -45.87 -11.50 17.10
N GLY Y 138 -46.79 -11.51 16.15
CA GLY Y 138 -48.22 -11.82 16.40
C GLY Y 138 -48.50 -13.13 17.02
N VAL Y 139 -47.90 -14.19 16.38
CA VAL Y 139 -48.05 -15.52 16.92
C VAL Y 139 -47.39 -15.75 18.27
N LEU Y 140 -46.10 -15.34 18.36
CA LEU Y 140 -45.29 -15.64 19.46
C LEU Y 140 -45.81 -14.97 20.66
N GLU Y 141 -46.25 -13.69 20.55
CA GLU Y 141 -46.63 -12.75 21.68
C GLU Y 141 -47.96 -13.08 22.19
N ASP Y 142 -48.88 -13.48 21.36
CA ASP Y 142 -50.18 -13.85 21.74
C ASP Y 142 -50.22 -15.11 22.61
N ARG Y 143 -49.35 -16.04 22.22
CA ARG Y 143 -49.37 -17.31 22.81
C ARG Y 143 -48.29 -17.50 23.83
N PHE Y 144 -47.54 -16.41 24.14
CA PHE Y 144 -46.58 -16.54 25.19
C PHE Y 144 -47.23 -16.60 26.54
N THR Y 145 -46.55 -17.22 27.52
CA THR Y 145 -46.96 -17.13 28.90
C THR Y 145 -45.57 -17.05 29.53
N PRO Y 146 -45.33 -16.48 30.75
CA PRO Y 146 -44.06 -16.44 31.47
C PRO Y 146 -43.67 -17.87 31.78
N GLU Y 147 -44.56 -18.79 32.08
CA GLU Y 147 -44.24 -20.08 32.67
C GLU Y 147 -44.04 -21.10 31.62
N ILE Y 148 -43.97 -20.64 30.37
CA ILE Y 148 -43.65 -21.36 29.12
C ILE Y 148 -42.64 -22.41 29.17
N GLY Y 149 -42.92 -23.69 28.71
CA GLY Y 149 -41.94 -24.74 28.89
C GLY Y 149 -41.51 -25.06 27.54
N VAL Y 150 -40.61 -26.07 27.44
CA VAL Y 150 -40.07 -26.53 26.20
C VAL Y 150 -41.12 -27.28 25.27
N ASP Y 151 -42.10 -28.08 25.80
CA ASP Y 151 -43.08 -28.88 25.06
C ASP Y 151 -43.99 -27.97 24.24
N GLU Y 152 -44.43 -26.80 24.85
CA GLU Y 152 -45.35 -25.95 24.15
C GLU Y 152 -44.65 -24.95 23.37
N ALA Y 153 -43.32 -24.77 23.62
CA ALA Y 153 -42.47 -23.81 22.95
C ALA Y 153 -42.16 -24.30 21.58
N VAL Y 154 -41.93 -25.64 21.41
CA VAL Y 154 -41.55 -26.13 20.08
C VAL Y 154 -42.69 -25.98 19.22
N GLU Y 155 -43.91 -26.28 19.74
CA GLU Y 155 -45.20 -26.25 19.09
C GLU Y 155 -45.52 -24.87 18.60
N LEU Y 156 -45.17 -23.90 19.47
CA LEU Y 156 -45.34 -22.46 19.29
C LEU Y 156 -44.43 -22.05 18.21
N ALA Y 157 -43.21 -22.59 18.14
CA ALA Y 157 -42.32 -22.24 17.07
C ALA Y 157 -42.71 -22.63 15.67
N VAL Y 158 -43.31 -23.87 15.51
CA VAL Y 158 -43.73 -24.36 14.17
C VAL Y 158 -44.85 -23.42 13.66
N ARG Y 159 -45.79 -22.95 14.58
CA ARG Y 159 -47.01 -22.21 14.17
C ARG Y 159 -46.60 -20.77 13.65
N ALA Y 160 -45.64 -20.15 14.30
CA ALA Y 160 -45.15 -18.82 13.97
C ALA Y 160 -44.55 -18.70 12.62
N ILE Y 161 -43.74 -19.60 12.13
CA ILE Y 161 -43.01 -19.53 10.88
C ILE Y 161 -43.89 -19.86 9.73
N TYR Y 162 -44.88 -20.76 9.91
CA TYR Y 162 -45.80 -21.18 8.90
C TYR Y 162 -46.88 -20.20 8.71
N SER Y 163 -47.27 -19.38 9.70
CA SER Y 163 -48.19 -18.25 9.56
C SER Y 163 -47.59 -17.07 8.85
N ALA Y 164 -46.29 -16.87 9.09
CA ALA Y 164 -45.44 -16.00 8.36
C ALA Y 164 -45.27 -16.35 6.97
N MET Y 165 -45.32 -17.67 6.65
CA MET Y 165 -45.11 -18.22 5.36
C MET Y 165 -46.06 -17.75 4.31
N LYS Y 166 -47.40 -17.59 4.65
CA LYS Y 166 -48.43 -17.20 3.72
C LYS Y 166 -48.20 -15.77 3.28
N ARG Y 167 -47.81 -14.86 4.19
CA ARG Y 167 -47.58 -13.43 3.98
C ARG Y 167 -46.30 -13.23 3.23
N ASP Y 168 -45.34 -14.21 3.45
CA ASP Y 168 -44.11 -14.25 2.71
C ASP Y 168 -44.36 -14.90 1.34
N SER Y 169 -43.51 -14.46 0.34
CA SER Y 169 -43.34 -15.01 -0.96
C SER Y 169 -41.83 -15.40 -1.17
N ALA Y 170 -41.05 -15.28 -0.09
CA ALA Y 170 -39.64 -15.79 -0.08
C ALA Y 170 -39.44 -16.99 0.84
N SER Y 171 -40.42 -17.41 1.67
CA SER Y 171 -40.45 -18.56 2.57
C SER Y 171 -41.20 -19.61 1.92
N GLY Y 172 -40.64 -20.87 2.18
CA GLY Y 172 -41.20 -22.09 1.58
C GLY Y 172 -41.25 -23.20 2.55
N ASP Y 173 -41.69 -24.42 2.13
CA ASP Y 173 -42.04 -25.45 3.01
C ASP Y 173 -40.77 -26.12 3.62
N GLY Y 174 -40.94 -26.77 4.74
CA GLY Y 174 -39.91 -27.32 5.53
C GLY Y 174 -39.30 -26.30 6.50
N ILE Y 175 -39.08 -26.85 7.71
CA ILE Y 175 -38.70 -26.19 8.90
C ILE Y 175 -37.97 -27.20 9.73
N ASP Y 176 -36.93 -26.66 10.51
CA ASP Y 176 -36.05 -27.44 11.49
C ASP Y 176 -36.18 -26.67 12.81
N VAL Y 177 -36.41 -27.40 13.87
CA VAL Y 177 -36.58 -26.99 15.23
C VAL Y 177 -35.44 -27.60 15.97
N VAL Y 178 -34.92 -26.80 16.94
CA VAL Y 178 -33.92 -27.34 17.80
C VAL Y 178 -34.40 -27.10 19.12
N LYS Y 179 -34.19 -28.13 20.00
CA LYS Y 179 -34.43 -28.03 21.43
C LYS Y 179 -33.05 -28.24 22.03
N ILE Y 180 -32.80 -27.38 22.99
CA ILE Y 180 -31.53 -27.16 23.68
C ILE Y 180 -32.03 -26.97 25.04
N THR Y 181 -32.11 -28.05 25.81
CA THR Y 181 -32.62 -27.95 27.12
C THR Y 181 -31.61 -28.41 28.17
N GLU Y 182 -30.31 -28.80 27.82
CA GLU Y 182 -29.29 -29.09 28.82
C GLU Y 182 -29.35 -30.56 29.04
N ASP Y 183 -30.12 -31.26 28.19
CA ASP Y 183 -30.33 -32.67 28.36
C ASP Y 183 -30.24 -33.31 27.02
N GLU Y 184 -30.48 -32.54 25.91
CA GLU Y 184 -30.33 -32.97 24.60
C GLU Y 184 -30.12 -31.68 23.70
N PHE Y 185 -29.48 -31.92 22.53
CA PHE Y 185 -29.41 -30.98 21.42
C PHE Y 185 -29.86 -31.86 20.28
N TYR Y 186 -31.21 -31.78 20.09
CA TYR Y 186 -31.83 -32.65 19.20
C TYR Y 186 -32.37 -31.86 18.04
N GLN Y 187 -32.23 -32.43 16.80
CA GLN Y 187 -32.46 -31.69 15.63
C GLN Y 187 -33.61 -32.40 15.04
N TYR Y 188 -34.80 -31.74 15.16
CA TYR Y 188 -36.06 -32.40 14.80
C TYR Y 188 -36.28 -32.81 13.34
N SER Y 189 -35.99 -31.85 12.44
CA SER Y 189 -36.11 -32.01 10.97
C SER Y 189 -37.48 -32.25 10.48
N PRO Y 190 -37.76 -31.90 9.19
CA PRO Y 190 -39.14 -31.81 8.66
C PRO Y 190 -40.15 -32.77 9.11
N GLU Y 191 -39.88 -34.10 9.06
CA GLU Y 191 -40.87 -35.13 9.34
C GLU Y 191 -41.57 -34.96 10.67
N GLU Y 192 -40.78 -34.94 11.78
CA GLU Y 192 -41.26 -34.79 13.19
C GLU Y 192 -41.96 -33.44 13.43
N VAL Y 193 -41.49 -32.27 12.79
CA VAL Y 193 -42.07 -30.92 12.91
C VAL Y 193 -43.45 -30.84 12.19
N GLU Y 194 -43.52 -31.40 10.89
CA GLU Y 194 -44.69 -31.41 10.07
C GLU Y 194 -45.87 -32.16 10.67
N GLN Y 195 -45.59 -33.13 11.50
CA GLN Y 195 -46.46 -34.06 12.17
C GLN Y 195 -47.09 -33.36 13.38
N ILE Y 196 -46.37 -32.33 13.89
CA ILE Y 196 -46.77 -31.48 14.98
C ILE Y 196 -47.72 -30.42 14.39
N LEU Y 197 -47.38 -29.94 13.17
CA LEU Y 197 -48.19 -28.94 12.44
C LEU Y 197 -49.39 -29.62 11.73
N ALA Y 198 -49.56 -30.87 11.92
CA ALA Y 198 -50.67 -31.59 11.39
C ALA Y 198 -51.92 -31.42 12.13
N LYS Y 199 -51.84 -30.97 13.43
CA LYS Y 199 -52.93 -30.63 14.26
C LYS Y 199 -53.30 -29.19 14.34
N PHE Y 200 -52.36 -28.28 14.04
CA PHE Y 200 -52.48 -26.84 14.27
C PHE Y 200 -52.72 -26.12 12.98
N ARG Y 201 -52.44 -26.71 11.75
CA ARG Y 201 -52.68 -25.98 10.48
C ARG Y 201 -53.91 -26.65 9.93
N LYS Y 202 -54.34 -27.81 10.47
CA LYS Y 202 -55.71 -28.29 10.11
C LYS Y 202 -56.36 -28.89 11.40
N THR Z 1 -18.34 21.67 -45.15
CA THR Z 1 -19.46 22.54 -45.64
C THR Z 1 -19.44 23.68 -44.68
N THR Z 2 -18.98 24.84 -45.13
CA THR Z 2 -18.89 26.04 -44.40
C THR Z 2 -19.16 27.15 -45.41
N THR Z 3 -19.87 28.22 -44.99
CA THR Z 3 -20.37 29.21 -45.92
C THR Z 3 -20.23 30.50 -45.16
N VAL Z 4 -19.89 31.63 -45.80
CA VAL Z 4 -19.68 32.92 -45.22
C VAL Z 4 -20.34 33.99 -46.03
N GLY Z 5 -20.67 35.15 -45.40
CA GLY Z 5 -21.39 36.23 -46.03
C GLY Z 5 -21.15 37.43 -45.37
N LEU Z 6 -21.12 38.51 -46.11
CA LEU Z 6 -20.77 39.79 -45.60
C LEU Z 6 -21.33 40.88 -46.49
N VAL Z 7 -21.91 41.97 -45.94
CA VAL Z 7 -22.43 43.14 -46.72
C VAL Z 7 -21.22 44.02 -47.07
N CYS Z 8 -21.14 44.41 -48.37
CA CYS Z 8 -20.15 45.22 -49.03
C CYS Z 8 -20.81 46.50 -49.26
N LYS Z 9 -20.12 47.54 -49.65
CA LYS Z 9 -20.75 48.79 -49.95
C LYS Z 9 -21.49 48.82 -51.28
N ASP Z 10 -21.07 47.99 -52.21
CA ASP Z 10 -21.53 48.01 -53.52
C ASP Z 10 -22.37 46.79 -53.82
N GLY Z 11 -22.44 45.74 -52.99
CA GLY Z 11 -23.34 44.57 -53.22
C GLY Z 11 -23.21 43.66 -52.03
N VAL Z 12 -23.10 42.37 -52.26
CA VAL Z 12 -23.02 41.41 -51.22
C VAL Z 12 -22.20 40.35 -51.85
N VAL Z 13 -21.26 39.72 -51.02
CA VAL Z 13 -20.35 38.68 -51.55
C VAL Z 13 -20.74 37.54 -50.61
N MET Z 14 -20.73 36.34 -51.21
CA MET Z 14 -21.01 35.11 -50.53
C MET Z 14 -20.12 34.04 -51.21
N ALA Z 15 -19.55 33.23 -50.31
CA ALA Z 15 -18.54 32.33 -50.70
C ALA Z 15 -18.96 31.05 -50.05
N THR Z 16 -18.73 29.89 -50.86
CA THR Z 16 -19.43 28.73 -50.69
C THR Z 16 -18.36 27.70 -50.84
N GLU Z 17 -18.72 26.54 -50.46
CA GLU Z 17 -17.94 25.40 -50.90
C GLU Z 17 -18.87 24.65 -51.78
N LYS Z 18 -18.31 23.90 -52.78
CA LYS Z 18 -19.22 23.29 -53.76
C LYS Z 18 -18.88 21.77 -53.72
N ARG Z 19 -18.56 21.20 -52.50
CA ARG Z 19 -18.32 19.75 -52.26
C ARG Z 19 -18.95 19.59 -50.91
N ALA Z 20 -19.42 18.40 -50.59
CA ALA Z 20 -20.35 18.24 -49.48
C ALA Z 20 -19.80 17.06 -48.71
N THR Z 21 -19.56 17.30 -47.42
CA THR Z 21 -18.82 16.40 -46.58
C THR Z 21 -19.54 16.55 -45.24
N MET Z 22 -19.58 15.41 -44.51
CA MET Z 22 -20.07 15.29 -43.16
C MET Z 22 -19.01 14.56 -42.50
N GLY Z 23 -17.95 15.31 -42.10
CA GLY Z 23 -16.72 14.89 -41.42
C GLY Z 23 -15.83 14.19 -42.43
N ASN Z 24 -15.66 12.89 -42.28
CA ASN Z 24 -14.75 12.06 -43.10
C ASN Z 24 -15.50 11.14 -43.96
N PHE Z 25 -16.87 11.29 -43.97
CA PHE Z 25 -17.75 10.67 -44.95
C PHE Z 25 -17.97 11.71 -46.08
N ILE Z 26 -17.76 11.29 -47.35
CA ILE Z 26 -18.04 12.17 -48.44
C ILE Z 26 -19.44 11.95 -48.94
N ALA Z 27 -20.34 12.96 -48.79
CA ALA Z 27 -21.73 12.84 -49.18
C ALA Z 27 -21.94 12.82 -50.62
N SER Z 28 -21.28 13.81 -51.29
CA SER Z 28 -21.18 13.98 -52.68
C SER Z 28 -19.85 14.59 -52.94
N LYS Z 29 -19.37 14.28 -54.20
CA LYS Z 29 -18.18 14.85 -54.76
C LYS Z 29 -18.49 16.25 -55.17
N ALA Z 30 -19.62 16.45 -55.88
CA ALA Z 30 -19.95 17.77 -56.19
C ALA Z 30 -21.27 18.06 -55.53
N ALA Z 31 -21.49 19.36 -55.23
CA ALA Z 31 -22.70 19.80 -54.57
C ALA Z 31 -22.81 21.27 -54.91
N LYS Z 32 -23.97 21.94 -54.63
CA LYS Z 32 -24.13 23.36 -54.86
C LYS Z 32 -24.75 23.86 -53.56
N LYS Z 33 -23.95 24.51 -52.67
CA LYS Z 33 -24.39 25.01 -51.42
C LYS Z 33 -24.64 26.50 -51.57
N ILE Z 34 -25.00 26.79 -52.85
CA ILE Z 34 -25.45 28.11 -53.36
C ILE Z 34 -26.78 27.82 -54.01
N TYR Z 35 -27.87 28.64 -53.79
CA TYR Z 35 -29.18 28.45 -54.29
C TYR Z 35 -29.41 29.93 -54.66
N GLN Z 36 -30.14 30.20 -55.82
CA GLN Z 36 -30.50 31.45 -56.31
C GLN Z 36 -32.02 31.52 -56.00
N ILE Z 37 -32.34 32.47 -55.12
CA ILE Z 37 -33.70 32.62 -54.67
C ILE Z 37 -34.53 33.47 -55.53
N ALA Z 38 -33.84 34.34 -56.19
CA ALA Z 38 -34.33 35.27 -57.16
C ALA Z 38 -33.14 35.56 -57.99
N ASP Z 39 -33.16 36.62 -58.84
CA ASP Z 39 -32.15 37.00 -59.79
C ASP Z 39 -30.93 37.50 -59.21
N ARG Z 40 -31.00 38.14 -58.09
CA ARG Z 40 -29.94 38.81 -57.40
C ARG Z 40 -30.04 38.47 -56.01
N MET Z 41 -30.76 37.42 -55.55
CA MET Z 41 -30.90 37.15 -54.19
C MET Z 41 -30.58 35.70 -54.20
N ALA Z 42 -29.87 35.33 -53.12
CA ALA Z 42 -29.30 34.13 -53.13
C ALA Z 42 -29.13 33.74 -51.69
N MET Z 43 -28.85 32.45 -51.46
CA MET Z 43 -28.91 31.80 -50.16
C MET Z 43 -27.77 30.89 -50.03
N THR Z 44 -27.08 30.79 -48.88
CA THR Z 44 -26.04 29.79 -48.71
C THR Z 44 -26.54 29.13 -47.41
N THR Z 45 -26.22 27.86 -47.26
CA THR Z 45 -26.69 27.13 -46.13
C THR Z 45 -25.55 26.32 -45.64
N ALA Z 46 -25.55 26.07 -44.31
CA ALA Z 46 -24.67 25.25 -43.61
C ALA Z 46 -25.38 24.49 -42.54
N GLY Z 47 -24.89 23.29 -42.22
CA GLY Z 47 -25.58 22.44 -41.31
C GLY Z 47 -25.83 21.23 -42.13
N SER Z 48 -27.04 20.58 -42.01
CA SER Z 48 -27.39 19.27 -42.67
C SER Z 48 -27.29 19.45 -44.14
N VAL Z 49 -26.83 18.44 -44.91
CA VAL Z 49 -26.77 18.38 -46.32
C VAL Z 49 -28.14 18.23 -46.85
N GLY Z 50 -28.82 17.22 -46.35
CA GLY Z 50 -30.19 16.79 -46.74
C GLY Z 50 -31.19 17.93 -46.68
N ASP Z 51 -31.13 18.71 -45.58
CA ASP Z 51 -32.01 19.86 -45.36
C ASP Z 51 -31.66 21.00 -46.33
N ALA Z 52 -30.41 21.31 -46.66
CA ALA Z 52 -29.97 22.47 -47.46
C ALA Z 52 -30.49 22.43 -48.83
N GLN Z 53 -30.37 21.30 -49.44
CA GLN Z 53 -30.77 20.95 -50.77
C GLN Z 53 -32.26 20.96 -50.88
N PHE Z 54 -32.96 20.37 -49.92
CA PHE Z 54 -34.41 20.30 -49.97
C PHE Z 54 -35.15 21.52 -49.84
N LEU Z 55 -34.67 22.38 -48.89
CA LEU Z 55 -35.33 23.59 -48.40
C LEU Z 55 -35.34 24.56 -49.57
N ALA Z 56 -34.21 24.55 -50.36
CA ALA Z 56 -33.84 25.46 -51.34
C ALA Z 56 -34.80 25.65 -52.56
N ARG Z 57 -35.44 24.54 -53.09
CA ARG Z 57 -36.45 24.68 -54.05
C ARG Z 57 -37.61 25.47 -53.56
N ILE Z 58 -38.09 25.29 -52.32
CA ILE Z 58 -39.32 25.79 -51.74
C ILE Z 58 -39.29 27.32 -51.63
N ILE Z 59 -38.15 27.88 -51.17
CA ILE Z 59 -37.88 29.29 -50.95
C ILE Z 59 -37.88 30.02 -52.25
N LYS Z 60 -37.24 29.49 -53.29
CA LYS Z 60 -37.15 30.04 -54.66
C LYS Z 60 -38.47 30.15 -55.24
N ILE Z 61 -39.29 29.09 -55.15
CA ILE Z 61 -40.58 29.07 -55.75
C ILE Z 61 -41.63 30.05 -55.19
N GLU Z 62 -41.65 30.37 -53.89
CA GLU Z 62 -42.51 31.43 -53.34
C GLU Z 62 -42.05 32.82 -53.68
N ALA Z 63 -40.74 33.03 -53.83
CA ALA Z 63 -40.04 34.24 -54.23
C ALA Z 63 -40.38 34.57 -55.67
N ASN Z 64 -40.37 33.58 -56.61
CA ASN Z 64 -40.87 33.77 -57.97
C ASN Z 64 -42.32 34.13 -57.95
N LEU Z 65 -43.12 33.44 -57.09
CA LEU Z 65 -44.56 33.68 -56.99
C LEU Z 65 -44.91 35.18 -56.58
N TYR Z 66 -44.27 35.84 -55.65
CA TYR Z 66 -44.31 37.21 -55.16
C TYR Z 66 -43.98 38.12 -56.32
N GLU Z 67 -43.04 37.75 -57.19
CA GLU Z 67 -42.70 38.56 -58.36
C GLU Z 67 -43.88 38.65 -59.30
N ILE Z 68 -44.47 37.52 -59.67
CA ILE Z 68 -45.55 37.38 -60.58
C ILE Z 68 -46.78 38.07 -60.18
N ARG Z 69 -47.16 37.92 -58.87
CA ARG Z 69 -48.39 38.42 -58.31
C ARG Z 69 -48.46 39.95 -58.22
N ARG Z 70 -47.35 40.60 -57.73
CA ARG Z 70 -47.29 42.01 -57.38
C ARG Z 70 -46.59 42.79 -58.52
N GLU Z 71 -45.93 42.16 -59.57
CA GLU Z 71 -45.09 42.75 -60.60
C GLU Z 71 -44.06 43.59 -59.95
N ARG Z 72 -43.24 43.03 -59.05
CA ARG Z 72 -42.37 43.77 -58.23
C ARG Z 72 -41.70 42.68 -57.51
N LYS Z 73 -40.43 42.96 -57.28
CA LYS Z 73 -39.48 41.96 -56.73
C LYS Z 73 -39.69 41.96 -55.26
N PRO Z 74 -39.70 40.82 -54.53
CA PRO Z 74 -39.62 40.72 -53.11
C PRO Z 74 -38.38 41.35 -52.64
N THR Z 75 -38.66 42.11 -51.54
CA THR Z 75 -37.49 42.55 -50.74
C THR Z 75 -36.85 41.46 -49.98
N VAL Z 76 -35.55 41.56 -49.58
CA VAL Z 76 -34.78 40.52 -48.93
C VAL Z 76 -35.42 40.21 -47.60
N ARG Z 77 -36.00 41.25 -47.00
CA ARG Z 77 -36.65 41.29 -45.71
C ARG Z 77 -37.87 40.47 -45.69
N ALA Z 78 -38.61 40.50 -46.79
CA ALA Z 78 -39.79 39.80 -46.91
C ALA Z 78 -39.41 38.31 -47.15
N ILE Z 79 -38.30 37.97 -47.81
CA ILE Z 79 -37.97 36.59 -48.03
C ILE Z 79 -37.51 35.98 -46.69
N ALA Z 80 -36.81 36.76 -45.95
CA ALA Z 80 -36.19 36.26 -44.73
C ALA Z 80 -37.20 35.98 -43.60
N THR Z 81 -38.21 36.83 -43.43
CA THR Z 81 -39.31 36.64 -42.53
C THR Z 81 -40.13 35.48 -42.92
N LEU Z 82 -40.49 35.29 -44.19
CA LEU Z 82 -41.35 34.29 -44.72
C LEU Z 82 -40.76 32.91 -44.51
N THR Z 83 -39.37 32.85 -44.63
CA THR Z 83 -38.55 31.70 -44.42
C THR Z 83 -38.54 31.30 -42.96
N SER Z 84 -38.66 32.32 -41.99
CA SER Z 84 -38.65 32.19 -40.55
C SER Z 84 -39.97 31.49 -40.09
N ASN Z 85 -41.14 31.70 -40.79
CA ASN Z 85 -42.40 31.10 -40.50
C ASN Z 85 -42.36 29.65 -40.79
N LEU Z 86 -41.68 29.26 -41.95
CA LEU Z 86 -41.59 27.90 -42.44
C LEU Z 86 -40.68 27.05 -41.65
N LEU Z 87 -39.50 27.56 -41.23
CA LEU Z 87 -38.61 26.89 -40.22
C LEU Z 87 -39.23 26.71 -38.91
N ASN Z 88 -40.10 27.69 -38.48
CA ASN Z 88 -40.79 27.58 -37.19
C ASN Z 88 -41.63 26.39 -37.15
N SER Z 89 -42.42 26.13 -38.22
CA SER Z 89 -43.30 25.05 -38.35
C SER Z 89 -42.57 23.79 -38.36
N TYR Z 90 -41.39 23.75 -39.00
CA TYR Z 90 -40.50 22.61 -39.10
C TYR Z 90 -39.44 22.51 -38.00
N ARG Z 91 -39.64 23.12 -36.86
CA ARG Z 91 -38.76 23.00 -35.75
C ARG Z 91 -39.27 21.93 -34.83
N TYR Z 92 -40.44 21.41 -35.11
CA TYR Z 92 -41.22 20.42 -34.25
C TYR Z 92 -40.63 19.05 -34.49
N PHE Z 93 -39.86 18.87 -35.50
CA PHE Z 93 -39.10 17.73 -35.81
C PHE Z 93 -37.68 18.22 -36.28
N PRO Z 94 -36.60 17.41 -36.00
CA PRO Z 94 -35.22 17.82 -36.16
C PRO Z 94 -34.93 18.52 -37.47
N TYR Z 95 -34.48 19.80 -37.51
CA TYR Z 95 -34.34 20.53 -38.74
C TYR Z 95 -33.29 21.57 -38.48
N LEU Z 96 -32.15 21.17 -37.89
CA LEU Z 96 -31.14 22.15 -37.45
C LEU Z 96 -30.42 22.34 -38.72
N VAL Z 97 -30.42 23.66 -39.11
CA VAL Z 97 -29.79 24.27 -40.25
C VAL Z 97 -29.72 25.72 -39.96
N GLN Z 98 -28.75 26.40 -40.45
CA GLN Z 98 -28.52 27.86 -40.39
C GLN Z 98 -28.43 28.41 -41.78
N LEU Z 99 -29.18 29.49 -42.10
CA LEU Z 99 -29.34 30.03 -43.42
C LEU Z 99 -28.83 31.44 -43.39
N LEU Z 100 -28.28 31.82 -44.48
CA LEU Z 100 -27.89 33.17 -44.77
C LEU Z 100 -28.63 33.54 -46.01
N ILE Z 101 -29.58 34.48 -45.98
CA ILE Z 101 -30.38 34.87 -47.12
C ILE Z 101 -30.08 36.39 -47.21
N GLY Z 102 -29.65 36.92 -48.36
CA GLY Z 102 -29.23 38.25 -48.60
C GLY Z 102 -29.14 38.46 -50.05
N GLY Z 103 -28.73 39.71 -50.35
CA GLY Z 103 -28.78 40.11 -51.77
C GLY Z 103 -28.87 41.58 -51.77
N ILE Z 104 -29.45 42.14 -52.79
CA ILE Z 104 -29.51 43.53 -52.98
C ILE Z 104 -30.96 43.88 -53.12
N ASP Z 105 -31.30 45.08 -52.60
CA ASP Z 105 -32.71 45.52 -52.54
C ASP Z 105 -32.74 47.01 -52.50
N SER Z 106 -33.93 47.56 -52.54
CA SER Z 106 -34.02 48.98 -52.54
C SER Z 106 -33.69 49.58 -51.12
N GLU Z 107 -33.77 48.80 -49.97
CA GLU Z 107 -33.67 49.30 -48.71
C GLU Z 107 -32.25 49.25 -48.29
N GLY Z 108 -31.34 48.83 -49.24
CA GLY Z 108 -29.85 48.86 -49.17
C GLY Z 108 -29.42 47.60 -49.66
N LYS Z 109 -28.30 47.09 -49.03
CA LYS Z 109 -27.79 45.73 -49.23
C LYS Z 109 -27.87 45.13 -47.81
N SER Z 110 -28.07 43.83 -47.74
CA SER Z 110 -28.39 43.25 -46.47
C SER Z 110 -28.27 41.73 -46.51
N ILE Z 111 -27.98 41.19 -45.35
CA ILE Z 111 -27.97 39.75 -45.05
C ILE Z 111 -28.71 39.67 -43.77
N TYR Z 112 -29.56 38.61 -43.72
CA TYR Z 112 -30.27 38.12 -42.58
C TYR Z 112 -29.75 36.75 -42.27
N SER Z 113 -29.45 36.48 -40.99
CA SER Z 113 -29.19 35.15 -40.53
C SER Z 113 -30.51 34.62 -39.91
N ILE Z 114 -30.88 33.48 -40.37
CA ILE Z 114 -32.15 32.86 -40.08
C ILE Z 114 -31.79 31.67 -39.23
N ASP Z 115 -32.56 31.48 -38.14
CA ASP Z 115 -32.33 30.52 -37.09
C ASP Z 115 -33.36 29.33 -37.34
N PRO Z 116 -33.11 28.18 -36.77
CA PRO Z 116 -33.87 26.98 -37.11
C PRO Z 116 -35.27 27.06 -36.33
N ILE Z 117 -35.36 27.76 -35.14
CA ILE Z 117 -36.51 27.85 -34.33
C ILE Z 117 -37.22 29.18 -34.66
N GLY Z 118 -36.79 29.72 -35.86
CA GLY Z 118 -37.14 30.97 -36.54
C GLY Z 118 -36.68 32.22 -35.83
N GLY Z 119 -36.99 33.38 -36.44
CA GLY Z 119 -36.52 34.66 -36.04
C GLY Z 119 -35.26 34.94 -36.90
N ALA Z 120 -35.27 36.08 -37.69
CA ALA Z 120 -34.18 36.41 -38.66
C ALA Z 120 -33.70 37.80 -38.31
N ILE Z 121 -32.47 37.88 -37.84
CA ILE Z 121 -31.76 39.11 -37.43
C ILE Z 121 -31.06 39.48 -38.71
N GLU Z 122 -30.42 40.69 -38.78
CA GLU Z 122 -29.82 41.25 -39.93
C GLU Z 122 -28.46 41.72 -39.59
N GLU Z 123 -27.46 40.95 -40.03
CA GLU Z 123 -26.11 41.37 -40.07
C GLU Z 123 -25.83 42.36 -41.25
N LYS Z 124 -25.39 43.65 -40.92
CA LYS Z 124 -24.75 44.56 -41.96
C LYS Z 124 -23.28 44.56 -41.75
N ASP Z 125 -22.75 43.38 -41.21
CA ASP Z 125 -21.44 43.12 -40.84
C ASP Z 125 -21.11 41.76 -41.38
N ILE Z 126 -20.54 40.90 -40.55
CA ILE Z 126 -19.95 39.65 -40.92
C ILE Z 126 -20.72 38.58 -40.16
N VAL Z 127 -20.79 37.39 -40.71
CA VAL Z 127 -21.50 36.30 -40.20
C VAL Z 127 -20.81 35.02 -40.83
N ALA Z 128 -20.69 33.96 -40.06
CA ALA Z 128 -20.06 32.79 -40.70
C ALA Z 128 -20.74 31.67 -40.01
N THR Z 129 -21.16 30.63 -40.75
CA THR Z 129 -22.01 29.55 -40.34
C THR Z 129 -21.28 28.36 -40.95
N GLY Z 130 -21.16 27.22 -40.20
CA GLY Z 130 -20.51 26.04 -40.56
C GLY Z 130 -19.48 25.72 -39.59
N SER Z 131 -18.68 24.71 -39.93
CA SER Z 131 -17.69 24.24 -38.96
C SER Z 131 -16.41 24.96 -38.98
N GLY Z 132 -16.33 25.71 -40.10
CA GLY Z 132 -15.24 26.52 -40.42
C GLY Z 132 -15.28 27.99 -40.07
N SER Z 133 -16.32 28.29 -39.25
CA SER Z 133 -16.80 29.60 -38.95
C SER Z 133 -15.75 30.42 -38.27
N LEU Z 134 -15.09 29.76 -37.26
CA LEU Z 134 -14.17 30.45 -36.33
C LEU Z 134 -13.03 31.08 -37.01
N THR Z 135 -12.35 30.29 -37.93
CA THR Z 135 -11.23 30.63 -38.67
C THR Z 135 -11.48 31.69 -39.73
N ALA Z 136 -12.65 31.52 -40.40
CA ALA Z 136 -13.17 32.45 -41.33
C ALA Z 136 -13.44 33.84 -40.80
N TYR Z 137 -14.01 33.89 -39.56
CA TYR Z 137 -14.39 35.13 -38.90
C TYR Z 137 -13.12 35.91 -38.44
N GLY Z 138 -12.04 35.18 -38.10
CA GLY Z 138 -10.73 35.74 -37.80
C GLY Z 138 -10.17 36.66 -38.91
N VAL Z 139 -10.16 36.19 -40.16
CA VAL Z 139 -9.57 36.94 -41.29
C VAL Z 139 -10.51 37.99 -41.83
N LEU Z 140 -11.84 37.70 -41.84
CA LEU Z 140 -12.90 38.53 -42.35
C LEU Z 140 -13.02 39.87 -41.59
N GLU Z 141 -12.79 39.87 -40.24
CA GLU Z 141 -13.07 40.98 -39.40
C GLU Z 141 -11.92 41.96 -39.25
N ASP Z 142 -10.73 41.54 -39.65
CA ASP Z 142 -9.46 42.33 -39.54
C ASP Z 142 -9.44 43.42 -40.55
N ARG Z 143 -9.79 43.08 -41.79
CA ARG Z 143 -9.71 44.10 -42.85
C ARG Z 143 -11.12 44.60 -43.21
N PHE Z 144 -12.12 44.21 -42.43
CA PHE Z 144 -13.51 44.71 -42.63
C PHE Z 144 -13.52 46.26 -42.37
N THR Z 145 -14.31 46.89 -43.26
CA THR Z 145 -14.62 48.31 -43.16
C THR Z 145 -16.01 48.44 -43.83
N PRO Z 146 -16.82 49.39 -43.42
CA PRO Z 146 -18.14 49.63 -44.02
C PRO Z 146 -18.05 50.16 -45.41
N GLU Z 147 -16.84 50.57 -45.78
CA GLU Z 147 -16.52 51.11 -47.13
C GLU Z 147 -15.80 50.10 -47.96
N ILE Z 148 -15.89 48.82 -47.55
CA ILE Z 148 -15.34 47.68 -48.26
C ILE Z 148 -16.00 47.53 -49.62
N GLY Z 149 -15.19 47.08 -50.67
CA GLY Z 149 -15.77 46.91 -51.99
C GLY Z 149 -15.98 45.43 -52.16
N VAL Z 150 -16.65 45.08 -53.27
CA VAL Z 150 -16.96 43.75 -53.65
C VAL Z 150 -15.73 43.19 -54.31
N ASP Z 151 -14.71 44.06 -54.66
CA ASP Z 151 -13.56 43.62 -55.34
C ASP Z 151 -12.42 43.29 -54.32
N GLU Z 152 -12.64 43.76 -53.10
CA GLU Z 152 -11.70 43.53 -52.01
C GLU Z 152 -12.19 42.42 -51.15
N ALA Z 153 -13.54 42.24 -51.17
CA ALA Z 153 -14.29 41.29 -50.41
C ALA Z 153 -14.14 39.92 -51.02
N VAL Z 154 -13.79 39.88 -52.29
CA VAL Z 154 -13.57 38.65 -53.01
C VAL Z 154 -12.21 38.08 -52.56
N GLU Z 155 -11.27 38.97 -52.40
CA GLU Z 155 -9.95 38.63 -51.88
C GLU Z 155 -9.93 38.14 -50.40
N LEU Z 156 -10.68 38.91 -49.64
CA LEU Z 156 -10.90 38.73 -48.25
C LEU Z 156 -11.60 37.40 -48.00
N ALA Z 157 -12.59 37.03 -48.83
CA ALA Z 157 -13.28 35.73 -48.66
C ALA Z 157 -12.40 34.55 -48.92
N VAL Z 158 -11.47 34.62 -49.86
CA VAL Z 158 -10.69 33.55 -50.27
C VAL Z 158 -9.76 33.14 -49.14
N ARG Z 159 -9.10 34.10 -48.46
CA ARG Z 159 -8.16 33.95 -47.35
C ARG Z 159 -8.87 33.36 -46.16
N ALA Z 160 -10.10 33.88 -45.81
CA ALA Z 160 -10.85 33.52 -44.64
C ALA Z 160 -11.24 32.05 -44.73
N ILE Z 161 -11.67 31.48 -45.91
CA ILE Z 161 -12.06 30.04 -46.07
C ILE Z 161 -10.95 29.12 -46.10
N TYR Z 162 -9.78 29.69 -46.52
CA TYR Z 162 -8.60 28.84 -46.74
C TYR Z 162 -8.06 28.32 -45.38
N SER Z 163 -8.30 29.10 -44.31
CA SER Z 163 -7.83 28.77 -42.93
C SER Z 163 -8.55 27.53 -42.47
N ALA Z 164 -9.84 27.45 -42.78
CA ALA Z 164 -10.57 26.28 -42.27
C ALA Z 164 -10.12 25.01 -42.88
N MET Z 165 -9.70 25.19 -44.16
CA MET Z 165 -9.54 24.18 -45.23
C MET Z 165 -8.31 23.34 -45.24
N LYS Z 166 -7.08 23.91 -44.89
CA LYS Z 166 -5.88 23.29 -45.16
C LYS Z 166 -5.53 22.64 -43.87
N ARG Z 167 -6.22 23.01 -42.71
CA ARG Z 167 -5.85 22.62 -41.38
C ARG Z 167 -6.82 21.52 -40.95
N ASP Z 168 -7.90 21.16 -41.79
CA ASP Z 168 -8.97 20.28 -41.40
C ASP Z 168 -9.54 19.59 -42.55
N SER Z 169 -9.91 18.32 -42.32
CA SER Z 169 -10.53 17.44 -43.21
C SER Z 169 -11.99 17.23 -42.89
N ALA Z 170 -12.49 18.14 -42.02
CA ALA Z 170 -13.85 18.26 -41.53
C ALA Z 170 -14.59 19.43 -42.26
N SER Z 171 -13.95 19.99 -43.35
CA SER Z 171 -14.34 21.09 -44.17
C SER Z 171 -14.44 20.57 -45.53
N GLY Z 172 -15.28 21.24 -46.34
CA GLY Z 172 -15.51 20.89 -47.75
C GLY Z 172 -14.35 21.45 -48.57
N ASP Z 173 -14.31 21.11 -49.86
CA ASP Z 173 -13.31 21.58 -50.76
C ASP Z 173 -13.89 22.29 -51.86
N GLY Z 174 -12.98 23.01 -52.64
CA GLY Z 174 -13.31 23.55 -53.91
C GLY Z 174 -14.06 24.83 -53.79
N ILE Z 175 -13.37 25.97 -53.44
CA ILE Z 175 -13.94 27.24 -53.15
C ILE Z 175 -14.47 27.87 -54.38
N ASP Z 176 -15.74 28.34 -54.22
CA ASP Z 176 -16.44 29.04 -55.22
C ASP Z 176 -16.99 30.18 -54.51
N VAL Z 177 -16.96 31.36 -55.22
CA VAL Z 177 -17.31 32.68 -54.77
C VAL Z 177 -18.25 33.19 -55.75
N VAL Z 178 -19.18 33.89 -55.16
CA VAL Z 178 -20.38 34.38 -55.89
C VAL Z 178 -20.52 35.78 -55.50
N LYS Z 179 -20.40 36.68 -56.50
CA LYS Z 179 -20.43 38.07 -56.34
C LYS Z 179 -21.73 38.62 -56.82
N ILE Z 180 -22.47 39.42 -55.99
CA ILE Z 180 -23.70 40.00 -56.45
C ILE Z 180 -23.30 41.35 -56.69
N THR Z 181 -22.93 41.64 -57.96
CA THR Z 181 -22.35 42.87 -58.34
C THR Z 181 -23.50 43.83 -58.66
N GLU Z 182 -24.81 43.40 -58.51
CA GLU Z 182 -26.05 44.22 -58.53
C GLU Z 182 -26.67 44.39 -59.91
N ASP Z 183 -25.81 44.43 -61.00
CA ASP Z 183 -26.28 44.45 -62.36
C ASP Z 183 -26.00 43.13 -62.98
N GLU Z 184 -25.36 42.23 -62.12
CA GLU Z 184 -25.14 40.88 -62.56
C GLU Z 184 -25.18 39.99 -61.32
N PHE Z 185 -25.05 38.67 -61.62
CA PHE Z 185 -24.78 37.57 -60.74
C PHE Z 185 -23.64 36.81 -61.27
N TYR Z 186 -22.44 37.09 -60.61
CA TYR Z 186 -21.16 36.61 -61.06
C TYR Z 186 -20.80 35.42 -60.15
N GLN Z 187 -20.42 34.29 -60.78
CA GLN Z 187 -20.01 33.08 -60.13
C GLN Z 187 -18.67 32.78 -60.62
N TYR Z 188 -17.60 32.82 -59.76
CA TYR Z 188 -16.22 32.83 -60.19
C TYR Z 188 -15.91 31.51 -60.73
N SER Z 189 -16.52 30.45 -60.10
CA SER Z 189 -16.30 29.03 -60.27
C SER Z 189 -15.24 28.40 -59.42
N PRO Z 190 -15.39 27.14 -58.94
CA PRO Z 190 -14.41 26.43 -58.15
C PRO Z 190 -12.96 26.63 -58.53
N GLU Z 191 -12.69 26.49 -59.84
CA GLU Z 191 -11.38 26.55 -60.41
C GLU Z 191 -10.50 27.80 -60.09
N GLU Z 192 -11.08 28.98 -60.31
CA GLU Z 192 -10.42 30.23 -60.28
C GLU Z 192 -9.91 30.66 -58.87
N VAL Z 193 -10.72 30.44 -57.85
CA VAL Z 193 -10.50 30.78 -56.43
C VAL Z 193 -9.46 29.83 -55.87
N GLU Z 194 -9.36 28.57 -56.30
CA GLU Z 194 -8.28 27.66 -55.79
C GLU Z 194 -6.94 28.13 -56.13
N GLN Z 195 -6.88 28.85 -57.25
CA GLN Z 195 -5.71 29.38 -57.76
C GLN Z 195 -5.37 30.76 -57.15
N ILE Z 196 -6.35 31.33 -56.48
CA ILE Z 196 -6.07 32.49 -55.68
C ILE Z 196 -5.34 32.08 -54.38
N LEU Z 197 -5.73 30.91 -53.77
CA LEU Z 197 -5.02 30.33 -52.65
C LEU Z 197 -3.80 29.47 -52.99
N ALA Z 198 -3.50 29.33 -54.30
CA ALA Z 198 -2.36 28.53 -54.69
C ALA Z 198 -1.07 29.30 -54.76
N LYS Z 199 -0.57 29.59 -53.59
CA LYS Z 199 0.55 30.49 -53.38
C LYS Z 199 1.49 29.82 -52.33
N PHE Z 200 1.33 28.47 -52.31
CA PHE Z 200 2.04 27.55 -51.43
C PHE Z 200 1.98 26.24 -52.16
N ARG Z 201 1.47 26.25 -53.39
CA ARG Z 201 1.24 25.08 -54.21
C ARG Z 201 1.35 25.60 -55.62
N LYS Z 202 1.93 24.73 -56.51
CA LYS Z 202 2.21 25.00 -57.91
C LYS Z 202 1.30 24.02 -58.67
N THR AA 1 -26.55 -25.45 -17.47
CA THR AA 1 -25.65 -26.56 -17.13
C THR AA 1 -26.14 -27.26 -15.89
N THR AA 2 -25.86 -28.56 -15.79
CA THR AA 2 -26.45 -29.34 -14.72
C THR AA 2 -25.57 -30.47 -14.43
N THR AA 3 -25.55 -30.82 -13.13
CA THR AA 3 -24.78 -31.91 -12.56
C THR AA 3 -25.77 -32.48 -11.56
N VAL AA 4 -25.83 -33.82 -11.42
CA VAL AA 4 -26.75 -34.57 -10.54
C VAL AA 4 -25.99 -35.61 -9.69
N GLY AA 5 -26.56 -36.00 -8.51
CA GLY AA 5 -25.93 -36.88 -7.52
C GLY AA 5 -27.06 -37.66 -6.85
N LEU AA 6 -26.82 -39.01 -6.56
CA LEU AA 6 -27.72 -39.80 -5.81
C LEU AA 6 -26.80 -40.82 -5.15
N VAL AA 7 -27.28 -41.27 -3.94
CA VAL AA 7 -26.63 -42.06 -2.98
C VAL AA 7 -27.33 -43.35 -3.18
N CYS AA 8 -26.49 -44.33 -3.50
CA CYS AA 8 -26.85 -45.69 -3.87
C CYS AA 8 -26.44 -46.57 -2.74
N LYS AA 9 -26.74 -47.91 -2.69
CA LYS AA 9 -26.46 -48.82 -1.54
C LYS AA 9 -25.14 -49.54 -1.76
N ASP AA 10 -24.44 -49.31 -2.90
CA ASP AA 10 -23.05 -49.94 -3.17
C ASP AA 10 -22.40 -49.01 -4.02
N GLY AA 11 -22.50 -47.72 -3.65
CA GLY AA 11 -21.67 -46.77 -4.33
C GLY AA 11 -22.31 -45.40 -4.32
N VAL AA 12 -21.58 -44.56 -5.07
CA VAL AA 12 -22.04 -43.23 -5.46
C VAL AA 12 -21.98 -43.15 -6.91
N VAL AA 13 -23.07 -42.63 -7.52
CA VAL AA 13 -23.16 -42.33 -8.94
C VAL AA 13 -23.57 -40.88 -9.08
N MET AA 14 -22.79 -40.21 -10.03
CA MET AA 14 -23.05 -38.80 -10.28
C MET AA 14 -22.97 -38.67 -11.74
N ALA AA 15 -23.51 -37.54 -12.25
CA ALA AA 15 -23.53 -37.38 -13.67
C ALA AA 15 -23.44 -35.96 -14.09
N THR AA 16 -22.95 -35.77 -15.34
CA THR AA 16 -22.70 -34.43 -15.81
C THR AA 16 -23.18 -34.40 -17.22
N GLU AA 17 -23.36 -33.19 -17.80
CA GLU AA 17 -23.41 -32.98 -19.27
C GLU AA 17 -22.19 -32.03 -19.40
N LYS AA 18 -21.27 -32.49 -20.28
CA LYS AA 18 -19.99 -31.89 -20.53
C LYS AA 18 -20.04 -30.66 -21.34
N ARG AA 19 -21.05 -30.65 -22.24
CA ARG AA 19 -21.37 -29.56 -23.12
C ARG AA 19 -21.76 -28.33 -22.38
N ALA AA 20 -21.19 -27.13 -22.69
CA ALA AA 20 -21.64 -25.91 -22.07
C ALA AA 20 -21.95 -25.09 -23.27
N THR AA 21 -23.00 -24.24 -23.17
CA THR AA 21 -23.59 -23.68 -24.29
C THR AA 21 -23.59 -22.22 -23.93
N MET AA 22 -23.21 -21.31 -24.86
CA MET AA 22 -23.24 -19.88 -24.65
C MET AA 22 -24.41 -19.31 -25.43
N GLY AA 23 -25.10 -20.05 -26.15
CA GLY AA 23 -26.38 -19.71 -26.82
C GLY AA 23 -26.63 -20.78 -27.86
N ASN AA 24 -25.51 -21.19 -28.53
CA ASN AA 24 -25.54 -22.21 -29.60
C ASN AA 24 -24.21 -22.88 -29.68
N PHE AA 25 -23.29 -22.53 -28.78
CA PHE AA 25 -21.96 -22.92 -28.51
C PHE AA 25 -21.80 -24.37 -28.13
N ILE AA 26 -20.77 -25.17 -28.57
CA ILE AA 26 -20.38 -26.46 -28.05
C ILE AA 26 -18.94 -26.07 -27.67
N ALA AA 27 -18.49 -26.52 -26.53
CA ALA AA 27 -17.11 -26.38 -26.02
C ALA AA 27 -16.08 -27.02 -26.94
N SER AA 28 -16.29 -28.29 -27.38
CA SER AA 28 -15.47 -29.05 -28.24
C SER AA 28 -15.98 -30.44 -28.10
N LYS AA 29 -15.31 -31.45 -28.81
CA LYS AA 29 -15.58 -32.81 -28.82
C LYS AA 29 -15.65 -33.45 -27.44
N ALA AA 30 -14.71 -33.11 -26.59
CA ALA AA 30 -14.82 -33.53 -25.16
C ALA AA 30 -14.08 -32.58 -24.29
N ALA AA 31 -14.65 -32.27 -23.15
CA ALA AA 31 -14.22 -31.15 -22.38
C ALA AA 31 -14.74 -31.62 -20.99
N LYS AA 32 -13.90 -31.34 -19.98
CA LYS AA 32 -13.93 -31.87 -18.72
C LYS AA 32 -14.77 -31.04 -17.82
N LYS AA 33 -15.68 -31.73 -17.04
CA LYS AA 33 -16.62 -31.28 -16.08
C LYS AA 33 -16.56 -32.23 -14.96
N ILE AA 34 -15.96 -33.43 -15.10
CA ILE AA 34 -15.89 -34.59 -14.17
C ILE AA 34 -14.33 -34.73 -13.94
N TYR AA 35 -14.01 -34.66 -12.58
CA TYR AA 35 -12.63 -34.67 -12.19
C TYR AA 35 -12.54 -35.85 -11.24
N GLN AA 36 -11.47 -36.67 -11.39
CA GLN AA 36 -11.30 -37.85 -10.61
C GLN AA 36 -10.40 -37.44 -9.50
N ILE AA 37 -10.91 -37.43 -8.24
CA ILE AA 37 -10.11 -36.95 -7.09
C ILE AA 37 -9.39 -38.10 -6.53
N ALA AA 38 -10.05 -39.29 -6.61
CA ALA AA 38 -9.36 -40.47 -6.28
C ALA AA 38 -10.23 -41.52 -6.96
N ASP AA 39 -9.73 -42.76 -6.83
CA ASP AA 39 -10.46 -43.95 -7.27
C ASP AA 39 -11.78 -44.12 -6.59
N ARG AA 40 -12.03 -43.44 -5.43
CA ARG AA 40 -13.28 -43.46 -4.66
C ARG AA 40 -13.77 -42.07 -4.49
N MET AA 41 -13.21 -41.01 -5.10
CA MET AA 41 -13.71 -39.65 -4.84
C MET AA 41 -13.94 -39.07 -6.16
N ALA AA 42 -14.99 -38.23 -6.30
CA ALA AA 42 -15.37 -37.59 -7.62
C ALA AA 42 -15.83 -36.14 -7.34
N MET AA 43 -15.68 -35.31 -8.41
CA MET AA 43 -16.13 -33.92 -8.37
C MET AA 43 -16.79 -33.71 -9.61
N THR AA 44 -18.04 -33.22 -9.54
CA THR AA 44 -18.91 -32.86 -10.61
C THR AA 44 -19.30 -31.45 -10.53
N THR AA 45 -18.92 -30.69 -11.64
CA THR AA 45 -19.18 -29.27 -11.67
C THR AA 45 -20.11 -28.73 -12.68
N ALA AA 46 -20.86 -27.70 -12.26
CA ALA AA 46 -21.75 -26.85 -13.06
C ALA AA 46 -21.22 -25.45 -12.79
N GLY AA 47 -21.08 -24.65 -13.95
CA GLY AA 47 -20.67 -23.30 -13.71
C GLY AA 47 -19.85 -23.01 -14.96
N SER AA 48 -18.82 -22.26 -14.71
CA SER AA 48 -17.72 -21.91 -15.66
C SER AA 48 -16.90 -23.18 -15.83
N VAL AA 49 -16.39 -23.35 -17.06
CA VAL AA 49 -15.57 -24.53 -17.39
C VAL AA 49 -14.19 -24.32 -16.86
N GLY AA 50 -13.64 -23.06 -17.04
CA GLY AA 50 -12.22 -22.79 -16.82
C GLY AA 50 -11.87 -22.74 -15.33
N ASP AA 51 -12.83 -22.15 -14.58
CA ASP AA 51 -12.67 -21.93 -13.14
C ASP AA 51 -12.70 -23.24 -12.42
N ALA AA 52 -13.60 -24.10 -12.92
CA ALA AA 52 -13.78 -25.40 -12.30
C ALA AA 52 -12.52 -26.28 -12.47
N GLN AA 53 -11.77 -26.20 -13.61
CA GLN AA 53 -10.66 -26.94 -13.87
C GLN AA 53 -9.53 -26.41 -13.07
N PHE AA 54 -9.40 -25.07 -12.87
CA PHE AA 54 -8.32 -24.42 -12.10
C PHE AA 54 -8.30 -24.84 -10.66
N LEU AA 55 -9.45 -24.77 -10.02
CA LEU AA 55 -9.69 -25.15 -8.64
C LEU AA 55 -9.52 -26.59 -8.52
N ALA AA 56 -9.96 -27.42 -9.53
CA ALA AA 56 -10.03 -28.89 -9.45
C ALA AA 56 -8.67 -29.39 -9.31
N ARG AA 57 -7.74 -28.76 -10.03
CA ARG AA 57 -6.34 -29.18 -9.99
C ARG AA 57 -5.72 -28.95 -8.60
N ILE AA 58 -6.10 -27.84 -7.91
CA ILE AA 58 -5.67 -27.51 -6.56
C ILE AA 58 -6.10 -28.67 -5.62
N ILE AA 59 -7.40 -29.03 -5.68
CA ILE AA 59 -8.06 -30.00 -4.81
C ILE AA 59 -7.47 -31.40 -5.04
N LYS AA 60 -7.24 -31.75 -6.37
CA LYS AA 60 -6.67 -33.09 -6.72
C LYS AA 60 -5.28 -33.23 -6.12
N ILE AA 61 -4.40 -32.21 -6.20
CA ILE AA 61 -3.11 -32.16 -5.58
C ILE AA 61 -3.17 -32.23 -4.11
N GLU AA 62 -4.08 -31.63 -3.46
CA GLU AA 62 -4.17 -31.54 -2.07
C GLU AA 62 -4.81 -32.71 -1.28
N ALA AA 63 -5.62 -33.47 -2.07
CA ALA AA 63 -6.39 -34.61 -1.77
C ALA AA 63 -5.35 -35.77 -1.59
N ASN AA 64 -4.35 -35.87 -2.45
CA ASN AA 64 -3.23 -36.74 -2.32
C ASN AA 64 -2.28 -36.29 -1.18
N LEU AA 65 -2.05 -34.97 -0.98
CA LEU AA 65 -1.16 -34.45 0.04
C LEU AA 65 -1.67 -34.71 1.50
N TYR AA 66 -2.98 -34.59 1.71
CA TYR AA 66 -3.66 -34.94 2.97
C TYR AA 66 -3.73 -36.41 3.16
N GLU AA 67 -3.91 -37.25 2.10
CA GLU AA 67 -3.88 -38.68 2.26
C GLU AA 67 -2.54 -39.08 2.81
N ILE AA 68 -1.48 -38.48 2.20
CA ILE AA 68 -0.14 -38.97 2.46
C ILE AA 68 0.28 -38.63 3.89
N ARG AA 69 -0.19 -37.43 4.34
CA ARG AA 69 0.05 -36.85 5.69
C ARG AA 69 -0.56 -37.67 6.76
N ARG AA 70 -1.81 -38.10 6.69
CA ARG AA 70 -2.48 -38.82 7.74
C ARG AA 70 -2.24 -40.31 7.55
N GLU AA 71 -1.63 -40.82 6.37
CA GLU AA 71 -1.41 -42.24 6.08
C GLU AA 71 -2.72 -43.11 6.24
N ARG AA 72 -3.74 -42.60 5.54
CA ARG AA 72 -5.05 -42.81 5.82
C ARG AA 72 -5.75 -41.89 4.91
N LYS AA 73 -6.63 -42.38 3.95
CA LYS AA 73 -7.26 -41.64 2.90
C LYS AA 73 -8.06 -40.57 3.47
N PRO AA 74 -8.24 -39.37 2.80
CA PRO AA 74 -9.17 -38.38 3.28
C PRO AA 74 -10.50 -38.92 3.36
N THR AA 75 -11.32 -38.48 4.35
CA THR AA 75 -12.69 -38.72 4.32
C THR AA 75 -13.35 -37.96 3.20
N VAL AA 76 -14.62 -38.34 2.76
CA VAL AA 76 -15.39 -37.60 1.86
C VAL AA 76 -15.64 -36.22 2.38
N ARG AA 77 -15.89 -36.10 3.72
CA ARG AA 77 -16.18 -34.80 4.43
C ARG AA 77 -15.09 -33.83 4.30
N ALA AA 78 -13.87 -34.36 4.35
CA ALA AA 78 -12.71 -33.47 4.40
C ALA AA 78 -12.55 -32.80 3.06
N ILE AA 79 -12.84 -33.48 1.93
CA ILE AA 79 -12.59 -32.97 0.61
C ILE AA 79 -13.51 -31.89 0.34
N ALA AA 80 -14.81 -32.02 0.76
CA ALA AA 80 -15.81 -30.98 0.60
C ALA AA 80 -15.55 -29.73 1.33
N THR AA 81 -15.20 -29.89 2.65
CA THR AA 81 -14.94 -28.71 3.52
C THR AA 81 -13.69 -28.00 3.09
N LEU AA 82 -12.64 -28.71 2.59
CA LEU AA 82 -11.37 -28.22 1.98
C LEU AA 82 -11.73 -27.32 0.80
N THR AA 83 -12.77 -27.74 -0.06
CA THR AA 83 -13.21 -27.11 -1.33
C THR AA 83 -13.91 -25.76 -1.02
N SER AA 84 -14.78 -25.88 0.06
CA SER AA 84 -15.51 -24.74 0.69
C SER AA 84 -14.57 -23.66 1.08
N ASN AA 85 -13.54 -24.10 1.80
CA ASN AA 85 -12.52 -23.25 2.43
C ASN AA 85 -11.72 -22.55 1.30
N LEU AA 86 -11.33 -23.26 0.18
CA LEU AA 86 -10.59 -22.81 -0.93
C LEU AA 86 -11.22 -21.78 -1.85
N LEU AA 87 -12.63 -22.00 -2.00
CA LEU AA 87 -13.56 -21.08 -2.68
C LEU AA 87 -13.55 -19.76 -1.93
N ASN AA 88 -13.46 -19.78 -0.64
CA ASN AA 88 -13.32 -18.51 0.11
C ASN AA 88 -11.99 -17.91 -0.02
N SER AA 89 -10.85 -18.72 -0.02
CA SER AA 89 -9.47 -18.20 -0.06
C SER AA 89 -9.17 -17.41 -1.36
N TYR AA 90 -9.71 -17.88 -2.51
CA TYR AA 90 -9.53 -17.23 -3.77
C TYR AA 90 -10.72 -16.46 -4.33
N ARG AA 91 -11.51 -15.76 -3.44
CA ARG AA 91 -12.67 -14.96 -3.91
C ARG AA 91 -12.26 -13.57 -4.34
N TYR AA 92 -10.93 -13.30 -4.29
CA TYR AA 92 -10.36 -12.09 -4.59
C TYR AA 92 -10.19 -11.97 -6.08
N PHE AA 93 -10.23 -13.15 -6.75
CA PHE AA 93 -10.45 -13.39 -8.15
C PHE AA 93 -11.81 -13.99 -8.23
N PRO AA 94 -12.73 -13.71 -9.12
CA PRO AA 94 -14.10 -14.23 -8.97
C PRO AA 94 -14.25 -15.52 -9.70
N TYR AA 95 -14.33 -16.61 -8.91
CA TYR AA 95 -14.50 -17.97 -9.34
C TYR AA 95 -15.85 -18.46 -8.74
N LEU AA 96 -16.88 -18.56 -9.57
CA LEU AA 96 -18.17 -19.04 -9.22
C LEU AA 96 -18.33 -20.45 -9.73
N VAL AA 97 -18.38 -21.46 -8.83
CA VAL AA 97 -18.66 -22.79 -9.31
C VAL AA 97 -19.47 -23.48 -8.21
N GLN AA 98 -20.45 -24.30 -8.48
CA GLN AA 98 -21.20 -25.14 -7.63
C GLN AA 98 -20.76 -26.45 -8.01
N LEU AA 99 -20.46 -27.23 -6.90
CA LEU AA 99 -19.79 -28.54 -6.97
C LEU AA 99 -20.58 -29.52 -6.25
N LEU AA 100 -20.44 -30.81 -6.54
CA LEU AA 100 -20.98 -31.91 -5.76
C LEU AA 100 -19.79 -32.84 -5.54
N ILE AA 101 -19.39 -33.03 -4.27
CA ILE AA 101 -18.24 -33.78 -4.01
C ILE AA 101 -18.75 -34.90 -3.13
N GLY AA 102 -18.48 -36.08 -3.56
CA GLY AA 102 -19.00 -37.26 -2.94
C GLY AA 102 -17.97 -38.29 -3.13
N GLY AA 103 -18.21 -39.42 -2.48
CA GLY AA 103 -17.62 -40.69 -2.81
C GLY AA 103 -17.55 -41.62 -1.57
N ILE AA 104 -16.48 -42.48 -1.52
CA ILE AA 104 -16.45 -43.58 -0.67
C ILE AA 104 -15.21 -43.59 0.13
N ASP AA 105 -15.36 -43.95 1.42
CA ASP AA 105 -14.38 -43.84 2.48
C ASP AA 105 -14.68 -44.90 3.44
N SER AA 106 -13.94 -45.01 4.56
CA SER AA 106 -14.13 -45.98 5.61
C SER AA 106 -15.40 -45.75 6.37
N GLU AA 107 -15.90 -44.47 6.38
CA GLU AA 107 -17.06 -44.07 7.01
C GLU AA 107 -18.29 -44.48 6.23
N GLY AA 108 -18.18 -44.55 4.89
CA GLY AA 108 -19.28 -45.05 4.12
C GLY AA 108 -19.48 -44.33 2.78
N LYS AA 109 -20.78 -44.09 2.34
CA LYS AA 109 -21.04 -43.39 1.13
C LYS AA 109 -21.79 -42.15 1.48
N SER AA 110 -21.43 -41.03 0.86
CA SER AA 110 -22.10 -39.78 1.01
C SER AA 110 -21.74 -38.88 -0.11
N ILE AA 111 -22.59 -37.78 -0.29
CA ILE AA 111 -22.39 -36.70 -1.19
C ILE AA 111 -22.56 -35.50 -0.24
N TYR AA 112 -21.70 -34.46 -0.41
CA TYR AA 112 -21.78 -33.18 0.22
C TYR AA 112 -21.88 -32.20 -0.95
N SER AA 113 -22.80 -31.27 -0.90
CA SER AA 113 -23.13 -30.28 -1.81
C SER AA 113 -22.50 -28.96 -1.33
N ILE AA 114 -21.90 -28.22 -2.33
CA ILE AA 114 -21.24 -26.91 -2.19
C ILE AA 114 -21.77 -25.88 -3.14
N ASP AA 115 -21.92 -24.68 -2.58
CA ASP AA 115 -22.21 -23.50 -3.43
C ASP AA 115 -21.00 -22.56 -3.27
N PRO AA 116 -20.71 -21.51 -4.07
CA PRO AA 116 -19.48 -20.72 -4.06
C PRO AA 116 -19.31 -19.75 -2.90
N ILE AA 117 -20.31 -19.56 -2.00
CA ILE AA 117 -20.18 -18.66 -0.87
C ILE AA 117 -19.81 -19.56 0.35
N GLY AA 118 -19.81 -20.84 0.10
CA GLY AA 118 -19.23 -21.87 0.95
C GLY AA 118 -20.21 -22.98 1.17
N GLY AA 119 -19.98 -23.82 2.25
CA GLY AA 119 -20.91 -24.78 2.79
C GLY AA 119 -20.75 -26.12 2.25
N ALA AA 120 -21.00 -27.15 3.16
CA ALA AA 120 -21.04 -28.45 2.73
C ALA AA 120 -22.02 -29.15 3.61
N ILE AA 121 -22.93 -29.93 3.05
CA ILE AA 121 -24.08 -30.51 3.71
C ILE AA 121 -24.37 -31.87 3.04
N GLU AA 122 -24.26 -32.96 3.87
CA GLU AA 122 -25.06 -34.22 3.95
C GLU AA 122 -26.27 -34.28 3.06
N GLU AA 123 -26.17 -35.27 2.15
CA GLU AA 123 -27.33 -35.78 1.40
C GLU AA 123 -27.04 -37.25 1.27
N LYS AA 124 -28.19 -38.00 1.46
CA LYS AA 124 -28.24 -39.40 1.58
C LYS AA 124 -29.43 -39.69 0.77
N ASP AA 125 -29.69 -38.83 -0.31
CA ASP AA 125 -30.82 -38.90 -1.15
C ASP AA 125 -30.54 -38.40 -2.55
N ILE AA 126 -31.06 -37.25 -2.98
CA ILE AA 126 -31.04 -36.63 -4.24
C ILE AA 126 -30.34 -35.31 -4.06
N VAL AA 127 -29.52 -34.91 -5.09
CA VAL AA 127 -28.86 -33.63 -5.02
C VAL AA 127 -28.66 -33.28 -6.47
N ALA AA 128 -28.93 -32.02 -6.84
CA ALA AA 128 -28.85 -31.61 -8.18
C ALA AA 128 -28.69 -30.15 -8.20
N THR AA 129 -28.04 -29.66 -9.24
CA THR AA 129 -27.25 -28.47 -9.12
C THR AA 129 -27.03 -27.89 -10.43
N GLY AA 130 -27.45 -26.68 -10.57
CA GLY AA 130 -27.29 -25.83 -11.78
C GLY AA 130 -28.60 -25.26 -12.10
N SER AA 131 -28.85 -24.82 -13.33
CA SER AA 131 -30.06 -24.07 -13.79
C SER AA 131 -30.98 -25.04 -14.50
N GLY AA 132 -30.45 -26.29 -14.70
CA GLY AA 132 -31.22 -27.39 -15.27
C GLY AA 132 -31.72 -28.24 -14.12
N SER AA 133 -31.38 -27.83 -12.86
CA SER AA 133 -31.51 -28.54 -11.59
C SER AA 133 -32.93 -28.92 -11.23
N LEU AA 134 -33.84 -27.97 -11.57
CA LEU AA 134 -35.28 -27.93 -11.29
C LEU AA 134 -35.91 -28.94 -12.09
N THR AA 135 -35.55 -29.08 -13.38
CA THR AA 135 -36.05 -30.13 -14.24
C THR AA 135 -35.70 -31.47 -13.81
N ALA AA 136 -34.44 -31.65 -13.35
CA ALA AA 136 -33.77 -32.85 -12.81
C ALA AA 136 -34.45 -33.36 -11.51
N TYR AA 137 -34.82 -32.44 -10.61
CA TYR AA 137 -35.44 -32.83 -9.34
C TYR AA 137 -36.75 -33.62 -9.51
N GLY AA 138 -37.46 -33.26 -10.66
CA GLY AA 138 -38.73 -33.90 -10.93
C GLY AA 138 -38.50 -35.37 -11.16
N VAL AA 139 -37.51 -35.73 -11.98
CA VAL AA 139 -37.29 -37.10 -12.28
C VAL AA 139 -36.69 -37.90 -11.09
N LEU AA 140 -35.68 -37.28 -10.41
CA LEU AA 140 -34.82 -38.06 -9.50
C LEU AA 140 -35.50 -38.44 -8.20
N GLU AA 141 -36.24 -37.37 -7.74
CA GLU AA 141 -36.93 -37.37 -6.49
C GLU AA 141 -38.11 -38.36 -6.61
N ASP AA 142 -38.90 -38.41 -7.73
CA ASP AA 142 -39.96 -39.40 -7.95
C ASP AA 142 -39.54 -40.85 -8.04
N ARG AA 143 -38.39 -41.21 -8.76
CA ARG AA 143 -38.06 -42.54 -9.03
C ARG AA 143 -36.96 -42.90 -7.99
N PHE AA 144 -36.76 -42.11 -6.84
CA PHE AA 144 -35.82 -42.38 -5.81
C PHE AA 144 -36.10 -43.70 -5.08
N THR AA 145 -35.07 -44.52 -4.87
CA THR AA 145 -35.08 -45.73 -3.94
C THR AA 145 -33.75 -45.64 -3.06
N PRO AA 146 -33.68 -45.89 -1.80
CA PRO AA 146 -32.42 -45.93 -1.04
C PRO AA 146 -31.65 -47.20 -1.26
N GLU AA 147 -32.32 -48.22 -1.86
CA GLU AA 147 -31.90 -49.58 -2.07
C GLU AA 147 -31.91 -49.80 -3.48
N ILE AA 148 -31.41 -48.82 -4.27
CA ILE AA 148 -31.34 -48.75 -5.70
C ILE AA 148 -29.96 -49.35 -5.90
N GLY AA 149 -29.83 -50.28 -6.85
CA GLY AA 149 -28.46 -50.73 -7.18
C GLY AA 149 -27.62 -49.59 -7.83
N VAL AA 150 -26.29 -49.84 -8.01
CA VAL AA 150 -25.54 -48.88 -8.75
C VAL AA 150 -25.72 -49.17 -10.18
N ASP AA 151 -26.27 -50.30 -10.64
CA ASP AA 151 -26.47 -50.57 -12.03
C ASP AA 151 -27.75 -49.81 -12.46
N GLU AA 152 -28.70 -49.53 -11.50
CA GLU AA 152 -30.03 -48.97 -11.83
C GLU AA 152 -29.97 -47.56 -11.61
N ALA AA 153 -28.96 -46.99 -10.93
CA ALA AA 153 -28.74 -45.59 -10.75
C ALA AA 153 -28.32 -44.97 -11.98
N VAL AA 154 -27.51 -45.63 -12.82
CA VAL AA 154 -27.08 -44.99 -13.99
C VAL AA 154 -28.18 -44.65 -14.93
N GLU AA 155 -29.28 -45.43 -14.87
CA GLU AA 155 -30.43 -45.41 -15.76
C GLU AA 155 -31.20 -44.22 -15.42
N LEU AA 156 -31.10 -43.82 -14.10
CA LEU AA 156 -31.89 -42.81 -13.47
C LEU AA 156 -31.31 -41.46 -13.73
N ALA AA 157 -29.95 -41.41 -13.64
CA ALA AA 157 -29.03 -40.19 -13.74
C ALA AA 157 -29.04 -39.57 -15.06
N VAL AA 158 -29.18 -40.40 -16.12
CA VAL AA 158 -29.38 -40.11 -17.53
C VAL AA 158 -30.69 -39.45 -17.83
N ARG AA 159 -31.70 -40.00 -17.19
CA ARG AA 159 -33.08 -39.63 -17.44
C ARG AA 159 -33.27 -38.20 -16.97
N ALA AA 160 -32.65 -37.85 -15.84
CA ALA AA 160 -32.71 -36.61 -15.17
C ALA AA 160 -32.18 -35.41 -15.90
N ILE AA 161 -30.95 -35.57 -16.44
CA ILE AA 161 -30.23 -34.69 -17.28
C ILE AA 161 -30.95 -34.58 -18.65
N TYR AA 162 -31.53 -35.71 -19.21
CA TYR AA 162 -32.18 -35.80 -20.53
C TYR AA 162 -33.40 -34.95 -20.60
N SER AA 163 -34.19 -35.01 -19.51
CA SER AA 163 -35.46 -34.24 -19.36
C SER AA 163 -35.18 -32.70 -19.40
N ALA AA 164 -34.06 -32.35 -18.74
CA ALA AA 164 -33.49 -31.06 -18.65
C ALA AA 164 -33.09 -30.45 -20.04
N MET AA 165 -32.53 -31.40 -20.91
CA MET AA 165 -32.04 -30.99 -22.24
C MET AA 165 -33.17 -30.46 -23.12
N LYS AA 166 -34.42 -31.03 -22.95
CA LYS AA 166 -35.58 -30.70 -23.71
C LYS AA 166 -36.34 -29.61 -23.05
N ARG AA 167 -35.82 -28.86 -22.06
CA ARG AA 167 -36.40 -27.78 -21.37
C ARG AA 167 -35.41 -26.64 -21.30
N ASP AA 168 -34.12 -26.87 -21.69
CA ASP AA 168 -33.13 -25.86 -21.50
C ASP AA 168 -32.14 -25.87 -22.58
N SER AA 169 -31.70 -24.63 -22.93
CA SER AA 169 -30.82 -24.36 -24.05
C SER AA 169 -29.42 -24.21 -23.54
N ALA AA 170 -29.15 -24.52 -22.25
CA ALA AA 170 -27.93 -24.47 -21.48
C ALA AA 170 -27.56 -25.90 -21.15
N SER AA 171 -28.48 -26.87 -21.43
CA SER AA 171 -28.19 -28.29 -21.33
C SER AA 171 -28.25 -28.86 -22.72
N GLY AA 172 -27.80 -30.06 -22.90
CA GLY AA 172 -27.70 -30.58 -24.26
C GLY AA 172 -26.84 -31.79 -24.15
N ASP AA 173 -26.65 -32.51 -25.24
CA ASP AA 173 -25.87 -33.74 -25.48
C ASP AA 173 -24.47 -33.67 -24.92
N GLY AA 174 -23.84 -34.83 -24.75
CA GLY AA 174 -22.47 -34.94 -24.32
C GLY AA 174 -22.56 -35.38 -22.88
N ILE AA 175 -23.64 -36.11 -22.51
CA ILE AA 175 -23.89 -36.64 -21.20
C ILE AA 175 -22.91 -37.65 -20.76
N ASP AA 176 -22.13 -37.41 -19.67
CA ASP AA 176 -21.20 -38.31 -19.07
C ASP AA 176 -21.73 -38.71 -17.74
N VAL AA 177 -21.37 -39.95 -17.26
CA VAL AA 177 -21.81 -40.60 -16.03
C VAL AA 177 -20.51 -41.18 -15.45
N VAL AA 178 -20.43 -41.08 -14.12
CA VAL AA 178 -19.37 -41.63 -13.33
C VAL AA 178 -20.12 -42.51 -12.30
N LYS AA 179 -19.62 -43.72 -12.03
CA LYS AA 179 -20.14 -44.75 -11.15
C LYS AA 179 -18.91 -45.30 -10.47
N ILE AA 180 -18.99 -45.59 -9.14
CA ILE AA 180 -17.93 -45.91 -8.33
C ILE AA 180 -18.54 -46.98 -7.55
N THR AA 181 -18.33 -48.21 -8.05
CA THR AA 181 -18.95 -49.43 -7.61
C THR AA 181 -18.24 -50.10 -6.45
N GLU AA 182 -17.08 -49.51 -6.11
CA GLU AA 182 -16.28 -49.75 -4.99
C GLU AA 182 -15.31 -50.94 -5.36
N ASP AA 183 -14.95 -51.00 -6.65
CA ASP AA 183 -13.95 -51.94 -7.17
C ASP AA 183 -13.37 -51.34 -8.36
N GLU AA 184 -13.88 -50.13 -8.72
CA GLU AA 184 -13.51 -49.55 -9.99
C GLU AA 184 -13.89 -48.10 -9.93
N PHE AA 185 -13.43 -47.27 -10.91
CA PHE AA 185 -13.88 -45.82 -10.99
C PHE AA 185 -14.23 -45.93 -12.45
N TYR AA 186 -15.55 -46.19 -12.74
CA TYR AA 186 -15.92 -46.44 -14.15
C TYR AA 186 -16.58 -45.16 -14.58
N GLN AA 187 -16.02 -44.70 -15.76
CA GLN AA 187 -16.49 -43.59 -16.55
C GLN AA 187 -16.85 -44.20 -17.91
N TYR AA 188 -18.14 -44.02 -18.11
CA TYR AA 188 -18.90 -44.44 -19.26
C TYR AA 188 -18.46 -43.75 -20.56
N SER AA 189 -18.13 -42.45 -20.46
CA SER AA 189 -17.69 -41.50 -21.49
C SER AA 189 -18.87 -41.18 -22.36
N PRO AA 190 -18.94 -40.00 -23.04
CA PRO AA 190 -20.06 -39.51 -23.78
C PRO AA 190 -20.85 -40.40 -24.66
N GLU AA 191 -20.05 -41.19 -25.51
CA GLU AA 191 -20.46 -42.09 -26.62
C GLU AA 191 -21.50 -43.12 -26.17
N GLU AA 192 -21.17 -43.95 -25.14
CA GLU AA 192 -22.01 -44.93 -24.57
C GLU AA 192 -23.27 -44.39 -23.92
N VAL AA 193 -23.22 -43.34 -23.14
CA VAL AA 193 -24.37 -42.81 -22.48
C VAL AA 193 -25.45 -42.21 -23.42
N GLU AA 194 -25.05 -41.63 -24.53
CA GLU AA 194 -25.86 -41.07 -25.61
C GLU AA 194 -26.76 -42.17 -26.23
N GLN AA 195 -26.40 -43.47 -26.17
CA GLN AA 195 -27.06 -44.67 -26.68
C GLN AA 195 -27.97 -45.23 -25.58
N ILE AA 196 -27.87 -44.79 -24.33
CA ILE AA 196 -28.79 -45.13 -23.24
C ILE AA 196 -30.07 -44.27 -23.38
N LEU AA 197 -29.95 -43.06 -23.91
CA LEU AA 197 -31.17 -42.16 -24.11
C LEU AA 197 -31.77 -42.34 -25.44
N ALA AA 198 -31.10 -43.10 -26.34
CA ALA AA 198 -31.66 -43.50 -27.56
C ALA AA 198 -32.62 -44.62 -27.37
N LYS AA 199 -32.64 -45.32 -26.21
CA LYS AA 199 -33.53 -46.38 -25.85
C LYS AA 199 -34.43 -45.79 -24.88
N PHE AA 200 -34.40 -44.45 -24.70
CA PHE AA 200 -35.38 -43.81 -23.83
C PHE AA 200 -36.34 -42.94 -24.60
N ARG AA 201 -36.58 -43.26 -25.88
CA ARG AA 201 -37.57 -42.49 -26.61
C ARG AA 201 -38.11 -43.43 -27.52
N LYS AA 202 -37.32 -43.89 -28.57
CA LYS AA 202 -37.73 -44.87 -29.54
C LYS AA 202 -36.77 -46.00 -29.36
N THR BA 1 -21.77 -2.14 -48.66
CA THR BA 1 -22.88 -1.67 -49.60
C THR BA 1 -22.44 -0.37 -50.06
N THR BA 2 -22.11 -0.37 -51.37
CA THR BA 2 -21.75 0.88 -52.09
C THR BA 2 -22.31 0.75 -53.47
N THR BA 3 -22.55 1.90 -54.15
CA THR BA 3 -23.16 1.94 -55.47
C THR BA 3 -22.53 3.11 -56.15
N VAL BA 4 -22.35 2.97 -57.45
CA VAL BA 4 -21.59 4.00 -58.22
C VAL BA 4 -22.50 4.42 -59.30
N GLY BA 5 -22.38 5.64 -59.79
CA GLY BA 5 -23.19 6.15 -60.85
C GLY BA 5 -22.42 7.17 -61.39
N LEU BA 6 -22.07 7.14 -62.66
CA LEU BA 6 -21.08 7.91 -63.33
C LEU BA 6 -21.51 8.08 -64.79
N VAL BA 7 -21.13 9.25 -65.34
CA VAL BA 7 -21.49 9.70 -66.59
C VAL BA 7 -20.54 9.19 -67.58
N CYS BA 8 -21.20 8.70 -68.74
CA CYS BA 8 -20.43 8.37 -69.94
C CYS BA 8 -20.75 9.42 -70.95
N LYS BA 9 -20.02 9.41 -72.10
CA LYS BA 9 -20.23 10.49 -73.09
C LYS BA 9 -21.26 10.05 -74.08
N ASP BA 10 -21.77 8.81 -74.07
CA ASP BA 10 -22.73 8.35 -75.06
C ASP BA 10 -23.84 7.64 -74.27
N GLY BA 11 -23.58 7.33 -72.93
CA GLY BA 11 -24.37 6.50 -72.13
C GLY BA 11 -24.16 6.95 -70.71
N VAL BA 12 -24.60 6.19 -69.73
CA VAL BA 12 -24.41 6.49 -68.32
C VAL BA 12 -24.08 5.09 -67.93
N VAL BA 13 -23.22 4.87 -66.97
CA VAL BA 13 -22.95 3.56 -66.42
C VAL BA 13 -23.13 3.75 -64.96
N MET BA 14 -23.94 2.83 -64.35
CA MET BA 14 -24.25 2.77 -62.95
C MET BA 14 -24.12 1.30 -62.62
N ALA BA 15 -23.50 0.95 -61.42
CA ALA BA 15 -23.25 -0.44 -61.02
C ALA BA 15 -23.63 -0.72 -59.55
N THR BA 16 -23.67 -2.00 -59.18
CA THR BA 16 -24.32 -2.50 -57.99
C THR BA 16 -23.44 -3.62 -57.59
N GLU BA 17 -23.62 -3.99 -56.30
CA GLU BA 17 -23.00 -5.20 -55.83
C GLU BA 17 -24.21 -6.09 -55.50
N LYS BA 18 -23.86 -7.33 -55.11
CA LYS BA 18 -24.75 -8.37 -54.86
C LYS BA 18 -24.09 -9.18 -53.85
N ARG BA 19 -24.93 -9.83 -53.05
CA ARG BA 19 -24.65 -10.68 -51.91
C ARG BA 19 -24.89 -9.83 -50.70
N ALA BA 20 -25.66 -10.31 -49.66
CA ALA BA 20 -26.01 -9.48 -48.47
C ALA BA 20 -25.59 -10.32 -47.30
N THR BA 21 -24.86 -9.64 -46.41
CA THR BA 21 -24.19 -10.22 -45.37
C THR BA 21 -24.47 -9.50 -44.07
N MET BA 22 -24.15 -10.18 -42.98
CA MET BA 22 -24.26 -9.71 -41.60
C MET BA 22 -22.95 -9.59 -40.95
N GLY BA 23 -21.99 -10.28 -41.69
CA GLY BA 23 -20.68 -10.42 -41.10
C GLY BA 23 -20.51 -11.66 -40.29
N ASN BA 24 -21.47 -12.59 -40.51
CA ASN BA 24 -21.50 -13.86 -39.83
C ASN BA 24 -22.61 -14.69 -40.45
N PHE BA 25 -23.16 -14.22 -41.56
CA PHE BA 25 -24.22 -14.86 -42.19
C PHE BA 25 -24.16 -14.46 -43.71
N ILE BA 26 -24.55 -15.38 -44.64
CA ILE BA 26 -24.85 -14.94 -46.03
C ILE BA 26 -26.31 -14.92 -46.04
N ALA BA 27 -26.88 -13.70 -45.97
CA ALA BA 27 -28.25 -13.56 -45.72
C ALA BA 27 -29.03 -13.88 -47.02
N SER BA 28 -28.49 -13.45 -48.14
CA SER BA 28 -29.12 -13.65 -49.46
C SER BA 28 -28.09 -13.85 -50.38
N LYS BA 29 -28.31 -14.69 -51.41
CA LYS BA 29 -27.34 -14.97 -52.43
C LYS BA 29 -27.35 -13.76 -53.33
N ALA BA 30 -28.47 -13.04 -53.46
CA ALA BA 30 -28.65 -11.97 -54.41
C ALA BA 30 -29.80 -11.10 -53.91
N ALA BA 31 -29.56 -9.80 -53.66
CA ALA BA 31 -30.59 -8.89 -53.18
C ALA BA 31 -30.80 -7.81 -54.24
N LYS BA 32 -32.02 -7.34 -54.57
CA LYS BA 32 -32.37 -6.46 -55.60
C LYS BA 32 -31.93 -5.10 -55.14
N LYS BA 33 -31.11 -4.39 -55.91
CA LYS BA 33 -30.65 -3.09 -55.60
C LYS BA 33 -30.42 -2.34 -56.90
N ILE BA 34 -30.91 -2.86 -58.01
CA ILE BA 34 -30.88 -2.36 -59.36
C ILE BA 34 -32.31 -2.50 -59.85
N TYR BA 35 -32.88 -1.32 -60.30
CA TYR BA 35 -34.23 -1.17 -60.82
C TYR BA 35 -34.15 -0.44 -62.12
N GLN BA 36 -35.19 -0.62 -63.00
CA GLN BA 36 -35.52 0.23 -64.09
C GLN BA 36 -36.69 1.05 -63.62
N ILE BA 37 -36.56 2.36 -63.51
CA ILE BA 37 -37.49 3.35 -63.16
C ILE BA 37 -38.22 3.58 -64.52
N ALA BA 38 -37.42 3.77 -65.57
CA ALA BA 38 -37.87 3.94 -66.93
C ALA BA 38 -36.94 3.03 -67.62
N ASP BA 39 -37.17 2.91 -68.96
CA ASP BA 39 -36.22 2.19 -69.79
C ASP BA 39 -34.78 2.66 -69.72
N ARG BA 40 -34.60 3.94 -69.92
CA ARG BA 40 -33.34 4.58 -69.98
C ARG BA 40 -32.95 5.12 -68.64
N MET BA 41 -33.62 4.71 -67.56
CA MET BA 41 -33.31 5.31 -66.27
C MET BA 41 -33.14 4.22 -65.27
N ALA BA 42 -32.15 4.30 -64.33
CA ALA BA 42 -31.92 3.42 -63.28
C ALA BA 42 -31.91 4.12 -62.01
N MET BA 43 -32.28 3.44 -60.92
CA MET BA 43 -32.05 3.84 -59.58
C MET BA 43 -31.32 2.69 -59.04
N THR BA 44 -30.16 2.96 -58.35
CA THR BA 44 -29.28 1.96 -57.78
C THR BA 44 -29.15 2.46 -56.39
N THR BA 45 -28.96 1.57 -55.38
CA THR BA 45 -29.10 1.89 -54.00
C THR BA 45 -28.02 1.35 -53.13
N ALA BA 46 -27.58 2.24 -52.23
CA ALA BA 46 -26.80 1.93 -51.14
C ALA BA 46 -27.57 2.21 -49.90
N GLY BA 47 -27.62 1.33 -48.86
CA GLY BA 47 -28.26 1.53 -47.63
C GLY BA 47 -29.13 0.37 -47.40
N SER BA 48 -30.22 0.56 -46.71
CA SER BA 48 -31.08 -0.57 -46.22
C SER BA 48 -31.77 -1.24 -47.42
N VAL BA 49 -31.89 -2.60 -47.33
CA VAL BA 49 -32.41 -3.43 -48.38
C VAL BA 49 -33.91 -3.29 -48.55
N GLY BA 50 -34.59 -3.22 -47.38
CA GLY BA 50 -36.01 -3.31 -47.20
C GLY BA 50 -36.71 -2.06 -47.64
N ASP BA 51 -36.21 -0.84 -47.34
CA ASP BA 51 -36.74 0.45 -47.66
C ASP BA 51 -36.46 0.67 -49.14
N ALA BA 52 -35.32 0.20 -49.67
CA ALA BA 52 -34.90 0.42 -50.95
C ALA BA 52 -35.78 -0.17 -52.05
N GLN BA 53 -36.15 -1.46 -51.87
CA GLN BA 53 -37.02 -2.21 -52.79
C GLN BA 53 -38.45 -1.74 -52.62
N PHE BA 54 -38.90 -1.26 -51.46
CA PHE BA 54 -40.30 -0.81 -51.36
C PHE BA 54 -40.44 0.51 -52.09
N LEU BA 55 -39.49 1.37 -51.95
CA LEU BA 55 -39.35 2.69 -52.49
C LEU BA 55 -39.18 2.71 -53.96
N ALA BA 56 -38.41 1.77 -54.47
CA ALA BA 56 -38.30 1.56 -55.97
C ALA BA 56 -39.63 1.25 -56.66
N ARG BA 57 -40.60 0.51 -55.94
CA ARG BA 57 -41.89 0.26 -56.56
C ARG BA 57 -42.74 1.49 -56.81
N ILE BA 58 -42.82 2.41 -55.80
CA ILE BA 58 -43.57 3.64 -55.92
C ILE BA 58 -43.03 4.41 -57.07
N ILE BA 59 -41.71 4.70 -57.16
CA ILE BA 59 -41.12 5.64 -58.09
C ILE BA 59 -41.27 5.12 -59.51
N LYS BA 60 -41.14 3.77 -59.76
CA LYS BA 60 -41.20 3.15 -61.02
C LYS BA 60 -42.54 3.43 -61.66
N ILE BA 61 -43.63 3.32 -60.86
CA ILE BA 61 -45.00 3.64 -61.23
C ILE BA 61 -45.28 5.06 -61.44
N GLU BA 62 -44.77 6.03 -60.66
CA GLU BA 62 -45.11 7.46 -60.76
C GLU BA 62 -44.24 8.00 -61.83
N ALA BA 63 -43.12 7.31 -62.19
CA ALA BA 63 -42.44 7.56 -63.42
C ALA BA 63 -43.19 7.15 -64.65
N ASN BA 64 -43.90 6.02 -64.60
CA ASN BA 64 -44.78 5.59 -65.65
C ASN BA 64 -46.00 6.45 -65.77
N LEU BA 65 -46.50 6.94 -64.64
CA LEU BA 65 -47.56 7.83 -64.59
C LEU BA 65 -47.14 9.09 -65.35
N TYR BA 66 -45.90 9.60 -65.29
CA TYR BA 66 -45.41 10.80 -65.96
C TYR BA 66 -45.44 10.53 -67.51
N GLU BA 67 -45.00 9.32 -68.09
CA GLU BA 67 -45.10 8.97 -69.43
C GLU BA 67 -46.58 9.06 -69.87
N ILE BA 68 -47.50 8.43 -69.03
CA ILE BA 68 -48.90 8.23 -69.28
C ILE BA 68 -49.59 9.57 -69.24
N ARG BA 69 -49.45 10.36 -68.18
CA ARG BA 69 -50.18 11.60 -68.04
C ARG BA 69 -49.67 12.68 -68.97
N ARG BA 70 -48.35 12.90 -68.97
CA ARG BA 70 -47.79 14.16 -69.50
C ARG BA 70 -47.37 13.92 -70.92
N GLU BA 71 -47.50 12.60 -71.49
CA GLU BA 71 -47.04 12.22 -72.78
C GLU BA 71 -45.67 12.71 -73.23
N ARG BA 72 -44.73 12.84 -72.23
CA ARG BA 72 -43.36 13.15 -72.44
C ARG BA 72 -42.49 12.24 -71.66
N LYS BA 73 -41.13 12.07 -72.07
CA LYS BA 73 -40.19 11.21 -71.31
C LYS BA 73 -39.90 11.81 -70.00
N PRO BA 74 -39.68 11.01 -68.94
CA PRO BA 74 -39.30 11.44 -67.60
C PRO BA 74 -37.86 11.78 -67.59
N THR BA 75 -37.59 12.94 -66.95
CA THR BA 75 -36.29 13.48 -66.99
C THR BA 75 -35.70 13.10 -65.63
N VAL BA 76 -34.37 13.16 -65.56
CA VAL BA 76 -33.72 12.79 -64.31
C VAL BA 76 -34.02 13.65 -63.14
N ARG BA 77 -34.08 14.99 -63.44
CA ARG BA 77 -34.48 16.03 -62.46
C ARG BA 77 -35.93 15.88 -62.04
N ALA BA 78 -36.82 15.54 -62.99
CA ALA BA 78 -38.24 15.39 -62.62
C ALA BA 78 -38.50 14.23 -61.71
N ILE BA 79 -37.88 12.99 -61.99
CA ILE BA 79 -37.98 11.86 -61.06
C ILE BA 79 -37.26 12.12 -59.78
N ALA BA 80 -36.04 12.78 -59.80
CA ALA BA 80 -35.29 13.02 -58.58
C ALA BA 80 -36.02 14.01 -57.66
N THR BA 81 -36.70 15.10 -58.17
CA THR BA 81 -37.34 16.11 -57.34
C THR BA 81 -38.45 15.42 -56.60
N LEU BA 82 -39.26 14.65 -57.31
CA LEU BA 82 -40.53 14.09 -56.91
C LEU BA 82 -40.32 13.00 -55.84
N THR BA 83 -39.22 12.23 -55.97
CA THR BA 83 -38.79 11.27 -54.94
C THR BA 83 -38.52 11.95 -53.71
N SER BA 84 -37.87 13.14 -53.74
CA SER BA 84 -37.38 13.80 -52.59
C SER BA 84 -38.46 14.33 -51.65
N ASN BA 85 -39.56 14.78 -52.23
CA ASN BA 85 -40.69 15.32 -51.53
C ASN BA 85 -41.39 14.27 -50.68
N LEU BA 86 -41.48 12.98 -51.18
CA LEU BA 86 -41.95 11.83 -50.50
C LEU BA 86 -41.18 11.37 -49.28
N LEU BA 87 -39.82 11.26 -49.46
CA LEU BA 87 -38.90 10.87 -48.41
C LEU BA 87 -38.89 11.84 -47.30
N ASN BA 88 -39.03 13.13 -47.63
CA ASN BA 88 -38.91 14.26 -46.74
C ASN BA 88 -40.15 14.33 -45.83
N SER BA 89 -41.32 14.02 -46.43
CA SER BA 89 -42.65 13.91 -45.89
C SER BA 89 -42.87 12.72 -44.95
N TYR BA 90 -42.07 11.62 -45.26
CA TYR BA 90 -42.26 10.33 -44.67
C TYR BA 90 -40.93 10.00 -43.97
N ARG BA 91 -40.15 11.06 -43.52
CA ARG BA 91 -38.87 10.81 -42.88
C ARG BA 91 -38.95 10.23 -41.48
N TYR BA 92 -40.13 10.49 -40.82
CA TYR BA 92 -40.53 10.04 -39.54
C TYR BA 92 -40.79 8.62 -39.62
N PHE BA 93 -41.51 8.06 -40.72
CA PHE BA 93 -41.78 6.62 -40.94
C PHE BA 93 -40.53 6.05 -41.56
N PRO BA 94 -40.13 4.78 -41.20
CA PRO BA 94 -38.75 4.27 -41.37
C PRO BA 94 -38.16 4.41 -42.72
N TYR BA 95 -37.01 5.18 -42.88
CA TYR BA 95 -36.34 5.29 -44.13
C TYR BA 95 -34.89 5.59 -43.82
N LEU BA 96 -34.02 4.93 -44.61
CA LEU BA 96 -32.62 5.09 -44.45
C LEU BA 96 -32.00 4.52 -45.69
N VAL BA 97 -32.03 5.33 -46.74
CA VAL BA 97 -31.79 4.93 -48.09
C VAL BA 97 -31.11 6.08 -48.75
N GLN BA 98 -30.19 5.78 -49.73
CA GLN BA 98 -29.46 6.72 -50.60
C GLN BA 98 -29.69 6.32 -51.97
N LEU BA 99 -30.31 7.23 -52.84
CA LEU BA 99 -30.82 6.83 -54.07
C LEU BA 99 -29.94 7.49 -55.03
N LEU BA 100 -29.62 6.80 -56.15
CA LEU BA 100 -28.86 7.50 -57.19
C LEU BA 100 -29.77 7.22 -58.23
N ILE BA 101 -30.24 8.24 -58.96
CA ILE BA 101 -31.13 8.20 -60.04
C ILE BA 101 -30.32 8.88 -61.09
N GLY BA 102 -30.08 8.17 -62.21
CA GLY BA 102 -29.41 8.78 -63.31
C GLY BA 102 -29.83 8.07 -64.58
N GLY BA 103 -29.48 8.69 -65.72
CA GLY BA 103 -29.44 8.11 -66.96
C GLY BA 103 -29.51 9.13 -67.98
N ILE BA 104 -29.96 8.79 -69.17
CA ILE BA 104 -30.00 9.65 -70.37
C ILE BA 104 -31.48 9.86 -70.78
N ASP BA 105 -31.88 11.14 -71.12
CA ASP BA 105 -33.19 11.57 -71.45
C ASP BA 105 -32.82 12.86 -72.11
N SER BA 106 -33.94 13.55 -72.60
CA SER BA 106 -33.93 14.78 -73.44
C SER BA 106 -33.33 15.97 -72.63
N GLU BA 107 -33.44 15.98 -71.29
CA GLU BA 107 -32.76 16.93 -70.39
C GLU BA 107 -31.27 16.87 -70.54
N GLY BA 108 -30.84 15.61 -70.61
CA GLY BA 108 -29.46 15.25 -70.81
C GLY BA 108 -29.09 14.19 -69.84
N LYS BA 109 -27.84 14.24 -69.34
CA LYS BA 109 -27.34 13.30 -68.38
C LYS BA 109 -26.93 14.11 -67.22
N SER BA 110 -27.12 13.58 -66.03
CA SER BA 110 -26.94 14.24 -64.70
C SER BA 110 -27.34 13.18 -63.83
N ILE BA 111 -26.73 13.07 -62.65
CA ILE BA 111 -26.99 12.16 -61.53
C ILE BA 111 -27.30 12.91 -60.25
N TYR BA 112 -28.30 12.50 -59.52
CA TYR BA 112 -28.90 13.21 -58.46
C TYR BA 112 -28.74 12.37 -57.22
N SER BA 113 -28.31 12.92 -56.11
CA SER BA 113 -28.09 12.16 -54.83
C SER BA 113 -29.28 12.56 -54.01
N ILE BA 114 -30.02 11.65 -53.42
CA ILE BA 114 -31.29 11.92 -52.65
C ILE BA 114 -31.13 11.26 -51.29
N ASP BA 115 -31.42 11.96 -50.23
CA ASP BA 115 -31.06 11.65 -48.87
C ASP BA 115 -32.40 11.24 -48.38
N PRO BA 116 -32.44 10.32 -47.38
CA PRO BA 116 -33.69 9.97 -46.69
C PRO BA 116 -34.08 11.02 -45.69
N ILE BA 117 -33.33 12.14 -45.62
CA ILE BA 117 -33.57 13.34 -44.79
C ILE BA 117 -34.33 14.35 -45.63
N GLY BA 118 -33.98 14.31 -46.97
CA GLY BA 118 -34.62 15.17 -48.00
C GLY BA 118 -33.77 15.02 -49.17
N GLY BA 119 -32.73 15.94 -49.33
CA GLY BA 119 -31.87 15.82 -50.56
C GLY BA 119 -32.63 16.36 -51.77
N ALA BA 120 -32.01 16.38 -52.95
CA ALA BA 120 -32.55 16.99 -54.13
C ALA BA 120 -31.51 16.96 -55.22
N ILE BA 121 -30.53 17.86 -55.09
CA ILE BA 121 -29.65 18.26 -56.16
C ILE BA 121 -28.59 17.21 -56.45
N GLU BA 122 -27.38 17.58 -56.85
CA GLU BA 122 -27.04 17.14 -58.17
C GLU BA 122 -25.60 17.04 -58.05
N GLU BA 123 -25.01 16.02 -58.80
CA GLU BA 123 -23.65 15.87 -58.97
C GLU BA 123 -23.42 15.85 -60.46
N LYS BA 124 -22.34 16.50 -60.87
CA LYS BA 124 -21.90 16.55 -62.29
C LYS BA 124 -21.40 15.18 -62.65
N ASP BA 125 -20.69 14.56 -61.71
CA ASP BA 125 -20.18 13.20 -61.85
C ASP BA 125 -19.65 12.72 -60.56
N ILE BA 126 -19.65 11.34 -60.43
CA ILE BA 126 -19.10 10.60 -59.32
C ILE BA 126 -19.78 10.72 -57.93
N VAL BA 127 -20.34 9.59 -57.46
CA VAL BA 127 -21.09 9.65 -56.24
C VAL BA 127 -21.06 8.25 -55.60
N ALA BA 128 -21.23 8.19 -54.27
CA ALA BA 128 -21.04 7.06 -53.34
C ALA BA 128 -21.13 7.62 -51.95
N THR BA 129 -22.41 7.61 -51.38
CA THR BA 129 -23.52 6.62 -51.28
C THR BA 129 -23.01 5.23 -51.25
N GLY BA 130 -22.52 4.84 -50.04
CA GLY BA 130 -22.04 3.50 -49.91
C GLY BA 130 -21.41 3.53 -48.55
N SER BA 131 -20.46 2.61 -48.39
CA SER BA 131 -19.68 2.52 -47.16
C SER BA 131 -18.29 1.92 -47.36
N GLY BA 132 -18.07 1.37 -48.54
CA GLY BA 132 -16.81 1.18 -49.18
C GLY BA 132 -16.50 2.35 -50.02
N SER BA 133 -17.28 3.45 -49.78
CA SER BA 133 -17.38 4.64 -50.55
C SER BA 133 -16.09 5.34 -50.67
N LEU BA 134 -15.33 5.44 -49.62
CA LEU BA 134 -14.08 6.14 -49.61
C LEU BA 134 -13.03 5.50 -50.51
N THR BA 135 -12.90 4.19 -50.50
CA THR BA 135 -11.95 3.50 -51.39
C THR BA 135 -12.48 3.41 -52.81
N ALA BA 136 -13.77 3.49 -52.94
CA ALA BA 136 -14.49 3.47 -54.22
C ALA BA 136 -14.09 4.79 -54.90
N TYR BA 137 -14.11 5.97 -54.18
CA TYR BA 137 -14.01 7.34 -54.69
C TYR BA 137 -12.65 7.56 -55.27
N GLY BA 138 -11.54 7.01 -54.64
CA GLY BA 138 -10.20 7.07 -55.20
C GLY BA 138 -10.03 6.67 -56.60
N VAL BA 139 -10.37 5.43 -56.97
CA VAL BA 139 -10.10 4.84 -58.26
C VAL BA 139 -10.94 5.45 -59.33
N LEU BA 140 -12.24 5.82 -58.95
CA LEU BA 140 -13.24 6.45 -59.77
C LEU BA 140 -12.76 7.79 -60.25
N GLU BA 141 -12.23 8.62 -59.44
CA GLU BA 141 -11.78 9.93 -59.79
C GLU BA 141 -10.43 9.91 -60.54
N ASP BA 142 -9.63 8.84 -60.40
CA ASP BA 142 -8.30 8.70 -60.96
C ASP BA 142 -8.38 8.42 -62.47
N ARG BA 143 -9.37 7.51 -62.83
CA ARG BA 143 -9.36 7.02 -64.20
C ARG BA 143 -10.45 7.69 -64.99
N PHE BA 144 -10.99 8.80 -64.44
CA PHE BA 144 -12.18 9.44 -64.98
C PHE BA 144 -11.62 10.46 -66.04
N THR BA 145 -12.25 10.34 -67.27
CA THR BA 145 -11.95 11.15 -68.40
C THR BA 145 -13.37 11.57 -68.91
N PRO BA 146 -13.57 12.68 -69.62
CA PRO BA 146 -15.00 13.13 -69.79
C PRO BA 146 -15.48 12.51 -71.03
N GLU BA 147 -14.63 11.83 -71.85
CA GLU BA 147 -14.95 11.14 -73.08
C GLU BA 147 -15.00 9.64 -72.81
N ILE BA 148 -15.18 9.27 -71.57
CA ILE BA 148 -15.04 7.92 -71.16
C ILE BA 148 -16.17 7.20 -71.81
N GLY BA 149 -15.86 6.19 -72.61
CA GLY BA 149 -16.84 5.42 -73.27
C GLY BA 149 -17.49 4.49 -72.28
N VAL BA 150 -18.47 3.73 -72.72
CA VAL BA 150 -19.20 2.78 -71.93
C VAL BA 150 -18.38 1.53 -71.65
N ASP BA 151 -17.40 1.20 -72.48
CA ASP BA 151 -16.53 0.05 -72.32
C ASP BA 151 -15.55 0.33 -71.27
N GLU BA 152 -15.05 1.61 -71.25
CA GLU BA 152 -14.04 2.02 -70.31
C GLU BA 152 -14.58 2.22 -68.98
N ALA BA 153 -15.78 2.79 -68.96
CA ALA BA 153 -16.54 3.06 -67.82
C ALA BA 153 -17.05 1.91 -67.00
N VAL BA 154 -17.50 0.74 -67.63
CA VAL BA 154 -18.01 -0.41 -66.93
C VAL BA 154 -16.88 -1.06 -66.15
N GLU BA 155 -15.62 -1.02 -66.68
CA GLU BA 155 -14.42 -1.52 -66.10
C GLU BA 155 -14.10 -0.74 -64.91
N LEU BA 156 -14.30 0.60 -64.96
CA LEU BA 156 -14.04 1.50 -63.81
C LEU BA 156 -14.98 1.26 -62.65
N ALA BA 157 -16.31 0.96 -62.98
CA ALA BA 157 -17.37 0.76 -62.13
C ALA BA 157 -17.12 -0.47 -61.32
N VAL BA 158 -16.64 -1.51 -62.06
CA VAL BA 158 -16.31 -2.76 -61.49
C VAL BA 158 -15.15 -2.66 -60.45
N ARG BA 159 -14.07 -1.82 -60.82
CA ARG BA 159 -12.97 -1.62 -59.91
C ARG BA 159 -13.32 -0.95 -58.65
N ALA BA 160 -14.25 -0.01 -58.64
CA ALA BA 160 -14.72 0.79 -57.49
C ALA BA 160 -15.44 -0.02 -56.48
N ILE BA 161 -16.25 -1.04 -56.94
CA ILE BA 161 -16.95 -1.93 -56.14
C ILE BA 161 -15.89 -2.92 -55.58
N TYR BA 162 -14.83 -3.19 -56.36
CA TYR BA 162 -13.79 -4.12 -56.01
C TYR BA 162 -12.98 -3.55 -54.81
N SER BA 163 -12.77 -2.19 -54.72
CA SER BA 163 -12.14 -1.38 -53.61
C SER BA 163 -12.97 -1.57 -52.30
N ALA BA 164 -14.33 -1.56 -52.47
CA ALA BA 164 -15.25 -1.90 -51.39
C ALA BA 164 -15.14 -3.29 -50.91
N MET BA 165 -14.93 -4.30 -51.87
CA MET BA 165 -14.93 -5.75 -51.54
C MET BA 165 -13.82 -6.08 -50.57
N LYS BA 166 -12.66 -5.41 -50.68
CA LYS BA 166 -11.47 -5.60 -49.92
C LYS BA 166 -11.63 -4.90 -48.60
N ARG BA 167 -12.38 -3.79 -48.53
CA ARG BA 167 -12.54 -3.17 -47.29
C ARG BA 167 -13.42 -3.97 -46.38
N ASP BA 168 -14.57 -4.41 -46.87
CA ASP BA 168 -15.47 -5.22 -46.18
C ASP BA 168 -16.08 -6.18 -47.18
N SER BA 169 -15.91 -7.48 -46.85
CA SER BA 169 -16.35 -8.59 -47.68
C SER BA 169 -17.87 -8.63 -47.75
N ALA BA 170 -18.48 -8.29 -48.91
CA ALA BA 170 -19.93 -8.27 -49.19
C ALA BA 170 -20.15 -7.94 -50.65
N SER BA 171 -19.13 -7.74 -51.45
CA SER BA 171 -19.25 -7.42 -52.83
C SER BA 171 -18.70 -8.66 -53.55
N GLY BA 172 -18.01 -9.57 -52.82
CA GLY BA 172 -17.46 -10.80 -53.34
C GLY BA 172 -18.55 -11.74 -53.74
N ASP BA 173 -18.27 -12.81 -54.64
CA ASP BA 173 -19.29 -13.74 -55.15
C ASP BA 173 -20.46 -13.07 -55.87
N GLY BA 174 -20.25 -11.90 -56.65
CA GLY BA 174 -21.29 -11.24 -57.42
C GLY BA 174 -21.19 -9.78 -57.38
N ILE BA 175 -20.99 -9.14 -58.59
CA ILE BA 175 -21.00 -7.70 -58.79
C ILE BA 175 -21.85 -7.68 -60.03
N ASP BA 176 -22.82 -6.77 -60.12
CA ASP BA 176 -23.74 -6.63 -61.32
C ASP BA 176 -23.42 -5.21 -61.88
N VAL BA 177 -23.52 -4.99 -63.22
CA VAL BA 177 -23.14 -3.73 -63.88
C VAL BA 177 -24.23 -3.59 -64.89
N VAL BA 178 -24.66 -2.35 -65.24
CA VAL BA 178 -25.71 -1.94 -66.18
C VAL BA 178 -25.11 -0.96 -67.05
N LYS BA 179 -25.37 -1.06 -68.35
CA LYS BA 179 -24.95 -0.09 -69.33
C LYS BA 179 -26.27 0.42 -69.89
N ILE BA 180 -26.32 1.79 -69.89
CA ILE BA 180 -27.43 2.53 -70.51
C ILE BA 180 -26.88 3.36 -71.61
N THR BA 181 -27.15 2.98 -72.91
CA THR BA 181 -26.49 3.74 -74.03
C THR BA 181 -27.49 4.57 -74.83
N GLU BA 182 -28.73 4.58 -74.42
CA GLU BA 182 -29.77 5.35 -74.99
C GLU BA 182 -30.06 4.85 -76.37
N ASP BA 183 -30.17 3.46 -76.23
CA ASP BA 183 -30.64 2.55 -77.23
C ASP BA 183 -30.77 1.09 -76.73
N GLU BA 184 -30.35 0.90 -75.49
CA GLU BA 184 -30.32 -0.35 -74.86
C GLU BA 184 -30.39 -0.15 -73.40
N PHE BA 185 -30.71 -1.23 -72.71
CA PHE BA 185 -30.70 -1.28 -71.28
C PHE BA 185 -30.26 -2.63 -70.94
N TYR BA 186 -28.98 -2.78 -70.76
CA TYR BA 186 -28.45 -4.11 -70.65
C TYR BA 186 -28.03 -4.33 -69.27
N GLN BA 187 -28.31 -5.57 -68.76
CA GLN BA 187 -27.96 -5.96 -67.38
C GLN BA 187 -26.99 -7.06 -67.56
N TYR BA 188 -25.76 -6.87 -67.13
CA TYR BA 188 -24.55 -7.74 -67.27
C TYR BA 188 -24.75 -9.00 -66.57
N SER BA 189 -25.37 -8.92 -65.41
CA SER BA 189 -25.62 -10.04 -64.55
C SER BA 189 -24.39 -10.24 -63.67
N PRO BA 190 -24.59 -10.77 -62.46
CA PRO BA 190 -23.53 -11.04 -61.53
C PRO BA 190 -22.33 -11.83 -62.05
N GLU BA 191 -22.57 -13.03 -62.59
CA GLU BA 191 -21.61 -14.08 -63.07
C GLU BA 191 -20.54 -13.57 -64.01
N GLU BA 192 -21.06 -12.84 -65.05
CA GLU BA 192 -20.27 -12.40 -66.21
C GLU BA 192 -19.24 -11.52 -65.65
N VAL BA 193 -19.57 -10.58 -64.71
CA VAL BA 193 -18.72 -9.57 -64.16
C VAL BA 193 -17.71 -10.12 -63.22
N GLU BA 194 -18.12 -11.09 -62.31
CA GLU BA 194 -17.31 -11.78 -61.28
C GLU BA 194 -16.14 -12.53 -61.78
N GLN BA 195 -16.27 -13.10 -63.06
CA GLN BA 195 -15.38 -14.11 -63.63
C GLN BA 195 -14.18 -13.36 -64.23
N ILE BA 196 -14.20 -12.02 -64.35
CA ILE BA 196 -13.00 -11.33 -64.74
C ILE BA 196 -12.01 -11.37 -63.61
N LEU BA 197 -12.47 -11.07 -62.36
CA LEU BA 197 -11.55 -10.97 -61.23
C LEU BA 197 -11.36 -12.26 -60.46
N ALA BA 198 -12.06 -13.35 -60.89
CA ALA BA 198 -11.85 -14.63 -60.27
C ALA BA 198 -10.78 -15.52 -60.96
N LYS BA 199 -10.35 -14.95 -62.07
CA LYS BA 199 -9.41 -15.61 -62.89
C LYS BA 199 -8.02 -15.22 -62.47
N PHE BA 200 -7.92 -14.38 -61.38
CA PHE BA 200 -6.61 -14.09 -60.81
C PHE BA 200 -6.12 -15.23 -59.91
N ARG BA 201 -7.10 -16.10 -59.55
CA ARG BA 201 -6.92 -17.31 -58.79
C ARG BA 201 -7.17 -18.31 -59.85
N LYS BA 202 -6.40 -19.37 -59.76
CA LYS BA 202 -6.32 -20.38 -60.78
C LYS BA 202 -6.97 -21.65 -60.33
N LEU CA 1 123.42 -7.41 150.33
CA LEU CA 1 122.10 -7.98 150.52
C LEU CA 1 121.09 -7.31 149.61
N LEU CA 2 120.28 -6.38 150.18
CA LEU CA 2 119.13 -5.87 149.45
C LEU CA 2 119.42 -4.96 148.37
N GLU CA 3 120.37 -4.03 148.63
CA GLU CA 3 121.05 -3.14 147.82
C GLU CA 3 121.81 -3.91 146.72
N LYS CA 4 122.54 -5.00 147.00
CA LYS CA 4 123.31 -5.76 145.96
C LYS CA 4 122.41 -6.31 144.87
N LEU CA 5 121.23 -6.99 145.26
CA LEU CA 5 120.31 -7.62 144.38
C LEU CA 5 119.59 -6.66 143.47
N LYS CA 6 119.31 -5.42 144.08
CA LYS CA 6 118.65 -4.29 143.54
C LYS CA 6 119.48 -3.77 142.38
N LYS CA 7 120.79 -3.71 142.46
CA LYS CA 7 121.52 -3.13 141.32
C LYS CA 7 121.38 -3.93 140.03
N LEU CA 8 121.46 -5.26 140.18
CA LEU CA 8 121.38 -6.26 139.15
C LEU CA 8 119.98 -6.25 138.62
N GLU CA 9 118.93 -6.08 139.49
CA GLU CA 9 117.53 -6.12 139.18
C GLU CA 9 117.14 -4.99 138.33
N GLU CA 10 117.75 -3.80 138.59
CA GLU CA 10 117.63 -2.60 137.71
C GLU CA 10 118.18 -2.82 136.32
N ASP CA 11 119.40 -3.38 136.12
CA ASP CA 11 120.05 -3.45 134.79
C ASP CA 11 119.22 -4.36 133.88
N TYR CA 12 118.75 -5.54 134.42
CA TYR CA 12 117.96 -6.48 133.67
C TYR CA 12 116.57 -5.93 133.32
N TYR CA 13 115.99 -5.13 134.29
CA TYR CA 13 114.66 -4.55 134.22
C TYR CA 13 114.69 -3.54 133.13
N LYS CA 14 115.83 -2.80 132.97
CA LYS CA 14 116.03 -1.81 131.89
C LYS CA 14 116.12 -2.46 130.50
N LEU CA 15 116.82 -3.62 130.40
CA LEU CA 15 117.20 -4.27 129.12
C LEU CA 15 115.93 -4.97 128.61
N ARG CA 16 115.03 -5.39 129.56
CA ARG CA 16 113.86 -6.04 129.32
C ARG CA 16 112.95 -5.21 128.44
N GLU CA 17 112.84 -3.94 128.93
CA GLU CA 17 111.97 -2.95 128.40
C GLU CA 17 112.33 -2.51 127.05
N LEU CA 18 113.70 -2.36 126.86
CA LEU CA 18 114.30 -1.81 125.63
C LEU CA 18 113.90 -2.78 124.51
N TYR CA 19 114.10 -4.11 124.70
CA TYR CA 19 113.72 -5.14 123.69
C TYR CA 19 112.25 -5.17 123.35
N ARG CA 20 111.38 -4.95 124.46
CA ARG CA 20 109.96 -4.90 124.31
C ARG CA 20 109.53 -3.66 123.44
N ARG CA 21 110.30 -2.55 123.50
CA ARG CA 21 109.97 -1.41 122.58
C ARG CA 21 110.20 -1.61 121.15
N LEU CA 22 111.31 -2.29 120.78
CA LEU CA 22 111.68 -2.59 119.42
C LEU CA 22 110.65 -3.61 118.93
N GLU CA 23 110.24 -4.57 119.78
CA GLU CA 23 109.25 -5.61 119.50
C GLU CA 23 107.94 -5.05 119.05
N ASP CA 24 107.47 -3.92 119.63
CA ASP CA 24 106.34 -3.26 119.16
C ASP CA 24 106.40 -2.65 117.86
N GLU CA 25 107.54 -1.98 117.48
CA GLU CA 25 107.82 -1.27 116.22
C GLU CA 25 107.77 -2.24 115.05
N LYS CA 26 108.29 -3.50 115.27
CA LYS CA 26 108.47 -4.61 114.30
C LYS CA 26 107.19 -5.36 114.16
N LYS CA 27 106.26 -5.17 115.14
CA LYS CA 27 105.03 -5.92 115.16
C LYS CA 27 104.09 -5.60 114.03
N PHE CA 28 104.11 -4.31 113.66
CA PHE CA 28 103.52 -3.88 112.40
C PHE CA 28 104.11 -4.45 111.19
N ILE CA 29 105.47 -4.61 111.07
CA ILE CA 29 106.07 -5.23 109.92
C ILE CA 29 105.67 -6.68 109.71
N GLU CA 30 105.61 -7.43 110.81
CA GLU CA 30 105.07 -8.77 110.76
C GLU CA 30 103.65 -8.81 110.32
N SER CA 31 102.78 -7.81 110.78
CA SER CA 31 101.37 -7.78 110.39
C SER CA 31 101.32 -7.59 108.88
N GLU CA 32 102.17 -6.70 108.33
CA GLU CA 32 102.25 -6.49 106.91
C GLU CA 32 102.65 -7.79 106.24
N ARG CA 33 103.61 -8.61 106.77
CA ARG CA 33 104.10 -9.88 106.21
C ARG CA 33 103.01 -10.92 105.85
N ILE CA 34 102.17 -11.18 106.88
CA ILE CA 34 101.05 -12.02 106.90
C ILE CA 34 100.06 -11.52 105.92
N ARG CA 35 99.81 -10.23 105.78
CA ARG CA 35 98.92 -9.60 104.87
C ARG CA 35 99.31 -9.80 103.49
N TYR CA 36 100.63 -9.60 103.17
CA TYR CA 36 101.18 -9.73 101.85
C TYR CA 36 101.21 -11.22 101.38
N GLU CA 37 101.31 -12.20 102.31
CA GLU CA 37 101.28 -13.63 102.10
C GLU CA 37 100.02 -14.02 101.43
N ARG CA 38 98.90 -13.45 101.90
CA ARG CA 38 97.68 -13.73 101.32
C ARG CA 38 97.54 -13.23 99.91
N GLU CA 39 97.98 -11.97 99.71
CA GLU CA 39 97.94 -11.18 98.48
C GLU CA 39 98.81 -11.89 97.44
N VAL CA 40 99.97 -12.47 97.86
CA VAL CA 40 100.80 -13.32 97.03
C VAL CA 40 100.05 -14.55 96.49
N ARG CA 41 99.41 -15.32 97.39
CA ARG CA 41 98.72 -16.58 97.06
C ARG CA 41 97.51 -16.47 96.13
N ARG CA 42 96.75 -15.40 96.39
CA ARG CA 42 95.50 -15.08 95.71
C ARG CA 42 95.66 -14.72 94.27
N LEU CA 43 96.58 -13.76 94.09
CA LEU CA 43 96.92 -13.22 92.80
C LEU CA 43 97.48 -14.27 91.87
N ARG CA 44 98.45 -15.08 92.33
CA ARG CA 44 99.16 -16.11 91.53
C ARG CA 44 98.13 -17.16 91.10
N SER CA 45 97.17 -17.58 91.97
CA SER CA 45 96.25 -18.64 91.73
C SER CA 45 95.26 -18.37 90.63
N GLU CA 46 94.72 -17.11 90.66
CA GLU CA 46 93.82 -16.63 89.69
C GLU CA 46 94.33 -16.29 88.39
N VAL CA 47 95.65 -15.77 88.38
CA VAL CA 47 96.32 -15.46 87.11
C VAL CA 47 96.75 -16.73 86.38
N GLU CA 48 97.04 -17.84 87.11
CA GLU CA 48 97.45 -19.10 86.57
C GLU CA 48 96.35 -19.79 85.76
N ARG CA 49 95.13 -19.79 86.27
CA ARG CA 49 93.97 -20.41 85.74
C ARG CA 49 93.45 -19.77 84.51
N LEU CA 50 93.59 -18.41 84.48
CA LEU CA 50 93.26 -17.61 83.37
C LEU CA 50 94.31 -17.60 82.25
N ARG CA 51 95.62 -17.72 82.59
CA ARG CA 51 96.67 -17.89 81.66
C ARG CA 51 96.61 -19.23 80.96
N SER CA 52 96.23 -20.33 81.73
CA SER CA 52 96.05 -21.69 81.23
C SER CA 52 95.28 -21.65 79.88
N PRO CA 53 95.65 -22.24 78.78
CA PRO CA 53 94.98 -22.34 77.46
C PRO CA 53 93.45 -22.29 77.55
N PRO CA 54 92.76 -21.61 76.77
CA PRO CA 54 91.30 -21.61 76.85
C PRO CA 54 90.88 -22.86 76.05
N LEU CA 55 89.72 -23.51 76.35
CA LEU CA 55 89.28 -24.82 75.91
C LEU CA 55 88.17 -24.51 74.97
N LEU CA 56 88.17 -25.05 73.71
CA LEU CA 56 87.20 -24.66 72.70
C LEU CA 56 86.03 -25.59 72.95
N VAL CA 57 84.86 -25.15 72.57
CA VAL CA 57 83.61 -25.86 72.64
C VAL CA 57 83.41 -26.57 71.31
N GLY CA 58 82.89 -27.80 71.31
CA GLY CA 58 82.58 -28.54 70.08
C GLY CA 58 81.24 -29.19 70.39
N VAL CA 59 80.61 -29.79 69.35
CA VAL CA 59 79.39 -30.56 69.46
C VAL CA 59 79.65 -31.74 68.65
N VAL CA 60 79.49 -32.97 69.21
CA VAL CA 60 79.62 -34.23 68.48
C VAL CA 60 78.54 -34.34 67.43
N SER CA 61 78.99 -34.20 66.12
CA SER CA 61 78.08 -34.35 64.98
C SER CA 61 77.92 -35.76 64.59
N ASP CA 62 79.00 -36.63 64.85
CA ASP CA 62 79.12 -38.03 64.48
C ASP CA 62 80.16 -38.69 65.28
N ILE CA 63 80.28 -40.00 65.14
CA ILE CA 63 81.18 -40.77 65.91
C ILE CA 63 81.52 -42.01 65.07
N LEU CA 64 82.73 -42.47 65.16
CA LEU CA 64 83.31 -43.51 64.36
C LEU CA 64 83.38 -44.70 65.31
N GLU CA 65 83.48 -45.91 64.68
CA GLU CA 65 83.54 -47.17 65.27
C GLU CA 65 84.93 -47.61 65.36
N ASP CA 66 85.83 -46.60 65.22
CA ASP CA 66 87.24 -46.68 65.22
C ASP CA 66 87.76 -46.08 66.45
N GLY CA 67 86.76 -45.63 67.26
CA GLY CA 67 86.89 -45.13 68.61
C GLY CA 67 87.23 -43.62 68.60
N ARG CA 68 87.34 -43.05 67.36
CA ARG CA 68 87.37 -41.54 67.23
C ARG CA 68 85.91 -40.99 67.07
N VAL CA 69 85.79 -39.74 67.39
CA VAL CA 69 84.60 -39.00 67.57
C VAL CA 69 84.81 -37.80 66.65
N VAL CA 70 83.77 -37.50 65.77
CA VAL CA 70 83.84 -36.43 64.75
C VAL CA 70 83.09 -35.27 65.32
N VAL CA 71 83.83 -34.20 65.68
CA VAL CA 71 83.37 -33.07 66.46
C VAL CA 71 83.36 -31.81 65.59
N LYS CA 72 82.17 -31.22 65.31
CA LYS CA 72 81.93 -29.95 64.59
C LYS CA 72 82.22 -28.84 65.50
N SER CA 73 83.27 -28.14 65.18
CA SER CA 73 83.88 -27.10 66.07
C SER CA 73 83.03 -25.79 66.03
N SER CA 74 83.14 -25.00 67.12
CA SER CA 74 82.31 -23.79 67.32
C SER CA 74 82.89 -22.66 66.40
N THR CA 75 84.20 -22.81 65.92
CA THR CA 75 84.78 -21.98 64.83
C THR CA 75 83.97 -22.12 63.58
N GLY CA 76 83.59 -23.34 63.26
CA GLY CA 76 82.79 -23.75 62.08
C GLY CA 76 83.15 -25.07 61.56
N PRO CA 77 84.38 -25.29 61.10
CA PRO CA 77 84.85 -26.57 60.52
C PRO CA 77 84.70 -27.74 61.47
N LYS CA 78 84.74 -28.95 60.85
CA LYS CA 78 84.61 -30.22 61.54
C LYS CA 78 85.99 -30.87 61.65
N PHE CA 79 86.31 -31.63 62.73
CA PHE CA 79 87.57 -32.29 62.96
C PHE CA 79 87.13 -33.70 63.44
N VAL CA 80 88.13 -34.65 63.36
CA VAL CA 80 88.11 -35.98 63.92
C VAL CA 80 89.14 -35.92 65.00
N VAL CA 81 88.60 -36.27 66.23
CA VAL CA 81 89.31 -36.10 67.51
C VAL CA 81 89.29 -37.35 68.21
N ASN CA 82 90.31 -37.52 69.14
CA ASN CA 82 90.44 -38.68 69.97
C ASN CA 82 89.75 -38.56 71.33
N THR CA 83 89.08 -39.69 71.74
CA THR CA 83 88.40 -39.79 73.03
C THR CA 83 89.45 -40.00 74.13
N SER CA 84 89.15 -39.69 75.41
CA SER CA 84 90.01 -39.86 76.54
C SER CA 84 89.78 -41.08 77.34
N GLN CA 85 89.73 -40.97 78.68
CA GLN CA 85 89.47 -41.99 79.64
C GLN CA 85 88.81 -41.33 80.83
N TYR CA 86 88.81 -39.98 80.85
CA TYR CA 86 88.02 -39.18 81.82
C TYR CA 86 86.59 -39.37 81.41
N ILE CA 87 86.53 -39.09 80.06
CA ILE CA 87 85.36 -39.25 79.25
C ILE CA 87 85.60 -40.34 78.15
N ASN CA 88 84.71 -41.33 78.12
CA ASN CA 88 84.72 -42.49 77.22
C ASN CA 88 83.66 -42.21 76.29
N GLU CA 89 83.84 -42.88 75.03
CA GLU CA 89 82.98 -42.50 73.90
C GLU CA 89 81.60 -43.21 73.97
N GLU CA 90 81.40 -44.00 75.11
CA GLU CA 90 80.16 -44.62 75.44
C GLU CA 90 79.56 -43.76 76.53
N GLU CA 91 80.18 -42.64 76.95
CA GLU CA 91 79.61 -41.64 77.89
C GLU CA 91 79.07 -40.59 76.99
N LEU CA 92 79.25 -40.65 75.63
CA LEU CA 92 78.98 -39.74 74.57
C LEU CA 92 78.08 -40.37 73.60
N LYS CA 93 77.39 -39.59 72.82
CA LYS CA 93 76.63 -39.99 71.67
C LYS CA 93 76.62 -38.68 70.82
N PRO CA 94 76.24 -38.70 69.54
CA PRO CA 94 75.95 -37.59 68.72
C PRO CA 94 75.03 -36.63 69.52
N GLY CA 95 75.44 -35.26 69.60
CA GLY CA 95 74.69 -34.15 70.16
C GLY CA 95 75.11 -33.79 71.51
N ALA CA 96 76.08 -34.52 72.10
CA ALA CA 96 76.64 -34.28 73.37
C ALA CA 96 77.68 -33.16 73.09
N ARG CA 97 77.50 -31.98 73.67
CA ARG CA 97 78.43 -30.94 73.62
C ARG CA 97 79.69 -31.15 74.54
N VAL CA 98 80.88 -30.85 74.02
CA VAL CA 98 82.07 -31.39 74.70
C VAL CA 98 83.09 -30.32 74.68
N ALA CA 99 84.12 -30.48 75.51
CA ALA CA 99 85.24 -29.53 75.56
C ALA CA 99 86.33 -30.09 74.80
N LEU CA 100 87.02 -29.30 73.89
CA LEU CA 100 88.19 -29.77 73.15
C LEU CA 100 89.28 -28.80 73.66
N ASN CA 101 90.56 -29.16 73.47
CA ASN CA 101 91.65 -28.31 73.77
C ASN CA 101 91.95 -27.63 72.47
N GLN CA 102 92.46 -26.33 72.59
CA GLN CA 102 92.84 -25.45 71.50
C GLN CA 102 94.01 -26.01 70.68
N GLN CA 103 95.12 -26.40 71.31
CA GLN CA 103 96.31 -26.69 70.57
C GLN CA 103 96.38 -28.22 70.22
N THR CA 104 95.41 -29.02 70.70
CA THR CA 104 95.53 -30.47 70.52
C THR CA 104 94.26 -31.09 70.05
N LEU CA 105 93.06 -30.55 70.58
CA LEU CA 105 91.75 -31.01 70.23
C LEU CA 105 91.51 -32.41 70.60
N ALA CA 106 91.26 -32.66 71.92
CA ALA CA 106 90.96 -33.89 72.51
C ALA CA 106 89.83 -33.58 73.49
N ILE CA 107 88.87 -34.50 73.64
CA ILE CA 107 87.76 -34.48 74.58
C ILE CA 107 88.31 -34.65 75.99
N VAL CA 108 87.91 -33.67 76.88
CA VAL CA 108 88.37 -33.70 78.22
C VAL CA 108 87.31 -33.67 79.22
N ASN CA 109 86.10 -33.23 78.74
CA ASN CA 109 84.96 -32.92 79.60
C ASN CA 109 83.81 -32.91 78.71
N VAL CA 110 82.58 -32.91 79.34
CA VAL CA 110 81.35 -32.72 78.63
C VAL CA 110 80.86 -31.42 79.11
N LEU CA 111 80.08 -30.70 78.30
CA LEU CA 111 79.59 -29.38 78.58
C LEU CA 111 78.09 -29.57 78.42
N PRO CA 112 77.25 -29.14 79.47
CA PRO CA 112 75.81 -29.23 79.35
C PRO CA 112 75.25 -27.92 78.83
N THR CA 113 74.69 -28.06 77.63
CA THR CA 113 74.11 -26.95 76.96
C THR CA 113 72.65 -26.93 77.28
N SER CA 114 72.12 -25.72 77.52
CA SER CA 114 70.72 -25.50 77.48
C SER CA 114 70.46 -24.18 76.90
N LYS CA 115 71.40 -23.28 76.87
CA LYS CA 115 71.08 -22.00 76.22
C LYS CA 115 72.21 -21.31 75.62
N ASP CA 116 71.85 -20.25 74.89
CA ASP CA 116 72.67 -19.33 74.23
C ASP CA 116 71.73 -18.08 74.29
N PRO CA 117 72.13 -16.91 74.07
CA PRO CA 117 71.40 -15.72 74.27
C PRO CA 117 70.11 -15.58 73.62
N MET CA 118 70.02 -16.19 72.38
CA MET CA 118 68.85 -16.21 71.62
C MET CA 118 67.75 -17.03 72.24
N VAL CA 119 68.07 -18.25 72.80
CA VAL CA 119 67.13 -19.13 73.45
C VAL CA 119 66.63 -18.53 74.74
N TYR CA 120 67.50 -17.77 75.45
CA TYR CA 120 67.16 -17.12 76.72
C TYR CA 120 65.99 -16.09 76.49
N GLY CA 121 66.00 -15.21 75.41
CA GLY CA 121 64.97 -14.23 75.07
C GLY CA 121 63.70 -14.91 74.57
N PHE CA 122 63.65 -16.25 74.42
CA PHE CA 122 62.45 -16.89 73.90
C PHE CA 122 61.50 -17.39 74.95
N GLU CA 123 61.88 -17.37 76.21
CA GLU CA 123 60.92 -17.73 77.26
C GLU CA 123 61.61 -17.50 78.54
N VAL CA 124 60.90 -17.23 79.69
CA VAL CA 124 59.46 -17.30 79.91
C VAL CA 124 59.07 -15.97 80.36
N GLU CA 125 57.80 -15.58 80.10
CA GLU CA 125 57.21 -14.24 80.44
C GLU CA 125 56.26 -14.35 81.61
N GLU CA 126 56.27 -15.49 82.24
CA GLU CA 126 55.59 -15.90 83.42
C GLU CA 126 54.07 -15.72 83.36
N LYS CA 127 53.55 -15.98 82.15
CA LYS CA 127 52.19 -15.98 81.71
C LYS CA 127 51.60 -14.57 81.35
N PRO CA 128 51.22 -14.23 80.05
CA PRO CA 128 50.66 -12.95 79.63
C PRO CA 128 49.39 -12.53 80.31
N GLU CA 129 48.78 -11.42 79.77
CA GLU CA 129 47.57 -10.79 80.32
C GLU CA 129 46.35 -11.24 79.55
N VAL CA 130 46.52 -12.05 78.44
CA VAL CA 130 45.45 -12.57 77.65
C VAL CA 130 45.11 -14.00 78.01
N SER CA 131 43.77 -14.26 78.18
CA SER CA 131 43.28 -15.53 78.52
C SER CA 131 42.18 -15.61 77.49
N TYR CA 132 41.30 -16.66 77.57
CA TYR CA 132 40.14 -16.84 76.72
C TYR CA 132 39.00 -15.99 77.22
N GLU CA 133 39.24 -15.46 78.43
CA GLU CA 133 38.42 -14.44 79.14
C GLU CA 133 38.53 -13.14 78.39
N ASP CA 134 39.82 -12.86 77.90
CA ASP CA 134 40.18 -11.58 77.37
C ASP CA 134 40.14 -11.59 75.81
N ILE CA 135 39.64 -12.71 75.28
CA ILE CA 135 39.50 -12.89 73.83
C ILE CA 135 37.99 -13.15 73.73
N GLY CA 136 37.38 -12.57 72.69
CA GLY CA 136 35.92 -12.70 72.51
C GLY CA 136 35.58 -13.93 71.81
N GLY CA 137 34.23 -14.20 71.45
CA GLY CA 137 33.98 -15.37 70.76
C GLY CA 137 34.53 -15.45 69.31
N LEU CA 138 34.74 -16.72 68.77
CA LEU CA 138 34.89 -16.96 67.39
C LEU CA 138 33.85 -17.91 66.73
N ASP CA 139 33.20 -18.93 67.35
CA ASP CA 139 33.05 -19.34 68.71
C ASP CA 139 33.46 -20.78 68.81
N VAL CA 140 33.57 -21.41 67.63
CA VAL CA 140 33.68 -22.82 67.51
C VAL CA 140 35.16 -23.08 67.46
N GLN CA 141 35.91 -22.14 66.90
CA GLN CA 141 37.33 -22.24 66.62
C GLN CA 141 38.04 -22.07 67.89
N ILE CA 142 37.42 -21.53 69.00
CA ILE CA 142 38.03 -21.61 70.28
C ILE CA 142 38.12 -23.05 70.69
N GLU CA 143 37.05 -23.91 70.56
CA GLU CA 143 37.03 -25.33 71.01
C GLU CA 143 38.11 -26.19 70.27
N GLU CA 144 38.32 -25.87 68.98
CA GLU CA 144 39.17 -26.61 68.12
C GLU CA 144 40.65 -26.50 68.43
N ILE CA 145 40.96 -25.25 68.74
CA ILE CA 145 42.38 -24.91 69.08
C ILE CA 145 42.66 -25.50 70.39
N ARG CA 146 41.62 -25.51 71.37
CA ARG CA 146 41.79 -26.21 72.59
C ARG CA 146 41.97 -27.69 72.46
N GLU CA 147 41.17 -28.38 71.61
CA GLU CA 147 41.27 -29.87 71.39
C GLU CA 147 42.58 -30.22 70.79
N ALA CA 148 43.16 -29.34 69.86
CA ALA CA 148 44.43 -29.54 69.11
C ALA CA 148 45.55 -29.38 70.10
N VAL CA 149 45.52 -28.53 71.08
CA VAL CA 149 46.78 -28.43 71.78
C VAL CA 149 46.63 -29.07 73.12
N GLU CA 150 45.82 -28.30 73.84
CA GLU CA 150 45.73 -28.37 75.31
C GLU CA 150 45.31 -29.75 75.84
N LEU CA 151 44.34 -30.31 75.11
CA LEU CA 151 43.82 -31.60 75.50
C LEU CA 151 44.74 -32.79 75.45
N PRO CA 152 45.54 -33.09 74.37
CA PRO CA 152 46.53 -34.21 74.29
C PRO CA 152 47.70 -33.95 75.20
N LEU CA 153 47.88 -32.65 75.53
CA LEU CA 153 49.04 -32.22 76.36
C LEU CA 153 49.02 -32.82 77.72
N LEU CA 154 47.76 -32.91 78.31
CA LEU CA 154 47.64 -33.32 79.64
C LEU CA 154 47.58 -34.89 79.75
N LYS CA 155 47.80 -35.62 78.64
CA LYS CA 155 47.22 -36.99 78.50
C LYS CA 155 47.34 -37.41 77.06
N PRO CA 156 48.56 -37.78 76.58
CA PRO CA 156 48.80 -38.36 75.28
C PRO CA 156 48.40 -39.88 75.41
N GLU CA 157 48.27 -40.33 76.68
CA GLU CA 157 47.88 -41.68 77.01
C GLU CA 157 46.45 -41.90 76.56
N LEU CA 158 45.53 -40.98 76.77
CA LEU CA 158 44.15 -41.05 76.36
C LEU CA 158 44.00 -40.93 74.83
N PHE CA 159 44.81 -40.07 74.06
CA PHE CA 159 44.83 -40.01 72.65
C PHE CA 159 45.31 -41.31 71.97
N ALA CA 160 46.37 -41.95 72.49
CA ALA CA 160 46.91 -43.18 72.01
C ALA CA 160 45.97 -44.27 72.28
N GLU CA 161 45.39 -44.29 73.44
CA GLU CA 161 44.51 -45.37 73.87
C GLU CA 161 43.36 -45.59 72.93
N VAL CA 162 42.75 -44.45 72.48
CA VAL CA 162 41.61 -44.41 71.59
C VAL CA 162 41.94 -44.96 70.27
N GLY CA 163 43.01 -44.48 69.66
CA GLY CA 163 43.52 -44.93 68.41
C GLY CA 163 43.92 -43.78 67.49
N ILE CA 164 43.66 -42.48 67.99
CA ILE CA 164 43.64 -41.28 67.10
C ILE CA 164 45.01 -40.62 67.29
N GLU CA 165 45.43 -39.95 66.13
CA GLU CA 165 46.68 -39.28 66.01
C GLU CA 165 46.39 -37.87 66.56
N PRO CA 166 47.25 -37.33 67.40
CA PRO CA 166 47.07 -35.94 67.87
C PRO CA 166 47.66 -35.08 66.69
N PRO CA 167 47.56 -33.75 66.65
CA PRO CA 167 48.29 -32.93 65.69
C PRO CA 167 49.76 -33.12 65.64
N LYS CA 168 50.39 -32.98 64.46
CA LYS CA 168 51.78 -33.07 64.36
C LYS CA 168 52.35 -31.70 64.34
N GLY CA 169 51.52 -30.76 63.99
CA GLY CA 169 51.83 -29.35 64.14
C GLY CA 169 50.52 -28.71 63.99
N VAL CA 170 50.40 -27.38 64.37
CA VAL CA 170 49.05 -26.64 64.35
C VAL CA 170 49.37 -25.47 63.57
N LEU CA 171 48.61 -25.13 62.55
CA LEU CA 171 48.70 -23.80 61.89
C LEU CA 171 47.47 -23.11 62.29
N LEU CA 172 47.62 -21.78 62.47
CA LEU CA 172 46.45 -20.94 62.48
C LEU CA 172 46.59 -20.23 61.22
N TYR CA 173 45.50 -20.16 60.41
CA TYR CA 173 45.62 -19.45 59.10
C TYR CA 173 44.36 -18.67 59.05
N GLY CA 174 44.52 -17.46 58.57
CA GLY CA 174 43.47 -16.49 58.44
C GLY CA 174 44.05 -15.12 58.36
N PRO CA 175 43.12 -14.16 58.14
CA PRO CA 175 43.43 -12.74 58.03
C PRO CA 175 44.30 -12.17 59.15
N PRO CA 176 44.88 -10.96 59.03
CA PRO CA 176 45.68 -10.43 60.19
C PRO CA 176 44.70 -9.76 61.06
N GLY CA 177 44.95 -9.86 62.38
CA GLY CA 177 44.30 -8.98 63.32
C GLY CA 177 43.02 -9.55 63.75
N THR CA 178 42.83 -10.85 63.49
CA THR CA 178 41.64 -11.64 63.89
C THR CA 178 41.94 -12.16 65.31
N GLY CA 179 43.23 -12.13 65.67
CA GLY CA 179 43.77 -12.30 67.01
C GLY CA 179 44.23 -13.71 67.18
N LYS CA 180 45.51 -14.03 66.79
CA LYS CA 180 46.07 -15.38 66.52
C LYS CA 180 47.29 -15.60 67.38
N THR CA 181 48.16 -14.58 67.42
CA THR CA 181 49.29 -14.61 68.28
C THR CA 181 48.79 -14.30 69.71
N LEU CA 182 47.56 -13.71 69.70
CA LEU CA 182 46.67 -13.39 70.70
C LEU CA 182 46.13 -14.71 71.24
N LEU CA 183 45.75 -15.76 70.47
CA LEU CA 183 45.32 -17.12 70.89
C LEU CA 183 46.45 -17.90 71.50
N ALA CA 184 47.67 -17.62 70.98
CA ALA CA 184 48.87 -18.21 71.50
C ALA CA 184 49.26 -17.78 72.94
N LYS CA 185 48.97 -16.49 73.39
CA LYS CA 185 49.19 -16.10 74.76
C LYS CA 185 48.25 -16.73 75.73
N ALA CA 186 47.01 -16.93 75.31
CA ALA CA 186 46.00 -17.63 76.03
C ALA CA 186 46.25 -19.07 76.36
N VAL CA 187 46.72 -19.81 75.39
CA VAL CA 187 47.20 -21.11 75.53
C VAL CA 187 48.27 -21.13 76.59
N ALA CA 188 49.15 -20.17 76.61
CA ALA CA 188 50.26 -20.02 77.51
C ALA CA 188 49.90 -19.91 78.91
N ASN CA 189 48.77 -19.20 79.21
CA ASN CA 189 48.31 -19.07 80.61
C ASN CA 189 47.71 -20.29 81.17
N GLN CA 190 47.17 -21.21 80.43
CA GLN CA 190 46.40 -22.24 81.08
C GLN CA 190 47.01 -23.58 80.89
N THR CA 191 47.83 -23.74 79.83
CA THR CA 191 48.67 -24.92 79.64
C THR CA 191 49.75 -25.07 80.75
N ARG CA 192 50.34 -23.97 81.17
CA ARG CA 192 51.32 -23.84 82.21
C ARG CA 192 52.50 -24.80 81.92
N ALA CA 193 53.16 -24.42 80.79
CA ALA CA 193 53.95 -25.37 80.02
C ALA CA 193 55.16 -24.76 79.28
N THR CA 194 55.53 -23.47 79.71
CA THR CA 194 56.70 -22.76 79.12
C THR CA 194 56.42 -22.39 77.68
N PHE CA 195 56.22 -21.07 77.43
CA PHE CA 195 55.84 -20.60 76.09
C PHE CA 195 57.03 -19.98 75.44
N ILE CA 196 57.50 -20.76 74.44
CA ILE CA 196 58.60 -20.34 73.60
C ILE CA 196 58.10 -19.41 72.50
N ARG CA 197 58.54 -18.09 72.45
CA ARG CA 197 58.16 -17.13 71.42
C ARG CA 197 59.48 -16.92 70.63
N VAL CA 198 59.37 -17.30 69.36
CA VAL CA 198 60.49 -17.20 68.42
C VAL CA 198 59.93 -16.93 67.08
N VAL CA 199 60.82 -16.21 66.37
CA VAL CA 199 60.50 -15.56 65.14
C VAL CA 199 61.23 -16.45 64.18
N GLY CA 200 60.61 -16.72 63.00
CA GLY CA 200 61.09 -17.71 62.08
C GLY CA 200 62.22 -17.13 61.14
N SER CA 201 62.42 -15.83 61.37
CA SER CA 201 63.34 -15.00 60.70
C SER CA 201 64.74 -15.18 61.34
N GLU CA 202 64.79 -15.70 62.64
CA GLU CA 202 65.95 -15.71 63.45
C GLU CA 202 66.67 -17.09 63.30
N PHE CA 203 66.11 -18.02 62.51
CA PHE CA 203 66.74 -19.29 62.37
C PHE CA 203 67.58 -19.25 61.10
N VAL CA 204 67.37 -18.20 60.31
CA VAL CA 204 68.08 -17.94 59.07
C VAL CA 204 68.92 -16.75 59.28
N GLN CA 205 70.31 -16.93 59.24
CA GLN CA 205 71.13 -15.87 59.86
C GLN CA 205 72.30 -15.81 58.92
N LYS CA 206 73.30 -14.98 59.19
CA LYS CA 206 74.24 -14.48 58.25
C LYS CA 206 75.28 -15.55 57.83
N TYR CA 207 75.64 -16.44 58.74
CA TYR CA 207 76.54 -17.51 58.44
C TYR CA 207 75.87 -18.67 59.10
N ILE CA 208 76.49 -19.87 59.01
CA ILE CA 208 75.77 -21.10 58.68
C ILE CA 208 75.99 -21.94 59.91
N GLY CA 209 74.90 -22.28 60.60
CA GLY CA 209 74.87 -23.02 61.85
C GLY CA 209 75.19 -22.11 63.06
N GLU CA 210 74.82 -20.83 62.85
CA GLU CA 210 74.43 -19.88 63.86
C GLU CA 210 73.12 -20.19 64.58
N GLY CA 211 72.08 -20.80 64.02
CA GLY CA 211 71.61 -20.71 62.66
C GLY CA 211 70.76 -21.93 62.34
N ALA CA 212 71.39 -23.02 61.74
CA ALA CA 212 70.86 -24.32 61.41
C ALA CA 212 70.88 -25.07 62.72
N ARG CA 213 71.98 -24.91 63.47
CA ARG CA 213 72.24 -25.39 64.85
C ARG CA 213 71.09 -24.93 65.76
N LEU CA 214 70.70 -23.67 65.67
CA LEU CA 214 69.60 -23.13 66.32
C LEU CA 214 68.25 -23.85 66.14
N VAL CA 215 67.85 -24.26 64.93
CA VAL CA 215 66.61 -25.06 64.72
C VAL CA 215 66.58 -26.34 65.50
N ARG CA 216 67.75 -27.10 65.53
CA ARG CA 216 67.83 -28.32 66.33
C ARG CA 216 67.89 -27.91 67.83
N GLU CA 217 68.48 -26.79 68.25
CA GLU CA 217 68.58 -26.29 69.62
C GLU CA 217 67.27 -26.00 70.22
N VAL CA 218 66.29 -25.40 69.51
CA VAL CA 218 64.97 -25.10 70.03
C VAL CA 218 64.22 -26.40 70.37
N PHE CA 219 64.42 -27.45 69.57
CA PHE CA 219 63.74 -28.68 69.85
C PHE CA 219 64.41 -29.52 70.94
N GLN CA 220 65.69 -29.33 71.22
CA GLN CA 220 66.32 -30.03 72.29
C GLN CA 220 65.84 -29.53 73.58
N LEU CA 221 65.66 -28.17 73.65
CA LEU CA 221 65.14 -27.43 74.76
C LEU CA 221 63.78 -27.93 75.04
N ALA CA 222 63.05 -28.16 73.96
CA ALA CA 222 61.59 -28.47 74.02
C ALA CA 222 61.34 -29.73 74.77
N LYS CA 223 62.11 -30.82 74.42
CA LYS CA 223 62.12 -32.12 74.95
C LYS CA 223 62.45 -32.19 76.48
N GLU CA 224 63.37 -31.37 77.04
CA GLU CA 224 63.66 -31.41 78.45
C GLU CA 224 62.69 -30.59 79.21
N LYS CA 225 62.15 -29.53 78.60
CA LYS CA 225 61.17 -28.60 79.20
C LYS CA 225 59.78 -29.14 79.18
N ALA CA 226 59.59 -30.36 78.66
CA ALA CA 226 58.28 -30.99 78.22
C ALA CA 226 57.43 -31.20 79.45
N PRO CA 227 56.10 -30.90 79.43
CA PRO CA 227 55.36 -30.52 78.27
C PRO CA 227 55.45 -29.12 77.87
N SER CA 228 55.33 -28.88 76.56
CA SER CA 228 55.67 -27.69 75.73
C SER CA 228 55.06 -27.91 74.40
N ILE CA 229 55.00 -26.88 73.50
CA ILE CA 229 54.53 -25.53 73.53
C ILE CA 229 55.70 -24.72 72.96
N ILE CA 230 55.82 -24.82 71.59
CA ILE CA 230 56.79 -24.01 70.80
C ILE CA 230 55.86 -23.40 69.79
N PHE CA 231 55.84 -22.02 69.69
CA PHE CA 231 55.05 -21.27 68.73
C PHE CA 231 55.99 -20.54 67.81
N ILE CA 232 55.89 -20.80 66.54
CA ILE CA 232 56.75 -20.17 65.55
C ILE CA 232 55.75 -19.97 64.40
N ASP CA 233 55.54 -18.79 63.79
CA ASP CA 233 54.82 -17.67 64.33
C ASP CA 233 54.20 -17.02 63.14
N GLU CA 234 54.80 -17.22 61.94
CA GLU CA 234 54.39 -16.65 60.70
C GLU CA 234 55.41 -17.23 59.82
N LEU CA 235 55.22 -18.45 59.36
CA LEU CA 235 56.30 -19.09 58.72
C LEU CA 235 56.41 -18.61 57.24
N ASP CA 236 57.49 -17.83 56.94
CA ASP CA 236 57.66 -17.06 55.77
C ASP CA 236 59.08 -16.91 55.51
N ALA CA 237 59.87 -17.85 56.08
CA ALA CA 237 61.31 -17.75 56.09
C ALA CA 237 61.87 -19.04 56.72
N ILE CA 238 61.01 -20.04 56.82
CA ILE CA 238 61.25 -21.34 57.27
C ILE CA 238 60.24 -22.19 56.57
N ALA CA 239 59.52 -21.66 55.57
CA ALA CA 239 58.56 -22.41 54.85
C ALA CA 239 58.50 -21.83 53.48
N ALA CA 240 59.22 -20.70 53.24
CA ALA CA 240 59.65 -20.15 51.93
C ALA CA 240 59.94 -21.23 50.89
N ARG CA 241 59.67 -20.92 49.61
CA ARG CA 241 60.05 -21.72 48.48
C ARG CA 241 61.49 -21.48 48.21
N ARG CA 242 62.08 -22.44 47.43
CA ARG CA 242 63.53 -22.39 47.11
C ARG CA 242 63.77 -21.48 45.88
N THR CA 243 64.77 -20.58 45.94
CA THR CA 243 65.12 -19.69 44.86
C THR CA 243 65.57 -20.42 43.67
N ASN CA 244 66.39 -21.45 43.92
CA ASN CA 244 67.36 -22.08 42.97
C ASN CA 244 68.13 -21.13 42.09
N SER CA 245 69.07 -20.35 42.71
CA SER CA 245 69.59 -20.32 44.09
C SER CA 245 70.02 -18.85 44.34
N ASP CA 246 70.29 -18.44 45.57
CA ASP CA 246 70.63 -17.09 45.83
C ASP CA 246 71.90 -17.20 46.62
N THR CA 247 72.15 -18.47 47.21
CA THR CA 247 73.42 -19.11 47.25
C THR CA 247 74.07 -18.85 48.56
N SER CA 248 73.92 -17.59 49.02
CA SER CA 248 74.29 -17.21 50.35
C SER CA 248 73.02 -17.32 51.15
N GLY CA 249 71.98 -16.74 50.55
CA GLY CA 249 70.67 -16.75 51.11
C GLY CA 249 69.90 -18.08 51.16
N ASP CA 250 69.82 -18.75 50.00
CA ASP CA 250 69.05 -19.93 49.67
C ASP CA 250 69.37 -21.17 50.36
N ARG CA 251 70.65 -21.57 50.58
CA ARG CA 251 71.03 -22.75 51.34
C ARG CA 251 70.58 -22.69 52.77
N GLU CA 252 70.62 -21.50 53.35
CA GLU CA 252 70.18 -21.31 54.73
C GLU CA 252 68.73 -21.56 54.86
N VAL CA 253 67.87 -21.04 53.91
CA VAL CA 253 66.44 -21.08 54.00
C VAL CA 253 66.06 -22.49 53.68
N GLN CA 254 66.83 -23.19 52.79
CA GLN CA 254 66.44 -24.52 52.44
C GLN CA 254 66.65 -25.55 53.47
N ARG CA 255 67.77 -25.57 54.18
CA ARG CA 255 68.19 -26.40 55.25
C ARG CA 255 67.32 -26.23 56.44
N THR CA 256 67.13 -25.04 56.82
CA THR CA 256 66.35 -24.72 58.02
C THR CA 256 64.85 -25.09 57.87
N MET CA 257 64.38 -25.12 56.62
CA MET CA 257 63.05 -25.52 56.34
C MET CA 257 62.87 -27.01 56.60
N MET CA 258 63.72 -27.85 56.06
CA MET CA 258 63.81 -29.25 56.20
C MET CA 258 64.02 -29.73 57.67
N GLN CA 259 64.87 -29.07 58.51
CA GLN CA 259 65.15 -29.35 59.88
C GLN CA 259 63.94 -29.18 60.74
N LEU CA 260 63.02 -28.18 60.48
CA LEU CA 260 61.77 -28.08 61.13
C LEU CA 260 60.89 -29.25 60.90
N LEU CA 261 60.70 -29.65 59.63
CA LEU CA 261 59.66 -30.57 59.35
C LEU CA 261 59.96 -32.04 59.79
N ALA CA 262 61.18 -32.43 59.55
CA ALA CA 262 61.74 -33.74 59.84
C ALA CA 262 61.74 -33.98 61.35
N GLU CA 263 62.13 -32.98 62.20
CA GLU CA 263 62.10 -33.14 63.63
C GLU CA 263 60.70 -33.36 64.18
N LEU CA 264 59.63 -32.54 63.80
CA LEU CA 264 58.28 -32.74 64.32
C LEU CA 264 57.64 -34.01 64.05
N ASP CA 265 57.94 -34.46 62.79
CA ASP CA 265 57.57 -35.82 62.37
C ASP CA 265 58.08 -36.90 63.26
N GLY CA 266 59.32 -36.73 63.75
CA GLY CA 266 59.95 -37.69 64.49
C GLY CA 266 59.90 -37.54 66.01
N PHE CA 267 59.46 -36.40 66.67
CA PHE CA 267 59.40 -36.40 68.14
C PHE CA 267 58.02 -36.47 68.58
N ASP CA 268 57.11 -36.63 67.58
CA ASP CA 268 55.74 -36.75 67.82
C ASP CA 268 55.12 -37.89 67.03
N PRO CA 269 55.09 -39.17 67.42
CA PRO CA 269 53.88 -39.88 67.28
C PRO CA 269 52.69 -39.49 68.17
N ARG CA 270 52.99 -39.11 69.38
CA ARG CA 270 52.03 -38.77 70.40
C ARG CA 270 52.63 -37.64 71.14
N GLY CA 271 51.73 -36.78 71.72
CA GLY CA 271 52.06 -35.52 72.47
C GLY CA 271 53.16 -35.80 73.50
N ASP CA 272 54.11 -34.77 73.57
CA ASP CA 272 55.42 -34.98 74.22
C ASP CA 272 55.97 -33.63 74.09
N VAL CA 273 56.27 -33.21 72.83
CA VAL CA 273 56.37 -31.83 72.45
C VAL CA 273 55.25 -31.62 71.33
N LYS CA 274 54.34 -30.70 71.66
CA LYS CA 274 53.40 -30.16 70.69
C LYS CA 274 54.03 -28.95 69.99
N VAL CA 275 53.83 -28.89 68.67
CA VAL CA 275 54.31 -27.86 67.88
C VAL CA 275 52.97 -27.12 67.59
N ILE CA 276 53.00 -25.79 67.71
CA ILE CA 276 51.92 -24.95 67.46
C ILE CA 276 52.52 -23.84 66.65
N GLY CA 277 51.72 -23.06 65.89
CA GLY CA 277 52.31 -21.98 65.13
C GLY CA 277 51.15 -21.18 64.51
N ALA CA 278 51.47 -20.33 63.48
CA ALA CA 278 50.49 -19.53 62.82
C ALA CA 278 51.09 -19.00 61.55
N THR CA 279 50.28 -18.47 60.58
CA THR CA 279 50.77 -17.83 59.36
C THR CA 279 49.73 -16.90 58.97
N ASN CA 280 50.13 -15.83 58.26
CA ASN CA 280 49.30 -14.75 57.69
C ASN CA 280 48.83 -15.21 56.27
N ARG CA 281 49.87 -15.68 55.56
CA ARG CA 281 49.78 -16.09 54.18
C ARG CA 281 50.47 -17.32 54.00
N ILE CA 282 50.02 -18.12 52.99
CA ILE CA 282 50.62 -19.44 52.79
C ILE CA 282 50.40 -19.73 51.33
N ASP CA 283 49.62 -18.90 50.59
CA ASP CA 283 49.35 -18.93 49.22
C ASP CA 283 50.37 -18.08 48.43
N ILE CA 284 51.39 -17.71 49.14
CA ILE CA 284 52.47 -16.97 48.58
C ILE CA 284 53.69 -17.87 48.40
N LEU CA 285 53.57 -19.09 49.01
CA LEU CA 285 54.74 -19.96 49.15
C LEU CA 285 54.27 -21.34 48.84
N ASP CA 286 55.21 -22.29 48.64
CA ASP CA 286 54.90 -23.64 48.25
C ASP CA 286 54.67 -24.44 49.48
N PRO CA 287 53.97 -25.63 49.42
CA PRO CA 287 53.76 -26.62 50.48
C PRO CA 287 54.94 -27.17 51.12
N ALA CA 288 54.98 -27.22 52.44
CA ALA CA 288 56.19 -27.61 53.22
C ALA CA 288 55.51 -27.80 54.49
N ILE CA 289 54.71 -26.77 54.94
CA ILE CA 289 53.75 -26.80 56.06
C ILE CA 289 52.35 -26.87 55.58
N LEU CA 290 52.12 -26.91 54.23
CA LEU CA 290 50.81 -27.02 53.70
C LEU CA 290 50.85 -28.41 53.17
N ARG CA 291 51.96 -29.18 53.22
CA ARG CA 291 52.01 -30.57 52.84
C ARG CA 291 51.32 -31.33 53.91
N PRO CA 292 50.40 -32.29 53.56
CA PRO CA 292 49.68 -33.10 54.52
C PRO CA 292 50.54 -34.31 55.15
N GLY CA 293 51.80 -34.60 54.61
CA GLY CA 293 52.71 -35.58 55.18
C GLY CA 293 53.59 -35.05 56.27
N ARG CA 294 53.42 -33.78 56.64
CA ARG CA 294 54.18 -33.10 57.67
C ARG CA 294 53.07 -32.63 58.63
N PHE CA 295 52.51 -31.40 58.45
CA PHE CA 295 51.44 -30.92 59.36
C PHE CA 295 50.18 -31.63 58.86
N ASP CA 296 49.08 -31.55 59.63
CA ASP CA 296 47.85 -32.15 59.12
C ASP CA 296 46.61 -31.48 59.70
N ARG CA 297 46.88 -30.53 60.58
CA ARG CA 297 45.90 -29.73 61.29
C ARG CA 297 46.15 -28.26 61.01
N ILE CA 298 45.27 -27.67 60.17
CA ILE CA 298 45.27 -26.32 59.87
C ILE CA 298 43.97 -25.77 60.32
N ILE CA 299 43.93 -24.84 61.26
CA ILE CA 299 42.74 -24.36 61.85
C ILE CA 299 42.56 -23.09 61.18
N GLU CA 300 41.42 -23.00 60.50
CA GLU CA 300 40.89 -21.83 59.96
C GLU CA 300 40.34 -20.91 61.03
N VAL CA 301 40.89 -19.73 61.00
CA VAL CA 301 40.56 -18.75 62.07
C VAL CA 301 40.11 -17.49 61.32
N PRO CA 302 38.87 -17.14 61.30
CA PRO CA 302 38.45 -16.11 60.29
C PRO CA 302 37.90 -14.98 61.05
N LEU CA 303 37.92 -13.77 60.46
CA LEU CA 303 37.29 -12.64 61.01
C LEU CA 303 35.84 -12.79 61.24
N PRO CA 304 35.31 -12.29 62.46
CA PRO CA 304 34.59 -13.08 63.34
C PRO CA 304 33.15 -13.08 62.92
N THR CA 305 32.32 -14.03 63.41
CA THR CA 305 30.93 -14.25 63.20
C THR CA 305 30.27 -13.16 63.98
N PHE CA 306 28.94 -13.06 63.76
CA PHE CA 306 28.09 -12.04 64.32
C PHE CA 306 28.11 -11.99 65.80
N GLU CA 307 28.05 -13.22 66.35
CA GLU CA 307 28.05 -13.50 67.76
C GLU CA 307 29.38 -13.22 68.46
N GLY CA 308 30.45 -13.40 67.61
CA GLY CA 308 31.76 -13.14 67.98
C GLY CA 308 32.20 -11.72 68.15
N ARG CA 309 31.67 -10.90 67.25
CA ARG CA 309 31.83 -9.49 67.17
C ARG CA 309 31.28 -8.82 68.52
N ILE CA 310 30.07 -9.19 69.00
CA ILE CA 310 29.43 -8.65 70.12
C ILE CA 310 30.23 -8.83 71.34
N GLN CA 311 30.84 -10.05 71.54
CA GLN CA 311 31.58 -10.36 72.69
C GLN CA 311 32.87 -9.57 72.78
N ILE CA 312 33.52 -9.33 71.57
CA ILE CA 312 34.68 -8.56 71.56
C ILE CA 312 34.44 -7.13 71.93
N PHE CA 313 33.26 -6.52 71.43
CA PHE CA 313 32.87 -5.21 71.83
C PHE CA 313 32.61 -5.13 73.34
N LYS CA 314 31.89 -6.10 73.94
CA LYS CA 314 31.61 -6.31 75.32
C LYS CA 314 32.90 -6.30 76.13
N ILE CA 315 33.95 -7.08 75.79
CA ILE CA 315 35.18 -7.22 76.59
C ILE CA 315 36.02 -5.96 76.61
N HIS CA 316 36.06 -5.23 75.44
CA HIS CA 316 36.74 -3.96 75.31
C HIS CA 316 36.15 -2.83 76.12
N THR CA 317 34.79 -2.69 76.07
CA THR CA 317 33.86 -1.86 76.80
C THR CA 317 33.71 -2.15 78.28
N ARG CA 318 34.17 -3.40 78.72
CA ARG CA 318 34.14 -3.85 80.09
C ARG CA 318 34.98 -2.94 80.88
N LYS CA 319 36.20 -2.66 80.38
CA LYS CA 319 37.18 -1.80 80.98
C LYS CA 319 36.84 -0.31 80.83
N MET CA 320 36.22 0.12 79.65
CA MET CA 320 35.63 1.48 79.34
C MET CA 320 34.59 1.87 80.28
N LYS CA 321 34.47 3.17 80.54
CA LYS CA 321 33.48 3.82 81.39
C LYS CA 321 32.45 4.24 80.28
N LEU CA 322 31.11 4.12 80.61
CA LEU CA 322 30.02 4.22 79.70
C LEU CA 322 28.84 4.84 80.39
N ALA CA 323 27.84 5.41 79.71
CA ALA CA 323 26.53 5.70 80.30
C ALA CA 323 25.61 5.09 79.35
N GLU CA 324 24.76 4.18 79.84
CA GLU CA 324 24.07 3.11 79.17
C GLU CA 324 22.95 3.66 78.29
N ASP CA 325 23.01 3.34 76.97
CA ASP CA 325 22.00 3.49 75.93
C ASP CA 325 22.64 2.74 74.77
N VAL CA 326 23.84 2.24 74.98
CA VAL CA 326 24.66 1.52 74.05
C VAL CA 326 24.02 0.16 73.77
N ASP CA 327 24.08 -0.26 72.53
CA ASP CA 327 23.89 -1.59 72.03
C ASP CA 327 24.98 -1.99 71.10
N PHE CA 328 25.80 -3.00 71.46
CA PHE CA 328 26.98 -3.61 70.82
C PHE CA 328 26.62 -4.36 69.52
N LYS CA 329 25.37 -4.93 69.48
CA LYS CA 329 24.83 -5.79 68.43
C LYS CA 329 24.57 -5.11 67.09
N GLU CA 330 24.07 -3.86 67.13
CA GLU CA 330 23.82 -2.95 66.06
C GLU CA 330 25.10 -2.52 65.49
N LEU CA 331 26.09 -2.14 66.38
CA LEU CA 331 27.42 -1.77 65.90
C LEU CA 331 28.08 -2.89 65.10
N ALA CA 332 27.85 -4.08 65.55
CA ALA CA 332 28.38 -5.34 65.12
C ALA CA 332 28.00 -5.66 63.74
N ARG CA 333 26.72 -5.31 63.38
CA ARG CA 333 26.16 -5.35 62.06
C ARG CA 333 26.77 -4.45 61.06
N ILE CA 334 27.10 -3.19 61.49
CA ILE CA 334 27.67 -2.14 60.67
C ILE CA 334 29.04 -2.53 60.31
N THR CA 335 29.78 -3.06 61.30
CA THR CA 335 31.20 -3.39 61.15
C THR CA 335 31.37 -4.80 60.79
N GLU CA 336 30.30 -5.47 60.27
CA GLU CA 336 30.40 -6.73 59.50
C GLU CA 336 31.38 -6.68 58.38
N GLY CA 337 32.27 -7.67 58.39
CA GLY CA 337 33.23 -7.93 57.40
C GLY CA 337 34.58 -7.30 57.85
N ALA CA 338 34.65 -6.77 59.10
CA ALA CA 338 35.84 -6.17 59.67
C ALA CA 338 36.55 -7.15 60.55
N SER CA 339 37.81 -6.95 60.92
CA SER CA 339 38.62 -7.87 61.76
C SER CA 339 38.54 -7.48 63.19
N GLY CA 340 39.09 -8.32 64.08
CA GLY CA 340 39.03 -8.10 65.52
C GLY CA 340 39.83 -6.82 65.90
N ALA CA 341 40.89 -6.52 65.17
CA ALA CA 341 41.68 -5.35 65.44
C ALA CA 341 40.97 -4.07 65.04
N ASP CA 342 40.00 -4.10 63.98
CA ASP CA 342 39.19 -2.97 63.54
C ASP CA 342 38.21 -2.64 64.65
N ILE CA 343 37.61 -3.66 65.26
CA ILE CA 343 36.72 -3.49 66.38
C ILE CA 343 37.41 -2.77 67.57
N LYS CA 344 38.71 -3.17 67.91
CA LYS CA 344 39.61 -2.53 68.92
C LYS CA 344 39.88 -1.05 68.57
N ALA CA 345 40.17 -0.75 67.32
CA ALA CA 345 40.50 0.54 66.75
C ALA CA 345 39.37 1.48 66.86
N ILE CA 346 38.13 1.06 66.69
CA ILE CA 346 36.93 1.80 66.93
C ILE CA 346 36.65 2.10 68.35
N CYS CA 347 36.82 1.07 69.30
CA CYS CA 347 36.75 1.26 70.72
C CYS CA 347 37.72 2.32 71.21
N THR CA 348 38.97 2.30 70.72
CA THR CA 348 40.03 3.28 71.16
C THR CA 348 39.66 4.68 70.61
N GLU CA 349 39.05 4.87 69.43
CA GLU CA 349 38.69 6.12 68.86
C GLU CA 349 37.44 6.63 69.52
N ALA CA 350 36.46 5.78 70.03
CA ALA CA 350 35.25 6.24 70.58
C ALA CA 350 35.53 6.91 71.89
N GLY CA 351 36.44 6.35 72.61
CA GLY CA 351 36.93 6.93 73.82
C GLY CA 351 37.73 8.11 73.69
N MET CA 352 38.55 8.23 72.59
CA MET CA 352 39.20 9.53 72.30
C MET CA 352 38.29 10.58 71.95
N PHE CA 353 37.19 10.21 71.27
CA PHE CA 353 36.09 11.03 70.82
C PHE CA 353 35.39 11.62 72.02
N ALA CA 354 35.22 10.76 73.06
CA ALA CA 354 34.63 11.20 74.27
C ALA CA 354 35.46 12.33 74.91
N ILE CA 355 36.85 12.34 74.87
CA ILE CA 355 37.70 13.29 75.43
C ILE CA 355 37.40 14.58 74.69
N ARG CA 356 37.19 14.57 73.35
CA ARG CA 356 36.91 15.75 72.60
C ARG CA 356 35.57 16.41 72.98
N GLU CA 357 34.56 15.56 73.31
CA GLU CA 357 33.32 16.01 73.82
C GLU CA 357 33.43 16.52 75.30
N GLU CA 358 34.52 16.21 76.06
CA GLU CA 358 34.72 16.72 77.41
C GLU CA 358 34.02 15.78 78.36
N ARG CA 359 34.05 14.47 77.96
CA ARG CA 359 33.33 13.47 78.59
C ARG CA 359 34.24 12.27 78.70
N ALA CA 360 33.94 11.30 79.59
CA ALA CA 360 34.73 10.11 79.84
C ALA CA 360 33.86 8.95 79.94
N LYS CA 361 32.61 9.12 79.60
CA LYS CA 361 31.58 8.07 79.59
C LYS CA 361 31.41 8.03 78.09
N VAL CA 362 31.25 6.75 77.53
CA VAL CA 362 31.01 6.56 76.11
C VAL CA 362 29.52 6.22 76.01
N THR CA 363 28.92 6.51 74.80
CA THR CA 363 27.45 6.46 74.56
C THR CA 363 27.38 5.89 73.16
N MET CA 364 26.15 5.53 72.70
CA MET CA 364 25.92 4.94 71.37
C MET CA 364 26.24 5.85 70.23
N LEU CA 365 25.97 7.13 70.36
CA LEU CA 365 26.33 8.24 69.48
C LEU CA 365 27.85 8.31 69.21
N ASP CA 366 28.61 8.12 70.28
CA ASP CA 366 30.07 8.21 70.30
C ASP CA 366 30.56 7.12 69.51
N PHE CA 367 29.94 5.94 69.56
CA PHE CA 367 30.43 4.76 68.79
C PHE CA 367 30.20 4.80 67.35
N THR CA 368 29.01 5.25 66.99
CA THR CA 368 28.54 5.30 65.63
C THR CA 368 29.33 6.24 64.76
N LYS CA 369 29.73 7.37 65.34
CA LYS CA 369 30.70 8.28 64.77
C LYS CA 369 32.05 7.58 64.63
N ALA CA 370 32.39 6.75 65.63
CA ALA CA 370 33.70 6.19 65.66
C ALA CA 370 33.92 5.17 64.57
N ILE CA 371 32.85 4.40 64.26
CA ILE CA 371 32.79 3.43 63.19
C ILE CA 371 32.88 4.13 61.91
N GLU CA 372 32.23 5.26 61.65
CA GLU CA 372 32.15 6.05 60.36
C GLU CA 372 33.48 6.47 59.87
N LYS CA 373 34.32 6.99 60.84
CA LYS CA 373 35.66 7.41 60.54
C LYS CA 373 36.39 6.22 60.04
N VAL CA 374 36.48 5.21 60.88
CA VAL CA 374 37.28 4.03 60.58
C VAL CA 374 36.90 3.28 59.33
N LEU CA 375 35.57 2.91 59.26
CA LEU CA 375 34.96 1.94 58.32
C LEU CA 375 35.09 2.47 56.93
N LYS CA 376 34.87 3.85 56.80
CA LYS CA 376 35.10 4.56 55.59
C LYS CA 376 36.57 4.47 55.13
N LYS CA 377 37.61 4.49 56.00
CA LYS CA 377 38.97 4.29 55.52
C LYS CA 377 39.29 2.91 55.25
N THR CA 378 38.28 2.00 54.96
CA THR CA 378 38.28 0.53 55.18
C THR CA 378 37.23 0.15 54.14
N THR CA 379 36.97 -1.21 53.89
CA THR CA 379 36.08 -1.78 52.89
C THR CA 379 34.64 -1.38 53.17
N PRO CA 380 33.82 -1.09 52.13
CA PRO CA 380 33.22 0.23 52.18
C PRO CA 380 31.93 0.34 52.82
N ILE CA 381 31.25 1.53 52.57
CA ILE CA 381 29.95 1.71 53.13
C ILE CA 381 29.08 1.93 51.91
N PRO CA 382 27.83 1.32 51.80
CA PRO CA 382 26.94 1.53 50.61
C PRO CA 382 26.34 2.94 50.63
N ASP CA 383 25.82 3.40 49.44
CA ASP CA 383 25.21 4.70 49.33
C ASP CA 383 24.27 4.83 48.22
N LEU CA 384 23.96 3.81 47.40
CA LEU CA 384 22.99 3.75 46.30
C LEU CA 384 22.63 2.37 45.91
N LYS CA 385 21.32 2.12 45.64
CA LYS CA 385 20.77 0.81 45.33
C LYS CA 385 20.13 0.87 44.00
N GLY CA 386 20.56 1.78 43.11
CA GLY CA 386 19.99 2.04 41.79
C GLY CA 386 18.61 2.79 41.92
N VAL CA 387 18.12 3.11 40.67
CA VAL CA 387 16.85 3.78 40.46
C VAL CA 387 15.94 2.77 39.84
N MET CA 388 16.42 1.47 39.85
CA MET CA 388 15.63 0.40 39.31
C MET CA 388 15.33 -0.67 40.38
N PHE CA 389 15.87 -0.40 41.63
CA PHE CA 389 15.71 -1.28 42.80
C PHE CA 389 15.61 -0.31 43.92
N VAL CA 390 15.12 -0.90 45.07
CA VAL CA 390 14.82 -0.15 46.28
C VAL CA 390 16.09 0.13 47.08
N LEU DA 1 111.71 -7.74 151.12
CA LEU DA 1 112.86 -8.46 151.71
C LEU DA 1 113.87 -8.85 150.69
N LEU DA 2 114.78 -9.79 151.17
CA LEU DA 2 115.76 -10.54 150.41
C LEU DA 2 115.18 -11.54 149.38
N GLU DA 3 114.13 -12.28 149.76
CA GLU DA 3 113.39 -13.23 148.96
C GLU DA 3 112.65 -12.61 147.88
N LYS DA 4 111.92 -11.48 148.14
CA LYS DA 4 111.16 -10.81 147.18
C LYS DA 4 112.00 -10.27 146.01
N LEU DA 5 113.15 -9.67 146.29
CA LEU DA 5 114.03 -9.11 145.28
C LEU DA 5 114.61 -10.19 144.36
N LYS DA 6 114.95 -11.42 144.93
CA LYS DA 6 115.35 -12.59 144.14
C LYS DA 6 114.21 -13.07 143.19
N LYS DA 7 112.94 -12.98 143.57
CA LYS DA 7 111.81 -13.41 142.67
C LYS DA 7 111.75 -12.56 141.47
N LEU DA 8 111.77 -11.20 141.63
CA LEU DA 8 111.73 -10.27 140.47
C LEU DA 8 112.94 -10.25 139.58
N GLU DA 9 114.15 -10.49 140.10
CA GLU DA 9 115.41 -10.42 139.28
C GLU DA 9 115.40 -11.53 138.24
N GLU DA 10 115.05 -12.73 138.73
CA GLU DA 10 114.93 -13.91 137.87
C GLU DA 10 113.81 -13.73 136.87
N ASP DA 11 112.62 -13.11 137.28
CA ASP DA 11 111.49 -12.94 136.41
C ASP DA 11 111.90 -12.10 135.26
N TYR DA 12 112.70 -10.98 135.46
CA TYR DA 12 113.02 -10.04 134.39
C TYR DA 12 114.03 -10.68 133.46
N TYR DA 13 114.90 -11.47 134.03
CA TYR DA 13 115.95 -12.14 133.35
C TYR DA 13 115.37 -13.10 132.36
N LYS DA 14 114.36 -13.91 132.70
CA LYS DA 14 113.74 -14.87 131.85
C LYS DA 14 112.95 -14.18 130.68
N LEU DA 15 112.16 -13.19 131.01
CA LEU DA 15 111.36 -12.32 130.10
C LEU DA 15 112.23 -11.56 129.10
N ARG DA 16 113.44 -11.10 129.54
CA ARG DA 16 114.50 -10.47 128.83
C ARG DA 16 115.02 -11.32 127.75
N GLU DA 17 115.34 -12.62 128.11
CA GLU DA 17 115.78 -13.61 127.16
C GLU DA 17 114.75 -13.92 126.16
N LEU DA 18 113.45 -14.05 126.56
CA LEU DA 18 112.36 -14.47 125.72
C LEU DA 18 112.26 -13.45 124.61
N TYR DA 19 112.24 -12.12 124.94
CA TYR DA 19 112.00 -11.02 123.98
C TYR DA 19 113.17 -10.93 123.06
N ARG DA 20 114.40 -11.21 123.50
CA ARG DA 20 115.65 -11.14 122.83
C ARG DA 20 115.67 -12.05 121.66
N ARG DA 21 115.19 -13.31 121.82
CA ARG DA 21 115.07 -14.23 120.72
C ARG DA 21 114.07 -13.73 119.76
N LEU DA 22 112.93 -13.20 120.31
CA LEU DA 22 111.83 -12.77 119.50
C LEU DA 22 112.23 -11.50 118.66
N GLU DA 23 113.11 -10.61 119.19
CA GLU DA 23 113.58 -9.38 118.46
C GLU DA 23 114.38 -9.74 117.18
N ASP DA 24 115.31 -10.73 117.22
CA ASP DA 24 115.95 -11.29 116.08
C ASP DA 24 115.00 -11.97 115.15
N GLU DA 25 113.92 -12.65 115.66
CA GLU DA 25 113.03 -13.47 114.89
C GLU DA 25 112.30 -12.66 113.90
N LYS DA 26 111.87 -11.46 114.35
CA LYS DA 26 111.09 -10.38 113.74
C LYS DA 26 111.92 -9.50 112.90
N LYS DA 27 113.29 -9.47 113.08
CA LYS DA 27 114.21 -8.84 112.15
C LYS DA 27 114.28 -9.60 110.90
N PHE DA 28 114.27 -10.92 111.08
CA PHE DA 28 114.29 -11.93 110.05
C PHE DA 28 113.01 -11.97 109.34
N ILE DA 29 111.84 -11.71 110.04
CA ILE DA 29 110.54 -11.60 109.48
C ILE DA 29 110.40 -10.49 108.50
N GLU DA 30 111.13 -9.39 108.69
CA GLU DA 30 111.21 -8.25 107.87
C GLU DA 30 111.79 -8.59 106.53
N SER DA 31 112.76 -9.51 106.49
CA SER DA 31 113.49 -9.84 105.31
C SER DA 31 112.50 -10.60 104.45
N GLU DA 32 111.68 -11.49 105.14
CA GLU DA 32 110.64 -12.21 104.52
C GLU DA 32 109.55 -11.34 103.93
N ARG DA 33 109.27 -10.22 104.57
CA ARG DA 33 108.21 -9.25 104.10
C ARG DA 33 108.65 -8.57 102.81
N ILE DA 34 110.01 -8.22 102.64
CA ILE DA 34 110.48 -7.59 101.40
C ILE DA 34 110.28 -8.57 100.21
N ARG DA 35 110.58 -9.89 100.46
CA ARG DA 35 110.42 -10.96 99.48
C ARG DA 35 108.98 -11.04 99.00
N TYR DA 36 107.98 -10.99 99.94
CA TYR DA 36 106.54 -11.13 99.58
C TYR DA 36 105.95 -9.91 99.01
N GLU DA 37 106.47 -8.66 99.40
CA GLU DA 37 106.02 -7.37 98.91
C GLU DA 37 106.24 -7.31 97.39
N ARG DA 38 107.43 -7.75 97.00
CA ARG DA 38 107.84 -7.76 95.62
C ARG DA 38 106.94 -8.62 94.73
N GLU DA 39 106.56 -9.81 95.31
CA GLU DA 39 105.72 -10.78 94.67
C GLU DA 39 104.39 -10.28 94.39
N VAL DA 40 103.83 -9.46 95.30
CA VAL DA 40 102.50 -8.78 95.19
C VAL DA 40 102.56 -7.81 94.00
N ARG DA 41 103.58 -6.94 93.81
CA ARG DA 41 103.74 -6.02 92.69
C ARG DA 41 103.97 -6.69 91.36
N ARG DA 42 104.72 -7.82 91.41
CA ARG DA 42 104.82 -8.63 90.23
C ARG DA 42 103.51 -9.29 89.81
N LEU DA 43 102.82 -9.98 90.78
CA LEU DA 43 101.66 -10.70 90.41
C LEU DA 43 100.51 -9.77 89.95
N ARG DA 44 100.48 -8.53 90.51
CA ARG DA 44 99.57 -7.49 90.14
C ARG DA 44 99.86 -7.02 88.71
N SER DA 45 101.15 -6.85 88.28
CA SER DA 45 101.56 -6.48 86.97
C SER DA 45 101.14 -7.35 85.92
N GLU DA 46 101.01 -8.67 86.21
CA GLU DA 46 100.48 -9.71 85.30
C GLU DA 46 99.01 -9.46 85.12
N VAL DA 47 98.33 -9.09 86.17
CA VAL DA 47 96.93 -8.70 86.10
C VAL DA 47 96.80 -7.51 85.21
N GLU DA 48 97.75 -6.54 85.35
CA GLU DA 48 97.69 -5.30 84.59
C GLU DA 48 98.09 -5.55 83.20
N ARG DA 49 98.73 -6.69 82.83
CA ARG DA 49 98.98 -7.01 81.46
C ARG DA 49 97.71 -7.47 80.82
N LEU DA 50 96.89 -8.13 81.64
CA LEU DA 50 95.51 -8.53 81.16
C LEU DA 50 94.66 -7.25 80.87
N ARG DA 51 94.73 -6.20 81.69
CA ARG DA 51 93.93 -4.98 81.68
C ARG DA 51 94.46 -4.21 80.55
N SER DA 52 95.64 -4.52 79.96
CA SER DA 52 96.17 -3.82 78.89
C SER DA 52 95.58 -4.54 77.72
N PRO DA 53 95.45 -3.89 76.56
CA PRO DA 53 95.42 -4.51 75.25
C PRO DA 53 96.70 -5.27 74.86
N PRO DA 54 96.71 -6.28 73.98
CA PRO DA 54 95.55 -6.87 73.27
C PRO DA 54 94.40 -7.36 74.11
N LEU DA 55 93.21 -6.83 73.88
CA LEU DA 55 92.03 -7.27 74.60
C LEU DA 55 91.04 -7.56 73.54
N LEU DA 56 90.04 -8.35 73.78
CA LEU DA 56 89.08 -8.86 72.80
C LEU DA 56 87.75 -8.88 73.54
N VAL DA 57 86.72 -8.38 73.02
CA VAL DA 57 85.30 -8.44 73.51
C VAL DA 57 84.84 -9.76 73.05
N GLY DA 58 84.21 -10.43 73.97
CA GLY DA 58 83.58 -11.66 73.79
C GLY DA 58 82.24 -11.29 74.52
N VAL DA 59 81.19 -12.03 74.15
CA VAL DA 59 79.92 -11.91 74.76
C VAL DA 59 79.49 -13.23 75.20
N VAL DA 60 79.19 -13.35 76.54
CA VAL DA 60 78.86 -14.57 77.34
C VAL DA 60 77.78 -15.28 76.64
N SER DA 61 77.92 -16.61 76.46
CA SER DA 61 77.02 -17.52 75.77
C SER DA 61 76.06 -18.09 76.84
N ASP DA 62 76.62 -18.69 77.88
CA ASP DA 62 75.89 -19.17 79.10
C ASP DA 62 76.85 -19.33 80.20
N ILE DA 63 76.46 -19.62 81.51
CA ILE DA 63 77.40 -19.63 82.58
C ILE DA 63 77.23 -21.02 83.28
N LEU DA 64 78.36 -21.72 83.48
CA LEU DA 64 78.36 -23.03 84.04
C LEU DA 64 78.73 -22.98 85.56
N GLU DA 65 78.23 -23.98 86.34
CA GLU DA 65 78.35 -23.92 87.79
C GLU DA 65 79.45 -24.76 88.26
N ASP DA 66 80.19 -25.36 87.32
CA ASP DA 66 81.34 -26.18 87.61
C ASP DA 66 82.49 -25.24 87.85
N GLY DA 67 82.37 -23.90 87.54
CA GLY DA 67 83.35 -22.93 87.82
C GLY DA 67 83.92 -22.44 86.48
N ARG DA 68 83.21 -22.62 85.39
CA ARG DA 68 83.56 -22.16 84.06
C ARG DA 68 82.49 -21.30 83.42
N VAL DA 69 82.78 -20.55 82.34
CA VAL DA 69 81.90 -19.64 81.65
C VAL DA 69 82.09 -19.99 80.15
N VAL DA 70 80.92 -20.25 79.36
CA VAL DA 70 80.99 -20.33 77.92
C VAL DA 70 80.83 -18.98 77.34
N VAL DA 71 81.83 -18.45 76.61
CA VAL DA 71 81.83 -17.18 76.04
C VAL DA 71 81.78 -17.44 74.57
N LYS DA 72 80.86 -16.82 73.86
CA LYS DA 72 80.85 -16.72 72.40
C LYS DA 72 81.68 -15.55 71.99
N SER DA 73 82.86 -15.76 71.38
CA SER DA 73 83.64 -14.70 70.91
C SER DA 73 83.08 -14.10 69.60
N SER DA 74 83.37 -12.77 69.44
CA SER DA 74 83.00 -12.01 68.28
C SER DA 74 83.88 -12.38 67.13
N THR DA 75 85.00 -13.12 67.44
CA THR DA 75 85.87 -13.69 66.37
C THR DA 75 85.21 -14.77 65.56
N GLY DA 76 84.37 -15.56 66.32
CA GLY DA 76 83.69 -16.69 65.73
C GLY DA 76 83.43 -17.64 66.86
N PRO DA 77 84.41 -18.61 67.13
CA PRO DA 77 84.33 -19.75 68.13
C PRO DA 77 83.87 -19.48 69.56
N LYS DA 78 83.12 -20.39 70.17
CA LYS DA 78 82.80 -20.27 71.62
C LYS DA 78 83.84 -21.10 72.27
N PHE DA 79 84.17 -20.71 73.53
CA PHE DA 79 85.17 -21.37 74.35
C PHE DA 79 84.80 -21.29 75.78
N VAL DA 80 85.35 -22.24 76.59
CA VAL DA 80 85.16 -22.40 78.02
C VAL DA 80 86.42 -22.00 78.71
N VAL DA 81 86.23 -21.06 79.66
CA VAL DA 81 87.32 -20.42 80.32
C VAL DA 81 86.77 -20.46 81.76
N ASN DA 82 87.68 -20.49 82.74
CA ASN DA 82 87.41 -20.52 84.17
C ASN DA 82 87.14 -19.14 84.77
N THR DA 83 86.52 -19.18 85.93
CA THR DA 83 86.07 -17.95 86.60
C THR DA 83 87.26 -17.36 87.37
N SER DA 84 87.06 -16.12 87.81
CA SER DA 84 88.06 -15.44 88.54
C SER DA 84 87.37 -14.64 89.59
N GLN DA 85 88.19 -14.12 90.52
CA GLN DA 85 87.72 -13.18 91.54
C GLN DA 85 87.93 -11.73 91.07
N TYR DA 86 87.96 -11.51 89.74
CA TYR DA 86 88.10 -10.22 89.08
C TYR DA 86 86.75 -9.99 88.36
N ILE DA 87 85.79 -10.88 88.64
CA ILE DA 87 84.42 -10.76 88.12
C ILE DA 87 83.44 -11.25 89.17
N ASN DA 88 82.14 -11.07 88.84
CA ASN DA 88 81.08 -11.68 89.59
C ASN DA 88 80.29 -12.41 88.56
N GLU DA 89 79.67 -13.58 88.82
CA GLU DA 89 78.96 -14.29 87.72
C GLU DA 89 77.53 -13.87 87.80
N GLU DA 90 77.20 -13.02 88.83
CA GLU DA 90 75.89 -12.52 89.07
C GLU DA 90 75.74 -11.47 88.01
N GLU DA 91 76.71 -10.60 87.87
CA GLU DA 91 76.78 -9.59 86.86
C GLU DA 91 76.80 -10.08 85.43
N LEU DA 92 77.41 -11.28 85.22
CA LEU DA 92 77.38 -12.03 84.01
C LEU DA 92 76.00 -12.58 83.87
N LYS DA 93 75.62 -12.60 82.63
CA LYS DA 93 74.31 -13.03 82.13
C LYS DA 93 74.46 -13.44 80.68
N PRO DA 94 73.71 -14.21 79.96
CA PRO DA 94 73.70 -14.44 78.51
C PRO DA 94 73.62 -13.03 77.85
N GLY DA 95 74.61 -12.64 77.05
CA GLY DA 95 74.54 -11.30 76.45
C GLY DA 95 75.30 -10.30 77.23
N ALA DA 96 76.01 -10.74 78.28
CA ALA DA 96 76.94 -9.90 78.96
C ALA DA 96 78.18 -9.75 78.21
N ARG DA 97 78.54 -8.50 77.80
CA ARG DA 97 79.83 -8.13 77.28
C ARG DA 97 80.88 -8.32 78.33
N VAL DA 98 82.09 -8.75 77.91
CA VAL DA 98 83.22 -9.00 78.83
C VAL DA 98 84.61 -8.78 78.15
N ALA DA 99 85.54 -8.00 78.84
CA ALA DA 99 86.87 -7.76 78.39
C ALA DA 99 87.66 -9.00 78.63
N LEU DA 100 88.36 -9.44 77.57
CA LEU DA 100 89.18 -10.62 77.57
C LEU DA 100 90.51 -10.24 77.25
N ASN DA 101 91.57 -10.77 77.87
CA ASN DA 101 92.90 -10.75 77.34
C ASN DA 101 92.99 -11.67 76.25
N GLN DA 102 93.34 -11.15 75.00
CA GLN DA 102 93.22 -11.83 73.77
C GLN DA 102 94.14 -13.07 73.63
N GLN DA 103 95.33 -13.11 74.35
CA GLN DA 103 96.30 -14.14 74.11
C GLN DA 103 96.13 -15.32 74.98
N THR DA 104 95.16 -15.30 75.99
CA THR DA 104 94.98 -16.39 76.86
C THR DA 104 93.50 -16.62 76.91
N LEU DA 105 92.72 -15.63 76.33
CA LEU DA 105 91.27 -15.55 76.48
C LEU DA 105 90.86 -15.77 77.88
N ALA DA 106 91.36 -14.86 78.72
CA ALA DA 106 91.18 -14.89 80.09
C ALA DA 106 89.96 -14.02 80.36
N ILE DA 107 89.00 -14.34 81.28
CA ILE DA 107 88.04 -13.45 81.82
C ILE DA 107 88.76 -12.52 82.70
N VAL DA 108 88.77 -11.19 82.20
CA VAL DA 108 89.49 -10.10 82.89
C VAL DA 108 88.54 -9.31 83.72
N ASN DA 109 87.61 -8.67 82.98
CA ASN DA 109 86.68 -7.70 83.61
C ASN DA 109 85.38 -7.64 82.82
N VAL DA 110 84.15 -7.92 83.46
CA VAL DA 110 82.89 -7.78 82.82
C VAL DA 110 82.64 -6.31 82.50
N LEU DA 111 82.26 -6.16 81.23
CA LEU DA 111 82.05 -4.81 80.66
C LEU DA 111 80.51 -4.48 80.73
N PRO DA 112 80.11 -3.27 80.89
CA PRO DA 112 78.74 -2.83 80.70
C PRO DA 112 78.29 -2.74 79.24
N THR DA 113 77.01 -2.85 79.04
CA THR DA 113 76.36 -2.90 77.73
C THR DA 113 76.75 -1.60 76.98
N SER DA 114 77.05 -1.67 75.71
CA SER DA 114 77.48 -0.67 74.84
C SER DA 114 76.52 -0.55 73.69
N LYS DA 115 75.97 0.67 73.42
CA LYS DA 115 75.03 0.84 72.37
C LYS DA 115 75.81 0.74 71.04
N ASP DA 116 75.29 -0.14 70.23
CA ASP DA 116 75.79 -0.43 68.89
C ASP DA 116 75.80 0.80 67.91
N PRO DA 117 76.83 1.03 67.02
CA PRO DA 117 76.89 2.18 66.05
C PRO DA 117 75.59 2.32 65.26
N MET DA 118 74.94 1.17 64.90
CA MET DA 118 73.78 1.17 64.04
C MET DA 118 72.66 1.97 64.51
N VAL DA 119 72.33 1.82 65.82
CA VAL DA 119 71.24 2.62 66.45
C VAL DA 119 71.75 3.84 67.17
N TYR DA 120 73.10 3.89 67.46
CA TYR DA 120 73.86 4.99 68.00
C TYR DA 120 73.67 6.24 67.09
N GLY DA 121 73.70 6.07 65.74
CA GLY DA 121 73.57 7.16 64.75
C GLY DA 121 72.14 7.63 64.53
N PHE DA 122 71.12 6.94 65.25
CA PHE DA 122 69.77 7.40 65.04
C PHE DA 122 69.24 8.23 66.19
N GLU DA 123 69.95 8.30 67.33
CA GLU DA 123 69.66 9.20 68.47
C GLU DA 123 70.75 10.20 68.56
N VAL DA 124 70.47 11.54 68.58
CA VAL DA 124 69.18 12.12 68.40
C VAL DA 124 69.37 13.40 67.73
N GLU DA 125 68.50 13.75 66.75
CA GLU DA 125 68.31 15.06 66.15
C GLU DA 125 67.51 15.78 67.14
N GLU DA 126 68.18 16.68 67.85
CA GLU DA 126 67.69 17.42 69.01
C GLU DA 126 67.29 18.80 68.61
N LYS DA 127 66.03 19.17 68.84
CA LYS DA 127 65.48 20.48 68.60
C LYS DA 127 65.78 20.83 67.11
N PRO DA 128 65.04 20.24 66.14
CA PRO DA 128 65.18 20.60 64.71
C PRO DA 128 64.73 22.10 64.55
N GLU DA 129 64.63 22.53 63.35
CA GLU DA 129 64.16 23.85 62.96
C GLU DA 129 62.69 23.86 62.66
N VAL DA 130 61.93 22.74 62.73
CA VAL DA 130 60.53 22.71 62.23
C VAL DA 130 59.55 22.39 63.38
N SER DA 131 58.48 23.15 63.45
CA SER DA 131 57.55 22.90 64.55
C SER DA 131 56.24 23.21 63.84
N TYR DA 132 55.30 23.71 64.61
CA TYR DA 132 53.94 24.07 64.19
C TYR DA 132 53.86 25.53 63.91
N GLU DA 133 55.06 26.22 63.99
CA GLU DA 133 55.36 27.55 63.60
C GLU DA 133 55.92 27.58 62.25
N ASP DA 134 56.14 26.38 61.61
CA ASP DA 134 56.88 26.41 60.33
C ASP DA 134 56.11 25.47 59.39
N ILE DA 135 54.91 24.98 59.95
CA ILE DA 135 53.91 24.28 59.10
C ILE DA 135 52.62 24.77 59.61
N GLY DA 136 51.67 24.84 58.68
CA GLY DA 136 50.37 25.31 59.08
C GLY DA 136 49.49 25.15 57.81
N GLY DA 137 48.23 24.74 57.95
CA GLY DA 137 47.34 24.56 56.85
C GLY DA 137 47.26 23.14 56.38
N LEU DA 138 46.10 22.45 56.62
CA LEU DA 138 45.98 21.07 56.19
C LEU DA 138 44.51 20.51 56.42
N ASP DA 139 43.76 20.77 57.53
CA ASP DA 139 44.08 21.51 58.71
C ASP DA 139 43.82 20.67 59.93
N VAL DA 140 42.79 19.89 59.90
CA VAL DA 140 42.30 18.89 60.87
C VAL DA 140 43.33 17.87 61.14
N GLN DA 141 44.04 17.39 60.07
CA GLN DA 141 44.90 16.21 60.15
C GLN DA 141 46.19 16.49 60.94
N ILE DA 142 46.53 17.85 61.13
CA ILE DA 142 47.59 18.35 62.01
C ILE DA 142 47.17 17.96 63.43
N GLU DA 143 45.93 18.32 63.76
CA GLU DA 143 45.27 18.10 65.07
C GLU DA 143 44.96 16.66 65.40
N GLU DA 144 44.64 15.78 64.40
CA GLU DA 144 44.38 14.39 64.65
C GLU DA 144 45.72 13.78 65.02
N ILE DA 145 46.80 14.16 64.29
CA ILE DA 145 48.09 13.60 64.63
C ILE DA 145 48.70 13.99 66.00
N ARG DA 146 48.64 15.28 66.42
CA ARG DA 146 49.14 15.80 67.69
C ARG DA 146 48.45 15.24 68.89
N GLU DA 147 47.10 15.22 68.72
CA GLU DA 147 46.27 14.73 69.80
C GLU DA 147 46.47 13.25 70.05
N ALA DA 148 46.86 12.46 68.99
CA ALA DA 148 47.20 11.08 69.14
C ALA DA 148 48.50 10.78 69.85
N VAL DA 149 49.53 11.63 69.74
CA VAL DA 149 50.89 11.31 70.12
C VAL DA 149 51.28 12.17 71.23
N GLU DA 150 51.17 13.51 71.03
CA GLU DA 150 51.64 14.44 72.03
C GLU DA 150 50.81 14.29 73.32
N LEU DA 151 49.51 14.11 73.16
CA LEU DA 151 48.62 13.90 74.24
C LEU DA 151 48.78 12.71 75.10
N PRO DA 152 48.89 11.43 74.74
CA PRO DA 152 49.10 10.44 75.76
C PRO DA 152 50.57 10.44 76.25
N LEU DA 153 51.57 10.89 75.46
CA LEU DA 153 52.98 10.82 75.81
C LEU DA 153 53.21 11.72 76.95
N LEU DA 154 52.70 12.97 76.83
CA LEU DA 154 52.87 14.06 77.76
C LEU DA 154 51.86 13.99 78.93
N LYS DA 155 50.67 13.36 78.77
CA LYS DA 155 49.70 13.17 79.82
C LYS DA 155 49.00 11.91 79.60
N PRO DA 156 49.53 10.74 80.15
CA PRO DA 156 48.95 9.39 79.96
C PRO DA 156 47.68 9.25 80.77
N GLU DA 157 47.53 10.12 81.83
CA GLU DA 157 46.40 10.06 82.80
C GLU DA 157 45.07 10.11 82.17
N LEU DA 158 44.84 10.96 81.11
CA LEU DA 158 43.55 11.20 80.57
C LEU DA 158 42.94 10.01 79.76
N PHE DA 159 43.81 9.23 79.05
CA PHE DA 159 43.42 8.03 78.31
C PHE DA 159 43.07 6.93 79.36
N ALA DA 160 43.78 6.98 80.47
CA ALA DA 160 43.71 6.08 81.57
C ALA DA 160 42.33 6.20 82.25
N GLU DA 161 41.83 7.45 82.43
CA GLU DA 161 40.62 7.79 83.06
C GLU DA 161 39.47 7.21 82.25
N VAL DA 162 39.40 7.32 80.88
CA VAL DA 162 38.32 6.75 80.08
C VAL DA 162 38.30 5.20 80.07
N GLY DA 163 39.50 4.56 79.98
CA GLY DA 163 39.57 3.13 79.98
C GLY DA 163 39.99 2.68 78.62
N ILE DA 164 40.43 3.52 77.69
CA ILE DA 164 40.84 3.03 76.39
C ILE DA 164 42.41 3.03 76.54
N GLU DA 165 43.08 2.47 75.55
CA GLU DA 165 44.55 2.40 75.48
C GLU DA 165 44.94 3.75 74.80
N PRO DA 166 46.08 4.28 75.07
CA PRO DA 166 46.78 5.24 74.20
C PRO DA 166 46.86 4.72 72.74
N PRO DA 167 47.02 5.54 71.68
CA PRO DA 167 47.36 5.22 70.33
C PRO DA 167 48.67 4.49 70.31
N LYS DA 168 48.91 3.61 69.21
CA LYS DA 168 50.10 2.79 69.16
C LYS DA 168 50.93 3.33 67.94
N GLY DA 169 50.55 4.55 67.45
CA GLY DA 169 50.95 4.88 66.10
C GLY DA 169 50.04 5.62 65.28
N VAL DA 170 50.50 6.04 64.09
CA VAL DA 170 49.83 6.86 63.14
C VAL DA 170 50.43 6.25 61.85
N LEU DA 171 49.53 5.99 60.83
CA LEU DA 171 50.02 5.76 59.43
C LEU DA 171 49.72 6.98 58.62
N LEU DA 172 50.68 7.40 57.80
CA LEU DA 172 50.47 8.55 56.97
C LEU DA 172 50.48 8.05 55.56
N TYR DA 173 49.51 8.52 54.66
CA TYR DA 173 49.54 8.16 53.27
C TYR DA 173 48.92 9.33 52.55
N GLY DA 174 49.27 9.44 51.29
CA GLY DA 174 48.42 9.99 50.31
C GLY DA 174 49.32 10.44 49.21
N PRO DA 175 49.17 11.67 48.73
CA PRO DA 175 49.97 12.18 47.65
C PRO DA 175 51.33 12.53 48.12
N PRO DA 176 52.48 12.24 47.45
CA PRO DA 176 53.79 12.64 47.99
C PRO DA 176 54.01 14.08 47.64
N GLY DA 177 54.57 14.72 48.69
CA GLY DA 177 55.04 16.05 48.79
C GLY DA 177 54.14 16.90 49.54
N THR DA 178 53.29 16.30 50.38
CA THR DA 178 52.24 17.11 51.06
C THR DA 178 52.77 17.40 52.43
N GLY DA 179 53.99 16.87 52.80
CA GLY DA 179 54.58 17.21 54.01
C GLY DA 179 54.30 16.19 55.05
N LYS DA 180 54.60 14.84 54.85
CA LYS DA 180 54.26 13.82 55.82
C LYS DA 180 55.35 13.63 56.79
N THR DA 181 56.60 13.70 56.34
CA THR DA 181 57.85 13.56 57.07
C THR DA 181 58.21 14.95 57.64
N LEU DA 182 57.67 16.01 57.00
CA LEU DA 182 57.81 17.35 57.47
C LEU DA 182 57.16 17.51 58.77
N LEU DA 183 55.87 16.98 58.86
CA LEU DA 183 55.00 16.87 60.04
C LEU DA 183 55.66 16.07 61.19
N ALA DA 184 56.36 14.96 60.81
CA ALA DA 184 57.09 14.17 61.70
C ALA DA 184 58.23 15.04 62.36
N LYS DA 185 58.89 15.96 61.62
CA LYS DA 185 59.95 16.74 62.16
C LYS DA 185 59.33 17.80 63.00
N ALA DA 186 58.11 18.30 62.66
CA ALA DA 186 57.31 19.21 63.42
C ALA DA 186 56.99 18.71 64.82
N VAL DA 187 56.43 17.45 65.01
CA VAL DA 187 56.15 16.80 66.32
C VAL DA 187 57.45 16.50 67.09
N ALA DA 188 58.60 16.15 66.49
CA ALA DA 188 59.86 15.88 67.08
C ALA DA 188 60.31 17.10 67.89
N ASN DA 189 60.09 18.35 67.39
CA ASN DA 189 60.57 19.53 68.07
C ASN DA 189 59.76 19.76 69.35
N GLN DA 190 58.55 19.17 69.49
CA GLN DA 190 57.66 19.51 70.64
C GLN DA 190 57.48 18.31 71.62
N THR DA 191 57.67 17.07 71.16
CA THR DA 191 57.71 15.97 72.08
C THR DA 191 58.89 16.00 73.06
N ARG DA 192 60.16 16.24 72.48
CA ARG DA 192 61.40 16.22 73.28
C ARG DA 192 61.43 14.96 74.15
N ALA DA 193 61.35 13.75 73.57
CA ALA DA 193 61.22 12.60 74.38
C ALA DA 193 61.92 11.45 73.73
N THR DA 194 62.89 11.80 72.81
CA THR DA 194 63.80 10.91 72.10
C THR DA 194 63.13 10.38 70.83
N PHE DA 195 63.53 10.98 69.73
CA PHE DA 195 63.08 10.81 68.38
C PHE DA 195 64.17 9.99 67.69
N ILE DA 196 63.75 8.69 67.40
CA ILE DA 196 64.52 7.65 66.74
C ILE DA 196 64.30 7.92 65.23
N ARG DA 197 65.39 8.20 64.50
CA ARG DA 197 65.21 8.39 63.05
C ARG DA 197 65.90 7.28 62.28
N VAL DA 198 65.15 6.48 61.57
CA VAL DA 198 65.53 5.42 60.66
C VAL DA 198 64.72 5.58 59.49
N VAL DA 199 65.10 4.81 58.45
CA VAL DA 199 64.54 4.94 57.16
C VAL DA 199 64.34 3.48 56.81
N GLY DA 200 63.30 3.06 55.99
CA GLY DA 200 63.10 1.60 55.72
C GLY DA 200 63.98 1.08 54.66
N SER DA 201 64.83 1.94 54.02
CA SER DA 201 65.73 1.44 53.13
C SER DA 201 67.02 1.44 53.81
N GLU DA 202 67.17 1.83 55.10
CA GLU DA 202 68.40 1.64 55.85
C GLU DA 202 68.24 0.36 56.66
N PHE DA 203 67.00 -0.23 56.62
CA PHE DA 203 66.81 -1.60 57.16
C PHE DA 203 67.26 -2.43 56.02
N VAL DA 204 67.45 -3.77 56.24
CA VAL DA 204 67.93 -4.79 55.29
C VAL DA 204 69.37 -4.58 54.87
N GLN DA 205 70.22 -5.67 55.10
CA GLN DA 205 71.59 -5.54 54.70
C GLN DA 205 71.98 -6.81 53.88
N LYS DA 206 73.28 -6.85 53.45
CA LYS DA 206 73.82 -7.77 52.50
C LYS DA 206 73.68 -9.32 52.79
N TYR DA 207 73.39 -9.73 54.09
CA TYR DA 207 73.19 -11.19 54.42
C TYR DA 207 71.92 -11.22 55.09
N ILE DA 208 71.28 -12.43 54.96
CA ILE DA 208 70.06 -12.57 55.60
C ILE DA 208 70.19 -12.66 57.13
N GLY DA 209 69.29 -11.93 57.78
CA GLY DA 209 69.14 -11.98 59.23
C GLY DA 209 69.94 -10.84 59.87
N GLU DA 210 70.79 -10.09 59.08
CA GLU DA 210 71.30 -8.85 59.54
C GLU DA 210 70.26 -7.82 59.55
N GLY DA 211 69.39 -7.76 58.55
CA GLY DA 211 68.20 -6.95 58.56
C GLY DA 211 67.39 -7.24 59.74
N ALA DA 212 67.23 -8.56 60.08
CA ALA DA 212 66.33 -8.99 61.14
C ALA DA 212 66.72 -8.47 62.48
N ARG DA 213 67.98 -8.81 62.91
CA ARG DA 213 68.90 -8.10 63.77
C ARG DA 213 68.72 -6.61 63.85
N LEU DA 214 68.65 -5.80 62.72
CA LEU DA 214 68.40 -4.36 62.80
C LEU DA 214 67.03 -3.99 63.35
N VAL DA 215 66.03 -4.75 63.00
CA VAL DA 215 64.63 -4.50 63.43
C VAL DA 215 64.47 -4.89 64.85
N ARG DA 216 65.16 -5.95 65.34
CA ARG DA 216 65.17 -6.23 66.77
C ARG DA 216 65.81 -5.08 67.55
N GLU DA 217 66.92 -4.59 66.96
CA GLU DA 217 67.80 -3.59 67.56
C GLU DA 217 67.12 -2.23 67.77
N VAL DA 218 66.16 -1.76 66.91
CA VAL DA 218 65.48 -0.45 67.15
C VAL DA 218 64.42 -0.50 68.24
N PHE DA 219 63.66 -1.62 68.31
CA PHE DA 219 62.60 -1.85 69.22
C PHE DA 219 63.09 -2.13 70.56
N GLN DA 220 64.22 -2.88 70.67
CA GLN DA 220 64.82 -3.20 71.96
C GLN DA 220 65.34 -2.00 72.69
N LEU DA 221 65.95 -1.09 71.91
CA LEU DA 221 66.39 0.19 72.40
C LEU DA 221 65.18 1.04 72.81
N ALA DA 222 64.10 1.12 71.97
CA ALA DA 222 62.95 1.88 72.19
C ALA DA 222 62.21 1.51 73.38
N LYS DA 223 62.18 0.21 73.88
CA LYS DA 223 61.46 -0.16 75.04
C LYS DA 223 62.13 0.48 76.24
N GLU DA 224 63.53 0.67 76.27
CA GLU DA 224 64.17 1.22 77.45
C GLU DA 224 63.95 2.74 77.51
N LYS DA 225 63.83 3.45 76.33
CA LYS DA 225 63.71 4.94 76.40
C LYS DA 225 62.30 5.32 76.49
N ALA DA 226 61.31 4.46 76.58
CA ALA DA 226 59.91 4.71 76.30
C ALA DA 226 59.31 5.57 77.38
N PRO DA 227 58.71 6.70 76.99
CA PRO DA 227 58.23 6.97 75.69
C PRO DA 227 59.30 7.51 74.73
N SER DA 228 59.08 7.26 73.43
CA SER DA 228 60.05 7.57 72.33
C SER DA 228 59.23 7.40 71.13
N ILE DA 229 59.73 7.92 70.05
CA ILE DA 229 59.03 7.94 68.75
C ILE DA 229 59.98 7.15 67.88
N ILE DA 230 59.52 6.01 67.26
CA ILE DA 230 60.30 5.43 66.19
C ILE DA 230 59.62 5.84 64.88
N PHE DA 231 60.25 6.69 64.03
CA PHE DA 231 59.69 7.04 62.85
C PHE DA 231 60.56 6.40 61.81
N ILE DA 232 59.94 5.40 61.07
CA ILE DA 232 60.54 4.54 60.05
C ILE DA 232 59.92 5.14 58.79
N ASP DA 233 60.79 5.66 57.85
CA ASP DA 233 60.26 6.36 56.72
C ASP DA 233 59.44 5.52 55.75
N GLU DA 234 59.73 4.25 55.40
CA GLU DA 234 58.95 3.56 54.47
C GLU DA 234 58.77 2.24 55.11
N LEU DA 235 57.53 1.76 55.00
CA LEU DA 235 57.10 0.46 55.48
C LEU DA 235 56.82 -0.49 54.32
N ASP DA 236 57.01 0.04 53.09
CA ASP DA 236 56.92 -0.66 51.83
C ASP DA 236 58.24 -1.04 51.43
N ALA DA 237 59.25 -0.76 52.28
CA ALA DA 237 60.61 -0.96 51.95
C ALA DA 237 61.03 -2.10 52.83
N ILE DA 238 60.10 -2.65 53.57
CA ILE DA 238 60.37 -3.70 54.55
C ILE DA 238 59.16 -4.67 54.56
N ALA DA 239 58.24 -4.61 53.50
CA ALA DA 239 56.98 -5.30 53.60
C ALA DA 239 56.09 -4.69 52.61
N ALA DA 240 56.00 -5.27 51.30
CA ALA DA 240 55.22 -4.71 50.21
C ALA DA 240 54.48 -5.91 49.51
N ARG DA 241 53.17 -5.69 49.15
CA ARG DA 241 52.23 -6.70 48.60
C ARG DA 241 52.87 -7.48 47.44
N ARG DA 242 52.62 -8.80 47.38
CA ARG DA 242 53.12 -9.64 46.34
C ARG DA 242 52.06 -10.62 46.00
N THR DA 243 52.13 -11.14 44.83
CA THR DA 243 51.38 -12.28 44.43
C THR DA 243 52.01 -13.53 44.97
N ASN DA 244 53.31 -13.72 44.78
CA ASN DA 244 54.10 -14.82 45.31
C ASN DA 244 55.45 -14.28 45.11
N SER DA 245 56.48 -14.89 45.68
CA SER DA 245 57.84 -14.32 45.69
C SER DA 245 58.56 -14.90 44.54
N ASP DA 246 59.57 -14.29 43.95
CA ASP DA 246 60.17 -14.72 42.74
C ASP DA 246 61.62 -14.43 42.78
N THR DA 247 62.37 -14.24 43.88
CA THR DA 247 62.44 -14.99 45.19
C THR DA 247 63.75 -14.48 45.77
N SER DA 248 64.67 -14.20 44.87
CA SER DA 248 66.00 -13.73 45.31
C SER DA 248 66.10 -12.57 46.18
N GLY DA 249 65.33 -11.57 45.84
CA GLY DA 249 65.29 -10.25 46.49
C GLY DA 249 63.93 -10.22 47.12
N ASP DA 250 62.94 -10.93 46.49
CA ASP DA 250 61.54 -10.81 46.87
C ASP DA 250 61.19 -11.39 48.22
N ARG DA 251 61.88 -12.56 48.53
CA ARG DA 251 61.63 -13.27 49.77
C ARG DA 251 62.01 -12.44 50.99
N GLU DA 252 63.18 -11.70 50.93
CA GLU DA 252 63.77 -10.95 51.98
C GLU DA 252 62.86 -9.90 52.59
N VAL DA 253 61.75 -9.66 51.91
CA VAL DA 253 60.89 -8.52 52.12
C VAL DA 253 60.00 -9.06 53.26
N GLN DA 254 59.41 -10.30 53.17
CA GLN DA 254 58.54 -10.90 54.12
C GLN DA 254 59.21 -11.35 55.33
N ARG DA 255 60.51 -11.70 55.21
CA ARG DA 255 61.44 -11.95 56.26
C ARG DA 255 61.51 -10.77 57.19
N THR DA 256 61.61 -9.59 56.62
CA THR DA 256 61.76 -8.29 57.36
C THR DA 256 60.40 -7.99 57.99
N MET DA 257 59.29 -8.22 57.27
CA MET DA 257 57.91 -7.99 57.72
C MET DA 257 57.57 -8.70 59.00
N MET DA 258 58.08 -9.95 59.18
CA MET DA 258 57.75 -10.78 60.30
C MET DA 258 58.27 -10.16 61.64
N GLN DA 259 59.50 -9.65 61.47
CA GLN DA 259 60.24 -9.00 62.52
C GLN DA 259 59.54 -7.75 62.95
N LEU DA 260 58.97 -6.93 62.06
CA LEU DA 260 58.29 -5.68 62.41
C LEU DA 260 57.03 -5.92 63.24
N LEU DA 261 56.11 -6.89 62.87
CA LEU DA 261 54.88 -7.27 63.53
C LEU DA 261 54.93 -7.67 65.01
N ALA DA 262 55.25 -8.98 65.39
CA ALA DA 262 56.02 -9.27 66.63
C ALA DA 262 56.28 -8.23 67.67
N GLU DA 263 57.08 -7.11 67.35
CA GLU DA 263 57.47 -6.20 68.36
C GLU DA 263 56.44 -5.15 68.60
N LEU DA 264 55.79 -4.67 67.47
CA LEU DA 264 54.92 -3.55 67.63
C LEU DA 264 53.91 -3.70 68.84
N ASP DA 265 52.97 -4.68 68.83
CA ASP DA 265 52.23 -5.21 69.96
C ASP DA 265 51.64 -6.55 69.57
N GLY DA 266 52.45 -7.21 68.71
CA GLY DA 266 52.35 -8.49 68.05
C GLY DA 266 52.14 -9.47 69.07
N PHE DA 267 52.93 -9.33 70.19
CA PHE DA 267 53.01 -10.18 71.32
C PHE DA 267 53.64 -9.29 72.42
N ASP DA 268 54.60 -8.45 72.02
CA ASP DA 268 55.55 -7.85 72.99
C ASP DA 268 54.84 -6.64 73.67
N PRO DA 269 55.35 -6.21 74.81
CA PRO DA 269 54.94 -4.96 75.41
C PRO DA 269 55.47 -3.85 74.57
N ARG DA 270 54.68 -2.83 74.35
CA ARG DA 270 55.08 -1.84 73.37
C ARG DA 270 55.69 -0.70 74.00
N GLY DA 271 55.46 -0.55 75.34
CA GLY DA 271 55.78 0.52 76.21
C GLY DA 271 54.90 1.68 75.85
N ASP DA 272 55.42 2.64 75.13
CA ASP DA 272 54.62 3.70 74.66
C ASP DA 272 55.25 4.09 73.34
N VAL DA 273 55.32 3.10 72.48
CA VAL DA 273 55.82 3.37 71.13
C VAL DA 273 54.67 2.74 70.28
N LYS DA 274 54.05 3.56 69.34
CA LYS DA 274 54.31 4.94 68.86
C LYS DA 274 55.25 4.94 67.71
N VAL DA 275 55.05 3.92 66.81
CA VAL DA 275 55.84 3.74 65.63
C VAL DA 275 54.98 4.49 64.65
N ILE DA 276 55.58 5.52 64.01
CA ILE DA 276 54.90 6.43 63.07
C ILE DA 276 55.45 6.13 61.74
N GLY DA 277 54.54 5.71 60.78
CA GLY DA 277 54.93 5.27 59.46
C GLY DA 277 54.67 6.22 58.37
N ALA DA 278 55.12 5.87 57.15
CA ALA DA 278 54.81 6.68 56.01
C ALA DA 278 55.01 5.85 54.83
N THR DA 279 54.32 6.19 53.70
CA THR DA 279 54.41 5.42 52.51
C THR DA 279 54.18 6.45 51.42
N ASN DA 280 54.76 6.25 50.22
CA ASN DA 280 54.77 7.29 49.23
C ASN DA 280 53.47 7.30 48.47
N ARG DA 281 52.96 6.06 48.30
CA ARG DA 281 51.85 5.74 47.44
C ARG DA 281 50.84 5.13 48.34
N ILE DA 282 49.51 5.33 48.03
CA ILE DA 282 48.37 4.98 48.81
C ILE DA 282 48.37 3.51 49.19
N ASP DA 283 48.49 2.57 48.20
CA ASP DA 283 48.36 1.18 48.31
C ASP DA 283 49.51 0.54 47.61
N ILE DA 284 50.44 0.05 48.42
CA ILE DA 284 51.73 -0.53 48.07
C ILE DA 284 52.24 -1.26 49.33
N LEU DA 285 51.38 -1.33 50.34
CA LEU DA 285 51.61 -1.96 51.62
C LEU DA 285 50.86 -3.30 51.47
N ASP DA 286 50.95 -4.09 52.57
CA ASP DA 286 50.21 -5.33 52.82
C ASP DA 286 49.05 -5.03 53.68
N PRO DA 287 47.93 -5.82 53.74
CA PRO DA 287 46.79 -5.61 54.60
C PRO DA 287 47.11 -5.49 56.06
N ALA DA 288 48.22 -6.12 56.50
CA ALA DA 288 48.63 -6.22 57.89
C ALA DA 288 48.94 -4.88 58.46
N ILE DA 289 49.68 -4.13 57.65
CA ILE DA 289 50.01 -2.69 58.00
C ILE DA 289 48.86 -1.82 57.84
N LEU DA 290 48.07 -2.04 56.77
CA LEU DA 290 46.87 -1.31 56.42
C LEU DA 290 45.84 -1.35 57.54
N ARG DA 291 45.66 -2.51 58.11
CA ARG DA 291 44.78 -2.80 59.19
C ARG DA 291 45.13 -1.93 60.40
N PRO DA 292 44.17 -1.20 60.97
CA PRO DA 292 44.38 -0.41 62.15
C PRO DA 292 44.41 -1.36 63.31
N GLY DA 293 45.30 -1.11 64.29
CA GLY DA 293 45.52 -1.93 65.54
C GLY DA 293 47.02 -2.19 65.46
N ARG DA 294 47.62 -1.60 64.45
CA ARG DA 294 49.01 -1.56 64.17
C ARG DA 294 49.36 -0.08 64.18
N PHE DA 295 48.68 0.76 63.45
CA PHE DA 295 49.05 2.11 63.22
C PHE DA 295 47.76 2.91 63.22
N ASP DA 296 47.24 3.19 64.44
CA ASP DA 296 45.86 2.90 64.88
C ASP DA 296 44.96 3.99 64.39
N ARG DA 297 45.56 5.16 64.03
CA ARG DA 297 44.92 6.21 63.34
C ARG DA 297 45.42 6.09 61.86
N ILE DA 298 44.48 5.89 60.91
CA ILE DA 298 44.86 5.71 59.55
C ILE DA 298 44.64 7.09 58.93
N ILE DA 299 45.75 7.98 58.77
CA ILE DA 299 45.69 9.35 58.48
C ILE DA 299 45.84 9.50 57.02
N GLU DA 300 44.76 9.92 56.30
CA GLU DA 300 44.83 10.46 54.95
C GLU DA 300 45.35 11.89 55.06
N VAL DA 301 46.57 12.04 54.56
CA VAL DA 301 47.14 13.38 54.36
C VAL DA 301 46.92 13.66 52.84
N PRO DA 302 45.99 14.59 52.53
CA PRO DA 302 45.51 14.71 51.16
C PRO DA 302 46.18 16.02 50.76
N LEU DA 303 45.43 16.73 49.94
CA LEU DA 303 45.89 18.05 49.36
C LEU DA 303 45.24 19.06 50.24
N PRO DA 304 45.82 20.13 50.68
CA PRO DA 304 45.27 21.06 51.67
C PRO DA 304 44.09 21.80 51.21
N THR DA 305 43.25 22.26 52.22
CA THR DA 305 41.92 22.74 51.91
C THR DA 305 41.98 24.10 51.32
N PHE DA 306 40.78 24.76 51.27
CA PHE DA 306 40.72 26.17 50.80
C PHE DA 306 41.43 27.03 51.80
N GLU DA 307 41.28 26.72 53.12
CA GLU DA 307 41.94 27.33 54.19
C GLU DA 307 43.45 27.06 54.24
N GLY DA 308 43.71 25.79 53.97
CA GLY DA 308 44.99 25.16 54.14
C GLY DA 308 46.10 25.61 53.29
N ARG DA 309 45.75 25.98 52.01
CA ARG DA 309 46.67 26.52 51.02
C ARG DA 309 47.11 27.89 51.37
N ILE DA 310 46.17 28.78 51.85
CA ILE DA 310 46.36 30.11 52.35
C ILE DA 310 47.26 30.22 53.49
N GLN DA 311 47.17 29.30 54.45
CA GLN DA 311 48.04 29.16 55.64
C GLN DA 311 49.44 28.77 55.33
N ILE DA 312 49.71 27.96 54.33
CA ILE DA 312 51.00 27.65 53.82
C ILE DA 312 51.60 28.87 53.16
N PHE DA 313 50.84 29.71 52.44
CA PHE DA 313 51.45 30.88 51.88
C PHE DA 313 51.92 31.84 52.91
N LYS DA 314 51.19 31.99 54.04
CA LYS DA 314 51.43 32.73 55.21
C LYS DA 314 52.67 32.28 55.92
N ILE DA 315 52.94 30.92 55.88
CA ILE DA 315 54.09 30.24 56.59
C ILE DA 315 55.32 30.76 55.83
N HIS DA 316 55.26 30.88 54.52
CA HIS DA 316 56.41 31.40 53.67
C HIS DA 316 56.66 32.89 53.93
N THR DA 317 55.51 33.63 54.02
CA THR DA 317 55.40 35.05 54.25
C THR DA 317 56.03 35.49 55.56
N ARG DA 318 55.85 34.68 56.61
CA ARG DA 318 56.39 34.79 57.92
C ARG DA 318 57.95 34.93 57.91
N LYS DA 319 58.58 34.03 57.05
CA LYS DA 319 60.02 33.98 56.84
C LYS DA 319 60.48 34.97 55.75
N MET DA 320 59.58 35.40 54.87
CA MET DA 320 59.99 36.44 53.94
C MET DA 320 59.92 37.79 54.64
N LYS DA 321 60.57 38.79 54.10
CA LYS DA 321 60.51 40.15 54.61
C LYS DA 321 60.23 40.93 53.29
N LEU DA 322 59.29 41.96 53.48
CA LEU DA 322 58.67 42.77 52.40
C LEU DA 322 57.86 41.90 51.47
N ALA DA 323 56.54 42.08 51.60
CA ALA DA 323 55.42 41.37 50.93
C ALA DA 323 54.24 41.81 51.69
N GLU DA 324 53.24 42.43 50.96
CA GLU DA 324 52.06 43.11 51.53
C GLU DA 324 51.10 43.47 50.41
N ASP DA 325 51.45 43.00 49.13
CA ASP DA 325 50.64 43.24 48.00
C ASP DA 325 50.23 41.92 47.46
N VAL DA 326 50.83 40.84 47.98
CA VAL DA 326 50.38 39.51 47.58
C VAL DA 326 49.06 39.17 48.34
N ASP DA 327 48.02 38.76 47.55
CA ASP DA 327 46.71 38.47 48.03
C ASP DA 327 46.60 37.05 48.08
N PHE DA 328 46.58 36.49 49.35
CA PHE DA 328 46.67 35.05 49.63
C PHE DA 328 45.48 34.31 49.04
N LYS DA 329 44.26 34.93 49.16
CA LYS DA 329 43.04 34.23 48.90
C LYS DA 329 42.86 33.82 47.50
N GLU DA 330 43.15 34.65 46.48
CA GLU DA 330 43.00 34.33 45.08
C GLU DA 330 44.09 33.40 44.68
N LEU DA 331 45.26 33.51 45.34
CA LEU DA 331 46.44 32.74 45.21
C LEU DA 331 46.30 31.32 45.43
N ALA DA 332 45.58 30.95 46.54
CA ALA DA 332 45.28 29.54 46.86
C ALA DA 332 44.38 28.94 45.89
N ARG DA 333 43.39 29.70 45.41
CA ARG DA 333 42.41 29.18 44.51
C ARG DA 333 43.05 28.69 43.18
N ILE DA 334 43.95 29.55 42.72
CA ILE DA 334 44.71 29.32 41.42
C ILE DA 334 45.62 28.07 41.59
N THR DA 335 46.31 27.85 42.76
CA THR DA 335 47.12 26.66 43.02
C THR DA 335 46.38 25.52 43.68
N GLU DA 336 45.00 25.52 43.51
CA GLU DA 336 44.13 24.45 43.91
C GLU DA 336 44.44 23.22 43.11
N GLY DA 337 44.49 22.01 43.83
CA GLY DA 337 44.73 20.76 43.22
C GLY DA 337 46.22 20.55 43.20
N ALA DA 338 46.99 21.25 44.03
CA ALA DA 338 48.43 21.12 44.10
C ALA DA 338 48.72 20.76 45.49
N SER DA 339 50.00 20.28 45.73
CA SER DA 339 50.64 19.86 46.98
C SER DA 339 51.24 21.10 47.59
N GLY DA 340 51.72 20.87 48.85
CA GLY DA 340 52.45 21.80 49.72
C GLY DA 340 53.86 22.07 49.10
N ALA DA 341 54.41 21.04 48.41
CA ALA DA 341 55.72 21.06 47.71
C ALA DA 341 55.73 22.05 46.54
N ASP DA 342 54.61 22.15 45.90
CA ASP DA 342 54.28 23.03 44.78
C ASP DA 342 54.17 24.49 45.21
N ILE DA 343 53.61 24.83 46.42
CA ILE DA 343 53.64 26.15 47.03
C ILE DA 343 55.05 26.53 47.39
N LYS DA 344 55.89 25.59 47.89
CA LYS DA 344 57.20 25.93 48.32
C LYS DA 344 58.11 26.38 47.26
N ALA DA 345 57.99 25.60 46.11
CA ALA DA 345 58.72 25.84 44.88
C ALA DA 345 58.36 27.15 44.28
N ILE DA 346 57.04 27.46 44.28
CA ILE DA 346 56.51 28.73 43.86
C ILE DA 346 57.09 29.99 44.58
N CYS DA 347 57.21 29.99 45.93
CA CYS DA 347 57.78 31.01 46.79
C CYS DA 347 59.18 31.27 46.40
N THR DA 348 60.01 30.16 46.20
CA THR DA 348 61.42 30.20 45.84
C THR DA 348 61.63 30.66 44.45
N GLU DA 349 60.78 30.25 43.55
CA GLU DA 349 60.78 30.71 42.16
C GLU DA 349 60.42 32.18 42.02
N ALA DA 350 59.36 32.67 42.77
CA ALA DA 350 58.76 34.04 42.79
C ALA DA 350 59.83 35.02 43.29
N GLY DA 351 60.52 34.51 44.32
CA GLY DA 351 61.70 35.19 44.88
C GLY DA 351 62.92 35.32 43.94
N MET DA 352 63.12 34.35 43.00
CA MET DA 352 64.16 34.47 41.97
C MET DA 352 63.80 35.55 41.01
N PHE DA 353 62.48 35.81 40.66
CA PHE DA 353 62.04 36.91 39.75
C PHE DA 353 62.33 38.26 40.44
N ALA DA 354 62.09 38.24 41.80
CA ALA DA 354 62.45 39.42 42.61
C ALA DA 354 63.88 39.81 42.59
N ILE DA 355 64.81 38.81 42.63
CA ILE DA 355 66.26 39.04 42.58
C ILE DA 355 66.63 39.68 41.29
N ARG DA 356 65.95 39.18 40.20
CA ARG DA 356 66.10 39.52 38.84
C ARG DA 356 65.71 40.98 38.55
N GLU DA 357 64.71 41.51 39.30
CA GLU DA 357 64.04 42.74 39.23
C GLU DA 357 64.70 43.71 40.18
N GLU DA 358 65.88 43.40 40.86
CA GLU DA 358 66.73 44.31 41.61
C GLU DA 358 65.83 44.88 42.66
N ARG DA 359 65.16 44.06 43.47
CA ARG DA 359 64.34 44.59 44.54
C ARG DA 359 64.19 43.39 45.46
N ALA DA 360 64.05 43.61 46.77
CA ALA DA 360 63.92 42.51 47.72
C ALA DA 360 62.47 42.24 47.91
N LYS DA 361 61.66 43.25 47.61
CA LYS DA 361 60.25 43.12 47.75
C LYS DA 361 59.70 42.02 46.86
N VAL DA 362 58.79 41.18 47.53
CA VAL DA 362 58.07 40.17 46.79
C VAL DA 362 56.77 40.73 46.38
N THR DA 363 56.33 40.55 45.09
CA THR DA 363 55.06 41.13 44.59
C THR DA 363 54.26 40.16 43.80
N MET DA 364 53.04 40.67 43.44
CA MET DA 364 51.95 39.80 43.19
C MET DA 364 52.06 39.30 41.81
N LEU DA 365 52.59 40.15 40.97
CA LEU DA 365 52.90 39.94 39.62
C LEU DA 365 54.05 39.08 39.42
N ASP DA 366 55.06 39.08 40.35
CA ASP DA 366 56.12 38.11 40.40
C ASP DA 366 55.59 36.76 40.76
N PHE DA 367 54.63 36.65 41.71
CA PHE DA 367 53.94 35.39 42.11
C PHE DA 367 53.12 34.80 41.02
N THR DA 368 52.45 35.65 40.21
CA THR DA 368 51.58 35.23 39.20
C THR DA 368 52.31 34.42 38.12
N LYS DA 369 53.50 34.92 37.73
CA LYS DA 369 54.44 34.39 36.78
C LYS DA 369 54.98 33.06 37.19
N ALA DA 370 55.34 32.95 38.48
CA ALA DA 370 55.82 31.88 39.19
C ALA DA 370 54.89 30.75 39.33
N ILE DA 371 53.58 31.06 39.57
CA ILE DA 371 52.58 30.06 39.56
C ILE DA 371 52.50 29.36 38.20
N GLU DA 372 52.51 30.11 37.07
CA GLU DA 372 52.28 29.63 35.67
C GLU DA 372 53.36 28.64 35.37
N LYS DA 373 54.62 28.76 35.90
CA LYS DA 373 55.71 27.85 35.66
C LYS DA 373 55.44 26.48 36.19
N VAL DA 374 54.87 26.36 37.43
CA VAL DA 374 54.58 25.09 38.05
C VAL DA 374 53.38 24.45 37.45
N LEU DA 375 52.29 25.24 37.25
CA LEU DA 375 51.05 24.88 36.63
C LEU DA 375 51.22 24.49 35.18
N LYS DA 376 52.19 25.04 34.37
CA LYS DA 376 52.29 24.59 33.00
C LYS DA 376 52.54 23.10 32.83
N LYS DA 377 53.37 22.61 33.71
CA LYS DA 377 53.71 21.23 33.67
C LYS DA 377 52.51 20.42 33.93
N THR DA 378 51.70 20.80 34.91
CA THR DA 378 50.81 19.80 35.58
C THR DA 378 49.37 19.85 34.92
N THR DA 379 49.03 20.88 34.10
CA THR DA 379 47.77 21.03 33.41
C THR DA 379 48.18 21.86 32.17
N PRO DA 380 47.63 21.73 30.95
CA PRO DA 380 46.22 21.26 30.65
C PRO DA 380 46.12 19.82 30.56
N ILE DA 381 44.88 19.27 30.78
CA ILE DA 381 44.49 18.01 30.35
C ILE DA 381 43.91 18.11 28.95
N PRO DA 382 43.86 17.02 28.11
CA PRO DA 382 43.35 17.08 26.75
C PRO DA 382 41.77 17.25 26.70
N ASP DA 383 41.11 16.80 27.72
CA ASP DA 383 39.64 16.84 27.98
C ASP DA 383 38.94 16.06 26.85
N LEU DA 384 37.68 16.46 26.47
CA LEU DA 384 36.78 15.83 25.56
C LEU DA 384 36.28 14.51 26.08
N LYS DA 385 35.52 14.73 27.13
CA LYS DA 385 34.89 13.61 27.84
C LYS DA 385 33.85 14.17 28.72
N GLY DA 386 33.72 15.52 28.79
CA GLY DA 386 32.76 16.24 29.59
C GLY DA 386 32.16 17.28 28.65
N VAL DA 387 32.41 17.30 27.35
CA VAL DA 387 31.75 18.18 26.41
C VAL DA 387 30.59 17.45 25.70
N MET DA 388 30.57 16.12 25.93
CA MET DA 388 29.52 15.34 25.33
C MET DA 388 28.31 15.29 26.19
N PHE DA 389 28.39 15.96 27.40
CA PHE DA 389 27.35 16.08 28.38
C PHE DA 389 27.10 17.59 28.44
N VAL DA 390 25.87 17.94 28.47
CA VAL DA 390 25.37 19.28 28.39
C VAL DA 390 25.19 19.89 29.79
N LEU EA 1 171.55 35.55 38.11
CA LEU EA 1 171.20 34.46 37.08
C LEU EA 1 170.77 33.13 37.69
N LEU EA 2 171.77 32.55 38.44
CA LEU EA 2 171.77 31.33 39.16
C LEU EA 2 170.87 31.54 40.23
N GLU EA 3 170.68 32.78 40.82
CA GLU EA 3 169.78 33.10 41.87
C GLU EA 3 168.35 32.96 41.32
N LYS EA 4 168.18 33.49 40.10
CA LYS EA 4 166.92 33.54 39.47
C LYS EA 4 166.26 32.25 38.98
N LEU EA 5 167.07 31.46 38.27
CA LEU EA 5 166.83 30.06 37.70
C LEU EA 5 166.63 29.03 38.80
N LYS EA 6 167.33 29.17 39.96
CA LYS EA 6 167.11 28.38 41.13
C LYS EA 6 165.69 28.64 41.73
N LYS EA 7 165.28 29.95 41.82
CA LYS EA 7 164.00 30.28 42.52
C LYS EA 7 162.83 29.67 41.85
N LEU EA 8 162.94 29.83 40.50
CA LEU EA 8 161.89 29.45 39.59
C LEU EA 8 161.73 27.95 39.59
N GLU EA 9 162.87 27.21 39.58
CA GLU EA 9 163.00 25.77 39.67
C GLU EA 9 162.52 25.24 40.96
N GLU EA 10 162.67 25.92 42.07
CA GLU EA 10 162.31 25.37 43.37
C GLU EA 10 160.82 25.26 43.57
N ASP EA 11 160.08 26.24 42.98
CA ASP EA 11 158.67 26.47 42.92
C ASP EA 11 158.10 25.35 42.09
N TYR EA 12 158.69 24.89 41.00
CA TYR EA 12 158.13 23.89 40.15
C TYR EA 12 158.06 22.54 40.80
N TYR EA 13 159.08 22.25 41.66
CA TYR EA 13 159.24 21.03 42.29
C TYR EA 13 158.25 20.92 43.48
N LYS EA 14 157.83 22.05 44.12
CA LYS EA 14 156.84 22.05 45.12
C LYS EA 14 155.46 21.77 44.58
N LEU EA 15 155.18 22.25 43.35
CA LEU EA 15 153.93 22.08 42.60
C LEU EA 15 153.84 20.70 42.13
N ARG EA 16 155.01 20.07 41.78
CA ARG EA 16 155.08 18.65 41.26
C ARG EA 16 154.60 17.74 42.36
N GLU EA 17 155.08 18.02 43.56
CA GLU EA 17 154.66 17.27 44.71
C GLU EA 17 153.23 17.54 45.05
N LEU EA 18 152.74 18.81 44.81
CA LEU EA 18 151.41 19.23 45.17
C LEU EA 18 150.22 18.43 44.59
N TYR EA 19 150.27 18.35 43.23
CA TYR EA 19 149.39 17.71 42.38
C TYR EA 19 149.46 16.26 42.63
N ARG EA 20 150.64 15.62 42.94
CA ARG EA 20 150.88 14.24 43.30
C ARG EA 20 150.18 13.99 44.60
N ARG EA 21 150.29 14.81 45.65
CA ARG EA 21 149.69 14.69 46.91
C ARG EA 21 148.22 14.77 46.88
N LEU EA 22 147.65 15.79 46.19
CA LEU EA 22 146.22 16.03 46.00
C LEU EA 22 145.56 14.85 45.31
N GLU EA 23 146.23 14.24 44.30
CA GLU EA 23 145.78 13.02 43.61
C GLU EA 23 145.65 11.82 44.59
N ASP EA 24 146.64 11.70 45.56
CA ASP EA 24 146.52 10.60 46.45
C ASP EA 24 145.39 10.71 47.44
N GLU EA 25 144.96 11.89 47.82
CA GLU EA 25 143.81 12.04 48.73
C GLU EA 25 142.51 11.66 48.05
N LYS EA 26 142.49 11.96 46.68
CA LYS EA 26 141.39 11.62 45.82
C LYS EA 26 141.38 10.15 45.42
N LYS EA 27 142.54 9.51 45.62
CA LYS EA 27 142.71 8.07 45.53
C LYS EA 27 141.99 7.36 46.59
N PHE EA 28 141.87 7.93 47.83
CA PHE EA 28 141.17 7.25 48.96
C PHE EA 28 139.65 7.17 48.74
N ILE EA 29 139.09 8.26 48.11
CA ILE EA 29 137.78 8.57 47.65
C ILE EA 29 137.36 7.63 46.56
N GLU EA 30 138.33 7.16 45.70
CA GLU EA 30 138.07 6.17 44.69
C GLU EA 30 137.60 4.86 45.22
N SER EA 31 138.17 4.39 46.39
CA SER EA 31 137.77 3.14 47.04
C SER EA 31 136.38 3.21 47.69
N GLU EA 32 135.96 4.45 48.19
CA GLU EA 32 134.66 4.60 48.91
C GLU EA 32 133.56 4.52 47.92
N ARG EA 33 133.82 5.05 46.71
CA ARG EA 33 132.94 5.15 45.57
C ARG EA 33 132.45 3.75 45.16
N ILE EA 34 133.39 2.79 45.20
CA ILE EA 34 133.19 1.36 44.93
C ILE EA 34 132.26 0.70 45.92
N ARG EA 35 132.47 1.02 47.21
CA ARG EA 35 131.56 0.66 48.29
C ARG EA 35 130.14 1.07 48.09
N TYR EA 36 129.91 2.37 47.69
CA TYR EA 36 128.58 2.86 47.61
C TYR EA 36 127.76 2.31 46.41
N GLU EA 37 128.49 2.05 45.26
CA GLU EA 37 128.03 1.38 44.06
C GLU EA 37 127.51 0.01 44.33
N ARG EA 38 128.22 -0.76 45.16
CA ARG EA 38 127.94 -2.07 45.72
C ARG EA 38 126.67 -2.00 46.47
N GLU EA 39 126.44 -0.88 47.30
CA GLU EA 39 125.30 -0.83 48.19
C GLU EA 39 124.02 -0.54 47.42
N VAL EA 40 124.22 0.16 46.22
CA VAL EA 40 123.21 0.35 45.22
C VAL EA 40 122.68 -0.98 44.67
N ARG EA 41 123.57 -1.91 44.42
CA ARG EA 41 123.06 -3.23 43.91
C ARG EA 41 122.35 -4.10 44.97
N ARG EA 42 122.84 -4.08 46.22
CA ARG EA 42 122.28 -4.82 47.29
C ARG EA 42 120.92 -4.41 47.76
N LEU EA 43 120.70 -3.06 48.04
CA LEU EA 43 119.43 -2.47 48.44
C LEU EA 43 118.41 -2.50 47.36
N ARG EA 44 118.82 -2.49 46.13
CA ARG EA 44 117.88 -2.71 45.04
C ARG EA 44 117.23 -4.02 45.07
N SER EA 45 118.03 -5.09 45.29
CA SER EA 45 117.55 -6.43 45.38
C SER EA 45 116.58 -6.72 46.52
N GLU EA 46 116.63 -5.97 47.69
CA GLU EA 46 115.76 -6.23 48.75
C GLU EA 46 114.34 -5.95 48.35
N VAL EA 47 114.07 -4.78 47.70
CA VAL EA 47 112.71 -4.34 47.32
C VAL EA 47 112.25 -5.13 46.16
N GLU EA 48 113.21 -5.69 45.33
CA GLU EA 48 112.86 -6.44 44.10
C GLU EA 48 112.31 -7.76 44.46
N ARG EA 49 112.90 -8.36 45.58
CA ARG EA 49 112.57 -9.55 46.31
C ARG EA 49 111.21 -9.45 46.93
N LEU EA 50 110.77 -8.25 47.38
CA LEU EA 50 109.45 -7.94 47.85
C LEU EA 50 108.42 -7.76 46.72
N ARG EA 51 108.84 -7.41 45.46
CA ARG EA 51 107.97 -7.21 44.28
C ARG EA 51 107.64 -8.53 43.73
N SER EA 52 108.52 -9.52 43.92
CA SER EA 52 108.22 -10.92 43.63
C SER EA 52 107.13 -11.43 44.54
N PRO EA 53 106.12 -12.12 44.08
CA PRO EA 53 105.17 -12.80 44.92
C PRO EA 53 105.72 -13.65 46.11
N PRO EA 54 105.12 -13.69 47.25
CA PRO EA 54 103.77 -13.48 47.53
C PRO EA 54 103.35 -12.03 47.66
N LEU EA 55 102.13 -11.79 47.08
CA LEU EA 55 101.57 -10.45 47.05
C LEU EA 55 100.17 -10.69 47.54
N LEU EA 56 99.59 -9.69 48.29
CA LEU EA 56 98.17 -9.68 48.65
C LEU EA 56 97.49 -8.52 48.00
N VAL EA 57 96.52 -8.78 47.19
CA VAL EA 57 95.92 -7.78 46.38
C VAL EA 57 94.83 -7.03 47.17
N GLY EA 58 94.87 -5.67 47.16
CA GLY EA 58 93.83 -4.94 47.82
C GLY EA 58 93.23 -3.95 46.86
N VAL EA 59 92.19 -3.14 47.29
CA VAL EA 59 91.48 -2.19 46.49
C VAL EA 59 91.59 -0.90 47.26
N VAL EA 60 91.87 0.28 46.63
CA VAL EA 60 92.13 1.49 47.33
C VAL EA 60 90.78 2.05 47.77
N SER EA 61 90.48 2.03 49.14
CA SER EA 61 89.16 2.37 49.61
C SER EA 61 89.09 3.94 49.78
N ASP EA 62 90.35 4.52 49.92
CA ASP EA 62 90.31 5.92 50.10
C ASP EA 62 91.73 6.30 49.84
N ILE EA 63 92.00 7.64 49.71
CA ILE EA 63 93.36 8.18 49.76
C ILE EA 63 93.22 9.19 50.91
N LEU EA 64 94.32 9.58 51.51
CA LEU EA 64 94.55 10.55 52.53
C LEU EA 64 95.33 11.57 51.91
N GLU EA 65 95.27 12.82 52.47
CA GLU EA 65 96.06 14.02 52.03
C GLU EA 65 97.22 14.10 53.07
N ASP EA 66 97.28 13.06 53.98
CA ASP EA 66 98.32 12.99 54.88
C ASP EA 66 99.52 12.32 54.23
N GLY EA 67 99.37 11.94 52.89
CA GLY EA 67 100.46 11.51 52.07
C GLY EA 67 100.36 10.04 52.03
N ARG EA 68 99.20 9.36 52.28
CA ARG EA 68 99.16 7.91 52.27
C ARG EA 68 97.96 7.52 51.53
N VAL EA 69 97.80 6.18 51.21
CA VAL EA 69 96.76 5.66 50.33
C VAL EA 69 96.20 4.65 51.25
N VAL EA 70 94.87 4.54 51.36
CA VAL EA 70 94.11 3.60 52.18
C VAL EA 70 93.68 2.50 51.26
N VAL EA 71 94.03 1.20 51.68
CA VAL EA 71 93.72 0.01 50.99
C VAL EA 71 92.81 -0.82 51.85
N LYS EA 72 91.67 -1.27 51.28
CA LYS EA 72 90.86 -2.24 51.89
C LYS EA 72 91.33 -3.49 51.31
N SER EA 73 92.03 -4.32 52.11
CA SER EA 73 92.61 -5.56 51.70
C SER EA 73 91.61 -6.60 51.56
N SER EA 74 91.87 -7.61 50.63
CA SER EA 74 90.90 -8.61 50.21
C SER EA 74 90.45 -9.61 51.29
N THR EA 75 91.41 -9.77 52.22
CA THR EA 75 91.21 -10.61 53.40
C THR EA 75 90.08 -10.15 54.30
N GLY EA 76 90.03 -8.78 54.47
CA GLY EA 76 89.04 -8.16 55.23
C GLY EA 76 89.45 -6.85 55.71
N PRO EA 77 90.27 -6.74 56.71
CA PRO EA 77 90.51 -5.43 57.37
C PRO EA 77 91.08 -4.47 56.47
N LYS EA 78 91.00 -3.16 56.86
CA LYS EA 78 91.51 -2.06 56.09
C LYS EA 78 92.65 -1.50 56.83
N PHE EA 79 93.69 -0.98 56.01
CA PHE EA 79 94.91 -0.55 56.59
C PHE EA 79 95.27 0.72 55.85
N VAL EA 80 95.98 1.68 56.50
CA VAL EA 80 96.51 2.87 55.87
C VAL EA 80 97.93 2.48 55.56
N VAL EA 81 98.35 2.45 54.29
CA VAL EA 81 99.71 1.98 53.97
C VAL EA 81 100.58 3.05 53.30
N ASN EA 82 101.88 2.76 53.27
CA ASN EA 82 102.86 3.70 52.65
C ASN EA 82 103.20 3.29 51.28
N THR EA 83 103.87 4.25 50.52
CA THR EA 83 104.10 4.11 49.06
C THR EA 83 105.59 4.38 48.85
N SER EA 84 106.06 3.97 47.75
CA SER EA 84 107.45 4.01 47.34
C SER EA 84 107.71 5.24 46.64
N GLN EA 85 108.97 5.28 46.19
CA GLN EA 85 109.55 6.35 45.44
C GLN EA 85 109.50 6.10 43.96
N TYR EA 86 109.03 4.92 43.56
CA TYR EA 86 108.80 4.51 42.19
C TYR EA 86 107.37 4.16 42.04
N ILE EA 87 106.64 4.51 43.11
CA ILE EA 87 105.27 4.24 43.25
C ILE EA 87 104.68 5.56 43.79
N ASN EA 88 103.95 6.27 42.87
CA ASN EA 88 103.36 7.61 43.15
C ASN EA 88 101.96 7.35 43.65
N GLU EA 89 101.43 8.31 44.50
CA GLU EA 89 100.04 8.39 44.88
C GLU EA 89 99.25 9.28 43.95
N GLU EA 90 99.93 10.04 43.07
CA GLU EA 90 99.48 10.88 42.01
C GLU EA 90 98.80 9.97 41.00
N GLU EA 91 99.43 8.84 40.59
CA GLU EA 91 98.91 7.87 39.66
C GLU EA 91 97.69 7.05 40.12
N LEU EA 92 97.61 7.01 41.45
CA LEU EA 92 96.51 6.21 42.02
C LEU EA 92 95.30 7.09 42.43
N LYS EA 93 94.16 6.35 42.81
CA LYS EA 93 92.93 7.00 43.04
C LYS EA 93 92.19 5.91 43.84
N PRO EA 94 91.15 6.22 44.63
CA PRO EA 94 90.25 5.26 45.21
C PRO EA 94 89.48 4.39 44.20
N GLY EA 95 89.61 3.01 44.19
CA GLY EA 95 88.89 2.09 43.28
C GLY EA 95 89.93 1.32 42.49
N ALA EA 96 91.20 1.69 42.72
CA ALA EA 96 92.29 1.13 41.91
C ALA EA 96 92.89 -0.13 42.54
N ARG EA 97 93.21 -1.12 41.73
CA ARG EA 97 93.84 -2.28 42.27
C ARG EA 97 95.23 -1.94 42.57
N VAL EA 98 95.75 -2.52 43.66
CA VAL EA 98 97.13 -2.29 44.03
C VAL EA 98 97.53 -3.61 44.58
N ALA EA 99 98.74 -4.05 44.38
CA ALA EA 99 99.30 -5.27 45.01
C ALA EA 99 100.26 -4.89 46.10
N LEU EA 100 99.96 -5.44 47.27
CA LEU EA 100 100.74 -5.13 48.46
C LEU EA 100 101.58 -6.38 48.64
N ASN EA 101 102.81 -6.14 49.16
CA ASN EA 101 103.69 -7.21 49.72
C ASN EA 101 102.94 -7.81 50.89
N GLN EA 102 102.86 -9.24 50.93
CA GLN EA 102 102.00 -9.93 51.89
C GLN EA 102 102.63 -10.12 53.25
N GLN EA 103 103.97 -9.95 53.28
CA GLN EA 103 104.82 -10.03 54.49
C GLN EA 103 104.38 -8.91 55.49
N THR EA 104 104.43 -7.68 55.01
CA THR EA 104 104.02 -6.36 55.66
C THR EA 104 103.41 -5.65 54.46
N LEU EA 105 102.30 -5.04 54.71
CA LEU EA 105 101.43 -4.58 53.70
C LEU EA 105 101.76 -3.17 53.34
N ALA EA 106 102.25 -2.87 52.10
CA ALA EA 106 102.52 -1.60 51.48
C ALA EA 106 102.65 -1.83 50.01
N ILE EA 107 102.46 -0.79 49.15
CA ILE EA 107 102.42 -0.89 47.71
C ILE EA 107 103.76 -0.93 47.14
N VAL EA 108 104.08 -2.08 46.39
CA VAL EA 108 105.31 -2.42 45.77
C VAL EA 108 105.04 -2.56 44.34
N ASN EA 109 103.77 -2.78 43.92
CA ASN EA 109 103.46 -2.94 42.55
C ASN EA 109 102.08 -2.55 42.40
N VAL EA 110 101.82 -1.48 41.64
CA VAL EA 110 100.50 -0.97 41.29
C VAL EA 110 99.91 -1.75 40.18
N LEU EA 111 98.89 -2.49 40.47
CA LEU EA 111 98.01 -3.17 39.52
C LEU EA 111 97.23 -2.20 38.65
N PRO EA 112 96.91 -2.49 37.37
CA PRO EA 112 95.97 -1.72 36.54
C PRO EA 112 94.62 -1.66 37.16
N THR EA 113 93.97 -0.49 36.97
CA THR EA 113 92.71 -0.16 37.59
C THR EA 113 91.51 -0.93 37.19
N SER EA 114 91.40 -1.46 35.97
CA SER EA 114 90.27 -2.33 35.65
C SER EA 114 90.13 -3.61 36.43
N LYS EA 115 88.83 -4.00 36.60
CA LYS EA 115 88.42 -5.12 37.40
C LYS EA 115 87.71 -6.18 36.63
N ASP EA 116 87.88 -6.15 35.28
CA ASP EA 116 87.29 -7.14 34.42
C ASP EA 116 87.53 -8.56 34.88
N PRO EA 117 86.60 -9.43 35.12
CA PRO EA 117 86.88 -10.74 35.68
C PRO EA 117 86.47 -11.84 34.75
N MET EA 118 86.19 -11.55 33.43
CA MET EA 118 85.89 -12.51 32.38
C MET EA 118 86.28 -11.91 31.13
N VAL EA 119 87.42 -11.10 31.11
CA VAL EA 119 87.93 -10.45 29.91
C VAL EA 119 88.10 -11.34 28.59
N TYR EA 120 88.39 -12.65 28.77
CA TYR EA 120 88.38 -13.72 27.78
C TYR EA 120 87.13 -13.86 27.02
N GLY EA 121 86.04 -13.74 27.78
CA GLY EA 121 84.67 -13.84 27.25
C GLY EA 121 84.36 -12.60 26.53
N PHE EA 122 85.11 -11.56 26.86
CA PHE EA 122 85.00 -10.24 26.19
C PHE EA 122 86.13 -10.09 25.19
N GLU EA 123 86.44 -11.26 24.61
CA GLU EA 123 87.41 -11.63 23.60
C GLU EA 123 88.14 -10.53 23.07
N VAL EA 124 89.42 -10.64 23.30
CA VAL EA 124 90.35 -9.67 22.86
C VAL EA 124 91.51 -10.39 22.21
N GLU EA 125 91.28 -11.62 21.64
CA GLU EA 125 92.29 -12.44 21.01
C GLU EA 125 91.75 -13.27 19.85
N GLU EA 126 92.66 -13.71 18.97
CA GLU EA 126 92.42 -14.41 17.63
C GLU EA 126 91.96 -13.42 16.61
N LYS EA 127 92.79 -13.15 15.55
CA LYS EA 127 92.52 -12.18 14.59
C LYS EA 127 91.64 -12.81 13.60
N PRO EA 128 90.59 -12.07 13.17
CA PRO EA 128 89.71 -12.61 12.13
C PRO EA 128 90.41 -12.96 10.82
N GLU EA 129 89.77 -13.85 10.03
CA GLU EA 129 90.23 -14.37 8.77
C GLU EA 129 89.36 -13.74 7.74
N VAL EA 130 88.38 -12.94 8.14
CA VAL EA 130 87.50 -12.15 7.31
C VAL EA 130 88.09 -10.82 7.30
N SER EA 131 88.21 -10.25 6.05
CA SER EA 131 88.68 -8.95 5.73
C SER EA 131 87.52 -8.37 4.90
N TYR EA 132 87.69 -7.13 4.37
CA TYR EA 132 86.83 -6.33 3.48
C TYR EA 132 86.90 -6.92 2.07
N GLU EA 133 87.72 -7.89 1.88
CA GLU EA 133 87.79 -8.52 0.59
C GLU EA 133 87.14 -9.85 0.68
N ASP EA 134 86.55 -10.24 1.87
CA ASP EA 134 85.84 -11.44 1.98
C ASP EA 134 84.37 -11.23 2.22
N ILE EA 135 84.05 -9.91 1.88
CA ILE EA 135 82.73 -9.35 1.79
C ILE EA 135 82.86 -8.52 0.63
N GLY EA 136 81.72 -8.10 0.03
CA GLY EA 136 81.64 -7.24 -1.11
C GLY EA 136 80.18 -6.95 -1.35
N GLY EA 137 79.72 -5.98 -2.23
CA GLY EA 137 78.30 -5.81 -2.50
C GLY EA 137 77.53 -5.06 -1.39
N LEU EA 138 78.33 -4.61 -0.46
CA LEU EA 138 77.95 -3.76 0.65
C LEU EA 138 79.00 -2.66 0.50
N ASP EA 139 79.39 -2.34 -0.69
CA ASP EA 139 80.46 -1.49 -1.00
C ASP EA 139 80.33 -0.12 -0.38
N VAL EA 140 79.17 0.59 -0.34
CA VAL EA 140 79.04 1.88 0.23
C VAL EA 140 79.25 1.79 1.75
N GLN EA 141 78.70 0.77 2.47
CA GLN EA 141 78.66 0.60 3.86
C GLN EA 141 80.02 0.36 4.37
N ILE EA 142 80.82 -0.34 3.60
CA ILE EA 142 82.14 -0.73 3.79
C ILE EA 142 83.02 0.48 3.92
N GLU EA 143 82.90 1.46 2.97
CA GLU EA 143 83.77 2.60 2.88
C GLU EA 143 83.65 3.54 4.05
N GLU EA 144 82.35 3.68 4.52
CA GLU EA 144 82.02 4.62 5.55
C GLU EA 144 82.58 4.21 6.94
N ILE EA 145 82.39 2.86 7.26
CA ILE EA 145 82.86 2.31 8.50
C ILE EA 145 84.40 2.25 8.62
N ARG EA 146 84.92 1.85 7.42
CA ARG EA 146 86.31 1.80 7.22
C ARG EA 146 86.93 3.10 7.59
N GLU EA 147 86.46 4.24 6.97
CA GLU EA 147 86.92 5.61 7.23
C GLU EA 147 86.77 6.05 8.68
N ALA EA 148 85.61 5.65 9.32
CA ALA EA 148 85.22 6.12 10.65
C ALA EA 148 86.18 5.68 11.75
N VAL EA 149 87.10 4.67 11.55
CA VAL EA 149 88.06 4.29 12.58
C VAL EA 149 89.37 4.34 11.88
N GLU EA 150 89.50 4.06 10.53
CA GLU EA 150 90.76 3.88 9.83
C GLU EA 150 91.55 5.19 9.91
N LEU EA 151 90.85 6.35 9.64
CA LEU EA 151 91.42 7.63 9.65
C LEU EA 151 91.92 8.15 10.99
N PRO EA 152 91.21 8.01 12.14
CA PRO EA 152 91.78 8.33 13.47
C PRO EA 152 93.11 7.64 13.86
N LEU EA 153 93.24 6.40 13.35
CA LEU EA 153 94.34 5.65 13.90
C LEU EA 153 95.60 5.85 13.05
N LEU EA 154 95.41 5.92 11.73
CA LEU EA 154 96.61 5.99 10.84
C LEU EA 154 96.87 7.41 10.28
N LYS EA 155 95.81 8.22 10.28
CA LYS EA 155 95.86 9.53 9.70
C LYS EA 155 95.47 10.65 10.67
N PRO EA 156 95.84 10.70 11.94
CA PRO EA 156 95.36 11.77 12.81
C PRO EA 156 95.87 13.21 12.49
N GLU EA 157 96.94 13.43 11.78
CA GLU EA 157 97.42 14.76 11.37
C GLU EA 157 96.53 15.35 10.35
N LEU EA 158 95.68 14.51 9.68
CA LEU EA 158 94.69 15.00 8.77
C LEU EA 158 93.54 15.70 9.39
N PHE EA 159 93.08 15.15 10.54
CA PHE EA 159 92.09 15.73 11.39
C PHE EA 159 92.46 17.04 11.92
N ALA EA 160 93.73 17.18 12.28
CA ALA EA 160 94.33 18.38 12.94
C ALA EA 160 94.31 19.62 12.18
N GLU EA 161 94.76 19.62 10.92
CA GLU EA 161 94.88 20.75 10.05
C GLU EA 161 93.57 21.31 9.52
N VAL EA 162 92.65 20.33 9.17
CA VAL EA 162 91.37 20.66 8.58
C VAL EA 162 90.44 21.10 9.70
N GLY EA 163 90.45 20.24 10.74
CA GLY EA 163 89.64 20.30 11.88
C GLY EA 163 88.50 19.39 11.70
N ILE EA 164 88.77 18.04 11.79
CA ILE EA 164 87.76 17.03 11.77
C ILE EA 164 87.46 16.61 13.15
N GLU EA 165 86.20 16.76 13.59
CA GLU EA 165 85.64 16.23 14.87
C GLU EA 165 85.66 14.72 14.87
N PRO EA 166 86.10 14.06 15.87
CA PRO EA 166 86.13 12.59 15.81
C PRO EA 166 84.78 12.00 16.20
N PRO EA 167 84.36 10.86 15.56
CA PRO EA 167 83.14 10.16 15.83
C PRO EA 167 83.23 9.35 17.05
N LYS EA 168 82.08 8.98 17.62
CA LYS EA 168 82.17 8.19 18.85
C LYS EA 168 81.47 6.83 18.62
N GLY EA 169 80.99 6.59 17.37
CA GLY EA 169 80.56 5.26 17.10
C GLY EA 169 79.88 5.25 15.87
N VAL EA 170 79.58 4.05 15.34
CA VAL EA 170 78.81 3.80 14.10
C VAL EA 170 77.79 2.64 14.42
N LEU EA 171 76.55 2.96 14.03
CA LEU EA 171 75.44 2.01 14.26
C LEU EA 171 75.12 1.33 12.91
N LEU EA 172 74.99 -0.04 13.07
CA LEU EA 172 74.76 -0.87 11.89
C LEU EA 172 73.44 -1.47 12.22
N TYR EA 173 72.53 -1.62 11.24
CA TYR EA 173 71.24 -2.30 11.38
C TYR EA 173 70.97 -2.90 10.08
N GLY EA 174 70.07 -3.91 10.01
CA GLY EA 174 69.74 -4.40 8.70
C GLY EA 174 69.21 -5.78 8.94
N PRO EA 175 68.57 -6.35 7.87
CA PRO EA 175 67.85 -7.57 8.10
C PRO EA 175 68.71 -8.77 8.31
N PRO EA 176 68.44 -9.91 9.07
CA PRO EA 176 69.41 -10.89 9.31
C PRO EA 176 70.05 -11.56 8.11
N GLY EA 177 71.34 -11.87 8.18
CA GLY EA 177 72.09 -12.52 7.18
C GLY EA 177 72.61 -11.64 6.08
N THR EA 178 72.80 -10.31 6.32
CA THR EA 178 73.30 -9.39 5.36
C THR EA 178 74.78 -9.21 5.48
N GLY EA 179 75.32 -9.53 6.62
CA GLY EA 179 76.77 -9.59 6.72
C GLY EA 179 77.26 -8.54 7.62
N LYS EA 180 76.50 -8.22 8.68
CA LYS EA 180 76.89 -7.49 9.87
C LYS EA 180 78.04 -7.98 10.63
N THR EA 181 78.17 -9.34 10.81
CA THR EA 181 79.27 -10.01 11.60
C THR EA 181 80.51 -9.74 10.85
N LEU EA 182 80.41 -9.96 9.48
CA LEU EA 182 81.52 -9.78 8.56
C LEU EA 182 82.11 -8.46 8.59
N LEU EA 183 81.29 -7.37 8.65
CA LEU EA 183 81.80 -6.03 8.65
C LEU EA 183 82.69 -5.71 9.96
N ALA EA 184 82.31 -6.18 11.11
CA ALA EA 184 82.95 -6.04 12.36
C ALA EA 184 84.26 -6.77 12.36
N LYS EA 185 84.30 -7.95 11.82
CA LYS EA 185 85.42 -8.82 11.64
C LYS EA 185 86.50 -8.22 10.76
N ALA EA 186 86.02 -7.58 9.71
CA ALA EA 186 86.86 -6.90 8.74
C ALA EA 186 87.64 -5.69 9.20
N VAL EA 187 86.90 -4.78 9.98
CA VAL EA 187 87.39 -3.69 10.72
C VAL EA 187 88.41 -4.15 11.72
N ALA EA 188 88.17 -5.22 12.46
CA ALA EA 188 89.13 -5.78 13.35
C ALA EA 188 90.46 -6.19 12.77
N ASN EA 189 90.31 -6.75 11.56
CA ASN EA 189 91.50 -7.32 10.96
C ASN EA 189 92.37 -6.22 10.37
N GLN EA 190 91.90 -5.05 9.81
CA GLN EA 190 92.70 -4.31 8.87
C GLN EA 190 93.02 -3.01 9.43
N THR EA 191 92.69 -2.79 10.73
CA THR EA 191 93.06 -1.71 11.51
C THR EA 191 93.84 -2.21 12.73
N ARG EA 192 93.88 -3.52 12.87
CA ARG EA 192 94.52 -4.44 13.79
C ARG EA 192 95.01 -3.84 15.10
N ALA EA 193 94.06 -3.22 15.90
CA ALA EA 193 94.33 -2.64 17.17
C ALA EA 193 93.06 -2.53 17.92
N THR EA 194 93.19 -2.55 19.34
CA THR EA 194 92.66 -3.52 20.29
C THR EA 194 91.18 -3.78 19.99
N PHE EA 195 90.92 -5.02 19.59
CA PHE EA 195 89.58 -5.34 19.01
C PHE EA 195 88.97 -6.06 20.19
N ILE EA 196 87.93 -5.35 20.82
CA ILE EA 196 87.23 -5.92 22.02
C ILE EA 196 85.95 -6.32 21.49
N ARG EA 197 85.60 -7.63 21.52
CA ARG EA 197 84.37 -8.21 21.02
C ARG EA 197 83.60 -8.58 22.22
N VAL EA 198 82.40 -8.02 22.33
CA VAL EA 198 81.48 -8.39 23.35
C VAL EA 198 80.12 -8.47 22.59
N VAL EA 199 79.09 -8.86 23.36
CA VAL EA 199 77.88 -9.36 22.88
C VAL EA 199 76.86 -8.71 23.85
N GLY EA 200 75.70 -8.11 23.37
CA GLY EA 200 74.98 -7.34 24.31
C GLY EA 200 74.05 -8.19 25.16
N SER EA 201 73.88 -9.47 24.77
CA SER EA 201 73.03 -10.44 25.41
C SER EA 201 73.86 -11.07 26.48
N GLU EA 202 75.22 -10.74 26.64
CA GLU EA 202 76.04 -11.37 27.73
C GLU EA 202 75.81 -10.53 29.02
N PHE EA 203 75.37 -9.26 28.87
CA PHE EA 203 75.03 -8.36 29.91
C PHE EA 203 73.72 -8.88 30.46
N VAL EA 204 73.49 -8.54 31.73
CA VAL EA 204 72.39 -8.93 32.65
C VAL EA 204 72.71 -10.37 33.10
N GLN EA 205 72.77 -10.61 34.44
CA GLN EA 205 72.95 -11.97 34.96
C GLN EA 205 72.01 -11.97 36.16
N LYS EA 206 72.06 -13.08 36.93
CA LYS EA 206 70.93 -13.56 37.64
C LYS EA 206 70.73 -12.83 38.94
N TYR EA 207 71.70 -11.94 39.40
CA TYR EA 207 71.53 -11.08 40.49
C TYR EA 207 71.08 -9.76 39.92
N ILE EA 208 70.36 -8.96 40.69
CA ILE EA 208 70.07 -7.55 40.38
C ILE EA 208 71.34 -6.80 40.41
N GLY EA 209 71.53 -5.90 39.40
CA GLY EA 209 72.57 -5.05 39.29
C GLY EA 209 73.78 -5.71 38.68
N GLU EA 210 73.82 -7.04 38.39
CA GLU EA 210 74.96 -7.70 37.88
C GLU EA 210 75.34 -7.27 36.44
N GLY EA 211 74.34 -6.85 35.68
CA GLY EA 211 74.50 -6.72 34.30
C GLY EA 211 75.21 -5.36 34.06
N ALA EA 212 74.80 -4.41 34.93
CA ALA EA 212 75.19 -3.05 35.00
C ALA EA 212 76.61 -2.96 35.42
N ARG EA 213 77.01 -3.68 36.47
CA ARG EA 213 78.33 -4.00 36.86
C ARG EA 213 79.21 -4.45 35.73
N LEU EA 214 78.85 -5.44 34.90
CA LEU EA 214 79.53 -5.94 33.72
C LEU EA 214 79.81 -4.88 32.55
N VAL EA 215 78.90 -3.97 32.11
CA VAL EA 215 79.06 -2.86 31.22
C VAL EA 215 80.07 -1.88 31.65
N ARG EA 216 80.02 -1.47 32.99
CA ARG EA 216 80.98 -0.52 33.55
C ARG EA 216 82.40 -1.03 33.42
N GLU EA 217 82.64 -2.40 33.70
CA GLU EA 217 83.91 -3.05 33.53
C GLU EA 217 84.49 -2.97 32.14
N VAL EA 218 83.62 -3.21 31.12
CA VAL EA 218 84.02 -3.21 29.73
C VAL EA 218 84.50 -1.83 29.37
N PHE EA 219 83.73 -0.77 29.75
CA PHE EA 219 84.04 0.57 29.39
C PHE EA 219 85.28 1.08 30.14
N GLN EA 220 85.53 0.79 31.46
CA GLN EA 220 86.72 1.20 32.14
C GLN EA 220 87.98 0.53 31.63
N LEU EA 221 87.86 -0.65 30.97
CA LEU EA 221 88.96 -1.42 30.45
C LEU EA 221 89.28 -0.84 29.07
N ALA EA 222 88.32 -0.55 28.23
CA ALA EA 222 88.58 -0.06 26.90
C ALA EA 222 89.26 1.31 26.91
N LYS EA 223 88.90 2.15 27.88
CA LYS EA 223 89.37 3.50 28.13
C LYS EA 223 90.86 3.54 28.50
N GLU EA 224 91.22 2.57 29.42
CA GLU EA 224 92.62 2.38 29.76
C GLU EA 224 93.44 1.94 28.52
N LYS EA 225 92.82 1.04 27.75
CA LYS EA 225 93.49 0.26 26.73
C LYS EA 225 93.46 0.97 25.44
N ALA EA 226 92.97 2.29 25.40
CA ALA EA 226 92.83 3.13 24.23
C ALA EA 226 94.10 3.13 23.38
N PRO EA 227 94.16 3.03 22.06
CA PRO EA 227 93.08 2.69 21.12
C PRO EA 227 92.34 1.33 21.38
N SER EA 228 90.99 1.40 21.22
CA SER EA 228 90.12 0.21 21.41
C SER EA 228 88.91 0.48 20.51
N ILE EA 229 88.44 -0.57 19.91
CA ILE EA 229 87.15 -0.58 19.23
C ILE EA 229 86.28 -1.67 19.84
N ILE EA 230 85.13 -1.35 20.42
CA ILE EA 230 84.29 -2.27 21.06
C ILE EA 230 83.27 -2.65 20.02
N PHE EA 231 83.15 -4.00 19.70
CA PHE EA 231 82.11 -4.48 18.79
C PHE EA 231 80.95 -5.15 19.58
N ILE EA 232 79.76 -4.53 19.67
CA ILE EA 232 78.72 -5.09 20.42
C ILE EA 232 77.83 -5.68 19.41
N ASP EA 233 77.62 -7.04 19.47
CA ASP EA 233 76.79 -7.78 18.60
C ASP EA 233 75.44 -7.90 19.29
N GLU EA 234 74.36 -7.58 18.52
CA GLU EA 234 72.97 -7.67 18.89
C GLU EA 234 72.58 -6.70 20.00
N LEU EA 235 72.04 -5.49 19.61
CA LEU EA 235 71.57 -4.45 20.51
C LEU EA 235 70.05 -4.71 20.70
N ASP EA 236 69.62 -5.96 20.47
CA ASP EA 236 68.26 -6.50 20.48
C ASP EA 236 68.04 -7.18 21.79
N ALA EA 237 68.84 -6.86 22.84
CA ALA EA 237 68.77 -7.58 24.03
C ALA EA 237 69.36 -6.74 25.14
N ILE EA 238 69.43 -5.40 24.92
CA ILE EA 238 70.10 -4.50 25.88
C ILE EA 238 69.56 -3.07 25.53
N ALA EA 239 68.80 -3.01 24.42
CA ALA EA 239 68.09 -1.83 24.06
C ALA EA 239 66.74 -2.34 23.79
N ALA EA 240 65.81 -1.54 24.14
CA ALA EA 240 64.38 -1.87 24.07
C ALA EA 240 63.76 -0.53 23.65
N ARG EA 241 62.95 -0.42 22.56
CA ARG EA 241 62.34 0.82 22.13
C ARG EA 241 61.37 1.28 23.12
N ARG EA 242 60.57 0.29 23.69
CA ARG EA 242 59.56 0.53 24.66
C ARG EA 242 60.27 0.84 25.98
N THR EA 243 59.61 1.69 26.79
CA THR EA 243 59.82 1.79 28.17
C THR EA 243 58.55 1.57 28.84
N ASN EA 244 58.40 0.45 29.59
CA ASN EA 244 57.19 0.05 30.21
C ASN EA 244 57.45 -0.38 31.61
N SER EA 245 56.73 0.33 32.51
CA SER EA 245 56.87 0.29 33.96
C SER EA 245 56.06 -0.85 34.35
N ASP EA 246 56.40 -1.47 35.53
CA ASP EA 246 55.81 -2.65 36.09
C ASP EA 246 56.06 -3.76 35.21
N THR EA 247 57.32 -4.32 35.24
CA THR EA 247 57.69 -5.56 34.55
C THR EA 247 58.66 -6.28 35.43
N SER EA 248 58.92 -7.60 35.29
CA SER EA 248 59.78 -8.34 36.20
C SER EA 248 60.79 -9.05 35.34
N GLY EA 249 60.88 -8.64 34.04
CA GLY EA 249 61.82 -9.10 33.05
C GLY EA 249 62.06 -8.09 31.95
N ASP EA 250 61.87 -6.80 32.23
CA ASP EA 250 61.98 -5.78 31.09
C ASP EA 250 62.10 -4.52 31.84
N ARG EA 251 62.96 -4.49 32.87
CA ARG EA 251 63.33 -3.34 33.63
C ARG EA 251 64.76 -3.45 34.07
N GLU EA 252 65.40 -4.67 34.25
CA GLU EA 252 66.77 -4.75 34.60
C GLU EA 252 67.63 -4.70 33.36
N VAL EA 253 67.02 -5.18 32.24
CA VAL EA 253 67.67 -5.13 30.96
C VAL EA 253 67.55 -3.69 30.39
N GLN EA 254 66.73 -2.85 31.03
CA GLN EA 254 66.70 -1.45 30.71
C GLN EA 254 67.61 -0.68 31.64
N ARG EA 255 68.06 -1.26 32.80
CA ARG EA 255 68.87 -0.57 33.82
C ARG EA 255 70.37 -0.85 33.54
N THR EA 256 70.67 -1.60 32.46
CA THR EA 256 71.96 -1.91 32.03
C THR EA 256 72.14 -1.14 30.73
N MET EA 257 71.01 -0.87 30.01
CA MET EA 257 70.82 0.02 28.94
C MET EA 257 71.19 1.42 29.28
N MET EA 258 70.60 1.89 30.36
CA MET EA 258 70.81 3.18 30.90
C MET EA 258 72.26 3.35 31.31
N GLN EA 259 72.88 2.23 31.80
CA GLN EA 259 74.25 2.26 32.29
C GLN EA 259 75.20 2.56 31.11
N LEU EA 260 74.90 2.06 29.88
CA LEU EA 260 75.62 2.23 28.72
C LEU EA 260 75.63 3.67 28.15
N LEU EA 261 74.48 4.37 28.15
CA LEU EA 261 74.20 5.70 27.63
C LEU EA 261 75.02 6.90 28.04
N ALA EA 262 76.18 6.72 28.77
CA ALA EA 262 76.23 7.13 30.19
C ALA EA 262 77.55 6.52 30.71
N GLU EA 263 78.36 5.86 29.90
CA GLU EA 263 79.68 5.32 30.16
C GLU EA 263 80.40 5.34 28.82
N LEU EA 264 79.57 5.57 27.75
CA LEU EA 264 80.04 5.62 26.45
C LEU EA 264 80.66 6.96 26.17
N ASP EA 265 79.97 7.99 26.53
CA ASP EA 265 80.52 9.30 26.65
C ASP EA 265 79.61 9.93 27.69
N GLY EA 266 80.10 10.88 28.50
CA GLY EA 266 79.42 11.54 29.55
C GLY EA 266 80.41 12.42 30.09
N PHE EA 267 80.71 12.17 31.39
CA PHE EA 267 81.74 12.84 32.11
C PHE EA 267 83.09 12.63 31.62
N ASP EA 268 83.31 11.32 31.24
CA ASP EA 268 84.64 10.95 30.83
C ASP EA 268 84.48 10.64 29.39
N PRO EA 269 85.44 11.11 28.51
CA PRO EA 269 85.50 10.86 27.15
C PRO EA 269 85.36 9.40 26.77
N ARG EA 270 84.71 9.12 25.64
CA ARG EA 270 85.30 8.59 24.49
C ARG EA 270 86.42 7.62 24.58
N GLY EA 271 87.57 8.06 25.06
CA GLY EA 271 88.79 7.30 25.11
C GLY EA 271 89.26 7.27 23.67
N ASP EA 272 88.87 6.19 22.88
CA ASP EA 272 89.11 6.05 21.46
C ASP EA 272 88.02 5.11 20.92
N VAL EA 273 86.88 4.91 21.68
CA VAL EA 273 85.77 4.09 21.20
C VAL EA 273 84.73 5.15 20.92
N LYS EA 274 84.10 5.17 19.69
CA LYS EA 274 84.14 4.28 18.52
C LYS EA 274 83.74 2.83 18.78
N VAL EA 275 82.35 2.72 19.05
CA VAL EA 275 81.65 1.56 19.49
C VAL EA 275 80.78 1.20 18.26
N ILE EA 276 81.01 -0.09 17.78
CA ILE EA 276 80.39 -0.55 16.55
C ILE EA 276 79.22 -1.30 17.16
N GLY EA 277 77.99 -0.74 16.90
CA GLY EA 277 76.82 -1.27 17.45
C GLY EA 277 76.25 -2.05 16.30
N ALA EA 278 75.54 -3.12 16.59
CA ALA EA 278 74.94 -3.87 15.54
C ALA EA 278 73.68 -4.37 16.11
N THR EA 279 72.58 -4.39 15.26
CA THR EA 279 71.27 -4.76 15.70
C THR EA 279 70.61 -5.21 14.39
N ASN EA 280 69.29 -5.33 14.44
CA ASN EA 280 68.41 -5.84 13.39
C ASN EA 280 67.42 -4.68 13.10
N ARG EA 281 66.26 -4.63 13.82
CA ARG EA 281 65.35 -3.54 13.74
C ARG EA 281 65.64 -2.40 14.58
N ILE EA 282 65.23 -1.18 14.17
CA ILE EA 282 65.22 0.01 14.99
C ILE EA 282 63.96 0.16 15.89
N ASP EA 283 63.08 -0.86 15.88
CA ASP EA 283 61.79 -0.75 16.45
C ASP EA 283 61.77 -1.51 17.77
N ILE EA 284 62.96 -1.99 18.21
CA ILE EA 284 63.19 -2.75 19.40
C ILE EA 284 64.59 -2.20 19.69
N LEU EA 285 64.93 -0.94 19.25
CA LEU EA 285 66.15 -0.22 19.49
C LEU EA 285 65.73 1.04 20.10
N ASP EA 286 66.31 1.45 21.29
CA ASP EA 286 66.00 2.64 22.10
C ASP EA 286 66.49 3.83 21.22
N PRO EA 287 65.80 4.98 21.20
CA PRO EA 287 66.11 6.09 20.37
C PRO EA 287 67.34 6.82 20.74
N ALA EA 288 67.85 6.54 21.97
CA ALA EA 288 68.98 7.29 22.57
C ALA EA 288 70.19 6.90 21.82
N ILE EA 289 70.33 5.59 21.51
CA ILE EA 289 71.26 4.96 20.56
C ILE EA 289 71.02 5.40 19.11
N LEU EA 290 69.77 5.44 18.75
CA LEU EA 290 69.45 5.66 17.37
C LEU EA 290 69.65 7.10 16.95
N ARG EA 291 69.66 8.17 17.80
CA ARG EA 291 70.07 9.52 17.47
C ARG EA 291 71.57 9.58 17.36
N PRO EA 292 72.17 10.26 16.36
CA PRO EA 292 73.57 10.36 16.22
C PRO EA 292 74.05 11.45 17.13
N GLY EA 293 75.33 11.35 17.50
CA GLY EA 293 76.00 12.18 18.47
C GLY EA 293 77.09 11.27 19.00
N ARG EA 294 76.66 9.97 19.18
CA ARG EA 294 77.42 8.72 19.43
C ARG EA 294 76.65 7.85 18.61
N PHE EA 295 77.31 7.07 17.75
CA PHE EA 295 76.53 6.31 16.75
C PHE EA 295 76.21 7.36 15.71
N ASP EA 296 77.22 8.20 15.39
CA ASP EA 296 77.27 9.38 14.61
C ASP EA 296 76.86 9.14 13.13
N ARG EA 297 77.23 7.96 12.62
CA ARG EA 297 76.96 7.53 11.25
C ARG EA 297 75.85 6.49 11.40
N ILE EA 298 74.61 6.77 10.79
CA ILE EA 298 73.54 5.85 10.93
C ILE EA 298 73.55 5.11 9.63
N ILE EA 299 74.19 3.94 9.67
CA ILE EA 299 74.54 3.06 8.54
C ILE EA 299 73.45 2.03 8.50
N GLU EA 300 72.56 2.14 7.48
CA GLU EA 300 71.67 1.02 7.18
C GLU EA 300 72.60 0.05 6.46
N VAL EA 301 72.34 -1.31 6.60
CA VAL EA 301 73.04 -2.35 5.85
C VAL EA 301 72.03 -2.92 4.86
N PRO EA 302 72.05 -2.67 3.53
CA PRO EA 302 70.99 -3.07 2.70
C PRO EA 302 71.28 -4.39 2.02
N LEU EA 303 70.31 -4.89 1.28
CA LEU EA 303 70.45 -6.12 0.49
C LEU EA 303 71.51 -5.86 -0.57
N PRO EA 304 72.39 -6.75 -0.92
CA PRO EA 304 73.41 -6.39 -1.84
C PRO EA 304 72.78 -6.24 -3.28
N THR EA 305 73.41 -5.44 -4.11
CA THR EA 305 72.78 -5.15 -5.41
C THR EA 305 73.00 -6.32 -6.32
N PHE EA 306 72.56 -6.24 -7.61
CA PHE EA 306 72.76 -7.28 -8.62
C PHE EA 306 74.19 -7.56 -8.85
N GLU EA 307 75.04 -6.48 -9.12
CA GLU EA 307 76.45 -6.63 -9.34
C GLU EA 307 77.04 -7.04 -8.01
N GLY EA 308 76.55 -6.48 -6.89
CA GLY EA 308 77.00 -6.86 -5.61
C GLY EA 308 76.99 -8.33 -5.32
N ARG EA 309 75.89 -8.98 -5.74
CA ARG EA 309 75.71 -10.37 -5.58
C ARG EA 309 76.57 -11.20 -6.41
N ILE EA 310 76.99 -10.73 -7.58
CA ILE EA 310 77.93 -11.39 -8.44
C ILE EA 310 79.22 -11.44 -7.73
N GLN EA 311 79.58 -10.33 -7.05
CA GLN EA 311 80.79 -10.34 -6.33
C GLN EA 311 80.87 -11.30 -5.21
N ILE EA 312 79.83 -11.41 -4.38
CA ILE EA 312 79.74 -12.39 -3.35
C ILE EA 312 79.94 -13.77 -3.93
N PHE EA 313 79.24 -14.16 -5.01
CA PHE EA 313 79.34 -15.46 -5.72
C PHE EA 313 80.77 -15.79 -6.08
N LYS EA 314 81.47 -14.91 -6.71
CA LYS EA 314 82.88 -15.29 -7.08
C LYS EA 314 83.81 -15.46 -5.95
N ILE EA 315 83.58 -14.76 -4.74
CA ILE EA 315 84.35 -14.92 -3.54
C ILE EA 315 84.26 -16.37 -3.09
N HIS EA 316 83.10 -16.96 -3.07
CA HIS EA 316 82.87 -18.29 -2.55
C HIS EA 316 83.36 -19.24 -3.62
N THR EA 317 83.08 -18.85 -4.89
CA THR EA 317 83.60 -19.67 -5.96
C THR EA 317 85.16 -19.75 -6.06
N ARG EA 318 85.77 -18.64 -5.62
CA ARG EA 318 87.17 -18.44 -5.59
C ARG EA 318 87.81 -19.54 -4.69
N LYS EA 319 87.23 -19.90 -3.53
CA LYS EA 319 87.66 -20.89 -2.63
C LYS EA 319 87.44 -22.26 -3.17
N MET EA 320 86.36 -22.37 -3.86
CA MET EA 320 85.83 -23.61 -4.40
C MET EA 320 86.48 -23.91 -5.73
N LYS EA 321 86.18 -25.12 -6.23
CA LYS EA 321 86.63 -25.65 -7.51
C LYS EA 321 85.54 -25.18 -8.47
N LEU EA 322 85.80 -24.96 -9.80
CA LEU EA 322 84.80 -24.33 -10.64
C LEU EA 322 84.95 -24.65 -12.07
N ALA EA 323 83.91 -24.29 -12.84
CA ALA EA 323 83.80 -24.35 -14.22
C ALA EA 323 83.81 -22.88 -14.59
N GLU EA 324 84.16 -22.68 -15.84
CA GLU EA 324 84.38 -21.34 -16.45
C GLU EA 324 83.33 -21.18 -17.58
N ASP EA 325 82.34 -22.11 -17.58
CA ASP EA 325 81.15 -22.13 -18.34
C ASP EA 325 80.00 -21.74 -17.39
N VAL EA 326 80.32 -20.93 -16.39
CA VAL EA 326 79.31 -20.53 -15.42
C VAL EA 326 79.19 -19.09 -15.75
N ASP EA 327 78.00 -18.58 -15.91
CA ASP EA 327 77.65 -17.19 -16.08
C ASP EA 327 77.03 -16.71 -14.72
N PHE EA 328 77.78 -15.75 -14.09
CA PHE EA 328 77.47 -15.29 -12.81
C PHE EA 328 76.27 -14.38 -12.77
N LYS EA 329 75.95 -13.77 -13.94
CA LYS EA 329 74.93 -12.82 -14.07
C LYS EA 329 73.63 -13.41 -13.96
N GLU EA 330 73.56 -14.62 -14.51
CA GLU EA 330 72.36 -15.45 -14.60
C GLU EA 330 72.01 -15.93 -13.19
N LEU EA 331 72.98 -16.32 -12.38
CA LEU EA 331 72.75 -16.77 -11.05
C LEU EA 331 72.23 -15.60 -10.18
N ALA EA 332 72.82 -14.42 -10.38
CA ALA EA 332 72.35 -13.27 -9.58
C ALA EA 332 70.89 -12.81 -9.88
N ARG EA 333 70.46 -12.95 -11.11
CA ARG EA 333 69.12 -12.66 -11.56
C ARG EA 333 68.10 -13.43 -10.79
N ILE EA 334 68.18 -14.75 -10.59
CA ILE EA 334 67.13 -15.45 -9.85
C ILE EA 334 67.02 -15.02 -8.41
N THR EA 335 68.27 -14.87 -7.82
CA THR EA 335 68.57 -14.73 -6.40
C THR EA 335 68.44 -13.29 -6.02
N GLU EA 336 67.70 -12.47 -6.85
CA GLU EA 336 67.33 -11.11 -6.70
C GLU EA 336 66.60 -10.91 -5.40
N GLY EA 337 67.05 -9.95 -4.56
CA GLY EA 337 66.40 -9.63 -3.30
C GLY EA 337 66.84 -10.45 -2.17
N ALA EA 338 67.80 -11.41 -2.40
CA ALA EA 338 68.22 -12.30 -1.38
C ALA EA 338 69.41 -11.75 -0.58
N SER EA 339 69.46 -12.04 0.74
CA SER EA 339 70.52 -11.58 1.54
C SER EA 339 71.72 -12.42 1.39
N GLY EA 340 72.94 -12.01 1.87
CA GLY EA 340 74.16 -12.70 1.69
C GLY EA 340 74.26 -14.05 2.27
N ALA EA 341 73.56 -14.42 3.36
CA ALA EA 341 73.63 -15.68 4.05
C ALA EA 341 73.11 -16.76 3.13
N ASP EA 342 72.10 -16.49 2.37
CA ASP EA 342 71.45 -17.34 1.40
C ASP EA 342 72.41 -17.68 0.33
N ILE EA 343 73.20 -16.65 -0.11
CA ILE EA 343 74.12 -16.72 -1.25
C ILE EA 343 75.25 -17.69 -0.93
N LYS EA 344 75.76 -17.67 0.35
CA LYS EA 344 76.69 -18.62 0.83
C LYS EA 344 76.20 -20.02 0.82
N ALA EA 345 74.92 -20.25 1.26
CA ALA EA 345 74.29 -21.50 1.35
C ALA EA 345 74.06 -22.18 -0.02
N ILE EA 346 73.76 -21.39 -1.11
CA ILE EA 346 73.67 -21.80 -2.47
C ILE EA 346 74.97 -22.44 -2.91
N CYS EA 347 76.13 -21.81 -2.59
CA CYS EA 347 77.45 -22.28 -2.96
C CYS EA 347 77.81 -23.55 -2.23
N THR EA 348 77.41 -23.63 -0.94
CA THR EA 348 77.61 -24.85 -0.18
C THR EA 348 76.88 -26.08 -0.78
N GLU EA 349 75.61 -25.88 -1.12
CA GLU EA 349 74.68 -26.82 -1.69
C GLU EA 349 74.97 -27.23 -3.05
N ALA EA 350 75.46 -26.26 -3.90
CA ALA EA 350 75.97 -26.62 -5.24
C ALA EA 350 77.11 -27.63 -5.14
N GLY EA 351 78.06 -27.59 -4.16
CA GLY EA 351 79.10 -28.56 -3.88
C GLY EA 351 78.54 -29.84 -3.54
N MET EA 352 77.33 -29.84 -2.81
CA MET EA 352 76.70 -31.08 -2.38
C MET EA 352 76.21 -31.99 -3.56
N PHE EA 353 75.75 -31.37 -4.67
CA PHE EA 353 75.21 -31.93 -5.84
C PHE EA 353 76.41 -32.51 -6.49
N ALA EA 354 77.61 -31.83 -6.42
CA ALA EA 354 78.85 -32.41 -6.98
C ALA EA 354 79.31 -33.72 -6.38
N ILE EA 355 79.19 -33.90 -5.07
CA ILE EA 355 79.60 -35.09 -4.32
C ILE EA 355 78.66 -36.22 -4.70
N ARG EA 356 77.32 -35.98 -4.75
CA ARG EA 356 76.30 -36.94 -5.06
C ARG EA 356 76.55 -37.49 -6.48
N GLU EA 357 77.09 -36.76 -7.49
CA GLU EA 357 77.42 -37.16 -8.85
C GLU EA 357 78.85 -37.60 -9.11
N GLU EA 358 79.62 -37.61 -7.98
CA GLU EA 358 81.01 -38.03 -7.73
C GLU EA 358 81.97 -37.24 -8.58
N ARG EA 359 81.78 -35.95 -8.59
CA ARG EA 359 82.60 -35.04 -9.36
C ARG EA 359 83.12 -34.12 -8.31
N ALA EA 360 84.40 -33.68 -8.40
CA ALA EA 360 85.10 -32.80 -7.53
C ALA EA 360 84.83 -31.34 -7.95
N LYS EA 361 84.77 -31.10 -9.26
CA LYS EA 361 84.64 -29.75 -9.79
C LYS EA 361 83.16 -29.42 -9.61
N VAL EA 362 82.89 -28.12 -9.36
CA VAL EA 362 81.56 -27.54 -9.26
C VAL EA 362 81.38 -27.05 -10.65
N THR EA 363 80.16 -27.24 -11.20
CA THR EA 363 79.88 -26.83 -12.53
C THR EA 363 78.60 -26.08 -12.48
N MET EA 364 78.27 -25.49 -13.65
CA MET EA 364 77.22 -24.55 -13.92
C MET EA 364 75.85 -25.03 -13.63
N LEU EA 365 75.49 -26.32 -13.89
CA LEU EA 365 74.30 -27.00 -13.59
C LEU EA 365 74.04 -27.15 -12.15
N ASP EA 366 75.09 -27.41 -11.40
CA ASP EA 366 74.99 -27.49 -10.03
C ASP EA 366 74.54 -26.18 -9.35
N PHE EA 367 75.02 -25.07 -9.87
CA PHE EA 367 74.66 -23.77 -9.36
C PHE EA 367 73.22 -23.53 -9.62
N THR EA 368 72.64 -23.91 -10.79
CA THR EA 368 71.23 -23.75 -10.95
C THR EA 368 70.32 -24.67 -10.12
N LYS EA 369 70.74 -25.88 -9.78
CA LYS EA 369 69.98 -26.81 -8.94
C LYS EA 369 69.90 -26.27 -7.52
N ALA EA 370 71.03 -25.68 -7.06
CA ALA EA 370 71.12 -25.12 -5.71
C ALA EA 370 70.30 -23.84 -5.51
N ILE EA 371 70.16 -22.95 -6.55
CA ILE EA 371 69.29 -21.75 -6.55
C ILE EA 371 67.85 -22.23 -6.40
N GLU EA 372 67.48 -23.33 -7.04
CA GLU EA 372 66.18 -23.92 -6.84
C GLU EA 372 65.93 -24.52 -5.51
N LYS EA 373 66.86 -25.33 -4.97
CA LYS EA 373 66.81 -25.96 -3.67
C LYS EA 373 66.68 -24.99 -2.52
N VAL EA 374 67.69 -24.01 -2.34
CA VAL EA 374 67.72 -23.06 -1.35
C VAL EA 374 66.63 -22.03 -1.30
N LEU EA 375 66.33 -21.36 -2.41
CA LEU EA 375 65.32 -20.38 -2.33
C LEU EA 375 63.97 -20.90 -1.97
N LYS EA 376 63.58 -22.05 -2.50
CA LYS EA 376 62.30 -22.65 -2.31
C LYS EA 376 62.09 -22.99 -0.84
N LYS EA 377 63.14 -23.35 -0.10
CA LYS EA 377 63.04 -23.79 1.19
C LYS EA 377 63.12 -22.67 2.16
N THR EA 378 63.14 -21.42 1.68
CA THR EA 378 63.37 -20.26 2.52
C THR EA 378 62.04 -19.48 2.41
N THR EA 379 61.49 -19.36 1.20
CA THR EA 379 60.41 -18.38 1.01
C THR EA 379 59.56 -19.04 -0.14
N PRO EA 380 58.22 -19.12 -0.04
CA PRO EA 380 57.35 -19.38 -1.13
C PRO EA 380 57.12 -18.02 -1.77
N ILE EA 381 57.69 -17.82 -2.97
CA ILE EA 381 57.72 -16.51 -3.68
C ILE EA 381 56.35 -16.14 -4.13
N PRO EA 382 55.50 -16.88 -4.90
CA PRO EA 382 54.15 -16.25 -5.28
C PRO EA 382 53.17 -16.73 -4.25
N ASP EA 383 51.91 -16.38 -4.55
CA ASP EA 383 50.93 -16.55 -3.51
C ASP EA 383 49.56 -16.40 -4.25
N LEU EA 384 49.59 -16.12 -5.57
CA LEU EA 384 48.50 -15.87 -6.54
C LEU EA 384 47.62 -14.71 -6.04
N LYS EA 385 47.64 -13.52 -6.68
CA LYS EA 385 46.81 -12.44 -6.34
C LYS EA 385 45.87 -12.23 -7.44
N GLY EA 386 46.19 -12.78 -8.69
CA GLY EA 386 45.45 -12.34 -9.84
C GLY EA 386 44.17 -13.05 -9.96
N VAL EA 387 43.93 -14.06 -9.11
CA VAL EA 387 42.65 -14.75 -9.16
C VAL EA 387 41.72 -13.87 -8.34
N MET EA 388 42.07 -13.31 -7.16
CA MET EA 388 41.25 -12.50 -6.37
C MET EA 388 41.10 -11.04 -6.84
N PHE EA 389 42.20 -10.49 -7.45
CA PHE EA 389 42.32 -9.06 -7.72
C PHE EA 389 42.44 -9.05 -9.27
N VAL EA 390 42.53 -7.78 -9.74
CA VAL EA 390 42.35 -7.58 -11.15
C VAL EA 390 43.66 -7.99 -11.92
N LEU FA 1 145.28 -98.44 67.10
CA LEU FA 1 145.01 -97.60 65.88
C LEU FA 1 143.55 -97.56 65.60
N LEU FA 2 142.86 -98.75 65.67
CA LEU FA 2 141.49 -98.90 65.21
C LEU FA 2 140.47 -98.04 65.98
N GLU FA 3 140.71 -98.05 67.29
CA GLU FA 3 139.82 -97.34 68.21
C GLU FA 3 139.96 -95.83 68.14
N LYS FA 4 141.18 -95.37 67.80
CA LYS FA 4 141.50 -93.96 67.78
C LYS FA 4 140.92 -93.28 66.61
N LEU FA 5 140.87 -94.04 65.47
CA LEU FA 5 140.27 -93.61 64.19
C LEU FA 5 138.73 -93.56 64.23
N LYS FA 6 138.12 -94.50 64.94
CA LYS FA 6 136.70 -94.39 65.28
C LYS FA 6 136.32 -93.30 66.22
N LYS FA 7 137.08 -93.01 67.28
CA LYS FA 7 136.81 -92.02 68.26
C LYS FA 7 136.64 -90.63 67.61
N LEU FA 8 137.60 -90.33 66.72
CA LEU FA 8 137.76 -89.10 65.92
C LEU FA 8 136.73 -88.92 64.86
N GLU FA 9 136.36 -89.97 64.08
CA GLU FA 9 135.25 -90.07 63.06
C GLU FA 9 133.86 -89.72 63.71
N GLU FA 10 133.55 -90.28 64.99
CA GLU FA 10 132.41 -90.02 65.79
C GLU FA 10 132.36 -88.64 66.24
N ASP FA 11 133.46 -88.04 66.65
CA ASP FA 11 133.56 -86.61 67.02
C ASP FA 11 133.17 -85.70 65.87
N TYR FA 12 133.66 -85.98 64.66
CA TYR FA 12 133.48 -85.15 63.45
C TYR FA 12 132.05 -85.30 63.00
N TYR FA 13 131.40 -86.46 63.11
CA TYR FA 13 130.01 -86.73 62.83
C TYR FA 13 129.10 -85.86 63.75
N LYS FA 14 129.40 -85.79 65.08
CA LYS FA 14 128.52 -85.10 66.01
C LYS FA 14 128.49 -83.62 65.78
N LEU FA 15 129.68 -83.08 65.51
CA LEU FA 15 129.84 -81.76 65.05
C LEU FA 15 129.19 -81.41 63.78
N ARG FA 16 129.18 -82.39 62.84
CA ARG FA 16 128.48 -82.20 61.61
C ARG FA 16 127.00 -82.01 61.76
N GLU FA 17 126.36 -82.93 62.59
CA GLU FA 17 124.93 -83.02 62.87
C GLU FA 17 124.37 -81.85 63.59
N LEU FA 18 125.12 -81.23 64.55
CA LEU FA 18 124.69 -79.93 65.21
C LEU FA 18 124.76 -78.80 64.24
N TYR FA 19 125.78 -78.74 63.39
CA TYR FA 19 125.81 -77.56 62.45
C TYR FA 19 124.78 -77.63 61.37
N ARG FA 20 124.48 -78.77 60.79
CA ARG FA 20 123.44 -78.95 59.80
C ARG FA 20 122.13 -78.48 60.42
N ARG FA 21 121.90 -78.89 61.71
CA ARG FA 21 120.69 -78.61 62.48
C ARG FA 21 120.44 -77.17 62.66
N LEU FA 22 121.54 -76.43 62.97
CA LEU FA 22 121.56 -75.00 63.18
C LEU FA 22 121.33 -74.13 61.98
N GLU FA 23 121.74 -74.64 60.82
CA GLU FA 23 121.79 -74.01 59.54
C GLU FA 23 120.37 -73.66 59.04
N ASP FA 24 119.39 -74.64 59.25
CA ASP FA 24 118.05 -74.61 58.77
C ASP FA 24 117.33 -73.34 59.26
N GLU FA 25 117.56 -72.97 60.48
CA GLU FA 25 117.06 -71.77 61.11
C GLU FA 25 117.59 -70.53 60.47
N LYS FA 26 118.82 -70.52 59.96
CA LYS FA 26 119.47 -69.36 59.29
C LYS FA 26 118.86 -69.07 57.96
N LYS FA 27 118.36 -70.06 57.22
CA LYS FA 27 117.70 -69.79 55.93
C LYS FA 27 116.33 -69.08 56.25
N PHE FA 28 115.72 -69.27 57.42
CA PHE FA 28 114.49 -68.57 57.84
C PHE FA 28 114.70 -67.01 57.87
N ILE FA 29 115.86 -66.51 58.43
CA ILE FA 29 116.37 -65.13 58.46
C ILE FA 29 116.60 -64.55 57.06
N GLU FA 30 117.03 -65.50 56.20
CA GLU FA 30 117.18 -65.12 54.84
C GLU FA 30 115.88 -64.68 54.15
N SER FA 31 114.83 -65.42 54.49
CA SER FA 31 113.52 -65.12 54.04
C SER FA 31 112.86 -63.87 54.66
N GLU FA 32 113.35 -63.56 55.88
CA GLU FA 32 113.01 -62.45 56.73
C GLU FA 32 113.43 -61.21 56.05
N ARG FA 33 114.62 -61.28 55.32
CA ARG FA 33 115.07 -60.07 54.46
C ARG FA 33 114.18 -59.79 53.26
N ILE FA 34 113.61 -60.79 52.60
CA ILE FA 34 112.61 -60.71 51.53
C ILE FA 34 111.39 -60.08 52.04
N ARG FA 35 110.97 -60.40 53.29
CA ARG FA 35 109.89 -59.60 53.85
C ARG FA 35 110.29 -58.17 54.19
N TYR FA 36 111.51 -57.93 54.71
CA TYR FA 36 111.99 -56.60 55.08
C TYR FA 36 111.85 -55.65 53.85
N GLU FA 37 112.16 -56.12 52.63
CA GLU FA 37 112.08 -55.44 51.36
C GLU FA 37 110.64 -55.03 51.16
N ARG FA 38 109.67 -55.99 51.39
CA ARG FA 38 108.26 -55.70 51.18
C ARG FA 38 107.67 -54.68 52.08
N GLU FA 39 108.07 -54.62 53.36
CA GLU FA 39 107.63 -53.67 54.39
C GLU FA 39 108.03 -52.30 54.10
N VAL FA 40 109.32 -52.12 53.62
CA VAL FA 40 109.83 -50.79 53.31
C VAL FA 40 109.15 -50.23 52.12
N ARG FA 41 108.93 -51.07 51.13
CA ARG FA 41 108.20 -50.62 49.96
C ARG FA 41 106.81 -50.20 50.14
N ARG FA 42 106.02 -50.83 51.01
CA ARG FA 42 104.68 -50.51 51.45
C ARG FA 42 104.67 -49.20 52.22
N LEU FA 43 105.60 -49.07 53.13
CA LEU FA 43 105.60 -48.02 54.14
C LEU FA 43 106.05 -46.65 53.57
N ARG FA 44 107.09 -46.70 52.70
CA ARG FA 44 107.64 -45.48 52.20
C ARG FA 44 106.56 -44.96 51.22
N SER FA 45 105.91 -45.83 50.45
CA SER FA 45 104.85 -45.41 49.52
C SER FA 45 103.60 -44.89 50.22
N GLU FA 46 103.33 -45.47 51.41
CA GLU FA 46 102.25 -45.05 52.24
C GLU FA 46 102.44 -43.64 52.69
N VAL FA 47 103.61 -43.37 53.38
CA VAL FA 47 104.05 -42.13 54.04
C VAL FA 47 104.14 -40.97 52.91
N GLU FA 48 104.72 -41.27 51.71
CA GLU FA 48 104.71 -40.24 50.67
C GLU FA 48 103.34 -39.73 50.26
N ARG FA 49 102.30 -40.59 50.19
CA ARG FA 49 100.94 -40.25 49.81
C ARG FA 49 100.30 -39.44 50.89
N LEU FA 50 100.59 -39.65 52.19
CA LEU FA 50 99.99 -38.90 53.28
C LEU FA 50 100.61 -37.53 53.46
N ARG FA 51 101.90 -37.50 53.10
CA ARG FA 51 102.64 -36.23 53.22
C ARG FA 51 102.51 -35.35 51.96
N SER FA 52 101.51 -35.59 51.11
CA SER FA 52 101.44 -35.06 49.76
C SER FA 52 101.28 -33.48 49.79
N PRO FA 53 102.11 -32.62 49.15
CA PRO FA 53 102.07 -31.20 49.39
C PRO FA 53 100.72 -30.51 49.08
N PRO FA 54 100.28 -29.44 49.73
CA PRO FA 54 99.02 -28.77 49.36
C PRO FA 54 99.26 -27.72 48.28
N LEU FA 55 98.40 -27.71 47.24
CA LEU FA 55 98.45 -26.63 46.20
C LEU FA 55 97.05 -26.00 46.27
N LEU FA 56 97.00 -24.65 46.34
CA LEU FA 56 95.79 -23.91 46.39
C LEU FA 56 95.25 -23.88 45.01
N VAL FA 57 93.92 -23.88 44.94
CA VAL FA 57 93.22 -23.87 43.69
C VAL FA 57 92.79 -22.47 43.49
N GLY FA 58 92.81 -21.98 42.24
CA GLY FA 58 92.30 -20.74 41.90
C GLY FA 58 91.91 -20.76 40.44
N VAL FA 59 91.25 -19.67 39.99
CA VAL FA 59 90.83 -19.46 38.66
C VAL FA 59 91.50 -18.18 38.29
N VAL FA 60 91.98 -18.03 37.03
CA VAL FA 60 92.66 -16.84 36.54
C VAL FA 60 91.64 -15.66 36.56
N SER FA 61 92.02 -14.51 37.16
CA SER FA 61 91.17 -13.28 37.16
C SER FA 61 91.41 -12.45 35.86
N ASP FA 62 92.66 -12.17 35.62
CA ASP FA 62 93.12 -11.49 34.42
C ASP FA 62 94.64 -11.84 34.36
N ILE FA 63 95.20 -11.63 33.16
CA ILE FA 63 96.56 -11.97 32.71
C ILE FA 63 97.12 -10.60 32.57
N LEU FA 64 98.36 -10.44 33.26
CA LEU FA 64 98.89 -9.11 33.25
C LEU FA 64 100.02 -9.13 32.17
N GLU FA 65 100.47 -7.93 31.69
CA GLU FA 65 101.38 -7.83 30.58
C GLU FA 65 102.74 -7.67 31.13
N ASP FA 66 102.94 -7.99 32.46
CA ASP FA 66 104.18 -7.73 33.21
C ASP FA 66 104.71 -9.10 33.69
N GLY FA 67 104.21 -10.12 32.95
CA GLY FA 67 104.61 -11.53 32.91
C GLY FA 67 104.12 -12.25 34.15
N ARG FA 68 103.06 -11.71 34.83
CA ARG FA 68 102.51 -12.34 36.00
C ARG FA 68 101.06 -12.39 35.78
N VAL FA 69 100.36 -13.24 36.58
CA VAL FA 69 98.98 -13.51 36.39
C VAL FA 69 98.37 -13.31 37.75
N VAL FA 70 97.13 -12.72 37.86
CA VAL FA 70 96.41 -12.59 39.12
C VAL FA 70 95.39 -13.67 39.14
N VAL FA 71 95.49 -14.54 40.18
CA VAL FA 71 94.69 -15.67 40.23
C VAL FA 71 94.00 -15.49 41.53
N LYS FA 72 92.68 -15.57 41.51
CA LYS FA 72 91.93 -15.39 42.69
C LYS FA 72 91.64 -16.73 43.21
N SER FA 73 92.13 -17.06 44.45
CA SER FA 73 92.00 -18.31 45.17
C SER FA 73 90.56 -18.58 45.54
N SER FA 74 90.25 -19.83 45.96
CA SER FA 74 88.96 -20.26 46.45
C SER FA 74 88.91 -20.31 47.96
N THR FA 75 89.93 -19.70 48.48
CA THR FA 75 90.04 -19.34 49.87
C THR FA 75 89.38 -18.05 50.08
N GLY FA 76 89.58 -17.14 49.17
CA GLY FA 76 88.97 -15.81 49.21
C GLY FA 76 89.83 -14.79 48.62
N PRO FA 77 90.97 -14.47 49.24
CA PRO FA 77 91.89 -13.48 48.63
C PRO FA 77 92.31 -13.68 47.21
N LYS FA 78 92.86 -12.60 46.69
CA LYS FA 78 93.35 -12.47 45.40
C LYS FA 78 94.79 -12.37 45.53
N PHE FA 79 95.56 -13.04 44.61
CA PHE FA 79 96.97 -12.99 44.69
C PHE FA 79 97.60 -12.71 43.40
N VAL FA 80 98.85 -12.05 43.36
CA VAL FA 80 99.56 -11.90 42.06
C VAL FA 80 100.53 -13.05 42.22
N VAL FA 81 100.49 -13.99 41.25
CA VAL FA 81 101.30 -15.17 41.37
C VAL FA 81 102.24 -15.15 40.24
N ASN FA 82 103.41 -15.82 40.37
CA ASN FA 82 104.33 -15.97 39.33
C ASN FA 82 103.91 -17.18 38.41
N THR FA 83 104.94 -17.87 37.83
CA THR FA 83 104.59 -18.95 36.95
C THR FA 83 105.89 -19.79 36.86
N SER FA 84 105.72 -21.07 36.45
CA SER FA 84 106.74 -22.06 36.26
C SER FA 84 107.13 -21.93 34.78
N GLN FA 85 108.26 -22.54 34.43
CA GLN FA 85 108.97 -22.48 33.18
C GLN FA 85 108.51 -23.59 32.37
N TYR FA 86 107.40 -24.31 32.76
CA TYR FA 86 106.85 -25.35 31.96
C TYR FA 86 105.46 -24.84 31.60
N ILE FA 87 104.91 -23.78 32.31
CA ILE FA 87 103.56 -23.30 32.16
C ILE FA 87 103.63 -21.95 31.66
N ASN FA 88 102.70 -21.62 30.71
CA ASN FA 88 102.86 -20.41 29.95
C ASN FA 88 101.53 -19.77 29.90
N GLU FA 89 101.43 -18.47 29.44
CA GLU FA 89 100.25 -17.66 29.42
C GLU FA 89 99.44 -17.91 28.13
N GLU FA 90 100.00 -18.57 27.14
CA GLU FA 90 99.32 -19.02 25.93
C GLU FA 90 98.32 -20.22 26.25
N GLU FA 91 98.66 -20.93 27.30
CA GLU FA 91 97.82 -22.03 27.73
C GLU FA 91 96.86 -21.57 28.73
N LEU FA 92 96.90 -20.32 29.16
CA LEU FA 92 95.94 -19.81 30.14
C LEU FA 92 95.12 -18.79 29.39
N LYS FA 93 93.92 -18.65 29.98
CA LYS FA 93 92.82 -17.81 29.58
C LYS FA 93 92.31 -17.50 30.92
N PRO FA 94 91.79 -16.33 31.08
CA PRO FA 94 90.91 -15.92 32.14
C PRO FA 94 89.75 -16.87 32.31
N GLY FA 95 89.61 -17.46 33.53
CA GLY FA 95 88.65 -18.45 33.92
C GLY FA 95 89.19 -19.79 33.69
N ALA FA 96 90.55 -19.87 33.62
CA ALA FA 96 91.24 -21.12 33.58
C ALA FA 96 91.59 -21.54 34.94
N ARG FA 97 91.16 -22.75 35.37
CA ARG FA 97 91.57 -23.32 36.60
C ARG FA 97 93.01 -23.70 36.68
N VAL FA 98 93.76 -23.34 37.77
CA VAL FA 98 95.16 -23.57 37.84
C VAL FA 98 95.44 -24.03 39.26
N ALA FA 99 96.59 -24.80 39.51
CA ALA FA 99 96.95 -25.20 40.82
C ALA FA 99 98.10 -24.37 41.17
N LEU FA 100 98.04 -23.71 42.33
CA LEU FA 100 98.84 -22.65 42.85
C LEU FA 100 99.66 -23.16 44.05
N ASN FA 101 100.91 -22.67 44.23
CA ASN FA 101 101.76 -23.08 45.27
C ASN FA 101 101.31 -22.33 46.53
N GLN FA 102 100.99 -23.07 47.63
CA GLN FA 102 100.59 -22.45 48.88
C GLN FA 102 101.61 -21.55 49.48
N GLN FA 103 102.88 -22.03 49.45
CA GLN FA 103 104.00 -21.49 50.23
C GLN FA 103 104.75 -20.42 49.58
N THR FA 104 104.75 -20.41 48.27
CA THR FA 104 105.52 -19.51 47.47
C THR FA 104 104.69 -18.59 46.57
N LEU FA 105 103.38 -18.83 46.37
CA LEU FA 105 102.52 -18.09 45.50
C LEU FA 105 103.03 -18.14 44.02
N ALA FA 106 103.06 -19.35 43.45
CA ALA FA 106 103.43 -19.56 42.06
C ALA FA 106 102.46 -20.47 41.40
N ILE FA 107 102.33 -20.33 40.06
CA ILE FA 107 101.45 -21.25 39.33
C ILE FA 107 102.32 -22.45 38.95
N VAL FA 108 102.13 -23.70 39.59
CA VAL FA 108 102.90 -24.88 39.39
C VAL FA 108 102.39 -25.63 38.11
N ASN FA 109 101.04 -25.89 38.06
CA ASN FA 109 100.38 -26.70 37.05
C ASN FA 109 99.14 -26.00 36.50
N VAL FA 110 98.54 -26.60 35.40
CA VAL FA 110 97.20 -26.18 34.90
C VAL FA 110 96.33 -27.37 35.11
N LEU FA 111 95.05 -27.09 35.55
CA LEU FA 111 94.00 -28.06 35.86
C LEU FA 111 93.04 -27.87 34.82
N PRO FA 112 92.27 -29.02 34.47
CA PRO FA 112 91.30 -28.92 33.30
C PRO FA 112 90.19 -28.05 33.75
N THR FA 113 89.92 -27.11 32.79
CA THR FA 113 88.99 -25.98 32.96
C THR FA 113 87.58 -26.42 32.75
N SER FA 114 86.73 -26.48 33.81
CA SER FA 114 87.01 -26.21 35.19
C SER FA 114 86.47 -27.39 35.98
N LYS FA 115 86.00 -28.39 35.16
CA LYS FA 115 85.20 -29.59 35.48
C LYS FA 115 83.98 -29.07 36.05
N ASP FA 116 83.09 -28.51 35.14
CA ASP FA 116 81.79 -27.91 35.56
C ASP FA 116 80.69 -28.94 35.41
N PRO FA 117 80.09 -29.70 36.36
CA PRO FA 117 79.17 -30.78 36.20
C PRO FA 117 77.89 -30.43 35.57
N MET FA 118 77.48 -29.08 35.56
CA MET FA 118 76.14 -28.73 35.17
C MET FA 118 75.77 -28.92 33.71
N VAL FA 119 76.83 -28.85 32.86
CA VAL FA 119 76.67 -29.01 31.42
C VAL FA 119 77.30 -30.28 31.01
N TYR FA 120 78.24 -30.88 31.90
CA TYR FA 120 78.86 -32.20 31.67
C TYR FA 120 77.76 -33.25 31.88
N GLY FA 121 76.70 -32.78 32.60
CA GLY FA 121 75.37 -33.43 32.82
C GLY FA 121 74.52 -33.65 31.56
N PHE FA 122 74.84 -33.06 30.37
CA PHE FA 122 74.01 -33.09 29.18
C PHE FA 122 74.71 -33.85 28.09
N GLU FA 123 75.86 -34.53 28.35
CA GLU FA 123 76.64 -35.24 27.34
C GLU FA 123 75.98 -36.45 26.84
N VAL FA 124 76.77 -37.48 26.44
CA VAL FA 124 76.33 -38.81 25.93
C VAL FA 124 75.14 -39.38 26.69
N GLU FA 125 74.29 -40.14 26.03
CA GLU FA 125 73.04 -40.83 26.46
C GLU FA 125 73.27 -42.36 26.50
N GLU FA 126 74.54 -42.84 26.73
CA GLU FA 126 75.05 -44.15 26.79
C GLU FA 126 75.16 -44.73 25.32
N LYS FA 127 75.26 -43.78 24.43
CA LYS FA 127 75.31 -43.95 22.95
C LYS FA 127 73.96 -44.49 22.52
N PRO FA 128 73.08 -43.86 21.89
CA PRO FA 128 71.80 -44.47 21.52
C PRO FA 128 71.91 -45.73 20.72
N GLU FA 129 70.99 -46.59 21.02
CA GLU FA 129 70.71 -47.88 20.46
C GLU FA 129 70.05 -47.78 19.17
N VAL FA 130 69.42 -46.54 18.93
CA VAL FA 130 68.83 -46.22 17.67
C VAL FA 130 69.95 -45.92 16.67
N SER FA 131 69.91 -46.65 15.60
CA SER FA 131 70.56 -46.32 14.33
C SER FA 131 69.52 -45.92 13.37
N TYR FA 132 69.94 -45.78 12.05
CA TYR FA 132 69.08 -45.27 11.00
C TYR FA 132 68.30 -46.45 10.48
N GLU FA 133 68.55 -47.74 10.99
CA GLU FA 133 67.84 -48.88 10.55
C GLU FA 133 66.95 -49.21 11.59
N ASP FA 134 66.62 -48.21 12.57
CA ASP FA 134 65.66 -48.46 13.60
C ASP FA 134 64.74 -47.30 13.61
N ILE FA 135 64.95 -46.23 12.78
CA ILE FA 135 64.00 -45.25 12.52
C ILE FA 135 63.89 -45.33 11.04
N GLY FA 136 62.64 -45.42 10.59
CA GLY FA 136 62.31 -45.53 9.12
C GLY FA 136 61.05 -44.76 8.97
N GLY FA 137 60.52 -44.85 7.70
CA GLY FA 137 59.31 -44.11 7.35
C GLY FA 137 59.65 -42.72 6.91
N LEU FA 138 60.97 -42.49 6.80
CA LEU FA 138 61.61 -41.23 6.59
C LEU FA 138 62.93 -41.40 5.86
N ASP FA 139 63.13 -42.44 4.98
CA ASP FA 139 64.32 -42.81 4.28
C ASP FA 139 64.92 -41.65 3.54
N VAL FA 140 64.04 -40.82 2.90
CA VAL FA 140 64.43 -39.74 1.99
C VAL FA 140 65.18 -38.68 2.80
N GLN FA 141 64.56 -38.34 3.99
CA GLN FA 141 65.02 -37.34 4.90
C GLN FA 141 66.28 -37.77 5.56
N ILE FA 142 66.41 -39.11 5.82
CA ILE FA 142 67.46 -39.69 6.53
C ILE FA 142 68.76 -39.45 5.74
N GLU FA 143 68.72 -39.63 4.37
CA GLU FA 143 69.85 -39.44 3.45
C GLU FA 143 70.36 -38.03 3.51
N GLU FA 144 69.48 -37.02 3.57
CA GLU FA 144 69.79 -35.59 3.74
C GLU FA 144 70.53 -35.30 4.96
N ILE FA 145 70.08 -35.88 6.10
CA ILE FA 145 70.61 -35.50 7.44
C ILE FA 145 72.02 -35.89 7.59
N ARG FA 146 72.23 -37.14 7.14
CA ARG FA 146 73.53 -37.82 7.19
C ARG FA 146 74.56 -37.24 6.37
N GLU FA 147 74.13 -36.75 5.16
CA GLU FA 147 75.07 -35.99 4.30
C GLU FA 147 75.62 -34.70 4.87
N ALA FA 148 74.69 -33.89 5.55
CA ALA FA 148 75.04 -32.57 6.13
C ALA FA 148 75.85 -32.67 7.36
N VAL FA 149 75.57 -33.61 8.29
CA VAL FA 149 76.20 -33.66 9.54
C VAL FA 149 77.25 -34.85 9.68
N GLU FA 150 76.86 -36.09 9.44
CA GLU FA 150 77.56 -37.33 9.66
C GLU FA 150 78.70 -37.40 8.73
N LEU FA 151 78.51 -37.08 7.42
CA LEU FA 151 79.50 -37.21 6.36
C LEU FA 151 80.72 -36.36 6.49
N PRO FA 152 80.64 -35.12 6.90
CA PRO FA 152 81.76 -34.33 7.31
C PRO FA 152 82.72 -34.91 8.36
N LEU FA 153 82.12 -35.65 9.34
CA LEU FA 153 82.85 -36.19 10.40
C LEU FA 153 83.63 -37.42 9.92
N LEU FA 154 83.01 -38.28 9.01
CA LEU FA 154 83.46 -39.54 8.48
C LEU FA 154 84.64 -39.37 7.63
N LYS FA 155 84.51 -38.42 6.69
CA LYS FA 155 85.58 -38.22 5.75
C LYS FA 155 85.39 -36.79 5.54
N PRO FA 156 86.24 -35.92 6.20
CA PRO FA 156 86.39 -34.44 5.95
C PRO FA 156 86.77 -34.04 4.49
N GLU FA 157 87.69 -34.84 3.85
CA GLU FA 157 88.33 -34.59 2.58
C GLU FA 157 87.32 -34.49 1.41
N LEU FA 158 86.12 -35.05 1.49
CA LEU FA 158 85.12 -34.91 0.43
C LEU FA 158 84.69 -33.43 0.26
N PHE FA 159 84.78 -32.64 1.26
CA PHE FA 159 84.43 -31.29 1.33
C PHE FA 159 85.62 -30.42 0.85
N ALA FA 160 86.83 -30.90 1.22
CA ALA FA 160 88.07 -30.26 0.75
C ALA FA 160 88.38 -30.19 -0.75
N GLU FA 161 88.08 -31.32 -1.43
CA GLU FA 161 88.15 -31.56 -2.88
C GLU FA 161 87.37 -30.61 -3.78
N VAL FA 162 86.24 -30.26 -3.20
CA VAL FA 162 85.26 -29.44 -3.86
C VAL FA 162 85.42 -27.99 -3.34
N GLY FA 163 86.25 -27.75 -2.29
CA GLY FA 163 86.61 -26.36 -1.82
C GLY FA 163 85.60 -25.74 -0.98
N ILE FA 164 84.60 -26.52 -0.61
CA ILE FA 164 83.42 -25.97 -0.09
C ILE FA 164 83.56 -25.90 1.41
N GLU FA 165 82.69 -25.14 2.06
CA GLU FA 165 82.50 -25.10 3.50
C GLU FA 165 81.61 -26.22 3.87
N PRO FA 166 81.92 -27.25 4.74
CA PRO FA 166 80.93 -28.22 5.21
C PRO FA 166 79.66 -27.55 5.79
N PRO FA 167 78.41 -28.06 5.72
CA PRO FA 167 77.18 -27.48 6.21
C PRO FA 167 77.21 -27.15 7.64
N LYS FA 168 76.27 -26.24 8.09
CA LYS FA 168 76.05 -25.90 9.48
C LYS FA 168 75.26 -26.87 10.19
N GLY FA 169 74.55 -27.74 9.48
CA GLY FA 169 73.74 -28.82 9.92
C GLY FA 169 72.35 -28.52 9.35
N VAL FA 170 71.32 -29.15 10.02
CA VAL FA 170 70.00 -29.18 9.50
C VAL FA 170 68.97 -28.70 10.47
N LEU FA 171 67.89 -28.06 9.99
CA LEU FA 171 66.81 -27.63 10.90
C LEU FA 171 65.68 -28.46 10.41
N LEU FA 172 65.13 -29.37 11.34
CA LEU FA 172 64.11 -30.33 11.06
C LEU FA 172 62.94 -29.61 11.64
N TYR FA 173 61.86 -29.54 10.88
CA TYR FA 173 60.61 -28.96 11.39
C TYR FA 173 59.55 -29.87 10.91
N GLY FA 174 58.37 -29.72 11.59
CA GLY FA 174 57.19 -30.53 11.38
C GLY FA 174 56.78 -31.04 12.77
N PRO FA 175 55.57 -31.45 12.74
CA PRO FA 175 54.77 -31.98 13.91
C PRO FA 175 55.46 -32.73 15.04
N PRO FA 176 54.95 -32.68 16.32
CA PRO FA 176 55.26 -33.51 17.46
C PRO FA 176 54.88 -34.91 17.15
N GLY FA 177 55.84 -35.83 17.51
CA GLY FA 177 55.51 -37.23 17.45
C GLY FA 177 55.95 -37.85 16.12
N THR FA 178 57.05 -37.26 15.55
CA THR FA 178 57.46 -37.61 14.20
C THR FA 178 58.92 -38.08 14.32
N GLY FA 179 59.48 -37.90 15.53
CA GLY FA 179 60.79 -38.54 15.85
C GLY FA 179 61.95 -37.70 15.53
N LYS FA 180 61.83 -36.39 15.63
CA LYS FA 180 62.94 -35.43 15.52
C LYS FA 180 64.11 -35.71 16.46
N THR FA 181 63.71 -36.07 17.73
CA THR FA 181 64.64 -36.58 18.76
C THR FA 181 65.39 -37.84 18.24
N LEU FA 182 64.61 -38.80 17.63
CA LEU FA 182 65.03 -40.14 17.23
C LEU FA 182 65.97 -40.09 16.11
N LEU FA 183 65.99 -38.93 15.36
CA LEU FA 183 66.86 -38.74 14.23
C LEU FA 183 68.29 -38.28 14.70
N ALA FA 184 68.36 -37.47 15.72
CA ALA FA 184 69.63 -37.08 16.33
C ALA FA 184 70.28 -38.25 16.92
N LYS FA 185 69.49 -39.10 17.53
CA LYS FA 185 69.87 -40.24 18.24
C LYS FA 185 70.49 -41.20 17.24
N ALA FA 186 69.94 -41.33 16.04
CA ALA FA 186 70.56 -42.19 15.02
C ALA FA 186 71.95 -41.74 14.61
N VAL FA 187 72.15 -40.37 14.32
CA VAL FA 187 73.35 -39.74 13.92
C VAL FA 187 74.43 -39.81 14.98
N ALA FA 188 74.07 -39.59 16.29
CA ALA FA 188 74.95 -39.68 17.42
C ALA FA 188 75.58 -41.06 17.60
N ASN FA 189 74.78 -42.19 17.32
CA ASN FA 189 75.20 -43.53 17.43
C ASN FA 189 76.35 -43.82 16.35
N GLN FA 190 76.19 -43.43 15.09
CA GLN FA 190 77.12 -43.66 13.97
C GLN FA 190 78.33 -42.78 14.09
N THR FA 191 78.25 -41.47 14.51
CA THR FA 191 79.38 -40.50 14.32
C THR FA 191 80.57 -40.78 15.21
N ARG FA 192 80.28 -41.35 16.40
CA ARG FA 192 81.23 -41.72 17.47
C ARG FA 192 82.10 -40.57 17.92
N ALA FA 193 81.40 -39.55 18.38
CA ALA FA 193 81.96 -38.39 19.01
C ALA FA 193 81.04 -38.08 20.20
N THR FA 194 81.46 -37.02 20.81
CA THR FA 194 80.57 -36.42 21.86
C THR FA 194 79.23 -36.01 21.30
N PHE FA 195 78.18 -36.32 22.08
CA PHE FA 195 76.85 -35.97 21.71
C PHE FA 195 76.22 -35.35 22.93
N ILE FA 196 75.71 -34.11 22.72
CA ILE FA 196 75.21 -33.26 23.75
C ILE FA 196 73.75 -33.06 23.40
N ARG FA 197 72.86 -33.54 24.27
CA ARG FA 197 71.46 -33.47 24.00
C ARG FA 197 71.00 -32.46 25.01
N VAL FA 198 70.35 -31.41 24.57
CA VAL FA 198 69.86 -30.27 25.43
C VAL FA 198 68.35 -30.18 25.02
N VAL FA 199 67.46 -30.08 26.00
CA VAL FA 199 66.13 -29.54 25.85
C VAL FA 199 66.21 -28.07 25.86
N GLY FA 200 65.82 -27.40 24.74
CA GLY FA 200 65.93 -25.95 24.59
C GLY FA 200 64.80 -25.29 25.42
N SER FA 201 63.78 -26.03 26.03
CA SER FA 201 62.72 -25.40 26.84
C SER FA 201 63.07 -25.51 28.22
N GLU FA 202 64.15 -26.37 28.47
CA GLU FA 202 64.64 -26.57 29.79
C GLU FA 202 65.64 -25.40 29.95
N PHE FA 203 66.14 -24.86 28.87
CA PHE FA 203 66.75 -23.59 28.81
C PHE FA 203 65.64 -22.57 29.04
N VAL FA 204 66.03 -21.47 29.70
CA VAL FA 204 65.23 -20.30 29.99
C VAL FA 204 64.67 -20.48 31.36
N GLN FA 205 65.35 -19.87 32.33
CA GLN FA 205 64.82 -19.94 33.71
C GLN FA 205 63.96 -18.71 33.85
N LYS FA 206 63.42 -18.48 35.07
CA LYS FA 206 62.55 -17.36 35.36
C LYS FA 206 63.37 -16.36 36.12
N TYR FA 207 64.67 -16.29 35.68
CA TYR FA 207 65.61 -15.35 36.21
C TYR FA 207 66.45 -14.81 35.08
N ILE FA 208 66.82 -13.58 35.26
CA ILE FA 208 67.22 -12.68 34.29
C ILE FA 208 68.65 -12.91 33.86
N GLY FA 209 68.85 -13.36 32.59
CA GLY FA 209 70.15 -13.65 32.05
C GLY FA 209 70.70 -14.98 32.47
N GLU FA 210 69.96 -15.74 33.29
CA GLU FA 210 70.26 -17.08 33.62
C GLU FA 210 70.03 -18.09 32.56
N GLY FA 211 68.82 -17.94 31.85
CA GLY FA 211 68.65 -18.47 30.50
C GLY FA 211 69.76 -18.18 29.56
N ALA FA 212 70.43 -16.98 29.50
CA ALA FA 212 71.52 -16.67 28.52
C ALA FA 212 72.68 -17.47 28.90
N ARG FA 213 73.01 -17.37 30.23
CA ARG FA 213 74.12 -18.16 30.85
C ARG FA 213 74.15 -19.60 30.30
N LEU FA 214 72.99 -20.30 30.33
CA LEU FA 214 72.86 -21.66 29.97
C LEU FA 214 73.22 -21.97 28.47
N VAL FA 215 72.79 -21.14 27.50
CA VAL FA 215 73.24 -21.47 26.14
C VAL FA 215 74.67 -21.18 25.83
N ARG FA 216 75.30 -20.19 26.51
CA ARG FA 216 76.69 -19.79 26.42
C ARG FA 216 77.60 -20.90 26.93
N GLU FA 217 77.26 -21.60 28.05
CA GLU FA 217 78.07 -22.66 28.64
C GLU FA 217 78.07 -23.93 27.81
N VAL FA 218 76.86 -24.19 27.25
CA VAL FA 218 76.68 -25.40 26.47
C VAL FA 218 77.50 -25.36 25.16
N PHE FA 219 77.52 -24.16 24.47
CA PHE FA 219 78.42 -23.86 23.31
C PHE FA 219 79.87 -23.83 23.68
N GLN FA 220 80.26 -23.34 24.86
CA GLN FA 220 81.65 -23.30 25.29
C GLN FA 220 82.19 -24.59 25.48
N LEU FA 221 81.38 -25.51 26.03
CA LEU FA 221 81.70 -26.95 26.32
C LEU FA 221 81.98 -27.68 25.03
N ALA FA 222 81.33 -27.33 23.93
CA ALA FA 222 81.45 -27.86 22.54
C ALA FA 222 82.87 -27.46 21.99
N LYS FA 223 83.37 -26.26 22.48
CA LYS FA 223 84.62 -25.75 22.04
C LYS FA 223 85.79 -26.50 22.63
N GLU FA 224 85.60 -26.96 23.93
CA GLU FA 224 86.45 -27.81 24.70
C GLU FA 224 86.36 -29.25 24.18
N LYS FA 225 85.14 -29.70 23.72
CA LYS FA 225 84.90 -31.10 23.34
C LYS FA 225 84.69 -31.31 21.83
N ALA FA 226 85.38 -30.39 21.09
CA ALA FA 226 85.21 -30.50 19.68
C ALA FA 226 85.82 -31.81 19.13
N PRO FA 227 85.29 -32.48 18.07
CA PRO FA 227 84.06 -32.26 17.34
C PRO FA 227 82.91 -32.72 18.21
N SER FA 228 81.68 -32.04 18.17
CA SER FA 228 80.64 -32.38 19.05
C SER FA 228 79.28 -32.09 18.33
N ILE FA 229 78.22 -32.92 18.59
CA ILE FA 229 76.96 -32.72 17.83
C ILE FA 229 76.01 -32.32 18.96
N ILE FA 230 75.30 -31.16 18.81
CA ILE FA 230 74.40 -30.68 19.79
C ILE FA 230 73.00 -30.79 19.20
N PHE FA 231 72.05 -31.25 19.98
CA PHE FA 231 70.64 -31.22 19.63
C PHE FA 231 69.93 -30.19 20.52
N ILE FA 232 69.46 -29.10 19.89
CA ILE FA 232 68.65 -28.15 20.56
C ILE FA 232 67.21 -28.39 20.15
N ASP FA 233 66.42 -28.98 21.05
CA ASP FA 233 65.08 -29.47 20.95
C ASP FA 233 64.25 -28.26 21.39
N GLU FA 234 63.04 -28.10 20.80
CA GLU FA 234 62.04 -27.10 20.96
C GLU FA 234 62.62 -25.73 20.80
N LEU FA 235 62.59 -25.23 19.49
CA LEU FA 235 63.10 -23.90 19.16
C LEU FA 235 61.98 -22.96 19.34
N ASP FA 236 60.86 -23.50 19.89
CA ASP FA 236 59.57 -22.76 20.14
C ASP FA 236 59.63 -22.09 21.44
N ALA FA 237 60.54 -22.53 22.39
CA ALA FA 237 60.44 -21.98 23.75
C ALA FA 237 61.84 -21.39 24.00
N ILE FA 238 62.49 -21.00 22.92
CA ILE FA 238 63.70 -20.22 22.92
C ILE FA 238 63.66 -19.19 21.79
N ALA FA 239 62.50 -19.07 21.00
CA ALA FA 239 62.32 -18.03 20.02
C ALA FA 239 61.12 -17.29 20.45
N ALA FA 240 61.23 -16.00 20.59
CA ALA FA 240 60.21 -15.08 20.99
C ALA FA 240 59.54 -14.47 19.79
N ARG FA 241 58.98 -13.22 19.99
CA ARG FA 241 58.32 -12.45 18.96
C ARG FA 241 58.74 -11.08 19.11
N ARG FA 242 59.00 -10.29 17.97
CA ARG FA 242 59.65 -9.02 18.08
C ARG FA 242 58.64 -7.90 18.10
N THR FA 243 57.36 -8.31 18.08
CA THR FA 243 56.15 -7.44 18.18
C THR FA 243 55.37 -7.90 19.35
N ASN FA 244 54.97 -6.97 20.21
CA ASN FA 244 54.59 -7.21 21.60
C ASN FA 244 53.38 -8.20 21.83
N SER FA 245 53.44 -9.05 22.89
CA SER FA 245 52.37 -9.92 23.20
C SER FA 245 52.50 -10.41 24.67
N ASP FA 246 53.57 -9.94 25.37
CA ASP FA 246 53.82 -10.18 26.75
C ASP FA 246 55.07 -9.42 27.00
N THR FA 247 55.01 -8.32 27.73
CA THR FA 247 56.09 -7.33 27.92
C THR FA 247 57.33 -7.91 28.62
N SER FA 248 57.04 -8.79 29.61
CA SER FA 248 58.05 -9.41 30.40
C SER FA 248 58.58 -10.66 29.76
N GLY FA 249 57.73 -11.35 28.96
CA GLY FA 249 58.05 -12.63 28.37
C GLY FA 249 58.98 -12.65 27.11
N ASP FA 250 58.68 -11.67 26.26
CA ASP FA 250 59.26 -11.63 24.96
C ASP FA 250 60.77 -11.41 25.07
N ARG FA 251 61.21 -10.44 25.93
CA ARG FA 251 62.56 -9.98 26.15
C ARG FA 251 63.40 -11.05 26.83
N GLU FA 252 62.89 -11.82 27.80
CA GLU FA 252 63.67 -12.83 28.48
C GLU FA 252 64.09 -13.87 27.47
N VAL FA 253 63.16 -14.34 26.65
CA VAL FA 253 63.47 -15.36 25.70
C VAL FA 253 64.35 -14.81 24.62
N GLN FA 254 64.09 -13.59 24.23
CA GLN FA 254 64.73 -12.91 23.16
C GLN FA 254 66.26 -12.80 23.40
N ARG FA 255 66.62 -12.50 24.65
CA ARG FA 255 67.99 -12.30 25.12
C ARG FA 255 68.69 -13.72 25.02
N THR FA 256 68.02 -14.82 25.35
CA THR FA 256 68.55 -16.10 25.23
C THR FA 256 68.90 -16.45 23.81
N MET FA 257 67.97 -16.06 22.85
CA MET FA 257 68.00 -16.40 21.49
C MET FA 257 69.21 -15.76 20.86
N MET FA 258 69.44 -14.44 21.12
CA MET FA 258 70.47 -13.68 20.50
C MET FA 258 71.82 -13.99 21.15
N GLN FA 259 71.90 -14.63 22.33
CA GLN FA 259 73.16 -15.19 22.89
C GLN FA 259 73.58 -16.41 22.05
N LEU FA 260 72.54 -17.27 21.77
CA LEU FA 260 72.76 -18.58 21.20
C LEU FA 260 73.26 -18.35 19.79
N LEU FA 261 72.75 -17.26 19.13
CA LEU FA 261 73.12 -16.73 17.85
C LEU FA 261 74.56 -16.25 17.90
N ALA FA 262 75.02 -15.59 19.03
CA ALA FA 262 76.41 -15.14 19.12
C ALA FA 262 77.39 -16.23 19.11
N GLU FA 263 77.11 -17.31 19.84
CA GLU FA 263 77.93 -18.47 19.89
C GLU FA 263 77.82 -19.35 18.66
N LEU FA 264 76.70 -19.37 17.93
CA LEU FA 264 76.56 -20.31 16.85
C LEU FA 264 77.44 -19.98 15.69
N ASP FA 265 77.54 -18.70 15.36
CA ASP FA 265 78.60 -18.28 14.52
C ASP FA 265 78.59 -16.75 14.50
N GLY FA 266 78.09 -16.09 15.58
CA GLY FA 266 78.01 -14.60 15.66
C GLY FA 266 79.34 -13.96 15.67
N PHE FA 267 80.29 -14.54 16.44
CA PHE FA 267 81.72 -14.21 16.46
C PHE FA 267 82.43 -15.54 16.60
N ASP FA 268 82.18 -16.14 17.74
CA ASP FA 268 82.92 -17.20 18.24
C ASP FA 268 82.66 -18.45 17.35
N PRO FA 269 83.66 -19.34 17.25
CA PRO FA 269 83.64 -20.32 16.19
C PRO FA 269 82.57 -21.33 16.54
N ARG FA 270 81.97 -22.02 15.54
CA ARG FA 270 81.03 -23.01 15.81
C ARG FA 270 81.64 -24.07 16.67
N GLY FA 271 82.99 -24.50 16.38
CA GLY FA 271 83.60 -25.49 17.17
C GLY FA 271 83.14 -26.81 16.70
N ASP FA 272 83.03 -26.96 15.31
CA ASP FA 272 82.47 -28.10 14.60
C ASP FA 272 81.18 -28.56 15.22
N VAL FA 273 80.17 -27.69 15.26
CA VAL FA 273 78.80 -27.91 15.65
C VAL FA 273 78.11 -27.52 14.37
N LYS FA 274 77.24 -28.26 13.66
CA LYS FA 274 76.75 -29.63 13.75
C LYS FA 274 75.48 -29.63 14.56
N VAL FA 275 74.67 -28.58 14.34
CA VAL FA 275 73.35 -28.48 14.94
C VAL FA 275 72.30 -28.62 13.82
N ILE FA 276 71.27 -29.50 13.82
CA ILE FA 276 70.75 -30.47 14.66
C ILE FA 276 70.04 -29.78 15.78
N GLY FA 277 68.70 -29.95 15.72
CA GLY FA 277 67.81 -29.22 16.52
C GLY FA 277 66.51 -29.39 15.83
N ALA FA 278 65.45 -29.00 16.59
CA ALA FA 278 64.13 -29.44 16.29
C ALA FA 278 63.13 -28.46 16.69
N THR FA 279 62.08 -28.31 15.83
CA THR FA 279 60.99 -27.38 16.13
C THR FA 279 59.71 -28.01 15.59
N ASN FA 280 58.59 -27.71 16.28
CA ASN FA 280 57.22 -28.24 16.12
C ASN FA 280 56.39 -27.39 15.20
N ARG FA 281 56.76 -26.02 15.13
CA ARG FA 281 56.13 -24.95 14.40
C ARG FA 281 57.28 -24.16 13.81
N ILE FA 282 57.17 -23.93 12.48
CA ILE FA 282 58.22 -23.26 11.71
C ILE FA 282 58.07 -21.76 11.68
N ASP FA 283 56.80 -21.30 11.95
CA ASP FA 283 56.30 -19.94 11.70
C ASP FA 283 56.48 -19.15 12.91
N ILE FA 284 56.94 -19.74 14.01
CA ILE FA 284 57.02 -19.19 15.36
C ILE FA 284 58.48 -18.67 15.51
N LEU FA 285 59.39 -18.79 14.52
CA LEU FA 285 60.76 -18.39 14.73
C LEU FA 285 60.97 -17.00 14.44
N ASP FA 286 61.99 -16.41 15.10
CA ASP FA 286 62.38 -15.10 14.85
C ASP FA 286 63.11 -15.12 13.50
N PRO FA 287 63.24 -14.04 12.72
CA PRO FA 287 63.90 -13.93 11.45
C PRO FA 287 65.34 -14.29 11.45
N ALA FA 288 65.99 -14.08 12.62
CA ALA FA 288 67.41 -14.34 12.76
C ALA FA 288 67.81 -15.77 12.62
N ILE FA 289 67.11 -16.77 13.24
CA ILE FA 289 67.54 -18.14 13.31
C ILE FA 289 67.03 -18.83 12.11
N LEU FA 290 65.90 -18.29 11.49
CA LEU FA 290 65.09 -19.03 10.56
C LEU FA 290 65.96 -19.36 9.35
N ARG FA 291 66.78 -18.32 8.91
CA ARG FA 291 67.54 -18.29 7.77
C ARG FA 291 68.70 -19.32 7.58
N PRO FA 292 69.07 -19.77 6.37
CA PRO FA 292 70.08 -20.74 6.10
C PRO FA 292 71.45 -20.04 6.35
N GLY FA 293 72.42 -20.76 7.01
CA GLY FA 293 73.65 -20.23 7.61
C GLY FA 293 73.42 -20.03 9.13
N ARG FA 294 72.34 -20.65 9.65
CA ARG FA 294 72.14 -20.78 11.03
C ARG FA 294 71.80 -22.21 11.24
N PHE FA 295 71.37 -22.80 10.11
CA PHE FA 295 71.12 -24.16 9.87
C PHE FA 295 71.01 -24.04 8.41
N ASP FA 296 72.04 -24.54 7.71
CA ASP FA 296 72.23 -24.40 6.28
C ASP FA 296 71.25 -25.20 5.52
N ARG FA 297 70.85 -26.38 5.96
CA ARG FA 297 69.92 -27.18 5.10
C ARG FA 297 68.70 -27.34 5.86
N ILE FA 298 67.70 -26.49 5.51
CA ILE FA 298 66.44 -26.44 6.22
C ILE FA 298 65.72 -27.60 5.57
N ILE FA 299 65.33 -28.60 6.40
CA ILE FA 299 64.73 -29.88 6.06
C ILE FA 299 63.32 -29.94 6.66
N GLU FA 300 62.31 -30.28 5.80
CA GLU FA 300 61.01 -30.65 6.20
C GLU FA 300 61.05 -32.05 6.48
N VAL FA 301 60.50 -32.42 7.68
CA VAL FA 301 60.28 -33.74 8.13
C VAL FA 301 58.75 -33.76 8.13
N PRO FA 302 58.03 -34.41 7.27
CA PRO FA 302 56.58 -34.29 7.27
C PRO FA 302 56.07 -35.36 8.16
N LEU FA 303 54.72 -35.65 7.96
CA LEU FA 303 54.18 -36.85 8.43
C LEU FA 303 54.37 -37.84 7.31
N PRO FA 304 54.77 -39.10 7.59
CA PRO FA 304 54.98 -40.12 6.61
C PRO FA 304 53.87 -40.38 5.63
N THR FA 305 54.33 -40.91 4.47
CA THR FA 305 53.50 -41.29 3.37
C THR FA 305 52.97 -42.62 3.61
N PHE FA 306 52.17 -43.16 2.67
CA PHE FA 306 51.56 -44.44 2.58
C PHE FA 306 52.65 -45.56 2.75
N GLU FA 307 53.76 -45.45 1.99
CA GLU FA 307 54.89 -46.36 2.07
C GLU FA 307 55.55 -46.24 3.45
N GLY FA 308 55.63 -45.04 3.99
CA GLY FA 308 56.29 -44.71 5.24
C GLY FA 308 55.63 -45.39 6.28
N ARG FA 309 54.20 -45.57 6.20
CA ARG FA 309 53.43 -46.28 7.20
C ARG FA 309 53.96 -47.70 7.34
N ILE FA 310 54.11 -48.35 6.20
CA ILE FA 310 54.49 -49.73 5.93
C ILE FA 310 55.88 -49.90 6.47
N GLN FA 311 56.92 -49.02 6.16
CA GLN FA 311 58.28 -49.10 6.65
C GLN FA 311 58.37 -49.12 8.15
N ILE FA 312 57.61 -48.23 8.94
CA ILE FA 312 57.59 -48.12 10.38
C ILE FA 312 57.04 -49.36 11.00
N PHE FA 313 55.94 -49.95 10.50
CA PHE FA 313 55.32 -51.15 10.98
C PHE FA 313 56.34 -52.28 10.97
N LYS FA 314 57.08 -52.44 9.87
CA LYS FA 314 58.02 -53.53 9.58
C LYS FA 314 59.10 -53.65 10.65
N ILE FA 315 59.59 -52.43 11.09
CA ILE FA 315 60.62 -52.32 12.11
C ILE FA 315 60.14 -52.79 13.39
N HIS FA 316 58.94 -52.39 13.81
CA HIS FA 316 58.28 -52.49 15.08
C HIS FA 316 57.86 -53.97 15.37
N THR FA 317 57.54 -54.66 14.26
CA THR FA 317 56.95 -55.94 14.40
C THR FA 317 57.91 -57.04 14.63
N ARG FA 318 59.21 -56.68 14.28
CA ARG FA 318 60.33 -57.49 14.67
C ARG FA 318 60.54 -57.46 16.21
N LYS FA 319 60.00 -56.39 16.85
CA LYS FA 319 60.14 -56.17 18.22
C LYS FA 319 59.15 -57.02 19.05
N MET FA 320 58.12 -57.45 18.40
CA MET FA 320 56.94 -58.12 18.84
C MET FA 320 57.07 -59.51 18.33
N LYS FA 321 56.04 -60.34 18.57
CA LYS FA 321 56.18 -61.68 18.20
C LYS FA 321 55.46 -61.85 16.82
N LEU FA 322 55.13 -60.77 16.05
CA LEU FA 322 54.95 -60.80 14.59
C LEU FA 322 53.63 -61.38 14.27
N ALA FA 323 52.90 -60.85 13.19
CA ALA FA 323 51.62 -61.36 12.77
C ALA FA 323 51.80 -62.74 12.21
N GLU FA 324 50.68 -63.50 12.00
CA GLU FA 324 50.82 -64.80 11.40
C GLU FA 324 50.19 -64.85 9.95
N ASP FA 325 49.59 -63.67 9.62
CA ASP FA 325 48.82 -63.46 8.44
C ASP FA 325 49.04 -61.93 8.28
N VAL FA 326 50.28 -61.56 8.24
CA VAL FA 326 50.98 -60.42 7.82
C VAL FA 326 50.31 -59.78 6.62
N ASP FA 327 50.21 -58.48 6.67
CA ASP FA 327 49.79 -57.59 5.63
C ASP FA 327 49.81 -56.23 6.18
N PHE FA 328 50.81 -55.50 5.78
CA PHE FA 328 51.12 -54.18 6.39
C PHE FA 328 50.44 -53.11 5.59
N LYS FA 329 50.01 -53.47 4.31
CA LYS FA 329 49.42 -52.59 3.39
C LYS FA 329 48.04 -52.17 3.87
N GLU FA 330 47.20 -53.08 4.45
CA GLU FA 330 45.85 -52.82 4.85
C GLU FA 330 45.86 -51.73 5.92
N LEU FA 331 46.78 -51.86 6.87
CA LEU FA 331 46.80 -51.03 8.10
C LEU FA 331 47.12 -49.61 7.68
N ALA FA 332 48.10 -49.49 6.75
CA ALA FA 332 48.64 -48.29 6.23
C ALA FA 332 47.64 -47.38 5.57
N ARG FA 333 46.66 -48.00 4.90
CA ARG FA 333 45.54 -47.35 4.31
C ARG FA 333 44.63 -46.59 5.32
N ILE FA 334 44.38 -47.28 6.46
CA ILE FA 334 43.53 -46.75 7.56
C ILE FA 334 44.33 -45.71 8.35
N THR FA 335 45.68 -45.89 8.59
CA THR FA 335 46.43 -45.03 9.43
C THR FA 335 46.93 -43.77 8.81
N GLU FA 336 46.80 -43.68 7.45
CA GLU FA 336 47.19 -42.51 6.64
C GLU FA 336 46.55 -41.27 7.15
N GLY FA 337 47.37 -40.26 7.42
CA GLY FA 337 47.06 -38.99 8.03
C GLY FA 337 47.25 -39.03 9.49
N ALA FA 338 48.13 -40.00 10.04
CA ALA FA 338 48.54 -40.11 11.45
C ALA FA 338 49.88 -39.51 11.62
N SER FA 339 50.75 -40.08 12.45
CA SER FA 339 52.10 -39.62 12.69
C SER FA 339 52.95 -40.89 12.94
N GLY FA 340 54.26 -40.79 13.11
CA GLY FA 340 55.16 -41.92 13.41
C GLY FA 340 54.95 -42.46 14.80
N ALA FA 341 54.55 -41.57 15.78
CA ALA FA 341 54.25 -41.85 17.18
C ALA FA 341 53.08 -42.75 17.21
N ASP FA 342 52.21 -42.69 16.24
CA ASP FA 342 50.94 -43.47 16.15
C ASP FA 342 51.21 -44.84 15.61
N ILE FA 343 52.22 -44.99 14.74
CA ILE FA 343 52.61 -46.38 14.38
C ILE FA 343 53.18 -47.20 15.60
N LYS FA 344 54.00 -46.44 16.42
CA LYS FA 344 54.51 -46.91 17.68
C LYS FA 344 53.44 -47.29 18.59
N ALA FA 345 52.41 -46.44 18.63
CA ALA FA 345 51.33 -46.70 19.60
C ALA FA 345 50.49 -47.86 19.40
N ILE FA 346 50.11 -48.10 18.14
CA ILE FA 346 49.33 -49.18 17.65
C ILE FA 346 50.07 -50.51 18.00
N CYS FA 347 51.38 -50.62 17.77
CA CYS FA 347 52.18 -51.80 18.05
C CYS FA 347 52.10 -52.16 19.52
N THR FA 348 52.13 -51.15 20.41
CA THR FA 348 52.06 -51.20 21.86
C THR FA 348 50.70 -51.70 22.21
N GLU FA 349 49.62 -51.24 21.52
CA GLU FA 349 48.27 -51.61 21.76
C GLU FA 349 48.01 -53.08 21.41
N ALA FA 350 48.62 -53.57 20.35
CA ALA FA 350 48.65 -54.92 19.81
C ALA FA 350 49.22 -55.97 20.71
N GLY FA 351 50.35 -55.64 21.39
CA GLY FA 351 50.95 -56.55 22.31
C GLY FA 351 50.12 -56.69 23.54
N MET FA 352 49.50 -55.61 24.05
CA MET FA 352 48.76 -55.57 25.27
C MET FA 352 47.48 -56.24 25.08
N PHE FA 353 46.95 -56.27 23.84
CA PHE FA 353 45.80 -56.94 23.53
C PHE FA 353 45.94 -58.43 23.78
N ALA FA 354 47.17 -58.93 23.46
CA ALA FA 354 47.63 -60.25 23.75
C ALA FA 354 47.77 -60.58 25.17
N ILE FA 355 48.26 -59.64 26.00
CA ILE FA 355 48.27 -59.85 27.48
C ILE FA 355 46.88 -60.05 27.97
N ARG FA 356 45.88 -59.26 27.51
CA ARG FA 356 44.57 -59.26 28.06
C ARG FA 356 43.83 -60.50 27.87
N GLU FA 357 43.96 -61.18 26.63
CA GLU FA 357 43.43 -62.44 26.26
C GLU FA 357 44.10 -63.59 26.97
N GLU FA 358 45.40 -63.36 27.30
CA GLU FA 358 46.31 -64.24 28.07
C GLU FA 358 46.77 -65.27 27.07
N ARG FA 359 46.68 -64.98 25.76
CA ARG FA 359 47.32 -65.69 24.73
C ARG FA 359 48.80 -65.53 24.83
N ALA FA 360 49.23 -64.28 25.06
CA ALA FA 360 50.59 -63.82 25.08
C ALA FA 360 51.35 -64.18 23.77
N LYS FA 361 50.72 -64.09 22.53
CA LYS FA 361 51.48 -64.02 21.30
C LYS FA 361 50.63 -63.11 20.53
N VAL FA 362 51.28 -62.08 19.85
CA VAL FA 362 50.62 -61.20 18.92
C VAL FA 362 50.36 -61.94 17.58
N THR FA 363 49.29 -61.71 16.86
CA THR FA 363 48.89 -62.35 15.66
C THR FA 363 48.15 -61.22 14.92
N MET FA 364 47.79 -61.43 13.63
CA MET FA 364 47.14 -60.47 12.76
C MET FA 364 45.87 -59.94 13.36
N LEU FA 365 45.04 -60.81 14.00
CA LEU FA 365 43.71 -60.53 14.65
C LEU FA 365 44.02 -59.50 15.76
N ASP FA 366 45.16 -59.67 16.50
CA ASP FA 366 45.54 -58.72 17.51
C ASP FA 366 45.89 -57.38 16.96
N PHE FA 367 46.68 -57.28 15.84
CA PHE FA 367 47.12 -56.12 15.06
C PHE FA 367 45.90 -55.41 14.52
N THR FA 368 45.00 -55.99 13.82
CA THR FA 368 43.82 -55.25 13.27
C THR FA 368 42.96 -54.66 14.34
N LYS FA 369 42.87 -55.39 15.47
CA LYS FA 369 42.07 -54.95 16.57
C LYS FA 369 42.66 -53.76 17.26
N ALA FA 370 43.99 -53.77 17.44
CA ALA FA 370 44.72 -52.68 18.07
C ALA FA 370 44.63 -51.36 17.30
N ILE FA 371 44.67 -51.52 15.99
CA ILE FA 371 44.55 -50.39 15.06
C ILE FA 371 43.24 -49.70 15.24
N GLU FA 372 42.15 -50.49 15.38
CA GLU FA 372 40.82 -50.00 15.61
C GLU FA 372 40.78 -49.28 16.89
N LYS FA 373 41.32 -49.78 18.03
CA LYS FA 373 41.22 -49.10 19.27
C LYS FA 373 41.95 -47.79 19.33
N VAL FA 374 43.13 -47.69 18.70
CA VAL FA 374 43.87 -46.48 18.85
C VAL FA 374 43.30 -45.36 17.98
N LEU FA 375 42.93 -45.66 16.71
CA LEU FA 375 42.28 -44.78 15.86
C LEU FA 375 40.93 -44.35 16.29
N LYS FA 376 40.29 -45.10 17.24
CA LYS FA 376 38.99 -44.86 17.89
C LYS FA 376 39.04 -43.58 18.64
N LYS FA 377 40.19 -43.28 19.27
CA LYS FA 377 40.39 -42.11 20.14
C LYS FA 377 40.32 -40.88 19.19
N THR FA 378 40.82 -41.00 17.94
CA THR FA 378 41.43 -39.99 17.18
C THR FA 378 40.39 -39.62 16.18
N THR FA 379 39.24 -40.37 16.15
CA THR FA 379 38.12 -40.14 15.22
C THR FA 379 36.88 -40.01 15.98
N PRO FA 380 35.82 -39.26 15.55
CA PRO FA 380 34.95 -38.80 16.50
C PRO FA 380 33.55 -39.27 15.93
N ILE FA 381 33.52 -40.18 14.96
CA ILE FA 381 32.37 -40.86 14.40
C ILE FA 381 31.44 -41.55 15.42
N PRO FA 382 31.92 -42.56 16.30
CA PRO FA 382 31.04 -43.35 17.20
C PRO FA 382 30.16 -42.55 18.12
N ASP FA 383 29.03 -43.18 18.41
CA ASP FA 383 27.99 -42.77 19.32
C ASP FA 383 27.20 -41.55 18.64
N LEU FA 384 25.90 -41.38 18.96
CA LEU FA 384 25.11 -42.16 19.92
C LEU FA 384 23.81 -42.17 19.10
N LYS FA 385 22.94 -43.23 19.27
CA LYS FA 385 21.77 -43.45 18.49
C LYS FA 385 20.66 -43.10 19.40
N GLY FA 386 19.79 -42.21 18.96
CA GLY FA 386 18.66 -41.71 19.61
C GLY FA 386 17.41 -42.59 19.59
N VAL FA 387 16.28 -41.98 20.08
CA VAL FA 387 15.98 -40.73 20.76
C VAL FA 387 15.69 -39.59 19.78
N MET FA 388 16.65 -38.96 19.03
CA MET FA 388 16.52 -37.85 18.17
C MET FA 388 17.55 -37.72 17.03
N PHE FA 389 18.59 -38.55 17.01
CA PHE FA 389 19.63 -38.54 16.02
C PHE FA 389 19.47 -39.74 15.21
N VAL FA 390 18.50 -40.63 15.63
CA VAL FA 390 18.15 -41.77 14.84
C VAL FA 390 17.32 -41.34 13.62
N LEU GA 1 140.08 -102.33 57.27
CA LEU GA 1 140.12 -101.84 58.64
C LEU GA 1 140.53 -100.37 58.59
N LEU GA 2 141.89 -100.15 58.45
CA LEU GA 2 142.53 -98.84 58.69
C LEU GA 2 141.94 -97.84 57.70
N GLU GA 3 141.77 -98.34 56.45
CA GLU GA 3 141.24 -97.54 55.25
C GLU GA 3 139.79 -97.14 55.35
N LYS GA 4 138.91 -98.04 55.72
CA LYS GA 4 137.53 -97.78 55.87
C LYS GA 4 137.20 -96.74 56.91
N LEU GA 5 137.83 -96.90 58.14
CA LEU GA 5 137.53 -96.02 59.21
C LEU GA 5 138.00 -94.63 58.96
N LYS GA 6 139.20 -94.50 58.28
CA LYS GA 6 139.92 -93.29 57.89
C LYS GA 6 139.17 -92.51 56.86
N LYS GA 7 138.52 -93.17 55.81
CA LYS GA 7 137.73 -92.64 54.69
C LYS GA 7 136.57 -91.95 55.33
N LEU GA 8 135.97 -92.62 56.32
CA LEU GA 8 134.79 -92.16 57.01
C LEU GA 8 135.01 -90.95 57.79
N GLU GA 9 136.16 -90.96 58.54
CA GLU GA 9 136.64 -89.88 59.35
C GLU GA 9 136.82 -88.60 58.62
N GLU GA 10 137.43 -88.71 57.43
CA GLU GA 10 137.80 -87.68 56.49
C GLU GA 10 136.59 -87.06 55.81
N ASP GA 11 135.65 -87.94 55.32
CA ASP GA 11 134.42 -87.49 54.57
C ASP GA 11 133.44 -86.78 55.47
N TYR GA 12 133.38 -87.25 56.76
CA TYR GA 12 132.55 -86.65 57.83
C TYR GA 12 133.18 -85.30 58.16
N TYR GA 13 134.51 -85.17 58.14
CA TYR GA 13 135.26 -83.95 58.32
C TYR GA 13 134.91 -83.03 57.15
N LYS GA 14 134.68 -83.54 55.91
CA LYS GA 14 134.55 -82.62 54.77
C LYS GA 14 133.25 -81.84 54.83
N LEU GA 15 132.20 -82.68 55.15
CA LEU GA 15 130.86 -82.18 55.27
C LEU GA 15 130.67 -81.28 56.54
N ARG GA 16 131.36 -81.73 57.66
CA ARG GA 16 131.48 -81.00 58.89
C ARG GA 16 132.05 -79.60 58.68
N GLU GA 17 133.16 -79.47 57.99
CA GLU GA 17 133.85 -78.29 57.54
C GLU GA 17 133.00 -77.41 56.67
N LEU GA 18 132.15 -78.02 55.76
CA LEU GA 18 131.21 -77.29 54.96
C LEU GA 18 130.22 -76.47 55.74
N TYR GA 19 129.50 -77.10 56.73
CA TYR GA 19 128.42 -76.51 57.44
C TYR GA 19 128.92 -75.56 58.46
N ARG GA 20 130.14 -75.70 59.00
CA ARG GA 20 130.87 -74.85 59.91
C ARG GA 20 131.19 -73.46 59.35
N ARG GA 21 131.82 -73.44 58.15
CA ARG GA 21 132.14 -72.22 57.38
C ARG GA 21 130.87 -71.48 56.85
N LEU GA 22 129.88 -72.27 56.42
CA LEU GA 22 128.69 -71.73 55.82
C LEU GA 22 127.93 -71.02 56.86
N GLU GA 23 127.85 -71.57 58.10
CA GLU GA 23 127.14 -71.00 59.22
C GLU GA 23 127.71 -69.62 59.56
N ASP GA 24 129.03 -69.43 59.56
CA ASP GA 24 129.77 -68.19 59.77
C ASP GA 24 129.42 -67.16 58.73
N GLU GA 25 129.11 -67.58 57.46
CA GLU GA 25 128.71 -66.59 56.49
C GLU GA 25 127.36 -65.93 56.81
N LYS GA 26 126.48 -66.72 57.40
CA LYS GA 26 125.11 -66.55 57.72
C LYS GA 26 124.96 -65.67 58.94
N LYS GA 27 126.08 -65.56 59.82
CA LYS GA 27 126.12 -64.62 60.91
C LYS GA 27 126.20 -63.20 60.51
N PHE GA 28 126.76 -62.86 59.43
CA PHE GA 28 126.60 -61.52 58.79
C PHE GA 28 125.21 -61.19 58.26
N ILE GA 29 124.46 -62.17 57.72
CA ILE GA 29 123.07 -61.92 57.30
C ILE GA 29 122.18 -61.54 58.48
N GLU GA 30 122.37 -62.28 59.60
CA GLU GA 30 121.67 -62.02 60.83
C GLU GA 30 121.85 -60.70 61.49
N SER GA 31 123.11 -60.19 61.61
CA SER GA 31 123.50 -58.86 62.18
C SER GA 31 122.81 -57.69 61.48
N GLU GA 32 122.69 -57.84 60.18
CA GLU GA 32 122.00 -56.88 59.30
C GLU GA 32 120.55 -56.86 59.65
N ARG GA 33 119.99 -58.00 60.16
CA ARG GA 33 118.62 -58.09 60.46
C ARG GA 33 118.23 -57.18 61.68
N ILE GA 34 119.04 -57.15 62.73
CA ILE GA 34 118.77 -56.27 63.86
C ILE GA 34 118.74 -54.78 63.46
N ARG GA 35 119.64 -54.26 62.56
CA ARG GA 35 119.65 -52.85 62.19
C ARG GA 35 118.42 -52.49 61.42
N TYR GA 36 117.98 -53.51 60.64
CA TYR GA 36 116.80 -53.48 59.81
C TYR GA 36 115.55 -53.35 60.62
N GLU GA 37 115.54 -53.98 61.78
CA GLU GA 37 114.35 -54.19 62.61
C GLU GA 37 113.90 -52.84 63.16
N ARG GA 38 114.90 -51.98 63.51
CA ARG GA 38 114.68 -50.60 63.91
C ARG GA 38 114.08 -49.73 62.90
N GLU GA 39 114.41 -49.90 61.65
CA GLU GA 39 113.97 -49.15 60.56
C GLU GA 39 112.47 -49.34 60.16
N VAL GA 40 111.98 -50.64 60.10
CA VAL GA 40 110.63 -50.93 59.78
C VAL GA 40 109.67 -50.46 60.90
N ARG GA 41 110.07 -50.34 62.17
CA ARG GA 41 109.26 -49.89 63.29
C ARG GA 41 109.21 -48.39 63.36
N ARG GA 42 110.35 -47.76 62.92
CA ARG GA 42 110.46 -46.33 62.72
C ARG GA 42 109.54 -45.80 61.60
N LEU GA 43 109.47 -46.52 60.42
CA LEU GA 43 108.57 -46.24 59.31
C LEU GA 43 107.13 -46.46 59.73
N ARG GA 44 106.80 -47.52 60.46
CA ARG GA 44 105.42 -47.64 61.01
C ARG GA 44 105.00 -46.51 61.93
N SER GA 45 105.96 -45.99 62.79
CA SER GA 45 105.70 -44.92 63.66
C SER GA 45 105.40 -43.63 62.93
N GLU GA 46 106.00 -43.42 61.70
CA GLU GA 46 105.64 -42.21 60.97
C GLU GA 46 104.24 -42.25 60.36
N VAL GA 47 103.75 -43.36 59.85
CA VAL GA 47 102.44 -43.57 59.26
C VAL GA 47 101.40 -43.21 60.27
N GLU GA 48 101.65 -43.78 61.48
CA GLU GA 48 100.67 -43.66 62.53
C GLU GA 48 100.52 -42.30 63.16
N ARG GA 49 101.61 -41.52 63.14
CA ARG GA 49 101.65 -40.12 63.48
C ARG GA 49 100.91 -39.28 62.48
N LEU GA 50 101.00 -39.57 61.19
CA LEU GA 50 100.31 -38.76 60.22
C LEU GA 50 98.75 -38.97 60.35
N ARG GA 51 98.38 -40.24 60.62
CA ARG GA 51 96.96 -40.63 60.69
C ARG GA 51 96.36 -40.30 62.03
N SER GA 52 97.09 -40.05 63.16
CA SER GA 52 96.53 -39.64 64.41
C SER GA 52 95.72 -38.31 64.36
N PRO GA 53 94.55 -38.11 65.07
CA PRO GA 53 93.95 -36.82 65.31
C PRO GA 53 94.93 -35.68 65.66
N PRO GA 54 94.65 -34.39 65.48
CA PRO GA 54 93.50 -33.78 64.87
C PRO GA 54 93.55 -33.89 63.34
N LEU GA 55 92.38 -34.22 62.80
CA LEU GA 55 92.30 -34.42 61.37
C LEU GA 55 91.16 -33.53 60.98
N LEU GA 56 91.29 -32.83 59.82
CA LEU GA 56 90.34 -31.81 59.40
C LEU GA 56 89.56 -32.51 58.28
N VAL GA 57 88.25 -32.44 58.43
CA VAL GA 57 87.28 -33.03 57.54
C VAL GA 57 87.25 -32.23 56.27
N GLY GA 58 86.90 -32.83 55.17
CA GLY GA 58 86.56 -32.21 53.95
C GLY GA 58 85.66 -33.16 53.19
N VAL GA 59 85.26 -32.86 51.95
CA VAL GA 59 84.57 -33.73 51.05
C VAL GA 59 85.24 -33.65 49.70
N VAL GA 60 85.14 -34.77 48.93
CA VAL GA 60 85.63 -34.84 47.58
C VAL GA 60 84.74 -34.08 46.68
N SER GA 61 85.28 -33.23 45.77
CA SER GA 61 84.47 -32.43 44.91
C SER GA 61 84.43 -33.13 43.60
N ASP GA 62 85.58 -33.70 43.22
CA ASP GA 62 85.76 -34.30 41.92
C ASP GA 62 87.05 -35.10 42.01
N ILE GA 63 87.27 -36.06 41.14
CA ILE GA 63 88.44 -36.84 41.13
C ILE GA 63 88.97 -36.63 39.74
N LEU GA 64 90.29 -36.31 39.63
CA LEU GA 64 91.04 -36.06 38.42
C LEU GA 64 91.65 -37.33 37.87
N GLU GA 65 92.05 -37.20 36.56
CA GLU GA 65 92.56 -38.29 35.82
C GLU GA 65 94.09 -38.23 35.98
N ASP GA 66 94.67 -37.46 36.95
CA ASP GA 66 96.11 -37.16 37.05
C ASP GA 66 96.46 -37.64 38.50
N GLY GA 67 95.60 -38.52 39.08
CA GLY GA 67 95.83 -39.25 40.28
C GLY GA 67 95.64 -38.45 41.53
N ARG GA 68 94.99 -37.28 41.32
CA ARG GA 68 94.82 -36.45 42.46
C ARG GA 68 93.37 -36.13 42.59
N VAL GA 69 92.94 -35.81 43.85
CA VAL GA 69 91.60 -35.74 44.20
C VAL GA 69 91.59 -34.25 44.62
N VAL GA 70 90.51 -33.55 44.27
CA VAL GA 70 90.15 -32.21 44.63
C VAL GA 70 89.40 -32.47 45.84
N VAL GA 71 89.84 -31.85 46.97
CA VAL GA 71 89.14 -31.84 48.20
C VAL GA 71 88.83 -30.46 48.60
N LYS GA 72 87.51 -30.17 48.81
CA LYS GA 72 87.05 -28.93 49.27
C LYS GA 72 86.94 -29.27 50.81
N SER GA 73 87.81 -28.55 51.57
CA SER GA 73 87.89 -28.66 52.96
C SER GA 73 86.70 -28.01 53.66
N SER GA 74 86.45 -28.35 54.95
CA SER GA 74 85.29 -27.81 55.69
C SER GA 74 85.53 -26.39 56.04
N THR GA 75 86.79 -25.77 55.74
CA THR GA 75 87.18 -24.38 55.93
C THR GA 75 86.90 -23.57 54.69
N GLY GA 76 86.72 -24.26 53.50
CA GLY GA 76 86.30 -23.68 52.30
C GLY GA 76 87.38 -23.84 51.18
N PRO GA 77 88.68 -23.66 51.40
CA PRO GA 77 89.77 -23.86 50.38
C PRO GA 77 89.81 -25.19 49.70
N LYS GA 78 90.22 -25.17 48.44
CA LYS GA 78 90.33 -26.36 47.69
C LYS GA 78 91.82 -26.61 47.57
N PHE GA 79 92.13 -27.95 47.49
CA PHE GA 79 93.43 -28.45 47.38
C PHE GA 79 93.37 -29.60 46.43
N VAL GA 80 94.53 -29.89 45.69
CA VAL GA 80 94.73 -31.06 44.95
C VAL GA 80 95.85 -31.78 45.58
N VAL GA 81 95.47 -32.98 46.16
CA VAL GA 81 96.39 -33.70 46.93
C VAL GA 81 96.21 -35.13 46.47
N ASN GA 82 97.18 -36.03 46.83
CA ASN GA 82 97.12 -37.42 46.46
C ASN GA 82 96.41 -38.09 47.60
N THR GA 83 96.07 -39.39 47.41
CA THR GA 83 95.21 -40.19 48.27
C THR GA 83 96.06 -40.81 49.46
N SER GA 84 95.89 -42.15 49.67
CA SER GA 84 96.87 -42.94 50.40
C SER GA 84 97.12 -44.12 49.47
N GLN GA 85 98.09 -44.99 49.88
CA GLN GA 85 98.20 -46.25 49.18
C GLN GA 85 97.05 -47.19 49.57
N TYR GA 86 96.42 -46.91 50.73
CA TYR GA 86 95.28 -47.66 51.18
C TYR GA 86 94.03 -46.91 51.14
N ILE GA 87 93.96 -45.95 50.22
CA ILE GA 87 92.77 -45.24 49.93
C ILE GA 87 92.73 -45.37 48.40
N ASN GA 88 91.53 -45.55 47.75
CA ASN GA 88 91.49 -45.84 46.35
C ASN GA 88 90.21 -45.18 45.89
N GLU GA 89 90.00 -45.30 44.53
CA GLU GA 89 88.80 -44.71 43.92
C GLU GA 89 87.58 -45.68 44.26
N GLU GA 90 87.84 -46.78 45.03
CA GLU GA 90 86.85 -47.77 45.55
C GLU GA 90 86.25 -47.23 46.79
N GLU GA 91 87.02 -46.41 47.47
CA GLU GA 91 86.70 -45.84 48.79
C GLU GA 91 86.43 -44.37 48.65
N LEU GA 92 86.60 -43.77 47.44
CA LEU GA 92 86.50 -42.41 47.22
C LEU GA 92 85.55 -42.28 46.06
N LYS GA 93 84.58 -41.43 46.19
CA LYS GA 93 83.54 -41.12 45.19
C LYS GA 93 83.21 -39.68 45.55
N PRO GA 94 82.84 -38.79 44.54
CA PRO GA 94 82.43 -37.43 44.79
C PRO GA 94 81.47 -37.52 46.02
N GLY GA 95 81.74 -36.59 46.96
CA GLY GA 95 80.98 -36.27 48.14
C GLY GA 95 81.31 -37.12 49.28
N ALA GA 96 82.45 -37.89 49.15
CA ALA GA 96 82.94 -38.83 50.15
C ALA GA 96 83.67 -37.95 51.21
N ARG GA 97 83.30 -38.23 52.51
CA ARG GA 97 83.73 -37.61 53.68
C ARG GA 97 85.08 -38.17 54.07
N VAL GA 98 86.15 -37.29 54.16
CA VAL GA 98 87.53 -37.65 54.49
C VAL GA 98 88.05 -36.85 55.50
N ALA GA 99 89.15 -37.37 56.06
CA ALA GA 99 89.84 -36.79 57.15
C ALA GA 99 91.25 -36.53 56.55
N LEU GA 100 91.80 -35.28 56.73
CA LEU GA 100 93.05 -34.82 56.19
C LEU GA 100 93.94 -34.59 57.36
N ASN GA 101 95.20 -35.02 57.12
CA ASN GA 101 96.30 -34.69 58.03
C ASN GA 101 96.65 -33.27 57.62
N GLN GA 102 96.26 -32.42 58.55
CA GLN GA 102 95.93 -31.02 58.25
C GLN GA 102 97.18 -30.12 58.23
N GLN GA 103 98.38 -30.79 58.42
CA GLN GA 103 99.67 -30.13 58.25
C GLN GA 103 100.24 -30.38 56.91
N THR GA 104 99.46 -31.06 56.04
CA THR GA 104 99.85 -31.18 54.64
C THR GA 104 98.60 -31.09 53.78
N LEU GA 105 97.47 -31.13 54.44
CA LEU GA 105 96.12 -31.19 53.89
C LEU GA 105 95.94 -32.25 52.86
N ALA GA 106 96.58 -33.43 53.02
CA ALA GA 106 96.46 -34.65 52.25
C ALA GA 106 95.60 -35.62 52.90
N ILE GA 107 94.91 -36.55 52.15
CA ILE GA 107 93.94 -37.43 52.72
C ILE GA 107 94.74 -38.44 53.51
N VAL GA 108 94.40 -38.75 54.83
CA VAL GA 108 94.99 -39.86 55.63
C VAL GA 108 93.97 -40.90 55.88
N ASN GA 109 92.62 -40.65 55.72
CA ASN GA 109 91.61 -41.64 56.12
C ASN GA 109 90.31 -41.29 55.49
N VAL GA 110 89.61 -42.22 54.75
CA VAL GA 110 88.15 -42.07 54.46
C VAL GA 110 87.43 -42.45 55.70
N LEU GA 111 86.51 -41.52 56.05
CA LEU GA 111 85.71 -41.55 57.25
C LEU GA 111 84.45 -42.31 56.91
N PRO GA 112 84.07 -43.48 57.44
CA PRO GA 112 82.77 -44.14 57.10
C PRO GA 112 81.59 -43.18 57.44
N THR GA 113 80.35 -43.50 57.00
CA THR GA 113 79.09 -42.82 56.88
C THR GA 113 79.00 -42.09 55.60
N SER GA 114 80.08 -41.27 55.33
CA SER GA 114 80.31 -40.61 54.05
C SER GA 114 79.28 -39.58 53.82
N LYS GA 115 78.66 -38.98 54.86
CA LYS GA 115 77.68 -37.95 54.85
C LYS GA 115 76.26 -38.37 54.45
N ASP GA 116 75.31 -37.88 55.31
CA ASP GA 116 73.89 -38.12 55.31
C ASP GA 116 73.33 -37.25 54.16
N PRO GA 117 72.61 -37.78 53.15
CA PRO GA 117 72.04 -37.12 52.01
C PRO GA 117 70.83 -36.32 52.39
N MET GA 118 70.42 -35.37 51.48
CA MET GA 118 69.42 -34.37 51.80
C MET GA 118 68.42 -34.50 50.71
N VAL GA 119 67.23 -34.89 51.22
CA VAL GA 119 66.03 -35.18 50.49
C VAL GA 119 65.61 -33.95 49.82
N TYR GA 120 65.37 -34.07 48.51
CA TYR GA 120 64.89 -33.10 47.60
C TYR GA 120 63.79 -33.75 46.76
N GLY GA 121 62.91 -32.91 46.23
CA GLY GA 121 61.76 -33.49 45.50
C GLY GA 121 60.73 -34.11 46.43
N PHE GA 122 60.79 -33.77 47.76
CA PHE GA 122 59.83 -34.02 48.80
C PHE GA 122 58.35 -33.87 48.48
N GLU GA 123 57.47 -34.78 48.99
CA GLU GA 123 57.80 -35.93 49.83
C GLU GA 123 58.28 -37.11 49.02
N VAL GA 124 59.37 -37.77 49.51
CA VAL GA 124 59.96 -39.02 48.97
C VAL GA 124 59.74 -40.00 50.12
N GLU GA 125 59.15 -41.17 49.77
CA GLU GA 125 59.00 -42.20 50.73
C GLU GA 125 59.44 -43.45 50.05
N GLU GA 126 60.68 -43.77 50.41
CA GLU GA 126 61.43 -44.94 49.98
C GLU GA 126 60.73 -46.04 50.79
N LYS GA 127 60.05 -47.00 50.05
CA LYS GA 127 59.30 -48.02 50.59
C LYS GA 127 58.07 -47.76 51.46
N PRO GA 128 57.04 -47.17 50.85
CA PRO GA 128 55.91 -46.55 51.56
C PRO GA 128 55.22 -47.46 52.52
N GLU GA 129 54.70 -46.87 53.58
CA GLU GA 129 54.14 -47.74 54.63
C GLU GA 129 52.68 -48.09 54.31
N VAL GA 130 52.04 -47.16 53.54
CA VAL GA 130 50.72 -47.42 52.99
C VAL GA 130 50.83 -48.45 51.96
N SER GA 131 49.99 -49.53 52.15
CA SER GA 131 50.05 -50.73 51.34
C SER GA 131 48.65 -50.88 50.89
N TYR GA 132 48.47 -51.80 49.92
CA TYR GA 132 47.21 -52.04 49.31
C TYR GA 132 46.15 -52.67 50.23
N GLU GA 133 46.61 -53.34 51.35
CA GLU GA 133 45.73 -53.88 52.38
C GLU GA 133 45.22 -52.77 53.20
N ASP GA 134 45.87 -51.57 53.09
CA ASP GA 134 45.62 -50.44 53.99
C ASP GA 134 44.70 -49.51 53.26
N ILE GA 135 44.00 -49.95 52.24
CA ILE GA 135 43.08 -49.29 51.35
C ILE GA 135 42.19 -50.37 50.98
N GLY GA 136 40.92 -50.12 51.08
CA GLY GA 136 39.88 -51.00 50.73
C GLY GA 136 38.98 -50.21 49.90
N GLY GA 137 37.92 -50.97 49.39
CA GLY GA 137 36.76 -50.33 48.75
C GLY GA 137 37.00 -49.77 47.30
N LEU GA 138 38.22 -50.14 46.75
CA LEU GA 138 38.64 -49.63 45.48
C LEU GA 138 39.45 -50.78 44.99
N ASP GA 139 38.85 -52.00 45.21
CA ASP GA 139 39.38 -53.32 45.01
C ASP GA 139 39.75 -53.46 43.54
N VAL GA 140 38.88 -52.96 42.70
CA VAL GA 140 38.99 -53.22 41.29
C VAL GA 140 40.00 -52.29 40.65
N GLN GA 141 40.20 -51.10 41.33
CA GLN GA 141 41.20 -50.15 40.93
C GLN GA 141 42.62 -50.61 41.25
N ILE GA 142 42.79 -51.43 42.29
CA ILE GA 142 44.00 -52.02 42.66
C ILE GA 142 44.49 -52.96 41.58
N GLU GA 143 43.51 -53.84 41.18
CA GLU GA 143 43.77 -54.87 40.20
C GLU GA 143 44.11 -54.24 38.84
N GLU GA 144 43.59 -53.07 38.47
CA GLU GA 144 43.97 -52.42 37.27
C GLU GA 144 45.35 -51.76 37.22
N ILE GA 145 45.71 -51.09 38.35
CA ILE GA 145 46.96 -50.33 38.45
C ILE GA 145 48.12 -51.22 38.55
N ARG GA 146 47.92 -52.45 39.03
CA ARG GA 146 48.85 -53.56 39.10
C ARG GA 146 49.18 -54.07 37.67
N GLU GA 147 48.18 -54.16 36.79
CA GLU GA 147 48.33 -54.60 35.41
C GLU GA 147 49.24 -53.56 34.65
N ALA GA 148 48.96 -52.29 34.93
CA ALA GA 148 49.60 -51.15 34.36
C ALA GA 148 51.14 -50.96 34.73
N VAL GA 149 51.50 -51.10 36.03
CA VAL GA 149 52.83 -50.82 36.54
C VAL GA 149 53.43 -51.94 37.29
N GLU GA 150 52.74 -52.44 38.33
CA GLU GA 150 53.32 -53.48 39.16
C GLU GA 150 53.92 -54.72 38.50
N LEU GA 151 53.09 -55.53 37.79
CA LEU GA 151 53.64 -56.67 36.99
C LEU GA 151 54.56 -56.30 35.79
N PRO GA 152 54.40 -55.35 34.92
CA PRO GA 152 55.43 -54.93 33.97
C PRO GA 152 56.81 -54.73 34.58
N LEU GA 153 56.92 -53.99 35.76
CA LEU GA 153 58.12 -53.56 36.39
C LEU GA 153 58.89 -54.68 37.12
N LEU GA 154 58.26 -55.49 37.93
CA LEU GA 154 58.90 -56.61 38.58
C LEU GA 154 59.10 -57.82 37.70
N LYS GA 155 58.37 -57.84 36.55
CA LYS GA 155 58.43 -58.90 35.59
C LYS GA 155 58.69 -58.26 34.25
N PRO GA 156 59.94 -57.75 33.97
CA PRO GA 156 60.25 -57.09 32.70
C PRO GA 156 60.45 -58.06 31.57
N GLU GA 157 60.21 -59.43 31.84
CA GLU GA 157 60.21 -60.65 31.00
C GLU GA 157 59.14 -60.55 30.04
N LEU GA 158 58.06 -59.78 30.40
CA LEU GA 158 56.90 -59.57 29.63
C LEU GA 158 57.13 -58.77 28.42
N PHE GA 159 58.13 -57.92 28.54
CA PHE GA 159 58.54 -56.98 27.49
C PHE GA 159 59.36 -57.71 26.50
N ALA GA 160 59.70 -59.02 26.64
CA ALA GA 160 60.46 -59.77 25.70
C ALA GA 160 59.47 -60.90 25.28
N GLU GA 161 58.65 -61.43 26.26
CA GLU GA 161 57.72 -62.49 26.00
C GLU GA 161 56.57 -62.13 25.05
N VAL GA 162 56.10 -60.87 25.18
CA VAL GA 162 55.10 -60.24 24.36
C VAL GA 162 55.98 -59.50 23.28
N GLY GA 163 57.03 -58.79 23.74
CA GLY GA 163 57.85 -58.00 22.84
C GLY GA 163 57.41 -56.60 22.93
N ILE GA 164 56.41 -56.27 23.78
CA ILE GA 164 55.77 -54.88 23.99
C ILE GA 164 56.75 -53.88 24.64
N GLU GA 165 56.62 -52.58 24.19
CA GLU GA 165 57.46 -51.50 24.61
C GLU GA 165 56.95 -51.17 25.98
N PRO GA 166 57.79 -50.94 26.97
CA PRO GA 166 57.34 -50.63 28.34
C PRO GA 166 56.31 -49.48 28.44
N PRO GA 167 55.09 -49.63 29.09
CA PRO GA 167 54.26 -48.47 29.56
C PRO GA 167 55.10 -47.36 30.23
N LYS GA 168 54.56 -46.13 30.07
CA LYS GA 168 55.25 -44.91 30.33
C LYS GA 168 54.25 -44.12 31.17
N GLY GA 169 53.10 -44.68 31.63
CA GLY GA 169 52.24 -43.83 32.39
C GLY GA 169 50.92 -44.54 32.45
N VAL GA 170 50.21 -44.25 33.65
CA VAL GA 170 48.83 -44.55 33.80
C VAL GA 170 48.24 -43.42 34.45
N LEU GA 171 47.05 -42.87 34.02
CA LEU GA 171 46.53 -41.69 34.59
C LEU GA 171 45.31 -42.02 35.32
N LEU GA 172 45.19 -41.53 36.58
CA LEU GA 172 43.96 -41.69 37.35
C LEU GA 172 43.22 -40.48 37.16
N TYR GA 173 41.88 -40.61 37.04
CA TYR GA 173 40.92 -39.55 36.87
C TYR GA 173 39.80 -39.96 37.84
N GLY GA 174 38.54 -39.43 37.65
CA GLY GA 174 37.48 -39.64 38.63
C GLY GA 174 37.47 -38.69 39.79
N PRO GA 175 36.42 -38.78 40.67
CA PRO GA 175 36.19 -37.79 41.73
C PRO GA 175 37.42 -37.51 42.67
N PRO GA 176 37.84 -36.32 42.95
CA PRO GA 176 39.12 -36.14 43.60
C PRO GA 176 38.93 -36.16 45.05
N GLY GA 177 39.97 -36.35 45.84
CA GLY GA 177 39.77 -36.42 47.30
C GLY GA 177 39.79 -37.79 47.76
N THR GA 178 39.63 -38.83 46.92
CA THR GA 178 39.36 -40.21 47.29
C THR GA 178 40.62 -40.85 47.97
N GLY GA 179 41.82 -40.49 47.52
CA GLY GA 179 43.06 -40.86 48.09
C GLY GA 179 43.83 -41.47 47.03
N LYS GA 180 44.21 -40.56 46.10
CA LYS GA 180 45.00 -40.85 44.90
C LYS GA 180 46.42 -41.11 45.26
N THR GA 181 46.84 -40.34 46.28
CA THR GA 181 48.17 -40.36 46.93
C THR GA 181 48.39 -41.74 47.52
N LEU GA 182 47.31 -42.39 48.06
CA LEU GA 182 47.35 -43.59 48.81
C LEU GA 182 47.52 -44.87 47.98
N LEU GA 183 46.80 -44.87 46.83
CA LEU GA 183 46.87 -45.92 45.86
C LEU GA 183 48.25 -45.97 45.32
N ALA GA 184 48.81 -44.78 44.99
CA ALA GA 184 50.18 -44.57 44.49
C ALA GA 184 51.27 -45.16 45.41
N LYS GA 185 51.11 -45.05 46.71
CA LYS GA 185 52.01 -45.54 47.73
C LYS GA 185 51.84 -47.02 47.75
N ALA GA 186 50.63 -47.53 47.55
CA ALA GA 186 50.50 -48.91 47.68
C ALA GA 186 51.18 -49.71 46.62
N VAL GA 187 51.11 -49.18 45.38
CA VAL GA 187 51.75 -49.81 44.18
C VAL GA 187 53.24 -49.78 44.47
N ALA GA 188 53.77 -48.62 44.96
CA ALA GA 188 55.17 -48.45 45.32
C ALA GA 188 55.68 -49.42 46.38
N ASN GA 189 54.79 -49.67 47.40
CA ASN GA 189 55.03 -50.61 48.49
C ASN GA 189 55.33 -51.99 47.93
N GLN GA 190 54.46 -52.42 47.01
CA GLN GA 190 54.47 -53.68 46.42
C GLN GA 190 55.63 -53.96 45.52
N THR GA 191 56.04 -52.90 44.81
CA THR GA 191 57.17 -53.02 43.90
C THR GA 191 58.48 -52.64 44.51
N ARG GA 192 58.39 -52.31 45.85
CA ARG GA 192 59.55 -52.03 46.63
C ARG GA 192 60.37 -50.96 45.98
N ALA GA 193 59.70 -49.90 45.62
CA ALA GA 193 60.32 -48.82 44.91
C ALA GA 193 60.11 -47.62 45.75
N THR GA 194 60.72 -46.56 45.18
CA THR GA 194 60.85 -45.22 45.78
C THR GA 194 59.68 -44.38 45.24
N PHE GA 195 58.82 -43.93 46.21
CA PHE GA 195 57.68 -43.06 45.93
C PHE GA 195 58.23 -41.70 45.96
N ILE GA 196 57.86 -40.78 44.93
CA ILE GA 196 58.35 -39.38 44.99
C ILE GA 196 57.13 -38.67 44.63
N ARG GA 197 56.78 -37.69 45.51
CA ARG GA 197 55.61 -36.87 45.24
C ARG GA 197 56.07 -35.42 44.88
N VAL GA 198 55.57 -34.96 43.72
CA VAL GA 198 55.65 -33.54 43.35
C VAL GA 198 54.18 -33.15 43.33
N VAL GA 199 53.82 -32.23 44.15
CA VAL GA 199 52.54 -31.64 43.98
C VAL GA 199 52.41 -30.60 42.86
N GLY GA 200 51.10 -30.43 42.56
CA GLY GA 200 50.56 -29.51 41.57
C GLY GA 200 50.58 -28.08 42.03
N SER GA 201 50.80 -27.83 43.32
CA SER GA 201 50.89 -26.54 43.98
C SER GA 201 52.25 -25.93 43.68
N GLU GA 202 53.35 -26.72 43.71
CA GLU GA 202 54.67 -26.15 43.43
C GLU GA 202 54.75 -25.68 42.06
N PHE GA 203 54.21 -26.58 41.19
CA PHE GA 203 54.13 -26.52 39.71
C PHE GA 203 53.48 -25.19 39.34
N VAL GA 204 54.02 -24.60 38.26
CA VAL GA 204 53.58 -23.41 37.58
C VAL GA 204 53.93 -22.16 38.39
N GLN GA 205 54.33 -21.08 37.70
CA GLN GA 205 54.49 -19.78 38.26
C GLN GA 205 54.07 -18.86 37.13
N LYS GA 206 54.02 -17.60 37.52
CA LYS GA 206 53.44 -16.49 36.73
C LYS GA 206 54.22 -16.29 35.48
N TYR GA 207 55.59 -16.49 35.50
CA TYR GA 207 56.46 -16.84 34.37
C TYR GA 207 57.43 -17.87 34.86
N ILE GA 208 58.01 -18.73 33.93
CA ILE GA 208 58.39 -20.09 34.33
C ILE GA 208 59.82 -20.37 33.85
N GLY GA 209 60.36 -21.22 34.72
CA GLY GA 209 61.63 -21.82 34.40
C GLY GA 209 62.02 -22.74 35.43
N GLU GA 210 61.81 -22.38 36.70
CA GLU GA 210 61.95 -23.10 37.92
C GLU GA 210 60.94 -24.28 37.95
N GLY GA 211 59.78 -24.07 37.27
CA GLY GA 211 58.72 -25.09 37.30
C GLY GA 211 59.21 -26.32 36.49
N ALA GA 212 60.10 -26.13 35.46
CA ALA GA 212 60.58 -27.08 34.56
C ALA GA 212 61.72 -27.86 35.14
N ARG GA 213 62.39 -27.22 36.07
CA ARG GA 213 63.62 -27.75 36.73
C ARG GA 213 63.27 -28.90 37.65
N LEU GA 214 62.06 -28.82 38.33
CA LEU GA 214 61.68 -29.78 39.28
C LEU GA 214 61.10 -31.04 38.61
N VAL GA 215 60.58 -30.99 37.34
CA VAL GA 215 60.24 -32.18 36.52
C VAL GA 215 61.52 -32.92 36.24
N ARG GA 216 62.61 -32.18 35.87
CA ARG GA 216 63.94 -32.57 35.61
C ARG GA 216 64.64 -33.16 36.86
N GLU GA 217 64.47 -32.55 38.00
CA GLU GA 217 64.77 -33.04 39.35
C GLU GA 217 64.17 -34.39 39.67
N VAL GA 218 62.83 -34.63 39.53
CA VAL GA 218 62.30 -35.97 39.84
C VAL GA 218 62.68 -36.95 38.84
N PHE GA 219 62.92 -36.61 37.53
CA PHE GA 219 63.39 -37.53 36.59
C PHE GA 219 64.74 -37.98 37.00
N GLN GA 220 65.61 -37.07 37.47
CA GLN GA 220 66.98 -37.32 37.89
C GLN GA 220 67.04 -38.29 39.08
N LEU GA 221 66.22 -38.09 40.10
CA LEU GA 221 66.19 -38.95 41.27
C LEU GA 221 65.72 -40.31 40.93
N ALA GA 222 64.77 -40.44 39.97
CA ALA GA 222 64.19 -41.68 39.65
C ALA GA 222 65.25 -42.61 39.04
N LYS GA 223 66.15 -42.04 38.19
CA LYS GA 223 67.22 -42.78 37.59
C LYS GA 223 68.19 -43.28 38.65
N GLU GA 224 68.47 -42.40 39.68
CA GLU GA 224 69.41 -42.65 40.67
C GLU GA 224 69.00 -43.70 41.72
N LYS GA 225 67.73 -44.08 41.88
CA LYS GA 225 67.18 -44.56 43.11
C LYS GA 225 66.13 -45.56 42.70
N ALA GA 226 66.23 -46.07 41.43
CA ALA GA 226 65.53 -47.11 40.76
C ALA GA 226 65.37 -48.34 41.57
N PRO GA 227 64.29 -49.27 41.52
CA PRO GA 227 63.01 -49.05 40.86
C PRO GA 227 62.32 -47.83 41.48
N SER GA 228 61.46 -47.19 40.71
CA SER GA 228 60.87 -45.95 41.12
C SER GA 228 59.58 -45.57 40.45
N ILE GA 229 58.64 -44.96 41.28
CA ILE GA 229 57.31 -44.61 40.96
C ILE GA 229 57.23 -43.17 41.23
N ILE GA 230 57.01 -42.35 40.15
CA ILE GA 230 56.94 -40.92 40.29
C ILE GA 230 55.49 -40.60 40.27
N PHE GA 231 54.94 -40.17 41.45
CA PHE GA 231 53.58 -39.63 41.60
C PHE GA 231 53.58 -38.24 41.08
N ILE GA 232 52.61 -37.90 40.17
CA ILE GA 232 52.57 -36.60 39.48
C ILE GA 232 51.10 -36.11 39.58
N ASP GA 233 50.79 -35.39 40.64
CA ASP GA 233 49.61 -34.64 40.79
C ASP GA 233 49.97 -33.19 40.65
N GLU GA 234 48.97 -32.23 40.27
CA GLU GA 234 47.57 -32.46 39.96
C GLU GA 234 47.57 -31.89 38.59
N LEU GA 235 47.46 -32.90 37.63
CA LEU GA 235 47.65 -32.66 36.23
C LEU GA 235 46.54 -31.84 35.50
N ASP GA 236 45.63 -31.21 36.28
CA ASP GA 236 44.67 -30.32 35.56
C ASP GA 236 45.02 -28.78 35.67
N ALA GA 237 46.13 -28.43 36.39
CA ALA GA 237 46.73 -27.15 36.65
C ALA GA 237 48.15 -27.03 36.05
N ILE GA 238 48.71 -28.02 35.36
CA ILE GA 238 49.98 -27.95 34.78
C ILE GA 238 49.82 -28.55 33.38
N ALA GA 239 48.77 -29.36 33.08
CA ALA GA 239 48.37 -29.72 31.75
C ALA GA 239 47.02 -29.22 31.57
N ALA GA 240 46.80 -28.77 30.31
CA ALA GA 240 45.60 -28.05 29.96
C ALA GA 240 45.49 -27.97 28.40
N ARG GA 241 44.38 -27.30 27.83
CA ARG GA 241 44.07 -27.16 26.41
C ARG GA 241 45.09 -26.26 25.75
N ARG GA 242 45.58 -26.71 24.57
CA ARG GA 242 46.49 -26.06 23.70
C ARG GA 242 45.72 -24.88 23.03
N THR GA 243 46.49 -23.84 22.63
CA THR GA 243 45.90 -22.69 21.93
C THR GA 243 46.79 -22.66 20.67
N ASN GA 244 46.10 -22.43 19.49
CA ASN GA 244 46.78 -22.28 18.21
C ASN GA 244 46.49 -20.84 17.74
N SER GA 245 45.87 -20.01 18.60
CA SER GA 245 45.55 -18.62 18.36
C SER GA 245 46.11 -17.81 19.46
N ASP GA 246 46.67 -18.42 20.52
CA ASP GA 246 47.35 -17.73 21.62
C ASP GA 246 46.56 -17.01 22.62
N THR GA 247 47.03 -17.05 23.87
CA THR GA 247 46.98 -16.05 24.90
C THR GA 247 48.18 -16.31 25.80
N SER GA 248 48.69 -15.16 26.45
CA SER GA 248 49.88 -15.12 27.28
C SER GA 248 49.93 -16.06 28.49
N GLY GA 249 48.88 -16.08 29.24
CA GLY GA 249 48.79 -16.91 30.42
C GLY GA 249 48.89 -18.41 30.11
N ASP GA 250 48.35 -18.89 28.96
CA ASP GA 250 48.36 -20.26 28.56
C ASP GA 250 49.71 -20.79 28.28
N ARG GA 251 50.57 -19.92 27.74
CA ARG GA 251 51.94 -20.24 27.35
C ARG GA 251 52.76 -20.81 28.46
N GLU GA 252 52.70 -20.25 29.72
CA GLU GA 252 53.46 -20.67 30.91
C GLU GA 252 53.20 -22.11 31.11
N VAL GA 253 51.91 -22.46 31.12
CA VAL GA 253 51.36 -23.82 31.33
C VAL GA 253 51.81 -24.83 30.24
N GLN GA 254 51.87 -24.36 28.98
CA GLN GA 254 52.25 -25.19 27.87
C GLN GA 254 53.70 -25.64 27.83
N ARG GA 255 54.55 -24.72 28.30
CA ARG GA 255 55.95 -24.93 28.23
C ARG GA 255 56.41 -25.76 29.40
N THR GA 256 55.67 -25.77 30.50
CA THR GA 256 55.93 -26.63 31.60
C THR GA 256 55.58 -28.08 31.23
N MET GA 257 54.36 -28.26 30.58
CA MET GA 257 53.68 -29.60 30.30
C MET GA 257 54.48 -30.39 29.25
N MET GA 258 55.06 -29.74 28.22
CA MET GA 258 55.67 -30.49 27.09
C MET GA 258 56.88 -31.19 27.63
N GLN GA 259 57.48 -30.70 28.71
CA GLN GA 259 58.71 -31.30 29.28
C GLN GA 259 58.41 -32.50 30.20
N LEU GA 260 57.20 -32.62 30.74
CA LEU GA 260 56.76 -33.87 31.33
C LEU GA 260 56.65 -34.88 30.28
N LEU GA 261 55.93 -34.53 29.17
CA LEU GA 261 55.67 -35.43 28.08
C LEU GA 261 56.86 -35.93 27.46
N ALA GA 262 57.77 -34.96 27.24
CA ALA GA 262 59.02 -35.13 26.50
C ALA GA 262 59.95 -36.12 27.09
N GLU GA 263 60.20 -35.94 28.41
CA GLU GA 263 61.12 -36.69 29.16
C GLU GA 263 60.73 -38.14 29.36
N LEU GA 264 59.43 -38.39 29.56
CA LEU GA 264 58.87 -39.72 29.74
C LEU GA 264 59.00 -40.56 28.55
N ASP GA 265 58.86 -39.97 27.28
CA ASP GA 265 59.14 -40.75 26.02
C ASP GA 265 60.62 -40.83 25.71
N GLY GA 266 61.41 -39.87 26.24
CA GLY GA 266 62.75 -39.50 26.05
C GLY GA 266 63.78 -40.57 26.37
N PHE GA 267 63.43 -41.40 27.45
CA PHE GA 267 64.28 -42.50 27.96
C PHE GA 267 64.65 -43.55 26.97
N ASP GA 268 65.66 -44.45 27.36
CA ASP GA 268 66.16 -45.61 26.74
C ASP GA 268 65.28 -46.72 27.32
N PRO GA 269 65.24 -47.87 26.60
CA PRO GA 269 64.49 -49.04 27.11
C PRO GA 269 65.28 -49.67 28.19
N ARG GA 270 66.59 -49.23 28.30
CA ARG GA 270 67.46 -49.62 29.44
C ARG GA 270 67.12 -48.63 30.58
N GLY GA 271 66.75 -49.26 31.75
CA GLY GA 271 66.41 -48.48 32.93
C GLY GA 271 64.99 -47.97 32.74
N ASP GA 272 64.20 -48.16 33.83
CA ASP GA 272 62.81 -47.98 33.72
C ASP GA 272 62.21 -47.03 34.80
N VAL GA 273 61.63 -45.93 34.26
CA VAL GA 273 61.02 -44.87 35.01
C VAL GA 273 59.57 -44.88 34.66
N LYS GA 274 58.82 -45.39 35.70
CA LYS GA 274 57.41 -45.48 35.62
C LYS GA 274 56.73 -44.46 36.43
N VAL GA 275 55.52 -44.05 36.05
CA VAL GA 275 54.80 -42.94 36.64
C VAL GA 275 53.39 -43.36 36.93
N ILE GA 276 52.78 -42.61 37.86
CA ILE GA 276 51.37 -42.65 38.18
C ILE GA 276 51.02 -41.17 38.11
N GLY GA 277 50.10 -40.70 37.21
CA GLY GA 277 49.63 -39.40 37.12
C GLY GA 277 48.39 -39.36 37.97
N ALA GA 278 47.83 -38.14 38.29
CA ALA GA 278 46.52 -38.02 38.82
C ALA GA 278 46.08 -36.65 38.49
N THR GA 279 44.72 -36.52 38.27
CA THR GA 279 43.98 -35.35 37.87
C THR GA 279 42.55 -35.73 38.17
N ASN GA 280 41.65 -34.74 37.95
CA ASN GA 280 40.30 -34.90 38.34
C ASN GA 280 39.45 -35.49 37.27
N ARG GA 281 39.69 -35.13 36.04
CA ARG GA 281 38.86 -35.47 34.93
C ARG GA 281 39.69 -35.32 33.72
N ILE GA 282 39.37 -36.14 32.60
CA ILE GA 282 40.19 -36.19 31.38
C ILE GA 282 39.68 -35.26 30.29
N ASP GA 283 38.50 -34.69 30.38
CA ASP GA 283 37.92 -34.02 29.27
C ASP GA 283 38.13 -32.53 29.32
N ILE GA 284 38.88 -32.09 30.31
CA ILE GA 284 39.27 -30.64 30.54
C ILE GA 284 40.61 -30.53 29.90
N LEU GA 285 41.46 -31.61 29.95
CA LEU GA 285 42.75 -31.67 29.50
C LEU GA 285 42.73 -31.80 27.96
N ASP GA 286 43.95 -31.65 27.45
CA ASP GA 286 44.33 -31.80 26.11
C ASP GA 286 44.23 -33.35 25.92
N PRO GA 287 44.19 -33.86 24.65
CA PRO GA 287 44.13 -35.26 24.36
C PRO GA 287 45.53 -35.72 23.94
N ALA GA 288 46.60 -34.86 23.90
CA ALA GA 288 47.93 -35.23 23.49
C ALA GA 288 48.60 -35.92 24.66
N ILE GA 289 47.95 -35.88 25.84
CA ILE GA 289 48.43 -36.51 27.04
C ILE GA 289 47.59 -37.77 27.30
N LEU GA 290 46.50 -37.97 26.52
CA LEU GA 290 45.71 -39.15 26.59
C LEU GA 290 46.06 -39.91 25.36
N ARG GA 291 47.36 -39.80 24.93
CA ARG GA 291 47.88 -40.62 23.78
C ARG GA 291 48.26 -41.95 24.31
N PRO GA 292 47.85 -43.08 23.66
CA PRO GA 292 48.46 -44.39 23.92
C PRO GA 292 49.94 -44.36 23.57
N GLY GA 293 50.90 -45.04 24.26
CA GLY GA 293 52.36 -44.93 24.11
C GLY GA 293 52.82 -43.78 24.95
N ARG GA 294 51.91 -43.03 25.59
CA ARG GA 294 52.41 -42.04 26.59
C ARG GA 294 51.71 -42.38 27.86
N PHE GA 295 50.32 -42.10 28.00
CA PHE GA 295 49.56 -42.47 29.12
C PHE GA 295 48.84 -43.58 28.46
N ASP GA 296 49.27 -44.85 28.78
CA ASP GA 296 48.87 -46.01 28.01
C ASP GA 296 47.50 -46.44 28.29
N ARG GA 297 47.06 -46.35 29.58
CA ARG GA 297 45.70 -46.70 29.95
C ARG GA 297 45.44 -45.69 31.02
N ILE GA 298 44.15 -45.65 31.49
CA ILE GA 298 43.62 -44.75 32.51
C ILE GA 298 42.72 -45.59 33.41
N ILE GA 299 42.53 -45.09 34.63
CA ILE GA 299 41.85 -45.72 35.67
C ILE GA 299 40.90 -44.66 36.18
N GLU GA 300 39.60 -44.95 36.20
CA GLU GA 300 38.61 -44.21 36.91
C GLU GA 300 38.56 -44.60 38.42
N VAL GA 301 39.04 -43.71 39.32
CA VAL GA 301 38.95 -43.95 40.72
C VAL GA 301 37.62 -43.36 41.17
N PRO GA 302 36.58 -44.09 41.52
CA PRO GA 302 35.20 -43.49 41.60
C PRO GA 302 35.10 -42.84 42.99
N LEU GA 303 33.87 -42.41 43.41
CA LEU GA 303 33.42 -41.94 44.69
C LEU GA 303 32.83 -43.08 45.37
N PRO GA 304 33.37 -43.64 46.52
CA PRO GA 304 32.99 -44.96 47.05
C PRO GA 304 31.52 -45.21 47.06
N THR GA 305 31.16 -46.46 46.70
CA THR GA 305 29.84 -47.09 46.81
C THR GA 305 29.51 -47.31 48.28
N PHE GA 306 28.26 -47.87 48.51
CA PHE GA 306 27.84 -48.34 49.77
C PHE GA 306 28.80 -49.35 50.30
N GLU GA 307 29.16 -50.35 49.50
CA GLU GA 307 30.07 -51.40 49.72
C GLU GA 307 31.49 -50.88 49.87
N GLY GA 308 31.87 -49.75 49.07
CA GLY GA 308 33.19 -49.18 49.20
C GLY GA 308 33.59 -48.58 50.52
N ARG GA 309 32.70 -47.73 51.08
CA ARG GA 309 32.76 -47.10 52.33
C ARG GA 309 32.85 -48.07 53.50
N ILE GA 310 32.11 -49.15 53.53
CA ILE GA 310 32.18 -50.19 54.57
C ILE GA 310 33.58 -50.82 54.55
N GLN GA 311 34.20 -51.28 53.39
CA GLN GA 311 35.57 -51.82 53.39
C GLN GA 311 36.65 -50.80 53.75
N ILE GA 312 36.53 -49.48 53.43
CA ILE GA 312 37.39 -48.37 53.86
C ILE GA 312 37.24 -48.08 55.33
N PHE GA 313 36.02 -48.26 55.87
CA PHE GA 313 35.86 -48.02 57.32
C PHE GA 313 36.63 -48.95 58.30
N LYS GA 314 36.74 -50.21 57.98
CA LYS GA 314 37.41 -51.28 58.74
C LYS GA 314 38.89 -50.99 58.89
N ILE GA 315 39.53 -50.32 57.92
CA ILE GA 315 40.95 -49.94 57.92
C ILE GA 315 41.24 -49.12 59.10
N HIS GA 316 40.37 -48.16 59.42
CA HIS GA 316 40.54 -47.17 60.39
C HIS GA 316 40.15 -47.74 61.68
N THR GA 317 39.16 -48.71 61.71
CA THR GA 317 38.53 -49.25 62.88
C THR GA 317 39.50 -50.03 63.67
N ARG GA 318 40.43 -50.66 62.90
CA ARG GA 318 41.62 -51.29 63.37
C ARG GA 318 42.36 -50.54 64.48
N LYS GA 319 42.51 -49.24 64.22
CA LYS GA 319 43.18 -48.31 65.10
C LYS GA 319 42.31 -48.05 66.34
N MET GA 320 40.96 -47.81 66.11
CA MET GA 320 39.97 -47.60 67.18
C MET GA 320 39.75 -48.63 68.23
N LYS GA 321 39.23 -48.18 69.38
CA LYS GA 321 39.02 -49.06 70.54
C LYS GA 321 37.49 -49.31 70.69
N LEU GA 322 37.14 -50.56 71.13
CA LEU GA 322 35.87 -50.98 71.66
C LEU GA 322 34.81 -50.65 70.60
N ALA GA 323 34.91 -51.31 69.46
CA ALA GA 323 33.95 -51.08 68.37
C ALA GA 323 33.35 -52.39 68.24
N GLU GA 324 32.12 -52.58 68.71
CA GLU GA 324 31.37 -53.82 68.77
C GLU GA 324 29.87 -53.63 68.86
N ASP GA 325 29.52 -52.33 68.95
CA ASP GA 325 28.11 -51.91 68.90
C ASP GA 325 27.81 -51.24 67.59
N VAL GA 326 28.88 -51.09 66.77
CA VAL GA 326 28.80 -50.29 65.59
C VAL GA 326 28.18 -51.07 64.45
N ASP GA 327 27.33 -50.38 63.61
CA ASP GA 327 26.80 -50.99 62.47
C ASP GA 327 27.37 -50.12 61.35
N PHE GA 328 28.21 -50.73 60.52
CA PHE GA 328 28.87 -50.04 59.41
C PHE GA 328 27.92 -49.63 58.30
N LYS GA 329 26.88 -50.38 58.08
CA LYS GA 329 25.94 -50.36 57.05
C LYS GA 329 25.17 -49.01 57.07
N GLU GA 330 24.95 -48.65 58.35
CA GLU GA 330 24.24 -47.47 58.72
C GLU GA 330 25.13 -46.22 58.53
N LEU GA 331 26.42 -46.35 58.86
CA LEU GA 331 27.44 -45.27 58.72
C LEU GA 331 27.59 -44.82 57.36
N ALA GA 332 27.66 -45.82 56.44
CA ALA GA 332 27.76 -45.65 55.04
C ALA GA 332 26.53 -44.97 54.47
N ARG GA 333 25.44 -45.32 55.09
CA ARG GA 333 24.13 -44.89 54.63
C ARG GA 333 23.95 -43.41 54.73
N ILE GA 334 24.30 -42.90 55.87
CA ILE GA 334 24.44 -41.52 56.23
C ILE GA 334 25.45 -40.74 55.40
N THR GA 335 26.62 -41.39 55.18
CA THR GA 335 27.77 -40.85 54.46
C THR GA 335 27.56 -41.21 53.04
N GLU GA 336 26.40 -40.93 52.39
CA GLU GA 336 26.21 -41.01 50.94
C GLU GA 336 26.81 -39.71 50.41
N GLY GA 337 27.69 -39.82 49.46
CA GLY GA 337 28.40 -38.59 49.05
C GLY GA 337 29.69 -38.34 49.87
N ALA GA 338 30.34 -39.44 50.39
CA ALA GA 338 31.54 -39.30 51.11
C ALA GA 338 32.66 -39.83 50.26
N SER GA 339 33.87 -39.24 50.33
CA SER GA 339 35.13 -39.63 49.69
C SER GA 339 35.83 -40.59 50.67
N GLY GA 340 36.90 -41.21 50.27
CA GLY GA 340 37.84 -42.05 51.03
C GLY GA 340 38.53 -41.41 52.12
N ALA GA 341 38.81 -40.13 51.94
CA ALA GA 341 39.35 -39.17 52.85
C ALA GA 341 38.38 -38.79 53.97
N ASP GA 342 37.07 -38.69 53.57
CA ASP GA 342 36.01 -38.38 54.49
C ASP GA 342 35.80 -39.47 55.46
N ILE GA 343 35.95 -40.72 55.06
CA ILE GA 343 35.87 -41.89 55.91
C ILE GA 343 36.99 -41.88 57.00
N LYS GA 344 38.25 -41.55 56.54
CA LYS GA 344 39.50 -41.36 57.46
C LYS GA 344 39.27 -40.27 58.46
N ALA GA 345 38.83 -39.10 58.05
CA ALA GA 345 38.63 -37.93 58.87
C ALA GA 345 37.59 -38.02 59.94
N ILE GA 346 36.50 -38.76 59.70
CA ILE GA 346 35.36 -39.05 60.59
C ILE GA 346 35.85 -39.90 61.72
N CYS GA 347 36.77 -40.83 61.46
CA CYS GA 347 37.28 -41.71 62.52
C CYS GA 347 38.16 -40.84 63.43
N THR GA 348 38.89 -39.87 62.93
CA THR GA 348 39.71 -38.97 63.62
C THR GA 348 38.91 -38.12 64.57
N GLU GA 349 37.78 -37.60 64.02
CA GLU GA 349 36.87 -36.76 64.68
C GLU GA 349 36.09 -37.59 65.75
N ALA GA 350 35.91 -38.94 65.53
CA ALA GA 350 35.27 -39.81 66.50
C ALA GA 350 36.03 -40.06 67.77
N GLY GA 351 37.38 -40.11 67.64
CA GLY GA 351 38.11 -40.18 68.83
C GLY GA 351 38.06 -38.94 69.77
N MET GA 352 37.91 -37.73 69.16
CA MET GA 352 37.86 -36.41 69.77
C MET GA 352 36.59 -36.39 70.53
N PHE GA 353 35.48 -36.92 69.90
CA PHE GA 353 34.16 -36.91 70.50
C PHE GA 353 34.23 -37.76 71.69
N ALA GA 354 34.92 -38.95 71.70
CA ALA GA 354 35.03 -39.77 72.86
C ALA GA 354 35.77 -39.13 73.87
N ILE GA 355 36.87 -38.36 73.63
CA ILE GA 355 37.61 -37.70 74.69
C ILE GA 355 36.87 -36.55 75.21
N ARG GA 356 35.86 -36.04 74.47
CA ARG GA 356 34.95 -34.98 74.90
C ARG GA 356 33.91 -35.45 75.86
N GLU GA 357 33.46 -36.74 75.78
CA GLU GA 357 32.51 -37.32 76.79
C GLU GA 357 33.29 -38.11 77.87
N GLU GA 358 34.65 -37.93 78.00
CA GLU GA 358 35.61 -38.47 78.96
C GLU GA 358 35.56 -39.94 78.98
N ARG GA 359 35.89 -40.57 77.81
CA ARG GA 359 35.88 -42.03 77.64
C ARG GA 359 36.80 -42.34 76.53
N ALA GA 360 37.18 -43.64 76.44
CA ALA GA 360 38.13 -44.17 75.44
C ALA GA 360 37.49 -45.11 74.55
N LYS GA 361 36.21 -45.37 74.88
CA LYS GA 361 35.29 -46.16 74.17
C LYS GA 361 34.88 -45.24 73.06
N VAL GA 362 34.82 -45.92 71.86
CA VAL GA 362 34.41 -45.34 70.60
C VAL GA 362 33.57 -46.32 69.86
N THR GA 363 32.25 -46.00 69.87
CA THR GA 363 31.15 -46.75 69.19
C THR GA 363 30.41 -45.71 68.51
N MET GA 364 29.11 -45.76 68.49
CA MET GA 364 28.31 -45.58 67.30
C MET GA 364 27.84 -44.23 67.51
N LEU GA 365 27.61 -43.81 68.76
CA LEU GA 365 27.21 -42.50 69.05
C LEU GA 365 28.29 -41.49 68.56
N ASP GA 366 29.56 -41.86 68.86
CA ASP GA 366 30.74 -41.05 68.52
C ASP GA 366 30.91 -40.87 67.07
N PHE GA 367 30.74 -41.95 66.29
CA PHE GA 367 30.77 -41.99 64.84
C PHE GA 367 29.62 -41.14 64.25
N THR GA 368 28.43 -41.21 64.83
CA THR GA 368 27.25 -40.45 64.32
C THR GA 368 27.42 -38.96 64.38
N LYS GA 369 27.95 -38.51 65.54
CA LYS GA 369 28.25 -37.17 65.75
C LYS GA 369 29.41 -36.67 64.82
N ALA GA 370 30.43 -37.51 64.57
CA ALA GA 370 31.47 -37.22 63.60
C ALA GA 370 31.04 -37.11 62.21
N ILE GA 371 30.08 -37.89 61.84
CA ILE GA 371 29.49 -37.83 60.52
C ILE GA 371 28.81 -36.48 60.27
N GLU GA 372 28.09 -36.02 61.22
CA GLU GA 372 27.32 -34.80 61.17
C GLU GA 372 28.31 -33.60 60.96
N LYS GA 373 29.40 -33.61 61.71
CA LYS GA 373 30.54 -32.70 61.65
C LYS GA 373 31.31 -32.59 60.34
N VAL GA 374 31.68 -33.75 59.74
CA VAL GA 374 32.49 -33.79 58.57
C VAL GA 374 31.63 -33.73 57.34
N LEU GA 375 30.75 -34.73 57.15
CA LEU GA 375 30.10 -34.97 55.94
C LEU GA 375 28.99 -33.99 55.61
N LYS GA 376 28.11 -33.70 56.66
CA LYS GA 376 27.03 -32.88 56.50
C LYS GA 376 27.45 -31.51 56.72
N LYS GA 377 27.72 -30.94 55.55
CA LYS GA 377 28.36 -29.68 55.39
C LYS GA 377 27.97 -29.34 53.89
N THR GA 378 27.27 -30.26 53.21
CA THR GA 378 27.37 -30.60 51.81
C THR GA 378 25.87 -30.94 51.56
N THR GA 379 25.03 -31.42 52.54
CA THR GA 379 23.61 -31.64 52.45
C THR GA 379 22.94 -30.78 53.53
N PRO GA 380 21.74 -30.21 53.29
CA PRO GA 380 21.02 -30.48 52.01
C PRO GA 380 21.22 -29.30 51.13
N ILE GA 381 20.94 -29.36 49.81
CA ILE GA 381 21.01 -28.19 48.95
C ILE GA 381 19.80 -28.11 48.11
N PRO GA 382 18.93 -27.04 48.16
CA PRO GA 382 17.63 -27.10 47.60
C PRO GA 382 17.70 -26.70 46.15
N ASP GA 383 16.57 -26.91 45.41
CA ASP GA 383 16.36 -26.52 44.06
C ASP GA 383 15.26 -25.43 44.17
N LEU GA 384 15.56 -24.30 43.52
CA LEU GA 384 14.73 -23.20 43.56
C LEU GA 384 14.39 -22.80 42.14
N LYS GA 385 14.86 -23.70 41.25
CA LYS GA 385 14.62 -23.53 39.80
C LYS GA 385 13.78 -24.63 39.39
N GLY GA 386 13.35 -25.52 40.31
CA GLY GA 386 12.39 -26.56 40.07
C GLY GA 386 10.94 -26.18 40.19
N VAL GA 387 10.70 -24.92 40.67
CA VAL GA 387 9.35 -24.38 40.77
C VAL GA 387 9.10 -23.64 39.48
N MET GA 388 10.09 -23.57 38.60
CA MET GA 388 9.95 -22.82 37.39
C MET GA 388 9.87 -23.87 36.30
N PHE GA 389 10.12 -25.18 36.64
CA PHE GA 389 10.05 -26.34 35.73
C PHE GA 389 8.85 -27.08 36.20
N VAL GA 390 8.06 -27.61 35.22
CA VAL GA 390 6.75 -28.23 35.44
C VAL GA 390 6.99 -29.51 36.33
N LEU HA 1 175.50 21.62 33.79
CA LEU HA 1 175.94 22.69 32.83
C LEU HA 1 174.71 23.56 32.63
N LEU HA 2 174.71 24.43 31.58
CA LEU HA 2 173.65 25.31 31.22
C LEU HA 2 172.58 24.46 30.64
N GLU HA 3 172.93 23.59 29.70
CA GLU HA 3 172.12 22.68 28.87
C GLU HA 3 171.40 21.63 29.77
N LYS HA 4 172.09 21.17 30.83
CA LYS HA 4 171.50 20.34 31.89
C LYS HA 4 170.37 21.03 32.63
N LEU HA 5 170.47 22.38 32.90
CA LEU HA 5 169.49 23.20 33.50
C LEU HA 5 168.30 23.40 32.59
N LYS HA 6 168.52 23.57 31.28
CA LYS HA 6 167.43 23.61 30.28
C LYS HA 6 166.57 22.36 30.20
N LYS HA 7 167.26 21.27 30.28
CA LYS HA 7 166.71 19.92 30.32
C LYS HA 7 165.96 19.58 31.53
N LEU HA 8 166.40 19.95 32.76
CA LEU HA 8 165.87 19.60 34.03
C LEU HA 8 164.50 20.37 34.26
N GLU HA 9 164.49 21.62 33.78
CA GLU HA 9 163.41 22.49 33.67
C GLU HA 9 162.36 21.85 32.82
N GLU HA 10 162.62 21.31 31.64
CA GLU HA 10 161.70 20.65 30.72
C GLU HA 10 160.99 19.44 31.22
N ASP HA 11 161.73 18.53 31.93
CA ASP HA 11 161.27 17.34 32.55
C ASP HA 11 160.25 17.60 33.60
N TYR HA 12 160.52 18.69 34.36
CA TYR HA 12 159.63 19.25 35.42
C TYR HA 12 158.30 19.72 34.94
N TYR HA 13 158.26 20.43 33.78
CA TYR HA 13 157.01 20.87 33.16
C TYR HA 13 156.10 19.68 32.82
N LYS HA 14 156.69 18.64 32.27
CA LYS HA 14 156.11 17.42 31.86
C LYS HA 14 155.67 16.64 33.08
N LEU HA 15 156.46 16.58 34.17
CA LEU HA 15 155.99 16.01 35.34
C LEU HA 15 154.89 16.63 36.04
N ARG HA 16 154.80 17.98 36.18
CA ARG HA 16 153.59 18.62 36.76
C ARG HA 16 152.32 18.35 36.11
N GLU HA 17 152.35 18.37 34.73
CA GLU HA 17 151.28 18.11 33.81
C GLU HA 17 150.71 16.74 33.93
N LEU HA 18 151.65 15.76 34.12
CA LEU HA 18 151.33 14.33 34.22
C LEU HA 18 150.40 14.06 35.42
N TYR HA 19 150.79 14.68 36.55
CA TYR HA 19 150.12 14.54 37.83
C TYR HA 19 148.76 15.34 37.81
N ARG HA 20 148.70 16.48 37.00
CA ARG HA 20 147.54 17.29 36.95
C ARG HA 20 146.40 16.66 36.14
N ARG HA 21 146.72 15.92 35.07
CA ARG HA 21 145.86 15.11 34.26
C ARG HA 21 145.28 13.96 35.04
N LEU HA 22 146.12 13.20 35.77
CA LEU HA 22 145.71 12.07 36.56
C LEU HA 22 144.84 12.46 37.79
N GLU HA 23 145.10 13.67 38.43
CA GLU HA 23 144.39 14.27 39.53
C GLU HA 23 142.90 14.47 39.12
N ASP HA 24 142.72 15.09 37.92
CA ASP HA 24 141.38 15.41 37.28
C ASP HA 24 140.58 14.15 36.95
N GLU HA 25 141.20 12.99 36.69
CA GLU HA 25 140.50 11.78 36.51
C GLU HA 25 139.91 11.24 37.73
N LYS HA 26 140.60 11.49 38.84
CA LYS HA 26 140.16 11.02 40.15
C LYS HA 26 139.18 12.07 40.74
N LYS HA 27 139.17 13.29 40.18
CA LYS HA 27 138.24 14.44 40.48
C LYS HA 27 136.78 14.06 40.05
N PHE HA 28 136.64 13.48 38.85
CA PHE HA 28 135.43 12.91 38.22
C PHE HA 28 134.81 11.91 39.16
N ILE HA 29 135.67 10.95 39.64
CA ILE HA 29 135.34 9.82 40.52
C ILE HA 29 134.85 10.32 41.83
N GLU HA 30 135.42 11.44 42.35
CA GLU HA 30 134.96 12.15 43.63
C GLU HA 30 133.49 12.61 43.42
N SER HA 31 133.10 13.22 42.34
CA SER HA 31 131.69 13.59 42.01
C SER HA 31 130.67 12.36 41.88
N GLU HA 32 131.12 11.21 41.29
CA GLU HA 32 130.38 10.02 41.07
C GLU HA 32 130.02 9.39 42.44
N ARG HA 33 130.87 9.55 43.41
CA ARG HA 33 130.70 9.04 44.77
C ARG HA 33 129.47 9.71 45.41
N ILE HA 34 129.36 11.05 45.25
CA ILE HA 34 128.28 11.85 45.78
C ILE HA 34 126.84 11.57 45.20
N ARG HA 35 126.88 11.30 43.90
CA ARG HA 35 125.80 10.68 43.17
C ARG HA 35 125.24 9.35 43.63
N TYR HA 36 126.15 8.40 43.94
CA TYR HA 36 125.98 7.14 44.56
C TYR HA 36 125.48 7.27 46.01
N GLU HA 37 126.04 8.19 46.84
CA GLU HA 37 125.64 8.40 48.22
C GLU HA 37 124.23 8.79 48.34
N ARG HA 38 123.75 9.72 47.50
CA ARG HA 38 122.37 9.96 47.34
C ARG HA 38 121.51 8.84 46.89
N GLU HA 39 122.00 7.99 45.89
CA GLU HA 39 121.23 6.83 45.44
C GLU HA 39 121.01 5.79 46.53
N VAL HA 40 122.03 5.42 47.28
CA VAL HA 40 121.96 4.51 48.40
C VAL HA 40 120.99 4.95 49.48
N ARG HA 41 121.02 6.23 49.87
CA ARG HA 41 120.16 6.75 50.86
C ARG HA 41 118.71 6.73 50.43
N ARG HA 42 118.37 6.99 49.15
CA ARG HA 42 117.06 6.99 48.56
C ARG HA 42 116.46 5.59 48.60
N LEU HA 43 117.26 4.54 48.26
CA LEU HA 43 116.99 3.10 48.33
C LEU HA 43 116.78 2.70 49.71
N ARG HA 44 117.52 3.25 50.78
CA ARG HA 44 117.27 2.90 52.18
C ARG HA 44 115.95 3.37 52.65
N SER HA 45 115.58 4.61 52.23
CA SER HA 45 114.30 5.27 52.50
C SER HA 45 113.19 4.43 51.99
N GLU HA 46 113.38 3.81 50.79
CA GLU HA 46 112.41 2.98 50.14
C GLU HA 46 112.22 1.75 50.92
N VAL HA 47 113.34 1.11 51.49
CA VAL HA 47 113.26 -0.13 52.22
C VAL HA 47 112.40 0.04 53.45
N GLU HA 48 112.64 1.17 54.19
CA GLU HA 48 111.97 1.53 55.45
C GLU HA 48 110.47 1.71 55.33
N ARG HA 49 109.97 2.32 54.31
CA ARG HA 49 108.59 2.59 54.09
C ARG HA 49 107.92 1.31 53.82
N LEU HA 50 108.56 0.35 53.14
CA LEU HA 50 107.93 -0.86 52.66
C LEU HA 50 107.80 -1.92 53.77
N ARG HA 51 108.79 -2.01 54.64
CA ARG HA 51 108.89 -2.96 55.73
C ARG HA 51 108.08 -2.58 56.84
N SER HA 52 107.60 -1.35 56.86
CA SER HA 52 106.81 -0.76 57.89
C SER HA 52 105.56 -1.63 58.14
N PRO HA 53 105.06 -1.82 59.30
CA PRO HA 53 103.81 -2.54 59.59
C PRO HA 53 102.68 -1.72 59.06
N PRO HA 54 101.59 -2.22 58.41
CA PRO HA 54 100.38 -1.44 58.22
C PRO HA 54 99.68 -1.09 59.51
N LEU HA 55 98.80 -0.13 59.50
CA LEU HA 55 98.08 0.41 60.58
C LEU HA 55 96.65 0.04 60.40
N LEU HA 56 96.03 -0.60 61.39
CA LEU HA 56 94.73 -1.17 61.29
C LEU HA 56 93.63 -0.11 61.46
N VAL HA 57 92.64 0.07 60.48
CA VAL HA 57 91.61 1.06 60.53
C VAL HA 57 90.49 0.25 61.20
N GLY HA 58 89.95 0.86 62.26
CA GLY HA 58 88.76 0.36 62.95
C GLY HA 58 87.77 1.49 63.00
N VAL HA 59 86.58 1.22 63.57
CA VAL HA 59 85.58 2.27 63.71
C VAL HA 59 85.16 2.14 65.14
N VAL HA 60 85.11 3.31 65.81
CA VAL HA 60 84.78 3.43 67.22
C VAL HA 60 83.36 2.91 67.40
N SER HA 61 83.09 1.87 68.18
CA SER HA 61 81.77 1.32 68.43
C SER HA 61 81.15 2.10 69.51
N ASP HA 62 81.86 2.26 70.67
CA ASP HA 62 81.33 2.99 71.78
C ASP HA 62 82.49 3.33 72.55
N ILE HA 63 82.35 4.22 73.53
CA ILE HA 63 83.42 4.76 74.31
C ILE HA 63 83.04 4.55 75.76
N LEU HA 64 83.88 3.91 76.56
CA LEU HA 64 83.70 3.68 77.97
C LEU HA 64 84.40 4.80 78.61
N GLU HA 65 83.82 5.39 79.65
CA GLU HA 65 84.36 6.52 80.40
C GLU HA 65 85.35 6.10 81.47
N ASP HA 66 85.89 4.86 81.35
CA ASP HA 66 86.80 4.30 82.25
C ASP HA 66 88.18 4.30 81.60
N GLY HA 67 88.39 4.99 80.43
CA GLY HA 67 89.60 5.25 79.74
C GLY HA 67 89.90 4.38 78.53
N ARG HA 68 88.98 3.45 78.18
CA ARG HA 68 89.16 2.49 77.19
C ARG HA 68 88.02 2.63 76.29
N VAL HA 69 88.29 2.34 75.01
CA VAL HA 69 87.33 2.57 73.98
C VAL HA 69 87.17 1.28 73.37
N VAL HA 70 85.92 0.91 73.02
CA VAL HA 70 85.62 -0.26 72.25
C VAL HA 70 85.72 0.21 70.80
N VAL HA 71 86.68 -0.33 70.12
CA VAL HA 71 86.76 -0.06 68.71
C VAL HA 71 86.36 -1.41 68.12
N LYS HA 72 85.31 -1.48 67.37
CA LYS HA 72 84.93 -2.62 66.53
C LYS HA 72 85.76 -2.52 65.32
N SER HA 73 86.67 -3.50 65.07
CA SER HA 73 87.57 -3.54 63.89
C SER HA 73 86.69 -4.09 62.74
N SER HA 74 87.20 -3.71 61.61
CA SER HA 74 86.85 -4.03 60.23
C SER HA 74 87.51 -5.31 59.85
N THR HA 75 88.23 -5.88 60.86
CA THR HA 75 88.80 -7.26 60.81
C THR HA 75 87.73 -8.31 60.91
N GLY HA 76 86.84 -8.02 61.80
CA GLY HA 76 85.60 -8.73 62.07
C GLY HA 76 85.23 -8.65 63.50
N PRO HA 77 85.99 -9.08 64.53
CA PRO HA 77 85.69 -9.01 65.96
C PRO HA 77 85.86 -7.62 66.51
N LYS HA 78 85.54 -7.37 67.80
CA LYS HA 78 85.69 -6.10 68.44
C LYS HA 78 86.88 -6.13 69.33
N PHE HA 79 87.52 -5.00 69.59
CA PHE HA 79 88.73 -4.93 70.46
C PHE HA 79 88.52 -3.80 71.36
N VAL HA 80 89.15 -3.91 72.52
CA VAL HA 80 89.11 -2.90 73.52
C VAL HA 80 90.53 -2.33 73.54
N VAL HA 81 90.71 -1.02 73.32
CA VAL HA 81 91.95 -0.40 73.03
C VAL HA 81 92.12 0.62 74.12
N ASN HA 82 93.38 0.85 74.51
CA ASN HA 82 93.76 1.95 75.41
C ASN HA 82 93.88 3.24 74.63
N THR HA 83 93.83 4.37 75.42
CA THR HA 83 93.95 5.72 74.86
C THR HA 83 95.37 6.09 75.00
N SER HA 84 95.81 7.25 74.43
CA SER HA 84 97.11 7.63 74.61
C SER HA 84 96.97 9.11 75.04
N GLN HA 85 98.13 9.74 75.39
CA GLN HA 85 98.26 11.08 75.84
C GLN HA 85 97.87 11.99 74.70
N TYR HA 86 98.11 11.56 73.42
CA TYR HA 86 97.87 12.52 72.26
C TYR HA 86 96.43 12.51 71.86
N ILE HA 87 95.70 11.41 72.28
CA ILE HA 87 94.42 11.14 71.69
C ILE HA 87 93.38 11.30 72.83
N ASN HA 88 92.37 12.15 72.56
CA ASN HA 88 91.39 12.60 73.54
C ASN HA 88 90.15 11.95 73.07
N GLU HA 89 89.15 11.75 73.99
CA GLU HA 89 87.85 11.07 73.71
C GLU HA 89 86.76 12.00 73.34
N GLU HA 90 87.21 13.25 73.20
CA GLU HA 90 86.57 14.35 72.60
C GLU HA 90 87.04 14.76 71.19
N GLU HA 91 88.08 14.14 70.71
CA GLU HA 91 88.51 14.24 69.37
C GLU HA 91 88.08 13.12 68.58
N LEU HA 92 87.14 12.31 69.26
CA LEU HA 92 86.56 11.01 68.86
C LEU HA 92 85.10 11.10 69.08
N LYS HA 93 84.42 10.12 68.40
CA LYS HA 93 82.99 9.92 68.53
C LYS HA 93 82.77 8.47 68.13
N PRO HA 94 81.60 7.86 68.27
CA PRO HA 94 81.25 6.64 67.52
C PRO HA 94 80.91 6.99 66.15
N GLY HA 95 81.43 6.21 65.30
CA GLY HA 95 81.54 6.31 63.84
C GLY HA 95 82.85 6.82 63.34
N ALA HA 96 83.75 7.15 64.27
CA ALA HA 96 85.07 7.65 63.93
C ALA HA 96 85.98 6.56 63.53
N ARG HA 97 86.47 6.57 62.28
CA ARG HA 97 87.65 5.70 61.87
C ARG HA 97 88.84 6.09 62.57
N VAL HA 98 89.71 5.12 63.00
CA VAL HA 98 90.85 5.44 63.82
C VAL HA 98 91.93 4.58 63.22
N ALA HA 99 93.23 4.89 63.35
CA ALA HA 99 94.39 4.09 62.81
C ALA HA 99 95.01 3.57 64.14
N LEU HA 100 95.41 2.28 64.19
CA LEU HA 100 95.72 1.63 65.41
C LEU HA 100 97.05 0.96 64.97
N ASN HA 101 97.92 0.75 65.98
CA ASN HA 101 99.04 -0.18 65.89
C ASN HA 101 98.50 -1.52 66.36
N GLN HA 102 98.40 -2.45 65.44
CA GLN HA 102 97.74 -3.69 65.71
C GLN HA 102 98.61 -4.62 66.49
N GLN HA 103 99.95 -4.30 66.59
CA GLN HA 103 100.82 -5.19 67.34
C GLN HA 103 100.67 -4.98 68.89
N THR HA 104 100.04 -3.85 69.30
CA THR HA 104 99.81 -3.51 70.67
C THR HA 104 98.32 -3.35 70.90
N LEU HA 105 97.56 -3.11 69.81
CA LEU HA 105 96.16 -2.69 69.83
C LEU HA 105 95.90 -1.31 70.53
N ALA HA 106 96.37 -0.16 69.98
CA ALA HA 106 96.28 1.09 70.70
C ALA HA 106 96.13 2.06 69.61
N ILE HA 107 95.30 3.07 69.91
CA ILE HA 107 95.07 4.14 68.96
C ILE HA 107 96.25 4.95 68.75
N VAL HA 108 96.63 5.10 67.44
CA VAL HA 108 97.82 5.95 67.01
C VAL HA 108 97.34 7.24 66.54
N ASN HA 109 96.38 7.29 65.51
CA ASN HA 109 95.87 8.54 64.99
C ASN HA 109 94.38 8.41 65.01
N VAL HA 110 93.71 9.53 64.67
CA VAL HA 110 92.25 9.57 64.52
C VAL HA 110 92.15 9.94 63.02
N LEU HA 111 91.27 9.23 62.28
CA LEU HA 111 91.11 9.36 60.82
C LEU HA 111 89.76 9.95 60.50
N PRO HA 112 89.50 10.81 59.50
CA PRO HA 112 88.21 11.24 59.03
C PRO HA 112 87.22 10.16 58.71
N THR HA 113 85.98 10.27 59.28
CA THR HA 113 84.74 9.64 58.82
C THR HA 113 84.49 9.96 57.38
N SER HA 114 84.26 8.88 56.61
CA SER HA 114 84.04 8.95 55.14
C SER HA 114 83.69 7.53 54.73
N LYS HA 115 83.82 6.56 55.70
CA LYS HA 115 83.61 5.17 55.32
C LYS HA 115 84.62 4.69 54.23
N ASP HA 116 84.06 4.05 53.12
CA ASP HA 116 84.82 3.49 51.97
C ASP HA 116 84.60 4.21 50.58
N PRO HA 117 84.94 5.48 50.27
CA PRO HA 117 84.49 6.21 49.11
C PRO HA 117 85.41 6.03 47.95
N MET HA 118 84.96 5.29 46.93
CA MET HA 118 85.68 5.00 45.70
C MET HA 118 85.20 5.93 44.63
N VAL HA 119 85.30 5.56 43.30
CA VAL HA 119 84.88 6.30 42.12
C VAL HA 119 83.57 7.02 42.38
N TYR HA 120 82.68 6.23 42.98
CA TYR HA 120 81.39 6.55 43.54
C TYR HA 120 80.86 7.96 43.47
N GLY HA 121 81.30 8.80 44.44
CA GLY HA 121 81.01 10.17 44.33
C GLY HA 121 82.25 10.99 44.23
N PHE HA 122 83.35 10.48 44.79
CA PHE HA 122 84.63 11.24 44.98
C PHE HA 122 85.11 12.14 43.86
N GLU HA 123 85.16 11.67 42.61
CA GLU HA 123 85.78 12.24 41.43
C GLU HA 123 85.33 13.64 41.04
N VAL HA 124 86.31 14.51 40.67
CA VAL HA 124 85.90 15.83 40.18
C VAL HA 124 86.73 16.07 38.97
N GLU HA 125 85.98 16.32 37.82
CA GLU HA 125 86.65 16.66 36.59
C GLU HA 125 85.72 17.63 36.06
N GLU HA 126 86.04 18.09 34.80
CA GLU HA 126 85.22 19.04 34.16
C GLU HA 126 85.75 19.39 32.80
N LYS HA 127 86.91 18.75 32.46
CA LYS HA 127 87.78 18.99 31.34
C LYS HA 127 87.04 18.83 29.98
N PRO HA 128 87.66 19.29 28.91
CA PRO HA 128 87.18 19.14 27.51
C PRO HA 128 86.77 17.70 27.19
N GLU HA 129 85.92 17.37 26.16
CA GLU HA 129 85.49 18.34 25.17
C GLU HA 129 84.36 19.17 25.58
N VAL HA 130 83.62 18.80 26.64
CA VAL HA 130 82.52 19.57 27.17
C VAL HA 130 83.02 20.41 28.33
N SER HA 131 82.85 21.68 28.11
CA SER HA 131 83.40 22.62 28.97
C SER HA 131 82.49 23.76 29.02
N TYR HA 132 82.89 24.90 29.67
CA TYR HA 132 82.07 26.05 29.77
C TYR HA 132 82.19 26.98 28.55
N GLU HA 133 82.84 26.43 27.45
CA GLU HA 133 83.05 27.05 26.20
C GLU HA 133 82.10 26.43 25.26
N ASP HA 134 81.43 25.26 25.70
CA ASP HA 134 80.57 24.46 24.93
C ASP HA 134 79.34 24.79 25.68
N ILE HA 135 78.77 25.93 25.38
CA ILE HA 135 77.56 26.51 26.08
C ILE HA 135 76.60 26.93 24.95
N GLY HA 136 76.69 26.32 23.77
CA GLY HA 136 75.93 26.63 22.58
C GLY HA 136 74.72 25.67 22.64
N GLY HA 137 73.52 26.30 22.79
CA GLY HA 137 72.29 25.56 23.11
C GLY HA 137 71.30 26.43 22.57
N LEU HA 138 70.09 26.52 23.11
CA LEU HA 138 69.55 26.08 24.41
C LEU HA 138 69.91 26.97 25.54
N ASP HA 139 69.83 28.27 25.32
CA ASP HA 139 70.48 29.36 25.95
C ASP HA 139 69.67 29.70 27.13
N VAL HA 140 68.31 29.64 27.02
CA VAL HA 140 67.35 29.85 28.09
C VAL HA 140 67.60 28.83 29.18
N GLN HA 141 67.80 27.56 28.80
CA GLN HA 141 68.04 26.50 29.76
C GLN HA 141 69.31 26.71 30.60
N ILE HA 142 70.37 27.18 30.00
CA ILE HA 142 71.62 27.31 30.70
C ILE HA 142 71.62 28.37 31.73
N GLU HA 143 71.06 29.49 31.37
CA GLU HA 143 70.93 30.65 32.20
C GLU HA 143 70.14 30.34 33.45
N GLU HA 144 69.13 29.46 33.33
CA GLU HA 144 68.29 29.01 34.44
C GLU HA 144 69.09 28.27 35.47
N ILE HA 145 70.08 27.49 35.06
CA ILE HA 145 70.94 26.70 35.92
C ILE HA 145 71.82 27.68 36.71
N ARG HA 146 72.39 28.71 36.01
CA ARG HA 146 73.31 29.63 36.71
C ARG HA 146 72.76 30.35 37.86
N GLU HA 147 71.51 30.80 37.65
CA GLU HA 147 70.63 31.45 38.62
C GLU HA 147 70.28 30.55 39.77
N ALA HA 148 69.94 29.32 39.52
CA ALA HA 148 69.48 28.34 40.50
C ALA HA 148 70.53 27.89 41.47
N VAL HA 149 71.75 27.73 40.92
CA VAL HA 149 72.76 26.91 41.56
C VAL HA 149 73.85 27.83 41.90
N GLU HA 150 74.54 28.50 40.85
CA GLU HA 150 75.76 29.33 40.97
C GLU HA 150 75.57 30.57 41.60
N LEU HA 151 74.35 31.25 41.40
CA LEU HA 151 73.99 32.43 42.08
C LEU HA 151 73.91 32.24 43.59
N PRO HA 152 73.30 31.25 44.26
CA PRO HA 152 73.31 31.13 45.68
C PRO HA 152 74.63 30.69 46.15
N LEU HA 153 75.38 29.96 45.32
CA LEU HA 153 76.66 29.48 45.65
C LEU HA 153 77.69 30.59 45.87
N LEU HA 154 77.67 31.63 45.01
CA LEU HA 154 78.60 32.80 45.04
C LEU HA 154 78.03 33.90 45.89
N LYS HA 155 76.65 34.06 45.85
CA LYS HA 155 76.02 35.16 46.50
C LYS HA 155 74.86 34.66 47.31
N PRO HA 156 75.06 33.95 48.36
CA PRO HA 156 74.06 33.34 49.19
C PRO HA 156 73.27 34.46 49.89
N GLU HA 157 73.87 35.62 50.14
CA GLU HA 157 73.22 36.65 50.82
C GLU HA 157 72.03 37.26 50.14
N LEU HA 158 71.90 36.97 48.83
CA LEU HA 158 70.69 37.45 48.07
C LEU HA 158 69.45 36.68 48.44
N PHE HA 159 69.54 35.42 48.89
CA PHE HA 159 68.46 34.53 49.25
C PHE HA 159 67.91 34.90 50.62
N ALA HA 160 68.74 35.49 51.43
CA ALA HA 160 68.49 36.01 52.76
C ALA HA 160 67.67 37.33 52.69
N GLU HA 161 67.97 38.13 51.68
CA GLU HA 161 67.39 39.44 51.42
C GLU HA 161 65.88 39.38 51.07
N VAL HA 162 65.51 38.38 50.24
CA VAL HA 162 64.23 37.96 49.78
C VAL HA 162 63.48 37.27 50.92
N GLY HA 163 64.17 36.23 51.49
CA GLY HA 163 63.73 35.56 52.61
C GLY HA 163 63.13 34.25 52.17
N ILE HA 164 63.81 33.52 51.36
CA ILE HA 164 63.44 32.23 50.88
C ILE HA 164 64.73 31.38 50.98
N GLU HA 165 64.66 30.01 50.90
CA GLU HA 165 65.81 29.10 50.62
C GLU HA 165 66.08 29.15 49.08
N PRO HA 166 67.25 28.94 48.62
CA PRO HA 166 67.48 28.80 47.19
C PRO HA 166 66.93 27.48 46.65
N PRO HA 167 66.88 27.22 45.31
CA PRO HA 167 66.52 25.92 44.76
C PRO HA 167 67.32 24.77 45.24
N LYS HA 168 66.85 23.56 45.07
CA LYS HA 168 67.45 22.48 45.74
C LYS HA 168 67.71 21.40 44.64
N GLY HA 169 67.75 21.83 43.33
CA GLY HA 169 67.93 20.89 42.28
C GLY HA 169 67.29 21.46 41.09
N VAL HA 170 67.87 21.14 39.96
CA VAL HA 170 67.41 21.51 38.67
C VAL HA 170 67.14 20.17 38.13
N LEU HA 171 65.90 19.87 37.77
CA LEU HA 171 65.52 18.67 37.19
C LEU HA 171 65.63 18.92 35.76
N LEU HA 172 66.63 18.34 35.09
CA LEU HA 172 66.78 18.49 33.65
C LEU HA 172 66.19 17.18 33.12
N TYR HA 173 65.47 17.42 32.00
CA TYR HA 173 65.01 16.30 31.26
C TYR HA 173 65.08 16.64 29.88
N GLY HA 174 64.82 15.66 28.98
CA GLY HA 174 64.77 15.73 27.53
C GLY HA 174 65.04 14.42 26.92
N PRO HA 175 64.83 14.27 25.63
CA PRO HA 175 65.37 13.13 24.86
C PRO HA 175 66.91 13.27 24.65
N PRO HA 176 67.78 12.28 24.89
CA PRO HA 176 69.18 12.33 24.80
C PRO HA 176 69.85 13.12 23.66
N GLY HA 177 71.03 13.71 23.95
CA GLY HA 177 71.84 14.36 22.92
C GLY HA 177 71.47 15.79 22.79
N THR HA 178 70.36 16.14 23.44
CA THR HA 178 69.81 17.47 23.36
C THR HA 178 70.26 18.21 24.57
N GLY HA 179 70.76 17.42 25.50
CA GLY HA 179 72.03 17.72 26.11
C GLY HA 179 71.76 17.97 27.51
N LYS HA 180 72.56 17.42 28.45
CA LYS HA 180 72.48 17.86 29.82
C LYS HA 180 73.75 17.37 30.45
N THR HA 181 74.52 16.60 29.77
CA THR HA 181 75.96 16.37 30.03
C THR HA 181 76.60 17.69 29.81
N LEU HA 182 76.41 18.28 28.59
CA LEU HA 182 76.54 19.67 28.28
C LEU HA 182 76.62 20.71 29.39
N LEU HA 183 75.47 21.33 29.62
CA LEU HA 183 74.99 21.80 30.79
C LEU HA 183 75.61 21.60 32.13
N ALA HA 184 75.53 20.44 32.71
CA ALA HA 184 76.05 20.02 34.07
C ALA HA 184 77.57 20.20 34.25
N LYS HA 185 78.41 19.77 33.24
CA LYS HA 185 79.85 19.88 33.24
C LYS HA 185 80.24 21.28 33.08
N ALA HA 186 79.49 22.05 32.28
CA ALA HA 186 79.81 23.46 32.11
C ALA HA 186 79.65 24.32 33.33
N VAL HA 187 78.54 24.06 34.05
CA VAL HA 187 78.13 24.56 35.36
C VAL HA 187 79.26 24.10 36.37
N ALA HA 188 79.82 22.88 36.31
CA ALA HA 188 80.92 22.44 37.18
C ALA HA 188 82.14 23.21 37.02
N ASN HA 189 82.51 23.58 35.78
CA ASN HA 189 83.79 24.28 35.43
C ASN HA 189 83.72 25.70 35.93
N GLN HA 190 82.51 26.27 35.97
CA GLN HA 190 82.30 27.60 36.30
C GLN HA 190 82.39 27.83 37.77
N THR HA 191 81.80 26.90 38.54
CA THR HA 191 81.50 27.00 39.98
C THR HA 191 82.75 26.96 40.77
N ARG HA 192 83.65 25.97 40.44
CA ARG HA 192 84.68 25.57 41.37
C ARG HA 192 84.12 24.91 42.62
N ALA HA 193 83.15 23.97 42.54
CA ALA HA 193 82.49 23.42 43.74
C ALA HA 193 82.75 21.94 43.69
N THR HA 194 82.24 21.19 44.68
CA THR HA 194 82.57 19.81 44.93
C THR HA 194 81.68 18.97 44.08
N PHE HA 195 82.14 18.59 42.88
CA PHE HA 195 81.24 18.07 41.82
C PHE HA 195 81.28 16.64 41.95
N ILE HA 196 80.16 16.10 42.54
CA ILE HA 196 80.01 14.73 42.96
C ILE HA 196 79.51 14.04 41.74
N ARG HA 197 80.27 13.01 41.24
CA ARG HA 197 79.95 12.41 40.00
C ARG HA 197 79.59 11.04 40.51
N VAL HA 198 78.27 10.78 40.38
CA VAL HA 198 77.81 9.48 40.73
C VAL HA 198 76.89 9.15 39.51
N VAL HA 199 76.52 7.83 39.49
CA VAL HA 199 76.06 7.26 38.34
C VAL HA 199 75.10 6.17 38.86
N GLY HA 200 74.37 5.65 37.86
CA GLY HA 200 72.89 5.43 38.14
C GLY HA 200 72.66 4.03 38.64
N SER HA 201 73.62 3.05 38.50
CA SER HA 201 73.19 1.74 38.79
C SER HA 201 74.50 0.97 38.87
N GLU HA 202 75.29 1.31 39.90
CA GLU HA 202 76.30 0.42 40.37
C GLU HA 202 75.86 -0.09 41.71
N PHE HA 203 74.69 0.45 42.14
CA PHE HA 203 73.96 0.15 43.34
C PHE HA 203 73.53 -1.28 43.40
N VAL HA 204 73.70 -2.06 44.49
CA VAL HA 204 73.26 -3.43 44.54
C VAL HA 204 73.90 -4.39 43.54
N GLN HA 205 75.26 -4.51 43.56
CA GLN HA 205 75.94 -5.29 42.56
C GLN HA 205 75.56 -6.74 42.50
N LYS HA 206 75.33 -7.40 43.70
CA LYS HA 206 75.14 -8.79 43.76
C LYS HA 206 74.58 -9.17 45.12
N TYR HA 207 74.16 -8.15 45.91
CA TYR HA 207 73.64 -8.18 47.26
C TYR HA 207 72.68 -7.01 47.42
N ILE HA 208 71.84 -7.16 48.50
CA ILE HA 208 70.59 -6.39 48.66
C ILE HA 208 70.84 -5.52 49.80
N GLY HA 209 70.77 -4.19 49.59
CA GLY HA 209 70.94 -3.23 50.68
C GLY HA 209 72.31 -2.50 50.63
N GLU HA 210 73.18 -2.90 49.69
CA GLU HA 210 74.43 -2.25 49.36
C GLU HA 210 74.24 -0.91 48.75
N GLY HA 211 73.25 -0.76 47.87
CA GLY HA 211 73.02 0.50 47.13
C GLY HA 211 72.61 1.59 48.04
N ALA HA 212 71.87 1.15 49.12
CA ALA HA 212 71.15 2.05 49.98
C ALA HA 212 72.25 2.79 50.87
N ARG HA 213 73.28 2.08 51.28
CA ARG HA 213 74.42 2.51 52.07
C ARG HA 213 75.24 3.41 51.16
N LEU HA 214 75.41 3.12 49.82
CA LEU HA 214 76.07 3.95 48.91
C LEU HA 214 75.41 5.29 48.75
N VAL HA 215 74.09 5.48 48.68
CA VAL HA 215 73.38 6.70 48.62
C VAL HA 215 73.53 7.60 49.81
N ARG HA 216 73.53 7.07 51.01
CA ARG HA 216 73.77 7.75 52.22
C ARG HA 216 75.14 8.26 52.39
N GLU HA 217 76.10 7.43 52.02
CA GLU HA 217 77.54 7.73 52.10
C GLU HA 217 77.86 8.96 51.24
N VAL HA 218 77.37 9.02 49.99
CA VAL HA 218 77.57 10.08 49.05
C VAL HA 218 77.00 11.33 49.72
N PHE HA 219 75.77 11.25 50.26
CA PHE HA 219 75.03 12.32 50.86
C PHE HA 219 75.66 12.91 52.10
N GLN HA 220 76.24 12.12 52.96
CA GLN HA 220 76.95 12.48 54.17
C GLN HA 220 78.20 13.27 53.86
N LEU HA 221 78.91 12.76 52.83
CA LEU HA 221 80.07 13.48 52.34
C LEU HA 221 79.73 14.86 51.74
N ALA HA 222 78.57 14.94 51.03
CA ALA HA 222 78.05 16.18 50.54
C ALA HA 222 77.76 17.17 51.55
N LYS HA 223 77.16 16.77 52.74
CA LYS HA 223 76.82 17.69 53.79
C LYS HA 223 78.07 18.40 54.26
N GLU HA 224 79.22 17.54 54.47
CA GLU HA 224 80.54 18.00 54.97
C GLU HA 224 81.32 18.88 53.96
N LYS HA 225 81.31 18.63 52.63
CA LYS HA 225 82.20 19.42 51.80
C LYS HA 225 81.35 20.54 51.13
N ALA HA 226 80.10 20.76 51.59
CA ALA HA 226 79.22 21.75 51.04
C ALA HA 226 79.88 23.05 50.82
N PRO HA 227 79.76 23.82 49.75
CA PRO HA 227 78.91 23.56 48.59
C PRO HA 227 79.40 22.34 47.75
N SER HA 228 78.41 21.55 47.31
CA SER HA 228 78.65 20.36 46.64
C SER HA 228 77.45 20.22 45.75
N ILE HA 229 77.61 19.60 44.60
CA ILE HA 229 76.52 19.41 43.56
C ILE HA 229 76.49 17.94 43.15
N ILE HA 230 75.25 17.34 43.08
CA ILE HA 230 75.12 15.88 42.94
C ILE HA 230 74.47 15.68 41.61
N PHE HA 231 75.26 15.25 40.68
CA PHE HA 231 74.83 14.99 39.31
C PHE HA 231 74.66 13.46 39.27
N ILE HA 232 73.36 13.08 39.08
CA ILE HA 232 72.95 11.63 39.12
C ILE HA 232 72.53 11.43 37.72
N ASP HA 233 73.29 10.50 37.06
CA ASP HA 233 73.09 10.30 35.68
C ASP HA 233 72.20 9.16 35.43
N GLU HA 234 70.94 9.58 35.05
CA GLU HA 234 69.87 8.68 34.63
C GLU HA 234 69.34 7.90 35.75
N LEU HA 235 69.64 8.24 37.03
CA LEU HA 235 69.05 7.63 38.25
C LEU HA 235 67.56 7.94 38.33
N ASP HA 236 67.17 9.05 37.70
CA ASP HA 236 65.77 9.41 37.64
C ASP HA 236 65.00 8.37 36.81
N ALA HA 237 65.63 7.85 35.75
CA ALA HA 237 64.99 6.90 34.94
C ALA HA 237 64.88 5.51 35.62
N ILE HA 238 65.86 5.18 36.51
CA ILE HA 238 65.88 3.94 37.18
C ILE HA 238 64.78 3.88 38.23
N ALA HA 239 64.55 5.03 38.86
CA ALA HA 239 63.58 5.36 39.85
C ALA HA 239 62.24 5.39 39.18
N ALA HA 240 61.28 4.50 39.58
CA ALA HA 240 59.92 4.49 39.07
C ALA HA 240 58.93 4.11 40.18
N ARG HA 241 57.61 4.08 39.77
CA ARG HA 241 56.48 3.77 40.61
C ARG HA 241 56.26 2.36 40.51
N ARG HA 242 55.32 1.92 41.34
CA ARG HA 242 54.98 0.52 41.42
C ARG HA 242 53.48 0.44 41.74
N THR HA 243 52.81 -0.64 41.26
CA THR HA 243 51.37 -0.75 41.16
C THR HA 243 50.91 -1.93 42.00
N ASN HA 244 49.60 -2.03 42.30
CA ASN HA 244 49.00 -3.01 43.15
C ASN HA 244 48.38 -4.05 42.23
N SER HA 245 48.64 -5.38 42.47
CA SER HA 245 49.53 -6.00 43.41
C SER HA 245 50.99 -5.72 43.18
N ASP HA 246 51.67 -5.77 41.96
CA ASP HA 246 51.22 -6.25 40.64
C ASP HA 246 52.17 -7.30 40.06
N THR HA 247 53.43 -7.03 40.30
CA THR HA 247 54.50 -7.89 39.89
C THR HA 247 55.50 -7.73 40.89
N SER HA 248 56.19 -8.82 41.30
CA SER HA 248 57.14 -8.70 42.42
C SER HA 248 58.32 -7.87 42.14
N GLY HA 249 58.81 -7.93 40.83
CA GLY HA 249 59.76 -6.98 40.29
C GLY HA 249 61.09 -7.33 40.90
N ASP HA 250 62.12 -6.43 40.73
CA ASP HA 250 62.22 -5.08 40.27
C ASP HA 250 61.51 -4.05 41.06
N ARG HA 251 60.82 -4.44 42.12
CA ARG HA 251 60.46 -3.58 43.17
C ARG HA 251 61.62 -3.25 44.08
N GLU HA 252 62.52 -4.26 44.28
CA GLU HA 252 63.61 -4.27 45.21
C GLU HA 252 64.67 -3.19 44.81
N VAL HA 253 64.86 -2.98 43.57
CA VAL HA 253 65.78 -1.96 43.07
C VAL HA 253 65.19 -0.54 43.28
N GLN HA 254 63.86 -0.35 43.19
CA GLN HA 254 63.12 0.95 43.36
C GLN HA 254 63.25 1.44 44.81
N ARG HA 255 63.66 0.60 45.79
CA ARG HA 255 63.89 0.76 47.18
C ARG HA 255 65.14 1.57 47.31
N THR HA 256 66.14 1.48 46.45
CA THR HA 256 67.31 2.30 46.48
C THR HA 256 66.97 3.73 46.20
N MET HA 257 65.93 3.98 45.41
CA MET HA 257 65.37 5.36 45.15
C MET HA 257 64.89 6.00 46.43
N MET HA 258 64.21 5.22 47.41
CA MET HA 258 63.53 5.75 48.60
C MET HA 258 64.51 6.28 49.57
N GLN HA 259 65.69 5.75 49.60
CA GLN HA 259 66.86 6.34 50.30
C GLN HA 259 67.30 7.74 49.89
N LEU HA 260 67.30 8.03 48.51
CA LEU HA 260 67.62 9.37 47.90
C LEU HA 260 66.59 10.37 48.33
N LEU HA 261 65.31 9.97 48.36
CA LEU HA 261 64.23 10.81 48.70
C LEU HA 261 64.34 11.27 50.09
N ALA HA 262 64.67 10.24 50.98
CA ALA HA 262 64.79 10.47 52.37
C ALA HA 262 65.89 11.55 52.83
N GLU HA 263 67.11 11.47 52.27
CA GLU HA 263 68.24 12.33 52.57
C GLU HA 263 68.10 13.72 51.99
N LEU HA 264 67.36 13.87 50.85
CA LEU HA 264 67.38 15.11 50.04
C LEU HA 264 66.79 16.24 50.78
N ASP HA 265 65.61 16.02 51.38
CA ASP HA 265 65.00 17.16 52.20
C ASP HA 265 63.87 16.60 52.94
N GLY HA 266 63.87 15.22 52.94
CA GLY HA 266 62.88 14.37 53.45
C GLY HA 266 62.73 14.61 54.94
N PHE HA 267 63.91 14.73 55.64
CA PHE HA 267 63.91 14.97 57.09
C PHE HA 267 65.39 15.46 57.31
N ASP HA 268 66.30 15.34 56.29
CA ASP HA 268 67.75 15.52 56.56
C ASP HA 268 68.08 16.83 55.86
N PRO HA 269 69.10 17.60 56.40
CA PRO HA 269 69.47 18.83 55.76
C PRO HA 269 70.21 18.56 54.53
N ARG HA 270 69.89 19.31 53.50
CA ARG HA 270 70.61 19.14 52.30
C ARG HA 270 72.08 19.60 52.26
N GLY HA 271 72.50 20.52 53.16
CA GLY HA 271 73.80 21.13 53.10
C GLY HA 271 73.74 22.25 52.17
N ASP HA 272 73.81 21.98 50.86
CA ASP HA 272 73.86 22.86 49.75
C ASP HA 272 73.96 22.02 48.53
N VAL HA 273 72.96 21.13 48.46
CA VAL HA 273 72.79 20.19 47.38
C VAL HA 273 71.37 20.51 46.97
N LYS HA 274 71.05 20.82 45.70
CA LYS HA 274 71.74 20.86 44.45
C LYS HA 274 71.76 19.54 43.70
N VAL HA 275 70.52 18.97 43.41
CA VAL HA 275 70.55 17.66 42.79
C VAL HA 275 70.17 17.83 41.37
N ILE HA 276 71.04 17.49 40.37
CA ILE HA 276 70.83 17.73 38.97
C ILE HA 276 70.32 16.45 38.44
N GLY HA 277 69.03 16.40 38.06
CA GLY HA 277 68.46 15.15 37.51
C GLY HA 277 68.76 15.04 36.03
N ALA HA 278 68.66 13.87 35.36
CA ALA HA 278 68.87 13.64 33.96
C ALA HA 278 67.98 12.44 33.73
N THR HA 279 67.12 12.52 32.68
CA THR HA 279 66.23 11.48 32.31
C THR HA 279 65.77 11.64 30.84
N ASN HA 280 65.53 10.46 30.24
CA ASN HA 280 65.26 10.24 28.86
C ASN HA 280 63.86 10.52 28.55
N ARG HA 281 62.92 10.16 29.48
CA ARG HA 281 61.44 10.16 29.30
C ARG HA 281 60.91 10.41 30.66
N ILE HA 282 59.56 10.67 30.67
CA ILE HA 282 58.82 11.00 31.84
C ILE HA 282 57.79 9.91 32.03
N ASP HA 283 57.93 8.77 31.32
CA ASP HA 283 57.06 7.66 31.30
C ASP HA 283 57.58 6.53 32.12
N ILE HA 284 58.35 6.84 33.22
CA ILE HA 284 59.07 5.81 33.88
C ILE HA 284 59.30 6.38 35.33
N LEU HA 285 58.65 7.53 35.65
CA LEU HA 285 58.96 8.30 36.73
C LEU HA 285 57.73 8.02 37.60
N ASP HA 286 57.95 8.19 38.95
CA ASP HA 286 57.01 8.26 40.04
C ASP HA 286 56.72 9.71 40.31
N PRO HA 287 55.63 10.19 40.85
CA PRO HA 287 55.30 11.63 41.05
C PRO HA 287 56.25 12.10 42.09
N ALA HA 288 56.82 11.17 42.89
CA ALA HA 288 57.66 11.58 44.00
C ALA HA 288 59.11 11.95 43.57
N ILE HA 289 59.48 11.70 42.33
CA ILE HA 289 60.76 12.08 41.79
C ILE HA 289 60.52 13.17 40.76
N LEU HA 290 59.39 13.10 40.03
CA LEU HA 290 58.99 14.06 39.01
C LEU HA 290 58.69 15.39 39.56
N ARG HA 291 58.16 15.45 40.76
CA ARG HA 291 57.72 16.67 41.44
C ARG HA 291 58.80 17.63 41.64
N PRO HA 292 58.47 18.95 41.63
CA PRO HA 292 59.33 19.94 42.29
C PRO HA 292 58.88 19.85 43.75
N GLY HA 293 59.69 19.23 44.52
CA GLY HA 293 59.50 19.00 45.93
C GLY HA 293 60.72 18.45 46.48
N ARG HA 294 61.60 18.06 45.57
CA ARG HA 294 62.97 17.61 45.64
C ARG HA 294 63.80 18.46 44.74
N PHE HA 295 63.19 19.45 44.10
CA PHE HA 295 63.66 20.30 43.07
C PHE HA 295 62.67 21.48 43.17
N ASP HA 296 62.96 22.65 42.58
CA ASP HA 296 62.11 23.83 42.63
C ASP HA 296 62.18 24.21 41.08
N ARG HA 297 63.30 23.91 40.37
CA ARG HA 297 63.61 24.37 39.02
C ARG HA 297 63.40 23.26 38.09
N ILE HA 298 62.26 23.23 37.48
CA ILE HA 298 61.86 22.15 36.57
C ILE HA 298 62.13 22.68 35.13
N ILE HA 299 63.06 21.96 34.39
CA ILE HA 299 63.50 22.42 33.07
C ILE HA 299 63.22 21.40 32.05
N GLU HA 300 62.48 21.80 30.97
CA GLU HA 300 62.42 21.03 29.77
C GLU HA 300 63.57 21.46 28.90
N VAL HA 301 64.36 20.51 28.32
CA VAL HA 301 65.46 20.84 27.40
C VAL HA 301 64.95 20.37 25.96
N PRO HA 302 64.19 21.16 25.19
CA PRO HA 302 63.54 20.57 24.04
C PRO HA 302 64.57 20.56 22.91
N LEU HA 303 64.16 20.25 21.63
CA LEU HA 303 65.01 20.39 20.46
C LEU HA 303 65.31 21.83 20.19
N PRO HA 304 66.52 22.23 19.79
CA PRO HA 304 66.82 23.63 19.52
C PRO HA 304 65.75 24.38 18.85
N THR HA 305 65.62 25.70 19.16
CA THR HA 305 64.75 26.59 18.36
C THR HA 305 65.56 27.01 17.13
N PHE HA 306 64.99 27.95 16.30
CA PHE HA 306 65.59 28.50 15.14
C PHE HA 306 66.91 29.17 15.50
N GLU HA 307 66.82 29.98 16.53
CA GLU HA 307 67.99 30.62 17.09
C GLU HA 307 68.92 29.74 17.84
N GLY HA 308 68.34 28.71 18.48
CA GLY HA 308 69.06 27.76 19.30
C GLY HA 308 70.10 27.07 18.49
N ARG HA 309 69.79 26.67 17.23
CA ARG HA 309 70.57 25.91 16.27
C ARG HA 309 71.79 26.60 15.83
N ILE HA 310 71.65 27.91 15.67
CA ILE HA 310 72.56 28.86 15.17
C ILE HA 310 73.70 28.99 16.10
N GLN HA 311 73.41 29.03 17.47
CA GLN HA 311 74.42 29.07 18.49
C GLN HA 311 75.40 27.85 18.51
N ILE HA 312 74.86 26.66 18.10
CA ILE HA 312 75.49 25.37 18.01
C ILE HA 312 76.50 25.36 16.85
N PHE HA 313 76.05 25.90 15.70
CA PHE HA 313 76.85 25.93 14.47
C PHE HA 313 78.12 26.69 14.63
N LYS HA 314 78.07 27.83 15.40
CA LYS HA 314 79.17 28.72 15.55
C LYS HA 314 80.44 27.99 16.03
N ILE HA 315 80.29 27.16 17.15
CA ILE HA 315 81.34 26.43 17.80
C ILE HA 315 81.97 25.41 16.89
N HIS HA 316 81.09 24.62 16.18
CA HIS HA 316 81.59 23.52 15.44
C HIS HA 316 82.24 23.99 14.15
N THR HA 317 81.63 24.96 13.39
CA THR HA 317 82.20 25.57 12.14
C THR HA 317 83.50 26.19 12.46
N ARG HA 318 83.68 26.75 13.76
CA ARG HA 318 84.85 27.44 14.22
C ARG HA 318 86.05 26.55 14.19
N LYS HA 319 85.87 25.31 14.71
CA LYS HA 319 86.75 24.14 14.73
C LYS HA 319 87.06 23.62 13.35
N MET HA 320 86.12 23.66 12.38
CA MET HA 320 86.19 23.13 11.10
C MET HA 320 86.66 24.23 10.08
N LYS HA 321 87.48 25.21 10.49
CA LYS HA 321 88.07 26.28 9.66
C LYS HA 321 87.09 26.95 8.78
N LEU HA 322 87.65 27.50 7.66
CA LEU HA 322 86.96 28.37 6.77
C LEU HA 322 85.63 27.72 6.26
N ALA HA 323 84.63 28.54 6.00
CA ALA HA 323 83.31 28.18 5.60
C ALA HA 323 82.61 29.49 5.37
N GLU HA 324 83.04 30.04 4.20
CA GLU HA 324 82.88 31.44 3.82
C GLU HA 324 81.76 31.65 2.85
N ASP HA 325 80.80 30.70 2.76
CA ASP HA 325 79.69 30.68 1.84
C ASP HA 325 78.60 29.77 2.47
N VAL HA 326 78.78 29.45 3.77
CA VAL HA 326 77.85 28.80 4.57
C VAL HA 326 77.04 29.91 5.24
N ASP HA 327 75.67 30.05 5.00
CA ASP HA 327 74.80 30.90 5.73
C ASP HA 327 74.09 30.09 6.84
N PHE HA 328 74.26 30.60 8.08
CA PHE HA 328 73.73 29.95 9.29
C PHE HA 328 72.21 29.94 9.41
N LYS HA 329 71.54 30.95 8.83
CA LYS HA 329 70.12 30.95 8.90
C LYS HA 329 69.52 29.86 8.05
N GLU HA 330 70.10 29.60 6.86
CA GLU HA 330 69.64 28.59 5.93
C GLU HA 330 69.87 27.17 6.49
N LEU HA 331 71.05 26.95 7.17
CA LEU HA 331 71.36 25.68 7.82
C LEU HA 331 70.28 25.29 8.81
N ALA HA 332 69.86 26.30 9.59
CA ALA HA 332 68.75 26.12 10.49
C ALA HA 332 67.47 25.74 9.88
N ARG HA 333 67.13 26.39 8.73
CA ARG HA 333 65.94 26.01 8.01
C ARG HA 333 65.92 24.60 7.49
N ILE HA 334 67.07 24.04 6.99
CA ILE HA 334 67.17 22.64 6.51
C ILE HA 334 67.08 21.69 7.71
N THR HA 335 67.68 22.13 8.84
CA THR HA 335 67.96 21.25 9.96
C THR HA 335 66.77 21.39 10.89
N GLU HA 336 65.52 21.81 10.41
CA GLU HA 336 64.36 22.04 11.28
C GLU HA 336 63.91 20.75 11.91
N GLY HA 337 64.05 20.64 13.28
CA GLY HA 337 63.67 19.50 14.04
C GLY HA 337 64.84 18.51 14.26
N ALA HA 338 66.08 19.02 14.06
CA ALA HA 338 67.25 18.29 14.47
C ALA HA 338 67.61 18.66 15.93
N SER HA 339 68.22 17.70 16.60
CA SER HA 339 68.65 17.83 17.99
C SER HA 339 69.99 18.46 17.93
N GLY HA 340 70.59 18.77 19.12
CA GLY HA 340 71.84 19.41 19.20
C GLY HA 340 72.99 18.47 18.84
N ALA HA 341 72.91 17.20 19.20
CA ALA HA 341 73.77 16.07 18.81
C ALA HA 341 73.56 15.64 17.41
N ASP HA 342 72.41 15.73 16.83
CA ASP HA 342 72.25 15.59 15.38
C ASP HA 342 73.07 16.57 14.64
N ILE HA 343 72.99 17.85 15.05
CA ILE HA 343 73.74 18.93 14.42
C ILE HA 343 75.22 18.78 14.53
N LYS HA 344 75.80 18.33 15.75
CA LYS HA 344 77.20 18.04 15.92
C LYS HA 344 77.67 16.92 14.99
N ALA HA 345 76.87 15.85 14.74
CA ALA HA 345 77.10 14.77 13.80
C ALA HA 345 77.08 15.22 12.40
N ILE HA 346 76.19 16.16 12.03
CA ILE HA 346 76.21 16.83 10.80
C ILE HA 346 77.53 17.55 10.52
N CYS HA 347 78.07 18.23 11.51
CA CYS HA 347 79.34 18.86 11.51
C CYS HA 347 80.51 17.88 11.31
N THR HA 348 80.45 16.75 12.05
CA THR HA 348 81.50 15.77 12.02
C THR HA 348 81.62 15.22 10.60
N GLU HA 349 80.46 14.94 9.91
CA GLU HA 349 80.54 14.33 8.58
C GLU HA 349 80.92 15.34 7.52
N ALA HA 350 80.65 16.63 7.67
CA ALA HA 350 81.06 17.66 6.72
C ALA HA 350 82.54 17.72 6.59
N GLY HA 351 83.24 17.44 7.79
CA GLY HA 351 84.66 17.31 7.91
C GLY HA 351 85.18 16.14 7.07
N MET HA 352 84.40 15.01 7.04
CA MET HA 352 84.72 13.86 6.35
C MET HA 352 84.64 14.06 4.84
N PHE HA 353 83.53 14.79 4.34
CA PHE HA 353 83.33 15.13 2.98
C PHE HA 353 84.34 16.16 2.53
N ALA HA 354 84.91 17.05 3.46
CA ALA HA 354 86.06 17.87 3.03
C ALA HA 354 87.29 17.09 2.51
N ILE HA 355 87.70 16.00 3.19
CA ILE HA 355 88.86 15.22 2.70
C ILE HA 355 88.47 14.23 1.55
N ARG HA 356 87.11 14.02 1.24
CA ARG HA 356 86.77 13.14 0.15
C ARG HA 356 86.81 13.93 -1.12
N GLU HA 357 86.74 15.25 -0.96
CA GLU HA 357 86.82 16.23 -2.03
C GLU HA 357 88.18 16.89 -2.00
N GLU HA 358 89.09 16.53 -1.03
CA GLU HA 358 90.43 17.07 -0.99
C GLU HA 358 90.54 18.57 -0.81
N ARG HA 359 89.72 19.03 0.19
CA ARG HA 359 89.58 20.42 0.59
C ARG HA 359 90.13 20.56 1.96
N ALA HA 360 90.87 21.62 2.33
CA ALA HA 360 91.33 21.90 3.62
C ALA HA 360 90.39 22.82 4.33
N LYS HA 361 89.06 22.78 3.92
CA LYS HA 361 88.03 23.57 4.48
C LYS HA 361 86.66 23.05 4.04
N VAL HA 362 85.57 23.29 4.86
CA VAL HA 362 84.20 22.90 4.69
C VAL HA 362 83.65 23.99 3.80
N THR HA 363 82.75 23.58 2.90
CA THR HA 363 82.10 24.48 2.07
C THR HA 363 80.64 24.07 2.15
N MET HA 364 79.71 24.79 1.43
CA MET HA 364 78.29 24.74 1.67
C MET HA 364 77.82 23.51 1.10
N LEU HA 365 78.35 23.07 -0.11
CA LEU HA 365 77.93 21.81 -0.78
C LEU HA 365 78.16 20.59 0.10
N ASP HA 366 79.35 20.62 0.83
CA ASP HA 366 79.80 19.61 1.75
C ASP HA 366 78.78 19.48 2.89
N PHE HA 367 78.26 20.64 3.40
CA PHE HA 367 77.16 20.78 4.41
C PHE HA 367 75.86 20.24 3.96
N THR HA 368 75.37 20.58 2.74
CA THR HA 368 74.22 19.99 2.09
C THR HA 368 74.24 18.46 2.08
N LYS HA 369 75.37 17.86 1.67
CA LYS HA 369 75.60 16.42 1.64
C LYS HA 369 75.53 15.82 2.99
N ALA HA 370 76.17 16.45 4.04
CA ALA HA 370 76.12 15.95 5.42
C ALA HA 370 74.80 16.13 6.05
N ILE HA 371 74.04 17.20 5.77
CA ILE HA 371 72.70 17.48 6.38
C ILE HA 371 71.70 16.48 5.88
N GLU HA 372 71.87 16.22 4.60
CA GLU HA 372 71.12 15.30 3.83
C GLU HA 372 71.33 13.88 4.38
N LYS HA 373 72.59 13.51 4.67
CA LYS HA 373 72.83 12.23 5.22
C LYS HA 373 72.29 11.97 6.59
N VAL HA 374 72.54 12.86 7.61
CA VAL HA 374 72.10 12.77 8.96
C VAL HA 374 70.64 12.59 9.03
N LEU HA 375 69.88 13.48 8.37
CA LEU HA 375 68.43 13.52 8.55
C LEU HA 375 67.72 12.40 7.87
N LYS HA 376 68.21 11.91 6.78
CA LYS HA 376 67.53 10.98 5.99
C LYS HA 376 67.29 9.61 6.62
N LYS HA 377 68.28 9.10 7.33
CA LYS HA 377 68.25 7.84 7.94
C LYS HA 377 67.52 7.86 9.25
N THR HA 378 66.79 8.94 9.62
CA THR HA 378 66.52 9.24 11.00
C THR HA 378 65.27 10.08 11.13
N THR HA 379 64.55 10.19 10.03
CA THR HA 379 63.24 10.75 10.05
C THR HA 379 62.34 9.73 9.40
N PRO HA 380 61.23 9.26 9.93
CA PRO HA 380 60.46 8.17 9.33
C PRO HA 380 59.64 8.76 8.17
N ILE HA 381 58.94 7.95 7.36
CA ILE HA 381 58.11 8.48 6.29
C ILE HA 381 56.98 9.29 6.96
N PRO HA 382 56.56 10.44 6.32
CA PRO HA 382 55.56 11.42 6.78
C PRO HA 382 54.26 10.78 6.49
N ASP HA 383 54.18 9.68 5.75
CA ASP HA 383 53.00 8.91 5.44
C ASP HA 383 52.66 7.99 6.61
N LEU HA 384 51.41 7.66 6.90
CA LEU HA 384 50.21 8.02 6.28
C LEU HA 384 49.18 7.73 7.34
N LYS HA 385 48.09 8.56 7.27
CA LYS HA 385 46.99 8.52 8.19
C LYS HA 385 45.69 8.29 7.41
N GLY HA 386 45.72 8.51 6.07
CA GLY HA 386 44.55 8.25 5.25
C GLY HA 386 44.27 9.58 4.55
N VAL HA 387 43.95 9.40 3.17
CA VAL HA 387 43.56 10.39 2.22
C VAL HA 387 42.02 10.59 2.47
N MET HA 388 41.35 9.58 3.19
CA MET HA 388 39.97 9.45 3.59
C MET HA 388 39.57 10.62 4.34
N PHE HA 389 40.56 11.10 5.16
CA PHE HA 389 40.31 12.31 5.90
C PHE HA 389 41.02 13.31 5.06
N VAL HA 390 40.30 14.44 4.72
CA VAL HA 390 40.85 15.61 4.01
C VAL HA 390 42.12 16.19 4.65
PG ATP IA . 49.60 -10.90 61.89
O1G ATP IA . 48.83 -11.58 60.70
O2G ATP IA . 50.75 -11.65 62.41
O3G ATP IA . 49.89 -9.41 61.62
PB ATP IA . 47.41 -11.75 64.36
O1B ATP IA . 46.02 -12.09 63.81
O2B ATP IA . 48.27 -12.86 65.05
O3B ATP IA . 48.28 -11.04 63.10
PA ATP IA . 47.55 -9.36 66.74
O1A ATP IA . 48.78 -8.59 66.56
O2A ATP IA . 47.47 -10.20 67.98
O3A ATP IA . 47.32 -10.29 65.41
O5' ATP IA . 46.47 -8.23 66.85
C5' ATP IA . 46.23 -7.80 68.26
C4' ATP IA . 45.27 -6.52 68.30
O4' ATP IA . 43.85 -6.89 68.05
C3' ATP IA . 45.23 -6.05 69.72
O3' ATP IA . 44.91 -4.63 69.70
C2' ATP IA . 44.16 -7.01 70.26
O2' ATP IA . 43.63 -6.53 71.42
C1' ATP IA . 43.16 -6.97 69.21
N9 ATP IA . 42.23 -8.11 69.16
C8 ATP IA . 41.96 -8.90 68.03
N7 ATP IA . 41.09 -9.84 68.27
C5 ATP IA . 40.64 -9.66 69.56
C6 ATP IA . 39.76 -10.43 70.33
N6 ATP IA . 39.04 -11.42 69.63
N1 ATP IA . 39.76 -10.10 71.63
C2 ATP IA . 40.56 -9.09 72.11
N3 ATP IA . 41.45 -8.32 71.46
C4 ATP IA . 41.42 -8.63 70.16
MG MG JA . 50.19 -12.67 64.04
PG ATP KA . 58.35 11.09 49.65
O1G ATP KA . 57.28 10.35 48.88
O2G ATP KA . 58.95 10.33 50.79
O3G ATP KA . 59.36 11.70 48.65
PB ATP KA . 56.61 13.39 51.76
O1B ATP KA . 55.13 13.59 51.43
O2B ATP KA . 56.92 12.61 53.00
O3B ATP KA . 57.54 12.41 50.50
PA ATP KA . 58.43 16.20 52.27
O1A ATP KA . 58.22 16.50 53.66
O2A ATP KA . 59.83 15.91 51.88
O3A ATP KA . 57.40 14.97 51.81
O5' ATP KA . 57.88 17.28 51.35
C5' ATP KA . 58.59 17.67 50.13
C4' ATP KA . 58.78 19.17 50.05
O4' ATP KA . 57.55 19.89 50.23
C3' ATP KA . 59.74 19.77 51.05
O3' ATP KA . 60.61 20.78 50.47
C2' ATP KA . 58.79 20.30 52.11
O2' ATP KA . 59.39 21.27 52.89
C1' ATP KA . 57.72 20.83 51.23
N9 ATP KA . 56.44 21.01 51.95
C8 ATP KA . 55.54 19.98 52.37
N7 ATP KA . 54.51 20.49 52.96
C5 ATP KA . 54.73 21.86 53.08
C6 ATP KA . 53.95 22.86 53.61
N6 ATP KA . 52.79 22.52 54.29
N1 ATP KA . 54.40 24.14 53.49
C2 ATP KA . 55.55 24.34 52.81
N3 ATP KA . 56.39 23.42 52.25
C4 ATP KA . 55.98 22.19 52.47
MG MG LA . 58.40 11.05 52.55
PG ATP MA . 72.19 -12.17 12.89
O1G ATP MA . 71.22 -11.01 12.49
O2G ATP MA . 73.12 -11.80 14.08
O3G ATP MA . 71.49 -13.53 13.04
PB ATP MA . 74.65 -11.41 10.58
O1B ATP MA . 74.10 -10.35 9.60
O2B ATP MA . 75.67 -10.95 11.55
O3B ATP MA . 73.30 -12.15 11.48
PA ATP MA . 76.54 -13.75 9.21
O1A ATP MA . 77.37 -12.92 8.39
O2A ATP MA . 77.08 -14.37 10.51
O3A ATP MA . 75.23 -12.73 9.54
O5' ATP MA . 75.96 -14.94 8.33
C5' ATP MA . 76.58 -16.30 8.40
C4' ATP MA . 77.57 -16.46 7.19
O4' ATP MA . 76.85 -16.19 5.99
C3' ATP MA . 78.80 -15.64 7.13
O3' ATP MA . 79.84 -16.12 7.99
C2' ATP MA . 79.13 -15.72 5.64
O2' ATP MA . 79.86 -16.91 5.40
C1' ATP MA . 77.72 -15.67 5.02
N9 ATP MA . 77.29 -14.33 4.59
C8 ATP MA . 76.36 -13.47 5.20
N7 ATP MA . 76.29 -12.31 4.50
C5 ATP MA . 77.22 -12.41 3.43
C6 ATP MA . 77.67 -11.45 2.52
N6 ATP MA . 77.05 -10.28 2.53
N1 ATP MA . 78.58 -12.03 1.61
C2 ATP MA . 79.12 -13.24 1.80
N3 ATP MA . 78.76 -14.15 2.71
C4 ATP MA . 77.81 -13.65 3.54
MG MG NA . 74.72 -10.81 13.40
PB ADP OA . 59.28 -35.42 19.39
O1B ADP OA . 58.01 -34.66 19.85
O2B ADP OA . 59.34 -35.85 17.91
O3B ADP OA . 60.58 -34.72 19.84
PA ADP OA . 59.61 -38.56 20.45
O1A ADP OA . 60.60 -38.96 19.45
O2A ADP OA . 59.90 -38.74 21.88
O3A ADP OA . 59.21 -36.90 20.17
O5' ADP OA . 58.18 -39.14 20.01
C5' ADP OA . 57.31 -39.81 20.96
C4' ADP OA . 57.15 -41.33 20.81
O4' ADP OA . 56.78 -41.60 19.46
C3' ADP OA . 58.39 -42.28 21.09
O3' ADP OA . 57.95 -43.44 21.70
C2' ADP OA . 58.95 -42.46 19.70
O2' ADP OA . 59.75 -43.60 19.52
C1' ADP OA . 57.70 -42.51 18.88
N9 ADP OA . 57.90 -42.16 17.45
C8 ADP OA . 57.64 -40.94 16.90
N7 ADP OA . 57.97 -40.86 15.64
C5 ADP OA . 58.42 -42.11 15.28
C6 ADP OA . 58.66 -42.70 14.03
N6 ADP OA . 58.62 -41.91 12.87
N1 ADP OA . 58.92 -44.05 14.06
C2 ADP OA . 59.04 -44.64 15.22
N3 ADP OA . 58.72 -44.30 16.47
C4 ADP OA . 58.39 -42.98 16.41
MG MG PA . 61.24 -35.24 22.58
PG ATP QA . 72.16 10.23 28.03
O1G ATP QA . 70.73 9.86 28.28
O2G ATP QA . 73.07 10.17 29.31
O3G ATP QA . 72.71 9.63 26.69
PB ATP QA . 72.72 13.68 27.42
O1B ATP QA . 71.53 14.48 26.83
O2B ATP QA . 73.34 14.06 28.74
O3B ATP QA . 72.18 12.00 27.69
PA ATP QA . 75.30 13.19 25.46
O1A ATP QA . 75.38 11.75 25.26
O2A ATP QA . 76.45 13.86 26.25
O3A ATP QA . 73.94 13.54 26.27
O5' ATP QA . 75.23 13.94 24.01
C5' ATP QA . 75.90 13.35 22.92
C4' ATP QA . 76.85 14.35 22.27
O4' ATP QA . 76.20 15.53 21.72
C3' ATP QA . 77.96 14.85 23.18
O3' ATP QA . 79.27 15.02 22.47
C2' ATP QA . 77.37 16.19 23.63
O2' ATP QA . 78.37 17.08 24.04
C1' ATP QA . 76.73 16.68 22.36
N9 ATP QA . 75.69 17.68 22.66
C8 ATP QA . 74.60 17.62 23.50
N7 ATP QA . 73.83 18.69 23.52
C5 ATP QA . 74.42 19.54 22.65
C6 ATP QA . 74.00 20.85 22.30
N6 ATP QA . 72.90 21.36 22.80
N1 ATP QA . 74.89 21.47 21.42
C2 ATP QA . 75.92 20.76 20.92
N3 ATP QA . 76.37 19.51 21.18
C4 ATP QA . 75.52 18.91 22.04
MG MG RA . 74.26 12.23 29.93
#